data_3U33
#
_entry.id   3U33
#
_cell.length_a   179.720
_cell.length_b   179.720
_cell.length_c   204.237
_cell.angle_alpha   90.00
_cell.angle_beta   90.00
_cell.angle_gamma   120.00
#
_symmetry.space_group_name_H-M   'P 32'
#
loop_
_entity.id
_entity.type
_entity.pdbx_description
1 polymer 'Putative acyl-CoA dehydrogenase AidB'
2 non-polymer 'FLAVIN-ADENINE DINUCLEOTIDE'
3 non-polymer 'CHLORIDE ION'
4 water water
#
_entity_poly.entity_id   1
_entity_poly.type   'polypeptide(L)'
_entity_poly.pdbx_seq_one_letter_code
;MHWQTHTVFNQPIPLNNSNLYLSDGALCEAVTREGAGWDSDFLASIGQQLGTAESLELGRLANVNPPELLRYDAQGRRLD
DVRFHPAWHLLMQALCTNRVHNLAWEEDARSGAFVARAARFMLHAQVEAGSLCPITMTFAATPLLLQMLPAPFQDWTTPL
LSDRYDSHLLPGGQKRGLLIGMGMTEKQGGSDVMSNTTRAERLEDGSYRLVGHKWFFSVPQSDAHLVLAQTAGGLSCFFV
PRFLPDGQRNAIRLERLKDKLGNRSNASCEVEFQDAIGWLLGLEGEGIRLILKMGGMTRFDCALGSHAMMRRAFSLAIYH
AHQRHVFGNPLIQQPLMRHVLSRMALQLEGQTALLFRLARAWDRRADAKEALWARLFTPAAKFVICKRGMPFVAEAMEVL
GGIGYCEESELPRLYREMPVNSIWEGSGNIMCLDVLRVLNKQAGVYDLLSEAFVEVKGQDRYFDRAVRRLQQQLRKPAEE
LGREITHQLFLLGCGAQMLKYASPPMAQAWCQVMLDTRGGVRLSEQIQNDLLLRATGGVCV
;
_entity_poly.pdbx_strand_id   A,B,C,D,E,F,G,H,I,J,K,L
#
# COMPACT_ATOMS: atom_id res chain seq x y z
N MET A 1 12.59 82.14 -30.72
CA MET A 1 11.60 82.51 -29.71
C MET A 1 12.26 83.13 -28.49
N HIS A 2 11.44 83.64 -27.56
CA HIS A 2 11.96 84.22 -26.33
C HIS A 2 11.75 83.28 -25.14
N TRP A 3 11.02 82.19 -25.36
CA TRP A 3 10.72 81.23 -24.31
C TRP A 3 11.89 80.27 -24.07
N GLN A 4 12.73 80.10 -25.09
CA GLN A 4 13.84 79.15 -25.03
C GLN A 4 15.05 79.70 -24.30
N THR A 5 15.82 78.81 -23.70
CA THR A 5 17.05 79.18 -23.00
C THR A 5 18.26 78.83 -23.86
N HIS A 6 18.05 77.99 -24.86
CA HIS A 6 19.16 77.52 -25.69
C HIS A 6 18.69 76.89 -26.98
N THR A 7 19.62 76.57 -27.86
CA THR A 7 19.32 75.86 -29.09
C THR A 7 20.02 74.51 -29.07
N VAL A 8 19.29 73.44 -29.40
CA VAL A 8 19.87 72.11 -29.40
C VAL A 8 20.56 71.84 -30.73
N PHE A 9 21.87 71.62 -30.67
CA PHE A 9 22.64 71.29 -31.87
C PHE A 9 23.72 70.26 -31.59
N ASN A 10 24.38 69.80 -32.65
CA ASN A 10 25.42 68.78 -32.57
C ASN A 10 24.94 67.47 -31.93
N GLN A 11 23.62 67.24 -31.98
CA GLN A 11 23.04 66.00 -31.50
C GLN A 11 22.66 65.13 -32.70
N PRO A 12 23.42 64.05 -32.91
CA PRO A 12 23.25 63.12 -34.03
C PRO A 12 21.93 62.37 -33.97
N ILE A 13 21.39 62.04 -35.14
CA ILE A 13 20.16 61.26 -35.21
C ILE A 13 20.50 59.79 -35.00
N PRO A 14 19.72 59.09 -34.17
CA PRO A 14 20.02 57.68 -33.87
C PRO A 14 19.84 56.77 -35.08
N LEU A 15 20.63 55.71 -35.15
CA LEU A 15 20.57 54.81 -36.30
C LEU A 15 19.25 54.04 -36.31
N ASN A 16 18.50 54.21 -37.39
CA ASN A 16 17.32 53.39 -37.63
C ASN A 16 16.93 53.43 -39.11
N ASN A 17 16.00 52.57 -39.51
CA ASN A 17 15.59 52.47 -40.90
C ASN A 17 16.76 52.20 -41.85
N SER A 18 17.71 51.38 -41.38
CA SER A 18 18.82 50.95 -42.21
C SER A 18 18.59 49.49 -42.57
N ASN A 19 19.48 48.93 -43.38
CA ASN A 19 19.40 47.52 -43.74
C ASN A 19 20.46 46.74 -42.96
N LEU A 20 20.01 45.96 -42.00
CA LEU A 20 20.91 45.24 -41.11
C LEU A 20 21.86 44.31 -41.87
N TYR A 21 21.42 43.86 -43.04
CA TYR A 21 22.21 42.94 -43.85
C TYR A 21 23.10 43.69 -44.83
N LEU A 22 22.52 44.52 -45.68
CA LEU A 22 23.27 45.21 -46.74
C LEU A 22 24.31 46.19 -46.23
N SER A 23 24.28 46.51 -44.95
CA SER A 23 25.23 47.43 -44.35
C SER A 23 26.41 46.68 -43.74
N ASP A 24 26.41 45.36 -43.88
CA ASP A 24 27.44 44.53 -43.28
C ASP A 24 28.27 43.83 -44.37
N GLY A 25 29.29 44.51 -44.86
CA GLY A 25 30.15 43.99 -45.91
C GLY A 25 30.65 42.59 -45.64
N ALA A 26 31.27 42.41 -44.47
CA ALA A 26 31.85 41.12 -44.10
C ALA A 26 30.83 39.99 -44.15
N LEU A 27 29.59 40.30 -43.76
CA LEU A 27 28.52 39.30 -43.77
C LEU A 27 28.09 38.90 -45.19
N CYS A 28 27.91 39.87 -46.06
CA CYS A 28 27.51 39.60 -47.45
C CYS A 28 28.51 38.69 -48.13
N GLU A 29 29.79 39.01 -47.96
CA GLU A 29 30.86 38.20 -48.52
C GLU A 29 30.87 36.81 -47.92
N ALA A 30 30.66 36.72 -46.61
CA ALA A 30 30.67 35.42 -45.92
C ALA A 30 29.55 34.50 -46.41
N VAL A 31 28.34 35.03 -46.48
CA VAL A 31 27.19 34.28 -46.97
C VAL A 31 27.45 33.66 -48.35
N THR A 32 27.98 34.46 -49.27
CA THR A 32 28.22 34.00 -50.63
C THR A 32 29.36 33.02 -50.65
N ARG A 33 30.41 33.32 -49.90
CA ARG A 33 31.59 32.46 -49.84
C ARG A 33 31.27 31.09 -49.27
N GLU A 34 30.33 31.03 -48.33
CA GLU A 34 30.08 29.78 -47.61
C GLU A 34 28.87 29.02 -48.18
N GLY A 35 28.50 29.34 -49.41
CA GLY A 35 27.51 28.56 -50.13
C GLY A 35 26.06 28.83 -49.82
N ALA A 36 25.76 30.03 -49.36
CA ALA A 36 24.37 30.40 -49.05
C ALA A 36 23.97 31.62 -49.87
N GLY A 37 24.69 31.86 -50.95
CA GLY A 37 24.39 32.96 -51.84
C GLY A 37 22.96 32.99 -52.34
N TRP A 38 22.32 31.84 -52.41
CA TRP A 38 20.93 31.75 -52.85
C TRP A 38 19.98 32.50 -51.93
N ASP A 39 20.44 32.80 -50.72
CA ASP A 39 19.57 33.44 -49.73
C ASP A 39 19.81 34.94 -49.66
N SER A 40 20.73 35.44 -50.47
CA SER A 40 21.10 36.86 -50.47
C SER A 40 19.93 37.82 -50.66
N ASP A 41 19.05 37.54 -51.61
CA ASP A 41 17.90 38.42 -51.85
C ASP A 41 16.98 38.44 -50.65
N PHE A 42 16.71 37.27 -50.10
CA PHE A 42 15.87 37.15 -48.92
C PHE A 42 16.49 37.85 -47.72
N LEU A 43 17.79 37.65 -47.52
CA LEU A 43 18.50 38.29 -46.42
C LEU A 43 18.36 39.81 -46.48
N ALA A 44 18.52 40.38 -47.67
CA ALA A 44 18.41 41.83 -47.83
C ALA A 44 16.99 42.27 -47.56
N SER A 45 16.05 41.40 -47.94
CA SER A 45 14.64 41.68 -47.72
C SER A 45 14.29 41.81 -46.24
N ILE A 46 14.67 40.82 -45.44
CA ILE A 46 14.41 40.88 -43.99
C ILE A 46 15.36 41.86 -43.32
N GLY A 47 16.56 42.00 -43.86
CA GLY A 47 17.50 43.00 -43.37
C GLY A 47 16.88 44.38 -43.32
N GLN A 48 16.07 44.69 -44.34
CA GLN A 48 15.37 45.97 -44.39
C GLN A 48 14.21 45.99 -43.40
N GLN A 49 13.41 44.94 -43.42
CA GLN A 49 12.27 44.86 -42.50
C GLN A 49 12.71 44.98 -41.04
N LEU A 50 13.71 44.19 -40.65
CA LEU A 50 14.17 44.15 -39.27
C LEU A 50 14.85 45.43 -38.80
N GLY A 51 15.34 46.23 -39.74
CA GLY A 51 16.13 47.41 -39.39
C GLY A 51 15.32 48.68 -39.25
N THR A 52 14.01 48.58 -39.45
CA THR A 52 13.12 49.74 -39.36
C THR A 52 12.91 50.18 -37.93
N ALA A 53 12.51 51.43 -37.75
CA ALA A 53 12.23 51.94 -36.41
C ALA A 53 11.12 51.14 -35.75
N GLU A 54 10.09 50.79 -36.51
CA GLU A 54 8.96 50.03 -35.99
C GLU A 54 9.42 48.69 -35.43
N SER A 55 10.42 48.09 -36.07
CA SER A 55 10.97 46.83 -35.62
C SER A 55 11.76 47.00 -34.32
N LEU A 56 12.65 47.98 -34.30
CA LEU A 56 13.47 48.26 -33.14
C LEU A 56 12.60 48.57 -31.94
N GLU A 57 11.46 49.19 -32.18
CA GLU A 57 10.55 49.54 -31.10
C GLU A 57 10.00 48.28 -30.48
N LEU A 58 9.68 47.28 -31.31
CA LEU A 58 9.23 45.99 -30.80
C LEU A 58 10.24 45.43 -29.80
N GLY A 59 11.51 45.51 -30.17
CA GLY A 59 12.57 45.02 -29.32
C GLY A 59 12.54 45.69 -27.96
N ARG A 60 12.40 47.01 -27.98
CA ARG A 60 12.34 47.80 -26.76
C ARG A 60 11.12 47.43 -25.91
N LEU A 61 9.96 47.34 -26.55
CA LEU A 61 8.70 47.03 -25.85
C LEU A 61 8.76 45.67 -25.16
N ALA A 62 9.30 44.67 -25.85
CA ALA A 62 9.39 43.33 -25.31
C ALA A 62 10.24 43.27 -24.04
N ASN A 63 11.22 44.17 -23.94
CA ASN A 63 12.13 44.19 -22.80
C ASN A 63 11.69 45.05 -21.62
N VAL A 64 11.10 46.22 -21.89
CA VAL A 64 10.65 47.11 -20.82
C VAL A 64 9.27 46.74 -20.31
N ASN A 65 8.61 45.84 -21.02
CA ASN A 65 7.37 45.24 -20.55
C ASN A 65 7.52 43.73 -20.39
N PRO A 66 8.40 43.29 -19.47
CA PRO A 66 8.73 41.88 -19.33
C PRO A 66 7.52 41.04 -18.95
N PRO A 67 7.59 39.72 -19.18
CA PRO A 67 6.50 38.78 -18.90
C PRO A 67 6.11 38.74 -17.43
N GLU A 68 4.83 38.47 -17.18
CA GLU A 68 4.33 38.24 -15.83
C GLU A 68 4.06 36.76 -15.62
N LEU A 69 4.48 36.25 -14.47
CA LEU A 69 4.15 34.89 -14.10
C LEU A 69 2.76 34.85 -13.50
N LEU A 70 1.90 33.99 -14.03
CA LEU A 70 0.56 33.81 -13.49
C LEU A 70 0.45 32.44 -12.88
N ARG A 71 0.68 32.37 -11.57
CA ARG A 71 0.62 31.09 -10.88
C ARG A 71 -0.81 30.66 -10.58
N TYR A 72 -1.65 31.63 -10.25
CA TYR A 72 -3.04 31.38 -9.90
C TYR A 72 -3.97 32.28 -10.68
N ASP A 73 -5.23 31.88 -10.79
CA ASP A 73 -6.27 32.77 -11.32
C ASP A 73 -6.97 33.49 -10.15
N ALA A 74 -8.01 34.24 -10.47
CA ALA A 74 -8.68 35.05 -9.46
C ALA A 74 -9.55 34.21 -8.51
N GLN A 75 -9.69 32.93 -8.83
CA GLN A 75 -10.50 32.01 -8.05
C GLN A 75 -9.66 31.15 -7.11
N GLY A 76 -8.35 31.18 -7.28
CA GLY A 76 -7.46 30.48 -6.39
C GLY A 76 -7.06 29.11 -6.91
N ARG A 77 -7.34 28.89 -8.19
CA ARG A 77 -6.89 27.68 -8.86
C ARG A 77 -5.55 27.91 -9.55
N ARG A 78 -4.71 26.88 -9.54
CA ARG A 78 -3.42 26.89 -10.20
C ARG A 78 -3.59 27.18 -11.70
N LEU A 79 -2.73 28.04 -12.23
CA LEU A 79 -2.84 28.46 -13.61
C LEU A 79 -1.57 28.13 -14.37
N ASP A 80 -0.44 28.48 -13.77
CA ASP A 80 0.87 28.12 -14.31
C ASP A 80 1.08 28.60 -15.74
N ASP A 81 0.78 29.87 -15.99
CA ASP A 81 0.94 30.43 -17.33
C ASP A 81 1.79 31.69 -17.27
N VAL A 82 2.20 32.19 -18.44
CA VAL A 82 3.02 33.39 -18.53
C VAL A 82 2.43 34.35 -19.55
N ARG A 83 2.31 35.62 -19.17
CA ARG A 83 1.66 36.61 -20.03
C ARG A 83 2.66 37.62 -20.59
N PHE A 84 2.72 37.73 -21.91
CA PHE A 84 3.70 38.60 -22.57
C PHE A 84 3.06 39.87 -23.12
N HIS A 85 3.90 40.87 -23.38
CA HIS A 85 3.48 42.03 -24.14
C HIS A 85 3.31 41.59 -25.60
N PRO A 86 2.34 42.18 -26.31
CA PRO A 86 2.09 41.88 -27.74
C PRO A 86 3.36 41.89 -28.60
N ALA A 87 4.31 42.73 -28.24
CA ALA A 87 5.53 42.87 -29.01
C ALA A 87 6.31 41.56 -29.03
N TRP A 88 6.31 40.86 -27.90
CA TRP A 88 6.95 39.56 -27.82
C TRP A 88 6.42 38.62 -28.91
N HIS A 89 5.11 38.46 -28.95
CA HIS A 89 4.49 37.56 -29.91
C HIS A 89 4.80 37.99 -31.35
N LEU A 90 4.79 39.29 -31.59
CA LEU A 90 5.13 39.80 -32.92
C LEU A 90 6.54 39.40 -33.36
N LEU A 91 7.49 39.48 -32.44
CA LEU A 91 8.87 39.07 -32.71
C LEU A 91 8.93 37.58 -33.04
N MET A 92 8.21 36.77 -32.25
CA MET A 92 8.16 35.33 -32.45
C MET A 92 7.59 34.96 -33.80
N GLN A 93 6.54 35.66 -34.23
CA GLN A 93 5.94 35.40 -35.54
C GLN A 93 6.99 35.51 -36.65
N ALA A 94 7.77 36.58 -36.61
CA ALA A 94 8.72 36.86 -37.65
C ALA A 94 9.85 35.85 -37.62
N LEU A 95 10.30 35.53 -36.40
CA LEU A 95 11.39 34.57 -36.24
C LEU A 95 11.01 33.23 -36.86
N CYS A 96 9.78 32.78 -36.61
CA CYS A 96 9.32 31.51 -37.14
C CYS A 96 9.01 31.61 -38.62
N THR A 97 8.43 32.72 -39.05
CA THR A 97 8.18 32.95 -40.46
C THR A 97 9.50 32.83 -41.22
N ASN A 98 10.55 33.40 -40.65
CA ASN A 98 11.87 33.36 -41.27
C ASN A 98 12.61 32.06 -40.98
N ARG A 99 11.91 31.13 -40.35
CA ARG A 99 12.42 29.79 -40.09
C ARG A 99 13.77 29.75 -39.39
N VAL A 100 14.01 30.71 -38.51
CA VAL A 100 15.26 30.74 -37.77
C VAL A 100 15.35 29.54 -36.85
N HIS A 101 14.21 28.90 -36.61
CA HIS A 101 14.13 27.76 -35.70
C HIS A 101 14.24 26.39 -36.37
N ASN A 102 14.05 26.32 -37.69
CA ASN A 102 14.08 25.02 -38.35
C ASN A 102 14.58 24.93 -39.79
N LEU A 103 14.98 26.06 -40.37
CA LEU A 103 15.39 26.10 -41.79
C LEU A 103 16.25 24.92 -42.19
N ALA A 104 17.21 24.57 -41.34
CA ALA A 104 18.17 23.52 -41.65
C ALA A 104 17.56 22.12 -41.60
N TRP A 105 16.38 21.99 -41.01
CA TRP A 105 15.79 20.67 -40.76
C TRP A 105 14.60 20.34 -41.66
N GLU A 106 14.29 21.23 -42.59
CA GLU A 106 13.28 20.95 -43.59
C GLU A 106 13.70 19.74 -44.42
N GLU A 107 12.72 18.96 -44.87
CA GLU A 107 13.03 17.71 -45.56
C GLU A 107 13.76 17.91 -46.89
N ASP A 108 13.56 19.08 -47.49
CA ASP A 108 14.18 19.40 -48.77
C ASP A 108 15.15 20.57 -48.63
N ALA A 109 15.63 20.78 -47.41
CA ALA A 109 16.58 21.86 -47.16
C ALA A 109 17.79 21.70 -48.07
N ARG A 110 18.15 22.78 -48.76
CA ARG A 110 19.26 22.73 -49.70
C ARG A 110 20.61 22.96 -49.03
N SER A 111 21.68 22.84 -49.82
CA SER A 111 23.01 23.02 -49.28
C SER A 111 23.23 24.48 -48.88
N GLY A 112 23.83 24.69 -47.71
CA GLY A 112 24.09 26.03 -47.22
C GLY A 112 23.04 26.51 -46.23
N ALA A 113 22.03 25.67 -46.00
CA ALA A 113 20.93 26.02 -45.12
C ALA A 113 21.38 26.49 -43.74
N PHE A 114 22.36 25.79 -43.15
CA PHE A 114 22.84 26.14 -41.82
C PHE A 114 23.48 27.51 -41.85
N VAL A 115 24.24 27.78 -42.91
CA VAL A 115 24.88 29.07 -43.10
C VAL A 115 23.87 30.19 -43.33
N ALA A 116 22.89 29.93 -44.19
CA ALA A 116 21.83 30.89 -44.45
C ALA A 116 21.07 31.22 -43.17
N ARG A 117 20.69 30.17 -42.46
CA ARG A 117 19.95 30.30 -41.20
C ARG A 117 20.76 31.09 -40.17
N ALA A 118 22.07 30.88 -40.16
CA ALA A 118 22.95 31.65 -39.27
C ALA A 118 22.89 33.13 -39.59
N ALA A 119 22.86 33.47 -40.87
CA ALA A 119 22.73 34.87 -41.27
C ALA A 119 21.38 35.44 -40.86
N ARG A 120 20.33 34.66 -41.03
CA ARG A 120 18.99 35.13 -40.66
C ARG A 120 18.98 35.41 -39.16
N PHE A 121 19.57 34.48 -38.41
CA PHE A 121 19.67 34.58 -36.96
C PHE A 121 20.38 35.87 -36.55
N MET A 122 21.57 36.07 -37.11
CA MET A 122 22.38 37.24 -36.81
C MET A 122 21.65 38.58 -37.03
N LEU A 123 20.80 38.67 -38.04
CA LEU A 123 20.02 39.88 -38.25
C LEU A 123 19.04 40.10 -37.10
N HIS A 124 18.18 39.12 -36.86
CA HIS A 124 17.24 39.19 -35.75
C HIS A 124 17.92 39.57 -34.44
N ALA A 125 19.08 38.96 -34.19
CA ALA A 125 19.76 39.18 -32.92
C ALA A 125 20.08 40.64 -32.67
N GLN A 126 20.25 41.41 -33.74
CA GLN A 126 20.61 42.83 -33.61
C GLN A 126 19.42 43.65 -33.14
N VAL A 127 18.22 43.14 -33.37
CA VAL A 127 16.99 43.81 -32.99
C VAL A 127 16.64 43.49 -31.52
N GLU A 128 16.49 42.21 -31.22
CA GLU A 128 16.07 41.76 -29.89
C GLU A 128 16.69 40.40 -29.60
N ALA A 129 17.16 40.22 -28.36
CA ALA A 129 17.92 39.02 -28.01
C ALA A 129 17.14 37.95 -27.24
N GLY A 130 16.27 38.39 -26.33
CA GLY A 130 15.49 37.48 -25.53
C GLY A 130 14.74 36.46 -26.37
N SER A 131 14.09 36.95 -27.43
CA SER A 131 13.29 36.12 -28.31
C SER A 131 14.11 35.02 -28.98
N LEU A 132 15.42 35.17 -28.96
CA LEU A 132 16.32 34.18 -29.55
C LEU A 132 16.40 32.89 -28.75
N CYS A 133 16.11 32.98 -27.45
CA CYS A 133 16.27 31.83 -26.59
C CYS A 133 15.37 30.64 -26.98
N PRO A 134 14.05 30.87 -27.11
CA PRO A 134 13.20 29.76 -27.57
C PRO A 134 13.61 29.27 -28.96
N ILE A 135 14.08 30.18 -29.80
CA ILE A 135 14.47 29.84 -31.16
C ILE A 135 15.72 28.99 -31.16
N THR A 136 16.70 29.39 -30.37
CA THR A 136 17.94 28.62 -30.26
C THR A 136 17.66 27.20 -29.76
N MET A 137 16.83 27.08 -28.73
CA MET A 137 16.56 25.79 -28.12
C MET A 137 15.77 24.89 -29.06
N THR A 138 14.75 25.44 -29.69
CA THR A 138 13.94 24.68 -30.62
C THR A 138 14.78 24.24 -31.80
N PHE A 139 15.66 25.11 -32.28
CA PHE A 139 16.51 24.79 -33.42
C PHE A 139 17.45 23.63 -33.12
N ALA A 140 17.96 23.58 -31.90
CA ALA A 140 18.90 22.55 -31.50
C ALA A 140 18.20 21.23 -31.22
N ALA A 141 16.98 21.31 -30.72
CA ALA A 141 16.25 20.13 -30.29
C ALA A 141 15.49 19.44 -31.43
N THR A 142 15.14 20.20 -32.47
CA THR A 142 14.29 19.68 -33.53
C THR A 142 14.84 18.42 -34.20
N PRO A 143 16.11 18.45 -34.62
CA PRO A 143 16.70 17.28 -35.28
C PRO A 143 16.57 16.04 -34.41
N LEU A 144 16.78 16.23 -33.11
CA LEU A 144 16.69 15.15 -32.15
C LEU A 144 15.27 14.60 -32.07
N LEU A 145 14.30 15.47 -31.81
CA LEU A 145 12.91 15.05 -31.71
C LEU A 145 12.40 14.35 -32.98
N LEU A 146 12.74 14.89 -34.14
CA LEU A 146 12.23 14.35 -35.40
C LEU A 146 12.44 12.85 -35.55
N GLN A 147 13.50 12.34 -34.94
CA GLN A 147 13.78 10.91 -35.06
C GLN A 147 13.64 10.13 -33.75
N MET A 148 13.21 10.79 -32.68
CA MET A 148 13.07 10.12 -31.39
C MET A 148 11.71 10.33 -30.73
N LEU A 149 10.83 11.10 -31.37
CA LEU A 149 9.50 11.34 -30.81
C LEU A 149 8.83 10.05 -30.37
N PRO A 150 8.40 10.00 -29.11
CA PRO A 150 7.60 8.88 -28.60
C PRO A 150 6.32 8.74 -29.42
N ALA A 151 5.70 7.56 -29.37
CA ALA A 151 4.53 7.26 -30.20
C ALA A 151 3.37 8.26 -30.07
N PRO A 152 3.01 8.66 -28.84
CA PRO A 152 1.84 9.53 -28.64
C PRO A 152 2.01 10.92 -29.26
N PHE A 153 3.22 11.23 -29.74
CA PHE A 153 3.51 12.57 -30.23
C PHE A 153 4.08 12.59 -31.65
N GLN A 154 3.77 11.57 -32.44
CA GLN A 154 4.28 11.50 -33.80
C GLN A 154 3.69 12.61 -34.66
N ASP A 155 2.52 13.10 -34.25
CA ASP A 155 1.83 14.16 -34.97
C ASP A 155 2.42 15.54 -34.67
N TRP A 156 3.58 15.54 -34.01
CA TRP A 156 4.32 16.77 -33.79
C TRP A 156 5.23 17.08 -34.96
N THR A 157 5.50 16.07 -35.77
CA THR A 157 6.41 16.22 -36.91
C THR A 157 6.04 17.39 -37.82
N THR A 158 4.77 17.47 -38.22
CA THR A 158 4.31 18.51 -39.13
C THR A 158 4.51 19.93 -38.59
N PRO A 159 4.03 20.20 -37.36
CA PRO A 159 4.22 21.51 -36.73
C PRO A 159 5.69 21.85 -36.51
N LEU A 160 6.49 20.85 -36.13
CA LEU A 160 7.92 21.05 -35.91
C LEU A 160 8.65 21.55 -37.16
N LEU A 161 8.04 21.31 -38.33
CA LEU A 161 8.65 21.71 -39.60
C LEU A 161 7.96 22.91 -40.25
N SER A 162 7.04 23.54 -39.53
CA SER A 162 6.30 24.68 -40.06
C SER A 162 7.03 26.02 -39.90
N ASP A 163 6.43 27.05 -40.48
CA ASP A 163 6.93 28.41 -40.35
C ASP A 163 5.89 29.30 -39.66
N ARG A 164 5.08 28.66 -38.82
CA ARG A 164 3.98 29.34 -38.13
C ARG A 164 4.12 29.27 -36.62
N TYR A 165 4.52 30.37 -36.01
CA TYR A 165 4.50 30.52 -34.57
C TYR A 165 3.06 30.44 -34.05
N ASP A 166 2.84 29.60 -33.04
CA ASP A 166 1.51 29.37 -32.49
C ASP A 166 1.56 29.47 -30.96
N SER A 167 0.88 30.48 -30.42
CA SER A 167 0.93 30.74 -28.98
C SER A 167 -0.26 30.17 -28.23
N HIS A 168 -1.12 29.43 -28.93
CA HIS A 168 -2.30 28.87 -28.31
C HIS A 168 -1.92 27.95 -27.15
N LEU A 169 -2.71 28.05 -26.09
CA LEU A 169 -2.52 27.22 -24.92
C LEU A 169 -3.18 25.85 -25.13
N LEU A 170 -2.63 25.08 -26.06
CA LEU A 170 -3.15 23.76 -26.39
C LEU A 170 -2.05 22.69 -26.43
N PRO A 171 -2.45 21.42 -26.44
CA PRO A 171 -1.49 20.34 -26.65
C PRO A 171 -0.78 20.51 -27.98
N GLY A 172 0.51 20.16 -28.03
CA GLY A 172 1.32 20.35 -29.22
C GLY A 172 0.70 19.85 -30.51
N GLY A 173 0.10 18.65 -30.46
CA GLY A 173 -0.47 18.03 -31.64
C GLY A 173 -1.54 18.85 -32.33
N GLN A 174 -2.17 19.74 -31.57
CA GLN A 174 -3.25 20.55 -32.10
C GLN A 174 -2.75 21.92 -32.58
N LYS A 175 -1.44 22.12 -32.55
CA LYS A 175 -0.88 23.43 -32.89
C LYS A 175 -0.20 23.48 -34.27
N ARG A 176 -0.03 24.71 -34.75
CA ARG A 176 0.52 24.96 -36.07
C ARG A 176 2.03 25.05 -36.06
N GLY A 177 2.61 25.21 -34.87
CA GLY A 177 4.04 25.32 -34.71
C GLY A 177 4.44 25.13 -33.26
N LEU A 178 5.67 24.73 -33.01
CA LEU A 178 6.08 24.37 -31.65
C LEU A 178 7.38 25.02 -31.18
N LEU A 179 7.54 25.08 -29.85
CA LEU A 179 8.77 25.53 -29.22
C LEU A 179 9.26 24.49 -28.21
N ILE A 180 10.55 24.15 -28.28
CA ILE A 180 11.12 23.19 -27.34
C ILE A 180 12.15 23.82 -26.41
N GLY A 181 11.99 23.60 -25.11
CA GLY A 181 12.91 24.14 -24.14
C GLY A 181 13.84 23.09 -23.55
N MET A 182 14.68 23.50 -22.61
CA MET A 182 15.66 22.58 -22.02
C MET A 182 15.81 22.77 -20.51
N GLY A 183 15.55 21.70 -19.76
CA GLY A 183 15.66 21.74 -18.32
C GLY A 183 16.80 20.90 -17.78
N MET A 184 17.96 21.51 -17.58
CA MET A 184 19.13 20.81 -17.08
C MET A 184 19.55 21.30 -15.70
N THR A 185 19.89 22.59 -15.62
CA THR A 185 20.42 23.20 -14.41
C THR A 185 19.55 23.01 -13.18
N GLU A 186 20.20 22.65 -12.08
CA GLU A 186 19.52 22.60 -10.79
C GLU A 186 20.25 23.50 -9.80
N LYS A 187 19.70 23.62 -8.60
CA LYS A 187 20.28 24.50 -7.60
C LYS A 187 21.70 24.10 -7.22
N GLN A 188 21.99 22.80 -7.27
CA GLN A 188 23.29 22.30 -6.84
C GLN A 188 24.35 22.35 -7.93
N GLY A 189 23.92 22.51 -9.18
CA GLY A 189 24.86 22.60 -10.27
C GLY A 189 24.26 22.81 -11.64
N GLY A 190 24.98 23.55 -12.48
CA GLY A 190 24.60 23.76 -13.86
C GLY A 190 25.60 23.12 -14.81
N SER A 191 26.89 23.32 -14.52
CA SER A 191 27.95 22.73 -15.31
C SER A 191 28.02 21.23 -15.03
N ASP A 192 27.98 20.89 -13.75
CA ASP A 192 28.03 19.52 -13.33
C ASP A 192 26.61 18.97 -13.22
N VAL A 193 26.08 18.44 -14.32
CA VAL A 193 24.70 17.95 -14.34
C VAL A 193 24.53 16.57 -13.71
N MET A 194 25.63 15.85 -13.53
CA MET A 194 25.51 14.53 -12.92
C MET A 194 25.05 14.66 -11.47
N SER A 195 25.10 15.87 -10.93
CA SER A 195 24.65 16.13 -9.56
C SER A 195 23.14 16.37 -9.46
N ASN A 196 22.45 16.29 -10.59
CA ASN A 196 20.99 16.39 -10.63
C ASN A 196 20.35 15.44 -9.61
N THR A 197 19.27 15.88 -8.98
CA THR A 197 18.53 15.03 -8.04
C THR A 197 17.07 14.89 -8.43
N THR A 198 16.73 15.32 -9.64
CA THR A 198 15.41 15.09 -10.18
C THR A 198 15.36 13.63 -10.58
N ARG A 199 14.44 12.88 -10.00
CA ARG A 199 14.36 11.45 -10.25
C ARG A 199 13.16 11.06 -11.09
N ALA A 200 13.30 9.98 -11.86
CA ALA A 200 12.25 9.47 -12.73
C ALA A 200 12.01 7.98 -12.50
N GLU A 201 10.75 7.61 -12.21
CA GLU A 201 10.38 6.20 -12.03
C GLU A 201 9.62 5.71 -13.25
N ARG A 202 9.96 4.53 -13.76
CA ARG A 202 9.22 3.97 -14.89
C ARG A 202 7.81 3.52 -14.49
N LEU A 203 6.80 3.92 -15.26
CA LEU A 203 5.42 3.49 -15.02
C LEU A 203 5.02 2.30 -15.90
N GLU A 204 3.84 1.75 -15.62
CA GLU A 204 3.35 0.58 -16.35
C GLU A 204 3.35 0.77 -17.87
N ASP A 205 3.08 1.99 -18.33
CA ASP A 205 2.89 2.21 -19.77
C ASP A 205 4.10 2.72 -20.57
N GLY A 206 5.25 2.89 -19.92
CA GLY A 206 6.48 3.23 -20.64
C GLY A 206 6.99 4.64 -20.41
N SER A 207 6.09 5.51 -19.97
CA SER A 207 6.42 6.85 -19.50
C SER A 207 7.01 6.80 -18.08
N TYR A 208 7.47 7.95 -17.59
CA TYR A 208 8.04 8.01 -16.25
C TYR A 208 7.36 9.08 -15.40
N ARG A 209 7.43 8.90 -14.08
CA ARG A 209 7.02 9.95 -13.15
C ARG A 209 8.24 10.75 -12.78
N LEU A 210 8.18 12.06 -12.99
CA LEU A 210 9.29 12.90 -12.57
C LEU A 210 8.95 13.69 -11.30
N VAL A 211 9.87 13.65 -10.35
CA VAL A 211 9.79 14.48 -9.16
C VAL A 211 11.13 15.17 -8.96
N GLY A 212 11.09 16.49 -8.80
CA GLY A 212 12.32 17.26 -8.66
C GLY A 212 12.11 18.73 -8.93
N HIS A 213 13.14 19.38 -9.46
CA HIS A 213 13.09 20.82 -9.72
C HIS A 213 14.10 21.22 -10.79
N LYS A 214 13.84 22.35 -11.45
CA LYS A 214 14.87 22.99 -12.26
C LYS A 214 15.03 24.45 -11.85
N TRP A 215 16.29 24.86 -11.71
CA TRP A 215 16.68 26.17 -11.14
C TRP A 215 16.51 27.30 -12.15
N PHE A 216 16.93 27.04 -13.38
CA PHE A 216 16.71 27.97 -14.49
C PHE A 216 15.98 27.22 -15.58
N PHE A 217 14.75 27.63 -15.84
CA PHE A 217 13.86 26.90 -16.74
C PHE A 217 13.26 27.89 -17.72
N SER A 218 13.99 28.19 -18.77
CA SER A 218 13.58 29.24 -19.69
C SER A 218 12.44 28.81 -20.61
N VAL A 219 11.67 29.79 -21.05
CA VAL A 219 10.53 29.54 -21.93
C VAL A 219 9.64 28.44 -21.35
N PRO A 220 9.04 28.71 -20.18
CA PRO A 220 8.16 27.71 -19.57
C PRO A 220 6.95 27.46 -20.45
N GLN A 221 6.65 28.42 -21.33
CA GLN A 221 5.51 28.29 -22.23
C GLN A 221 5.83 27.41 -23.43
N SER A 222 7.02 26.80 -23.44
CA SER A 222 7.37 25.85 -24.47
C SER A 222 6.34 24.74 -24.50
N ASP A 223 6.22 24.08 -25.64
CA ASP A 223 5.25 22.99 -25.77
C ASP A 223 5.82 21.71 -25.14
N ALA A 224 7.14 21.66 -25.00
CA ALA A 224 7.79 20.58 -24.29
C ALA A 224 9.21 20.99 -23.89
N HIS A 225 9.72 20.35 -22.85
CA HIS A 225 11.10 20.55 -22.46
C HIS A 225 11.81 19.21 -22.43
N LEU A 226 13.02 19.18 -22.96
CA LEU A 226 13.89 18.04 -22.78
C LEU A 226 14.53 18.18 -21.40
N VAL A 227 14.19 17.28 -20.49
CA VAL A 227 14.60 17.38 -19.08
C VAL A 227 15.52 16.22 -18.67
N LEU A 228 16.58 16.55 -17.94
CA LEU A 228 17.45 15.51 -17.38
C LEU A 228 16.96 15.08 -16.01
N ALA A 229 16.88 13.77 -15.79
CA ALA A 229 16.48 13.21 -14.50
C ALA A 229 17.19 11.89 -14.20
N GLN A 230 17.43 11.61 -12.93
CA GLN A 230 18.08 10.37 -12.54
C GLN A 230 17.11 9.20 -12.63
N THR A 231 17.59 8.08 -13.15
CA THR A 231 16.84 6.83 -13.09
C THR A 231 17.72 5.76 -12.47
N ALA A 232 17.16 4.58 -12.25
CA ALA A 232 17.93 3.48 -11.70
C ALA A 232 19.11 3.16 -12.62
N GLY A 233 18.91 3.37 -13.92
CA GLY A 233 19.93 3.08 -14.91
C GLY A 233 20.95 4.18 -15.11
N GLY A 234 20.74 5.32 -14.45
CA GLY A 234 21.64 6.46 -14.59
C GLY A 234 20.94 7.71 -15.10
N LEU A 235 21.72 8.76 -15.36
CA LEU A 235 21.17 10.05 -15.77
C LEU A 235 20.62 10.02 -17.20
N SER A 236 19.32 10.23 -17.32
CA SER A 236 18.64 10.10 -18.61
C SER A 236 18.02 11.41 -19.10
N CYS A 237 17.58 11.42 -20.34
CA CYS A 237 16.93 12.59 -20.91
C CYS A 237 15.46 12.31 -21.21
N PHE A 238 14.58 13.19 -20.77
CA PHE A 238 13.15 12.98 -20.93
C PHE A 238 12.44 14.07 -21.72
N PHE A 239 11.51 13.63 -22.57
CA PHE A 239 10.62 14.51 -23.29
C PHE A 239 9.44 14.77 -22.36
N VAL A 240 9.37 15.98 -21.81
CA VAL A 240 8.30 16.34 -20.87
C VAL A 240 7.36 17.38 -21.47
N PRO A 241 6.26 16.93 -22.08
CA PRO A 241 5.35 17.84 -22.78
C PRO A 241 4.56 18.70 -21.81
N ARG A 242 4.09 19.85 -22.26
CA ARG A 242 3.39 20.77 -21.39
C ARG A 242 1.99 20.25 -21.11
N PHE A 243 1.39 19.64 -22.14
CA PHE A 243 0.11 18.99 -22.00
C PHE A 243 0.28 17.49 -22.23
N LEU A 244 -0.41 16.69 -21.43
CA LEU A 244 -0.43 15.25 -21.64
C LEU A 244 -1.28 14.91 -22.87
N PRO A 245 -1.14 13.69 -23.39
CA PRO A 245 -1.91 13.30 -24.57
C PRO A 245 -3.42 13.55 -24.42
N ASP A 246 -3.97 13.21 -23.27
CA ASP A 246 -5.41 13.35 -23.01
C ASP A 246 -5.88 14.79 -22.84
N GLY A 247 -4.97 15.75 -23.07
CA GLY A 247 -5.34 17.15 -23.03
C GLY A 247 -5.18 17.83 -21.68
N GLN A 248 -4.82 17.05 -20.66
CA GLN A 248 -4.59 17.59 -19.33
C GLN A 248 -3.23 18.27 -19.23
N ARG A 249 -3.12 19.20 -18.29
CA ARG A 249 -1.87 19.90 -18.09
C ARG A 249 -0.90 19.04 -17.27
N ASN A 250 0.33 18.90 -17.76
CA ASN A 250 1.35 18.14 -17.06
C ASN A 250 1.68 18.78 -15.70
N ALA A 251 2.19 17.96 -14.78
CA ALA A 251 2.38 18.39 -13.39
C ALA A 251 3.66 19.19 -13.18
N ILE A 252 3.87 20.20 -14.03
CA ILE A 252 4.99 21.10 -13.90
C ILE A 252 4.51 22.37 -13.20
N ARG A 253 5.12 22.70 -12.07
CA ARG A 253 4.68 23.81 -11.23
C ARG A 253 5.64 25.00 -11.34
N LEU A 254 5.16 26.12 -11.87
CA LEU A 254 5.99 27.32 -11.99
C LEU A 254 5.99 28.12 -10.69
N GLU A 255 7.13 28.15 -10.01
CA GLU A 255 7.22 28.78 -8.69
C GLU A 255 7.67 30.25 -8.69
N ARG A 256 8.60 30.61 -9.56
CA ARG A 256 9.22 31.91 -9.47
C ARG A 256 9.80 32.33 -10.82
N LEU A 257 9.64 33.60 -11.15
CA LEU A 257 10.22 34.15 -12.37
C LEU A 257 11.51 34.90 -12.03
N LYS A 258 12.59 34.56 -12.72
CA LYS A 258 13.88 35.21 -12.47
C LYS A 258 13.79 36.69 -12.77
N ASP A 259 14.45 37.50 -11.94
CA ASP A 259 14.54 38.95 -12.16
C ASP A 259 15.94 39.27 -12.66
N LYS A 260 16.08 39.34 -13.98
CA LYS A 260 17.40 39.29 -14.61
C LYS A 260 18.04 40.64 -14.93
N LEU A 261 19.37 40.64 -14.99
CA LEU A 261 20.14 41.81 -15.38
C LEU A 261 19.76 42.23 -16.79
N GLY A 262 19.74 41.26 -17.69
CA GLY A 262 19.32 41.47 -19.07
C GLY A 262 18.51 40.28 -19.50
N ASN A 263 18.29 40.13 -20.81
CA ASN A 263 17.52 39.01 -21.32
C ASN A 263 16.10 39.07 -20.77
N ARG A 264 15.65 40.27 -20.45
CA ARG A 264 14.45 40.45 -19.64
C ARG A 264 13.15 40.12 -20.38
N SER A 265 13.20 40.13 -21.70
CA SER A 265 12.00 39.88 -22.50
C SER A 265 11.64 38.41 -22.45
N ASN A 266 12.63 37.60 -22.10
CA ASN A 266 12.50 36.15 -22.03
C ASN A 266 12.14 35.68 -20.62
N ALA A 267 11.14 34.82 -20.52
CA ALA A 267 10.73 34.26 -19.24
C ALA A 267 11.63 33.10 -18.80
N SER A 268 12.28 33.26 -17.66
CA SER A 268 13.08 32.19 -17.07
C SER A 268 12.54 31.85 -15.69
N CYS A 269 12.16 30.60 -15.50
CA CYS A 269 11.45 30.18 -14.29
C CYS A 269 12.22 29.23 -13.39
N GLU A 270 11.80 29.20 -12.13
CA GLU A 270 12.17 28.16 -11.20
C GLU A 270 10.97 27.24 -11.12
N VAL A 271 11.13 26.00 -11.58
CA VAL A 271 10.00 25.08 -11.61
C VAL A 271 10.25 23.86 -10.72
N GLU A 272 9.15 23.22 -10.32
CA GLU A 272 9.21 21.97 -9.58
C GLU A 272 8.29 20.95 -10.24
N PHE A 273 8.75 19.70 -10.32
CA PHE A 273 7.96 18.62 -10.90
C PHE A 273 7.25 17.82 -9.83
N GLN A 274 5.93 17.79 -9.91
CA GLN A 274 5.14 17.05 -8.93
C GLN A 274 4.48 15.83 -9.59
N ASP A 275 5.29 14.81 -9.81
CA ASP A 275 4.85 13.61 -10.51
C ASP A 275 4.44 13.94 -11.94
N ALA A 276 5.26 14.73 -12.60
CA ALA A 276 5.04 15.08 -14.00
C ALA A 276 5.42 13.90 -14.87
N ILE A 277 4.73 13.75 -16.00
CA ILE A 277 4.98 12.63 -16.89
C ILE A 277 6.03 12.96 -17.94
N GLY A 278 7.01 12.08 -18.07
CA GLY A 278 8.03 12.26 -19.08
C GLY A 278 8.19 11.00 -19.92
N TRP A 279 8.68 11.16 -21.14
CA TRP A 279 8.95 10.02 -21.99
C TRP A 279 10.44 9.88 -22.26
N LEU A 280 10.99 8.71 -21.97
CA LEU A 280 12.42 8.48 -22.12
C LEU A 280 12.88 8.58 -23.57
N LEU A 281 13.88 9.44 -23.81
CA LEU A 281 14.54 9.53 -25.11
C LEU A 281 15.86 8.77 -25.03
N GLY A 282 16.04 7.83 -25.93
CA GLY A 282 17.24 6.99 -25.93
C GLY A 282 17.19 5.95 -24.82
N LEU A 283 18.33 5.72 -24.17
CA LEU A 283 18.42 4.72 -23.12
C LEU A 283 18.69 5.34 -21.76
N GLU A 284 18.19 4.71 -20.70
CA GLU A 284 18.52 5.14 -19.35
C GLU A 284 20.03 5.29 -19.26
N GLY A 285 20.49 6.43 -18.76
CA GLY A 285 21.91 6.68 -18.58
C GLY A 285 22.55 7.34 -19.78
N GLU A 286 21.82 7.40 -20.89
CA GLU A 286 22.33 8.02 -22.11
C GLU A 286 22.00 9.50 -22.14
N GLY A 287 21.60 10.05 -21.00
CA GLY A 287 21.15 11.42 -20.90
C GLY A 287 22.14 12.47 -21.36
N ILE A 288 23.32 12.47 -20.75
CA ILE A 288 24.35 13.45 -21.08
C ILE A 288 24.80 13.33 -22.53
N ARG A 289 24.78 12.12 -23.08
CA ARG A 289 25.19 11.93 -24.47
C ARG A 289 24.26 12.69 -25.41
N LEU A 290 22.97 12.66 -25.12
CA LEU A 290 21.97 13.32 -25.96
C LEU A 290 22.10 14.84 -25.94
N ILE A 291 22.11 15.43 -24.76
CA ILE A 291 22.16 16.88 -24.66
C ILE A 291 23.50 17.44 -25.12
N LEU A 292 24.47 16.56 -25.34
CA LEU A 292 25.77 16.99 -25.86
C LEU A 292 25.69 17.22 -27.37
N LYS A 293 24.84 16.43 -28.04
CA LYS A 293 24.57 16.62 -29.45
C LYS A 293 24.01 18.02 -29.67
N MET A 294 23.00 18.37 -28.87
CA MET A 294 22.31 19.65 -29.02
C MET A 294 23.17 20.82 -28.56
N GLY A 295 24.03 20.57 -27.58
CA GLY A 295 24.90 21.60 -27.05
C GLY A 295 25.75 22.27 -28.11
N GLY A 296 26.26 21.47 -29.03
CA GLY A 296 27.07 21.99 -30.11
C GLY A 296 26.40 23.14 -30.82
N MET A 297 25.12 22.98 -31.14
CA MET A 297 24.38 24.00 -31.88
C MET A 297 24.01 25.24 -31.05
N THR A 298 23.62 25.06 -29.79
CA THR A 298 23.26 26.18 -28.96
C THR A 298 24.48 27.03 -28.62
N ARG A 299 25.62 26.38 -28.44
CA ARG A 299 26.87 27.09 -28.22
C ARG A 299 27.18 28.00 -29.40
N PHE A 300 27.06 27.46 -30.60
CA PHE A 300 27.22 28.27 -31.80
C PHE A 300 26.30 29.48 -31.79
N ASP A 301 25.05 29.29 -31.38
CA ASP A 301 24.10 30.39 -31.30
C ASP A 301 24.54 31.44 -30.29
N CYS A 302 25.15 31.00 -29.20
CA CYS A 302 25.65 31.94 -28.21
C CYS A 302 26.74 32.80 -28.81
N ALA A 303 27.66 32.16 -29.53
CA ALA A 303 28.77 32.87 -30.14
C ALA A 303 28.26 33.86 -31.20
N LEU A 304 27.36 33.38 -32.04
CA LEU A 304 26.75 34.20 -33.07
C LEU A 304 25.97 35.36 -32.46
N GLY A 305 25.16 35.06 -31.46
CA GLY A 305 24.36 36.07 -30.77
C GLY A 305 25.20 37.19 -30.19
N SER A 306 26.28 36.85 -29.50
CA SER A 306 27.19 37.86 -28.98
C SER A 306 27.78 38.66 -30.11
N HIS A 307 28.16 37.98 -31.19
CA HIS A 307 28.70 38.64 -32.37
C HIS A 307 27.70 39.60 -32.98
N ALA A 308 26.45 39.16 -33.10
CA ALA A 308 25.40 40.02 -33.63
C ALA A 308 25.26 41.28 -32.80
N MET A 309 25.26 41.13 -31.49
CA MET A 309 25.07 42.28 -30.62
C MET A 309 26.26 43.21 -30.68
N MET A 310 27.45 42.65 -30.88
CA MET A 310 28.64 43.47 -31.06
C MET A 310 28.55 44.28 -32.36
N ARG A 311 28.08 43.61 -33.41
CA ARG A 311 27.89 44.26 -34.70
C ARG A 311 26.92 45.44 -34.61
N ARG A 312 25.81 45.23 -33.92
CA ARG A 312 24.82 46.29 -33.78
C ARG A 312 25.40 47.46 -33.00
N ALA A 313 26.02 47.15 -31.86
CA ALA A 313 26.66 48.17 -31.04
C ALA A 313 27.65 49.00 -31.87
N PHE A 314 28.42 48.33 -32.70
CA PHE A 314 29.40 49.00 -33.55
C PHE A 314 28.73 49.89 -34.58
N SER A 315 27.65 49.41 -35.19
CA SER A 315 26.88 50.20 -36.16
C SER A 315 26.37 51.49 -35.56
N LEU A 316 25.84 51.40 -34.34
CA LEU A 316 25.33 52.57 -33.65
C LEU A 316 26.48 53.54 -33.38
N ALA A 317 27.64 52.99 -33.04
CA ALA A 317 28.79 53.80 -32.69
C ALA A 317 29.35 54.58 -33.86
N ILE A 318 29.56 53.91 -35.00
CA ILE A 318 30.12 54.59 -36.16
C ILE A 318 29.14 55.61 -36.71
N TYR A 319 27.85 55.27 -36.70
CA TYR A 319 26.83 56.18 -37.19
C TYR A 319 26.84 57.44 -36.34
N HIS A 320 26.93 57.27 -35.04
CA HIS A 320 27.02 58.39 -34.12
C HIS A 320 28.30 59.19 -34.35
N ALA A 321 29.44 58.49 -34.40
CA ALA A 321 30.76 59.13 -34.50
C ALA A 321 30.95 59.89 -35.80
N HIS A 322 30.19 59.51 -36.83
CA HIS A 322 30.26 60.20 -38.10
C HIS A 322 29.63 61.58 -38.02
N GLN A 323 28.58 61.70 -37.21
CA GLN A 323 27.82 62.95 -37.11
C GLN A 323 28.29 63.85 -35.98
N ARG A 324 28.62 63.26 -34.84
CA ARG A 324 29.02 64.02 -33.66
C ARG A 324 30.35 64.74 -33.88
N HIS A 325 30.36 66.04 -33.62
CA HIS A 325 31.57 66.83 -33.73
C HIS A 325 32.19 67.10 -32.35
N VAL A 326 33.50 67.00 -32.27
CA VAL A 326 34.24 67.37 -31.07
C VAL A 326 35.49 68.11 -31.49
N PHE A 327 35.71 69.27 -30.87
CA PHE A 327 36.88 70.09 -31.14
C PHE A 327 37.01 70.48 -32.62
N GLY A 328 35.87 70.78 -33.24
CA GLY A 328 35.86 71.30 -34.59
C GLY A 328 35.76 70.26 -35.70
N ASN A 329 35.93 69.00 -35.36
CA ASN A 329 35.88 67.94 -36.37
C ASN A 329 34.94 66.78 -36.04
N PRO A 330 34.50 66.03 -37.08
CA PRO A 330 33.71 64.82 -36.85
C PRO A 330 34.47 63.85 -35.95
N LEU A 331 33.77 63.35 -34.93
CA LEU A 331 34.39 62.45 -33.95
C LEU A 331 35.15 61.31 -34.62
N ILE A 332 34.60 60.80 -35.71
CA ILE A 332 35.20 59.67 -36.41
C ILE A 332 36.50 60.03 -37.12
N GLN A 333 36.78 61.32 -37.26
CA GLN A 333 38.01 61.79 -37.89
C GLN A 333 39.14 61.91 -36.88
N GLN A 334 38.79 61.99 -35.60
CA GLN A 334 39.79 62.14 -34.55
C GLN A 334 40.68 60.91 -34.52
N PRO A 335 42.00 61.13 -34.67
CA PRO A 335 43.01 60.06 -34.77
C PRO A 335 42.81 58.91 -33.80
N LEU A 336 42.71 59.20 -32.50
CA LEU A 336 42.59 58.14 -31.49
C LEU A 336 41.27 57.39 -31.60
N MET A 337 40.19 58.09 -31.90
CA MET A 337 38.89 57.44 -32.05
C MET A 337 38.86 56.58 -33.29
N ARG A 338 39.34 57.13 -34.40
CA ARG A 338 39.37 56.41 -35.66
C ARG A 338 40.21 55.14 -35.52
N HIS A 339 41.20 55.18 -34.63
CA HIS A 339 42.08 54.05 -34.36
C HIS A 339 41.32 52.95 -33.61
N VAL A 340 40.66 53.33 -32.53
CA VAL A 340 39.84 52.41 -31.74
C VAL A 340 38.74 51.78 -32.60
N LEU A 341 38.02 52.61 -33.34
CA LEU A 341 36.94 52.13 -34.18
C LEU A 341 37.43 51.15 -35.24
N SER A 342 38.63 51.38 -35.76
CA SER A 342 39.18 50.52 -36.78
C SER A 342 39.54 49.15 -36.22
N ARG A 343 40.10 49.14 -35.02
CA ARG A 343 40.40 47.88 -34.35
C ARG A 343 39.14 47.10 -34.04
N MET A 344 38.06 47.82 -33.73
CA MET A 344 36.77 47.17 -33.47
C MET A 344 36.20 46.56 -34.74
N ALA A 345 36.33 47.27 -35.85
CA ALA A 345 35.85 46.78 -37.13
C ALA A 345 36.61 45.52 -37.49
N LEU A 346 37.92 45.58 -37.25
CA LEU A 346 38.83 44.47 -37.56
C LEU A 346 38.46 43.24 -36.74
N GLN A 347 38.02 43.49 -35.52
CA GLN A 347 37.57 42.42 -34.63
C GLN A 347 36.39 41.69 -35.24
N LEU A 348 35.41 42.46 -35.70
CA LEU A 348 34.22 41.92 -36.30
C LEU A 348 34.48 41.19 -37.62
N GLU A 349 35.46 41.66 -38.39
CA GLU A 349 35.81 40.99 -39.64
C GLU A 349 36.26 39.55 -39.37
N GLY A 350 37.15 39.39 -38.40
CA GLY A 350 37.65 38.08 -38.03
C GLY A 350 36.56 37.18 -37.48
N GLN A 351 35.73 37.71 -36.60
CA GLN A 351 34.61 36.96 -36.05
C GLN A 351 33.62 36.55 -37.14
N THR A 352 33.30 37.46 -38.05
CA THR A 352 32.40 37.13 -39.14
C THR A 352 33.00 35.97 -39.94
N ALA A 353 34.28 36.07 -40.28
CA ALA A 353 34.93 35.04 -41.07
C ALA A 353 34.93 33.67 -40.37
N LEU A 354 35.28 33.66 -39.09
CA LEU A 354 35.37 32.42 -38.32
C LEU A 354 34.00 31.81 -38.10
N LEU A 355 33.05 32.63 -37.68
CA LEU A 355 31.71 32.13 -37.34
C LEU A 355 31.00 31.50 -38.53
N PHE A 356 31.15 32.10 -39.70
CA PHE A 356 30.48 31.57 -40.88
C PHE A 356 31.25 30.43 -41.55
N ARG A 357 32.56 30.38 -41.31
CA ARG A 357 33.33 29.20 -41.67
C ARG A 357 32.86 28.04 -40.79
N LEU A 358 32.64 28.33 -39.52
CA LEU A 358 32.11 27.35 -38.58
C LEU A 358 30.74 26.88 -39.00
N ALA A 359 29.91 27.81 -39.45
CA ALA A 359 28.57 27.48 -39.93
C ALA A 359 28.62 26.55 -41.13
N ARG A 360 29.63 26.73 -41.98
CA ARG A 360 29.83 25.82 -43.10
C ARG A 360 30.18 24.42 -42.60
N ALA A 361 31.04 24.35 -41.61
CA ALA A 361 31.42 23.07 -41.03
C ALA A 361 30.18 22.31 -40.58
N TRP A 362 29.29 22.99 -39.86
CA TRP A 362 28.06 22.37 -39.41
C TRP A 362 27.20 21.92 -40.58
N ASP A 363 27.23 22.69 -41.66
CA ASP A 363 26.42 22.36 -42.82
C ASP A 363 26.96 21.11 -43.51
N ARG A 364 28.25 20.87 -43.36
CA ARG A 364 28.90 19.72 -43.99
C ARG A 364 29.35 18.67 -42.96
N ARG A 365 28.62 18.59 -41.86
CA ARG A 365 29.01 17.71 -40.75
C ARG A 365 29.12 16.25 -41.15
N ALA A 366 28.58 15.91 -42.32
CA ALA A 366 28.69 14.55 -42.83
C ALA A 366 30.15 14.18 -43.11
N ASP A 367 30.95 15.22 -43.41
CA ASP A 367 32.38 15.07 -43.60
C ASP A 367 33.09 15.06 -42.24
N ALA A 368 33.78 13.98 -41.93
CA ALA A 368 34.43 13.84 -40.63
C ALA A 368 35.35 15.02 -40.29
N LYS A 369 36.09 15.50 -41.27
CA LYS A 369 37.01 16.62 -41.06
C LYS A 369 36.28 17.91 -40.71
N GLU A 370 35.13 18.14 -41.33
CA GLU A 370 34.33 19.31 -41.02
C GLU A 370 33.73 19.20 -39.63
N ALA A 371 33.18 18.03 -39.31
CA ALA A 371 32.57 17.80 -38.02
C ALA A 371 33.56 18.01 -36.88
N LEU A 372 34.80 17.59 -37.13
CA LEU A 372 35.85 17.75 -36.14
C LEU A 372 36.22 19.23 -36.00
N TRP A 373 36.26 19.93 -37.11
CA TRP A 373 36.54 21.36 -37.10
C TRP A 373 35.49 22.08 -36.26
N ALA A 374 34.24 21.70 -36.44
CA ALA A 374 33.15 22.30 -35.68
C ALA A 374 33.27 21.93 -34.22
N ARG A 375 33.55 20.66 -33.95
CA ARG A 375 33.62 20.16 -32.58
C ARG A 375 34.70 20.90 -31.80
N LEU A 376 35.69 21.42 -32.50
CA LEU A 376 36.84 22.09 -31.88
C LEU A 376 36.63 23.60 -31.71
N PHE A 377 36.18 24.25 -32.76
CA PHE A 377 36.10 25.71 -32.76
C PHE A 377 34.80 26.30 -32.21
N THR A 378 33.74 25.49 -32.15
CA THR A 378 32.50 25.96 -31.55
C THR A 378 32.75 26.42 -30.11
N PRO A 379 33.25 25.52 -29.25
CA PRO A 379 33.50 25.92 -27.87
C PRO A 379 34.46 27.10 -27.79
N ALA A 380 35.50 27.08 -28.62
CA ALA A 380 36.47 28.15 -28.63
C ALA A 380 35.83 29.50 -28.99
N ALA A 381 35.04 29.51 -30.06
CA ALA A 381 34.38 30.72 -30.51
C ALA A 381 33.41 31.25 -29.44
N LYS A 382 32.70 30.35 -28.77
CA LYS A 382 31.79 30.76 -27.70
C LYS A 382 32.56 31.38 -26.54
N PHE A 383 33.67 30.79 -26.17
CA PHE A 383 34.45 31.33 -25.07
C PHE A 383 34.96 32.73 -25.37
N VAL A 384 35.70 32.86 -26.47
CA VAL A 384 36.32 34.14 -26.82
C VAL A 384 35.31 35.24 -27.17
N ILE A 385 34.46 34.99 -28.16
CA ILE A 385 33.53 36.00 -28.63
C ILE A 385 32.60 36.49 -27.51
N CYS A 386 32.07 35.56 -26.72
CA CYS A 386 31.15 35.93 -25.67
C CYS A 386 31.83 36.68 -24.53
N LYS A 387 33.14 36.48 -24.39
CA LYS A 387 33.95 37.20 -23.40
C LYS A 387 34.23 38.62 -23.87
N ARG A 388 34.55 38.75 -25.16
CA ARG A 388 34.79 40.04 -25.79
C ARG A 388 33.57 40.96 -25.78
N GLY A 389 32.39 40.36 -25.88
CA GLY A 389 31.16 41.13 -25.97
C GLY A 389 31.06 42.27 -24.97
N MET A 390 31.39 41.98 -23.72
CA MET A 390 31.26 42.97 -22.65
C MET A 390 32.14 44.20 -22.88
N PRO A 391 33.47 44.02 -22.93
CA PRO A 391 34.35 45.17 -23.15
C PRO A 391 34.03 45.88 -24.47
N PHE A 392 33.66 45.09 -25.47
CA PHE A 392 33.38 45.62 -26.81
C PHE A 392 32.18 46.54 -26.81
N VAL A 393 31.06 46.04 -26.29
CA VAL A 393 29.85 46.84 -26.22
C VAL A 393 30.02 48.05 -25.31
N ALA A 394 30.71 47.86 -24.18
CA ALA A 394 31.02 48.97 -23.29
C ALA A 394 31.75 50.07 -24.06
N GLU A 395 32.71 49.70 -24.90
CA GLU A 395 33.44 50.67 -25.71
C GLU A 395 32.51 51.42 -26.65
N ALA A 396 31.64 50.68 -27.33
CA ALA A 396 30.67 51.30 -28.21
C ALA A 396 29.86 52.34 -27.45
N MET A 397 29.39 51.95 -26.28
CA MET A 397 28.61 52.82 -25.41
C MET A 397 29.38 54.12 -25.12
N GLU A 398 30.69 54.00 -24.91
CA GLU A 398 31.49 55.15 -24.54
C GLU A 398 31.72 56.08 -25.73
N VAL A 399 31.59 55.55 -26.93
CA VAL A 399 31.72 56.36 -28.13
C VAL A 399 30.58 57.36 -28.20
N LEU A 400 29.39 56.93 -27.79
CA LEU A 400 28.23 57.82 -27.67
C LEU A 400 28.36 58.73 -26.46
N GLY A 401 29.00 58.24 -25.41
CA GLY A 401 29.20 59.02 -24.20
C GLY A 401 28.02 58.95 -23.24
N GLY A 402 27.70 60.08 -22.62
CA GLY A 402 26.64 60.15 -21.64
C GLY A 402 25.32 59.53 -22.10
N ILE A 403 24.87 59.90 -23.30
CA ILE A 403 23.58 59.44 -23.79
C ILE A 403 23.56 57.93 -24.04
N GLY A 404 24.74 57.34 -24.16
CA GLY A 404 24.84 55.90 -24.36
C GLY A 404 24.65 55.13 -23.07
N TYR A 405 24.65 55.85 -21.95
CA TYR A 405 24.51 55.23 -20.64
C TYR A 405 23.06 55.31 -20.16
N CYS A 406 22.22 55.94 -20.97
CA CYS A 406 20.81 56.11 -20.65
C CYS A 406 19.98 55.04 -21.34
N GLU A 407 18.95 54.56 -20.64
CA GLU A 407 18.17 53.43 -21.13
C GLU A 407 17.30 53.72 -22.35
N GLU A 408 17.19 54.99 -22.73
CA GLU A 408 16.48 55.34 -23.96
C GLU A 408 17.28 54.87 -25.16
N SER A 409 18.57 54.63 -24.95
CA SER A 409 19.48 54.13 -25.97
C SER A 409 19.44 52.60 -26.04
N GLU A 410 19.83 52.04 -27.18
CA GLU A 410 19.92 50.60 -27.31
C GLU A 410 21.11 50.04 -26.55
N LEU A 411 22.08 50.89 -26.23
CA LEU A 411 23.34 50.38 -25.70
C LEU A 411 23.24 49.68 -24.35
N PRO A 412 22.57 50.31 -23.37
CA PRO A 412 22.44 49.65 -22.06
C PRO A 412 21.84 48.25 -22.17
N ARG A 413 20.80 48.09 -22.98
CA ARG A 413 20.16 46.79 -23.15
C ARG A 413 21.14 45.76 -23.75
N LEU A 414 21.91 46.18 -24.73
CA LEU A 414 22.96 45.34 -25.31
C LEU A 414 24.02 45.02 -24.28
N TYR A 415 24.50 46.05 -23.60
CA TYR A 415 25.49 45.87 -22.53
C TYR A 415 25.00 44.91 -21.45
N ARG A 416 23.70 44.97 -21.13
CA ARG A 416 23.12 44.12 -20.09
C ARG A 416 22.90 42.69 -20.56
N GLU A 417 22.76 42.49 -21.87
CA GLU A 417 22.52 41.16 -22.42
C GLU A 417 23.81 40.35 -22.47
N MET A 418 24.91 41.03 -22.76
CA MET A 418 26.15 40.35 -23.13
C MET A 418 26.58 39.19 -22.23
N PRO A 419 26.56 39.38 -20.90
CA PRO A 419 27.09 38.33 -20.02
C PRO A 419 26.29 37.04 -20.07
N VAL A 420 25.01 37.13 -20.40
CA VAL A 420 24.18 35.94 -20.39
C VAL A 420 24.73 34.89 -21.36
N ASN A 421 25.23 35.33 -22.51
CA ASN A 421 25.75 34.40 -23.51
C ASN A 421 27.03 33.70 -23.06
N SER A 422 27.78 34.35 -22.17
CA SER A 422 29.01 33.79 -21.65
C SER A 422 28.75 32.81 -20.50
N ILE A 423 27.65 33.03 -19.78
CA ILE A 423 27.27 32.20 -18.65
C ILE A 423 26.49 30.95 -19.09
N TRP A 424 25.66 31.12 -20.11
CA TRP A 424 24.83 30.04 -20.65
C TRP A 424 25.62 28.79 -20.94
N GLU A 425 24.98 27.63 -20.76
CA GLU A 425 25.53 26.34 -21.18
C GLU A 425 26.96 26.12 -20.70
N GLY A 426 27.18 26.15 -19.39
CA GLY A 426 28.46 25.77 -18.82
C GLY A 426 29.43 26.87 -18.47
N SER A 427 29.41 27.95 -19.25
CA SER A 427 30.29 29.10 -19.02
C SER A 427 31.68 28.92 -19.63
N GLY A 428 32.46 29.99 -19.65
CA GLY A 428 33.73 30.01 -20.34
C GLY A 428 34.69 28.89 -19.99
N ASN A 429 34.89 28.65 -18.71
CA ASN A 429 35.81 27.62 -18.26
C ASN A 429 35.43 26.27 -18.87
N ILE A 430 34.15 25.94 -18.83
CA ILE A 430 33.70 24.66 -19.39
C ILE A 430 34.02 24.57 -20.87
N MET A 431 33.84 25.66 -21.58
CA MET A 431 34.20 25.72 -22.99
C MET A 431 35.67 25.37 -23.18
N CYS A 432 36.50 25.95 -22.32
CA CYS A 432 37.94 25.77 -22.42
C CYS A 432 38.36 24.35 -22.04
N LEU A 433 37.75 23.82 -20.98
CA LEU A 433 38.02 22.44 -20.60
C LEU A 433 37.62 21.50 -21.73
N ASP A 434 36.55 21.83 -22.44
CA ASP A 434 36.11 21.05 -23.58
C ASP A 434 37.10 21.11 -24.75
N VAL A 435 37.60 22.30 -25.05
CA VAL A 435 38.61 22.44 -26.08
C VAL A 435 39.84 21.57 -25.78
N LEU A 436 40.30 21.62 -24.54
CA LEU A 436 41.42 20.79 -24.11
C LEU A 436 41.11 19.32 -24.25
N ARG A 437 39.87 18.96 -23.94
CA ARG A 437 39.43 17.56 -24.04
C ARG A 437 39.42 17.06 -25.49
N VAL A 438 39.10 17.94 -26.43
CA VAL A 438 39.09 17.56 -27.83
C VAL A 438 40.50 17.36 -28.36
N LEU A 439 41.40 18.28 -28.04
CA LEU A 439 42.79 18.16 -28.47
C LEU A 439 43.39 16.86 -27.95
N ASN A 440 43.01 16.50 -26.74
CA ASN A 440 43.54 15.33 -26.06
C ASN A 440 42.90 14.02 -26.55
N LYS A 441 41.59 13.90 -26.41
CA LYS A 441 40.90 12.64 -26.70
C LYS A 441 40.68 12.38 -28.20
N GLN A 442 40.34 13.41 -28.96
CA GLN A 442 39.93 13.22 -30.35
C GLN A 442 41.10 12.92 -31.29
N ALA A 443 40.90 11.94 -32.16
CA ALA A 443 41.95 11.48 -33.06
C ALA A 443 42.00 12.32 -34.34
N GLY A 444 43.21 12.65 -34.75
CA GLY A 444 43.42 13.38 -35.98
C GLY A 444 43.14 14.87 -35.87
N VAL A 445 43.20 15.38 -34.65
CA VAL A 445 42.98 16.80 -34.42
C VAL A 445 44.22 17.58 -34.81
N TYR A 446 45.38 17.08 -34.38
CA TYR A 446 46.65 17.74 -34.68
C TYR A 446 46.91 17.73 -36.18
N ASP A 447 46.53 16.64 -36.84
CA ASP A 447 46.68 16.55 -38.29
C ASP A 447 45.81 17.60 -38.97
N LEU A 448 44.59 17.78 -38.47
CA LEU A 448 43.65 18.74 -39.06
C LEU A 448 44.17 20.17 -38.95
N LEU A 449 44.76 20.50 -37.80
CA LEU A 449 45.33 21.82 -37.61
C LEU A 449 46.54 22.03 -38.51
N SER A 450 47.42 21.04 -38.56
CA SER A 450 48.62 21.12 -39.39
C SER A 450 48.31 21.42 -40.85
N GLU A 451 47.27 20.81 -41.38
CA GLU A 451 46.88 21.03 -42.77
C GLU A 451 46.55 22.50 -43.02
N ALA A 452 45.69 23.07 -42.17
CA ALA A 452 45.28 24.46 -42.33
C ALA A 452 46.46 25.43 -42.15
N PHE A 453 47.28 25.17 -41.14
CA PHE A 453 48.43 26.03 -40.85
C PHE A 453 49.47 25.99 -41.97
N VAL A 454 49.68 24.80 -42.53
CA VAL A 454 50.60 24.64 -43.65
C VAL A 454 50.09 25.36 -44.90
N GLU A 455 48.77 25.36 -45.06
CA GLU A 455 48.15 25.93 -46.25
C GLU A 455 48.38 27.44 -46.38
N VAL A 456 48.71 28.10 -45.27
CA VAL A 456 48.91 29.54 -45.28
C VAL A 456 50.30 29.94 -44.79
N LYS A 457 51.17 28.96 -44.60
CA LYS A 457 52.52 29.25 -44.11
C LYS A 457 53.25 30.20 -45.06
N GLY A 458 53.99 31.16 -44.49
CA GLY A 458 54.75 32.10 -45.28
C GLY A 458 54.00 33.35 -45.68
N GLN A 459 52.68 33.29 -45.61
CA GLN A 459 51.84 34.43 -45.97
C GLN A 459 51.97 35.58 -44.99
N ASP A 460 52.22 35.26 -43.72
CA ASP A 460 52.34 36.29 -42.68
C ASP A 460 53.27 35.82 -41.55
N ARG A 461 54.25 36.66 -41.21
CA ARG A 461 55.24 36.28 -40.20
C ARG A 461 54.64 36.18 -38.80
N TYR A 462 53.68 37.04 -38.49
CA TYR A 462 53.05 37.02 -37.16
C TYR A 462 52.16 35.80 -36.98
N PHE A 463 51.54 35.34 -38.07
CA PHE A 463 50.74 34.13 -38.02
C PHE A 463 51.62 32.92 -37.73
N ASP A 464 52.69 32.77 -38.52
CA ASP A 464 53.60 31.64 -38.37
C ASP A 464 54.24 31.59 -36.98
N ARG A 465 54.57 32.76 -36.43
CA ARG A 465 55.12 32.83 -35.09
C ARG A 465 54.07 32.44 -34.06
N ALA A 466 52.82 32.81 -34.33
CA ALA A 466 51.72 32.44 -33.46
C ALA A 466 51.49 30.94 -33.49
N VAL A 467 51.66 30.33 -34.66
CA VAL A 467 51.54 28.89 -34.79
C VAL A 467 52.61 28.18 -33.98
N ARG A 468 53.84 28.68 -34.07
CA ARG A 468 54.95 28.09 -33.33
C ARG A 468 54.70 28.14 -31.83
N ARG A 469 54.20 29.28 -31.35
CA ARG A 469 53.92 29.45 -29.93
C ARG A 469 52.85 28.49 -29.41
N LEU A 470 51.84 28.22 -30.23
CA LEU A 470 50.79 27.30 -29.82
C LEU A 470 51.31 25.87 -29.70
N GLN A 471 52.05 25.43 -30.71
CA GLN A 471 52.56 24.06 -30.71
C GLN A 471 53.50 23.84 -29.53
N GLN A 472 54.19 24.91 -29.14
CA GLN A 472 55.05 24.88 -27.95
C GLN A 472 54.25 24.98 -26.67
N GLN A 473 53.28 25.89 -26.69
CA GLN A 473 52.42 26.15 -25.54
C GLN A 473 51.66 24.87 -25.16
N LEU A 474 51.62 23.93 -26.10
CA LEU A 474 51.03 22.63 -25.86
C LEU A 474 52.07 21.69 -25.25
N ARG A 475 53.30 22.16 -25.14
CA ARG A 475 54.43 21.33 -24.69
C ARG A 475 54.17 20.66 -23.35
N LYS A 476 53.70 21.41 -22.36
CA LYS A 476 53.32 20.78 -21.09
C LYS A 476 51.80 20.77 -20.94
N PRO A 477 51.21 19.57 -20.82
CA PRO A 477 49.77 19.38 -20.59
C PRO A 477 49.35 20.03 -19.27
N ALA A 478 48.47 21.03 -19.33
CA ALA A 478 48.07 21.74 -18.12
C ALA A 478 46.68 22.34 -18.23
N GLU A 479 45.80 21.92 -17.30
CA GLU A 479 44.44 22.43 -17.23
C GLU A 479 44.38 23.94 -16.97
N GLU A 480 45.30 24.46 -16.15
CA GLU A 480 45.26 25.87 -15.77
C GLU A 480 45.59 26.83 -16.92
N LEU A 481 45.95 26.27 -18.07
CA LEU A 481 46.24 27.09 -19.24
C LEU A 481 45.18 26.91 -20.32
N GLY A 482 44.03 26.39 -19.94
CA GLY A 482 42.94 26.17 -20.87
C GLY A 482 42.48 27.41 -21.59
N ARG A 483 42.43 28.54 -20.90
CA ARG A 483 42.01 29.78 -21.51
C ARG A 483 43.05 30.33 -22.48
N GLU A 484 44.32 30.27 -22.09
CA GLU A 484 45.40 30.76 -22.93
C GLU A 484 45.42 29.95 -24.22
N ILE A 485 45.31 28.63 -24.07
CA ILE A 485 45.30 27.71 -25.21
C ILE A 485 44.07 27.90 -26.11
N THR A 486 42.89 28.02 -25.51
CA THR A 486 41.66 28.22 -26.26
C THR A 486 41.67 29.56 -27.00
N HIS A 487 42.16 30.60 -26.35
CA HIS A 487 42.20 31.90 -26.99
C HIS A 487 43.15 31.87 -28.18
N GLN A 488 44.35 31.34 -27.97
CA GLN A 488 45.35 31.32 -29.03
C GLN A 488 44.84 30.48 -30.21
N LEU A 489 44.21 29.35 -29.89
CA LEU A 489 43.66 28.45 -30.90
C LEU A 489 42.56 29.16 -31.70
N PHE A 490 41.76 29.98 -31.02
CA PHE A 490 40.70 30.72 -31.70
C PHE A 490 41.27 31.73 -32.68
N LEU A 491 42.25 32.51 -32.24
CA LEU A 491 42.88 33.51 -33.08
C LEU A 491 43.48 32.89 -34.33
N LEU A 492 44.12 31.74 -34.17
CA LEU A 492 44.71 31.04 -35.31
C LEU A 492 43.64 30.60 -36.32
N GLY A 493 42.47 30.25 -35.81
CA GLY A 493 41.34 29.91 -36.66
C GLY A 493 40.88 31.10 -37.48
N CYS A 494 40.70 32.25 -36.82
CA CYS A 494 40.35 33.49 -37.51
C CYS A 494 41.44 33.89 -38.46
N GLY A 495 42.68 33.79 -38.01
CA GLY A 495 43.83 34.16 -38.81
C GLY A 495 43.88 33.44 -40.14
N ALA A 496 43.75 32.12 -40.09
CA ALA A 496 43.78 31.30 -41.29
C ALA A 496 42.70 31.73 -42.29
N GLN A 497 41.51 32.01 -41.79
CA GLN A 497 40.40 32.43 -42.64
C GLN A 497 40.67 33.78 -43.30
N MET A 498 41.24 34.71 -42.54
CA MET A 498 41.56 36.02 -43.07
C MET A 498 42.63 35.87 -44.17
N LEU A 499 43.64 35.06 -43.90
CA LEU A 499 44.76 34.88 -44.83
C LEU A 499 44.34 34.21 -46.14
N LYS A 500 43.35 33.32 -46.07
CA LYS A 500 42.89 32.60 -47.26
C LYS A 500 41.92 33.40 -48.14
N TYR A 501 40.97 34.10 -47.52
CA TYR A 501 39.85 34.69 -48.25
C TYR A 501 39.69 36.21 -48.16
N ALA A 502 40.37 36.84 -47.20
CA ALA A 502 40.35 38.29 -47.12
C ALA A 502 41.42 38.86 -48.02
N SER A 503 41.34 40.14 -48.34
CA SER A 503 42.37 40.79 -49.14
C SER A 503 43.68 40.80 -48.35
N PRO A 504 44.81 40.64 -49.07
CA PRO A 504 46.12 40.61 -48.40
C PRO A 504 46.35 41.77 -47.43
N PRO A 505 45.97 43.01 -47.82
CA PRO A 505 46.19 44.12 -46.90
C PRO A 505 45.33 43.98 -45.64
N MET A 506 44.11 43.51 -45.81
CA MET A 506 43.18 43.30 -44.70
C MET A 506 43.72 42.23 -43.74
N ALA A 507 44.18 41.11 -44.30
CA ALA A 507 44.72 40.01 -43.51
C ALA A 507 46.04 40.39 -42.84
N GLN A 508 46.87 41.16 -43.54
CA GLN A 508 48.09 41.69 -42.97
C GLN A 508 47.73 42.52 -41.74
N ALA A 509 46.72 43.37 -41.90
CA ALA A 509 46.25 44.22 -40.81
C ALA A 509 45.75 43.37 -39.65
N TRP A 510 44.88 42.42 -39.96
CA TRP A 510 44.30 41.59 -38.92
C TRP A 510 45.37 40.86 -38.13
N CYS A 511 46.28 40.20 -38.84
CA CYS A 511 47.37 39.44 -38.21
C CYS A 511 48.29 40.30 -37.35
N GLN A 512 48.64 41.48 -37.85
CA GLN A 512 49.49 42.38 -37.10
C GLN A 512 48.80 42.75 -35.80
N VAL A 513 47.57 43.24 -35.88
CA VAL A 513 46.85 43.74 -34.72
C VAL A 513 46.57 42.66 -33.67
N MET A 514 46.24 41.45 -34.13
CA MET A 514 45.83 40.38 -33.22
C MET A 514 46.97 39.49 -32.76
N LEU A 515 48.00 39.36 -33.59
CA LEU A 515 49.06 38.39 -33.32
C LEU A 515 50.44 39.00 -33.03
N ASP A 516 50.55 40.32 -33.18
CA ASP A 516 51.80 41.00 -32.89
C ASP A 516 51.88 41.32 -31.40
N THR A 517 52.63 40.50 -30.67
CA THR A 517 52.76 40.62 -29.22
C THR A 517 53.45 41.92 -28.81
N ARG A 518 54.27 42.46 -29.71
CA ARG A 518 55.00 43.71 -29.46
C ARG A 518 54.07 44.92 -29.41
N GLY A 519 52.76 44.68 -29.59
CA GLY A 519 51.75 45.71 -29.52
C GLY A 519 52.09 46.99 -30.26
N GLY A 520 51.28 48.02 -30.04
CA GLY A 520 51.52 49.33 -30.65
C GLY A 520 51.52 49.33 -32.17
N VAL A 521 50.53 48.68 -32.76
CA VAL A 521 50.44 48.60 -34.21
C VAL A 521 49.57 49.72 -34.79
N ARG A 522 50.19 50.62 -35.54
CA ARG A 522 49.46 51.65 -36.27
C ARG A 522 48.93 51.06 -37.56
N LEU A 523 47.77 51.54 -38.02
CA LEU A 523 47.18 51.07 -39.27
C LEU A 523 47.23 52.14 -40.35
N SER A 524 47.48 51.72 -41.59
CA SER A 524 47.56 52.66 -42.70
C SER A 524 46.26 53.44 -42.84
N GLU A 525 46.37 54.68 -43.31
CA GLU A 525 45.19 55.50 -43.52
C GLU A 525 44.22 54.75 -44.44
N GLN A 526 44.77 54.01 -45.39
CA GLN A 526 43.93 53.34 -46.38
C GLN A 526 43.16 52.16 -45.82
N ILE A 527 43.80 51.38 -44.96
CA ILE A 527 43.17 50.18 -44.40
C ILE A 527 42.08 50.54 -43.38
N GLN A 528 42.27 51.63 -42.67
CA GLN A 528 41.24 52.13 -41.77
C GLN A 528 40.02 52.59 -42.56
N ASN A 529 40.23 53.35 -43.62
CA ASN A 529 39.13 53.81 -44.45
C ASN A 529 38.33 52.65 -45.01
N ASP A 530 39.03 51.60 -45.41
CA ASP A 530 38.37 50.46 -46.03
C ASP A 530 37.56 49.66 -44.99
N LEU A 531 38.12 49.52 -43.80
CA LEU A 531 37.41 48.86 -42.72
C LEU A 531 36.08 49.53 -42.46
N LEU A 532 36.13 50.84 -42.17
CA LEU A 532 34.93 51.60 -41.82
C LEU A 532 33.92 51.62 -42.97
N LEU A 533 34.41 51.65 -44.19
CA LEU A 533 33.56 51.66 -45.36
C LEU A 533 32.82 50.34 -45.51
N ARG A 534 33.56 49.25 -45.35
CA ARG A 534 32.94 47.91 -45.39
C ARG A 534 31.89 47.72 -44.30
N ALA A 535 32.10 48.36 -43.15
CA ALA A 535 31.21 48.21 -42.01
C ALA A 535 29.91 48.99 -42.15
N THR A 536 29.75 49.66 -43.28
CA THR A 536 28.53 50.44 -43.53
C THR A 536 27.85 50.01 -44.83
N GLY A 537 28.39 48.97 -45.46
CA GLY A 537 27.82 48.44 -46.68
C GLY A 537 28.60 48.88 -47.90
N GLY A 538 27.94 48.87 -49.06
CA GLY A 538 28.60 49.26 -50.30
C GLY A 538 29.52 48.19 -50.85
N VAL A 539 29.62 47.09 -50.13
CA VAL A 539 30.42 45.94 -50.56
C VAL A 539 29.51 44.81 -50.99
N CYS A 540 28.22 45.12 -51.19
CA CYS A 540 27.23 44.12 -51.53
C CYS A 540 26.57 44.44 -52.88
N HIS B 2 6.85 15.11 2.91
CA HIS B 2 6.36 14.61 1.63
C HIS B 2 5.87 15.74 0.73
N TRP B 3 5.82 16.95 1.28
CA TRP B 3 5.37 18.11 0.53
C TRP B 3 6.46 18.61 -0.42
N GLN B 4 7.71 18.26 -0.12
CA GLN B 4 8.86 18.75 -0.88
C GLN B 4 9.11 17.89 -2.12
N THR B 5 9.69 18.51 -3.15
CA THR B 5 10.04 17.81 -4.37
C THR B 5 11.53 17.57 -4.45
N HIS B 6 12.28 18.21 -3.55
CA HIS B 6 13.74 18.17 -3.59
C HIS B 6 14.34 18.83 -2.36
N THR B 7 15.63 18.62 -2.15
CA THR B 7 16.37 19.26 -1.08
C THR B 7 17.39 20.23 -1.64
N VAL B 8 17.45 21.43 -1.06
CA VAL B 8 18.38 22.44 -1.53
C VAL B 8 19.75 22.28 -0.86
N PHE B 9 20.78 22.15 -1.68
CA PHE B 9 22.14 21.98 -1.17
C PHE B 9 23.19 22.53 -2.13
N ASN B 10 24.41 22.65 -1.64
CA ASN B 10 25.50 23.21 -2.42
C ASN B 10 25.22 24.66 -2.82
N GLN B 11 24.33 25.32 -2.07
CA GLN B 11 24.05 26.74 -2.28
C GLN B 11 24.76 27.58 -1.23
N PRO B 12 25.88 28.20 -1.61
CA PRO B 12 26.72 28.96 -0.68
C PRO B 12 25.96 30.12 -0.07
N ILE B 13 26.34 30.52 1.15
CA ILE B 13 25.77 31.70 1.76
C ILE B 13 26.46 32.93 1.20
N PRO B 14 25.71 34.00 0.97
CA PRO B 14 26.29 35.20 0.37
C PRO B 14 27.19 35.92 1.35
N LEU B 15 28.20 36.61 0.84
CA LEU B 15 29.10 37.37 1.69
C LEU B 15 28.39 38.55 2.33
N ASN B 16 28.33 38.55 3.66
CA ASN B 16 27.84 39.70 4.43
C ASN B 16 28.32 39.64 5.87
N ASN B 17 28.19 40.75 6.58
CA ASN B 17 28.69 40.84 7.94
C ASN B 17 30.18 40.52 8.02
N SER B 18 30.94 41.03 7.06
CA SER B 18 32.40 40.89 7.08
C SER B 18 33.01 42.27 7.23
N ASN B 19 34.33 42.32 7.38
CA ASN B 19 35.03 43.59 7.53
C ASN B 19 35.66 44.02 6.21
N LEU B 20 35.09 45.06 5.60
CA LEU B 20 35.51 45.46 4.27
C LEU B 20 36.97 45.89 4.20
N TYR B 21 37.50 46.31 5.34
CA TYR B 21 38.88 46.77 5.43
C TYR B 21 39.85 45.66 5.79
N LEU B 22 39.57 44.94 6.88
CA LEU B 22 40.50 43.95 7.40
C LEU B 22 40.60 42.70 6.54
N SER B 23 39.73 42.60 5.54
CA SER B 23 39.75 41.45 4.63
C SER B 23 40.52 41.77 3.37
N ASP B 24 41.02 43.01 3.29
CA ASP B 24 41.78 43.47 2.13
C ASP B 24 43.25 43.65 2.49
N GLY B 25 44.02 42.58 2.48
CA GLY B 25 45.42 42.62 2.83
C GLY B 25 46.22 43.72 2.14
N ALA B 26 46.08 43.83 0.82
CA ALA B 26 46.83 44.82 0.06
C ALA B 26 46.52 46.24 0.52
N LEU B 27 45.28 46.47 0.93
CA LEU B 27 44.83 47.79 1.38
C LEU B 27 45.42 48.18 2.74
N CYS B 28 45.42 47.24 3.69
CA CYS B 28 46.00 47.48 5.02
C CYS B 28 47.46 47.90 4.90
N GLU B 29 48.23 47.16 4.10
CA GLU B 29 49.64 47.45 3.90
C GLU B 29 49.83 48.82 3.27
N ALA B 30 49.04 49.11 2.25
CA ALA B 30 49.15 50.37 1.51
C ALA B 30 48.86 51.56 2.42
N VAL B 31 47.84 51.43 3.25
CA VAL B 31 47.48 52.50 4.19
C VAL B 31 48.66 52.81 5.10
N THR B 32 49.25 51.77 5.67
CA THR B 32 50.39 51.93 6.55
C THR B 32 51.60 52.47 5.80
N ARG B 33 51.87 51.88 4.64
CA ARG B 33 53.06 52.23 3.84
C ARG B 33 53.06 53.68 3.34
N GLU B 34 51.87 54.24 3.12
CA GLU B 34 51.77 55.56 2.50
C GLU B 34 51.47 56.67 3.51
N GLY B 35 51.72 56.37 4.78
CA GLY B 35 51.70 57.38 5.83
C GLY B 35 50.35 57.69 6.44
N ALA B 36 49.44 56.72 6.39
CA ALA B 36 48.10 56.90 6.95
C ALA B 36 47.80 55.79 7.95
N GLY B 37 48.85 55.21 8.52
CA GLY B 37 48.71 54.12 9.47
C GLY B 37 47.98 54.53 10.73
N TRP B 38 47.87 55.84 10.95
CA TRP B 38 47.17 56.37 12.11
C TRP B 38 45.66 56.18 12.01
N ASP B 39 45.18 55.96 10.80
CA ASP B 39 43.75 55.80 10.56
C ASP B 39 43.34 54.32 10.58
N SER B 40 44.32 53.44 10.75
CA SER B 40 44.09 51.99 10.73
C SER B 40 43.00 51.51 11.66
N ASP B 41 43.00 52.02 12.90
CA ASP B 41 42.03 51.59 13.89
C ASP B 41 40.62 52.05 13.48
N PHE B 42 40.54 53.21 12.84
CA PHE B 42 39.26 53.77 12.41
C PHE B 42 38.76 53.09 11.14
N LEU B 43 39.69 52.83 10.22
CA LEU B 43 39.36 52.13 8.98
C LEU B 43 38.77 50.75 9.27
N ALA B 44 39.32 50.08 10.27
CA ALA B 44 38.82 48.76 10.65
C ALA B 44 37.47 48.90 11.32
N SER B 45 37.27 50.04 11.97
CA SER B 45 36.02 50.32 12.66
C SER B 45 34.87 50.46 11.66
N ILE B 46 35.02 51.36 10.69
CA ILE B 46 33.97 51.57 9.69
C ILE B 46 33.94 50.42 8.67
N GLY B 47 35.08 49.79 8.45
CA GLY B 47 35.15 48.62 7.62
C GLY B 47 34.22 47.55 8.13
N GLN B 48 34.02 47.51 9.44
CA GLN B 48 33.12 46.57 10.08
C GLN B 48 31.68 47.02 9.89
N GLN B 49 31.42 48.30 10.18
CA GLN B 49 30.07 48.85 10.09
C GLN B 49 29.50 48.74 8.68
N LEU B 50 30.34 49.04 7.70
CA LEU B 50 29.92 49.10 6.31
C LEU B 50 29.68 47.73 5.68
N GLY B 51 30.31 46.70 6.26
CA GLY B 51 30.25 45.36 5.69
C GLY B 51 29.06 44.55 6.18
N THR B 52 28.25 45.16 7.03
CA THR B 52 27.12 44.45 7.64
C THR B 52 25.96 44.31 6.66
N ALA B 53 25.12 43.30 6.89
CA ALA B 53 23.94 43.09 6.06
C ALA B 53 23.06 44.35 5.99
N GLU B 54 22.83 44.96 7.15
CA GLU B 54 22.01 46.15 7.23
C GLU B 54 22.57 47.24 6.32
N SER B 55 23.90 47.38 6.33
CA SER B 55 24.58 48.36 5.51
C SER B 55 24.33 48.08 4.02
N LEU B 56 24.62 46.85 3.61
CA LEU B 56 24.45 46.46 2.22
C LEU B 56 23.01 46.64 1.77
N GLU B 57 22.07 46.44 2.68
CA GLU B 57 20.66 46.58 2.35
C GLU B 57 20.33 48.03 2.00
N LEU B 58 20.98 48.98 2.68
CA LEU B 58 20.82 50.40 2.36
C LEU B 58 21.23 50.66 0.92
N GLY B 59 22.34 50.06 0.48
CA GLY B 59 22.78 50.18 -0.89
C GLY B 59 21.70 49.71 -1.86
N ARG B 60 21.20 48.50 -1.63
CA ARG B 60 20.16 47.96 -2.49
C ARG B 60 18.94 48.88 -2.56
N LEU B 61 18.47 49.32 -1.39
CA LEU B 61 17.29 50.16 -1.30
C LEU B 61 17.48 51.44 -2.08
N ALA B 62 18.62 52.08 -1.89
CA ALA B 62 18.88 53.36 -2.53
C ALA B 62 18.83 53.24 -4.05
N ASN B 63 19.11 52.05 -4.56
CA ASN B 63 19.15 51.85 -6.02
C ASN B 63 17.86 51.31 -6.64
N VAL B 64 17.16 50.42 -5.94
CA VAL B 64 15.90 49.89 -6.45
C VAL B 64 14.73 50.84 -6.17
N ASN B 65 14.97 51.84 -5.34
CA ASN B 65 14.02 52.92 -5.11
C ASN B 65 14.63 54.27 -5.46
N PRO B 66 14.95 54.48 -6.75
CA PRO B 66 15.63 55.69 -7.22
C PRO B 66 14.82 56.96 -6.97
N PRO B 67 15.50 58.12 -6.96
CA PRO B 67 14.88 59.42 -6.68
C PRO B 67 13.79 59.77 -7.67
N GLU B 68 12.81 60.55 -7.21
CA GLU B 68 11.76 61.05 -8.07
C GLU B 68 11.91 62.57 -8.22
N LEU B 69 11.73 63.05 -9.44
CA LEU B 69 11.81 64.48 -9.71
C LEU B 69 10.47 65.13 -9.42
N LEU B 70 10.48 66.14 -8.55
CA LEU B 70 9.27 66.88 -8.23
C LEU B 70 9.34 68.27 -8.85
N ARG B 71 8.96 68.38 -10.10
CA ARG B 71 9.00 69.65 -10.81
C ARG B 71 7.92 70.61 -10.29
N TYR B 72 6.77 70.06 -9.93
CA TYR B 72 5.67 70.87 -9.41
C TYR B 72 5.11 70.28 -8.12
N ASP B 73 4.41 71.10 -7.35
CA ASP B 73 3.66 70.60 -6.20
C ASP B 73 2.20 70.36 -6.61
N ALA B 74 1.38 69.91 -5.67
CA ALA B 74 -0.03 69.61 -5.99
C ALA B 74 -0.87 70.85 -6.35
N GLN B 75 -0.33 72.04 -6.13
CA GLN B 75 -1.04 73.29 -6.41
C GLN B 75 -0.61 73.86 -7.76
N GLY B 76 0.36 73.21 -8.40
CA GLY B 76 0.79 73.62 -9.72
C GLY B 76 1.86 74.69 -9.70
N ARG B 77 2.40 74.97 -8.52
CA ARG B 77 3.52 75.88 -8.38
C ARG B 77 4.84 75.15 -8.58
N ARG B 78 5.74 75.78 -9.30
CA ARG B 78 7.06 75.23 -9.54
C ARG B 78 7.70 74.86 -8.20
N LEU B 79 8.40 73.74 -8.16
CA LEU B 79 8.94 73.22 -6.91
C LEU B 79 10.42 72.81 -7.06
N ASP B 80 10.74 72.22 -8.20
CA ASP B 80 12.10 71.82 -8.52
C ASP B 80 12.86 71.17 -7.37
N ASP B 81 12.29 70.12 -6.80
CA ASP B 81 12.96 69.37 -5.75
C ASP B 81 13.08 67.91 -6.15
N VAL B 82 13.91 67.16 -5.43
CA VAL B 82 14.06 65.73 -5.67
C VAL B 82 13.76 64.96 -4.40
N ARG B 83 13.01 63.87 -4.52
CA ARG B 83 12.61 63.07 -3.36
C ARG B 83 13.30 61.71 -3.35
N PHE B 84 14.04 61.43 -2.28
CA PHE B 84 14.80 60.18 -2.18
C PHE B 84 14.17 59.17 -1.22
N HIS B 85 14.60 57.93 -1.34
CA HIS B 85 14.31 56.90 -0.35
C HIS B 85 15.14 57.17 0.90
N PRO B 86 14.58 56.93 2.08
CA PRO B 86 15.28 57.19 3.35
C PRO B 86 16.68 56.58 3.42
N ALA B 87 16.92 55.52 2.67
CA ALA B 87 18.23 54.85 2.70
C ALA B 87 19.32 55.75 2.10
N TRP B 88 18.96 56.53 1.10
CA TRP B 88 19.90 57.46 0.49
C TRP B 88 20.46 58.42 1.53
N HIS B 89 19.59 59.03 2.31
CA HIS B 89 20.03 59.99 3.31
C HIS B 89 20.90 59.33 4.38
N LEU B 90 20.60 58.08 4.71
CA LEU B 90 21.42 57.33 5.66
C LEU B 90 22.83 57.09 5.14
N LEU B 91 22.94 56.73 3.86
CA LEU B 91 24.24 56.59 3.21
C LEU B 91 25.02 57.90 3.25
N MET B 92 24.32 59.01 2.95
CA MET B 92 24.92 60.34 2.99
C MET B 92 25.41 60.69 4.40
N GLN B 93 24.58 60.46 5.40
CA GLN B 93 24.94 60.74 6.79
C GLN B 93 26.29 60.14 7.14
N ALA B 94 26.46 58.87 6.78
CA ALA B 94 27.66 58.15 7.15
C ALA B 94 28.89 58.67 6.39
N LEU B 95 28.72 58.91 5.10
CA LEU B 95 29.80 59.42 4.28
C LEU B 95 30.36 60.72 4.85
N CYS B 96 29.46 61.60 5.30
CA CYS B 96 29.87 62.89 5.82
C CYS B 96 30.41 62.76 7.24
N THR B 97 29.80 61.90 8.02
CA THR B 97 30.31 61.62 9.34
C THR B 97 31.75 61.13 9.24
N ASN B 98 32.03 60.32 8.22
CA ASN B 98 33.38 59.82 7.99
C ASN B 98 34.24 60.78 7.16
N ARG B 99 33.74 61.99 6.95
CA ARG B 99 34.48 63.04 6.27
C ARG B 99 35.07 62.61 4.94
N VAL B 100 34.38 61.72 4.24
CA VAL B 100 34.84 61.28 2.94
C VAL B 100 34.81 62.46 1.98
N HIS B 101 34.12 63.52 2.38
CA HIS B 101 33.94 64.67 1.50
C HIS B 101 34.89 65.82 1.79
N ASN B 102 35.60 65.78 2.92
CA ASN B 102 36.45 66.91 3.29
C ASN B 102 37.66 66.64 4.20
N LEU B 103 37.89 65.37 4.55
CA LEU B 103 38.96 65.03 5.49
C LEU B 103 40.25 65.81 5.25
N ALA B 104 40.70 65.82 4.00
CA ALA B 104 42.00 66.42 3.67
C ALA B 104 41.99 67.96 3.72
N TRP B 105 40.81 68.56 3.86
CA TRP B 105 40.71 70.02 3.80
C TRP B 105 40.50 70.68 5.15
N GLU B 106 40.37 69.86 6.20
CA GLU B 106 40.31 70.38 7.56
C GLU B 106 41.55 71.24 7.78
N GLU B 107 41.43 72.27 8.61
CA GLU B 107 42.52 73.21 8.78
C GLU B 107 43.73 72.56 9.44
N ASP B 108 43.48 71.65 10.39
CA ASP B 108 44.57 70.96 11.08
C ASP B 108 44.72 69.53 10.59
N ALA B 109 44.57 69.35 9.28
CA ALA B 109 44.66 68.03 8.66
C ALA B 109 46.10 67.50 8.75
N ARG B 110 46.25 66.28 9.25
CA ARG B 110 47.57 65.71 9.44
C ARG B 110 48.13 65.04 8.18
N SER B 111 49.38 64.62 8.26
CA SER B 111 50.04 64.00 7.12
C SER B 111 49.36 62.68 6.75
N GLY B 112 49.08 62.50 5.46
CA GLY B 112 48.46 61.30 4.97
C GLY B 112 46.95 61.36 4.98
N ALA B 113 46.42 62.57 5.16
CA ALA B 113 44.97 62.77 5.21
C ALA B 113 44.31 62.33 3.90
N PHE B 114 44.94 62.69 2.78
CA PHE B 114 44.43 62.31 1.47
C PHE B 114 44.43 60.78 1.32
N VAL B 115 45.47 60.13 1.81
CA VAL B 115 45.59 58.68 1.72
C VAL B 115 44.57 57.98 2.61
N ALA B 116 44.31 58.56 3.76
CA ALA B 116 43.34 57.99 4.69
C ALA B 116 41.94 58.16 4.13
N ARG B 117 41.68 59.34 3.57
CA ARG B 117 40.38 59.63 2.96
C ARG B 117 40.12 58.69 1.78
N ALA B 118 41.16 58.38 1.03
CA ALA B 118 41.06 57.45 -0.08
C ALA B 118 40.63 56.08 0.42
N ALA B 119 41.21 55.64 1.54
CA ALA B 119 40.86 54.35 2.12
C ALA B 119 39.40 54.31 2.56
N ARG B 120 38.97 55.38 3.22
CA ARG B 120 37.58 55.48 3.67
C ARG B 120 36.63 55.45 2.48
N PHE B 121 36.97 56.20 1.44
CA PHE B 121 36.19 56.25 0.20
C PHE B 121 36.03 54.86 -0.41
N MET B 122 37.15 54.15 -0.54
CA MET B 122 37.18 52.82 -1.13
C MET B 122 36.28 51.82 -0.38
N LEU B 123 36.12 51.99 0.92
CA LEU B 123 35.24 51.11 1.69
C LEU B 123 33.76 51.41 1.44
N HIS B 124 33.40 52.69 1.50
CA HIS B 124 32.03 53.12 1.19
C HIS B 124 31.65 52.70 -0.23
N ALA B 125 32.59 52.86 -1.15
CA ALA B 125 32.34 52.53 -2.56
C ALA B 125 31.90 51.07 -2.78
N GLN B 126 32.29 50.19 -1.86
CA GLN B 126 31.98 48.77 -2.00
C GLN B 126 30.53 48.47 -1.61
N VAL B 127 29.94 49.35 -0.81
CA VAL B 127 28.55 49.18 -0.37
C VAL B 127 27.60 49.83 -1.36
N GLU B 128 27.90 51.06 -1.75
CA GLU B 128 27.03 51.81 -2.66
C GLU B 128 27.83 52.84 -3.44
N ALA B 129 27.53 52.99 -4.72
CA ALA B 129 28.34 53.81 -5.62
C ALA B 129 27.73 55.18 -5.95
N GLY B 130 26.41 55.22 -6.11
CA GLY B 130 25.72 56.45 -6.44
C GLY B 130 25.94 57.56 -5.45
N SER B 131 26.00 57.20 -4.16
CA SER B 131 26.13 58.19 -3.09
C SER B 131 27.50 58.87 -3.14
N LEU B 132 28.43 58.29 -3.88
CA LEU B 132 29.78 58.82 -3.97
C LEU B 132 29.86 60.02 -4.89
N CYS B 133 28.84 60.22 -5.70
CA CYS B 133 28.90 61.32 -6.67
C CYS B 133 28.94 62.67 -5.98
N PRO B 134 27.95 62.97 -5.13
CA PRO B 134 27.99 64.24 -4.41
C PRO B 134 29.25 64.36 -3.57
N ILE B 135 29.69 63.24 -3.01
CA ILE B 135 30.89 63.21 -2.17
C ILE B 135 32.12 63.59 -2.97
N THR B 136 32.32 62.92 -4.10
CA THR B 136 33.46 63.20 -4.97
C THR B 136 33.49 64.67 -5.41
N MET B 137 32.34 65.17 -5.89
CA MET B 137 32.27 66.55 -6.37
C MET B 137 32.55 67.55 -5.27
N THR B 138 31.92 67.35 -4.12
CA THR B 138 32.13 68.20 -2.97
C THR B 138 33.59 68.18 -2.53
N PHE B 139 34.18 66.99 -2.53
CA PHE B 139 35.56 66.85 -2.11
C PHE B 139 36.53 67.61 -3.02
N ALA B 140 36.23 67.65 -4.30
CA ALA B 140 37.12 68.29 -5.26
C ALA B 140 36.94 69.80 -5.27
N ALA B 141 35.73 70.26 -5.02
CA ALA B 141 35.42 71.68 -5.09
C ALA B 141 35.74 72.42 -3.81
N THR B 142 35.74 71.71 -2.69
CA THR B 142 35.93 72.35 -1.39
C THR B 142 37.18 73.23 -1.29
N PRO B 143 38.37 72.68 -1.60
CA PRO B 143 39.60 73.48 -1.48
C PRO B 143 39.52 74.76 -2.30
N LEU B 144 38.92 74.66 -3.47
CA LEU B 144 38.74 75.80 -4.35
C LEU B 144 37.81 76.84 -3.70
N LEU B 145 36.64 76.40 -3.26
CA LEU B 145 35.66 77.30 -2.66
C LEU B 145 36.17 77.98 -1.40
N LEU B 146 36.90 77.24 -0.57
CA LEU B 146 37.42 77.74 0.69
C LEU B 146 38.25 79.02 0.53
N GLN B 147 38.85 79.20 -0.63
CA GLN B 147 39.66 80.38 -0.87
C GLN B 147 39.12 81.30 -1.97
N MET B 148 37.91 81.01 -2.46
CA MET B 148 37.31 81.81 -3.54
C MET B 148 35.87 82.23 -3.29
N LEU B 149 35.30 81.81 -2.17
CA LEU B 149 33.91 82.11 -1.88
C LEU B 149 33.60 83.60 -2.04
N PRO B 150 32.54 83.91 -2.81
CA PRO B 150 32.08 85.29 -2.95
C PRO B 150 31.64 85.84 -1.60
N ALA B 151 31.64 87.16 -1.46
CA ALA B 151 31.32 87.82 -0.19
C ALA B 151 30.01 87.36 0.46
N PRO B 152 28.91 87.29 -0.31
CA PRO B 152 27.62 86.94 0.27
C PRO B 152 27.55 85.51 0.84
N PHE B 153 28.62 84.73 0.68
CA PHE B 153 28.60 83.34 1.12
C PHE B 153 29.82 82.99 1.96
N GLN B 154 30.34 83.97 2.69
CA GLN B 154 31.54 83.74 3.51
C GLN B 154 31.26 82.78 4.65
N ASP B 155 30.05 82.83 5.19
CA ASP B 155 29.67 81.98 6.31
C ASP B 155 29.45 80.51 5.90
N TRP B 156 29.81 80.18 4.66
CA TRP B 156 29.76 78.81 4.16
C TRP B 156 31.01 78.03 4.54
N THR B 157 32.04 78.75 5.00
CA THR B 157 33.32 78.14 5.35
C THR B 157 33.17 77.05 6.42
N THR B 158 32.46 77.38 7.49
CA THR B 158 32.31 76.46 8.62
C THR B 158 31.59 75.16 8.24
N PRO B 159 30.39 75.28 7.61
CA PRO B 159 29.67 74.08 7.16
C PRO B 159 30.46 73.24 6.17
N LEU B 160 31.27 73.90 5.34
CA LEU B 160 32.08 73.19 4.36
C LEU B 160 33.08 72.25 5.01
N LEU B 161 33.43 72.53 6.25
CA LEU B 161 34.45 71.76 6.96
C LEU B 161 33.86 70.85 8.02
N SER B 162 32.53 70.71 8.04
CA SER B 162 31.85 69.90 9.06
C SER B 162 31.82 68.42 8.72
N ASP B 163 31.35 67.61 9.66
CA ASP B 163 31.15 66.18 9.46
C ASP B 163 29.63 65.92 9.37
N ARG B 164 28.91 66.95 8.97
CA ARG B 164 27.46 66.94 8.99
C ARG B 164 26.80 66.88 7.60
N TYR B 165 25.85 65.97 7.45
CA TYR B 165 24.98 65.97 6.28
C TYR B 165 23.68 66.67 6.65
N ASP B 166 23.33 67.72 5.91
CA ASP B 166 22.11 68.47 6.17
C ASP B 166 21.24 68.48 4.91
N SER B 167 20.14 67.73 4.94
CA SER B 167 19.28 67.60 3.76
C SER B 167 18.17 68.63 3.76
N HIS B 168 18.17 69.51 4.76
CA HIS B 168 17.20 70.59 4.82
C HIS B 168 17.18 71.41 3.54
N LEU B 169 15.98 71.76 3.10
CA LEU B 169 15.82 72.62 1.95
C LEU B 169 15.92 74.06 2.41
N LEU B 170 17.15 74.52 2.64
CA LEU B 170 17.42 75.87 3.10
C LEU B 170 18.63 76.44 2.38
N PRO B 171 18.78 77.77 2.42
CA PRO B 171 19.99 78.43 1.91
C PRO B 171 21.21 77.87 2.63
N GLY B 172 22.33 77.75 1.92
CA GLY B 172 23.52 77.13 2.48
C GLY B 172 23.89 77.63 3.87
N GLY B 173 23.90 78.95 4.03
CA GLY B 173 24.32 79.56 5.29
C GLY B 173 23.58 79.05 6.51
N GLN B 174 22.38 78.55 6.32
CA GLN B 174 21.55 78.08 7.43
C GLN B 174 21.64 76.56 7.62
N LYS B 175 22.67 75.95 7.04
CA LYS B 175 22.83 74.50 7.12
C LYS B 175 24.11 74.12 7.83
N ARG B 176 24.21 72.88 8.29
CA ARG B 176 25.34 72.47 9.09
C ARG B 176 26.43 71.79 8.25
N GLY B 177 26.04 71.36 7.05
CA GLY B 177 26.97 70.81 6.08
C GLY B 177 26.47 71.08 4.68
N LEU B 178 27.35 71.02 3.69
CA LEU B 178 26.95 71.33 2.32
C LEU B 178 27.42 70.29 1.31
N LEU B 179 26.81 70.33 0.12
CA LEU B 179 27.25 69.54 -1.01
C LEU B 179 27.41 70.42 -2.24
N ILE B 180 28.51 70.24 -2.97
CA ILE B 180 28.76 71.04 -4.16
C ILE B 180 28.74 70.21 -5.43
N GLY B 181 28.03 70.69 -6.44
CA GLY B 181 27.95 69.99 -7.70
C GLY B 181 28.68 70.71 -8.83
N MET B 182 28.86 70.01 -9.94
CA MET B 182 29.54 70.59 -11.10
C MET B 182 28.70 70.48 -12.36
N GLY B 183 28.39 71.61 -12.99
CA GLY B 183 27.62 71.63 -14.22
C GLY B 183 28.43 72.15 -15.40
N MET B 184 28.98 71.22 -16.19
CA MET B 184 29.78 71.58 -17.35
C MET B 184 29.16 71.12 -18.68
N THR B 185 28.93 69.81 -18.79
CA THR B 185 28.40 69.20 -20.00
C THR B 185 27.11 69.85 -20.51
N GLU B 186 27.10 70.12 -21.81
CA GLU B 186 25.88 70.57 -22.50
C GLU B 186 25.57 69.60 -23.62
N LYS B 187 24.41 69.75 -24.26
CA LYS B 187 23.98 68.81 -25.30
C LYS B 187 24.97 68.70 -26.46
N GLN B 188 25.66 69.80 -26.77
CA GLN B 188 26.59 69.83 -27.90
C GLN B 188 27.97 69.26 -27.57
N GLY B 189 28.23 69.05 -26.29
CA GLY B 189 29.50 68.46 -25.89
C GLY B 189 29.80 68.45 -24.40
N GLY B 190 30.54 67.44 -23.97
CA GLY B 190 30.99 67.31 -22.60
C GLY B 190 32.51 67.32 -22.51
N SER B 191 33.15 66.71 -23.51
CA SER B 191 34.61 66.69 -23.57
C SER B 191 35.14 68.06 -23.98
N ASP B 192 34.52 68.62 -25.01
CA ASP B 192 34.88 69.92 -25.54
C ASP B 192 33.95 70.98 -24.95
N VAL B 193 34.29 71.47 -23.76
CA VAL B 193 33.43 72.41 -23.04
C VAL B 193 33.50 73.81 -23.64
N MET B 194 34.48 74.02 -24.51
CA MET B 194 34.66 75.27 -25.23
C MET B 194 33.44 75.54 -26.12
N SER B 195 32.62 74.53 -26.32
CA SER B 195 31.44 74.64 -27.18
C SER B 195 30.19 75.03 -26.40
N ASN B 196 30.35 75.20 -25.08
CA ASN B 196 29.26 75.68 -24.23
C ASN B 196 28.58 76.92 -24.81
N THR B 197 27.25 76.96 -24.73
CA THR B 197 26.50 78.12 -25.18
C THR B 197 25.74 78.80 -24.04
N THR B 198 25.94 78.33 -22.82
CA THR B 198 25.36 79.00 -21.66
C THR B 198 26.08 80.33 -21.50
N ARG B 199 25.32 81.43 -21.53
CA ARG B 199 25.88 82.76 -21.50
C ARG B 199 25.62 83.48 -20.17
N ALA B 200 26.63 84.19 -19.68
CA ALA B 200 26.51 84.97 -18.45
C ALA B 200 26.76 86.45 -18.69
N GLU B 201 25.77 87.29 -18.41
CA GLU B 201 25.91 88.73 -18.54
C GLU B 201 26.24 89.31 -17.17
N ARG B 202 27.12 90.30 -17.13
CA ARG B 202 27.47 90.93 -15.88
C ARG B 202 26.34 91.87 -15.46
N LEU B 203 26.08 91.97 -14.16
CA LEU B 203 25.01 92.81 -13.66
C LEU B 203 25.55 94.06 -12.97
N GLU B 204 24.65 94.91 -12.49
CA GLU B 204 25.05 96.11 -11.75
C GLU B 204 25.85 95.73 -10.50
N ASP B 205 25.33 94.77 -9.73
CA ASP B 205 25.91 94.44 -8.43
C ASP B 205 27.18 93.58 -8.48
N GLY B 206 27.57 93.14 -9.68
CA GLY B 206 28.79 92.37 -9.82
C GLY B 206 28.54 90.90 -10.10
N SER B 207 27.37 90.40 -9.71
CA SER B 207 26.95 89.06 -10.04
C SER B 207 26.57 88.97 -11.52
N TYR B 208 26.27 87.76 -12.00
CA TYR B 208 25.92 87.56 -13.40
C TYR B 208 24.54 86.93 -13.57
N ARG B 209 23.89 87.22 -14.70
CA ARG B 209 22.67 86.53 -15.11
C ARG B 209 23.05 85.38 -16.03
N LEU B 210 22.64 84.16 -15.68
CA LEU B 210 22.92 83.01 -16.54
C LEU B 210 21.68 82.52 -17.28
N VAL B 211 21.83 82.34 -18.58
CA VAL B 211 20.77 81.73 -19.40
C VAL B 211 21.41 80.65 -20.24
N GLY B 212 20.86 79.44 -20.14
CA GLY B 212 21.40 78.30 -20.86
C GLY B 212 20.86 76.99 -20.35
N HIS B 213 21.69 75.95 -20.39
CA HIS B 213 21.27 74.62 -19.99
C HIS B 213 22.47 73.77 -19.63
N LYS B 214 22.23 72.70 -18.88
CA LYS B 214 23.23 71.65 -18.69
C LYS B 214 22.58 70.29 -18.92
N TRP B 215 23.24 69.48 -19.73
CA TRP B 215 22.69 68.23 -20.25
C TRP B 215 22.71 67.12 -19.20
N PHE B 216 23.84 67.00 -18.52
CA PHE B 216 23.97 66.14 -17.36
C PHE B 216 24.31 66.99 -16.15
N PHE B 217 23.43 66.96 -15.17
CA PHE B 217 23.53 67.84 -14.02
C PHE B 217 23.24 67.05 -12.75
N SER B 218 24.26 66.40 -12.21
CA SER B 218 24.08 65.49 -11.08
C SER B 218 23.93 66.22 -9.76
N VAL B 219 23.26 65.56 -8.82
CA VAL B 219 22.98 66.11 -7.50
C VAL B 219 22.39 67.51 -7.63
N PRO B 220 21.25 67.64 -8.31
CA PRO B 220 20.57 68.94 -8.45
C PRO B 220 20.25 69.54 -7.08
N GLN B 221 20.20 68.71 -6.06
CA GLN B 221 19.88 69.15 -4.71
C GLN B 221 21.10 69.68 -3.98
N SER B 222 22.23 69.77 -4.70
CA SER B 222 23.43 70.39 -4.14
C SER B 222 23.10 71.79 -3.65
N ASP B 223 23.85 72.26 -2.66
CA ASP B 223 23.64 73.59 -2.12
C ASP B 223 24.20 74.66 -3.07
N ALA B 224 25.04 74.24 -4.00
CA ALA B 224 25.60 75.11 -5.01
C ALA B 224 26.25 74.28 -6.11
N HIS B 225 26.29 74.84 -7.31
CA HIS B 225 27.00 74.21 -8.42
C HIS B 225 28.03 75.15 -9.00
N LEU B 226 29.21 74.61 -9.29
CA LEU B 226 30.17 75.34 -10.09
C LEU B 226 29.83 75.11 -11.57
N VAL B 227 29.40 76.17 -12.24
CA VAL B 227 28.88 76.07 -13.60
C VAL B 227 29.76 76.84 -14.60
N LEU B 228 29.99 76.25 -15.77
CA LEU B 228 30.72 76.91 -16.83
C LEU B 228 29.76 77.65 -17.75
N ALA B 229 30.08 78.90 -18.06
CA ALA B 229 29.25 79.71 -18.96
C ALA B 229 30.11 80.69 -19.75
N GLN B 230 29.63 81.08 -20.92
CA GLN B 230 30.35 82.03 -21.77
C GLN B 230 30.12 83.47 -21.32
N THR B 231 31.20 84.25 -21.30
CA THR B 231 31.09 85.68 -21.04
C THR B 231 31.78 86.46 -22.14
N ALA B 232 31.70 87.79 -22.08
CA ALA B 232 32.33 88.63 -23.09
C ALA B 232 33.83 88.34 -23.18
N GLY B 233 34.41 87.93 -22.05
CA GLY B 233 35.84 87.70 -21.98
C GLY B 233 36.27 86.25 -22.04
N GLY B 234 35.36 85.36 -22.44
CA GLY B 234 35.67 83.95 -22.55
C GLY B 234 34.86 83.04 -21.65
N LEU B 235 35.10 81.73 -21.75
CA LEU B 235 34.39 80.74 -20.95
C LEU B 235 34.84 80.80 -19.49
N SER B 236 33.88 81.05 -18.61
CA SER B 236 34.20 81.29 -17.20
C SER B 236 33.45 80.35 -16.24
N CYS B 237 33.93 80.30 -15.00
CA CYS B 237 33.35 79.42 -14.00
C CYS B 237 32.52 80.23 -13.00
N PHE B 238 31.28 79.81 -12.79
CA PHE B 238 30.40 80.53 -11.88
C PHE B 238 29.93 79.70 -10.69
N PHE B 239 29.87 80.35 -9.54
CA PHE B 239 29.29 79.79 -8.33
C PHE B 239 27.80 80.07 -8.36
N VAL B 240 27.00 79.05 -8.66
CA VAL B 240 25.56 79.19 -8.72
C VAL B 240 24.90 78.50 -7.53
N PRO B 241 24.47 79.29 -6.54
CA PRO B 241 23.87 78.72 -5.33
C PRO B 241 22.44 78.27 -5.59
N ARG B 242 21.94 77.30 -4.83
CA ARG B 242 20.58 76.84 -5.02
C ARG B 242 19.58 77.90 -4.54
N PHE B 243 19.93 78.52 -3.41
CA PHE B 243 19.16 79.66 -2.91
C PHE B 243 19.99 80.93 -3.05
N LEU B 244 19.31 82.05 -3.32
CA LEU B 244 19.96 83.35 -3.31
C LEU B 244 20.11 83.85 -1.87
N PRO B 245 21.03 84.80 -1.64
CA PRO B 245 21.27 85.31 -0.30
C PRO B 245 19.98 85.70 0.43
N ASP B 246 19.01 86.29 -0.28
CA ASP B 246 17.77 86.74 0.33
C ASP B 246 16.78 85.62 0.62
N GLY B 247 17.20 84.38 0.38
CA GLY B 247 16.39 83.22 0.70
C GLY B 247 15.53 82.70 -0.42
N GLN B 248 15.37 83.49 -1.48
CA GLN B 248 14.60 83.07 -2.64
C GLN B 248 15.34 81.98 -3.41
N ARG B 249 14.58 81.12 -4.07
CA ARG B 249 15.18 80.03 -4.84
C ARG B 249 15.75 80.56 -6.16
N ASN B 250 16.99 80.20 -6.44
CA ASN B 250 17.67 80.62 -7.67
C ASN B 250 16.92 80.07 -8.89
N ALA B 251 17.04 80.75 -10.03
CA ALA B 251 16.29 80.36 -11.21
C ALA B 251 16.91 79.18 -11.95
N ILE B 252 17.04 78.05 -11.26
CA ILE B 252 17.49 76.81 -11.88
C ILE B 252 16.31 75.86 -12.04
N ARG B 253 15.97 75.55 -13.28
CA ARG B 253 14.74 74.84 -13.59
C ARG B 253 15.08 73.39 -13.96
N LEU B 254 14.60 72.44 -13.16
CA LEU B 254 14.82 71.01 -13.39
C LEU B 254 13.79 70.45 -14.34
N GLU B 255 14.23 70.00 -15.50
CA GLU B 255 13.32 69.59 -16.56
C GLU B 255 13.07 68.08 -16.61
N ARG B 256 14.10 67.30 -16.31
CA ARG B 256 13.99 65.87 -16.57
C ARG B 256 15.10 65.12 -15.89
N LEU B 257 14.79 63.89 -15.48
CA LEU B 257 15.71 63.08 -14.70
C LEU B 257 16.20 61.94 -15.58
N LYS B 258 17.51 61.78 -15.68
CA LYS B 258 18.09 60.71 -16.48
C LYS B 258 17.59 59.34 -16.00
N ASP B 259 17.24 58.48 -16.95
CA ASP B 259 16.91 57.09 -16.67
C ASP B 259 18.15 56.26 -17.01
N LYS B 260 18.93 55.89 -16.00
CA LYS B 260 20.30 55.40 -16.21
C LYS B 260 20.48 53.89 -16.14
N LEU B 261 21.48 53.39 -16.88
CA LEU B 261 21.87 51.99 -16.84
C LEU B 261 22.20 51.60 -15.42
N GLY B 262 23.10 52.37 -14.81
CA GLY B 262 23.47 52.18 -13.43
C GLY B 262 23.46 53.52 -12.73
N ASN B 263 24.11 53.61 -11.58
CA ASN B 263 24.19 54.87 -10.85
C ASN B 263 22.79 55.38 -10.52
N ARG B 264 21.84 54.44 -10.43
CA ARG B 264 20.43 54.81 -10.36
C ARG B 264 20.02 55.50 -9.05
N SER B 265 20.76 55.23 -7.97
CA SER B 265 20.47 55.86 -6.70
C SER B 265 20.71 57.37 -6.74
N ASN B 266 21.59 57.79 -7.64
CA ASN B 266 22.00 59.19 -7.77
C ASN B 266 21.18 59.96 -8.82
N ALA B 267 20.64 61.11 -8.41
CA ALA B 267 19.83 61.94 -9.30
C ALA B 267 20.67 62.75 -10.31
N SER B 268 20.46 62.50 -11.59
CA SER B 268 21.13 63.28 -12.64
C SER B 268 20.08 63.97 -13.47
N CYS B 269 20.17 65.28 -13.54
CA CYS B 269 19.11 66.07 -14.15
C CYS B 269 19.50 66.73 -15.45
N GLU B 270 18.50 67.03 -16.26
CA GLU B 270 18.64 67.95 -17.38
C GLU B 270 18.06 69.27 -16.92
N VAL B 271 18.90 70.27 -16.75
CA VAL B 271 18.45 71.54 -16.19
C VAL B 271 18.59 72.70 -17.18
N GLU B 272 17.81 73.75 -16.93
CA GLU B 272 17.88 74.97 -17.72
C GLU B 272 17.98 76.18 -16.81
N PHE B 273 18.71 77.19 -17.26
CA PHE B 273 18.89 78.41 -16.47
C PHE B 273 18.03 79.53 -17.03
N GLN B 274 17.13 80.06 -16.20
CA GLN B 274 16.28 81.17 -16.60
C GLN B 274 16.63 82.44 -15.85
N ASP B 275 17.74 83.06 -16.23
CA ASP B 275 18.28 84.22 -15.54
C ASP B 275 18.66 83.87 -14.11
N ALA B 276 19.37 82.75 -13.96
CA ALA B 276 19.89 82.34 -12.66
C ALA B 276 21.09 83.21 -12.30
N ILE B 277 21.22 83.53 -11.02
CA ILE B 277 22.32 84.38 -10.58
C ILE B 277 23.56 83.57 -10.27
N GLY B 278 24.68 83.95 -10.86
CA GLY B 278 25.95 83.32 -10.56
C GLY B 278 26.98 84.34 -10.11
N TRP B 279 28.01 83.87 -9.43
CA TRP B 279 29.11 84.72 -9.02
C TRP B 279 30.41 84.25 -9.66
N LEU B 280 31.10 85.16 -10.33
CA LEU B 280 32.33 84.81 -11.01
C LEU B 280 33.41 84.32 -10.05
N LEU B 281 33.97 83.16 -10.33
CA LEU B 281 35.13 82.67 -9.61
C LEU B 281 36.37 82.94 -10.47
N GLY B 282 37.29 83.72 -9.94
CA GLY B 282 38.50 84.08 -10.67
C GLY B 282 38.23 85.16 -11.72
N LEU B 283 38.90 85.03 -12.87
CA LEU B 283 38.75 86.01 -13.93
C LEU B 283 37.93 85.45 -15.09
N GLU B 284 37.26 86.33 -15.82
CA GLU B 284 36.53 85.90 -17.02
C GLU B 284 37.47 85.13 -17.94
N GLY B 285 36.97 84.07 -18.56
CA GLY B 285 37.77 83.29 -19.49
C GLY B 285 38.79 82.40 -18.81
N GLU B 286 38.83 82.45 -17.49
CA GLU B 286 39.72 81.59 -16.71
C GLU B 286 38.98 80.33 -16.28
N GLY B 287 37.78 80.13 -16.82
CA GLY B 287 36.93 79.02 -16.45
C GLY B 287 37.56 77.64 -16.52
N ILE B 288 38.10 77.30 -17.68
CA ILE B 288 38.70 75.98 -17.87
C ILE B 288 39.90 75.73 -16.96
N ARG B 289 40.70 76.77 -16.74
CA ARG B 289 41.87 76.63 -15.88
C ARG B 289 41.45 76.17 -14.48
N LEU B 290 40.34 76.72 -13.99
CA LEU B 290 39.84 76.38 -12.65
C LEU B 290 39.35 74.94 -12.52
N ILE B 291 38.40 74.55 -13.37
CA ILE B 291 37.83 73.20 -13.28
C ILE B 291 38.85 72.12 -13.61
N LEU B 292 40.03 72.53 -14.03
CA LEU B 292 41.11 71.58 -14.30
C LEU B 292 41.78 71.21 -12.97
N LYS B 293 41.81 72.16 -12.05
CA LYS B 293 42.36 71.91 -10.71
C LYS B 293 41.54 70.84 -10.00
N MET B 294 40.21 70.94 -10.11
CA MET B 294 39.30 69.98 -9.48
C MET B 294 39.25 68.67 -10.24
N GLY B 295 39.35 68.75 -11.56
CA GLY B 295 39.34 67.57 -12.40
C GLY B 295 40.34 66.53 -11.96
N GLY B 296 41.48 66.99 -11.48
CA GLY B 296 42.52 66.10 -11.01
C GLY B 296 41.98 65.13 -9.98
N MET B 297 41.32 65.65 -8.97
CA MET B 297 40.85 64.83 -7.87
C MET B 297 39.65 63.92 -8.19
N THR B 298 38.72 64.39 -9.04
CA THR B 298 37.56 63.57 -9.39
C THR B 298 37.97 62.39 -10.28
N ARG B 299 38.94 62.61 -11.15
CA ARG B 299 39.47 61.53 -11.97
C ARG B 299 40.07 60.45 -11.07
N PHE B 300 40.73 60.88 -10.00
CA PHE B 300 41.27 59.93 -9.04
C PHE B 300 40.17 59.12 -8.36
N ASP B 301 39.06 59.77 -8.04
CA ASP B 301 37.91 59.10 -7.42
C ASP B 301 37.28 58.08 -8.36
N CYS B 302 37.23 58.41 -9.64
CA CYS B 302 36.70 57.46 -10.63
C CYS B 302 37.52 56.19 -10.62
N ALA B 303 38.84 56.33 -10.68
CA ALA B 303 39.75 55.19 -10.65
C ALA B 303 39.60 54.41 -9.35
N LEU B 304 39.56 55.13 -8.23
CA LEU B 304 39.40 54.52 -6.92
C LEU B 304 38.06 53.79 -6.80
N GLY B 305 36.99 54.46 -7.20
CA GLY B 305 35.68 53.84 -7.21
C GLY B 305 35.63 52.55 -8.02
N SER B 306 36.13 52.60 -9.26
CA SER B 306 36.13 51.41 -10.09
C SER B 306 36.90 50.31 -9.41
N HIS B 307 38.07 50.66 -8.88
CA HIS B 307 38.89 49.71 -8.17
C HIS B 307 38.12 49.11 -7.01
N ALA B 308 37.44 49.97 -6.25
CA ALA B 308 36.66 49.52 -5.10
C ALA B 308 35.63 48.47 -5.49
N MET B 309 34.90 48.75 -6.58
CA MET B 309 33.83 47.86 -7.02
C MET B 309 34.37 46.53 -7.55
N MET B 310 35.52 46.58 -8.21
CA MET B 310 36.22 45.36 -8.61
C MET B 310 36.61 44.54 -7.38
N ARG B 311 37.09 45.23 -6.34
CA ARG B 311 37.45 44.57 -5.10
C ARG B 311 36.24 43.86 -4.49
N ARG B 312 35.14 44.58 -4.40
CA ARG B 312 33.93 44.00 -3.84
C ARG B 312 33.49 42.79 -4.66
N ALA B 313 33.44 42.97 -5.99
CA ALA B 313 33.07 41.89 -6.88
C ALA B 313 33.94 40.66 -6.61
N PHE B 314 35.24 40.89 -6.50
CA PHE B 314 36.19 39.81 -6.30
C PHE B 314 35.98 39.11 -4.96
N SER B 315 35.77 39.89 -3.90
CA SER B 315 35.46 39.32 -2.59
C SER B 315 34.27 38.36 -2.68
N LEU B 316 33.22 38.79 -3.37
CA LEU B 316 32.04 37.98 -3.57
C LEU B 316 32.38 36.70 -4.31
N ALA B 317 33.13 36.82 -5.40
CA ALA B 317 33.53 35.67 -6.18
C ALA B 317 34.27 34.61 -5.36
N ILE B 318 35.28 35.01 -4.59
CA ILE B 318 36.06 34.02 -3.87
C ILE B 318 35.31 33.39 -2.69
N TYR B 319 34.49 34.18 -2.01
CA TYR B 319 33.66 33.63 -0.95
C TYR B 319 32.73 32.58 -1.55
N HIS B 320 32.23 32.85 -2.75
CA HIS B 320 31.35 31.93 -3.44
C HIS B 320 32.12 30.69 -3.87
N ALA B 321 33.20 30.91 -4.61
CA ALA B 321 34.00 29.82 -5.14
C ALA B 321 34.50 28.89 -4.05
N HIS B 322 34.68 29.42 -2.86
CA HIS B 322 35.20 28.64 -1.75
C HIS B 322 34.18 27.63 -1.23
N GLN B 323 32.90 28.02 -1.19
CA GLN B 323 31.85 27.14 -0.69
C GLN B 323 31.25 26.26 -1.77
N ARG B 324 31.11 26.81 -2.97
CA ARG B 324 30.47 26.11 -4.08
C ARG B 324 31.29 24.93 -4.56
N HIS B 325 30.66 23.76 -4.65
CA HIS B 325 31.34 22.58 -5.17
C HIS B 325 30.94 22.28 -6.62
N VAL B 326 31.93 21.87 -7.41
CA VAL B 326 31.68 21.40 -8.77
C VAL B 326 32.55 20.20 -9.05
N PHE B 327 31.93 19.13 -9.56
CA PHE B 327 32.67 17.93 -9.91
C PHE B 327 33.45 17.36 -8.73
N GLY B 328 32.87 17.48 -7.54
CA GLY B 328 33.43 16.82 -6.36
C GLY B 328 34.44 17.61 -5.55
N ASN B 329 34.77 18.81 -6.00
CA ASN B 329 35.71 19.66 -5.26
C ASN B 329 35.24 21.10 -5.15
N PRO B 330 35.77 21.82 -4.15
CA PRO B 330 35.51 23.26 -4.06
C PRO B 330 35.89 23.96 -5.36
N LEU B 331 35.01 24.81 -5.86
CA LEU B 331 35.21 25.47 -7.14
C LEU B 331 36.55 26.17 -7.18
N ILE B 332 36.95 26.70 -6.02
CA ILE B 332 38.18 27.46 -5.91
C ILE B 332 39.43 26.56 -6.00
N GLN B 333 39.23 25.26 -5.84
CA GLN B 333 40.32 24.28 -5.97
C GLN B 333 40.54 23.87 -7.42
N GLN B 334 39.53 24.06 -8.25
CA GLN B 334 39.60 23.71 -9.67
C GLN B 334 40.68 24.52 -10.39
N PRO B 335 41.67 23.83 -10.96
CA PRO B 335 42.88 24.46 -11.50
C PRO B 335 42.60 25.70 -12.36
N LEU B 336 41.69 25.59 -13.32
CA LEU B 336 41.40 26.70 -14.22
C LEU B 336 40.78 27.89 -13.50
N MET B 337 39.84 27.61 -12.60
CA MET B 337 39.23 28.67 -11.80
C MET B 337 40.27 29.33 -10.91
N ARG B 338 41.11 28.50 -10.29
CA ARG B 338 42.12 29.00 -9.36
C ARG B 338 43.07 29.92 -10.10
N HIS B 339 43.44 29.50 -11.31
CA HIS B 339 44.29 30.30 -12.17
C HIS B 339 43.69 31.68 -12.45
N VAL B 340 42.43 31.68 -12.87
CA VAL B 340 41.73 32.93 -13.18
C VAL B 340 41.62 33.83 -11.96
N LEU B 341 41.11 33.28 -10.86
CA LEU B 341 40.94 34.04 -9.62
C LEU B 341 42.26 34.65 -9.14
N SER B 342 43.35 33.89 -9.31
CA SER B 342 44.67 34.37 -8.91
C SER B 342 45.12 35.57 -9.71
N ARG B 343 44.89 35.54 -11.02
CA ARG B 343 45.23 36.66 -11.89
C ARG B 343 44.39 37.89 -11.53
N MET B 344 43.15 37.66 -11.13
CA MET B 344 42.30 38.76 -10.73
C MET B 344 42.82 39.39 -9.45
N ALA B 345 43.20 38.55 -8.50
CA ALA B 345 43.76 39.03 -7.24
C ALA B 345 45.02 39.84 -7.52
N LEU B 346 45.86 39.29 -8.38
CA LEU B 346 47.10 39.92 -8.78
C LEU B 346 46.83 41.28 -9.42
N GLN B 347 45.72 41.36 -10.14
CA GLN B 347 45.30 42.59 -10.78
C GLN B 347 45.02 43.64 -9.72
N LEU B 348 44.30 43.25 -8.68
CA LEU B 348 43.96 44.15 -7.59
C LEU B 348 45.17 44.53 -6.72
N GLU B 349 46.12 43.61 -6.57
CA GLU B 349 47.37 43.92 -5.87
C GLU B 349 48.03 45.15 -6.51
N GLY B 350 48.23 45.08 -7.82
CA GLY B 350 48.82 46.16 -8.58
C GLY B 350 48.05 47.46 -8.44
N GLN B 351 46.75 47.42 -8.71
CA GLN B 351 45.91 48.61 -8.62
C GLN B 351 45.95 49.24 -7.23
N THR B 352 45.87 48.42 -6.18
CA THR B 352 45.93 48.91 -4.82
C THR B 352 47.25 49.66 -4.57
N ALA B 353 48.35 49.09 -5.05
CA ALA B 353 49.66 49.70 -4.89
C ALA B 353 49.74 51.02 -5.63
N LEU B 354 49.32 51.03 -6.88
CA LEU B 354 49.42 52.20 -7.72
C LEU B 354 48.52 53.33 -7.22
N LEU B 355 47.30 52.98 -6.83
CA LEU B 355 46.32 53.98 -6.42
C LEU B 355 46.71 54.69 -5.12
N PHE B 356 47.21 53.94 -4.16
CA PHE B 356 47.61 54.54 -2.89
C PHE B 356 49.00 55.17 -2.90
N ARG B 357 49.83 54.79 -3.87
CA ARG B 357 51.04 55.55 -4.15
C ARG B 357 50.60 56.87 -4.77
N LEU B 358 49.63 56.80 -5.66
CA LEU B 358 49.08 57.97 -6.31
C LEU B 358 48.39 58.87 -5.29
N ALA B 359 47.82 58.27 -4.26
CA ALA B 359 47.21 59.04 -3.19
C ALA B 359 48.27 59.75 -2.37
N ARG B 360 49.41 59.11 -2.19
CA ARG B 360 50.54 59.72 -1.48
C ARG B 360 51.01 60.96 -2.24
N ALA B 361 51.10 60.84 -3.57
CA ALA B 361 51.51 61.95 -4.40
C ALA B 361 50.62 63.16 -4.14
N TRP B 362 49.31 62.95 -4.17
CA TRP B 362 48.35 64.04 -3.92
C TRP B 362 48.53 64.63 -2.52
N ASP B 363 48.85 63.78 -1.56
CA ASP B 363 49.00 64.21 -0.18
C ASP B 363 50.23 65.11 -0.03
N ARG B 364 51.29 64.76 -0.76
CA ARG B 364 52.53 65.51 -0.68
C ARG B 364 52.71 66.39 -1.91
N ARG B 365 51.61 66.98 -2.38
CA ARG B 365 51.63 67.77 -3.61
C ARG B 365 52.45 69.06 -3.49
N ALA B 366 52.78 69.45 -2.26
CA ALA B 366 53.64 70.62 -2.04
C ALA B 366 55.00 70.41 -2.71
N ASP B 367 55.46 69.15 -2.72
CA ASP B 367 56.63 68.73 -3.49
C ASP B 367 56.27 68.66 -4.98
N ALA B 368 57.02 69.38 -5.80
CA ALA B 368 56.75 69.46 -7.23
C ALA B 368 56.88 68.11 -7.94
N LYS B 369 57.87 67.32 -7.51
CA LYS B 369 58.08 65.97 -8.06
C LYS B 369 56.88 65.07 -7.78
N GLU B 370 56.25 65.25 -6.62
CA GLU B 370 55.07 64.47 -6.26
C GLU B 370 53.84 64.95 -7.04
N ALA B 371 53.70 66.26 -7.20
CA ALA B 371 52.58 66.80 -7.95
C ALA B 371 52.65 66.36 -9.40
N LEU B 372 53.86 66.26 -9.92
CA LEU B 372 54.07 65.85 -11.30
C LEU B 372 53.73 64.38 -11.50
N TRP B 373 54.08 63.56 -10.53
CA TRP B 373 53.75 62.15 -10.56
C TRP B 373 52.23 61.99 -10.59
N ALA B 374 51.55 62.73 -9.72
CA ALA B 374 50.10 62.72 -9.69
C ALA B 374 49.50 63.24 -10.99
N ARG B 375 50.08 64.31 -11.52
CA ARG B 375 49.58 64.94 -12.73
C ARG B 375 49.61 63.96 -13.90
N LEU B 376 50.55 63.02 -13.86
CA LEU B 376 50.74 62.09 -14.97
C LEU B 376 49.95 60.80 -14.80
N PHE B 377 50.01 60.22 -13.61
CA PHE B 377 49.41 58.91 -13.40
C PHE B 377 47.91 58.93 -13.05
N THR B 378 47.38 60.08 -12.66
CA THR B 378 45.95 60.15 -12.40
C THR B 378 45.15 59.82 -13.67
N PRO B 379 45.39 60.55 -14.77
CA PRO B 379 44.67 60.26 -16.01
C PRO B 379 44.88 58.82 -16.47
N ALA B 380 46.11 58.33 -16.34
CA ALA B 380 46.42 56.97 -16.75
C ALA B 380 45.60 55.95 -15.93
N ALA B 381 45.68 56.05 -14.61
CA ALA B 381 44.95 55.14 -13.73
C ALA B 381 43.45 55.13 -14.02
N LYS B 382 42.87 56.29 -14.30
CA LYS B 382 41.46 56.36 -14.63
C LYS B 382 41.16 55.63 -15.94
N PHE B 383 42.02 55.83 -16.94
CA PHE B 383 41.80 55.18 -18.21
C PHE B 383 41.83 53.68 -18.06
N VAL B 384 42.96 53.17 -17.60
CA VAL B 384 43.18 51.74 -17.49
C VAL B 384 42.27 51.04 -16.48
N ILE B 385 42.21 51.54 -15.24
CA ILE B 385 41.41 50.87 -14.23
C ILE B 385 39.92 50.89 -14.56
N CYS B 386 39.41 52.05 -14.95
CA CYS B 386 37.99 52.15 -15.27
C CYS B 386 37.59 51.28 -16.47
N LYS B 387 38.52 51.08 -17.39
CA LYS B 387 38.30 50.20 -18.55
C LYS B 387 38.29 48.72 -18.14
N ARG B 388 39.24 48.35 -17.28
CA ARG B 388 39.31 46.99 -16.75
C ARG B 388 38.04 46.61 -15.97
N GLY B 389 37.38 47.60 -15.38
CA GLY B 389 36.24 47.36 -14.53
C GLY B 389 35.19 46.46 -15.12
N MET B 390 34.81 46.71 -16.38
CA MET B 390 33.73 45.94 -17.03
C MET B 390 34.04 44.46 -17.18
N PRO B 391 35.15 44.12 -17.85
CA PRO B 391 35.48 42.71 -18.01
C PRO B 391 35.71 42.01 -16.68
N PHE B 392 36.31 42.73 -15.73
CA PHE B 392 36.66 42.19 -14.42
C PHE B 392 35.40 41.77 -13.64
N VAL B 393 34.47 42.71 -13.49
CA VAL B 393 33.25 42.45 -12.75
C VAL B 393 32.42 41.39 -13.46
N ALA B 394 32.44 41.40 -14.79
CA ALA B 394 31.74 40.38 -15.56
C ALA B 394 32.30 39.00 -15.27
N GLU B 395 33.61 38.92 -15.06
CA GLU B 395 34.25 37.66 -14.71
C GLU B 395 33.78 37.21 -13.34
N ALA B 396 33.80 38.12 -12.38
CA ALA B 396 33.31 37.83 -11.04
C ALA B 396 31.90 37.28 -11.13
N MET B 397 31.07 37.96 -11.91
CA MET B 397 29.69 37.55 -12.08
C MET B 397 29.61 36.10 -12.58
N GLU B 398 30.49 35.77 -13.51
CA GLU B 398 30.46 34.44 -14.10
C GLU B 398 30.96 33.37 -13.15
N VAL B 399 31.70 33.76 -12.12
CA VAL B 399 32.17 32.81 -11.13
C VAL B 399 30.98 32.31 -10.34
N LEU B 400 30.04 33.21 -10.07
CA LEU B 400 28.81 32.84 -9.37
C LEU B 400 27.87 32.07 -10.30
N GLY B 401 27.96 32.34 -11.60
CA GLY B 401 27.10 31.71 -12.58
C GLY B 401 25.75 32.38 -12.73
N GLY B 402 24.72 31.59 -12.98
CA GLY B 402 23.39 32.12 -13.19
C GLY B 402 22.87 33.04 -12.10
N ILE B 403 23.15 32.71 -10.84
CA ILE B 403 22.62 33.52 -9.74
C ILE B 403 23.29 34.89 -9.73
N GLY B 404 24.45 34.97 -10.38
CA GLY B 404 25.18 36.22 -10.49
C GLY B 404 24.59 37.16 -11.52
N TYR B 405 23.67 36.64 -12.32
CA TYR B 405 23.06 37.41 -13.39
C TYR B 405 21.70 37.91 -12.95
N CYS B 406 21.33 37.61 -11.72
CA CYS B 406 20.03 38.01 -11.18
C CYS B 406 20.16 39.21 -10.25
N GLU B 407 19.18 40.11 -10.32
CA GLU B 407 19.25 41.39 -9.59
C GLU B 407 19.21 41.26 -8.08
N GLU B 408 18.90 40.07 -7.57
CA GLU B 408 18.95 39.83 -6.13
C GLU B 408 20.41 39.78 -5.66
N SER B 409 21.32 39.52 -6.59
CA SER B 409 22.75 39.54 -6.32
C SER B 409 23.31 40.95 -6.47
N GLU B 410 24.45 41.20 -5.83
CA GLU B 410 25.10 42.51 -5.91
C GLU B 410 25.79 42.71 -7.25
N LEU B 411 26.09 41.61 -7.93
CA LEU B 411 26.88 41.69 -9.16
C LEU B 411 26.29 42.55 -10.28
N PRO B 412 25.02 42.31 -10.64
CA PRO B 412 24.45 43.12 -11.72
C PRO B 412 24.54 44.63 -11.46
N ARG B 413 24.25 45.06 -10.23
CA ARG B 413 24.33 46.48 -9.89
C ARG B 413 25.75 47.03 -10.07
N LEU B 414 26.73 46.24 -9.65
CA LEU B 414 28.14 46.60 -9.87
C LEU B 414 28.45 46.65 -11.35
N TYR B 415 28.14 45.58 -12.06
CA TYR B 415 28.35 45.51 -13.50
C TYR B 415 27.71 46.69 -14.22
N ARG B 416 26.53 47.09 -13.77
CA ARG B 416 25.82 48.20 -14.39
C ARG B 416 26.45 49.55 -14.05
N GLU B 417 27.25 49.59 -12.99
CA GLU B 417 27.87 50.83 -12.53
C GLU B 417 29.14 51.12 -13.29
N MET B 418 29.90 50.08 -13.58
CA MET B 418 31.27 50.22 -14.07
C MET B 418 31.48 51.25 -15.20
N PRO B 419 30.61 51.25 -16.22
CA PRO B 419 30.87 52.12 -17.38
C PRO B 419 30.80 53.60 -17.04
N VAL B 420 30.01 53.96 -16.03
CA VAL B 420 29.83 55.37 -15.73
C VAL B 420 31.17 56.01 -15.33
N ASN B 421 31.98 55.28 -14.56
CA ASN B 421 33.29 55.77 -14.14
C ASN B 421 34.23 55.99 -15.31
N SER B 422 34.04 55.22 -16.37
CA SER B 422 34.88 55.32 -17.56
C SER B 422 34.43 56.45 -18.48
N ILE B 423 33.16 56.84 -18.36
CA ILE B 423 32.58 57.88 -19.21
C ILE B 423 32.68 59.25 -18.57
N TRP B 424 32.62 59.30 -17.24
CA TRP B 424 32.69 60.55 -16.48
C TRP B 424 33.92 61.36 -16.85
N GLU B 425 33.78 62.69 -16.83
CA GLU B 425 34.92 63.59 -16.99
C GLU B 425 35.74 63.34 -18.26
N GLY B 426 35.08 63.33 -19.41
CA GLY B 426 35.78 63.30 -20.69
C GLY B 426 35.99 61.94 -21.30
N SER B 427 35.92 60.88 -20.48
CA SER B 427 36.04 59.51 -20.97
C SER B 427 37.48 59.09 -21.27
N GLY B 428 37.65 57.82 -21.64
CA GLY B 428 38.96 57.23 -21.80
C GLY B 428 39.90 57.96 -22.74
N ASN B 429 39.46 58.25 -23.95
CA ASN B 429 40.31 58.93 -24.93
C ASN B 429 40.88 60.23 -24.40
N ILE B 430 40.03 61.06 -23.81
CA ILE B 430 40.47 62.33 -23.25
C ILE B 430 41.54 62.12 -22.20
N MET B 431 41.43 61.04 -21.43
CA MET B 431 42.45 60.70 -20.44
C MET B 431 43.80 60.44 -21.11
N CYS B 432 43.77 59.68 -22.19
CA CYS B 432 44.99 59.31 -22.89
C CYS B 432 45.58 60.50 -23.64
N LEU B 433 44.73 61.35 -24.19
CA LEU B 433 45.20 62.59 -24.81
C LEU B 433 45.89 63.46 -23.76
N ASP B 434 45.33 63.49 -22.56
CA ASP B 434 45.91 64.28 -21.48
C ASP B 434 47.26 63.74 -21.06
N VAL B 435 47.39 62.42 -21.02
CA VAL B 435 48.66 61.78 -20.69
C VAL B 435 49.74 62.12 -21.73
N LEU B 436 49.35 62.15 -23.00
CA LEU B 436 50.27 62.55 -24.06
C LEU B 436 50.66 64.01 -23.91
N ARG B 437 49.69 64.86 -23.59
CA ARG B 437 49.96 66.28 -23.40
C ARG B 437 50.98 66.50 -22.27
N VAL B 438 50.94 65.66 -21.25
CA VAL B 438 51.87 65.79 -20.13
C VAL B 438 53.27 65.34 -20.51
N LEU B 439 53.36 64.27 -21.29
CA LEU B 439 54.65 63.79 -21.77
C LEU B 439 55.28 64.79 -22.74
N ASN B 440 54.46 65.58 -23.42
CA ASN B 440 54.95 66.56 -24.38
C ASN B 440 55.20 67.93 -23.78
N LYS B 441 54.14 68.55 -23.25
CA LYS B 441 54.22 69.93 -22.77
C LYS B 441 54.89 70.11 -21.40
N GLN B 442 54.98 69.04 -20.62
CA GLN B 442 55.53 69.17 -19.26
C GLN B 442 57.03 68.87 -19.19
N ALA B 443 57.74 69.68 -18.43
CA ALA B 443 59.19 69.56 -18.31
C ALA B 443 59.62 68.74 -17.10
N GLY B 444 60.60 67.88 -17.29
CA GLY B 444 61.12 67.05 -16.22
C GLY B 444 60.35 65.75 -16.01
N VAL B 445 59.48 65.43 -16.96
CA VAL B 445 58.70 64.21 -16.88
C VAL B 445 59.55 63.01 -17.24
N TYR B 446 60.24 63.10 -18.37
CA TYR B 446 61.13 62.02 -18.81
C TYR B 446 62.18 61.72 -17.76
N ASP B 447 62.59 62.75 -17.04
CA ASP B 447 63.57 62.59 -15.98
C ASP B 447 62.95 61.87 -14.79
N LEU B 448 61.76 62.32 -14.38
CA LEU B 448 61.04 61.70 -13.26
C LEU B 448 60.83 60.20 -13.50
N LEU B 449 60.44 59.84 -14.71
CA LEU B 449 60.24 58.44 -15.07
C LEU B 449 61.53 57.63 -14.99
N SER B 450 62.59 58.14 -15.62
CA SER B 450 63.87 57.46 -15.65
C SER B 450 64.42 57.21 -14.24
N GLU B 451 64.19 58.16 -13.34
CA GLU B 451 64.64 58.02 -11.96
C GLU B 451 64.00 56.80 -11.30
N ALA B 452 62.73 56.57 -11.62
CA ALA B 452 61.98 55.45 -11.05
C ALA B 452 62.39 54.11 -11.64
N PHE B 453 62.61 54.09 -12.95
CA PHE B 453 62.97 52.86 -13.66
C PHE B 453 64.39 52.41 -13.30
N VAL B 454 65.30 53.36 -13.16
CA VAL B 454 66.67 53.07 -12.78
C VAL B 454 66.73 52.50 -11.36
N GLU B 455 65.81 52.94 -10.51
CA GLU B 455 65.80 52.51 -9.11
C GLU B 455 65.42 51.04 -8.93
N VAL B 456 64.91 50.41 -10.00
CA VAL B 456 64.52 49.00 -9.94
C VAL B 456 65.12 48.18 -11.09
N LYS B 457 65.95 48.82 -11.91
CA LYS B 457 66.55 48.13 -13.04
C LYS B 457 67.28 46.88 -12.56
N GLY B 458 67.19 45.80 -13.32
CA GLY B 458 67.87 44.57 -13.00
C GLY B 458 67.12 43.65 -12.06
N GLN B 459 66.02 44.14 -11.49
CA GLN B 459 65.21 43.32 -10.57
C GLN B 459 64.34 42.31 -11.31
N ASP B 460 63.88 42.68 -12.50
CA ASP B 460 63.01 41.81 -13.29
C ASP B 460 63.24 42.01 -14.78
N ARG B 461 63.46 40.92 -15.50
CA ARG B 461 63.77 40.96 -16.93
C ARG B 461 62.60 41.49 -17.78
N TYR B 462 61.38 41.10 -17.42
CA TYR B 462 60.21 41.50 -18.17
C TYR B 462 59.89 42.97 -17.97
N PHE B 463 60.21 43.50 -16.78
CA PHE B 463 59.98 44.90 -16.49
C PHE B 463 60.95 45.79 -17.27
N ASP B 464 62.22 45.40 -17.31
CA ASP B 464 63.22 46.17 -18.04
C ASP B 464 62.94 46.17 -19.54
N ARG B 465 62.52 45.02 -20.06
CA ARG B 465 62.16 44.90 -21.48
C ARG B 465 60.98 45.80 -21.81
N ALA B 466 60.06 45.94 -20.86
CA ALA B 466 58.90 46.80 -21.02
C ALA B 466 59.30 48.27 -21.03
N VAL B 467 60.24 48.61 -20.17
CA VAL B 467 60.77 49.97 -20.10
C VAL B 467 61.42 50.34 -21.44
N ARG B 468 62.19 49.41 -21.99
CA ARG B 468 62.88 49.65 -23.25
C ARG B 468 61.88 49.81 -24.40
N ARG B 469 60.74 49.14 -24.29
CA ARG B 469 59.71 49.21 -25.32
C ARG B 469 58.88 50.49 -25.22
N LEU B 470 58.72 51.02 -24.01
CA LEU B 470 58.03 52.29 -23.84
C LEU B 470 58.88 53.44 -24.38
N GLN B 471 60.15 53.45 -24.00
CA GLN B 471 61.06 54.49 -24.47
C GLN B 471 61.16 54.48 -26.00
N GLN B 472 61.13 53.29 -26.58
CA GLN B 472 61.14 53.17 -28.03
C GLN B 472 59.83 53.68 -28.64
N GLN B 473 58.71 53.41 -27.97
CA GLN B 473 57.40 53.83 -28.49
C GLN B 473 57.21 55.33 -28.30
N LEU B 474 58.02 55.92 -27.42
CA LEU B 474 57.98 57.35 -27.18
C LEU B 474 58.91 58.12 -28.13
N ARG B 475 59.69 57.39 -28.91
CA ARG B 475 60.51 58.01 -29.95
C ARG B 475 59.59 58.72 -30.93
N LYS B 476 58.66 57.96 -31.51
CA LYS B 476 57.62 58.51 -32.37
C LYS B 476 56.28 58.43 -31.65
N PRO B 477 55.86 59.52 -30.99
CA PRO B 477 54.65 59.53 -30.17
C PRO B 477 53.42 60.02 -30.93
N ALA B 478 52.75 59.13 -31.65
CA ALA B 478 51.55 59.51 -32.40
C ALA B 478 50.35 59.66 -31.48
N GLU B 479 49.31 60.33 -31.97
CA GLU B 479 48.11 60.52 -31.20
C GLU B 479 47.33 59.20 -31.15
N GLU B 480 47.25 58.53 -32.29
CA GLU B 480 46.52 57.27 -32.40
C GLU B 480 47.05 56.18 -31.47
N LEU B 481 48.27 56.36 -30.97
CA LEU B 481 48.87 55.41 -30.04
C LEU B 481 48.69 55.83 -28.57
N GLY B 482 47.84 56.83 -28.35
CA GLY B 482 47.61 57.36 -27.02
C GLY B 482 47.17 56.32 -26.00
N ARG B 483 46.43 55.31 -26.43
CA ARG B 483 45.99 54.26 -25.54
C ARG B 483 47.10 53.25 -25.26
N GLU B 484 47.77 52.80 -26.31
CA GLU B 484 48.88 51.86 -26.16
C GLU B 484 49.92 52.45 -25.22
N ILE B 485 50.22 53.74 -25.41
CA ILE B 485 51.19 54.45 -24.59
C ILE B 485 50.73 54.61 -23.13
N THR B 486 49.50 55.06 -22.95
CA THR B 486 48.96 55.24 -21.61
C THR B 486 48.89 53.91 -20.87
N HIS B 487 48.46 52.86 -21.56
CA HIS B 487 48.40 51.55 -20.93
C HIS B 487 49.78 51.10 -20.47
N GLN B 488 50.76 51.18 -21.37
CA GLN B 488 52.12 50.76 -21.06
C GLN B 488 52.66 51.57 -19.87
N LEU B 489 52.43 52.87 -19.89
CA LEU B 489 52.88 53.74 -18.82
C LEU B 489 52.28 53.28 -17.48
N PHE B 490 50.99 53.04 -17.47
CA PHE B 490 50.29 52.61 -16.26
C PHE B 490 50.90 51.33 -15.71
N LEU B 491 51.10 50.36 -16.59
CA LEU B 491 51.67 49.08 -16.18
C LEU B 491 53.03 49.28 -15.51
N LEU B 492 53.90 50.04 -16.16
CA LEU B 492 55.22 50.33 -15.61
C LEU B 492 55.12 50.99 -14.24
N GLY B 493 54.14 51.88 -14.09
CA GLY B 493 53.86 52.51 -12.81
C GLY B 493 53.56 51.50 -11.72
N CYS B 494 52.64 50.57 -11.99
CA CYS B 494 52.33 49.52 -11.03
C CYS B 494 53.54 48.64 -10.81
N GLY B 495 54.23 48.32 -11.90
CA GLY B 495 55.39 47.46 -11.84
C GLY B 495 56.44 47.99 -10.89
N ALA B 496 56.80 49.26 -11.05
CA ALA B 496 57.77 49.90 -10.18
C ALA B 496 57.39 49.71 -8.72
N GLN B 497 56.12 49.96 -8.39
CA GLN B 497 55.63 49.83 -7.03
C GLN B 497 55.69 48.39 -6.54
N MET B 498 55.37 47.45 -7.40
CA MET B 498 55.42 46.04 -7.02
C MET B 498 56.85 45.61 -6.71
N LEU B 499 57.77 45.98 -7.60
CA LEU B 499 59.17 45.60 -7.44
C LEU B 499 59.79 46.21 -6.19
N LYS B 500 59.42 47.45 -5.87
CA LYS B 500 59.97 48.15 -4.71
C LYS B 500 59.46 47.64 -3.37
N TYR B 501 58.14 47.58 -3.21
CA TYR B 501 57.54 47.35 -1.88
C TYR B 501 56.79 46.03 -1.71
N ALA B 502 56.71 45.22 -2.76
CA ALA B 502 56.06 43.92 -2.66
C ALA B 502 57.10 42.82 -2.46
N SER B 503 56.68 41.70 -1.89
CA SER B 503 57.58 40.57 -1.72
C SER B 503 58.10 40.15 -3.10
N PRO B 504 59.40 39.82 -3.18
CA PRO B 504 60.01 39.44 -4.47
C PRO B 504 59.20 38.43 -5.30
N PRO B 505 58.68 37.36 -4.66
CA PRO B 505 57.88 36.39 -5.43
C PRO B 505 56.60 37.00 -5.98
N MET B 506 55.98 37.89 -5.22
CA MET B 506 54.79 38.59 -5.65
C MET B 506 55.08 39.55 -6.79
N ALA B 507 56.20 40.26 -6.69
CA ALA B 507 56.59 41.20 -7.74
C ALA B 507 56.94 40.48 -9.03
N GLN B 508 57.55 39.31 -8.90
CA GLN B 508 57.89 38.49 -10.06
C GLN B 508 56.63 37.99 -10.74
N ALA B 509 55.69 37.49 -9.94
CA ALA B 509 54.42 37.01 -10.47
C ALA B 509 53.70 38.12 -11.23
N TRP B 510 53.62 39.30 -10.64
CA TRP B 510 52.93 40.41 -11.26
C TRP B 510 53.59 40.79 -12.58
N CYS B 511 54.91 40.90 -12.57
CA CYS B 511 55.65 41.26 -13.76
C CYS B 511 55.48 40.22 -14.86
N GLN B 512 55.54 38.95 -14.50
CA GLN B 512 55.44 37.89 -15.49
C GLN B 512 54.06 37.89 -16.14
N VAL B 513 53.01 38.02 -15.32
CA VAL B 513 51.65 38.02 -15.83
C VAL B 513 51.33 39.23 -16.70
N MET B 514 51.73 40.41 -16.25
CA MET B 514 51.35 41.65 -16.93
C MET B 514 52.29 42.05 -18.06
N LEU B 515 53.54 41.63 -17.98
CA LEU B 515 54.56 42.15 -18.89
C LEU B 515 55.24 41.11 -19.78
N ASP B 516 54.95 39.84 -19.57
CA ASP B 516 55.49 38.80 -20.45
C ASP B 516 54.59 38.65 -21.67
N THR B 517 55.03 39.24 -22.78
CA THR B 517 54.26 39.24 -24.01
C THR B 517 54.03 37.81 -24.53
N ARG B 518 54.96 36.92 -24.20
CA ARG B 518 54.89 35.53 -24.62
C ARG B 518 53.66 34.80 -24.08
N GLY B 519 53.02 35.39 -23.06
CA GLY B 519 51.82 34.81 -22.47
C GLY B 519 52.03 33.38 -21.99
N GLY B 520 50.96 32.79 -21.46
CA GLY B 520 51.01 31.41 -21.01
C GLY B 520 51.80 31.20 -19.72
N VAL B 521 51.73 32.18 -18.83
CA VAL B 521 52.43 32.10 -17.56
C VAL B 521 51.66 31.28 -16.53
N ARG B 522 52.23 30.16 -16.11
CA ARG B 522 51.71 29.42 -14.97
C ARG B 522 52.26 30.03 -13.69
N LEU B 523 51.43 30.11 -12.66
CA LEU B 523 51.88 30.62 -11.37
C LEU B 523 52.13 29.46 -10.41
N SER B 524 53.07 29.65 -9.49
CA SER B 524 53.38 28.61 -8.52
C SER B 524 52.21 28.39 -7.58
N GLU B 525 52.12 27.20 -7.01
CA GLU B 525 51.02 26.88 -6.11
C GLU B 525 51.12 27.74 -4.86
N GLN B 526 52.33 28.14 -4.52
CA GLN B 526 52.58 28.93 -3.32
C GLN B 526 52.11 30.38 -3.47
N ILE B 527 52.41 30.97 -4.62
CA ILE B 527 52.02 32.35 -4.88
C ILE B 527 50.51 32.48 -5.07
N GLN B 528 49.87 31.44 -5.61
CA GLN B 528 48.43 31.45 -5.76
C GLN B 528 47.75 31.33 -4.40
N ASN B 529 48.24 30.43 -3.57
CA ASN B 529 47.73 30.28 -2.20
C ASN B 529 47.88 31.58 -1.43
N ASP B 530 48.96 32.29 -1.72
CA ASP B 530 49.25 33.52 -1.00
C ASP B 530 48.37 34.68 -1.47
N LEU B 531 48.18 34.79 -2.79
CA LEU B 531 47.33 35.83 -3.35
C LEU B 531 45.92 35.75 -2.79
N LEU B 532 45.35 34.55 -2.76
CA LEU B 532 43.99 34.34 -2.31
C LEU B 532 43.85 34.52 -0.82
N LEU B 533 44.93 34.25 -0.09
CA LEU B 533 44.92 34.40 1.36
C LEU B 533 44.93 35.89 1.71
N ARG B 534 45.70 36.67 0.94
CA ARG B 534 45.81 38.10 1.17
C ARG B 534 44.53 38.83 0.79
N ALA B 535 43.72 38.20 -0.06
CA ALA B 535 42.49 38.81 -0.53
C ALA B 535 41.31 38.56 0.41
N THR B 536 41.56 37.78 1.48
CA THR B 536 40.54 37.52 2.49
C THR B 536 41.00 38.01 3.86
N GLY B 537 42.07 38.80 3.88
CA GLY B 537 42.58 39.35 5.12
C GLY B 537 43.54 38.41 5.78
N GLY B 538 43.80 38.62 7.08
CA GLY B 538 44.75 37.82 7.81
C GLY B 538 46.16 38.32 7.67
N VAL B 539 46.31 39.45 6.98
CA VAL B 539 47.61 40.09 6.80
C VAL B 539 47.62 41.42 7.56
N CYS B 540 46.59 41.64 8.37
CA CYS B 540 46.45 42.87 9.12
C CYS B 540 46.62 42.65 10.62
N HIS C 2 -1.69 13.95 -3.81
CA HIS C 2 -1.18 14.08 -2.45
C HIS C 2 -0.44 15.40 -2.23
N TRP C 3 -0.21 16.14 -3.30
CA TRP C 3 0.53 17.40 -3.24
C TRP C 3 -0.36 18.54 -2.79
N GLN C 4 -1.67 18.39 -2.97
CA GLN C 4 -2.61 19.45 -2.66
C GLN C 4 -2.99 19.49 -1.18
N THR C 5 -3.34 20.68 -0.71
CA THR C 5 -3.77 20.86 0.67
C THR C 5 -5.28 21.01 0.74
N HIS C 6 -5.91 21.24 -0.42
CA HIS C 6 -7.35 21.49 -0.45
C HIS C 6 -7.90 21.41 -1.87
N THR C 7 -9.22 21.46 -1.97
CA THR C 7 -9.88 21.50 -3.26
C THR C 7 -10.64 22.82 -3.39
N VAL C 8 -10.49 23.48 -4.52
CA VAL C 8 -11.16 24.76 -4.75
C VAL C 8 -12.58 24.54 -5.27
N PHE C 9 -13.57 25.01 -4.52
CA PHE C 9 -14.96 24.87 -4.93
C PHE C 9 -15.76 26.10 -4.50
N ASN C 10 -17.01 26.16 -4.97
CA ASN C 10 -17.90 27.29 -4.70
C ASN C 10 -17.32 28.62 -5.17
N GLN C 11 -16.43 28.56 -6.15
CA GLN C 11 -15.89 29.76 -6.78
C GLN C 11 -16.52 29.96 -8.15
N PRO C 12 -17.42 30.94 -8.26
CA PRO C 12 -18.16 31.22 -9.49
C PRO C 12 -17.24 31.68 -10.61
N ILE C 13 -17.61 31.35 -11.84
CA ILE C 13 -16.86 31.82 -13.01
C ILE C 13 -17.27 33.27 -13.31
N PRO C 14 -16.28 34.13 -13.59
CA PRO C 14 -16.58 35.55 -13.82
C PRO C 14 -17.34 35.77 -15.12
N LEU C 15 -18.17 36.81 -15.14
CA LEU C 15 -19.00 37.09 -16.30
C LEU C 15 -18.14 37.54 -17.47
N ASN C 16 -18.21 36.78 -18.56
CA ASN C 16 -17.63 37.21 -19.83
C ASN C 16 -18.27 36.46 -20.99
N ASN C 17 -17.95 36.88 -22.21
CA ASN C 17 -18.54 36.30 -23.40
C ASN C 17 -20.08 36.34 -23.34
N SER C 18 -20.62 37.42 -22.81
CA SER C 18 -22.05 37.66 -22.85
C SER C 18 -22.35 38.74 -23.88
N ASN C 19 -23.63 39.03 -24.06
CA ASN C 19 -24.05 40.09 -24.96
C ASN C 19 -24.50 41.30 -24.16
N LEU C 20 -23.68 42.34 -24.15
CA LEU C 20 -23.93 43.51 -23.32
C LEU C 20 -25.30 44.15 -23.61
N TYR C 21 -25.75 44.01 -24.84
CA TYR C 21 -27.03 44.57 -25.26
C TYR C 21 -28.20 43.64 -24.99
N LEU C 22 -28.16 42.43 -25.55
CA LEU C 22 -29.29 41.50 -25.45
C LEU C 22 -29.60 41.05 -24.02
N SER C 23 -28.67 41.28 -23.10
CA SER C 23 -28.87 40.90 -21.71
C SER C 23 -29.47 42.04 -20.89
N ASP C 24 -29.80 43.14 -21.56
CA ASP C 24 -30.34 44.32 -20.90
C ASP C 24 -31.76 44.61 -21.37
N GLY C 25 -32.73 43.94 -20.74
CA GLY C 25 -34.12 44.08 -21.13
C GLY C 25 -34.57 45.53 -21.22
N ALA C 26 -34.30 46.30 -20.17
CA ALA C 26 -34.74 47.69 -20.12
C ALA C 26 -34.20 48.50 -21.31
N LEU C 27 -32.98 48.21 -21.72
CA LEU C 27 -32.35 48.90 -22.84
C LEU C 27 -32.99 48.57 -24.19
N CYS C 28 -33.19 47.28 -24.46
CA CYS C 28 -33.85 46.86 -25.70
C CYS C 28 -35.19 47.56 -25.86
N GLU C 29 -35.95 47.58 -24.79
CA GLU C 29 -37.28 48.20 -24.82
C GLU C 29 -37.17 49.70 -25.07
N ALA C 30 -36.19 50.32 -24.42
CA ALA C 30 -35.99 51.76 -24.53
C ALA C 30 -35.63 52.16 -25.96
N VAL C 31 -34.67 51.45 -26.56
CA VAL C 31 -34.23 51.73 -27.92
C VAL C 31 -35.39 51.71 -28.93
N THR C 32 -36.23 50.69 -28.83
CA THR C 32 -37.35 50.55 -29.75
C THR C 32 -38.40 51.61 -29.45
N ARG C 33 -38.65 51.82 -28.16
CA ARG C 33 -39.66 52.79 -27.75
C ARG C 33 -39.30 54.22 -28.19
N GLU C 34 -38.01 54.52 -28.23
CA GLU C 34 -37.57 55.89 -28.47
C GLU C 34 -37.14 56.11 -29.91
N GLY C 35 -37.57 55.23 -30.80
CA GLY C 35 -37.41 55.43 -32.22
C GLY C 35 -36.05 55.11 -32.81
N ALA C 36 -35.33 54.18 -32.19
CA ALA C 36 -34.04 53.75 -32.74
C ALA C 36 -34.05 52.25 -33.03
N GLY C 37 -35.26 51.70 -33.15
CA GLY C 37 -35.43 50.27 -33.38
C GLY C 37 -34.64 49.78 -34.57
N TRP C 38 -34.35 50.68 -35.51
CA TRP C 38 -33.62 50.30 -36.72
C TRP C 38 -32.19 49.90 -36.41
N ASP C 39 -31.72 50.25 -35.22
CA ASP C 39 -30.35 49.96 -34.83
C ASP C 39 -30.24 48.68 -33.99
N SER C 40 -31.37 48.05 -33.70
CA SER C 40 -31.41 46.86 -32.86
C SER C 40 -30.48 45.72 -33.31
N ASP C 41 -30.48 45.40 -34.59
CA ASP C 41 -29.63 44.32 -35.09
C ASP C 41 -28.15 44.66 -34.88
N PHE C 42 -27.80 45.90 -35.19
CA PHE C 42 -26.43 46.38 -35.05
C PHE C 42 -26.02 46.38 -33.57
N LEU C 43 -26.91 46.86 -32.71
CA LEU C 43 -26.65 46.90 -31.27
C LEU C 43 -26.35 45.52 -30.72
N ALA C 44 -27.16 44.54 -31.13
CA ALA C 44 -26.91 43.18 -30.70
C ALA C 44 -25.57 42.67 -31.25
N SER C 45 -25.23 43.11 -32.47
CA SER C 45 -23.99 42.69 -33.09
C SER C 45 -22.78 43.16 -32.28
N ILE C 46 -22.73 44.45 -31.96
CA ILE C 46 -21.61 44.98 -31.19
C ILE C 46 -21.73 44.58 -29.73
N GLY C 47 -22.96 44.37 -29.28
CA GLY C 47 -23.22 43.88 -27.94
C GLY C 47 -22.47 42.58 -27.69
N GLN C 48 -22.43 41.72 -28.71
CA GLN C 48 -21.73 40.45 -28.63
C GLN C 48 -20.22 40.66 -28.73
N GLN C 49 -19.80 41.49 -29.67
CA GLN C 49 -18.38 41.75 -29.86
C GLN C 49 -17.76 42.34 -28.60
N LEU C 50 -18.38 43.39 -28.08
CA LEU C 50 -17.86 44.13 -26.94
C LEU C 50 -17.85 43.33 -25.64
N GLY C 51 -18.69 42.30 -25.56
CA GLY C 51 -18.86 41.52 -24.34
C GLY C 51 -17.96 40.31 -24.24
N THR C 52 -17.07 40.15 -25.21
CA THR C 52 -16.16 39.00 -25.21
C THR C 52 -15.02 39.20 -24.22
N ALA C 53 -14.39 38.10 -23.84
CA ALA C 53 -13.24 38.15 -22.95
C ALA C 53 -12.14 38.99 -23.57
N GLU C 54 -11.93 38.79 -24.86
CA GLU C 54 -10.86 39.49 -25.59
C GLU C 54 -11.07 40.99 -25.52
N SER C 55 -12.33 41.40 -25.54
CA SER C 55 -12.69 42.81 -25.46
C SER C 55 -12.45 43.37 -24.07
N LEU C 56 -12.95 42.67 -23.05
CA LEU C 56 -12.74 43.08 -21.67
C LEU C 56 -11.26 43.17 -21.33
N GLU C 57 -10.45 42.31 -21.94
CA GLU C 57 -9.02 42.32 -21.68
C GLU C 57 -8.39 43.62 -22.18
N LEU C 58 -8.87 44.10 -23.32
CA LEU C 58 -8.40 45.37 -23.85
C LEU C 58 -8.63 46.46 -22.83
N GLY C 59 -9.83 46.48 -22.25
CA GLY C 59 -10.18 47.45 -21.22
C GLY C 59 -9.16 47.41 -20.11
N ARG C 60 -8.83 46.21 -19.64
CA ARG C 60 -7.88 46.04 -18.56
C ARG C 60 -6.50 46.54 -18.95
N LEU C 61 -6.05 46.17 -20.15
CA LEU C 61 -4.70 46.52 -20.60
C LEU C 61 -4.53 48.02 -20.72
N ALA C 62 -5.56 48.69 -21.20
CA ALA C 62 -5.49 50.12 -21.44
C ALA C 62 -5.33 50.87 -20.13
N ASN C 63 -5.86 50.30 -19.05
CA ASN C 63 -5.83 50.93 -17.74
C ASN C 63 -4.59 50.62 -16.91
N VAL C 64 -4.17 49.35 -16.90
CA VAL C 64 -2.98 48.96 -16.13
C VAL C 64 -1.67 49.28 -16.83
N ASN C 65 -1.77 49.68 -18.10
CA ASN C 65 -0.64 50.22 -18.82
C ASN C 65 -0.94 51.63 -19.30
N PRO C 66 -1.06 52.57 -18.35
CA PRO C 66 -1.48 53.94 -18.67
C PRO C 66 -0.47 54.62 -19.59
N PRO C 67 -0.89 55.69 -20.27
CA PRO C 67 -0.04 56.44 -21.21
C PRO C 67 1.18 57.04 -20.54
N GLU C 68 2.26 57.20 -21.30
CA GLU C 68 3.46 57.90 -20.84
C GLU C 68 3.56 59.26 -21.51
N LEU C 69 3.91 60.29 -20.74
CA LEU C 69 4.15 61.60 -21.32
C LEU C 69 5.58 61.69 -21.84
N LEU C 70 5.73 62.04 -23.11
CA LEU C 70 7.05 62.21 -23.71
C LEU C 70 7.30 63.67 -23.98
N ARG C 71 7.91 64.37 -23.01
CA ARG C 71 8.20 65.78 -23.18
C ARG C 71 9.40 66.02 -24.08
N TYR C 72 10.42 65.18 -23.95
CA TYR C 72 11.63 65.32 -24.74
C TYR C 72 11.98 64.01 -25.42
N ASP C 73 12.80 64.11 -26.47
CA ASP C 73 13.40 62.93 -27.07
C ASP C 73 14.79 62.69 -26.46
N ALA C 74 15.49 61.67 -26.95
CA ALA C 74 16.79 61.31 -26.40
C ALA C 74 17.88 62.33 -26.72
N GLN C 75 17.57 63.28 -27.61
CA GLN C 75 18.53 64.30 -28.02
C GLN C 75 18.36 65.62 -27.26
N GLY C 76 17.30 65.72 -26.47
CA GLY C 76 17.06 66.91 -25.67
C GLY C 76 16.17 67.93 -26.36
N ARG C 77 15.53 67.52 -27.45
CA ARG C 77 14.57 68.37 -28.14
C ARG C 77 13.14 68.09 -27.64
N ARG C 78 12.36 69.16 -27.56
CA ARG C 78 10.96 69.08 -27.16
C ARG C 78 10.18 68.14 -28.09
N LEU C 79 9.37 67.27 -27.49
CA LEU C 79 8.63 66.26 -28.25
C LEU C 79 7.13 66.46 -28.07
N ASP C 80 6.71 66.64 -26.82
CA ASP C 80 5.32 66.93 -26.49
C ASP C 80 4.35 65.90 -27.08
N ASP C 81 4.64 64.63 -26.88
CA ASP C 81 3.76 63.57 -27.38
C ASP C 81 3.39 62.60 -26.25
N VAL C 82 2.42 61.73 -26.51
CA VAL C 82 1.95 60.78 -25.52
C VAL C 82 1.90 59.39 -26.12
N ARG C 83 2.43 58.40 -25.40
CA ARG C 83 2.54 57.04 -25.94
C ARG C 83 1.61 56.05 -25.21
N PHE C 84 0.74 55.41 -25.96
CA PHE C 84 -0.27 54.52 -25.38
C PHE C 84 0.06 53.05 -25.59
N HIS C 85 -0.57 52.19 -24.77
CA HIS C 85 -0.55 50.76 -25.01
C HIS C 85 -1.44 50.46 -26.22
N PRO C 86 -1.03 49.48 -27.03
CA PRO C 86 -1.77 49.10 -28.24
C PRO C 86 -3.27 48.95 -27.98
N ALA C 87 -3.63 48.49 -26.79
CA ALA C 87 -5.01 48.25 -26.46
C ALA C 87 -5.81 49.55 -26.54
N TRP C 88 -5.19 50.66 -26.20
CA TRP C 88 -5.86 51.95 -26.27
C TRP C 88 -6.32 52.22 -27.69
N HIS C 89 -5.40 52.11 -28.63
CA HIS C 89 -5.70 52.37 -30.03
C HIS C 89 -6.77 51.41 -30.57
N LEU C 90 -6.73 50.16 -30.13
CA LEU C 90 -7.73 49.17 -30.54
C LEU C 90 -9.14 49.55 -30.08
N LEU C 91 -9.25 50.09 -28.87
CA LEU C 91 -10.52 50.57 -28.35
C LEU C 91 -11.01 51.75 -29.18
N MET C 92 -10.12 52.68 -29.48
CA MET C 92 -10.45 53.85 -30.30
C MET C 92 -10.98 53.46 -31.66
N GLN C 93 -10.31 52.52 -32.32
CA GLN C 93 -10.74 52.05 -33.63
C GLN C 93 -12.20 51.63 -33.60
N ALA C 94 -12.57 50.82 -32.61
CA ALA C 94 -13.92 50.29 -32.53
C ALA C 94 -14.94 51.39 -32.21
N LEU C 95 -14.54 52.32 -31.34
CA LEU C 95 -15.42 53.43 -30.98
C LEU C 95 -15.75 54.28 -32.20
N CYS C 96 -14.73 54.56 -33.01
CA CYS C 96 -14.91 55.36 -34.20
C CYS C 96 -15.60 54.57 -35.32
N THR C 97 -15.28 53.29 -35.43
CA THR C 97 -15.96 52.43 -36.38
C THR C 97 -17.46 52.39 -36.10
N ASN C 98 -17.81 52.37 -34.82
CA ASN C 98 -19.21 52.34 -34.40
C ASN C 98 -19.82 53.75 -34.33
N ARG C 99 -19.04 54.73 -34.76
CA ARG C 99 -19.49 56.11 -34.89
C ARG C 99 -20.06 56.69 -33.60
N VAL C 100 -19.54 56.23 -32.46
CA VAL C 100 -19.97 56.76 -31.18
C VAL C 100 -19.64 58.25 -31.08
N HIS C 101 -18.76 58.71 -31.96
CA HIS C 101 -18.31 60.09 -31.90
C HIS C 101 -19.05 61.03 -32.83
N ASN C 102 -19.74 60.48 -33.84
CA ASN C 102 -20.41 61.35 -34.81
C ASN C 102 -21.73 60.88 -35.42
N LEU C 103 -22.20 59.69 -35.07
CA LEU C 103 -23.39 59.12 -35.68
C LEU C 103 -24.51 60.14 -35.91
N ALA C 104 -24.75 60.98 -34.91
CA ALA C 104 -25.83 61.96 -34.97
C ALA C 104 -25.59 63.11 -35.95
N TRP C 105 -24.34 63.28 -36.38
CA TRP C 105 -23.96 64.45 -37.18
C TRP C 105 -23.71 64.14 -38.64
N GLU C 106 -23.92 62.89 -39.04
CA GLU C 106 -23.83 62.52 -40.45
C GLU C 106 -24.88 63.31 -41.24
N GLU C 107 -24.56 63.65 -42.49
CA GLU C 107 -25.44 64.49 -43.28
C GLU C 107 -26.80 63.85 -43.57
N ASP C 108 -26.83 62.52 -43.59
CA ASP C 108 -28.06 61.78 -43.86
C ASP C 108 -28.52 60.99 -42.64
N ALA C 109 -28.06 61.42 -41.46
CA ALA C 109 -28.43 60.76 -40.21
C ALA C 109 -29.95 60.70 -40.08
N ARG C 110 -30.48 59.51 -39.83
CA ARG C 110 -31.92 59.34 -39.77
C ARG C 110 -32.46 59.68 -38.39
N SER C 111 -33.78 59.62 -38.25
CA SER C 111 -34.43 59.94 -36.99
C SER C 111 -34.10 58.87 -35.95
N GLY C 112 -33.76 59.32 -34.74
CA GLY C 112 -33.42 58.42 -33.66
C GLY C 112 -31.92 58.22 -33.48
N ALA C 113 -31.14 58.89 -34.33
CA ALA C 113 -29.69 58.72 -34.33
C ALA C 113 -29.05 59.02 -32.96
N PHE C 114 -29.53 60.06 -32.27
CA PHE C 114 -29.00 60.40 -30.96
C PHE C 114 -29.28 59.29 -29.97
N VAL C 115 -30.49 58.73 -30.03
CA VAL C 115 -30.87 57.60 -29.20
C VAL C 115 -30.05 56.36 -29.52
N ALA C 116 -29.94 56.02 -30.80
CA ALA C 116 -29.13 54.88 -31.22
C ALA C 116 -27.71 55.04 -30.73
N ARG C 117 -27.15 56.22 -30.96
CA ARG C 117 -25.79 56.53 -30.59
C ARG C 117 -25.59 56.41 -29.10
N ALA C 118 -26.62 56.79 -28.33
CA ALA C 118 -26.56 56.67 -26.88
C ALA C 118 -26.46 55.21 -26.44
N ALA C 119 -27.19 54.33 -27.13
CA ALA C 119 -27.12 52.91 -26.84
C ALA C 119 -25.74 52.36 -27.18
N ARG C 120 -25.20 52.76 -28.33
CA ARG C 120 -23.87 52.29 -28.72
C ARG C 120 -22.88 52.70 -27.66
N PHE C 121 -22.99 53.96 -27.21
CA PHE C 121 -22.14 54.52 -26.17
C PHE C 121 -22.20 53.68 -24.88
N MET C 122 -23.42 53.44 -24.42
CA MET C 122 -23.65 52.70 -23.19
C MET C 122 -23.01 51.30 -23.19
N LEU C 123 -22.97 50.64 -24.34
CA LEU C 123 -22.33 49.33 -24.44
C LEU C 123 -20.82 49.45 -24.25
N HIS C 124 -20.19 50.30 -25.06
CA HIS C 124 -18.76 50.54 -24.93
C HIS C 124 -18.39 50.91 -23.48
N ALA C 125 -19.17 51.79 -22.88
CA ALA C 125 -18.86 52.27 -21.55
C ALA C 125 -18.70 51.14 -20.52
N GLN C 126 -19.38 50.02 -20.77
CA GLN C 126 -19.34 48.89 -19.84
C GLN C 126 -18.01 48.14 -19.93
N VAL C 127 -17.34 48.27 -21.07
CA VAL C 127 -16.04 47.66 -21.30
C VAL C 127 -14.89 48.52 -20.74
N GLU C 128 -14.81 49.75 -21.22
CA GLU C 128 -13.73 50.65 -20.82
C GLU C 128 -14.23 52.09 -20.84
N ALA C 129 -13.80 52.89 -19.87
CA ALA C 129 -14.36 54.23 -19.67
C ALA C 129 -13.44 55.37 -20.12
N GLY C 130 -12.14 55.20 -19.89
CA GLY C 130 -11.18 56.24 -20.25
C GLY C 130 -11.34 56.65 -21.71
N SER C 131 -11.46 55.65 -22.58
CA SER C 131 -11.55 55.85 -24.02
C SER C 131 -12.77 56.68 -24.42
N LEU C 132 -13.76 56.77 -23.53
CA LEU C 132 -14.97 57.54 -23.81
C LEU C 132 -14.72 59.03 -23.78
N CYS C 133 -13.63 59.45 -23.15
CA CYS C 133 -13.40 60.89 -22.96
C CYS C 133 -13.20 61.63 -24.29
N PRO C 134 -12.28 61.13 -25.12
CA PRO C 134 -12.10 61.77 -26.44
C PRO C 134 -13.37 61.66 -27.29
N ILE C 135 -14.08 60.56 -27.15
CA ILE C 135 -15.31 60.34 -27.90
C ILE C 135 -16.41 61.32 -27.49
N THR C 136 -16.58 61.49 -26.17
CA THR C 136 -17.56 62.41 -25.64
C THR C 136 -17.29 63.84 -26.10
N MET C 137 -16.03 64.23 -26.01
CA MET C 137 -15.64 65.59 -26.37
C MET C 137 -15.81 65.83 -27.87
N THR C 138 -15.29 64.91 -28.67
CA THR C 138 -15.45 65.00 -30.11
C THR C 138 -16.93 65.02 -30.53
N PHE C 139 -17.74 64.19 -29.88
CA PHE C 139 -19.15 64.13 -30.21
C PHE C 139 -19.84 65.46 -29.97
N ALA C 140 -19.47 66.14 -28.89
CA ALA C 140 -20.13 67.38 -28.49
C ALA C 140 -19.64 68.54 -29.33
N ALA C 141 -18.39 68.45 -29.78
CA ALA C 141 -17.76 69.57 -30.46
C ALA C 141 -18.02 69.55 -31.96
N THR C 142 -18.28 68.37 -32.51
CA THR C 142 -18.40 68.23 -33.96
C THR C 142 -19.44 69.15 -34.59
N PRO C 143 -20.67 69.17 -34.04
CA PRO C 143 -21.73 70.00 -34.62
C PRO C 143 -21.29 71.46 -34.68
N LEU C 144 -20.62 71.90 -33.63
CA LEU C 144 -20.11 73.26 -33.55
C LEU C 144 -19.08 73.56 -34.64
N LEU C 145 -18.04 72.73 -34.71
CA LEU C 145 -17.01 72.89 -35.72
C LEU C 145 -17.55 72.86 -37.16
N LEU C 146 -18.45 71.91 -37.44
CA LEU C 146 -18.94 71.75 -38.80
C LEU C 146 -19.46 73.05 -39.42
N GLN C 147 -19.95 73.96 -38.59
CA GLN C 147 -20.49 75.21 -39.10
C GLN C 147 -19.70 76.45 -38.70
N MET C 148 -18.57 76.26 -38.01
CA MET C 148 -17.76 77.39 -37.58
C MET C 148 -16.26 77.26 -37.93
N LEU C 149 -15.88 76.15 -38.55
CA LEU C 149 -14.50 75.96 -38.93
C LEU C 149 -13.93 77.18 -39.64
N PRO C 150 -12.81 77.71 -39.13
CA PRO C 150 -12.07 78.77 -39.83
C PRO C 150 -11.65 78.31 -41.22
N ALA C 151 -11.37 79.26 -42.10
CA ALA C 151 -11.04 78.96 -43.50
C ALA C 151 -9.92 77.94 -43.71
N PRO C 152 -8.80 78.09 -42.97
CA PRO C 152 -7.65 77.19 -43.19
C PRO C 152 -7.94 75.73 -42.87
N PHE C 153 -9.10 75.44 -42.28
CA PHE C 153 -9.39 74.10 -41.82
C PHE C 153 -10.73 73.58 -42.35
N GLN C 154 -11.18 74.07 -43.50
CA GLN C 154 -12.44 73.62 -44.09
C GLN C 154 -12.34 72.17 -44.52
N ASP C 155 -11.12 71.71 -44.80
CA ASP C 155 -10.88 70.34 -45.23
C ASP C 155 -10.91 69.36 -44.05
N TRP C 156 -11.35 69.83 -42.89
CA TRP C 156 -11.56 68.97 -41.72
C TRP C 156 -12.94 68.35 -41.74
N THR C 157 -13.84 68.92 -42.54
CA THR C 157 -15.22 68.44 -42.60
C THR C 157 -15.31 66.95 -42.92
N THR C 158 -14.58 66.50 -43.94
CA THR C 158 -14.66 65.10 -44.36
C THR C 158 -14.22 64.11 -43.27
N PRO C 159 -13.04 64.34 -42.66
CA PRO C 159 -12.55 63.48 -41.57
C PRO C 159 -13.46 63.54 -40.33
N LEU C 160 -14.02 64.70 -40.04
CA LEU C 160 -14.92 64.86 -38.89
C LEU C 160 -16.17 63.99 -39.01
N LEU C 161 -16.48 63.58 -40.22
CA LEU C 161 -17.68 62.79 -40.50
C LEU C 161 -17.36 61.34 -40.85
N SER C 162 -16.11 60.94 -40.65
CA SER C 162 -15.71 59.58 -40.98
C SER C 162 -15.89 58.59 -39.84
N ASP C 163 -15.60 57.32 -40.13
CA ASP C 163 -15.70 56.26 -39.14
C ASP C 163 -14.34 55.61 -38.89
N ARG C 164 -13.27 56.35 -39.19
CA ARG C 164 -11.91 55.81 -39.07
C ARG C 164 -11.14 56.52 -37.98
N TYR C 165 -10.60 55.75 -37.05
CA TYR C 165 -9.65 56.29 -36.07
C TYR C 165 -8.32 56.49 -36.78
N ASP C 166 -7.75 57.68 -36.62
CA ASP C 166 -6.45 57.99 -37.21
C ASP C 166 -5.52 58.58 -36.15
N SER C 167 -4.50 57.81 -35.78
CA SER C 167 -3.61 58.21 -34.70
C SER C 167 -2.31 58.82 -35.22
N HIS C 168 -2.23 59.01 -36.53
CA HIS C 168 -1.03 59.58 -37.15
C HIS C 168 -0.72 60.95 -36.60
N LEU C 169 0.56 61.18 -36.35
CA LEU C 169 1.02 62.46 -35.84
C LEU C 169 1.15 63.46 -37.01
N LEU C 170 0.01 63.87 -37.55
CA LEU C 170 -0.04 64.79 -38.68
C LEU C 170 -1.07 65.91 -38.47
N PRO C 171 -1.00 66.96 -39.29
CA PRO C 171 -2.04 67.99 -39.29
C PRO C 171 -3.40 67.35 -39.61
N GLY C 172 -4.46 67.88 -39.01
CA GLY C 172 -5.79 67.32 -39.16
C GLY C 172 -6.22 67.10 -40.59
N GLY C 173 -5.93 68.07 -41.46
CA GLY C 173 -6.36 68.02 -42.84
C GLY C 173 -5.87 66.80 -43.59
N GLN C 174 -4.74 66.25 -43.15
CA GLN C 174 -4.16 65.09 -43.82
C GLN C 174 -4.61 63.75 -43.22
N LYS C 175 -5.55 63.80 -42.29
CA LYS C 175 -5.95 62.59 -41.56
C LYS C 175 -7.33 62.09 -41.98
N ARG C 176 -7.59 60.82 -41.65
CA ARG C 176 -8.83 60.12 -42.01
C ARG C 176 -9.96 60.39 -41.01
N GLY C 177 -9.59 60.74 -39.79
CA GLY C 177 -10.53 60.98 -38.71
C GLY C 177 -9.90 61.84 -37.63
N LEU C 178 -10.73 62.54 -36.87
CA LEU C 178 -10.21 63.52 -35.90
C LEU C 178 -10.74 63.34 -34.48
N LEU C 179 -10.02 63.92 -33.53
CA LEU C 179 -10.48 64.00 -32.15
C LEU C 179 -10.39 65.45 -31.64
N ILE C 180 -11.48 65.94 -31.04
CA ILE C 180 -11.49 67.31 -30.50
C ILE C 180 -11.57 67.34 -28.98
N GLY C 181 -10.66 68.10 -28.37
CA GLY C 181 -10.61 68.23 -26.91
C GLY C 181 -11.14 69.57 -26.41
N MET C 182 -11.11 69.75 -25.09
CA MET C 182 -11.66 70.97 -24.49
C MET C 182 -10.80 71.50 -23.34
N GLY C 183 -10.34 72.75 -23.48
CA GLY C 183 -9.46 73.35 -22.49
C GLY C 183 -10.10 74.54 -21.79
N MET C 184 -10.76 74.27 -20.67
CA MET C 184 -11.42 75.32 -19.92
C MET C 184 -10.78 75.55 -18.55
N THR C 185 -10.77 74.49 -17.75
CA THR C 185 -10.31 74.56 -16.36
C THR C 185 -8.89 75.11 -16.22
N GLU C 186 -8.73 76.04 -15.28
CA GLU C 186 -7.42 76.54 -14.91
C GLU C 186 -7.21 76.30 -13.41
N LYS C 187 -6.01 76.63 -12.92
CA LYS C 187 -5.66 76.40 -11.52
C LYS C 187 -6.55 77.19 -10.55
N GLN C 188 -7.00 78.37 -10.96
CA GLN C 188 -7.82 79.22 -10.11
C GLN C 188 -9.30 78.85 -10.12
N GLY C 189 -9.73 78.08 -11.12
CA GLY C 189 -11.13 77.70 -11.18
C GLY C 189 -11.51 76.82 -12.36
N GLY C 190 -12.48 75.93 -12.11
CA GLY C 190 -13.03 75.07 -13.13
C GLY C 190 -14.49 75.38 -13.38
N SER C 191 -15.26 75.54 -12.29
CA SER C 191 -16.67 75.89 -12.37
C SER C 191 -16.81 77.35 -12.81
N ASP C 192 -16.02 78.20 -12.19
CA ASP C 192 -16.02 79.63 -12.49
C ASP C 192 -14.97 79.94 -13.55
N VAL C 193 -15.33 79.76 -14.82
CA VAL C 193 -14.39 79.95 -15.92
C VAL C 193 -14.13 81.43 -16.22
N MET C 194 -14.96 82.29 -15.67
CA MET C 194 -14.82 83.73 -15.86
C MET C 194 -13.48 84.21 -15.28
N SER C 195 -12.89 83.37 -14.41
CA SER C 195 -11.63 83.67 -13.73
C SER C 195 -10.39 83.25 -14.52
N ASN C 196 -10.60 82.68 -15.71
CA ASN C 196 -9.49 82.33 -16.61
C ASN C 196 -8.54 83.51 -16.77
N THR C 197 -7.24 83.22 -16.88
CA THR C 197 -6.24 84.26 -17.12
C THR C 197 -5.41 83.98 -18.35
N THR C 198 -5.84 82.99 -19.12
CA THR C 198 -5.23 82.72 -20.42
C THR C 198 -5.68 83.82 -21.37
N ARG C 199 -4.72 84.59 -21.88
CA ARG C 199 -5.06 85.74 -22.71
C ARG C 199 -4.74 85.50 -24.19
N ALA C 200 -5.55 86.11 -25.05
CA ALA C 200 -5.36 86.00 -26.49
C ALA C 200 -5.24 87.39 -27.13
N GLU C 201 -4.10 87.62 -27.78
CA GLU C 201 -3.86 88.85 -28.53
C GLU C 201 -4.02 88.58 -30.01
N ARG C 202 -4.85 89.39 -30.67
CA ARG C 202 -5.15 89.18 -32.09
C ARG C 202 -3.90 89.23 -32.96
N LEU C 203 -3.61 88.14 -33.66
CA LEU C 203 -2.50 88.10 -34.60
C LEU C 203 -2.98 88.57 -35.98
N GLU C 204 -2.09 88.52 -36.97
CA GLU C 204 -2.40 89.02 -38.30
C GLU C 204 -3.71 88.47 -38.86
N ASP C 205 -3.64 87.32 -39.53
CA ASP C 205 -4.73 86.81 -40.36
C ASP C 205 -6.09 86.59 -39.70
N GLY C 206 -6.28 87.12 -38.49
CA GLY C 206 -7.51 86.90 -37.75
C GLY C 206 -7.34 85.83 -36.69
N SER C 207 -6.16 85.21 -36.70
CA SER C 207 -5.76 84.29 -35.64
C SER C 207 -5.33 85.08 -34.40
N TYR C 208 -5.12 84.38 -33.30
CA TYR C 208 -4.70 85.03 -32.07
C TYR C 208 -3.46 84.35 -31.49
N ARG C 209 -2.72 85.09 -30.66
CA ARG C 209 -1.64 84.51 -29.89
C ARG C 209 -2.18 84.18 -28.51
N LEU C 210 -2.04 82.93 -28.09
CA LEU C 210 -2.48 82.54 -26.76
C LEU C 210 -1.30 82.32 -25.84
N VAL C 211 -1.39 82.91 -24.66
CA VAL C 211 -0.41 82.72 -23.60
C VAL C 211 -1.19 82.44 -22.32
N GLY C 212 -0.86 81.33 -21.66
CA GLY C 212 -1.55 80.94 -20.45
C GLY C 212 -1.30 79.48 -20.12
N HIS C 213 -2.31 78.84 -19.52
CA HIS C 213 -2.18 77.46 -19.09
C HIS C 213 -3.55 76.82 -18.94
N LYS C 214 -3.58 75.49 -19.00
CA LYS C 214 -4.77 74.74 -18.61
C LYS C 214 -4.40 73.65 -17.60
N TRP C 215 -5.20 73.57 -16.54
CA TRP C 215 -4.92 72.76 -15.36
C TRP C 215 -5.23 71.29 -15.62
N PHE C 216 -6.39 71.06 -16.23
CA PHE C 216 -6.78 69.72 -16.67
C PHE C 216 -7.04 69.77 -18.18
N PHE C 217 -6.20 69.09 -18.93
CA PHE C 217 -6.21 69.17 -20.38
C PHE C 217 -6.18 67.74 -20.92
N SER C 218 -7.37 67.13 -21.00
CA SER C 218 -7.48 65.74 -21.41
C SER C 218 -7.28 65.53 -22.92
N VAL C 219 -6.79 64.36 -23.25
CA VAL C 219 -6.53 64.00 -24.64
C VAL C 219 -5.67 65.06 -25.32
N PRO C 220 -4.45 65.27 -24.83
CA PRO C 220 -3.56 66.25 -25.45
C PRO C 220 -3.25 65.86 -26.89
N GLN C 221 -3.41 64.58 -27.20
CA GLN C 221 -3.15 64.09 -28.55
C GLN C 221 -4.29 64.40 -29.51
N SER C 222 -5.30 65.12 -29.01
CA SER C 222 -6.40 65.58 -29.86
C SER C 222 -5.83 66.36 -31.04
N ASP C 223 -6.56 66.38 -32.14
CA ASP C 223 -6.12 67.15 -33.31
C ASP C 223 -6.37 68.65 -33.13
N ALA C 224 -7.27 68.99 -32.22
CA ALA C 224 -7.49 70.37 -31.85
C ALA C 224 -8.20 70.44 -30.51
N HIS C 225 -8.04 71.55 -29.81
CA HIS C 225 -8.82 71.78 -28.59
C HIS C 225 -9.59 73.09 -28.70
N LEU C 226 -10.84 73.08 -28.28
CA LEU C 226 -11.57 74.31 -28.10
C LEU C 226 -11.14 74.90 -26.75
N VAL C 227 -10.49 76.07 -26.79
CA VAL C 227 -9.90 76.66 -25.60
C VAL C 227 -10.53 78.01 -25.26
N LEU C 228 -10.79 78.25 -23.98
CA LEU C 228 -11.27 79.55 -23.53
C LEU C 228 -10.09 80.45 -23.16
N ALA C 229 -10.11 81.68 -23.66
CA ALA C 229 -9.08 82.67 -23.34
C ALA C 229 -9.65 84.09 -23.27
N GLN C 230 -9.06 84.95 -22.44
CA GLN C 230 -9.50 86.33 -22.32
C GLN C 230 -9.02 87.15 -23.50
N THR C 231 -9.90 88.01 -24.02
CA THR C 231 -9.51 88.99 -25.01
C THR C 231 -9.97 90.34 -24.52
N ALA C 232 -9.62 91.39 -25.27
CA ALA C 232 -10.02 92.74 -24.92
C ALA C 232 -11.55 92.86 -24.91
N GLY C 233 -12.20 92.03 -25.73
CA GLY C 233 -13.64 92.03 -25.85
C GLY C 233 -14.35 91.12 -24.85
N GLY C 234 -13.57 90.34 -24.10
CA GLY C 234 -14.13 89.45 -23.10
C GLY C 234 -13.72 88.02 -23.31
N LEU C 235 -14.29 87.12 -22.50
CA LEU C 235 -13.92 85.71 -22.54
C LEU C 235 -14.42 85.05 -23.82
N SER C 236 -13.49 84.57 -24.63
CA SER C 236 -13.82 84.00 -25.93
C SER C 236 -13.44 82.53 -26.05
N CYS C 237 -13.90 81.90 -27.13
CA CYS C 237 -13.59 80.50 -27.38
C CYS C 237 -12.73 80.36 -28.63
N PHE C 238 -11.64 79.59 -28.51
CA PHE C 238 -10.70 79.48 -29.61
C PHE C 238 -10.50 78.05 -30.11
N PHE C 239 -10.39 77.93 -31.43
CA PHE C 239 -10.01 76.67 -32.06
C PHE C 239 -8.49 76.63 -32.10
N VAL C 240 -7.90 75.80 -31.25
CA VAL C 240 -6.45 75.71 -31.19
C VAL C 240 -5.96 74.36 -31.70
N PRO C 241 -5.59 74.29 -32.99
CA PRO C 241 -5.16 73.03 -33.60
C PRO C 241 -3.83 72.58 -33.07
N ARG C 242 -3.56 71.28 -33.12
CA ARG C 242 -2.29 70.74 -32.65
C ARG C 242 -1.16 71.06 -33.62
N PHE C 243 -1.48 71.04 -34.90
CA PHE C 243 -0.54 71.46 -35.94
C PHE C 243 -1.05 72.72 -36.63
N LEU C 244 -0.15 73.64 -36.93
CA LEU C 244 -0.50 74.82 -37.71
C LEU C 244 -0.68 74.44 -39.18
N PRO C 245 -1.35 75.31 -39.95
CA PRO C 245 -1.59 75.02 -41.36
C PRO C 245 -0.32 74.60 -42.11
N ASP C 246 0.78 75.30 -41.86
CA ASP C 246 2.05 75.04 -42.54
C ASP C 246 2.75 73.76 -42.09
N GLY C 247 2.09 72.99 -41.23
CA GLY C 247 2.61 71.70 -40.82
C GLY C 247 3.47 71.72 -39.56
N GLN C 248 3.74 72.91 -39.05
CA GLN C 248 4.52 73.04 -37.82
C GLN C 248 3.68 72.74 -36.59
N ARG C 249 4.34 72.35 -35.51
CA ARG C 249 3.63 72.04 -34.27
C ARG C 249 3.28 73.32 -33.50
N ASN C 250 2.02 73.44 -33.12
CA ASN C 250 1.56 74.60 -32.36
C ASN C 250 2.31 74.71 -31.02
N ALA C 251 2.35 75.92 -30.46
CA ALA C 251 3.15 76.18 -29.27
C ALA C 251 2.43 75.77 -27.97
N ILE C 252 1.91 74.55 -27.95
CA ILE C 252 1.30 74.00 -26.74
C ILE C 252 2.31 73.09 -26.05
N ARG C 253 2.61 73.42 -24.79
CA ARG C 253 3.67 72.73 -24.05
C ARG C 253 3.09 71.80 -22.99
N LEU C 254 3.30 70.49 -23.14
CA LEU C 254 2.81 69.51 -22.16
C LEU C 254 3.77 69.38 -20.98
N GLU C 255 3.34 69.83 -19.81
CA GLU C 255 4.21 69.88 -18.64
C GLU C 255 4.12 68.66 -17.72
N ARG C 256 2.92 68.15 -17.50
CA ARG C 256 2.72 67.14 -16.47
C ARG C 256 1.51 66.28 -16.77
N LEU C 257 1.64 64.98 -16.52
CA LEU C 257 0.54 64.05 -16.69
C LEU C 257 -0.11 63.78 -15.34
N LYS C 258 -1.42 63.95 -15.24
CA LYS C 258 -2.14 63.69 -13.99
C LYS C 258 -1.98 62.24 -13.58
N ASP C 259 -1.82 62.02 -12.28
CA ASP C 259 -1.77 60.66 -11.73
C ASP C 259 -3.10 60.41 -11.01
N LYS C 260 -4.04 59.79 -11.72
CA LYS C 260 -5.44 59.80 -11.31
C LYS C 260 -5.91 58.56 -10.54
N LEU C 261 -6.95 58.76 -9.74
CA LEU C 261 -7.57 57.68 -8.98
C LEU C 261 -8.11 56.63 -9.94
N GLY C 262 -8.82 57.09 -10.95
CA GLY C 262 -9.33 56.22 -11.99
C GLY C 262 -9.20 56.93 -13.32
N ASN C 263 -9.89 56.45 -14.35
CA ASN C 263 -9.83 57.09 -15.66
C ASN C 263 -8.39 57.05 -16.17
N ARG C 264 -7.65 56.05 -15.70
CA ARG C 264 -6.20 56.04 -15.88
C ARG C 264 -5.74 55.79 -17.32
N SER C 265 -6.59 55.14 -18.10
CA SER C 265 -6.26 54.84 -19.50
C SER C 265 -6.21 56.12 -20.34
N ASN C 266 -6.88 57.15 -19.84
CA ASN C 266 -6.99 58.44 -20.52
C ASN C 266 -5.90 59.39 -20.07
N ALA C 267 -5.24 60.04 -21.02
CA ALA C 267 -4.21 61.02 -20.70
C ALA C 267 -4.80 62.39 -20.38
N SER C 268 -4.56 62.86 -19.15
CA SER C 268 -4.95 64.21 -18.75
C SER C 268 -3.71 65.01 -18.39
N CYS C 269 -3.51 66.14 -19.07
CA CYS C 269 -2.28 66.91 -18.92
C CYS C 269 -2.45 68.27 -18.25
N GLU C 270 -1.33 68.78 -17.74
CA GLU C 270 -1.22 70.19 -17.38
C GLU C 270 -0.41 70.81 -18.49
N VAL C 271 -1.02 71.75 -19.22
CA VAL C 271 -0.34 72.35 -20.36
C VAL C 271 -0.17 73.85 -20.20
N GLU C 272 0.79 74.40 -20.94
CA GLU C 272 0.99 75.84 -20.96
C GLU C 272 1.08 76.29 -22.41
N PHE C 273 0.51 77.46 -22.70
CA PHE C 273 0.55 78.03 -24.05
C PHE C 273 1.64 79.06 -24.15
N GLN C 274 2.58 78.83 -25.05
CA GLN C 274 3.67 79.76 -25.28
C GLN C 274 3.52 80.43 -26.66
N ASP C 275 2.60 81.39 -26.72
CA ASP C 275 2.29 82.08 -27.96
C ASP C 275 1.76 81.07 -28.97
N ALA C 276 0.84 80.22 -28.52
CA ALA C 276 0.21 79.26 -29.41
C ALA C 276 -0.82 79.98 -30.25
N ILE C 277 -1.05 79.50 -31.48
CA ILE C 277 -2.00 80.15 -32.38
C ILE C 277 -3.41 79.59 -32.23
N GLY C 278 -4.39 80.48 -32.08
CA GLY C 278 -5.78 80.07 -31.97
C GLY C 278 -6.64 80.84 -32.94
N TRP C 279 -7.75 80.24 -33.36
CA TRP C 279 -8.68 80.92 -34.26
C TRP C 279 -10.00 81.20 -33.55
N LEU C 280 -10.43 82.45 -33.57
CA LEU C 280 -11.63 82.84 -32.84
C LEU C 280 -12.90 82.20 -33.41
N LEU C 281 -13.63 81.49 -32.56
CA LEU C 281 -14.94 80.94 -32.91
C LEU C 281 -16.02 81.88 -32.38
N GLY C 282 -16.88 82.37 -33.28
CA GLY C 282 -17.92 83.29 -32.89
C GLY C 282 -17.36 84.69 -32.65
N LEU C 283 -17.84 85.34 -31.61
CA LEU C 283 -17.43 86.71 -31.30
C LEU C 283 -16.65 86.80 -30.00
N GLU C 284 -15.76 87.78 -29.90
CA GLU C 284 -15.07 88.04 -28.65
C GLU C 284 -16.10 88.23 -27.55
N GLY C 285 -15.95 87.49 -26.46
CA GLY C 285 -16.87 87.58 -25.34
C GLY C 285 -18.02 86.58 -25.40
N GLU C 286 -18.14 85.90 -26.54
CA GLU C 286 -19.19 84.91 -26.73
C GLU C 286 -18.70 83.52 -26.35
N GLY C 287 -17.57 83.48 -25.64
CA GLY C 287 -16.93 82.23 -25.25
C GLY C 287 -17.81 81.29 -24.43
N ILE C 288 -18.31 81.78 -23.30
CA ILE C 288 -19.15 80.96 -22.43
C ILE C 288 -20.42 80.48 -23.12
N ARG C 289 -20.98 81.30 -24.01
CA ARG C 289 -22.20 80.95 -24.72
C ARG C 289 -21.97 79.71 -25.59
N LEU C 290 -20.80 79.64 -26.23
CA LEU C 290 -20.47 78.52 -27.10
C LEU C 290 -20.31 77.20 -26.35
N ILE C 291 -19.45 77.19 -25.34
CA ILE C 291 -19.19 75.96 -24.60
C ILE C 291 -20.41 75.51 -23.81
N LEU C 292 -21.43 76.35 -23.72
CA LEU C 292 -22.66 75.98 -23.03
C LEU C 292 -23.53 75.09 -23.92
N LYS C 293 -23.43 75.33 -25.23
CA LYS C 293 -24.09 74.49 -26.22
C LYS C 293 -23.57 73.05 -26.11
N MET C 294 -22.25 72.92 -26.08
CA MET C 294 -21.60 71.60 -26.05
C MET C 294 -21.74 70.92 -24.69
N GLY C 295 -21.78 71.70 -23.63
CA GLY C 295 -21.92 71.18 -22.29
C GLY C 295 -23.12 70.27 -22.12
N GLY C 296 -24.26 70.69 -22.66
CA GLY C 296 -25.46 69.88 -22.61
C GLY C 296 -25.19 68.44 -22.99
N MET C 297 -24.49 68.25 -24.11
CA MET C 297 -24.24 66.91 -24.62
C MET C 297 -23.22 66.12 -23.79
N THR C 298 -22.17 66.77 -23.31
CA THR C 298 -21.16 66.06 -22.51
C THR C 298 -21.72 65.65 -21.16
N ARG C 299 -22.58 66.50 -20.60
CA ARG C 299 -23.24 66.18 -19.33
C ARG C 299 -24.07 64.92 -19.49
N PHE C 300 -24.81 64.84 -20.59
CA PHE C 300 -25.60 63.64 -20.88
C PHE C 300 -24.70 62.42 -20.91
N ASP C 301 -23.52 62.57 -21.49
CA ASP C 301 -22.57 61.46 -21.60
C ASP C 301 -22.09 61.03 -20.21
N CYS C 302 -21.92 62.00 -19.32
CA CYS C 302 -21.51 61.69 -17.96
C CYS C 302 -22.59 60.85 -17.28
N ALA C 303 -23.84 61.26 -17.42
CA ALA C 303 -24.94 60.55 -16.79
C ALA C 303 -25.05 59.16 -17.38
N LEU C 304 -25.02 59.07 -18.71
CA LEU C 304 -25.08 57.79 -19.39
C LEU C 304 -23.91 56.89 -19.02
N GLY C 305 -22.71 57.46 -18.99
CA GLY C 305 -21.53 56.71 -18.63
C GLY C 305 -21.58 56.12 -17.23
N SER C 306 -22.02 56.92 -16.26
CA SER C 306 -22.17 56.41 -14.90
C SER C 306 -23.21 55.30 -14.89
N HIS C 307 -24.29 55.50 -15.65
CA HIS C 307 -25.33 54.49 -15.74
C HIS C 307 -24.81 53.19 -16.33
N ALA C 308 -24.01 53.31 -17.38
CA ALA C 308 -23.44 52.14 -18.03
C ALA C 308 -22.60 51.36 -17.05
N MET C 309 -21.76 52.05 -16.29
CA MET C 309 -20.88 51.38 -15.34
C MET C 309 -21.69 50.73 -14.20
N MET C 310 -22.76 51.38 -13.80
CA MET C 310 -23.65 50.80 -12.81
C MET C 310 -24.24 49.49 -13.36
N ARG C 311 -24.68 49.54 -14.60
CA ARG C 311 -25.27 48.38 -15.26
C ARG C 311 -24.29 47.21 -15.31
N ARG C 312 -23.05 47.50 -15.69
CA ARG C 312 -22.03 46.47 -15.75
C ARG C 312 -21.80 45.88 -14.36
N ALA C 313 -21.53 46.74 -13.38
CA ALA C 313 -21.33 46.29 -12.01
C ALA C 313 -22.46 45.39 -11.54
N PHE C 314 -23.69 45.78 -11.86
CA PHE C 314 -24.86 44.98 -11.50
C PHE C 314 -24.83 43.62 -12.20
N SER C 315 -24.49 43.61 -13.48
CA SER C 315 -24.42 42.36 -14.23
C SER C 315 -23.45 41.39 -13.61
N LEU C 316 -22.28 41.89 -13.23
CA LEU C 316 -21.28 41.07 -12.57
C LEU C 316 -21.83 40.53 -11.26
N ALA C 317 -22.52 41.38 -10.51
CA ALA C 317 -23.05 41.02 -9.21
C ALA C 317 -24.11 39.91 -9.27
N ILE C 318 -25.10 40.03 -10.15
CA ILE C 318 -26.14 39.02 -10.23
C ILE C 318 -25.60 37.71 -10.78
N TYR C 319 -24.67 37.80 -11.72
CA TYR C 319 -24.06 36.60 -12.28
C TYR C 319 -23.31 35.84 -11.19
N HIS C 320 -22.60 36.59 -10.35
CA HIS C 320 -21.88 36.01 -9.21
C HIS C 320 -22.86 35.44 -8.19
N ALA C 321 -23.86 36.23 -7.83
CA ALA C 321 -24.80 35.85 -6.78
C ALA C 321 -25.63 34.62 -7.15
N HIS C 322 -25.80 34.38 -8.44
CA HIS C 322 -26.54 33.23 -8.90
C HIS C 322 -25.76 31.94 -8.65
N GLN C 323 -24.44 32.02 -8.74
CA GLN C 323 -23.60 30.83 -8.63
C GLN C 323 -23.09 30.60 -7.22
N ARG C 324 -22.73 31.69 -6.53
CA ARG C 324 -22.15 31.59 -5.20
C ARG C 324 -23.16 31.08 -4.20
N HIS C 325 -22.77 30.07 -3.43
CA HIS C 325 -23.62 29.53 -2.38
C HIS C 325 -23.16 30.01 -1.01
N VAL C 326 -24.13 30.38 -0.17
CA VAL C 326 -23.86 30.69 1.22
C VAL C 326 -24.93 30.05 2.10
N PHE C 327 -24.50 29.35 3.14
CA PHE C 327 -25.42 28.71 4.07
C PHE C 327 -26.38 27.77 3.35
N GLY C 328 -25.86 27.02 2.38
CA GLY C 328 -26.62 25.98 1.72
C GLY C 328 -27.44 26.38 0.51
N ASN C 329 -27.56 27.67 0.25
CA ASN C 329 -28.36 28.16 -0.88
C ASN C 329 -27.64 29.16 -1.75
N PRO C 330 -28.08 29.28 -3.02
CA PRO C 330 -27.55 30.31 -3.90
C PRO C 330 -27.69 31.69 -3.26
N LEU C 331 -26.62 32.46 -3.27
CA LEU C 331 -26.63 33.78 -2.64
C LEU C 331 -27.83 34.61 -3.09
N ILE C 332 -28.18 34.51 -4.36
CA ILE C 332 -29.27 35.30 -4.93
C ILE C 332 -30.66 34.88 -4.41
N GLN C 333 -30.73 33.72 -3.76
CA GLN C 333 -31.97 33.24 -3.17
C GLN C 333 -32.15 33.75 -1.74
N GLN C 334 -31.06 34.19 -1.12
CA GLN C 334 -31.13 34.71 0.23
C GLN C 334 -32.00 35.97 0.27
N PRO C 335 -33.05 35.94 1.09
CA PRO C 335 -34.05 37.01 1.21
C PRO C 335 -33.47 38.42 1.21
N LEU C 336 -32.55 38.71 2.12
CA LEU C 336 -31.98 40.05 2.22
C LEU C 336 -31.19 40.44 0.96
N MET C 337 -30.41 39.52 0.42
CA MET C 337 -29.65 39.80 -0.80
C MET C 337 -30.58 40.02 -1.98
N ARG C 338 -31.55 39.12 -2.13
CA ARG C 338 -32.50 39.21 -3.24
C ARG C 338 -33.23 40.55 -3.20
N HIS C 339 -33.42 41.06 -1.99
CA HIS C 339 -34.09 42.34 -1.77
C HIS C 339 -33.21 43.51 -2.26
N VAL C 340 -31.95 43.49 -1.84
CA VAL C 340 -31.00 44.51 -2.24
C VAL C 340 -30.84 44.53 -3.76
N LEU C 341 -30.64 43.34 -4.33
CA LEU C 341 -30.44 43.22 -5.76
C LEU C 341 -31.67 43.72 -6.55
N SER C 342 -32.85 43.47 -6.01
CA SER C 342 -34.08 43.88 -6.69
C SER C 342 -34.22 45.39 -6.70
N ARG C 343 -33.86 46.03 -5.60
CA ARG C 343 -33.88 47.48 -5.51
C ARG C 343 -32.85 48.08 -6.48
N MET C 344 -31.71 47.41 -6.62
CA MET C 344 -30.69 47.87 -7.55
C MET C 344 -31.16 47.76 -8.99
N ALA C 345 -31.84 46.66 -9.32
CA ALA C 345 -32.39 46.49 -10.66
C ALA C 345 -33.43 47.57 -10.95
N LEU C 346 -34.26 47.82 -9.94
CA LEU C 346 -35.30 48.82 -10.03
C LEU C 346 -34.70 50.20 -10.31
N GLN C 347 -33.53 50.44 -9.73
CA GLN C 347 -32.83 51.69 -9.91
C GLN C 347 -32.45 51.87 -11.36
N LEU C 348 -31.90 50.80 -11.95
CA LEU C 348 -31.45 50.83 -13.33
C LEU C 348 -32.61 50.94 -14.32
N GLU C 349 -33.75 50.33 -14.00
CA GLU C 349 -34.94 50.43 -14.85
C GLU C 349 -35.33 51.90 -15.01
N GLY C 350 -35.41 52.61 -13.90
CA GLY C 350 -35.76 54.02 -13.91
C GLY C 350 -34.77 54.86 -14.67
N GLN C 351 -33.48 54.65 -14.41
CA GLN C 351 -32.42 55.37 -15.10
C GLN C 351 -32.44 55.10 -16.60
N THR C 352 -32.61 53.84 -16.97
CA THR C 352 -32.71 53.49 -18.37
C THR C 352 -33.84 54.29 -19.03
N ALA C 353 -35.00 54.26 -18.39
CA ALA C 353 -36.18 54.94 -18.90
C ALA C 353 -35.96 56.44 -19.08
N LEU C 354 -35.42 57.08 -18.04
CA LEU C 354 -35.19 58.52 -18.02
C LEU C 354 -34.11 58.92 -19.02
N LEU C 355 -32.99 58.20 -19.01
CA LEU C 355 -31.87 58.55 -19.85
C LEU C 355 -32.21 58.50 -21.33
N PHE C 356 -32.96 57.48 -21.73
CA PHE C 356 -33.29 57.32 -23.14
C PHE C 356 -34.48 58.15 -23.58
N ARG C 357 -35.31 58.53 -22.62
CA ARG C 357 -36.33 59.55 -22.86
C ARG C 357 -35.61 60.88 -23.10
N LEU C 358 -34.58 61.12 -22.30
CA LEU C 358 -33.77 62.33 -22.45
C LEU C 358 -33.07 62.33 -23.80
N ALA C 359 -32.56 61.17 -24.22
CA ALA C 359 -31.94 61.03 -25.53
C ALA C 359 -32.93 61.39 -26.63
N ARG C 360 -34.18 60.98 -26.47
CA ARG C 360 -35.19 61.30 -27.47
C ARG C 360 -35.37 62.81 -27.55
N ALA C 361 -35.37 63.47 -26.40
CA ALA C 361 -35.51 64.91 -26.35
C ALA C 361 -34.41 65.57 -27.17
N TRP C 362 -33.18 65.10 -26.98
CA TRP C 362 -32.06 65.63 -27.75
C TRP C 362 -32.22 65.37 -29.25
N ASP C 363 -32.80 64.23 -29.59
CA ASP C 363 -32.97 63.88 -30.99
C ASP C 363 -34.01 64.78 -31.65
N ARG C 364 -34.93 65.30 -30.84
CA ARG C 364 -36.04 66.12 -31.31
C ARG C 364 -35.91 67.56 -30.82
N ARG C 365 -34.67 68.01 -30.64
CA ARG C 365 -34.41 69.33 -30.08
C ARG C 365 -34.99 70.49 -30.91
N ALA C 366 -35.38 70.20 -32.14
CA ALA C 366 -36.02 71.21 -32.99
C ALA C 366 -37.35 71.63 -32.39
N ASP C 367 -37.96 70.73 -31.64
CA ASP C 367 -39.19 71.01 -30.91
C ASP C 367 -38.85 71.73 -29.60
N ALA C 368 -39.36 72.95 -29.44
CA ALA C 368 -39.06 73.76 -28.26
C ALA C 368 -39.35 73.03 -26.94
N LYS C 369 -40.45 72.29 -26.89
CA LYS C 369 -40.84 71.56 -25.69
C LYS C 369 -39.83 70.46 -25.37
N GLU C 370 -39.30 69.79 -26.39
CA GLU C 370 -38.32 68.73 -26.20
C GLU C 370 -36.98 69.32 -25.75
N ALA C 371 -36.58 70.41 -26.41
CA ALA C 371 -35.33 71.06 -26.07
C ALA C 371 -35.32 71.57 -24.63
N LEU C 372 -36.47 72.04 -24.18
CA LEU C 372 -36.63 72.51 -22.81
C LEU C 372 -36.59 71.34 -21.83
N TRP C 373 -37.23 70.23 -22.22
CA TRP C 373 -37.17 69.03 -21.40
C TRP C 373 -35.72 68.59 -21.21
N ALA C 374 -34.94 68.65 -22.29
CA ALA C 374 -33.54 68.24 -22.23
C ALA C 374 -32.75 69.22 -21.40
N ARG C 375 -33.00 70.50 -21.62
CA ARG C 375 -32.29 71.56 -20.92
C ARG C 375 -32.46 71.41 -19.40
N LEU C 376 -33.59 70.84 -19.00
CA LEU C 376 -33.93 70.72 -17.58
C LEU C 376 -33.40 69.43 -16.96
N PHE C 377 -33.66 68.30 -17.61
CA PHE C 377 -33.36 67.00 -17.02
C PHE C 377 -31.92 66.49 -17.22
N THR C 378 -31.22 67.07 -18.19
CA THR C 378 -29.82 66.70 -18.38
C THR C 378 -28.99 66.97 -17.13
N PRO C 379 -28.97 68.23 -16.65
CA PRO C 379 -28.21 68.53 -15.43
C PRO C 379 -28.70 67.68 -14.25
N ALA C 380 -30.02 67.53 -14.13
CA ALA C 380 -30.60 66.73 -13.05
C ALA C 380 -30.12 65.28 -13.11
N ALA C 381 -30.22 64.67 -14.28
CA ALA C 381 -29.79 63.29 -14.44
C ALA C 381 -28.29 63.14 -14.14
N LYS C 382 -27.49 64.11 -14.55
CA LYS C 382 -26.05 64.04 -14.30
C LYS C 382 -25.80 64.08 -12.80
N PHE C 383 -26.47 64.99 -12.11
CA PHE C 383 -26.27 65.13 -10.67
C PHE C 383 -26.64 63.85 -9.93
N VAL C 384 -27.87 63.39 -10.10
CA VAL C 384 -28.36 62.22 -9.37
C VAL C 384 -27.62 60.94 -9.76
N ILE C 385 -27.67 60.57 -11.03
CA ILE C 385 -27.09 59.30 -11.47
C ILE C 385 -25.59 59.19 -11.15
N CYS C 386 -24.84 60.27 -11.38
CA CYS C 386 -23.39 60.27 -11.13
C CYS C 386 -23.06 60.22 -9.64
N LYS C 387 -23.99 60.69 -8.81
CA LYS C 387 -23.86 60.61 -7.37
C LYS C 387 -24.12 59.17 -6.89
N ARG C 388 -25.17 58.57 -7.42
CA ARG C 388 -25.54 57.20 -7.11
C ARG C 388 -24.45 56.18 -7.47
N GLY C 389 -23.69 56.48 -8.52
CA GLY C 389 -22.71 55.55 -9.03
C GLY C 389 -21.82 54.96 -7.95
N MET C 390 -21.30 55.83 -7.08
CA MET C 390 -20.37 55.40 -6.04
C MET C 390 -20.99 54.36 -5.09
N PRO C 391 -22.04 54.73 -4.35
CA PRO C 391 -22.66 53.78 -3.43
C PRO C 391 -23.11 52.51 -4.15
N PHE C 392 -23.61 52.69 -5.37
CA PHE C 392 -24.16 51.58 -6.15
C PHE C 392 -23.08 50.55 -6.52
N VAL C 393 -21.99 51.05 -7.09
CA VAL C 393 -20.91 50.15 -7.49
C VAL C 393 -20.28 49.51 -6.26
N ALA C 394 -20.14 50.30 -5.20
CA ALA C 394 -19.62 49.79 -3.94
C ALA C 394 -20.43 48.58 -3.48
N GLU C 395 -21.76 48.71 -3.56
CA GLU C 395 -22.66 47.62 -3.20
C GLU C 395 -22.42 46.40 -4.08
N ALA C 396 -22.31 46.61 -5.38
CA ALA C 396 -22.05 45.50 -6.28
C ALA C 396 -20.78 44.79 -5.84
N MET C 397 -19.75 45.57 -5.56
CA MET C 397 -18.47 45.04 -5.12
C MET C 397 -18.63 44.16 -3.90
N GLU C 398 -19.48 44.59 -2.97
CA GLU C 398 -19.68 43.85 -1.73
C GLU C 398 -20.44 42.55 -1.94
N VAL C 399 -21.21 42.48 -3.02
CA VAL C 399 -21.95 41.25 -3.36
C VAL C 399 -20.97 40.15 -3.69
N LEU C 400 -19.87 40.51 -4.34
CA LEU C 400 -18.79 39.57 -4.62
C LEU C 400 -17.96 39.30 -3.36
N GLY C 401 -17.87 40.29 -2.48
CA GLY C 401 -17.10 40.16 -1.26
C GLY C 401 -15.62 40.44 -1.45
N GLY C 402 -14.78 39.70 -0.76
CA GLY C 402 -13.35 39.93 -0.80
C GLY C 402 -12.75 40.05 -2.19
N ILE C 403 -13.10 39.12 -3.07
CA ILE C 403 -12.52 39.08 -4.40
C ILE C 403 -12.93 40.30 -5.21
N GLY C 404 -14.03 40.94 -4.82
CA GLY C 404 -14.47 42.17 -5.46
C GLY C 404 -13.61 43.38 -5.11
N TYR C 405 -12.77 43.23 -4.10
CA TYR C 405 -11.95 44.32 -3.64
C TYR C 405 -10.54 44.19 -4.21
N CYS C 406 -10.33 43.11 -4.96
CA CYS C 406 -9.02 42.88 -5.59
C CYS C 406 -8.99 43.36 -7.04
N GLU C 407 -7.87 43.93 -7.46
CA GLU C 407 -7.78 44.59 -8.74
C GLU C 407 -7.84 43.65 -9.94
N GLU C 408 -7.79 42.35 -9.70
CA GLU C 408 -7.96 41.37 -10.78
C GLU C 408 -9.41 41.40 -11.28
N SER C 409 -10.32 41.89 -10.41
CA SER C 409 -11.73 42.03 -10.71
C SER C 409 -12.02 43.36 -11.41
N GLU C 410 -13.13 43.42 -12.14
CA GLU C 410 -13.51 44.65 -12.83
C GLU C 410 -14.00 45.69 -11.85
N LEU C 411 -14.40 45.27 -10.65
CA LEU C 411 -15.09 46.15 -9.73
C LEU C 411 -14.28 47.37 -9.23
N PRO C 412 -13.05 47.13 -8.74
CA PRO C 412 -12.23 48.26 -8.30
C PRO C 412 -12.09 49.34 -9.39
N ARG C 413 -11.83 48.94 -10.62
CA ARG C 413 -11.67 49.90 -11.71
C ARG C 413 -12.94 50.69 -11.92
N LEU C 414 -14.08 50.00 -11.85
CA LEU C 414 -15.38 50.68 -11.95
C LEU C 414 -15.57 51.64 -10.78
N TYR C 415 -15.37 51.13 -9.57
CA TYR C 415 -15.48 51.91 -8.35
C TYR C 415 -14.57 53.13 -8.37
N ARG C 416 -13.40 52.97 -8.99
CA ARG C 416 -12.43 54.05 -9.08
C ARG C 416 -12.79 55.08 -10.14
N GLU C 417 -13.56 54.67 -11.14
CA GLU C 417 -13.95 55.56 -12.23
C GLU C 417 -15.08 56.48 -11.83
N MET C 418 -16.02 55.94 -11.06
CA MET C 418 -17.28 56.61 -10.76
C MET C 418 -17.23 58.10 -10.42
N PRO C 419 -16.33 58.52 -9.50
CA PRO C 419 -16.35 59.92 -9.06
C PRO C 419 -15.98 60.90 -10.18
N VAL C 420 -15.21 60.44 -11.15
CA VAL C 420 -14.78 61.36 -12.19
C VAL C 420 -15.98 61.96 -12.91
N ASN C 421 -17.02 61.16 -13.14
CA ASN C 421 -18.20 61.62 -13.84
C ASN C 421 -19.00 62.67 -13.06
N SER C 422 -18.87 62.61 -11.74
CA SER C 422 -19.59 63.53 -10.86
C SER C 422 -18.83 64.85 -10.75
N ILE C 423 -17.51 64.78 -10.87
CA ILE C 423 -16.66 65.97 -10.76
C ILE C 423 -16.56 66.74 -12.08
N TRP C 424 -16.49 66.01 -13.19
CA TRP C 424 -16.40 66.57 -14.55
C TRP C 424 -17.44 67.66 -14.79
N GLU C 425 -17.05 68.64 -15.60
CA GLU C 425 -17.96 69.69 -16.05
C GLU C 425 -18.78 70.33 -14.93
N GLY C 426 -18.08 70.93 -13.96
CA GLY C 426 -18.74 71.75 -12.94
C GLY C 426 -19.05 71.08 -11.62
N SER C 427 -19.36 69.79 -11.66
CA SER C 427 -19.69 69.02 -10.46
C SER C 427 -21.16 69.16 -10.06
N GLY C 428 -21.58 68.36 -9.09
CA GLY C 428 -22.96 68.25 -8.69
C GLY C 428 -23.66 69.55 -8.35
N ASN C 429 -23.01 70.36 -7.51
CA ASN C 429 -23.59 71.62 -7.12
C ASN C 429 -23.94 72.49 -8.32
N ILE C 430 -23.02 72.58 -9.27
CA ILE C 430 -23.24 73.39 -10.46
C ILE C 430 -24.42 72.88 -11.25
N MET C 431 -24.56 71.57 -11.36
CA MET C 431 -25.72 70.96 -11.99
C MET C 431 -27.00 71.45 -11.33
N CYS C 432 -27.00 71.45 -10.00
CA CYS C 432 -28.18 71.81 -9.24
C CYS C 432 -28.50 73.29 -9.32
N LEU C 433 -27.46 74.13 -9.28
CA LEU C 433 -27.67 75.55 -9.46
C LEU C 433 -28.26 75.81 -10.85
N ASP C 434 -27.85 75.01 -11.83
CA ASP C 434 -28.35 75.16 -13.20
C ASP C 434 -29.83 74.77 -13.26
N VAL C 435 -30.19 73.66 -12.62
CA VAL C 435 -31.58 73.24 -12.58
C VAL C 435 -32.46 74.34 -12.00
N LEU C 436 -32.02 74.92 -10.89
CA LEU C 436 -32.73 76.04 -10.29
C LEU C 436 -32.83 77.21 -11.26
N ARG C 437 -31.74 77.48 -11.97
CA ARG C 437 -31.71 78.59 -12.92
C ARG C 437 -32.72 78.38 -14.05
N VAL C 438 -32.90 77.13 -14.48
CA VAL C 438 -33.85 76.84 -15.54
C VAL C 438 -35.30 77.04 -15.07
N LEU C 439 -35.62 76.53 -13.89
CA LEU C 439 -36.97 76.69 -13.35
C LEU C 439 -37.31 78.16 -13.20
N ASN C 440 -36.31 78.97 -12.82
CA ASN C 440 -36.51 80.39 -12.58
C ASN C 440 -36.56 81.22 -13.87
N LYS C 441 -35.48 81.16 -14.65
CA LYS C 441 -35.35 82.00 -15.85
C LYS C 441 -36.17 81.56 -17.06
N GLN C 442 -36.18 80.25 -17.36
CA GLN C 442 -36.81 79.75 -18.58
C GLN C 442 -38.33 79.80 -18.54
N ALA C 443 -38.92 80.27 -19.64
CA ALA C 443 -40.36 80.44 -19.73
C ALA C 443 -41.07 79.14 -20.13
N GLY C 444 -42.19 78.87 -19.49
CA GLY C 444 -43.01 77.72 -19.83
C GLY C 444 -42.46 76.41 -19.29
N VAL C 445 -41.64 76.51 -18.26
CA VAL C 445 -41.10 75.32 -17.60
C VAL C 445 -42.17 74.68 -16.74
N TYR C 446 -42.84 75.50 -15.94
CA TYR C 446 -43.88 75.00 -15.05
C TYR C 446 -45.04 74.38 -15.84
N ASP C 447 -45.35 75.00 -16.98
CA ASP C 447 -46.39 74.46 -17.86
C ASP C 447 -45.98 73.08 -18.39
N LEU C 448 -44.71 72.95 -18.78
CA LEU C 448 -44.21 71.69 -19.32
C LEU C 448 -44.29 70.56 -18.29
N LEU C 449 -43.98 70.88 -17.04
CA LEU C 449 -44.06 69.90 -15.97
C LEU C 449 -45.52 69.53 -15.67
N SER C 450 -46.37 70.54 -15.58
CA SER C 450 -47.78 70.31 -15.31
C SER C 450 -48.40 69.32 -16.30
N GLU C 451 -48.03 69.45 -17.56
CA GLU C 451 -48.58 68.59 -18.60
C GLU C 451 -48.27 67.12 -18.33
N ALA C 452 -46.99 66.83 -18.08
CA ALA C 452 -46.56 65.46 -17.84
C ALA C 452 -47.18 64.90 -16.55
N PHE C 453 -47.20 65.71 -15.51
CA PHE C 453 -47.73 65.28 -14.21
C PHE C 453 -49.22 64.99 -14.27
N VAL C 454 -49.95 65.82 -15.00
CA VAL C 454 -51.38 65.65 -15.19
C VAL C 454 -51.67 64.38 -16.01
N GLU C 455 -50.77 64.07 -16.95
CA GLU C 455 -50.95 62.94 -17.86
C GLU C 455 -50.98 61.59 -17.12
N VAL C 456 -50.41 61.56 -15.91
CA VAL C 456 -50.33 60.31 -15.15
C VAL C 456 -50.98 60.42 -13.77
N LYS C 457 -51.67 61.52 -13.51
CA LYS C 457 -52.34 61.72 -12.23
C LYS C 457 -53.34 60.58 -11.97
N GLY C 458 -53.37 60.11 -10.72
CA GLY C 458 -54.30 59.08 -10.32
C GLY C 458 -53.78 57.67 -10.51
N GLN C 459 -52.75 57.51 -11.34
CA GLN C 459 -52.14 56.20 -11.59
C GLN C 459 -51.42 55.65 -10.35
N ASP C 460 -50.88 56.53 -9.51
CA ASP C 460 -50.14 56.10 -8.35
C ASP C 460 -50.18 57.17 -7.25
N ARG C 461 -50.56 56.76 -6.05
CA ARG C 461 -50.73 57.70 -4.93
C ARG C 461 -49.40 58.32 -4.48
N TYR C 462 -48.34 57.53 -4.50
CA TYR C 462 -47.02 58.03 -4.06
C TYR C 462 -46.43 59.04 -5.04
N PHE C 463 -46.71 58.84 -6.33
CA PHE C 463 -46.29 59.81 -7.34
C PHE C 463 -47.00 61.15 -7.14
N ASP C 464 -48.32 61.12 -7.03
CA ASP C 464 -49.10 62.34 -6.87
C ASP C 464 -48.72 63.11 -5.61
N ARG C 465 -48.44 62.37 -4.53
CA ARG C 465 -48.00 63.00 -3.28
C ARG C 465 -46.61 63.63 -3.47
N ALA C 466 -45.78 62.97 -4.27
CA ALA C 466 -44.46 63.47 -4.57
C ALA C 466 -44.56 64.74 -5.40
N VAL C 467 -45.52 64.78 -6.32
CA VAL C 467 -45.74 65.97 -7.12
C VAL C 467 -46.16 67.15 -6.25
N ARG C 468 -47.07 66.90 -5.31
CA ARG C 468 -47.54 67.94 -4.40
C ARG C 468 -46.39 68.48 -3.57
N ARG C 469 -45.55 67.59 -3.06
CA ARG C 469 -44.41 68.01 -2.25
C ARG C 469 -43.45 68.92 -3.04
N LEU C 470 -43.24 68.62 -4.32
CA LEU C 470 -42.32 69.40 -5.14
C LEU C 470 -42.85 70.80 -5.40
N GLN C 471 -44.13 70.90 -5.76
CA GLN C 471 -44.74 72.19 -6.03
C GLN C 471 -44.74 73.07 -4.79
N GLN C 472 -44.85 72.43 -3.62
CA GLN C 472 -44.76 73.15 -2.35
C GLN C 472 -43.34 73.63 -2.08
N GLN C 473 -42.35 72.94 -2.64
CA GLN C 473 -40.96 73.35 -2.44
C GLN C 473 -40.53 74.36 -3.52
N LEU C 474 -41.33 74.47 -4.57
CA LEU C 474 -41.03 75.39 -5.67
C LEU C 474 -41.76 76.72 -5.53
N ARG C 475 -42.21 77.03 -4.31
CA ARG C 475 -42.81 78.34 -4.04
C ARG C 475 -41.75 79.30 -3.52
N LYS C 476 -40.99 78.85 -2.52
CA LYS C 476 -39.86 79.60 -2.01
C LYS C 476 -38.58 78.78 -2.21
N PRO C 477 -38.08 78.75 -3.45
CA PRO C 477 -36.91 77.94 -3.81
C PRO C 477 -35.59 78.55 -3.35
N ALA C 478 -35.16 78.19 -2.13
CA ALA C 478 -33.89 78.66 -1.60
C ALA C 478 -32.73 77.94 -2.29
N GLU C 479 -31.64 78.66 -2.53
CA GLU C 479 -30.49 78.10 -3.21
C GLU C 479 -29.95 76.89 -2.46
N GLU C 480 -29.99 76.95 -1.13
CA GLU C 480 -29.43 75.87 -0.31
C GLU C 480 -30.24 74.58 -0.40
N LEU C 481 -31.35 74.63 -1.14
CA LEU C 481 -32.17 73.44 -1.35
C LEU C 481 -32.10 72.92 -2.79
N GLY C 482 -31.07 73.33 -3.51
CA GLY C 482 -30.92 72.96 -4.90
C GLY C 482 -30.82 71.46 -5.10
N ARG C 483 -30.15 70.78 -4.19
CA ARG C 483 -30.00 69.32 -4.30
C ARG C 483 -31.31 68.60 -4.01
N GLU C 484 -32.02 69.04 -2.98
CA GLU C 484 -33.31 68.44 -2.65
C GLU C 484 -34.25 68.60 -3.83
N ILE C 485 -34.32 69.82 -4.35
CA ILE C 485 -35.18 70.13 -5.49
C ILE C 485 -34.77 69.35 -6.74
N THR C 486 -33.47 69.33 -7.04
CA THR C 486 -32.98 68.61 -8.22
C THR C 486 -33.25 67.10 -8.11
N HIS C 487 -33.02 66.54 -6.92
CA HIS C 487 -33.24 65.13 -6.72
C HIS C 487 -34.72 64.79 -6.90
N GLN C 488 -35.57 65.53 -6.21
CA GLN C 488 -37.01 65.28 -6.28
C GLN C 488 -37.51 65.44 -7.72
N LEU C 489 -37.00 66.47 -8.41
CA LEU C 489 -37.38 66.71 -9.80
C LEU C 489 -36.96 65.54 -10.70
N PHE C 490 -35.80 64.97 -10.40
CA PHE C 490 -35.30 63.84 -11.18
C PHE C 490 -36.17 62.60 -11.00
N LEU C 491 -36.50 62.29 -9.76
CA LEU C 491 -37.35 61.14 -9.47
C LEU C 491 -38.71 61.26 -10.18
N LEU C 492 -39.29 62.45 -10.15
CA LEU C 492 -40.58 62.67 -10.81
C LEU C 492 -40.48 62.42 -12.31
N GLY C 493 -39.32 62.74 -12.88
CA GLY C 493 -39.07 62.46 -14.28
C GLY C 493 -39.05 60.97 -14.57
N CYS C 494 -38.30 60.22 -13.77
CA CYS C 494 -38.26 58.76 -13.91
C CYS C 494 -39.64 58.19 -13.64
N GLY C 495 -40.30 58.70 -12.60
CA GLY C 495 -41.62 58.23 -12.21
C GLY C 495 -42.63 58.31 -13.32
N ALA C 496 -42.71 59.46 -13.96
CA ALA C 496 -43.62 59.66 -15.09
C ALA C 496 -43.37 58.62 -16.20
N GLN C 497 -42.09 58.41 -16.53
CA GLN C 497 -41.74 57.46 -17.59
C GLN C 497 -42.14 56.03 -17.25
N MET C 498 -41.90 55.62 -16.00
CA MET C 498 -42.28 54.30 -15.55
C MET C 498 -43.81 54.12 -15.62
N LEU C 499 -44.52 55.14 -15.17
CA LEU C 499 -45.98 55.09 -15.14
C LEU C 499 -46.60 55.03 -16.54
N LYS C 500 -45.97 55.68 -17.50
CA LYS C 500 -46.50 55.73 -18.87
C LYS C 500 -46.21 54.46 -19.68
N TYR C 501 -45.00 53.92 -19.56
CA TYR C 501 -44.53 52.91 -20.49
C TYR C 501 -44.10 51.59 -19.86
N ALA C 502 -43.86 51.59 -18.56
CA ALA C 502 -43.55 50.35 -17.85
C ALA C 502 -44.84 49.64 -17.48
N SER C 503 -44.76 48.35 -17.18
CA SER C 503 -45.95 47.61 -16.78
C SER C 503 -46.46 48.17 -15.45
N PRO C 504 -47.79 48.17 -15.26
CA PRO C 504 -48.36 48.72 -14.02
C PRO C 504 -47.73 48.16 -12.74
N PRO C 505 -47.47 46.84 -12.66
CA PRO C 505 -46.83 46.29 -11.45
C PRO C 505 -45.41 46.82 -11.25
N MET C 506 -44.66 46.92 -12.34
CA MET C 506 -43.31 47.46 -12.31
C MET C 506 -43.30 48.92 -11.84
N ALA C 507 -44.18 49.74 -12.41
CA ALA C 507 -44.26 51.15 -12.04
C ALA C 507 -44.74 51.31 -10.61
N GLN C 508 -45.70 50.48 -10.22
CA GLN C 508 -46.16 50.48 -8.83
C GLN C 508 -44.98 50.21 -7.89
N ALA C 509 -44.21 49.20 -8.23
CA ALA C 509 -43.01 48.86 -7.47
C ALA C 509 -42.02 50.03 -7.45
N TRP C 510 -41.71 50.59 -8.61
CA TRP C 510 -40.77 51.70 -8.69
C TRP C 510 -41.21 52.89 -7.83
N CYS C 511 -42.45 53.31 -8.02
CA CYS C 511 -43.00 54.45 -7.28
C CYS C 511 -42.99 54.23 -5.77
N GLN C 512 -43.38 53.04 -5.34
CA GLN C 512 -43.39 52.72 -3.92
C GLN C 512 -41.97 52.83 -3.36
N VAL C 513 -41.04 52.09 -3.94
CA VAL C 513 -39.67 52.07 -3.45
C VAL C 513 -38.98 53.45 -3.46
N MET C 514 -39.22 54.25 -4.48
CA MET C 514 -38.50 55.52 -4.63
C MET C 514 -39.22 56.72 -4.00
N LEU C 515 -40.56 56.65 -3.95
CA LEU C 515 -41.36 57.81 -3.55
C LEU C 515 -42.13 57.61 -2.24
N ASP C 516 -42.08 56.40 -1.68
CA ASP C 516 -42.70 56.15 -0.39
C ASP C 516 -41.76 56.55 0.73
N THR C 517 -42.01 57.72 1.31
CA THR C 517 -41.17 58.27 2.37
C THR C 517 -41.19 57.41 3.64
N ARG C 518 -42.27 56.66 3.83
CA ARG C 518 -42.41 55.82 5.02
C ARG C 518 -41.27 54.82 5.15
N GLY C 519 -41.06 54.03 4.10
CA GLY C 519 -40.04 52.99 4.12
C GLY C 519 -40.64 51.65 4.51
N GLY C 520 -39.78 50.65 4.68
CA GLY C 520 -40.22 49.30 5.00
C GLY C 520 -40.92 48.65 3.84
N VAL C 521 -40.45 48.97 2.63
CA VAL C 521 -41.10 48.56 1.39
C VAL C 521 -40.67 47.17 0.95
N ARG C 522 -41.55 46.20 1.14
CA ARG C 522 -41.30 44.85 0.64
C ARG C 522 -41.81 44.73 -0.78
N LEU C 523 -41.15 43.90 -1.58
CA LEU C 523 -41.57 43.68 -2.96
C LEU C 523 -42.11 42.27 -3.15
N SER C 524 -43.17 42.14 -3.95
CA SER C 524 -43.77 40.84 -4.19
C SER C 524 -42.75 39.87 -4.76
N GLU C 525 -42.91 38.59 -4.44
CA GLU C 525 -42.01 37.58 -4.97
C GLU C 525 -41.98 37.65 -6.50
N GLN C 526 -43.12 37.96 -7.11
CA GLN C 526 -43.24 37.97 -8.57
C GLN C 526 -42.51 39.14 -9.22
N ILE C 527 -42.59 40.32 -8.61
CA ILE C 527 -41.96 41.51 -9.17
C ILE C 527 -40.45 41.43 -9.06
N GLN C 528 -39.95 40.82 -8.00
CA GLN C 528 -38.52 40.62 -7.84
C GLN C 528 -37.99 39.67 -8.92
N ASN C 529 -38.69 38.56 -9.13
CA ASN C 529 -38.30 37.58 -10.15
C ASN C 529 -38.24 38.22 -11.54
N ASP C 530 -39.21 39.09 -11.82
CA ASP C 530 -39.31 39.74 -13.12
C ASP C 530 -38.18 40.76 -13.33
N LEU C 531 -37.88 41.53 -12.29
CA LEU C 531 -36.75 42.45 -12.33
C LEU C 531 -35.44 41.74 -12.68
N LEU C 532 -35.11 40.70 -11.92
CA LEU C 532 -33.86 39.99 -12.10
C LEU C 532 -33.82 39.30 -13.46
N LEU C 533 -34.97 38.82 -13.91
CA LEU C 533 -35.07 38.15 -15.20
C LEU C 533 -34.82 39.13 -16.33
N ARG C 534 -35.47 40.30 -16.27
CA ARG C 534 -35.25 41.35 -17.25
C ARG C 534 -33.80 41.80 -17.31
N ALA C 535 -33.12 41.77 -16.16
CA ALA C 535 -31.76 42.26 -16.07
C ALA C 535 -30.72 41.29 -16.64
N THR C 536 -31.19 40.16 -17.17
CA THR C 536 -30.30 39.17 -17.77
C THR C 536 -30.70 38.85 -19.21
N GLY C 537 -31.68 39.57 -19.72
CA GLY C 537 -32.11 39.39 -21.10
C GLY C 537 -33.41 38.62 -21.18
N GLY C 538 -33.65 38.03 -22.35
CA GLY C 538 -34.85 37.24 -22.56
C GLY C 538 -36.07 38.10 -22.79
N VAL C 539 -35.88 39.42 -22.75
CA VAL C 539 -36.96 40.37 -23.02
C VAL C 539 -36.75 41.02 -24.39
N CYS C 540 -35.84 40.45 -25.17
CA CYS C 540 -35.48 41.01 -26.46
C CYS C 540 -35.79 40.02 -27.59
N HIS D 2 9.55 87.00 -17.51
CA HIS D 2 9.03 86.79 -18.87
C HIS D 2 9.02 85.30 -19.25
N TRP D 3 9.61 84.47 -18.39
CA TRP D 3 9.66 83.03 -18.63
C TRP D 3 8.31 82.35 -18.35
N GLN D 4 7.52 82.98 -17.47
CA GLN D 4 6.25 82.42 -17.05
C GLN D 4 5.13 82.70 -18.04
N THR D 5 4.14 81.81 -18.08
CA THR D 5 2.99 81.96 -18.96
C THR D 5 1.77 82.40 -18.16
N HIS D 6 1.87 82.32 -16.84
CA HIS D 6 0.75 82.63 -15.95
C HIS D 6 1.18 82.72 -14.49
N THR D 7 0.29 83.23 -13.63
CA THR D 7 0.52 83.23 -12.20
C THR D 7 -0.44 82.29 -11.50
N VAL D 8 0.08 81.49 -10.57
CA VAL D 8 -0.75 80.55 -9.83
C VAL D 8 -1.37 81.26 -8.63
N PHE D 9 -2.69 81.17 -8.49
CA PHE D 9 -3.39 81.78 -7.38
C PHE D 9 -4.70 81.06 -7.08
N ASN D 10 -5.30 81.37 -5.93
CA ASN D 10 -6.54 80.73 -5.48
C ASN D 10 -6.34 79.21 -5.30
N GLN D 11 -5.08 78.81 -5.08
CA GLN D 11 -4.76 77.42 -4.79
C GLN D 11 -4.46 77.24 -3.31
N PRO D 12 -5.45 76.73 -2.57
CA PRO D 12 -5.38 76.62 -1.11
C PRO D 12 -4.22 75.73 -0.69
N ILE D 13 -3.67 75.99 0.50
CA ILE D 13 -2.65 75.11 1.05
C ILE D 13 -3.33 73.89 1.67
N PRO D 14 -2.71 72.72 1.52
CA PRO D 14 -3.34 71.49 2.03
C PRO D 14 -3.27 71.43 3.56
N LEU D 15 -4.25 70.78 4.18
CA LEU D 15 -4.27 70.66 5.62
C LEU D 15 -3.12 69.79 6.10
N ASN D 16 -2.23 70.37 6.90
CA ASN D 16 -1.20 69.61 7.58
C ASN D 16 -0.67 70.38 8.78
N ASN D 17 0.10 69.70 9.62
CA ASN D 17 0.61 70.31 10.86
C ASN D 17 -0.52 70.87 11.72
N SER D 18 -1.62 70.12 11.82
CA SER D 18 -2.74 70.47 12.68
C SER D 18 -2.87 69.44 13.78
N ASN D 19 -3.79 69.68 14.71
CA ASN D 19 -4.01 68.75 15.82
C ASN D 19 -5.25 67.91 15.57
N LEU D 20 -5.04 66.64 15.24
CA LEU D 20 -6.13 65.74 14.85
C LEU D 20 -7.19 65.60 15.94
N TYR D 21 -6.80 65.83 17.19
CA TYR D 21 -7.70 65.68 18.31
C TYR D 21 -8.37 66.99 18.68
N LEU D 22 -7.57 68.03 18.88
CA LEU D 22 -8.10 69.30 19.36
C LEU D 22 -8.93 70.05 18.32
N SER D 23 -8.93 69.54 17.09
CA SER D 23 -9.73 70.15 16.02
C SER D 23 -11.08 69.46 15.88
N ASP D 24 -11.31 68.43 16.68
CA ASP D 24 -12.54 67.65 16.59
C ASP D 24 -13.39 67.90 17.84
N GLY D 25 -14.17 68.97 17.81
CA GLY D 25 -15.00 69.34 18.95
C GLY D 25 -15.82 68.20 19.52
N ALA D 26 -16.54 67.50 18.65
CA ALA D 26 -17.41 66.41 19.06
C ALA D 26 -16.64 65.31 19.80
N LEU D 27 -15.42 65.06 19.36
CA LEU D 27 -14.58 64.02 19.96
C LEU D 27 -14.11 64.39 21.36
N CYS D 28 -13.67 65.64 21.56
CA CYS D 28 -13.20 66.12 22.87
C CYS D 28 -14.29 65.94 23.92
N GLU D 29 -15.50 66.36 23.56
CA GLU D 29 -16.65 66.27 24.46
C GLU D 29 -16.97 64.83 24.78
N ALA D 30 -16.99 63.99 23.74
CA ALA D 30 -17.33 62.58 23.91
C ALA D 30 -16.33 61.88 24.83
N VAL D 31 -15.04 62.18 24.68
CA VAL D 31 -14.01 61.56 25.50
C VAL D 31 -14.25 61.89 26.97
N THR D 32 -14.51 63.17 27.24
CA THR D 32 -14.79 63.62 28.60
C THR D 32 -16.08 63.01 29.11
N ARG D 33 -17.13 63.09 28.28
CA ARG D 33 -18.46 62.62 28.66
C ARG D 33 -18.52 61.13 28.99
N GLU D 34 -17.66 60.33 28.38
CA GLU D 34 -17.78 58.87 28.49
C GLU D 34 -16.74 58.28 29.43
N GLY D 35 -16.14 59.13 30.25
CA GLY D 35 -15.31 58.67 31.36
C GLY D 35 -13.86 58.46 31.02
N ALA D 36 -13.38 59.12 29.98
CA ALA D 36 -11.99 59.02 29.55
C ALA D 36 -11.31 60.38 29.52
N GLY D 37 -11.83 61.32 30.32
CA GLY D 37 -11.30 62.66 30.36
C GLY D 37 -9.88 62.72 30.90
N TRP D 38 -9.45 61.64 31.53
CA TRP D 38 -8.10 61.56 32.06
C TRP D 38 -7.05 61.41 30.97
N ASP D 39 -7.49 61.01 29.79
CA ASP D 39 -6.57 60.79 28.67
C ASP D 39 -6.52 62.02 27.76
N SER D 40 -7.29 63.05 28.10
CA SER D 40 -7.37 64.27 27.30
C SER D 40 -6.02 64.92 26.99
N ASP D 41 -5.17 65.04 28.01
CA ASP D 41 -3.87 65.68 27.83
C ASP D 41 -2.96 64.88 26.89
N PHE D 42 -3.11 63.56 26.93
CA PHE D 42 -2.33 62.66 26.08
C PHE D 42 -2.90 62.62 24.65
N LEU D 43 -4.23 62.60 24.55
CA LEU D 43 -4.90 62.60 23.25
C LEU D 43 -4.55 63.84 22.46
N ALA D 44 -4.41 64.97 23.16
CA ALA D 44 -4.00 66.20 22.51
C ALA D 44 -2.52 66.13 22.13
N SER D 45 -1.76 65.41 22.93
CA SER D 45 -0.33 65.24 22.68
C SER D 45 -0.09 64.48 21.37
N ILE D 46 -0.66 63.28 21.26
CA ILE D 46 -0.48 62.48 20.06
C ILE D 46 -1.27 63.04 18.88
N GLY D 47 -2.38 63.71 19.18
CA GLY D 47 -3.17 64.39 18.16
C GLY D 47 -2.31 65.41 17.43
N GLN D 48 -1.36 65.97 18.15
CA GLN D 48 -0.41 66.92 17.56
C GLN D 48 0.63 66.19 16.72
N GLN D 49 1.27 65.19 17.32
CA GLN D 49 2.30 64.41 16.64
C GLN D 49 1.80 63.78 15.35
N LEU D 50 0.59 63.23 15.39
CA LEU D 50 0.03 62.47 14.27
C LEU D 50 -0.42 63.37 13.11
N GLY D 51 -0.68 64.64 13.41
CA GLY D 51 -1.22 65.53 12.41
C GLY D 51 -0.16 66.28 11.62
N THR D 52 1.10 65.99 11.91
CA THR D 52 2.21 66.69 11.27
C THR D 52 2.44 66.20 9.85
N ALA D 53 3.05 67.04 9.03
CA ALA D 53 3.38 66.66 7.66
C ALA D 53 4.21 65.37 7.60
N GLU D 54 5.23 65.30 8.47
CA GLU D 54 6.09 64.12 8.53
C GLU D 54 5.25 62.87 8.80
N SER D 55 4.27 63.00 9.67
CA SER D 55 3.42 61.88 10.03
C SER D 55 2.61 61.43 8.83
N LEU D 56 1.89 62.37 8.21
CA LEU D 56 1.12 62.08 7.03
C LEU D 56 1.93 61.48 5.89
N GLU D 57 3.19 61.88 5.80
CA GLU D 57 4.06 61.37 4.76
C GLU D 57 4.35 59.88 4.97
N LEU D 58 4.43 59.46 6.22
CA LEU D 58 4.59 58.05 6.53
C LEU D 58 3.41 57.25 5.99
N GLY D 59 2.21 57.81 6.17
CA GLY D 59 1.01 57.20 5.62
C GLY D 59 1.13 56.98 4.12
N ARG D 60 1.43 58.06 3.39
CA ARG D 60 1.61 57.98 1.95
C ARG D 60 2.66 56.93 1.58
N LEU D 61 3.82 57.00 2.21
CA LEU D 61 4.91 56.08 1.88
C LEU D 61 4.48 54.63 2.05
N ALA D 62 3.82 54.32 3.16
CA ALA D 62 3.47 52.95 3.49
C ALA D 62 2.53 52.37 2.44
N ASN D 63 1.78 53.23 1.77
CA ASN D 63 0.80 52.79 0.78
C ASN D 63 1.30 52.77 -0.66
N VAL D 64 2.12 53.74 -1.04
CA VAL D 64 2.65 53.76 -2.40
C VAL D 64 3.86 52.84 -2.53
N ASN D 65 4.37 52.38 -1.39
CA ASN D 65 5.42 51.36 -1.38
C ASN D 65 4.98 50.11 -0.63
N PRO D 66 3.97 49.41 -1.17
CA PRO D 66 3.36 48.27 -0.48
C PRO D 66 4.35 47.15 -0.27
N PRO D 67 4.03 46.24 0.67
CA PRO D 67 4.90 45.11 1.01
C PRO D 67 5.14 44.18 -0.16
N GLU D 68 6.29 43.51 -0.16
CA GLU D 68 6.61 42.50 -1.15
C GLU D 68 6.66 41.14 -0.48
N LEU D 69 6.12 40.13 -1.16
CA LEU D 69 6.13 38.78 -0.64
C LEU D 69 7.43 38.09 -1.04
N LEU D 70 8.17 37.59 -0.04
CA LEU D 70 9.40 36.86 -0.31
C LEU D 70 9.20 35.39 -0.03
N ARG D 71 8.71 34.66 -1.03
CA ARG D 71 8.43 33.24 -0.88
C ARG D 71 9.72 32.43 -0.80
N TYR D 72 10.74 32.88 -1.52
CA TYR D 72 12.04 32.22 -1.52
C TYR D 72 13.16 33.21 -1.33
N ASP D 73 14.33 32.70 -0.94
CA ASP D 73 15.55 33.52 -0.92
C ASP D 73 16.36 33.27 -2.19
N ALA D 74 17.53 33.89 -2.29
CA ALA D 74 18.33 33.81 -3.51
C ALA D 74 18.96 32.44 -3.73
N GLN D 75 18.86 31.58 -2.73
CA GLN D 75 19.42 30.23 -2.83
C GLN D 75 18.33 29.21 -3.17
N GLY D 76 17.09 29.65 -3.19
CA GLY D 76 16.00 28.81 -3.61
C GLY D 76 15.37 28.05 -2.46
N ARG D 77 15.77 28.41 -1.24
CA ARG D 77 15.17 27.87 -0.03
C ARG D 77 13.92 28.65 0.34
N ARG D 78 12.87 27.93 0.71
CA ARG D 78 11.64 28.53 1.16
C ARG D 78 11.95 29.57 2.24
N LEU D 79 11.27 30.71 2.19
CA LEU D 79 11.55 31.82 3.11
C LEU D 79 10.28 32.34 3.79
N ASP D 80 9.19 32.43 3.02
CA ASP D 80 7.88 32.85 3.52
C ASP D 80 7.91 34.06 4.44
N ASP D 81 8.55 35.15 3.99
CA ASP D 81 8.58 36.38 4.75
C ASP D 81 7.99 37.52 3.92
N VAL D 82 7.71 38.65 4.57
CA VAL D 82 7.18 39.82 3.88
C VAL D 82 8.06 41.02 4.17
N ARG D 83 8.39 41.79 3.13
CA ARG D 83 9.30 42.93 3.26
C ARG D 83 8.56 44.26 3.11
N PHE D 84 8.63 45.11 4.13
CA PHE D 84 7.92 46.38 4.13
C PHE D 84 8.84 47.58 3.92
N HIS D 85 8.22 48.72 3.59
CA HIS D 85 8.90 50.00 3.55
C HIS D 85 9.11 50.47 5.00
N PRO D 86 10.23 51.12 5.27
CA PRO D 86 10.55 51.54 6.64
C PRO D 86 9.44 52.34 7.31
N ALA D 87 8.61 52.99 6.52
CA ALA D 87 7.53 53.80 7.06
C ALA D 87 6.49 52.93 7.77
N TRP D 88 6.25 51.74 7.24
CA TRP D 88 5.29 50.83 7.84
C TRP D 88 5.67 50.53 9.30
N HIS D 89 6.93 50.16 9.51
CA HIS D 89 7.40 49.85 10.85
C HIS D 89 7.30 51.04 11.80
N LEU D 90 7.52 52.25 11.26
CA LEU D 90 7.41 53.45 12.07
C LEU D 90 5.98 53.68 12.53
N LEU D 91 5.03 53.45 11.63
CA LEU D 91 3.61 53.53 11.97
C LEU D 91 3.28 52.52 13.07
N MET D 92 3.80 51.31 12.94
CA MET D 92 3.59 50.25 13.94
C MET D 92 4.17 50.63 15.31
N GLN D 93 5.41 51.13 15.31
CA GLN D 93 6.07 51.55 16.55
C GLN D 93 5.17 52.48 17.34
N ALA D 94 4.63 53.49 16.66
CA ALA D 94 3.80 54.48 17.33
C ALA D 94 2.51 53.86 17.84
N LEU D 95 1.88 53.02 17.02
CA LEU D 95 0.60 52.43 17.39
C LEU D 95 0.77 51.65 18.68
N CYS D 96 1.86 50.90 18.79
CA CYS D 96 2.10 50.08 19.97
C CYS D 96 2.54 50.93 21.15
N THR D 97 3.36 51.94 20.89
CA THR D 97 3.77 52.86 21.92
C THR D 97 2.53 53.48 22.57
N ASN D 98 1.53 53.77 21.74
CA ASN D 98 0.30 54.37 22.24
C ASN D 98 -0.71 53.33 22.71
N ARG D 99 -0.26 52.08 22.79
CA ARG D 99 -1.09 50.98 23.28
C ARG D 99 -2.46 50.88 22.62
N VAL D 100 -2.53 51.23 21.33
CA VAL D 100 -3.77 51.10 20.58
C VAL D 100 -4.15 49.63 20.44
N HIS D 101 -3.19 48.75 20.72
CA HIS D 101 -3.42 47.32 20.57
C HIS D 101 -3.75 46.60 21.88
N ASN D 102 -3.58 47.26 23.02
CA ASN D 102 -3.81 46.57 24.28
C ASN D 102 -4.18 47.43 25.51
N LEU D 103 -4.38 48.72 25.31
CA LEU D 103 -4.64 49.62 26.45
C LEU D 103 -5.62 49.04 27.47
N ALA D 104 -6.77 48.60 26.98
CA ALA D 104 -7.83 48.13 27.84
C ALA D 104 -7.53 46.80 28.53
N TRP D 105 -6.45 46.13 28.12
CA TRP D 105 -6.15 44.80 28.65
C TRP D 105 -5.02 44.79 29.68
N GLU D 106 -4.39 45.94 29.90
CA GLU D 106 -3.42 46.05 30.97
C GLU D 106 -4.07 45.60 32.27
N GLU D 107 -3.28 45.01 33.16
CA GLU D 107 -3.83 44.47 34.40
C GLU D 107 -4.42 45.53 35.32
N ASP D 108 -3.78 46.69 35.38
CA ASP D 108 -4.27 47.79 36.19
C ASP D 108 -4.93 48.87 35.32
N ALA D 109 -5.70 48.41 34.33
CA ALA D 109 -6.40 49.32 33.42
C ALA D 109 -7.52 50.06 34.16
N ARG D 110 -7.54 51.39 34.03
CA ARG D 110 -8.51 52.21 34.74
C ARG D 110 -9.82 52.33 33.99
N SER D 111 -10.81 52.94 34.64
CA SER D 111 -12.12 53.12 34.05
C SER D 111 -12.07 54.02 32.82
N GLY D 112 -12.70 53.56 31.75
CA GLY D 112 -12.75 54.32 30.51
C GLY D 112 -11.59 54.01 29.59
N ALA D 113 -10.87 52.94 29.89
CA ALA D 113 -9.71 52.54 29.08
C ALA D 113 -10.12 52.23 27.65
N PHE D 114 -11.24 51.53 27.48
CA PHE D 114 -11.75 51.20 26.17
C PHE D 114 -12.11 52.48 25.40
N VAL D 115 -12.67 53.46 26.11
CA VAL D 115 -13.06 54.71 25.48
C VAL D 115 -11.85 55.55 25.08
N ALA D 116 -10.82 55.52 25.91
CA ALA D 116 -9.59 56.24 25.63
C ALA D 116 -8.87 55.59 24.45
N ARG D 117 -8.84 54.27 24.46
CA ARG D 117 -8.21 53.53 23.36
C ARG D 117 -8.92 53.79 22.04
N ALA D 118 -10.24 53.89 22.08
CA ALA D 118 -11.01 54.22 20.89
C ALA D 118 -10.61 55.58 20.34
N ALA D 119 -10.43 56.55 21.21
CA ALA D 119 -10.01 57.89 20.79
C ALA D 119 -8.63 57.85 20.13
N ARG D 120 -7.69 57.14 20.75
CA ARG D 120 -6.36 57.02 20.20
C ARG D 120 -6.41 56.38 18.83
N PHE D 121 -7.17 55.29 18.72
CA PHE D 121 -7.37 54.57 17.47
C PHE D 121 -7.87 55.50 16.36
N MET D 122 -8.87 56.30 16.71
CA MET D 122 -9.51 57.20 15.76
C MET D 122 -8.56 58.25 15.20
N LEU D 123 -7.55 58.62 15.99
CA LEU D 123 -6.56 59.59 15.54
C LEU D 123 -5.56 58.97 14.56
N HIS D 124 -5.01 57.81 14.95
CA HIS D 124 -4.11 57.06 14.08
C HIS D 124 -4.80 56.75 12.76
N ALA D 125 -6.07 56.38 12.83
CA ALA D 125 -6.83 55.99 11.65
C ALA D 125 -6.89 57.09 10.60
N GLN D 126 -6.72 58.34 11.03
CA GLN D 126 -6.81 59.47 10.12
C GLN D 126 -5.51 59.66 9.32
N VAL D 127 -4.42 59.13 9.85
CA VAL D 127 -3.13 59.22 9.19
C VAL D 127 -2.93 58.07 8.20
N GLU D 128 -3.25 56.86 8.64
CA GLU D 128 -3.01 55.66 7.86
C GLU D 128 -3.93 54.55 8.35
N ALA D 129 -4.47 53.77 7.42
CA ALA D 129 -5.52 52.81 7.74
C ALA D 129 -5.06 51.35 7.73
N GLY D 130 -4.15 51.02 6.81
CA GLY D 130 -3.64 49.67 6.69
C GLY D 130 -2.97 49.16 7.95
N SER D 131 -2.26 50.05 8.65
CA SER D 131 -1.54 49.67 9.86
C SER D 131 -2.49 49.31 11.01
N LEU D 132 -3.76 49.68 10.85
CA LEU D 132 -4.77 49.39 11.86
C LEU D 132 -5.22 47.93 11.88
N CYS D 133 -4.95 47.20 10.81
CA CYS D 133 -5.41 45.83 10.73
C CYS D 133 -4.75 44.96 11.79
N PRO D 134 -3.41 44.89 11.80
CA PRO D 134 -2.78 44.08 12.85
C PRO D 134 -3.16 44.56 14.25
N ILE D 135 -3.31 45.88 14.41
CA ILE D 135 -3.68 46.46 15.69
C ILE D 135 -5.07 46.00 16.13
N THR D 136 -6.05 46.12 15.24
CA THR D 136 -7.41 45.69 15.52
C THR D 136 -7.51 44.20 15.87
N MET D 137 -6.83 43.37 15.08
CA MET D 137 -6.86 41.93 15.32
C MET D 137 -6.21 41.60 16.66
N THR D 138 -5.01 42.13 16.88
CA THR D 138 -4.31 41.93 18.13
C THR D 138 -5.13 42.40 19.33
N PHE D 139 -5.76 43.56 19.20
CA PHE D 139 -6.57 44.11 20.27
C PHE D 139 -7.74 43.21 20.64
N ALA D 140 -8.33 42.55 19.65
CA ALA D 140 -9.50 41.73 19.91
C ALA D 140 -9.14 40.35 20.44
N ALA D 141 -7.98 39.84 20.01
CA ALA D 141 -7.54 38.50 20.40
C ALA D 141 -6.84 38.48 21.76
N THR D 142 -6.28 39.60 22.17
CA THR D 142 -5.46 39.65 23.39
C THR D 142 -6.18 39.11 24.64
N PRO D 143 -7.36 39.66 24.96
CA PRO D 143 -8.07 39.21 26.16
C PRO D 143 -8.33 37.70 26.13
N LEU D 144 -8.67 37.19 24.95
CA LEU D 144 -8.87 35.76 24.78
C LEU D 144 -7.59 34.97 25.08
N LEU D 145 -6.50 35.35 24.41
CA LEU D 145 -5.23 34.66 24.57
C LEU D 145 -4.69 34.70 26.01
N LEU D 146 -4.81 35.87 26.64
CA LEU D 146 -4.32 36.03 28.01
C LEU D 146 -4.82 34.97 28.98
N GLN D 147 -6.00 34.41 28.72
CA GLN D 147 -6.58 33.41 29.61
C GLN D 147 -6.73 32.03 28.95
N MET D 148 -6.15 31.84 27.77
CA MET D 148 -6.26 30.57 27.07
C MET D 148 -4.94 30.05 26.51
N LEU D 149 -3.89 30.85 26.61
CA LEU D 149 -2.59 30.47 26.07
C LEU D 149 -2.22 29.04 26.43
N PRO D 150 -1.86 28.24 25.42
CA PRO D 150 -1.36 26.89 25.65
C PRO D 150 -0.07 26.92 26.47
N ALA D 151 0.24 25.81 27.15
CA ALA D 151 1.40 25.72 28.04
C ALA D 151 2.72 26.20 27.43
N PRO D 152 3.05 25.73 26.21
CA PRO D 152 4.35 26.07 25.60
C PRO D 152 4.50 27.57 25.30
N PHE D 153 3.45 28.35 25.52
CA PHE D 153 3.48 29.77 25.18
C PHE D 153 3.04 30.65 26.33
N GLN D 154 3.27 30.20 27.56
CA GLN D 154 2.89 30.97 28.74
C GLN D 154 3.66 32.28 28.85
N ASP D 155 4.92 32.25 28.44
CA ASP D 155 5.77 33.44 28.53
C ASP D 155 5.43 34.48 27.48
N TRP D 156 4.30 34.29 26.80
CA TRP D 156 3.79 35.27 25.85
C TRP D 156 2.98 36.36 26.54
N THR D 157 2.64 36.11 27.80
CA THR D 157 1.80 37.03 28.56
C THR D 157 2.40 38.42 28.68
N THR D 158 3.68 38.49 29.05
CA THR D 158 4.33 39.77 29.25
C THR D 158 4.40 40.62 27.98
N PRO D 159 4.89 40.04 26.88
CA PRO D 159 4.96 40.78 25.60
C PRO D 159 3.59 41.23 25.10
N LEU D 160 2.56 40.43 25.39
CA LEU D 160 1.21 40.75 24.97
C LEU D 160 0.71 42.04 25.59
N LEU D 161 1.29 42.40 26.72
CA LEU D 161 0.84 43.57 27.49
C LEU D 161 1.82 44.73 27.40
N SER D 162 2.81 44.60 26.52
CA SER D 162 3.84 45.64 26.36
C SER D 162 3.39 46.79 25.46
N ASP D 163 4.27 47.77 25.29
CA ASP D 163 3.96 48.92 24.47
C ASP D 163 4.99 49.01 23.36
N ARG D 164 5.68 47.89 23.13
CA ARG D 164 6.76 47.88 22.16
C ARG D 164 6.53 46.95 20.96
N TYR D 165 6.55 47.56 19.78
CA TYR D 165 6.48 46.82 18.53
C TYR D 165 7.83 46.18 18.27
N ASP D 166 7.81 44.90 17.91
CA ASP D 166 9.03 44.15 17.63
C ASP D 166 8.84 43.43 16.31
N SER D 167 9.64 43.81 15.32
CA SER D 167 9.52 43.22 13.99
C SER D 167 10.51 42.08 13.77
N HIS D 168 11.28 41.75 14.80
CA HIS D 168 12.27 40.68 14.70
C HIS D 168 11.63 39.37 14.24
N LEU D 169 12.30 38.69 13.33
CA LEU D 169 11.87 37.37 12.87
C LEU D 169 12.33 36.32 13.87
N LEU D 170 11.63 36.25 14.99
CA LEU D 170 11.94 35.32 16.07
C LEU D 170 10.66 34.69 16.63
N PRO D 171 10.81 33.56 17.34
CA PRO D 171 9.68 32.98 18.07
C PRO D 171 9.11 34.01 19.04
N GLY D 172 7.81 33.97 19.27
CA GLY D 172 7.15 34.98 20.08
C GLY D 172 7.81 35.22 21.43
N GLY D 173 8.18 34.14 22.10
CA GLY D 173 8.75 34.21 23.44
C GLY D 173 9.99 35.08 23.55
N GLN D 174 10.71 35.23 22.44
CA GLN D 174 11.95 35.99 22.44
C GLN D 174 11.74 37.44 21.95
N LYS D 175 10.50 37.89 21.93
CA LYS D 175 10.18 39.23 21.43
C LYS D 175 9.60 40.13 22.51
N ARG D 176 9.66 41.44 22.26
CA ARG D 176 9.27 42.44 23.24
C ARG D 176 7.79 42.77 23.19
N GLY D 177 7.19 42.52 22.03
CA GLY D 177 5.77 42.73 21.80
C GLY D 177 5.32 41.82 20.68
N LEU D 178 4.01 41.58 20.59
CA LEU D 178 3.50 40.63 19.60
C LEU D 178 2.33 41.17 18.78
N LEU D 179 2.04 40.47 17.69
CA LEU D 179 0.86 40.75 16.88
C LEU D 179 0.12 39.45 16.60
N ILE D 180 -1.21 39.50 16.72
CA ILE D 180 -2.02 38.31 16.50
C ILE D 180 -2.96 38.52 15.33
N GLY D 181 -3.03 37.52 14.44
CA GLY D 181 -3.89 37.60 13.29
C GLY D 181 -5.01 36.59 13.35
N MET D 182 -5.95 36.70 12.43
CA MET D 182 -7.09 35.81 12.38
C MET D 182 -7.26 35.20 10.99
N GLY D 183 -7.28 33.87 10.93
CA GLY D 183 -7.44 33.17 9.66
C GLY D 183 -8.71 32.33 9.61
N MET D 184 -9.78 32.89 9.03
CA MET D 184 -11.06 32.21 8.96
C MET D 184 -11.51 31.94 7.53
N THR D 185 -11.59 33.00 6.74
CA THR D 185 -12.10 32.90 5.38
C THR D 185 -11.36 31.89 4.52
N GLU D 186 -12.12 31.09 3.78
CA GLU D 186 -11.57 30.18 2.79
C GLU D 186 -12.21 30.50 1.44
N LYS D 187 -11.73 29.87 0.38
CA LYS D 187 -12.21 30.19 -0.96
C LYS D 187 -13.71 29.95 -1.12
N GLN D 188 -14.24 28.96 -0.39
CA GLN D 188 -15.64 28.59 -0.51
C GLN D 188 -16.58 29.48 0.29
N GLY D 189 -16.03 30.28 1.21
CA GLY D 189 -16.84 31.18 2.00
C GLY D 189 -16.13 31.88 3.14
N GLY D 190 -16.55 33.10 3.42
CA GLY D 190 -16.02 33.86 4.54
C GLY D 190 -17.13 34.14 5.55
N SER D 191 -18.34 34.38 5.05
CA SER D 191 -19.49 34.63 5.91
C SER D 191 -19.92 33.33 6.59
N ASP D 192 -20.03 32.28 5.79
CA ASP D 192 -20.40 30.97 6.27
C ASP D 192 -19.13 30.16 6.53
N VAL D 193 -18.57 30.30 7.72
CA VAL D 193 -17.30 29.64 8.04
C VAL D 193 -17.46 28.14 8.28
N MET D 194 -18.69 27.71 8.49
CA MET D 194 -18.94 26.30 8.76
C MET D 194 -18.66 25.48 7.49
N SER D 195 -18.37 26.16 6.39
CA SER D 195 -18.03 25.50 5.14
C SER D 195 -16.52 25.26 5.01
N ASN D 196 -15.77 25.75 6.00
CA ASN D 196 -14.32 25.51 6.07
C ASN D 196 -13.97 24.05 5.80
N THR D 197 -12.91 23.82 5.03
CA THR D 197 -12.42 22.48 4.79
C THR D 197 -11.00 22.24 5.29
N THR D 198 -10.45 23.23 6.00
CA THR D 198 -9.18 23.03 6.69
C THR D 198 -9.42 22.04 7.84
N ARG D 199 -8.64 20.97 7.85
CA ARG D 199 -8.86 19.89 8.80
C ARG D 199 -7.71 19.77 9.79
N ALA D 200 -8.05 19.55 11.06
CA ALA D 200 -7.04 19.41 12.11
C ALA D 200 -7.12 18.05 12.79
N GLU D 201 -5.96 17.40 12.91
CA GLU D 201 -5.86 16.07 13.49
C GLU D 201 -5.02 16.11 14.78
N ARG D 202 -5.55 15.51 15.85
CA ARG D 202 -4.86 15.48 17.14
C ARG D 202 -3.63 14.56 17.12
N LEU D 203 -2.58 14.99 17.82
CA LEU D 203 -1.32 14.25 17.87
C LEU D 203 -1.02 13.72 19.28
N GLU D 204 -0.13 12.72 19.36
CA GLU D 204 0.20 12.10 20.63
C GLU D 204 1.01 13.05 21.55
N ASP D 205 0.65 14.33 21.55
CA ASP D 205 1.26 15.29 22.45
C ASP D 205 0.35 16.48 22.71
N GLY D 206 -0.92 16.35 22.32
CA GLY D 206 -1.91 17.39 22.59
C GLY D 206 -2.18 18.36 21.45
N SER D 207 -1.17 18.62 20.64
CA SER D 207 -1.31 19.57 19.53
C SER D 207 -1.99 18.92 18.33
N TYR D 208 -2.25 19.71 17.30
CA TYR D 208 -2.92 19.21 16.09
C TYR D 208 -2.12 19.47 14.81
N ARG D 209 -2.29 18.59 13.82
CA ARG D 209 -1.76 18.81 12.49
C ARG D 209 -2.83 19.47 11.64
N LEU D 210 -2.51 20.63 11.07
CA LEU D 210 -3.45 21.33 10.19
C LEU D 210 -3.06 21.21 8.72
N VAL D 211 -4.03 20.83 7.90
CA VAL D 211 -3.86 20.81 6.45
C VAL D 211 -5.06 21.50 5.82
N GLY D 212 -4.79 22.52 5.01
CA GLY D 212 -5.84 23.31 4.39
C GLY D 212 -5.33 24.62 3.82
N HIS D 213 -6.18 25.64 3.84
CA HIS D 213 -5.83 26.92 3.25
C HIS D 213 -6.67 28.04 3.84
N LYS D 214 -6.17 29.27 3.71
CA LYS D 214 -6.98 30.43 4.01
C LYS D 214 -6.87 31.41 2.84
N TRP D 215 -8.01 31.91 2.39
CA TRP D 215 -8.14 32.70 1.16
C TRP D 215 -7.70 34.14 1.36
N PHE D 216 -8.14 34.74 2.46
CA PHE D 216 -7.61 36.02 2.90
C PHE D 216 -6.96 35.83 4.25
N PHE D 217 -5.69 36.18 4.34
CA PHE D 217 -4.88 35.92 5.52
C PHE D 217 -4.02 37.14 5.76
N SER D 218 -4.56 38.13 6.46
CA SER D 218 -3.85 39.39 6.69
C SER D 218 -2.75 39.30 7.75
N VAL D 219 -1.78 40.20 7.63
CA VAL D 219 -0.64 40.23 8.54
C VAL D 219 -0.01 38.85 8.71
N PRO D 220 0.47 38.25 7.62
CA PRO D 220 1.06 36.92 7.68
C PRO D 220 2.27 36.92 8.61
N GLN D 221 2.82 38.10 8.86
CA GLN D 221 3.99 38.26 9.72
C GLN D 221 3.62 38.32 11.19
N SER D 222 2.33 38.17 11.49
CA SER D 222 1.89 38.03 12.86
C SER D 222 2.69 36.94 13.57
N ASP D 223 2.82 37.06 14.89
CA ASP D 223 3.55 36.08 15.68
C ASP D 223 2.72 34.82 15.90
N ALA D 224 1.41 34.94 15.69
CA ALA D 224 0.50 33.81 15.74
C ALA D 224 -0.82 34.18 15.08
N HIS D 225 -1.55 33.18 14.59
CA HIS D 225 -2.88 33.39 14.05
C HIS D 225 -3.89 32.47 14.75
N LEU D 226 -5.04 33.01 15.10
CA LEU D 226 -6.16 32.16 15.51
C LEU D 226 -6.87 31.66 14.25
N VAL D 227 -6.77 30.35 14.02
CA VAL D 227 -7.26 29.75 12.78
C VAL D 227 -8.41 28.77 13.02
N LEU D 228 -9.45 28.85 12.19
CA LEU D 228 -10.56 27.90 12.25
C LEU D 228 -10.30 26.68 11.39
N ALA D 229 -10.48 25.49 11.96
CA ALA D 229 -10.29 24.25 11.22
C ALA D 229 -11.25 23.17 11.69
N GLN D 230 -11.60 22.25 10.80
CA GLN D 230 -12.53 21.18 11.14
C GLN D 230 -11.84 20.07 11.93
N THR D 231 -12.51 19.54 12.95
CA THR D 231 -12.01 18.39 13.68
C THR D 231 -13.10 17.35 13.76
N ALA D 232 -12.78 16.19 14.35
CA ALA D 232 -13.75 15.11 14.48
C ALA D 232 -14.99 15.59 15.22
N GLY D 233 -14.81 16.52 16.14
CA GLY D 233 -15.91 17.02 16.95
C GLY D 233 -16.48 18.37 16.57
N GLY D 234 -16.21 18.81 15.33
CA GLY D 234 -16.75 20.05 14.83
C GLY D 234 -15.71 21.11 14.52
N LEU D 235 -16.17 22.25 14.01
CA LEU D 235 -15.29 23.36 13.64
C LEU D 235 -14.68 24.01 14.89
N SER D 236 -13.36 24.03 14.96
CA SER D 236 -12.67 24.51 16.15
C SER D 236 -11.69 25.65 15.88
N CYS D 237 -11.26 26.30 16.94
CA CYS D 237 -10.33 27.42 16.84
C CYS D 237 -8.92 27.03 17.30
N PHE D 238 -7.92 27.25 16.45
CA PHE D 238 -6.55 26.86 16.79
C PHE D 238 -5.58 28.04 16.90
N PHE D 239 -4.69 27.95 17.88
CA PHE D 239 -3.59 28.88 18.03
C PHE D 239 -2.41 28.36 17.21
N VAL D 240 -2.20 28.97 16.05
CA VAL D 240 -1.12 28.58 15.15
C VAL D 240 0.00 29.60 15.20
N PRO D 241 1.08 29.27 15.91
CA PRO D 241 2.20 30.20 16.04
C PRO D 241 3.03 30.24 14.77
N ARG D 242 3.73 31.34 14.50
CA ARG D 242 4.56 31.43 13.32
C ARG D 242 5.79 30.55 13.46
N PHE D 243 6.37 30.56 14.66
CA PHE D 243 7.45 29.64 15.00
C PHE D 243 6.95 28.60 15.99
N LEU D 244 7.48 27.38 15.90
CA LEU D 244 7.21 26.35 16.89
C LEU D 244 8.10 26.59 18.12
N PRO D 245 7.72 26.00 19.27
CA PRO D 245 8.48 26.18 20.50
C PRO D 245 9.99 25.92 20.32
N ASP D 246 10.35 24.92 19.51
CA ASP D 246 11.76 24.57 19.31
C ASP D 246 12.50 25.52 18.38
N GLY D 247 11.83 26.58 17.94
CA GLY D 247 12.47 27.61 17.13
C GLY D 247 12.28 27.43 15.63
N GLN D 248 11.89 26.24 15.19
CA GLN D 248 11.67 25.97 13.78
C GLN D 248 10.43 26.71 13.28
N ARG D 249 10.43 27.07 12.01
CA ARG D 249 9.30 27.76 11.41
C ARG D 249 8.12 26.83 11.15
N ASN D 250 6.94 27.23 11.61
CA ASN D 250 5.73 26.45 11.41
C ASN D 250 5.42 26.27 9.93
N ALA D 251 4.76 25.17 9.59
CA ALA D 251 4.50 24.85 8.19
C ALA D 251 3.37 25.68 7.58
N ILE D 252 3.50 27.00 7.66
CA ILE D 252 2.55 27.90 7.01
C ILE D 252 3.18 28.48 5.75
N ARG D 253 2.61 28.13 4.60
CA ARG D 253 3.20 28.42 3.30
C ARG D 253 2.49 29.58 2.62
N LEU D 254 3.19 30.71 2.46
CA LEU D 254 2.63 31.89 1.81
C LEU D 254 2.70 31.78 0.28
N GLU D 255 1.54 31.72 -0.36
CA GLU D 255 1.50 31.49 -1.80
C GLU D 255 1.41 32.76 -2.65
N ARG D 256 0.67 33.75 -2.18
CA ARG D 256 0.37 34.88 -3.03
C ARG D 256 -0.16 36.04 -2.22
N LEU D 257 0.14 37.25 -2.67
CA LEU D 257 -0.20 38.47 -1.96
C LEU D 257 -1.33 39.20 -2.70
N LYS D 258 -2.37 39.58 -1.98
CA LYS D 258 -3.52 40.21 -2.63
C LYS D 258 -3.09 41.53 -3.27
N ASP D 259 -3.59 41.80 -4.48
CA ASP D 259 -3.40 43.11 -5.12
C ASP D 259 -4.69 43.90 -4.93
N LYS D 260 -4.70 44.79 -3.92
CA LYS D 260 -5.95 45.36 -3.41
C LYS D 260 -6.29 46.74 -3.92
N LEU D 261 -7.58 47.04 -3.95
CA LEU D 261 -8.08 48.36 -4.30
C LEU D 261 -7.49 49.41 -3.37
N GLY D 262 -7.67 49.18 -2.08
CA GLY D 262 -7.10 50.03 -1.04
C GLY D 262 -6.43 49.13 -0.02
N ASN D 263 -6.17 49.65 1.16
CA ASN D 263 -5.56 48.86 2.22
C ASN D 263 -4.20 48.35 1.79
N ARG D 264 -3.59 49.03 0.82
CA ARG D 264 -2.42 48.50 0.14
C ARG D 264 -1.16 48.38 1.03
N SER D 265 -1.08 49.21 2.07
CA SER D 265 0.07 49.16 2.97
C SER D 265 0.11 47.85 3.74
N ASN D 266 -1.05 47.23 3.90
CA ASN D 266 -1.23 46.03 4.69
C ASN D 266 -1.14 44.75 3.85
N ALA D 267 -0.28 43.82 4.27
CA ALA D 267 -0.10 42.55 3.57
C ALA D 267 -1.25 41.56 3.82
N SER D 268 -1.95 41.20 2.76
CA SER D 268 -2.97 40.16 2.84
C SER D 268 -2.57 39.01 1.93
N CYS D 269 -2.45 37.82 2.51
CA CYS D 269 -1.91 36.69 1.79
C CYS D 269 -2.93 35.58 1.53
N GLU D 270 -2.64 34.78 0.51
CA GLU D 270 -3.32 33.51 0.32
C GLU D 270 -2.35 32.46 0.82
N VAL D 271 -2.73 31.76 1.89
CA VAL D 271 -1.82 30.84 2.53
C VAL D 271 -2.33 29.40 2.46
N GLU D 272 -1.41 28.45 2.59
CA GLU D 272 -1.76 27.03 2.69
C GLU D 272 -1.05 26.40 3.87
N PHE D 273 -1.71 25.43 4.51
CA PHE D 273 -1.14 24.73 5.66
C PHE D 273 -0.64 23.36 5.26
N GLN D 274 0.65 23.11 5.46
CA GLN D 274 1.24 21.81 5.15
C GLN D 274 1.67 21.07 6.41
N ASP D 275 0.69 20.55 7.14
CA ASP D 275 0.91 19.92 8.42
C ASP D 275 1.46 20.94 9.42
N ALA D 276 0.81 22.10 9.47
CA ALA D 276 1.18 23.13 10.43
C ALA D 276 0.67 22.71 11.79
N ILE D 277 1.44 23.00 12.84
CA ILE D 277 1.04 22.63 14.19
C ILE D 277 0.13 23.71 14.82
N GLY D 278 -1.02 23.28 15.32
CA GLY D 278 -1.90 24.19 16.04
C GLY D 278 -2.19 23.69 17.43
N TRP D 279 -2.64 24.57 18.30
CA TRP D 279 -3.06 24.18 19.64
C TRP D 279 -4.51 24.54 19.84
N LEU D 280 -5.32 23.57 20.25
CA LEU D 280 -6.75 23.78 20.45
C LEU D 280 -7.04 24.81 21.54
N LEU D 281 -7.85 25.81 21.21
CA LEU D 281 -8.33 26.76 22.19
C LEU D 281 -9.78 26.39 22.53
N GLY D 282 -10.02 26.09 23.80
CA GLY D 282 -11.31 25.63 24.24
C GLY D 282 -11.58 24.18 23.87
N LEU D 283 -12.82 23.88 23.53
CA LEU D 283 -13.22 22.53 23.19
C LEU D 283 -13.44 22.38 21.69
N GLU D 284 -13.28 21.16 21.19
CA GLU D 284 -13.55 20.89 19.78
C GLU D 284 -14.98 21.31 19.45
N GLY D 285 -15.17 21.89 18.27
CA GLY D 285 -16.48 22.32 17.84
C GLY D 285 -16.96 23.58 18.53
N GLU D 286 -16.15 24.11 19.43
CA GLU D 286 -16.47 25.37 20.11
C GLU D 286 -15.88 26.56 19.34
N GLY D 287 -15.34 26.27 18.15
CA GLY D 287 -14.64 27.27 17.36
C GLY D 287 -15.40 28.56 17.11
N ILE D 288 -16.60 28.45 16.55
CA ILE D 288 -17.38 29.64 16.23
C ILE D 288 -17.73 30.47 17.46
N ARG D 289 -18.02 29.79 18.57
CA ARG D 289 -18.38 30.48 19.80
C ARG D 289 -17.27 31.42 20.26
N LEU D 290 -16.02 30.97 20.10
CA LEU D 290 -14.87 31.78 20.48
C LEU D 290 -14.66 33.03 19.61
N ILE D 291 -14.51 32.84 18.30
CA ILE D 291 -14.27 33.97 17.42
C ILE D 291 -15.43 34.96 17.38
N LEU D 292 -16.54 34.61 18.04
CA LEU D 292 -17.68 35.51 18.14
C LEU D 292 -17.42 36.53 19.25
N LYS D 293 -16.68 36.11 20.26
CA LYS D 293 -16.27 37.00 21.34
C LYS D 293 -15.38 38.13 20.80
N MET D 294 -14.45 37.77 19.92
CA MET D 294 -13.53 38.74 19.32
C MET D 294 -14.20 39.56 18.22
N GLY D 295 -15.11 38.93 17.48
CA GLY D 295 -15.83 39.59 16.41
C GLY D 295 -16.50 40.87 16.87
N GLY D 296 -16.96 40.88 18.12
CA GLY D 296 -17.59 42.05 18.66
C GLY D 296 -16.70 43.26 18.53
N MET D 297 -15.46 43.13 19.00
CA MET D 297 -14.54 44.26 19.05
C MET D 297 -14.01 44.72 17.68
N THR D 298 -13.75 43.76 16.78
CA THR D 298 -13.24 44.13 15.46
C THR D 298 -14.32 44.85 14.64
N ARG D 299 -15.57 44.44 14.78
CA ARG D 299 -16.66 45.13 14.10
C ARG D 299 -16.71 46.58 14.58
N PHE D 300 -16.44 46.78 15.87
CA PHE D 300 -16.43 48.13 16.42
C PHE D 300 -15.32 48.96 15.78
N ASP D 301 -14.16 48.34 15.60
CA ASP D 301 -13.03 49.02 14.97
C ASP D 301 -13.30 49.38 13.51
N CYS D 302 -14.05 48.53 12.82
CA CYS D 302 -14.40 48.83 11.43
C CYS D 302 -15.24 50.09 11.41
N ALA D 303 -16.24 50.14 12.27
CA ALA D 303 -17.10 51.32 12.36
C ALA D 303 -16.31 52.55 12.75
N LEU D 304 -15.48 52.41 13.78
CA LEU D 304 -14.63 53.50 14.23
C LEU D 304 -13.67 53.96 13.11
N GLY D 305 -13.00 53.02 12.47
CA GLY D 305 -12.10 53.34 11.38
C GLY D 305 -12.77 54.09 10.24
N SER D 306 -13.93 53.60 9.81
CA SER D 306 -14.65 54.28 8.74
C SER D 306 -15.00 55.70 9.18
N HIS D 307 -15.50 55.83 10.41
CA HIS D 307 -15.82 57.15 10.94
C HIS D 307 -14.58 58.04 10.95
N ALA D 308 -13.45 57.50 11.42
CA ALA D 308 -12.22 58.26 11.46
C ALA D 308 -11.86 58.82 10.08
N MET D 309 -11.94 57.97 9.05
CA MET D 309 -11.60 58.37 7.70
C MET D 309 -12.58 59.40 7.14
N MET D 310 -13.86 59.27 7.50
CA MET D 310 -14.84 60.26 7.10
C MET D 310 -14.49 61.60 7.75
N ARG D 311 -14.06 61.55 9.01
CA ARG D 311 -13.65 62.74 9.73
C ARG D 311 -12.47 63.42 9.05
N ARG D 312 -11.43 62.66 8.74
CA ARG D 312 -10.27 63.20 8.07
C ARG D 312 -10.66 63.81 6.73
N ALA D 313 -11.47 63.09 5.96
CA ALA D 313 -11.93 63.58 4.67
C ALA D 313 -12.64 64.93 4.85
N PHE D 314 -13.51 64.99 5.84
CA PHE D 314 -14.27 66.19 6.09
C PHE D 314 -13.35 67.35 6.48
N SER D 315 -12.40 67.09 7.38
CA SER D 315 -11.43 68.13 7.78
C SER D 315 -10.76 68.74 6.55
N LEU D 316 -10.32 67.88 5.63
CA LEU D 316 -9.70 68.32 4.39
C LEU D 316 -10.64 69.18 3.57
N ALA D 317 -11.89 68.73 3.45
CA ALA D 317 -12.86 69.47 2.65
C ALA D 317 -13.09 70.89 3.16
N ILE D 318 -13.33 71.05 4.46
CA ILE D 318 -13.62 72.38 5.00
C ILE D 318 -12.39 73.30 5.00
N TYR D 319 -11.22 72.75 5.25
CA TYR D 319 -10.00 73.56 5.17
C TYR D 319 -9.85 74.07 3.73
N HIS D 320 -10.19 73.22 2.77
CA HIS D 320 -10.11 73.59 1.37
C HIS D 320 -11.17 74.64 1.02
N ALA D 321 -12.42 74.33 1.37
CA ALA D 321 -13.55 75.18 1.01
C ALA D 321 -13.43 76.57 1.62
N HIS D 322 -12.70 76.65 2.73
CA HIS D 322 -12.52 77.90 3.43
C HIS D 322 -11.59 78.85 2.66
N GLN D 323 -10.53 78.31 2.06
CA GLN D 323 -9.57 79.12 1.32
C GLN D 323 -9.96 79.32 -0.14
N ARG D 324 -10.50 78.26 -0.74
CA ARG D 324 -10.84 78.29 -2.15
C ARG D 324 -11.96 79.28 -2.44
N HIS D 325 -11.73 80.16 -3.41
CA HIS D 325 -12.78 81.08 -3.86
C HIS D 325 -13.43 80.64 -5.17
N VAL D 326 -14.76 80.81 -5.23
CA VAL D 326 -15.52 80.57 -6.46
C VAL D 326 -16.57 81.67 -6.60
N PHE D 327 -16.60 82.29 -7.78
CA PHE D 327 -17.59 83.33 -8.08
C PHE D 327 -17.53 84.47 -7.08
N GLY D 328 -16.33 84.78 -6.62
CA GLY D 328 -16.08 85.96 -5.80
C GLY D 328 -16.17 85.80 -4.29
N ASN D 329 -16.53 84.60 -3.84
CA ASN D 329 -16.66 84.35 -2.41
C ASN D 329 -16.00 83.04 -1.99
N PRO D 330 -15.61 82.94 -0.71
CA PRO D 330 -15.13 81.67 -0.19
C PRO D 330 -16.13 80.56 -0.51
N LEU D 331 -15.63 79.45 -1.02
CA LEU D 331 -16.47 78.33 -1.41
C LEU D 331 -17.39 77.95 -0.25
N ILE D 332 -16.86 78.03 0.97
CA ILE D 332 -17.59 77.63 2.16
C ILE D 332 -18.73 78.61 2.50
N GLN D 333 -18.72 79.78 1.88
CA GLN D 333 -19.78 80.76 2.09
C GLN D 333 -20.95 80.51 1.13
N GLN D 334 -20.67 79.79 0.05
CA GLN D 334 -21.69 79.51 -0.97
C GLN D 334 -22.82 78.66 -0.37
N PRO D 335 -24.04 79.20 -0.42
CA PRO D 335 -25.20 78.61 0.27
C PRO D 335 -25.31 77.10 0.06
N LEU D 336 -25.22 76.63 -1.18
CA LEU D 336 -25.43 75.21 -1.42
C LEU D 336 -24.31 74.38 -0.83
N MET D 337 -23.07 74.86 -0.97
CA MET D 337 -21.92 74.16 -0.40
C MET D 337 -22.01 74.14 1.13
N ARG D 338 -22.39 75.27 1.70
CA ARG D 338 -22.48 75.40 3.15
C ARG D 338 -23.52 74.43 3.68
N HIS D 339 -24.63 74.32 2.96
CA HIS D 339 -25.71 73.41 3.32
C HIS D 339 -25.21 71.97 3.36
N VAL D 340 -24.53 71.56 2.31
CA VAL D 340 -23.98 70.21 2.21
C VAL D 340 -22.95 69.93 3.30
N LEU D 341 -21.93 70.79 3.41
CA LEU D 341 -20.91 70.64 4.44
C LEU D 341 -21.51 70.55 5.84
N SER D 342 -22.57 71.33 6.08
CA SER D 342 -23.22 71.34 7.39
C SER D 342 -23.85 69.99 7.69
N ARG D 343 -24.52 69.40 6.70
CA ARG D 343 -25.12 68.09 6.88
C ARG D 343 -24.05 67.04 7.14
N MET D 344 -22.90 67.19 6.49
CA MET D 344 -21.82 66.24 6.67
C MET D 344 -21.30 66.33 8.09
N ALA D 345 -21.16 67.56 8.58
CA ALA D 345 -20.70 67.79 9.96
C ALA D 345 -21.69 67.19 10.93
N LEU D 346 -22.97 67.42 10.65
CA LEU D 346 -24.06 66.89 11.45
C LEU D 346 -24.05 65.36 11.46
N GLN D 347 -23.67 64.79 10.33
CA GLN D 347 -23.53 63.34 10.22
C GLN D 347 -22.47 62.85 11.19
N LEU D 348 -21.33 63.54 11.21
CA LEU D 348 -20.21 63.20 12.08
C LEU D 348 -20.54 63.41 13.56
N GLU D 349 -21.30 64.45 13.87
CA GLU D 349 -21.73 64.70 15.24
C GLU D 349 -22.42 63.45 15.78
N GLY D 350 -23.42 62.97 15.04
CA GLY D 350 -24.16 61.78 15.44
C GLY D 350 -23.27 60.57 15.61
N GLN D 351 -22.46 60.28 14.60
CA GLN D 351 -21.58 59.11 14.65
C GLN D 351 -20.61 59.17 15.83
N THR D 352 -20.09 60.36 16.12
CA THR D 352 -19.14 60.53 17.22
C THR D 352 -19.83 60.21 18.53
N ALA D 353 -21.07 60.69 18.67
CA ALA D 353 -21.87 60.44 19.87
C ALA D 353 -22.17 58.95 20.04
N LEU D 354 -22.66 58.33 18.98
CA LEU D 354 -23.06 56.93 19.02
C LEU D 354 -21.86 56.01 19.27
N LEU D 355 -20.75 56.27 18.58
CA LEU D 355 -19.59 55.40 18.68
C LEU D 355 -18.97 55.40 20.07
N PHE D 356 -18.86 56.58 20.66
CA PHE D 356 -18.23 56.68 21.97
C PHE D 356 -19.17 56.36 23.13
N ARG D 357 -20.47 56.41 22.88
CA ARG D 357 -21.44 55.82 23.80
C ARG D 357 -21.30 54.31 23.71
N LEU D 358 -21.13 53.82 22.49
CA LEU D 358 -20.94 52.40 22.24
C LEU D 358 -19.63 51.94 22.86
N ALA D 359 -18.64 52.83 22.88
CA ALA D 359 -17.35 52.52 23.51
C ALA D 359 -17.52 52.43 25.03
N ARG D 360 -18.40 53.26 25.57
CA ARG D 360 -18.67 53.23 26.99
C ARG D 360 -19.26 51.88 27.33
N ALA D 361 -20.21 51.43 26.51
CA ALA D 361 -20.87 50.14 26.74
C ALA D 361 -19.83 49.03 26.87
N TRP D 362 -18.87 49.01 25.95
CA TRP D 362 -17.83 47.99 25.97
C TRP D 362 -16.96 48.11 27.21
N ASP D 363 -16.73 49.33 27.66
CA ASP D 363 -15.90 49.57 28.82
C ASP D 363 -16.59 49.05 30.08
N ARG D 364 -17.91 49.22 30.14
CA ARG D 364 -18.69 48.83 31.31
C ARG D 364 -19.45 47.54 31.05
N ARG D 365 -18.82 46.61 30.32
CA ARG D 365 -19.48 45.38 29.90
C ARG D 365 -19.77 44.43 31.07
N ALA D 366 -19.20 44.70 32.23
CA ALA D 366 -19.51 43.91 33.42
C ALA D 366 -21.00 44.04 33.74
N ASP D 367 -21.56 45.21 33.46
CA ASP D 367 -23.00 45.45 33.55
C ASP D 367 -23.69 44.80 32.36
N ALA D 368 -24.62 43.89 32.65
CA ALA D 368 -25.33 43.16 31.60
C ALA D 368 -26.10 44.08 30.65
N LYS D 369 -26.69 45.14 31.19
CA LYS D 369 -27.45 46.11 30.39
C LYS D 369 -26.52 46.82 29.41
N GLU D 370 -25.29 47.04 29.82
CA GLU D 370 -24.31 47.70 28.97
C GLU D 370 -23.81 46.74 27.89
N ALA D 371 -23.58 45.49 28.26
CA ALA D 371 -23.11 44.50 27.31
C ALA D 371 -24.16 44.26 26.24
N LEU D 372 -25.42 44.30 26.63
CA LEU D 372 -26.51 44.09 25.70
C LEU D 372 -26.62 45.24 24.72
N TRP D 373 -26.42 46.46 25.21
CA TRP D 373 -26.42 47.64 24.36
C TRP D 373 -25.32 47.52 23.31
N ALA D 374 -24.13 47.14 23.75
CA ALA D 374 -23.01 46.91 22.84
C ALA D 374 -23.30 45.78 21.85
N ARG D 375 -23.86 44.68 22.36
CA ARG D 375 -24.17 43.52 21.54
C ARG D 375 -25.10 43.87 20.37
N LEU D 376 -25.98 44.85 20.58
CA LEU D 376 -26.96 45.22 19.58
C LEU D 376 -26.47 46.30 18.62
N PHE D 377 -25.86 47.35 19.16
CA PHE D 377 -25.50 48.52 18.35
C PHE D 377 -24.15 48.41 17.63
N THR D 378 -23.30 47.47 18.06
CA THR D 378 -22.04 47.26 17.35
C THR D 378 -22.28 46.87 15.89
N PRO D 379 -23.03 45.77 15.66
CA PRO D 379 -23.34 45.36 14.28
C PRO D 379 -24.05 46.46 13.50
N ALA D 380 -24.99 47.15 14.13
CA ALA D 380 -25.71 48.23 13.46
C ALA D 380 -24.77 49.34 13.02
N ALA D 381 -23.93 49.81 13.95
CA ALA D 381 -22.99 50.89 13.68
C ALA D 381 -22.06 50.54 12.51
N LYS D 382 -21.58 49.31 12.50
CA LYS D 382 -20.71 48.86 11.42
C LYS D 382 -21.44 48.88 10.08
N PHE D 383 -22.68 48.39 10.06
CA PHE D 383 -23.44 48.37 8.82
C PHE D 383 -23.63 49.79 8.28
N VAL D 384 -24.27 50.62 9.07
CA VAL D 384 -24.61 51.97 8.63
C VAL D 384 -23.39 52.87 8.40
N ILE D 385 -22.48 52.94 9.37
CA ILE D 385 -21.35 53.84 9.23
C ILE D 385 -20.44 53.43 8.06
N CYS D 386 -20.07 52.17 8.02
CA CYS D 386 -19.21 51.69 6.96
C CYS D 386 -19.84 51.85 5.57
N LYS D 387 -21.16 51.79 5.49
CA LYS D 387 -21.87 52.00 4.23
C LYS D 387 -21.85 53.50 3.84
N ARG D 388 -22.05 54.38 4.81
CA ARG D 388 -22.00 55.81 4.61
C ARG D 388 -20.62 56.27 4.16
N GLY D 389 -19.59 55.49 4.51
CA GLY D 389 -18.22 55.87 4.21
C GLY D 389 -17.98 56.29 2.76
N MET D 390 -18.41 55.43 1.84
CA MET D 390 -18.19 55.66 0.42
C MET D 390 -18.78 56.97 -0.12
N PRO D 391 -20.10 57.16 0.00
CA PRO D 391 -20.69 58.39 -0.52
C PRO D 391 -20.11 59.64 0.15
N PHE D 392 -19.85 59.54 1.45
CA PHE D 392 -19.37 60.66 2.24
C PHE D 392 -18.00 61.13 1.75
N VAL D 393 -17.04 60.20 1.68
CA VAL D 393 -15.69 60.55 1.27
C VAL D 393 -15.69 61.03 -0.17
N ALA D 394 -16.54 60.43 -1.00
CA ALA D 394 -16.69 60.85 -2.38
C ALA D 394 -17.13 62.31 -2.44
N GLU D 395 -18.00 62.70 -1.51
CA GLU D 395 -18.47 64.09 -1.45
C GLU D 395 -17.32 65.00 -1.07
N ALA D 396 -16.59 64.64 -0.03
CA ALA D 396 -15.41 65.41 0.38
C ALA D 396 -14.52 65.60 -0.84
N MET D 397 -14.24 64.50 -1.53
CA MET D 397 -13.39 64.53 -2.70
C MET D 397 -13.90 65.55 -3.72
N GLU D 398 -15.21 65.58 -3.91
CA GLU D 398 -15.80 66.51 -4.87
C GLU D 398 -15.72 67.97 -4.41
N VAL D 399 -15.60 68.18 -3.10
CA VAL D 399 -15.48 69.54 -2.58
C VAL D 399 -14.19 70.14 -3.08
N LEU D 400 -13.13 69.33 -3.12
CA LEU D 400 -11.83 69.76 -3.61
C LEU D 400 -11.83 69.88 -5.13
N GLY D 401 -12.66 69.07 -5.78
CA GLY D 401 -12.75 69.04 -7.24
C GLY D 401 -11.71 68.15 -7.89
N GLY D 402 -11.18 68.58 -9.02
CA GLY D 402 -10.27 67.76 -9.79
C GLY D 402 -9.03 67.32 -9.02
N ILE D 403 -8.47 68.21 -8.22
CA ILE D 403 -7.25 67.88 -7.48
C ILE D 403 -7.52 66.81 -6.44
N GLY D 404 -8.80 66.65 -6.08
CA GLY D 404 -9.23 65.63 -5.13
C GLY D 404 -9.29 64.25 -5.75
N TYR D 405 -9.20 64.20 -7.08
CA TYR D 405 -9.27 62.95 -7.81
C TYR D 405 -7.89 62.48 -8.17
N CYS D 406 -6.87 63.24 -7.75
CA CYS D 406 -5.48 62.90 -8.04
C CYS D 406 -4.78 62.24 -6.84
N GLU D 407 -3.94 61.24 -7.11
CA GLU D 407 -3.32 60.45 -6.05
C GLU D 407 -2.33 61.22 -5.17
N GLU D 408 -2.00 62.46 -5.55
CA GLU D 408 -1.16 63.30 -4.71
C GLU D 408 -1.96 63.79 -3.50
N SER D 409 -3.29 63.78 -3.65
CA SER D 409 -4.20 64.13 -2.57
C SER D 409 -4.47 62.92 -1.69
N GLU D 410 -4.85 63.17 -0.44
CA GLU D 410 -5.18 62.09 0.48
C GLU D 410 -6.52 61.43 0.13
N LEU D 411 -7.38 62.15 -0.57
CA LEU D 411 -8.74 61.68 -0.79
C LEU D 411 -8.86 60.33 -1.50
N PRO D 412 -8.15 60.16 -2.64
CA PRO D 412 -8.27 58.87 -3.32
C PRO D 412 -7.93 57.68 -2.44
N ARG D 413 -6.83 57.77 -1.68
CA ARG D 413 -6.44 56.69 -0.78
C ARG D 413 -7.55 56.36 0.23
N LEU D 414 -8.16 57.41 0.78
CA LEU D 414 -9.29 57.25 1.70
C LEU D 414 -10.47 56.61 0.98
N TYR D 415 -10.85 57.20 -0.15
CA TYR D 415 -11.95 56.70 -0.96
C TYR D 415 -11.74 55.24 -1.31
N ARG D 416 -10.49 54.85 -1.55
CA ARG D 416 -10.16 53.48 -1.92
C ARG D 416 -10.18 52.54 -0.71
N GLU D 417 -10.14 53.13 0.48
CA GLU D 417 -10.08 52.33 1.70
C GLU D 417 -11.48 51.95 2.18
N MET D 418 -12.42 52.88 2.02
CA MET D 418 -13.74 52.77 2.63
C MET D 418 -14.42 51.41 2.49
N PRO D 419 -14.41 50.82 1.27
CA PRO D 419 -15.18 49.58 1.09
C PRO D 419 -14.66 48.41 1.91
N VAL D 420 -13.37 48.41 2.21
CA VAL D 420 -12.80 47.28 2.93
C VAL D 420 -13.45 47.11 4.30
N ASN D 421 -13.72 48.22 4.97
CA ASN D 421 -14.35 48.20 6.29
C ASN D 421 -15.77 47.65 6.24
N SER D 422 -16.44 47.85 5.11
CA SER D 422 -17.80 47.37 4.94
C SER D 422 -17.85 45.88 4.58
N ILE D 423 -16.75 45.38 4.01
CA ILE D 423 -16.66 44.00 3.55
C ILE D 423 -16.11 43.07 4.65
N TRP D 424 -15.21 43.61 5.46
CA TRP D 424 -14.58 42.85 6.54
C TRP D 424 -15.61 42.17 7.42
N GLU D 425 -15.26 40.99 7.93
CA GLU D 425 -16.06 40.32 8.95
C GLU D 425 -17.53 40.12 8.56
N GLY D 426 -17.76 39.49 7.41
CA GLY D 426 -19.11 39.09 7.02
C GLY D 426 -19.89 40.06 6.17
N SER D 427 -19.49 41.33 6.19
CA SER D 427 -20.12 42.35 5.35
C SER D 427 -21.47 42.83 5.89
N GLY D 428 -22.03 43.82 5.20
CA GLY D 428 -23.24 44.49 5.66
C GLY D 428 -24.41 43.58 6.00
N ASN D 429 -24.78 42.73 5.06
CA ASN D 429 -25.94 41.87 5.26
C ASN D 429 -25.82 41.04 6.54
N ILE D 430 -24.65 40.46 6.75
CA ILE D 430 -24.41 39.65 7.94
C ILE D 430 -24.59 40.48 9.20
N MET D 431 -24.17 41.74 9.15
CA MET D 431 -24.40 42.64 10.28
C MET D 431 -25.88 42.79 10.57
N CYS D 432 -26.67 43.00 9.54
CA CYS D 432 -28.09 43.23 9.71
C CYS D 432 -28.82 41.96 10.12
N LEU D 433 -28.38 40.82 9.60
CA LEU D 433 -28.92 39.55 10.04
C LEU D 433 -28.63 39.36 11.53
N ASP D 434 -27.44 39.75 11.96
CA ASP D 434 -27.07 39.62 13.36
C ASP D 434 -27.93 40.51 14.25
N VAL D 435 -28.23 41.72 13.78
CA VAL D 435 -29.07 42.64 14.53
C VAL D 435 -30.47 42.07 14.69
N LEU D 436 -30.98 41.43 13.64
CA LEU D 436 -32.27 40.78 13.72
C LEU D 436 -32.24 39.62 14.70
N ARG D 437 -31.17 38.84 14.67
CA ARG D 437 -31.01 37.72 15.60
C ARG D 437 -31.02 38.19 17.06
N VAL D 438 -30.47 39.37 17.33
CA VAL D 438 -30.45 39.91 18.67
C VAL D 438 -31.86 40.35 19.11
N LEU D 439 -32.58 41.01 18.21
CA LEU D 439 -33.94 41.44 18.50
C LEU D 439 -34.88 40.23 18.70
N ASN D 440 -34.52 39.09 18.11
CA ASN D 440 -35.34 37.90 18.22
C ASN D 440 -34.92 37.01 19.39
N LYS D 441 -33.68 36.53 19.35
CA LYS D 441 -33.20 35.52 20.29
C LYS D 441 -32.82 36.07 21.67
N GLN D 442 -32.59 37.37 21.76
CA GLN D 442 -32.13 37.95 23.02
C GLN D 442 -33.26 38.50 23.88
N ALA D 443 -33.18 38.25 25.18
CA ALA D 443 -34.22 38.65 26.11
C ALA D 443 -33.90 39.99 26.78
N GLY D 444 -34.93 40.83 26.92
CA GLY D 444 -34.78 42.11 27.57
C GLY D 444 -34.27 43.20 26.65
N VAL D 445 -34.28 42.94 25.35
CA VAL D 445 -33.83 43.91 24.37
C VAL D 445 -34.90 44.96 24.12
N TYR D 446 -36.14 44.51 23.89
CA TYR D 446 -37.26 45.41 23.70
C TYR D 446 -37.43 46.33 24.90
N ASP D 447 -37.14 45.80 26.09
CA ASP D 447 -37.22 46.58 27.30
C ASP D 447 -36.11 47.64 27.35
N LEU D 448 -34.88 47.22 27.07
CA LEU D 448 -33.73 48.12 27.06
C LEU D 448 -33.95 49.29 26.11
N LEU D 449 -34.54 49.01 24.95
CA LEU D 449 -34.82 50.05 23.97
C LEU D 449 -35.88 51.02 24.48
N SER D 450 -36.99 50.47 24.96
CA SER D 450 -38.09 51.29 25.46
C SER D 450 -37.65 52.22 26.58
N GLU D 451 -36.75 51.74 27.44
CA GLU D 451 -36.25 52.57 28.53
C GLU D 451 -35.53 53.80 28.00
N ALA D 452 -34.82 53.65 26.89
CA ALA D 452 -34.08 54.75 26.30
C ALA D 452 -35.01 55.74 25.61
N PHE D 453 -36.02 55.22 24.90
CA PHE D 453 -36.93 56.06 24.13
C PHE D 453 -37.85 56.87 25.04
N VAL D 454 -38.29 56.24 26.13
CA VAL D 454 -39.13 56.91 27.12
C VAL D 454 -38.37 58.05 27.81
N GLU D 455 -37.05 57.88 27.96
CA GLU D 455 -36.24 58.86 28.65
C GLU D 455 -36.10 60.18 27.87
N VAL D 456 -36.50 60.17 26.60
CA VAL D 456 -36.40 61.36 25.76
C VAL D 456 -37.70 61.68 25.04
N LYS D 457 -38.75 60.91 25.33
CA LYS D 457 -40.04 61.13 24.70
C LYS D 457 -40.52 62.57 24.93
N GLY D 458 -41.09 63.17 23.89
CA GLY D 458 -41.61 64.52 23.98
C GLY D 458 -40.60 65.61 23.71
N GLN D 459 -39.32 65.23 23.59
CA GLN D 459 -38.27 66.21 23.31
C GLN D 459 -38.26 66.63 21.84
N ASP D 460 -38.62 65.70 20.96
CA ASP D 460 -38.60 65.99 19.52
C ASP D 460 -39.68 65.18 18.80
N ARG D 461 -40.49 65.87 18.01
CA ARG D 461 -41.61 65.25 17.31
C ARG D 461 -41.18 64.21 16.29
N TYR D 462 -40.12 64.51 15.55
CA TYR D 462 -39.63 63.62 14.50
C TYR D 462 -38.99 62.35 15.07
N PHE D 463 -38.38 62.48 16.25
CA PHE D 463 -37.81 61.32 16.93
C PHE D 463 -38.91 60.36 17.41
N ASP D 464 -39.94 60.92 18.03
CA ASP D 464 -41.02 60.09 18.54
C ASP D 464 -41.76 59.38 17.39
N ARG D 465 -41.97 60.12 16.31
CA ARG D 465 -42.63 59.54 15.14
C ARG D 465 -41.80 58.39 14.58
N ALA D 466 -40.48 58.55 14.63
CA ALA D 466 -39.56 57.51 14.18
C ALA D 466 -39.65 56.28 15.09
N VAL D 467 -39.72 56.51 16.40
CA VAL D 467 -39.85 55.43 17.37
C VAL D 467 -41.13 54.63 17.11
N ARG D 468 -42.21 55.33 16.80
CA ARG D 468 -43.49 54.68 16.54
C ARG D 468 -43.43 53.86 15.25
N ARG D 469 -42.61 54.29 14.30
CA ARG D 469 -42.49 53.60 13.03
C ARG D 469 -41.58 52.37 13.14
N LEU D 470 -40.60 52.42 14.04
CA LEU D 470 -39.74 51.26 14.27
C LEU D 470 -40.53 50.15 14.96
N GLN D 471 -41.25 50.52 16.01
CA GLN D 471 -42.05 49.55 16.76
C GLN D 471 -43.08 48.90 15.85
N GLN D 472 -43.67 49.68 14.94
CA GLN D 472 -44.61 49.15 13.98
C GLN D 472 -43.92 48.16 13.04
N GLN D 473 -42.62 48.36 12.86
CA GLN D 473 -41.83 47.54 11.95
C GLN D 473 -41.27 46.29 12.63
N LEU D 474 -41.25 46.29 13.96
CA LEU D 474 -40.77 45.15 14.72
C LEU D 474 -41.92 44.19 15.01
N ARG D 475 -43.12 44.59 14.58
CA ARG D 475 -44.29 43.71 14.64
C ARG D 475 -43.98 42.41 13.89
N LYS D 476 -43.77 42.52 12.58
CA LYS D 476 -43.37 41.36 11.76
C LYS D 476 -41.92 41.49 11.28
N PRO D 477 -40.96 41.12 12.14
CA PRO D 477 -39.52 41.29 11.85
C PRO D 477 -39.06 40.45 10.66
N ALA D 478 -39.35 40.92 9.44
CA ALA D 478 -39.03 40.16 8.23
C ALA D 478 -37.57 40.29 7.83
N GLU D 479 -36.98 39.17 7.41
CA GLU D 479 -35.56 39.12 7.10
C GLU D 479 -35.14 40.09 5.96
N GLU D 480 -35.93 40.18 4.89
CA GLU D 480 -35.65 41.09 3.78
C GLU D 480 -35.65 42.57 4.21
N LEU D 481 -36.22 42.85 5.38
CA LEU D 481 -36.24 44.21 5.89
C LEU D 481 -35.10 44.44 6.88
N GLY D 482 -34.17 43.51 6.93
CA GLY D 482 -33.05 43.59 7.86
C GLY D 482 -32.25 44.87 7.76
N ARG D 483 -32.15 45.44 6.57
CA ARG D 483 -31.43 46.69 6.42
C ARG D 483 -32.26 47.89 6.85
N GLU D 484 -33.51 47.94 6.41
CA GLU D 484 -34.40 49.01 6.79
C GLU D 484 -34.47 49.09 8.32
N ILE D 485 -34.56 47.93 8.95
CA ILE D 485 -34.69 47.84 10.40
C ILE D 485 -33.41 48.26 11.11
N THR D 486 -32.29 47.71 10.69
CA THR D 486 -31.00 48.06 11.26
C THR D 486 -30.72 49.55 11.12
N HIS D 487 -31.02 50.10 9.95
CA HIS D 487 -30.77 51.52 9.71
C HIS D 487 -31.60 52.35 10.69
N GLN D 488 -32.90 52.06 10.76
CA GLN D 488 -33.79 52.80 11.63
C GLN D 488 -33.32 52.71 13.08
N LEU D 489 -32.92 51.51 13.49
CA LEU D 489 -32.43 51.28 14.84
C LEU D 489 -31.20 52.14 15.13
N PHE D 490 -30.27 52.16 14.19
CA PHE D 490 -29.05 52.95 14.33
C PHE D 490 -29.36 54.44 14.50
N LEU D 491 -30.24 54.95 13.64
CA LEU D 491 -30.65 56.35 13.71
C LEU D 491 -31.23 56.71 15.07
N LEU D 492 -32.17 55.91 15.55
CA LEU D 492 -32.76 56.14 16.86
C LEU D 492 -31.69 56.14 17.95
N GLY D 493 -30.70 55.26 17.81
CA GLY D 493 -29.59 55.20 18.74
C GLY D 493 -28.82 56.50 18.81
N CYS D 494 -28.48 57.05 17.65
CA CYS D 494 -27.80 58.33 17.58
C CYS D 494 -28.71 59.42 18.10
N GLY D 495 -29.98 59.35 17.70
CA GLY D 495 -30.96 60.35 18.10
C GLY D 495 -31.05 60.47 19.60
N ALA D 496 -31.24 59.34 20.28
CA ALA D 496 -31.32 59.32 21.73
C ALA D 496 -30.14 60.07 22.33
N GLN D 497 -28.94 59.76 21.85
CA GLN D 497 -27.72 60.40 22.34
C GLN D 497 -27.67 61.90 22.07
N MET D 498 -28.13 62.31 20.89
CA MET D 498 -28.16 63.71 20.56
C MET D 498 -29.12 64.45 21.48
N LEU D 499 -30.32 63.89 21.64
CA LEU D 499 -31.34 64.52 22.47
C LEU D 499 -30.90 64.65 23.93
N LYS D 500 -30.21 63.64 24.44
CA LYS D 500 -29.78 63.64 25.84
C LYS D 500 -28.63 64.60 26.14
N TYR D 501 -27.54 64.49 25.38
CA TYR D 501 -26.29 65.17 25.75
C TYR D 501 -25.83 66.28 24.80
N ALA D 502 -26.61 66.54 23.76
CA ALA D 502 -26.26 67.60 22.82
C ALA D 502 -27.10 68.83 23.10
N SER D 503 -26.61 70.00 22.69
CA SER D 503 -27.37 71.23 22.88
C SER D 503 -28.71 71.09 22.15
N PRO D 504 -29.79 71.56 22.77
CA PRO D 504 -31.13 71.44 22.19
C PRO D 504 -31.22 71.82 20.71
N PRO D 505 -30.61 72.96 20.31
CA PRO D 505 -30.66 73.34 18.89
C PRO D 505 -29.95 72.32 17.99
N MET D 506 -28.85 71.76 18.49
CA MET D 506 -28.09 70.76 17.74
C MET D 506 -28.89 69.46 17.60
N ALA D 507 -29.54 69.05 18.69
CA ALA D 507 -30.33 67.83 18.69
C ALA D 507 -31.54 67.96 17.77
N GLN D 508 -32.11 69.16 17.73
CA GLN D 508 -33.25 69.43 16.87
C GLN D 508 -32.81 69.36 15.40
N ALA D 509 -31.68 69.99 15.11
CA ALA D 509 -31.15 69.97 13.75
C ALA D 509 -30.93 68.54 13.30
N TRP D 510 -30.27 67.76 14.15
CA TRP D 510 -29.95 66.38 13.78
C TRP D 510 -31.21 65.57 13.54
N CYS D 511 -32.18 65.72 14.44
CA CYS D 511 -33.44 65.00 14.31
C CYS D 511 -34.20 65.38 13.06
N GLN D 512 -34.23 66.67 12.75
CA GLN D 512 -34.96 67.15 11.58
C GLN D 512 -34.33 66.64 10.29
N VAL D 513 -33.01 66.71 10.21
CA VAL D 513 -32.29 66.26 9.03
C VAL D 513 -32.40 64.75 8.82
N MET D 514 -32.19 63.97 9.88
CA MET D 514 -32.12 62.52 9.75
C MET D 514 -33.49 61.82 9.79
N LEU D 515 -34.46 62.44 10.44
CA LEU D 515 -35.72 61.75 10.75
C LEU D 515 -36.97 62.39 10.15
N ASP D 516 -36.83 63.56 9.54
CA ASP D 516 -37.96 64.18 8.86
C ASP D 516 -38.09 63.61 7.46
N THR D 517 -39.02 62.68 7.29
CA THR D 517 -39.22 62.01 6.02
C THR D 517 -39.64 62.97 4.91
N ARG D 518 -40.40 63.99 5.27
CA ARG D 518 -40.91 64.95 4.30
C ARG D 518 -39.78 65.54 3.46
N GLY D 519 -38.55 65.38 3.92
CA GLY D 519 -37.38 65.87 3.22
C GLY D 519 -37.38 67.38 3.05
N GLY D 520 -36.29 67.91 2.48
CA GLY D 520 -36.17 69.33 2.23
C GLY D 520 -36.17 70.16 3.49
N VAL D 521 -35.05 70.11 4.21
CA VAL D 521 -34.93 70.79 5.50
C VAL D 521 -33.82 71.85 5.51
N ARG D 522 -34.19 73.11 5.71
CA ARG D 522 -33.21 74.19 5.81
C ARG D 522 -32.71 74.32 7.24
N LEU D 523 -31.42 74.57 7.40
CA LEU D 523 -30.84 74.78 8.73
C LEU D 523 -30.64 76.28 9.01
N SER D 524 -30.74 76.67 10.27
CA SER D 524 -30.53 78.06 10.63
C SER D 524 -29.10 78.46 10.35
N GLU D 525 -28.86 79.76 10.12
CA GLU D 525 -27.51 80.24 9.89
C GLU D 525 -26.65 80.04 11.13
N GLN D 526 -27.28 80.07 12.30
CA GLN D 526 -26.57 79.94 13.57
C GLN D 526 -26.08 78.51 13.83
N ILE D 527 -26.93 77.53 13.52
CA ILE D 527 -26.57 76.12 13.73
C ILE D 527 -25.53 75.64 12.71
N GLN D 528 -25.57 76.20 11.50
CA GLN D 528 -24.55 75.89 10.50
C GLN D 528 -23.20 76.49 10.89
N ASN D 529 -23.22 77.74 11.33
CA ASN D 529 -21.99 78.39 11.79
C ASN D 529 -21.40 77.61 12.95
N ASP D 530 -22.27 77.03 13.76
CA ASP D 530 -21.82 76.33 14.96
C ASP D 530 -21.27 74.94 14.61
N LEU D 531 -21.94 74.25 13.71
CA LEU D 531 -21.49 72.93 13.25
C LEU D 531 -20.05 73.00 12.70
N LEU D 532 -19.82 73.94 11.80
CA LEU D 532 -18.53 74.10 11.15
C LEU D 532 -17.44 74.57 12.11
N LEU D 533 -17.85 75.35 13.12
CA LEU D 533 -16.92 75.84 14.11
C LEU D 533 -16.46 74.68 15.00
N ARG D 534 -17.39 73.81 15.34
CA ARG D 534 -17.09 72.66 16.18
C ARG D 534 -16.23 71.63 15.45
N ALA D 535 -16.28 71.67 14.13
CA ALA D 535 -15.53 70.72 13.30
C ALA D 535 -14.10 71.16 13.04
N THR D 536 -13.75 72.35 13.53
CA THR D 536 -12.38 72.84 13.43
C THR D 536 -11.76 73.08 14.81
N GLY D 537 -12.42 72.58 15.85
CA GLY D 537 -11.93 72.71 17.20
C GLY D 537 -12.40 74.00 17.84
N GLY D 538 -11.72 74.41 18.90
CA GLY D 538 -12.10 75.62 19.62
C GLY D 538 -13.19 75.34 20.65
N VAL D 539 -13.55 74.08 20.78
CA VAL D 539 -14.53 73.67 21.79
C VAL D 539 -13.83 72.85 22.87
N CYS D 540 -12.51 72.84 22.84
CA CYS D 540 -11.71 72.05 23.77
C CYS D 540 -10.92 72.94 24.72
N HIS E 2 -80.08 -24.30 31.76
CA HIS E 2 -79.67 -24.02 33.13
C HIS E 2 -78.15 -23.85 33.27
N TRP E 3 -77.42 -24.15 32.19
CA TRP E 3 -75.96 -24.06 32.19
C TRP E 3 -75.49 -22.62 32.00
N GLN E 4 -76.35 -21.80 31.40
CA GLN E 4 -75.98 -20.43 31.08
C GLN E 4 -76.11 -19.47 32.26
N THR E 5 -75.31 -18.41 32.24
CA THR E 5 -75.37 -17.38 33.27
C THR E 5 -76.08 -16.14 32.77
N HIS E 6 -76.25 -16.04 31.46
CA HIS E 6 -76.86 -14.86 30.85
C HIS E 6 -77.25 -15.11 29.40
N THR E 7 -77.94 -14.13 28.81
CA THR E 7 -78.30 -14.18 27.41
C THR E 7 -77.61 -13.04 26.66
N VAL E 8 -76.98 -13.35 25.54
CA VAL E 8 -76.28 -12.32 24.77
C VAL E 8 -77.24 -11.58 23.83
N PHE E 9 -77.39 -10.29 24.04
CA PHE E 9 -78.26 -9.47 23.21
C PHE E 9 -77.68 -8.07 22.98
N ASN E 10 -78.34 -7.31 22.10
CA ASN E 10 -77.90 -5.97 21.71
C ASN E 10 -76.48 -5.96 21.16
N GLN E 11 -76.04 -7.11 20.65
CA GLN E 11 -74.75 -7.20 19.98
C GLN E 11 -74.95 -7.25 18.46
N PRO E 12 -74.61 -6.14 17.78
CA PRO E 12 -74.81 -5.97 16.34
C PRO E 12 -73.93 -6.93 15.53
N ILE E 13 -74.43 -7.35 14.38
CA ILE E 13 -73.66 -8.20 13.48
C ILE E 13 -72.66 -7.33 12.73
N PRO E 14 -71.41 -7.80 12.61
CA PRO E 14 -70.39 -6.99 11.94
C PRO E 14 -70.67 -6.85 10.45
N LEU E 15 -70.21 -5.75 9.86
CA LEU E 15 -70.44 -5.51 8.45
C LEU E 15 -69.62 -6.45 7.59
N ASN E 16 -70.31 -7.25 6.78
CA ASN E 16 -69.67 -8.04 5.75
C ASN E 16 -70.66 -8.44 4.65
N ASN E 17 -70.15 -9.00 3.57
CA ASN E 17 -70.98 -9.39 2.44
C ASN E 17 -71.79 -8.20 1.89
N SER E 18 -71.17 -7.02 1.89
CA SER E 18 -71.79 -5.85 1.29
C SER E 18 -71.06 -5.55 -0.01
N ASN E 19 -71.53 -4.52 -0.72
CA ASN E 19 -70.87 -4.10 -1.94
C ASN E 19 -70.11 -2.80 -1.69
N LEU E 20 -68.78 -2.90 -1.66
CA LEU E 20 -67.93 -1.77 -1.28
C LEU E 20 -68.14 -0.57 -2.20
N TYR E 21 -68.57 -0.84 -3.44
CA TYR E 21 -68.78 0.21 -4.43
C TYR E 21 -70.19 0.76 -4.37
N LEU E 22 -71.18 -0.11 -4.57
CA LEU E 22 -72.59 0.30 -4.62
C LEU E 22 -73.12 0.92 -3.32
N SER E 23 -72.37 0.78 -2.24
CA SER E 23 -72.80 1.36 -0.96
C SER E 23 -72.19 2.74 -0.73
N ASP E 24 -71.46 3.23 -1.73
CA ASP E 24 -70.76 4.50 -1.62
C ASP E 24 -71.31 5.52 -2.62
N GLY E 25 -72.39 6.20 -2.25
CA GLY E 25 -73.04 7.14 -3.15
C GLY E 25 -72.07 8.12 -3.77
N ALA E 26 -71.29 8.79 -2.93
CA ALA E 26 -70.35 9.82 -3.39
C ALA E 26 -69.41 9.28 -4.47
N LEU E 27 -68.99 8.03 -4.32
CA LEU E 27 -68.06 7.41 -5.26
C LEU E 27 -68.70 7.12 -6.63
N CYS E 28 -69.91 6.56 -6.62
CA CYS E 28 -70.65 6.28 -7.84
C CYS E 28 -70.84 7.54 -8.66
N GLU E 29 -71.24 8.62 -7.99
CA GLU E 29 -71.42 9.90 -8.67
C GLU E 29 -70.10 10.42 -9.22
N ALA E 30 -69.04 10.29 -8.44
CA ALA E 30 -67.73 10.78 -8.84
C ALA E 30 -67.21 10.06 -10.09
N VAL E 31 -67.29 8.73 -10.09
CA VAL E 31 -66.84 7.93 -11.22
C VAL E 31 -67.51 8.34 -12.55
N THR E 32 -68.83 8.53 -12.50
CA THR E 32 -69.59 8.90 -13.68
C THR E 32 -69.30 10.35 -14.08
N ARG E 33 -69.26 11.23 -13.09
CA ARG E 33 -68.96 12.64 -13.32
C ARG E 33 -67.57 12.85 -13.92
N GLU E 34 -66.61 12.00 -13.55
CA GLU E 34 -65.22 12.21 -13.94
C GLU E 34 -64.81 11.36 -15.15
N GLY E 35 -65.80 10.88 -15.88
CA GLY E 35 -65.57 10.24 -17.17
C GLY E 35 -65.13 8.79 -17.14
N ALA E 36 -65.46 8.07 -16.07
CA ALA E 36 -65.13 6.67 -15.99
C ALA E 36 -66.40 5.83 -15.83
N GLY E 37 -67.52 6.40 -16.25
CA GLY E 37 -68.80 5.72 -16.15
C GLY E 37 -68.80 4.35 -16.81
N TRP E 38 -67.92 4.17 -17.79
CA TRP E 38 -67.85 2.90 -18.52
C TRP E 38 -67.37 1.77 -17.64
N ASP E 39 -66.81 2.11 -16.48
CA ASP E 39 -66.28 1.09 -15.58
C ASP E 39 -67.27 0.74 -14.45
N SER E 40 -68.41 1.41 -14.45
CA SER E 40 -69.41 1.25 -13.39
C SER E 40 -69.86 -0.19 -13.15
N ASP E 41 -70.15 -0.92 -14.23
CA ASP E 41 -70.58 -2.31 -14.10
C ASP E 41 -69.48 -3.16 -13.45
N PHE E 42 -68.26 -2.98 -13.94
CA PHE E 42 -67.12 -3.70 -13.42
C PHE E 42 -66.88 -3.35 -11.96
N LEU E 43 -66.94 -2.06 -11.64
CA LEU E 43 -66.73 -1.60 -10.27
C LEU E 43 -67.72 -2.27 -9.33
N ALA E 44 -68.98 -2.33 -9.72
CA ALA E 44 -69.99 -2.99 -8.90
C ALA E 44 -69.67 -4.47 -8.76
N SER E 45 -69.17 -5.05 -9.84
CA SER E 45 -68.80 -6.46 -9.85
C SER E 45 -67.72 -6.79 -8.81
N ILE E 46 -66.60 -6.06 -8.86
CA ILE E 46 -65.54 -6.30 -7.87
C ILE E 46 -65.94 -5.76 -6.50
N GLY E 47 -66.77 -4.72 -6.49
CA GLY E 47 -67.28 -4.18 -5.25
C GLY E 47 -67.95 -5.26 -4.42
N GLN E 48 -68.67 -6.14 -5.10
CA GLN E 48 -69.35 -7.26 -4.46
C GLN E 48 -68.34 -8.34 -4.04
N GLN E 49 -67.45 -8.70 -4.97
CA GLN E 49 -66.46 -9.72 -4.68
C GLN E 49 -65.62 -9.33 -3.47
N LEU E 50 -65.11 -8.10 -3.49
CA LEU E 50 -64.16 -7.64 -2.47
C LEU E 50 -64.81 -7.49 -1.10
N GLY E 51 -66.12 -7.31 -1.08
CA GLY E 51 -66.83 -7.01 0.14
C GLY E 51 -67.30 -8.24 0.91
N THR E 52 -67.02 -9.42 0.36
CA THR E 52 -67.46 -10.66 0.99
C THR E 52 -66.64 -10.97 2.24
N ALA E 53 -67.20 -11.80 3.11
CA ALA E 53 -66.49 -12.24 4.31
C ALA E 53 -65.21 -12.97 3.94
N GLU E 54 -65.27 -13.81 2.91
CA GLU E 54 -64.12 -14.58 2.46
C GLU E 54 -62.98 -13.66 2.06
N SER E 55 -63.32 -12.52 1.49
CA SER E 55 -62.34 -11.54 1.05
C SER E 55 -61.73 -10.83 2.26
N LEU E 56 -62.58 -10.36 3.16
CA LEU E 56 -62.11 -9.68 4.36
C LEU E 56 -61.21 -10.60 5.19
N GLU E 57 -61.48 -11.89 5.13
CA GLU E 57 -60.68 -12.85 5.89
C GLU E 57 -59.27 -12.90 5.34
N LEU E 58 -59.13 -12.85 4.02
CA LEU E 58 -57.81 -12.79 3.38
C LEU E 58 -57.02 -11.62 3.92
N GLY E 59 -57.67 -10.47 4.03
CA GLY E 59 -57.04 -9.28 4.58
C GLY E 59 -56.49 -9.57 5.97
N ARG E 60 -57.32 -10.15 6.82
CA ARG E 60 -56.90 -10.47 8.17
C ARG E 60 -55.73 -11.45 8.19
N LEU E 61 -55.83 -12.51 7.38
CA LEU E 61 -54.80 -13.54 7.35
C LEU E 61 -53.45 -12.99 6.92
N ALA E 62 -53.47 -12.10 5.94
CA ALA E 62 -52.24 -11.54 5.40
C ALA E 62 -51.50 -10.72 6.46
N ASN E 63 -52.26 -10.13 7.37
CA ASN E 63 -51.67 -9.26 8.39
C ASN E 63 -51.26 -9.97 9.68
N VAL E 64 -52.06 -10.94 10.14
CA VAL E 64 -51.73 -11.66 11.37
C VAL E 64 -50.75 -12.80 11.12
N ASN E 65 -50.52 -13.11 9.84
CA ASN E 65 -49.46 -14.03 9.46
C ASN E 65 -48.44 -13.31 8.56
N PRO E 66 -47.72 -12.32 9.12
CA PRO E 66 -46.81 -11.51 8.33
C PRO E 66 -45.68 -12.33 7.71
N PRO E 67 -45.02 -11.78 6.69
CA PRO E 67 -43.95 -12.48 5.96
C PRO E 67 -42.75 -12.79 6.85
N GLU E 68 -42.03 -13.86 6.51
CA GLU E 68 -40.80 -14.23 7.19
C GLU E 68 -39.63 -13.92 6.28
N LEU E 69 -38.56 -13.38 6.84
CA LEU E 69 -37.35 -13.16 6.07
C LEU E 69 -36.49 -14.43 6.11
N LEU E 70 -36.12 -14.92 4.93
CA LEU E 70 -35.27 -16.09 4.81
C LEU E 70 -33.90 -15.67 4.27
N ARG E 71 -32.98 -15.40 5.18
CA ARG E 71 -31.65 -14.98 4.77
C ARG E 71 -30.77 -16.16 4.34
N TYR E 72 -30.94 -17.28 5.03
CA TYR E 72 -30.15 -18.49 4.75
C TYR E 72 -31.06 -19.70 4.60
N ASP E 73 -30.55 -20.73 3.93
CA ASP E 73 -31.22 -22.02 3.90
C ASP E 73 -30.65 -22.93 5.00
N ALA E 74 -31.12 -24.18 5.05
CA ALA E 74 -30.71 -25.08 6.12
C ALA E 74 -29.26 -25.56 5.98
N GLN E 75 -28.64 -25.24 4.85
CA GLN E 75 -27.28 -25.65 4.58
C GLN E 75 -26.27 -24.55 4.86
N GLY E 76 -26.76 -23.33 5.09
CA GLY E 76 -25.89 -22.22 5.44
C GLY E 76 -25.52 -21.36 4.25
N ARG E 77 -26.23 -21.56 3.15
CA ARG E 77 -26.05 -20.70 1.99
C ARG E 77 -27.03 -19.55 2.02
N ARG E 78 -26.59 -18.41 1.49
CA ARG E 78 -27.40 -17.21 1.38
C ARG E 78 -28.64 -17.49 0.50
N LEU E 79 -29.81 -17.03 0.97
CA LEU E 79 -31.05 -17.30 0.28
C LEU E 79 -31.70 -16.00 -0.15
N ASP E 80 -31.81 -15.06 0.78
CA ASP E 80 -32.33 -13.73 0.49
C ASP E 80 -33.73 -13.75 -0.12
N ASP E 81 -34.63 -14.50 0.49
CA ASP E 81 -36.00 -14.58 -0.01
C ASP E 81 -36.99 -14.24 1.10
N VAL E 82 -38.25 -14.05 0.74
CA VAL E 82 -39.29 -13.74 1.72
C VAL E 82 -40.49 -14.66 1.52
N ARG E 83 -41.00 -15.22 2.60
CA ARG E 83 -42.09 -16.20 2.52
C ARG E 83 -43.39 -15.63 3.07
N PHE E 84 -44.43 -15.64 2.25
CA PHE E 84 -45.73 -15.08 2.64
C PHE E 84 -46.77 -16.14 2.95
N HIS E 85 -47.83 -15.73 3.64
CA HIS E 85 -49.01 -16.55 3.80
C HIS E 85 -49.76 -16.59 2.48
N PRO E 86 -50.38 -17.73 2.14
CA PRO E 86 -51.11 -17.89 0.88
C PRO E 86 -52.08 -16.71 0.62
N ALA E 87 -52.62 -16.14 1.70
CA ALA E 87 -53.59 -15.06 1.57
C ALA E 87 -52.98 -13.85 0.84
N TRP E 88 -51.71 -13.57 1.14
CA TRP E 88 -51.00 -12.49 0.48
C TRP E 88 -51.07 -12.67 -1.03
N HIS E 89 -50.61 -13.83 -1.51
CA HIS E 89 -50.61 -14.11 -2.95
C HIS E 89 -52.00 -14.02 -3.58
N LEU E 90 -53.01 -14.47 -2.85
CA LEU E 90 -54.38 -14.37 -3.35
C LEU E 90 -54.82 -12.92 -3.54
N LEU E 91 -54.45 -12.06 -2.60
CA LEU E 91 -54.74 -10.63 -2.73
C LEU E 91 -54.06 -10.05 -3.96
N MET E 92 -52.79 -10.43 -4.16
CA MET E 92 -52.00 -9.94 -5.28
C MET E 92 -52.59 -10.37 -6.62
N GLN E 93 -53.08 -11.60 -6.71
CA GLN E 93 -53.71 -12.08 -7.94
C GLN E 93 -54.86 -11.18 -8.37
N ALA E 94 -55.75 -10.87 -7.43
CA ALA E 94 -56.91 -10.05 -7.71
C ALA E 94 -56.52 -8.62 -8.07
N LEU E 95 -55.54 -8.06 -7.34
CA LEU E 95 -55.09 -6.70 -7.61
C LEU E 95 -54.59 -6.59 -9.04
N CYS E 96 -53.78 -7.56 -9.45
CA CYS E 96 -53.22 -7.55 -10.81
C CYS E 96 -54.28 -7.91 -11.87
N THR E 97 -55.16 -8.86 -11.54
CA THR E 97 -56.26 -9.18 -12.42
C THR E 97 -57.10 -7.93 -12.67
N ASN E 98 -57.31 -7.14 -11.61
CA ASN E 98 -58.09 -5.92 -11.74
C ASN E 98 -57.26 -4.76 -12.25
N ARG E 99 -56.02 -5.05 -12.63
CA ARG E 99 -55.13 -4.07 -13.26
C ARG E 99 -54.95 -2.79 -12.45
N VAL E 100 -54.96 -2.90 -11.13
CA VAL E 100 -54.80 -1.74 -10.27
C VAL E 100 -53.38 -1.20 -10.42
N HIS E 101 -52.51 -2.03 -10.99
CA HIS E 101 -51.10 -1.66 -11.15
C HIS E 101 -50.75 -1.07 -12.52
N ASN E 102 -51.61 -1.24 -13.52
CA ASN E 102 -51.26 -0.77 -14.86
C ASN E 102 -52.40 -0.30 -15.78
N LEU E 103 -53.64 -0.36 -15.30
CA LEU E 103 -54.79 0.00 -16.15
C LEU E 103 -54.55 1.23 -17.04
N ALA E 104 -53.97 2.27 -16.45
CA ALA E 104 -53.77 3.54 -17.15
C ALA E 104 -52.69 3.47 -18.22
N TRP E 105 -51.85 2.44 -18.18
CA TRP E 105 -50.69 2.38 -19.06
C TRP E 105 -50.83 1.39 -20.20
N GLU E 106 -52.00 0.77 -20.32
CA GLU E 106 -52.26 -0.11 -21.45
C GLU E 106 -52.20 0.71 -22.73
N GLU E 107 -51.77 0.06 -23.82
CA GLU E 107 -51.55 0.78 -25.07
C GLU E 107 -52.84 1.35 -25.66
N ASP E 108 -53.97 0.72 -25.33
CA ASP E 108 -55.26 1.18 -25.84
C ASP E 108 -56.16 1.67 -24.70
N ALA E 109 -55.55 2.05 -23.59
CA ALA E 109 -56.30 2.57 -22.45
C ALA E 109 -57.19 3.72 -22.88
N ARG E 110 -58.45 3.67 -22.49
CA ARG E 110 -59.38 4.70 -22.94
C ARG E 110 -59.39 5.88 -22.00
N SER E 111 -60.18 6.90 -22.33
CA SER E 111 -60.28 8.08 -21.50
C SER E 111 -60.95 7.76 -20.17
N GLY E 112 -60.36 8.24 -19.09
CA GLY E 112 -60.91 8.03 -17.76
C GLY E 112 -60.26 6.89 -17.03
N ALA E 113 -59.29 6.26 -17.68
CA ALA E 113 -58.59 5.11 -17.11
C ALA E 113 -57.98 5.40 -15.73
N PHE E 114 -57.35 6.56 -15.58
CA PHE E 114 -56.75 6.92 -14.29
C PHE E 114 -57.86 6.98 -13.24
N VAL E 115 -58.98 7.61 -13.59
CA VAL E 115 -60.11 7.74 -12.68
C VAL E 115 -60.73 6.38 -12.34
N ALA E 116 -60.98 5.57 -13.36
CA ALA E 116 -61.49 4.22 -13.14
C ALA E 116 -60.57 3.43 -12.22
N ARG E 117 -59.27 3.46 -12.54
CA ARG E 117 -58.25 2.73 -11.77
C ARG E 117 -58.23 3.21 -10.32
N ALA E 118 -58.42 4.52 -10.13
CA ALA E 118 -58.45 5.08 -8.78
C ALA E 118 -59.58 4.45 -8.00
N ALA E 119 -60.73 4.29 -8.64
CA ALA E 119 -61.89 3.68 -7.98
C ALA E 119 -61.63 2.20 -7.66
N ARG E 120 -60.98 1.49 -8.58
CA ARG E 120 -60.65 0.09 -8.34
C ARG E 120 -59.73 0.00 -7.14
N PHE E 121 -58.75 0.89 -7.09
CA PHE E 121 -57.79 0.97 -5.99
C PHE E 121 -58.52 1.19 -4.67
N MET E 122 -59.37 2.21 -4.63
CA MET E 122 -60.13 2.56 -3.44
C MET E 122 -60.92 1.39 -2.84
N LEU E 123 -61.50 0.55 -3.69
CA LEU E 123 -62.22 -0.62 -3.20
C LEU E 123 -61.27 -1.59 -2.51
N HIS E 124 -60.23 -2.01 -3.23
CA HIS E 124 -59.25 -2.93 -2.67
C HIS E 124 -58.72 -2.42 -1.32
N ALA E 125 -58.42 -1.13 -1.26
CA ALA E 125 -57.82 -0.54 -0.06
C ALA E 125 -58.66 -0.77 1.19
N GLN E 126 -59.98 -0.91 1.02
CA GLN E 126 -60.88 -1.06 2.16
C GLN E 126 -60.76 -2.45 2.75
N VAL E 127 -60.29 -3.39 1.92
CA VAL E 127 -60.09 -4.77 2.34
C VAL E 127 -58.73 -4.95 3.04
N GLU E 128 -57.67 -4.67 2.31
CA GLU E 128 -56.31 -4.88 2.81
C GLU E 128 -55.38 -3.79 2.26
N ALA E 129 -54.47 -3.30 3.10
CA ALA E 129 -53.67 -2.13 2.74
C ALA E 129 -52.23 -2.45 2.35
N GLY E 130 -51.62 -3.39 3.06
CA GLY E 130 -50.24 -3.76 2.82
C GLY E 130 -50.02 -4.12 1.36
N SER E 131 -50.93 -4.90 0.80
CA SER E 131 -50.81 -5.36 -0.58
C SER E 131 -50.80 -4.20 -1.60
N LEU E 132 -51.25 -3.02 -1.17
CA LEU E 132 -51.30 -1.85 -2.04
C LEU E 132 -49.92 -1.28 -2.32
N CYS E 133 -48.95 -1.61 -1.46
CA CYS E 133 -47.63 -1.00 -1.58
C CYS E 133 -46.90 -1.40 -2.87
N PRO E 134 -46.83 -2.70 -3.15
CA PRO E 134 -46.22 -3.09 -4.43
C PRO E 134 -47.02 -2.57 -5.62
N ILE E 135 -48.34 -2.51 -5.48
CA ILE E 135 -49.22 -2.03 -6.55
C ILE E 135 -49.00 -0.56 -6.83
N THR E 136 -48.95 0.24 -5.77
CA THR E 136 -48.70 1.68 -5.89
C THR E 136 -47.37 1.96 -6.58
N MET E 137 -46.32 1.26 -6.15
CA MET E 137 -44.99 1.48 -6.68
C MET E 137 -44.92 1.05 -8.14
N THR E 138 -45.44 -0.13 -8.43
CA THR E 138 -45.41 -0.64 -9.80
C THR E 138 -46.20 0.27 -10.71
N PHE E 139 -47.32 0.78 -10.21
CA PHE E 139 -48.18 1.67 -11.01
C PHE E 139 -47.44 2.96 -11.36
N ALA E 140 -46.71 3.50 -10.40
CA ALA E 140 -46.02 4.77 -10.62
C ALA E 140 -44.81 4.58 -11.52
N ALA E 141 -44.15 3.43 -11.38
CA ALA E 141 -42.90 3.18 -12.09
C ALA E 141 -43.10 2.70 -13.53
N THR E 142 -44.23 2.07 -13.81
CA THR E 142 -44.43 1.45 -15.11
C THR E 142 -44.26 2.42 -16.30
N PRO E 143 -44.93 3.58 -16.27
CA PRO E 143 -44.79 4.53 -17.39
C PRO E 143 -43.33 4.87 -17.65
N LEU E 144 -42.57 5.05 -16.57
CA LEU E 144 -41.17 5.38 -16.66
C LEU E 144 -40.39 4.27 -17.35
N LEU E 145 -40.49 3.05 -16.81
CA LEU E 145 -39.78 1.91 -17.38
C LEU E 145 -40.12 1.66 -18.84
N LEU E 146 -41.40 1.79 -19.20
CA LEU E 146 -41.85 1.47 -20.55
C LEU E 146 -41.06 2.19 -21.62
N GLN E 147 -40.56 3.38 -21.30
CA GLN E 147 -39.81 4.16 -22.27
C GLN E 147 -38.33 4.34 -21.94
N MET E 148 -37.86 3.72 -20.86
CA MET E 148 -36.46 3.85 -20.47
C MET E 148 -35.76 2.52 -20.22
N LEU E 149 -36.48 1.41 -20.37
CA LEU E 149 -35.89 0.09 -20.14
C LEU E 149 -34.57 -0.08 -20.87
N PRO E 150 -33.50 -0.43 -20.14
CA PRO E 150 -32.22 -0.74 -20.76
C PRO E 150 -32.36 -1.90 -21.74
N ALA E 151 -31.43 -2.02 -22.68
CA ALA E 151 -31.50 -3.03 -23.73
C ALA E 151 -31.76 -4.47 -23.26
N PRO E 152 -31.02 -4.93 -22.23
CA PRO E 152 -31.14 -6.34 -21.78
C PRO E 152 -32.51 -6.68 -21.20
N PHE E 153 -33.39 -5.68 -21.06
CA PHE E 153 -34.67 -5.91 -20.41
C PHE E 153 -35.86 -5.41 -21.22
N GLN E 154 -35.70 -5.34 -22.54
CA GLN E 154 -36.79 -4.87 -23.39
C GLN E 154 -37.96 -5.85 -23.36
N ASP E 155 -37.66 -7.12 -23.10
CA ASP E 155 -38.68 -8.16 -23.04
C ASP E 155 -39.50 -8.09 -21.74
N TRP E 156 -39.32 -6.99 -21.00
CA TRP E 156 -40.11 -6.74 -19.80
C TRP E 156 -41.41 -6.03 -20.16
N THR E 157 -41.44 -5.44 -21.35
CA THR E 157 -42.60 -4.67 -21.78
C THR E 157 -43.91 -5.45 -21.70
N THR E 158 -43.91 -6.66 -22.27
CA THR E 158 -45.12 -7.47 -22.29
C THR E 158 -45.66 -7.78 -20.90
N PRO E 159 -44.81 -8.32 -20.00
CA PRO E 159 -45.24 -8.63 -18.63
C PRO E 159 -45.70 -7.37 -17.87
N LEU E 160 -45.02 -6.25 -18.09
CA LEU E 160 -45.36 -5.00 -17.43
C LEU E 160 -46.79 -4.55 -17.76
N LEU E 161 -47.31 -5.04 -18.88
CA LEU E 161 -48.64 -4.63 -19.34
C LEU E 161 -49.70 -5.70 -19.14
N SER E 162 -49.34 -6.78 -18.43
CA SER E 162 -50.25 -7.91 -18.25
C SER E 162 -51.16 -7.73 -17.04
N ASP E 163 -52.09 -8.67 -16.90
CA ASP E 163 -52.95 -8.72 -15.72
C ASP E 163 -52.61 -9.95 -14.89
N ARG E 164 -51.49 -10.59 -15.19
CA ARG E 164 -51.11 -11.78 -14.45
C ARG E 164 -50.03 -11.51 -13.40
N TYR E 165 -50.39 -11.63 -12.13
CA TYR E 165 -49.43 -11.61 -11.04
C TYR E 165 -48.54 -12.84 -11.17
N ASP E 166 -47.23 -12.67 -11.00
CA ASP E 166 -46.32 -13.80 -11.07
C ASP E 166 -45.33 -13.81 -9.90
N SER E 167 -45.45 -14.79 -9.02
CA SER E 167 -44.61 -14.85 -7.83
C SER E 167 -43.39 -15.74 -8.02
N HIS E 168 -43.23 -16.29 -9.22
CA HIS E 168 -42.12 -17.21 -9.48
C HIS E 168 -40.78 -16.52 -9.21
N LEU E 169 -39.88 -17.28 -8.60
CA LEU E 169 -38.54 -16.78 -8.30
C LEU E 169 -37.64 -16.90 -9.54
N LEU E 170 -37.94 -16.09 -10.55
CA LEU E 170 -37.21 -16.12 -11.82
C LEU E 170 -36.86 -14.70 -12.28
N PRO E 171 -35.95 -14.60 -13.26
CA PRO E 171 -35.67 -13.30 -13.90
C PRO E 171 -36.94 -12.74 -14.54
N GLY E 172 -37.09 -11.42 -14.52
CA GLY E 172 -38.29 -10.76 -14.98
C GLY E 172 -38.74 -11.17 -16.37
N GLY E 173 -37.79 -11.31 -17.28
CA GLY E 173 -38.09 -11.63 -18.67
C GLY E 173 -38.84 -12.94 -18.84
N GLN E 174 -38.66 -13.85 -17.90
CA GLN E 174 -39.31 -15.16 -17.95
C GLN E 174 -40.67 -15.19 -17.23
N LYS E 175 -41.12 -14.04 -16.75
CA LYS E 175 -42.35 -14.00 -15.97
C LYS E 175 -43.52 -13.37 -16.72
N ARG E 176 -44.73 -13.60 -16.20
CA ARG E 176 -45.93 -13.19 -16.89
C ARG E 176 -46.44 -11.84 -16.39
N GLY E 177 -45.91 -11.42 -15.24
CA GLY E 177 -46.21 -10.12 -14.67
C GLY E 177 -45.12 -9.69 -13.71
N LEU E 178 -44.97 -8.38 -13.51
CA LEU E 178 -43.85 -7.86 -12.70
C LEU E 178 -44.27 -6.90 -11.60
N LEU E 179 -43.37 -6.73 -10.62
CA LEU E 179 -43.53 -5.74 -9.56
C LEU E 179 -42.28 -4.88 -9.43
N ILE E 180 -42.45 -3.56 -9.41
CA ILE E 180 -41.33 -2.64 -9.29
C ILE E 180 -41.33 -1.89 -7.95
N GLY E 181 -40.19 -1.94 -7.26
CA GLY E 181 -40.05 -1.27 -5.98
C GLY E 181 -39.22 0.00 -6.08
N MET E 182 -39.02 0.65 -4.93
CA MET E 182 -38.28 1.90 -4.91
C MET E 182 -37.35 2.01 -3.71
N GLY E 183 -36.06 2.20 -3.97
CA GLY E 183 -35.06 2.30 -2.92
C GLY E 183 -34.42 3.66 -2.83
N MET E 184 -34.97 4.52 -1.97
CA MET E 184 -34.46 5.88 -1.81
C MET E 184 -33.89 6.12 -0.41
N THR E 185 -34.76 5.98 0.59
CA THR E 185 -34.42 6.27 1.97
C THR E 185 -33.17 5.54 2.45
N GLU E 186 -32.30 6.27 3.15
CA GLU E 186 -31.16 5.67 3.82
C GLU E 186 -31.21 6.05 5.30
N LYS E 187 -30.25 5.54 6.08
CA LYS E 187 -30.26 5.77 7.52
C LYS E 187 -30.08 7.26 7.86
N GLN E 188 -29.34 7.98 7.03
CA GLN E 188 -29.07 9.39 7.30
C GLN E 188 -30.19 10.33 6.86
N GLY E 189 -31.08 9.85 6.00
CA GLY E 189 -32.19 10.68 5.55
C GLY E 189 -33.14 10.03 4.58
N GLY E 190 -34.42 10.39 4.70
CA GLY E 190 -35.45 9.95 3.78
C GLY E 190 -36.01 11.10 2.95
N SER E 191 -36.26 12.24 3.61
CA SER E 191 -36.75 13.43 2.93
C SER E 191 -35.64 14.05 2.11
N ASP E 192 -34.47 14.17 2.74
CA ASP E 192 -33.30 14.74 2.10
C ASP E 192 -32.47 13.63 1.44
N VAL E 193 -32.84 13.25 0.23
CA VAL E 193 -32.18 12.15 -0.45
C VAL E 193 -30.80 12.54 -0.97
N MET E 194 -30.53 13.83 -0.99
CA MET E 194 -29.25 14.31 -1.49
C MET E 194 -28.13 13.81 -0.58
N SER E 195 -28.50 13.34 0.61
CA SER E 195 -27.52 12.85 1.58
C SER E 195 -27.21 11.35 1.44
N ASN E 196 -27.79 10.72 0.42
CA ASN E 196 -27.49 9.32 0.12
C ASN E 196 -25.99 9.10 0.01
N THR E 197 -25.51 7.94 0.47
CA THR E 197 -24.10 7.59 0.35
C THR E 197 -23.90 6.28 -0.39
N THR E 198 -24.96 5.79 -1.01
CA THR E 198 -24.88 4.64 -1.89
C THR E 198 -24.23 5.13 -3.19
N ARG E 199 -23.08 4.55 -3.52
CA ARG E 199 -22.31 4.99 -4.69
C ARG E 199 -22.36 3.97 -5.83
N ALA E 200 -22.25 4.48 -7.05
CA ALA E 200 -22.28 3.66 -8.25
C ALA E 200 -21.11 4.02 -9.14
N GLU E 201 -20.25 3.04 -9.43
CA GLU E 201 -19.14 3.30 -10.35
C GLU E 201 -19.54 2.88 -11.75
N ARG E 202 -19.15 3.67 -12.75
CA ARG E 202 -19.45 3.32 -14.13
C ARG E 202 -18.64 2.09 -14.50
N LEU E 203 -19.32 1.00 -14.82
CA LEU E 203 -18.66 -0.20 -15.29
C LEU E 203 -18.36 -0.09 -16.78
N GLU E 204 -17.42 -0.90 -17.25
CA GLU E 204 -16.84 -0.75 -18.58
C GLU E 204 -17.78 -1.16 -19.71
N ASP E 205 -19.03 -1.46 -19.39
CA ASP E 205 -19.98 -1.87 -20.42
C ASP E 205 -21.29 -1.06 -20.42
N GLY E 206 -21.43 -0.16 -19.46
CA GLY E 206 -22.65 0.63 -19.35
C GLY E 206 -23.31 0.53 -17.99
N SER E 207 -23.50 -0.69 -17.50
CA SER E 207 -24.02 -0.93 -16.16
C SER E 207 -23.13 -0.31 -15.09
N TYR E 208 -23.59 -0.32 -13.84
CA TYR E 208 -22.81 0.22 -12.73
C TYR E 208 -22.70 -0.78 -11.59
N ARG E 209 -21.65 -0.63 -10.79
CA ARG E 209 -21.52 -1.38 -9.55
C ARG E 209 -22.10 -0.53 -8.43
N LEU E 210 -23.05 -1.08 -7.69
CA LEU E 210 -23.59 -0.33 -6.56
C LEU E 210 -23.10 -0.89 -5.23
N VAL E 211 -22.63 0.00 -4.38
CA VAL E 211 -22.26 -0.37 -3.03
C VAL E 211 -22.92 0.63 -2.09
N GLY E 212 -23.62 0.13 -1.08
CA GLY E 212 -24.32 0.98 -0.14
C GLY E 212 -25.40 0.23 0.63
N HIS E 213 -26.49 0.93 0.96
CA HIS E 213 -27.58 0.36 1.73
C HIS E 213 -28.87 1.12 1.52
N LYS E 214 -29.99 0.48 1.80
CA LYS E 214 -31.26 1.18 1.92
C LYS E 214 -31.96 0.81 3.23
N TRP E 215 -32.43 1.84 3.93
CA TRP E 215 -32.96 1.73 5.29
C TRP E 215 -34.36 1.14 5.30
N PHE E 216 -35.20 1.63 4.39
CA PHE E 216 -36.54 1.08 4.20
C PHE E 216 -36.66 0.65 2.75
N PHE E 217 -36.76 -0.66 2.55
CA PHE E 217 -36.71 -1.24 1.22
C PHE E 217 -37.90 -2.19 1.09
N SER E 218 -39.06 -1.64 0.75
CA SER E 218 -40.29 -2.42 0.71
C SER E 218 -40.38 -3.34 -0.49
N VAL E 219 -41.11 -4.44 -0.32
CA VAL E 219 -41.30 -5.42 -1.38
C VAL E 219 -39.96 -5.84 -1.95
N PRO E 220 -39.10 -6.45 -1.12
CA PRO E 220 -37.80 -6.89 -1.61
C PRO E 220 -37.97 -7.93 -2.71
N GLN E 221 -39.13 -8.59 -2.73
CA GLN E 221 -39.40 -9.63 -3.71
C GLN E 221 -39.78 -9.03 -5.06
N SER E 222 -39.72 -7.70 -5.16
CA SER E 222 -39.95 -7.04 -6.45
C SER E 222 -38.99 -7.58 -7.48
N ASP E 223 -39.39 -7.55 -8.75
CA ASP E 223 -38.53 -8.03 -9.82
C ASP E 223 -37.42 -7.01 -10.13
N ALA E 224 -37.63 -5.77 -9.72
CA ALA E 224 -36.61 -4.74 -9.83
C ALA E 224 -36.94 -3.57 -8.90
N HIS E 225 -35.92 -2.85 -8.47
CA HIS E 225 -36.11 -1.62 -7.72
C HIS E 225 -35.42 -0.47 -8.45
N LEU E 226 -36.09 0.67 -8.52
CA LEU E 226 -35.43 1.89 -8.95
C LEU E 226 -34.72 2.46 -7.73
N VAL E 227 -33.39 2.49 -7.80
CA VAL E 227 -32.57 2.88 -6.66
C VAL E 227 -31.80 4.15 -6.93
N LEU E 228 -31.72 5.03 -5.93
CA LEU E 228 -30.89 6.23 -6.04
C LEU E 228 -29.50 5.98 -5.50
N ALA E 229 -28.48 6.38 -6.28
CA ALA E 229 -27.09 6.22 -5.86
C ALA E 229 -26.23 7.37 -6.37
N GLN E 230 -25.18 7.68 -5.64
CA GLN E 230 -24.26 8.76 -6.06
C GLN E 230 -23.31 8.28 -7.15
N THR E 231 -23.12 9.11 -8.16
CA THR E 231 -22.09 8.87 -9.16
C THR E 231 -21.20 10.10 -9.23
N ALA E 232 -20.13 10.02 -10.03
CA ALA E 232 -19.23 11.14 -10.19
C ALA E 232 -19.99 12.33 -10.74
N GLY E 233 -21.04 12.06 -11.53
CA GLY E 233 -21.83 13.09 -12.16
C GLY E 233 -22.94 13.66 -11.29
N GLY E 234 -23.16 13.03 -10.13
CA GLY E 234 -24.23 13.45 -9.23
C GLY E 234 -25.23 12.35 -8.91
N LEU E 235 -26.27 12.71 -8.16
CA LEU E 235 -27.25 11.72 -7.71
C LEU E 235 -28.12 11.20 -8.85
N SER E 236 -28.02 9.91 -9.12
CA SER E 236 -28.67 9.29 -10.28
C SER E 236 -29.66 8.23 -9.87
N CYS E 237 -30.45 7.78 -10.83
CA CYS E 237 -31.45 6.74 -10.58
C CYS E 237 -31.11 5.49 -11.36
N PHE E 238 -31.13 4.34 -10.67
CA PHE E 238 -30.73 3.10 -11.30
C PHE E 238 -31.84 2.05 -11.31
N PHE E 239 -31.92 1.32 -12.41
CA PHE E 239 -32.75 0.13 -12.53
C PHE E 239 -31.95 -1.06 -12.01
N VAL E 240 -32.29 -1.53 -10.81
CA VAL E 240 -31.56 -2.64 -10.20
C VAL E 240 -32.43 -3.90 -10.14
N PRO E 241 -32.28 -4.77 -11.15
CA PRO E 241 -33.10 -5.98 -11.24
C PRO E 241 -32.73 -7.00 -10.17
N ARG E 242 -33.67 -7.87 -9.81
CA ARG E 242 -33.42 -8.85 -8.76
C ARG E 242 -32.54 -9.97 -9.29
N PHE E 243 -32.73 -10.31 -10.56
CA PHE E 243 -31.88 -11.28 -11.24
C PHE E 243 -31.14 -10.57 -12.37
N LEU E 244 -29.86 -10.92 -12.53
CA LEU E 244 -29.08 -10.42 -13.66
C LEU E 244 -29.53 -11.13 -14.94
N PRO E 245 -29.18 -10.55 -16.11
CA PRO E 245 -29.58 -11.14 -17.39
C PRO E 245 -29.22 -12.63 -17.51
N ASP E 246 -28.04 -13.01 -17.05
CA ASP E 246 -27.58 -14.38 -17.14
C ASP E 246 -28.24 -15.33 -16.15
N GLY E 247 -29.26 -14.84 -15.44
CA GLY E 247 -30.04 -15.69 -14.56
C GLY E 247 -29.53 -15.76 -13.14
N GLN E 248 -28.39 -15.14 -12.88
CA GLN E 248 -27.82 -15.11 -11.53
C GLN E 248 -28.53 -14.07 -10.65
N ARG E 249 -28.47 -14.28 -9.35
CA ARG E 249 -29.09 -13.37 -8.41
C ARG E 249 -28.21 -12.16 -8.16
N ASN E 250 -28.80 -10.97 -8.31
CA ASN E 250 -28.06 -9.72 -8.09
C ASN E 250 -27.58 -9.60 -6.65
N ALA E 251 -26.53 -8.83 -6.45
CA ALA E 251 -25.85 -8.79 -5.14
C ALA E 251 -26.55 -7.88 -4.14
N ILE E 252 -27.85 -8.08 -3.98
CA ILE E 252 -28.63 -7.34 -2.98
C ILE E 252 -28.82 -8.23 -1.76
N ARG E 253 -28.39 -7.74 -0.60
CA ARG E 253 -28.35 -8.54 0.61
C ARG E 253 -29.43 -8.09 1.61
N LEU E 254 -30.41 -8.96 1.87
CA LEU E 254 -31.48 -8.63 2.83
C LEU E 254 -31.03 -8.89 4.26
N GLU E 255 -30.89 -7.82 5.04
CA GLU E 255 -30.34 -7.94 6.38
C GLU E 255 -31.38 -8.08 7.50
N ARG E 256 -32.48 -7.36 7.39
CA ARG E 256 -33.42 -7.26 8.50
C ARG E 256 -34.80 -6.90 7.98
N LEU E 257 -35.81 -7.49 8.60
CA LEU E 257 -37.20 -7.18 8.26
C LEU E 257 -37.75 -6.24 9.33
N LYS E 258 -38.35 -5.14 8.89
CA LYS E 258 -38.93 -4.18 9.82
C LYS E 258 -40.06 -4.82 10.62
N ASP E 259 -40.15 -4.49 11.91
CA ASP E 259 -41.26 -4.93 12.75
C ASP E 259 -42.18 -3.73 12.98
N LYS E 260 -43.22 -3.65 12.16
CA LYS E 260 -43.99 -2.42 12.03
C LYS E 260 -45.26 -2.33 12.88
N LEU E 261 -45.66 -1.10 13.18
CA LEU E 261 -46.89 -0.82 13.91
C LEU E 261 -48.08 -1.36 13.13
N GLY E 262 -48.08 -1.09 11.82
CA GLY E 262 -49.10 -1.58 10.92
C GLY E 262 -48.45 -1.89 9.58
N ASN E 263 -49.26 -2.06 8.54
CA ASN E 263 -48.73 -2.35 7.21
C ASN E 263 -47.98 -3.67 7.29
N ARG E 264 -48.37 -4.49 8.26
CA ARG E 264 -47.60 -5.67 8.62
C ARG E 264 -47.57 -6.78 7.56
N SER E 265 -48.58 -6.80 6.70
CA SER E 265 -48.68 -7.82 5.64
C SER E 265 -47.62 -7.62 4.57
N ASN E 266 -47.09 -6.40 4.53
CA ASN E 266 -46.10 -5.99 3.54
C ASN E 266 -44.68 -6.12 4.10
N ALA E 267 -43.79 -6.71 3.31
CA ALA E 267 -42.39 -6.86 3.74
C ALA E 267 -41.59 -5.60 3.47
N SER E 268 -41.06 -5.01 4.54
CA SER E 268 -40.15 -3.88 4.41
C SER E 268 -38.79 -4.27 4.99
N CYS E 269 -37.75 -4.17 4.17
CA CYS E 269 -36.43 -4.66 4.56
C CYS E 269 -35.36 -3.58 4.72
N GLU E 270 -34.33 -3.94 5.47
CA GLU E 270 -33.09 -3.20 5.49
C GLU E 270 -32.14 -3.98 4.60
N VAL E 271 -31.74 -3.38 3.48
CA VAL E 271 -30.85 -4.07 2.55
C VAL E 271 -29.49 -3.40 2.42
N GLU E 272 -28.51 -4.16 1.94
CA GLU E 272 -27.19 -3.64 1.63
C GLU E 272 -26.76 -4.13 0.26
N PHE E 273 -26.13 -3.26 -0.51
CA PHE E 273 -25.66 -3.63 -1.84
C PHE E 273 -24.19 -3.99 -1.79
N GLN E 274 -23.87 -5.21 -2.21
CA GLN E 274 -22.48 -5.65 -2.26
C GLN E 274 -22.01 -5.82 -3.70
N ASP E 275 -21.75 -4.69 -4.35
CA ASP E 275 -21.37 -4.66 -5.75
C ASP E 275 -22.48 -5.18 -6.64
N ALA E 276 -23.71 -4.77 -6.32
CA ALA E 276 -24.88 -5.12 -7.13
C ALA E 276 -24.86 -4.35 -8.44
N ILE E 277 -25.42 -4.95 -9.49
CA ILE E 277 -25.39 -4.32 -10.80
C ILE E 277 -26.63 -3.48 -11.02
N GLY E 278 -26.43 -2.24 -11.46
CA GLY E 278 -27.53 -1.36 -11.78
C GLY E 278 -27.39 -0.79 -13.17
N TRP E 279 -28.51 -0.41 -13.78
CA TRP E 279 -28.47 0.23 -15.09
C TRP E 279 -28.99 1.66 -14.98
N LEU E 280 -28.19 2.61 -15.48
CA LEU E 280 -28.50 4.02 -15.35
C LEU E 280 -29.74 4.41 -16.16
N LEU E 281 -30.72 5.00 -15.48
CA LEU E 281 -31.90 5.55 -16.12
C LEU E 281 -31.73 7.06 -16.27
N GLY E 282 -31.79 7.54 -17.51
CA GLY E 282 -31.58 8.95 -17.79
C GLY E 282 -30.11 9.32 -17.77
N LEU E 283 -29.79 10.46 -17.14
CA LEU E 283 -28.42 10.94 -17.08
C LEU E 283 -27.90 10.99 -15.66
N GLU E 284 -26.59 10.83 -15.50
CA GLU E 284 -25.98 11.00 -14.18
C GLU E 284 -26.41 12.35 -13.61
N GLY E 285 -26.89 12.36 -12.38
CA GLY E 285 -27.30 13.61 -11.74
C GLY E 285 -28.76 13.94 -11.96
N GLU E 286 -29.40 13.20 -12.85
CA GLU E 286 -30.81 13.41 -13.17
C GLU E 286 -31.70 12.55 -12.26
N GLY E 287 -31.10 12.01 -11.21
CA GLY E 287 -31.79 11.09 -10.31
C GLY E 287 -33.05 11.65 -9.67
N ILE E 288 -32.92 12.78 -9.00
CA ILE E 288 -34.04 13.37 -8.29
C ILE E 288 -35.16 13.79 -9.25
N ARG E 289 -34.80 14.20 -10.45
CA ARG E 289 -35.79 14.63 -11.43
C ARG E 289 -36.71 13.49 -11.82
N LEU E 290 -36.14 12.29 -11.96
CA LEU E 290 -36.90 11.10 -12.33
C LEU E 290 -37.88 10.66 -11.24
N ILE E 291 -37.40 10.46 -10.02
CA ILE E 291 -38.27 9.97 -8.96
C ILE E 291 -39.32 11.01 -8.56
N LEU E 292 -39.18 12.23 -9.06
CA LEU E 292 -40.17 13.27 -8.80
C LEU E 292 -41.39 13.09 -9.70
N LYS E 293 -41.16 12.58 -10.91
CA LYS E 293 -42.22 12.22 -11.82
C LYS E 293 -43.14 11.18 -11.18
N MET E 294 -42.53 10.12 -10.65
CA MET E 294 -43.27 9.02 -10.05
C MET E 294 -43.90 9.40 -8.73
N GLY E 295 -43.23 10.28 -7.99
CA GLY E 295 -43.72 10.71 -6.69
C GLY E 295 -45.14 11.23 -6.76
N GLY E 296 -45.43 12.03 -7.78
CA GLY E 296 -46.77 12.58 -7.95
C GLY E 296 -47.84 11.51 -7.84
N MET E 297 -47.62 10.39 -8.51
CA MET E 297 -48.62 9.32 -8.53
C MET E 297 -48.72 8.53 -7.21
N THR E 298 -47.58 8.23 -6.58
CA THR E 298 -47.60 7.51 -5.30
C THR E 298 -48.23 8.35 -4.19
N ARG E 299 -47.98 9.66 -4.23
CA ARG E 299 -48.57 10.56 -3.25
C ARG E 299 -50.09 10.46 -3.36
N PHE E 300 -50.57 10.55 -4.59
CA PHE E 300 -52.01 10.41 -4.83
C PHE E 300 -52.53 9.12 -4.20
N ASP E 301 -51.78 8.04 -4.36
CA ASP E 301 -52.18 6.75 -3.83
C ASP E 301 -52.27 6.80 -2.31
N CYS E 302 -51.34 7.49 -1.68
CA CYS E 302 -51.38 7.65 -0.23
C CYS E 302 -52.67 8.36 0.19
N ALA E 303 -52.97 9.46 -0.49
CA ALA E 303 -54.16 10.24 -0.18
C ALA E 303 -55.41 9.38 -0.36
N LEU E 304 -55.47 8.68 -1.49
CA LEU E 304 -56.59 7.81 -1.82
C LEU E 304 -56.69 6.66 -0.82
N GLY E 305 -55.56 6.04 -0.51
CA GLY E 305 -55.51 4.93 0.41
C GLY E 305 -56.02 5.30 1.79
N SER E 306 -55.61 6.46 2.31
CA SER E 306 -56.09 6.90 3.61
C SER E 306 -57.59 7.12 3.54
N HIS E 307 -58.02 7.74 2.45
CA HIS E 307 -59.45 7.99 2.23
C HIS E 307 -60.24 6.69 2.22
N ALA E 308 -59.72 5.69 1.52
CA ALA E 308 -60.40 4.42 1.43
C ALA E 308 -60.60 3.83 2.82
N MET E 309 -59.53 3.88 3.62
CA MET E 309 -59.57 3.32 4.96
C MET E 309 -60.53 4.11 5.85
N MET E 310 -60.59 5.42 5.68
CA MET E 310 -61.56 6.23 6.42
C MET E 310 -62.98 5.83 6.02
N ARG E 311 -63.19 5.63 4.72
CA ARG E 311 -64.49 5.19 4.21
C ARG E 311 -64.91 3.86 4.85
N ARG E 312 -64.02 2.89 4.84
CA ARG E 312 -64.31 1.60 5.44
C ARG E 312 -64.65 1.75 6.92
N ALA E 313 -63.79 2.44 7.67
CA ALA E 313 -64.01 2.66 9.08
C ALA E 313 -65.39 3.26 9.32
N PHE E 314 -65.76 4.22 8.50
CA PHE E 314 -67.06 4.88 8.62
C PHE E 314 -68.21 3.90 8.33
N SER E 315 -68.06 3.07 7.30
CA SER E 315 -69.05 2.06 6.98
C SER E 315 -69.30 1.15 8.16
N LEU E 316 -68.22 0.68 8.78
CA LEU E 316 -68.31 -0.18 9.94
C LEU E 316 -69.04 0.53 11.07
N ALA E 317 -68.75 1.82 11.21
CA ALA E 317 -69.31 2.62 12.30
C ALA E 317 -70.82 2.82 12.15
N ILE E 318 -71.27 3.24 10.98
CA ILE E 318 -72.70 3.49 10.79
C ILE E 318 -73.48 2.18 10.87
N TYR E 319 -72.93 1.12 10.30
CA TYR E 319 -73.61 -0.18 10.33
C TYR E 319 -73.79 -0.61 11.77
N HIS E 320 -72.76 -0.43 12.57
CA HIS E 320 -72.83 -0.72 14.00
C HIS E 320 -73.86 0.18 14.70
N ALA E 321 -73.73 1.48 14.48
CA ALA E 321 -74.56 2.48 15.15
C ALA E 321 -76.04 2.35 14.83
N HIS E 322 -76.35 1.72 13.70
CA HIS E 322 -77.73 1.54 13.30
C HIS E 322 -78.39 0.44 14.16
N GLN E 323 -77.62 -0.58 14.51
CA GLN E 323 -78.15 -1.73 15.24
C GLN E 323 -78.00 -1.60 16.75
N ARG E 324 -76.89 -1.03 17.20
CA ARG E 324 -76.61 -0.91 18.63
C ARG E 324 -77.58 0.04 19.32
N HIS E 325 -78.23 -0.43 20.38
CA HIS E 325 -79.11 0.41 21.16
C HIS E 325 -78.45 0.91 22.45
N VAL E 326 -78.69 2.19 22.75
CA VAL E 326 -78.24 2.78 24.02
C VAL E 326 -79.33 3.67 24.58
N PHE E 327 -79.68 3.45 25.84
CA PHE E 327 -80.72 4.25 26.50
C PHE E 327 -82.06 4.20 25.76
N GLY E 328 -82.41 3.02 25.28
CA GLY E 328 -83.72 2.80 24.67
C GLY E 328 -83.82 3.05 23.18
N ASN E 329 -82.82 3.69 22.58
CA ASN E 329 -82.87 4.02 21.16
C ASN E 329 -81.65 3.57 20.37
N PRO E 330 -81.80 3.42 19.04
CA PRO E 330 -80.67 3.12 18.17
C PRO E 330 -79.60 4.18 18.32
N LEU E 331 -78.36 3.74 18.51
CA LEU E 331 -77.24 4.64 18.74
C LEU E 331 -77.19 5.76 17.69
N ILE E 332 -77.52 5.41 16.46
CA ILE E 332 -77.45 6.37 15.37
C ILE E 332 -78.52 7.44 15.46
N GLN E 333 -79.53 7.21 16.29
CA GLN E 333 -80.61 8.17 16.48
C GLN E 333 -80.27 9.20 17.56
N GLN E 334 -79.30 8.87 18.41
CA GLN E 334 -78.90 9.77 19.48
C GLN E 334 -78.30 11.05 18.90
N PRO E 335 -78.90 12.19 19.25
CA PRO E 335 -78.56 13.51 18.70
C PRO E 335 -77.06 13.75 18.55
N LEU E 336 -76.30 13.59 19.62
CA LEU E 336 -74.86 13.87 19.58
C LEU E 336 -74.11 12.91 18.65
N MET E 337 -74.47 11.63 18.69
CA MET E 337 -73.85 10.67 17.79
C MET E 337 -74.21 10.96 16.34
N ARG E 338 -75.49 11.22 16.08
CA ARG E 338 -75.96 11.46 14.72
C ARG E 338 -75.26 12.69 14.15
N HIS E 339 -74.93 13.64 15.03
CA HIS E 339 -74.21 14.85 14.65
C HIS E 339 -72.77 14.54 14.25
N VAL E 340 -72.08 13.78 15.10
CA VAL E 340 -70.71 13.40 14.81
C VAL E 340 -70.63 12.61 13.52
N LEU E 341 -71.51 11.61 13.37
CA LEU E 341 -71.49 10.76 12.18
C LEU E 341 -71.75 11.56 10.90
N SER E 342 -72.64 12.54 11.00
CA SER E 342 -72.97 13.38 9.85
C SER E 342 -71.75 14.21 9.39
N ARG E 343 -71.04 14.78 10.36
CA ARG E 343 -69.83 15.54 10.04
C ARG E 343 -68.77 14.64 9.41
N MET E 344 -68.70 13.38 9.86
CA MET E 344 -67.77 12.43 9.29
C MET E 344 -68.15 12.11 7.84
N ALA E 345 -69.45 11.93 7.60
CA ALA E 345 -69.92 11.63 6.25
C ALA E 345 -69.58 12.81 5.35
N LEU E 346 -69.83 14.01 5.88
CA LEU E 346 -69.59 15.24 5.15
C LEU E 346 -68.12 15.36 4.79
N GLN E 347 -67.26 14.86 5.68
CA GLN E 347 -65.82 14.86 5.47
C GLN E 347 -65.49 14.01 4.25
N LEU E 348 -66.06 12.82 4.20
CA LEU E 348 -65.83 11.89 3.10
C LEU E 348 -66.38 12.40 1.76
N GLU E 349 -67.51 13.09 1.80
CA GLU E 349 -68.09 13.64 0.57
C GLU E 349 -67.08 14.57 -0.10
N GLY E 350 -66.52 15.50 0.68
CA GLY E 350 -65.55 16.44 0.16
C GLY E 350 -64.30 15.75 -0.35
N GLN E 351 -63.78 14.80 0.42
CA GLN E 351 -62.60 14.06 0.01
C GLN E 351 -62.85 13.28 -1.27
N THR E 352 -63.99 12.60 -1.35
CA THR E 352 -64.35 11.87 -2.56
C THR E 352 -64.34 12.82 -3.75
N ALA E 353 -64.96 13.98 -3.59
CA ALA E 353 -65.07 14.96 -4.66
C ALA E 353 -63.71 15.46 -5.11
N LEU E 354 -62.87 15.81 -4.14
CA LEU E 354 -61.55 16.38 -4.43
C LEU E 354 -60.64 15.32 -5.05
N LEU E 355 -60.62 14.14 -4.45
CA LEU E 355 -59.71 13.09 -4.88
C LEU E 355 -59.97 12.67 -6.33
N PHE E 356 -61.23 12.54 -6.69
CA PHE E 356 -61.56 12.08 -8.03
C PHE E 356 -61.52 13.21 -9.06
N ARG E 357 -61.67 14.44 -8.60
CA ARG E 357 -61.39 15.60 -9.45
C ARG E 357 -59.90 15.60 -9.75
N LEU E 358 -59.11 15.29 -8.72
CA LEU E 358 -57.66 15.18 -8.86
C LEU E 358 -57.31 14.08 -9.85
N ALA E 359 -58.00 12.95 -9.72
CA ALA E 359 -57.80 11.83 -10.63
C ALA E 359 -58.06 12.23 -12.08
N ARG E 360 -59.08 13.05 -12.29
CA ARG E 360 -59.36 13.55 -13.64
C ARG E 360 -58.19 14.39 -14.15
N ALA E 361 -57.65 15.24 -13.29
CA ALA E 361 -56.51 16.07 -13.67
C ALA E 361 -55.38 15.19 -14.19
N TRP E 362 -55.06 14.13 -13.45
CA TRP E 362 -54.01 13.20 -13.86
C TRP E 362 -54.35 12.55 -15.19
N ASP E 363 -55.62 12.27 -15.41
CA ASP E 363 -56.03 11.60 -16.64
C ASP E 363 -55.89 12.53 -17.85
N ARG E 364 -55.94 13.83 -17.58
CA ARG E 364 -55.85 14.84 -18.65
C ARG E 364 -54.56 15.66 -18.52
N ARG E 365 -53.50 15.03 -18.01
CA ARG E 365 -52.25 15.74 -17.73
C ARG E 365 -51.65 16.37 -18.98
N ALA E 366 -52.13 15.98 -20.16
CA ALA E 366 -51.66 16.57 -21.40
C ALA E 366 -52.03 18.05 -21.45
N ASP E 367 -53.10 18.41 -20.75
CA ASP E 367 -53.52 19.79 -20.61
C ASP E 367 -52.71 20.47 -19.51
N ALA E 368 -51.96 21.51 -19.86
CA ALA E 368 -51.10 22.19 -18.90
C ALA E 368 -51.85 22.60 -17.64
N LYS E 369 -53.08 23.09 -17.81
CA LYS E 369 -53.88 23.58 -16.68
C LYS E 369 -54.26 22.45 -15.73
N GLU E 370 -54.55 21.28 -16.29
CA GLU E 370 -54.87 20.11 -15.47
C GLU E 370 -53.63 19.59 -14.74
N ALA E 371 -52.51 19.51 -15.46
CA ALA E 371 -51.25 19.05 -14.89
C ALA E 371 -50.83 19.94 -13.72
N LEU E 372 -51.04 21.24 -13.87
CA LEU E 372 -50.73 22.19 -12.80
C LEU E 372 -51.68 21.98 -11.62
N TRP E 373 -52.95 21.74 -11.91
CA TRP E 373 -53.91 21.50 -10.85
C TRP E 373 -53.49 20.28 -10.05
N ALA E 374 -53.03 19.25 -10.75
CA ALA E 374 -52.59 18.03 -10.07
C ALA E 374 -51.29 18.29 -9.29
N ARG E 375 -50.36 19.00 -9.92
CA ARG E 375 -49.08 19.29 -9.28
C ARG E 375 -49.29 20.02 -7.95
N LEU E 376 -50.38 20.78 -7.86
CA LEU E 376 -50.66 21.61 -6.69
C LEU E 376 -51.43 20.88 -5.59
N PHE E 377 -52.51 20.20 -5.97
CA PHE E 377 -53.41 19.60 -5.00
C PHE E 377 -53.05 18.19 -4.54
N THR E 378 -52.21 17.49 -5.31
CA THR E 378 -51.78 16.16 -4.90
C THR E 378 -51.07 16.24 -3.54
N PRO E 379 -50.01 17.05 -3.43
CA PRO E 379 -49.32 17.15 -2.14
C PRO E 379 -50.29 17.63 -1.06
N ALA E 380 -51.13 18.60 -1.39
CA ALA E 380 -52.08 19.12 -0.42
C ALA E 380 -53.00 18.02 0.08
N ALA E 381 -53.59 17.27 -0.84
CA ALA E 381 -54.51 16.21 -0.50
C ALA E 381 -53.82 15.15 0.35
N LYS E 382 -52.60 14.79 0.00
CA LYS E 382 -51.84 13.84 0.80
C LYS E 382 -51.64 14.34 2.24
N PHE E 383 -51.25 15.61 2.37
CA PHE E 383 -51.01 16.16 3.69
C PHE E 383 -52.26 16.12 4.55
N VAL E 384 -53.33 16.73 4.06
CA VAL E 384 -54.55 16.86 4.84
C VAL E 384 -55.22 15.50 5.09
N ILE E 385 -55.55 14.80 4.03
CA ILE E 385 -56.30 13.55 4.16
C ILE E 385 -55.57 12.52 5.02
N CYS E 386 -54.27 12.39 4.80
CA CYS E 386 -53.49 11.41 5.56
C CYS E 386 -53.33 11.80 7.04
N LYS E 387 -53.42 13.10 7.31
CA LYS E 387 -53.39 13.59 8.69
C LYS E 387 -54.72 13.28 9.39
N ARG E 388 -55.82 13.49 8.66
CA ARG E 388 -57.16 13.27 9.19
C ARG E 388 -57.41 11.82 9.52
N GLY E 389 -56.78 10.94 8.76
CA GLY E 389 -57.02 9.51 8.91
C GLY E 389 -56.99 9.03 10.35
N MET E 390 -55.98 9.46 11.11
CA MET E 390 -55.80 8.99 12.48
C MET E 390 -56.99 9.36 13.37
N PRO E 391 -57.23 10.66 13.57
CA PRO E 391 -58.37 11.05 14.43
C PRO E 391 -59.67 10.46 13.92
N PHE E 392 -59.84 10.41 12.60
CA PHE E 392 -61.07 9.94 11.96
C PHE E 392 -61.35 8.48 12.26
N VAL E 393 -60.36 7.62 12.02
CA VAL E 393 -60.51 6.20 12.30
C VAL E 393 -60.69 5.98 13.80
N ALA E 394 -59.92 6.70 14.60
CA ALA E 394 -60.05 6.62 16.05
C ALA E 394 -61.50 6.85 16.47
N GLU E 395 -62.12 7.87 15.88
CA GLU E 395 -63.50 8.19 16.19
C GLU E 395 -64.43 7.03 15.80
N ALA E 396 -64.17 6.43 14.64
CA ALA E 396 -64.99 5.31 14.17
C ALA E 396 -64.88 4.17 15.20
N MET E 397 -63.66 3.92 15.63
CA MET E 397 -63.39 2.89 16.63
C MET E 397 -64.21 3.14 17.89
N GLU E 398 -64.28 4.40 18.30
CA GLU E 398 -64.98 4.77 19.52
C GLU E 398 -66.50 4.65 19.40
N VAL E 399 -67.00 4.70 18.16
CA VAL E 399 -68.43 4.48 17.92
C VAL E 399 -68.80 3.05 18.28
N LEU E 400 -67.90 2.11 17.97
CA LEU E 400 -68.09 0.73 18.35
C LEU E 400 -67.83 0.54 19.85
N GLY E 401 -66.96 1.37 20.40
CA GLY E 401 -66.63 1.29 21.82
C GLY E 401 -65.60 0.20 22.12
N GLY E 402 -65.80 -0.50 23.24
CA GLY E 402 -64.85 -1.53 23.68
C GLY E 402 -64.42 -2.49 22.59
N ILE E 403 -65.39 -3.11 21.92
CA ILE E 403 -65.08 -4.15 20.95
C ILE E 403 -64.30 -3.62 19.76
N GLY E 404 -64.34 -2.30 19.56
CA GLY E 404 -63.59 -1.66 18.49
C GLY E 404 -62.10 -1.55 18.80
N TYR E 405 -61.76 -1.78 20.06
CA TYR E 405 -60.38 -1.68 20.52
C TYR E 405 -59.71 -3.06 20.54
N CYS E 406 -60.48 -4.09 20.22
CA CYS E 406 -59.96 -5.46 20.19
C CYS E 406 -59.57 -5.87 18.77
N GLU E 407 -58.50 -6.65 18.65
CA GLU E 407 -57.92 -6.97 17.35
C GLU E 407 -58.76 -7.90 16.48
N GLU E 408 -59.82 -8.45 17.06
CA GLU E 408 -60.75 -9.27 16.29
C GLU E 408 -61.53 -8.38 15.32
N SER E 409 -61.56 -7.09 15.63
CA SER E 409 -62.24 -6.08 14.82
C SER E 409 -61.32 -5.52 13.74
N GLU E 410 -61.91 -4.99 12.68
CA GLU E 410 -61.11 -4.40 11.61
C GLU E 410 -60.48 -3.09 12.04
N LEU E 411 -61.03 -2.49 13.09
CA LEU E 411 -60.66 -1.10 13.43
C LEU E 411 -59.20 -0.92 13.86
N PRO E 412 -58.71 -1.75 14.78
CA PRO E 412 -57.31 -1.62 15.20
C PRO E 412 -56.36 -1.68 14.01
N ARG E 413 -56.55 -2.63 13.11
CA ARG E 413 -55.67 -2.73 11.93
C ARG E 413 -55.73 -1.49 11.05
N LEU E 414 -56.92 -0.93 10.88
CA LEU E 414 -57.08 0.33 10.16
C LEU E 414 -56.38 1.46 10.93
N TYR E 415 -56.67 1.55 12.22
CA TYR E 415 -56.06 2.56 13.08
C TYR E 415 -54.53 2.47 13.05
N ARG E 416 -54.01 1.25 12.97
CA ARG E 416 -52.57 1.02 12.96
C ARG E 416 -51.93 1.33 11.60
N GLU E 417 -52.72 1.26 10.53
CA GLU E 417 -52.20 1.51 9.20
C GLU E 417 -52.05 3.00 8.92
N MET E 418 -53.00 3.79 9.42
CA MET E 418 -53.15 5.19 9.04
C MET E 418 -51.86 6.02 8.99
N PRO E 419 -51.02 5.94 10.05
CA PRO E 419 -49.87 6.83 10.09
C PRO E 419 -48.87 6.57 8.96
N VAL E 420 -48.84 5.34 8.46
CA VAL E 420 -47.84 4.99 7.47
C VAL E 420 -48.00 5.86 6.23
N ASN E 421 -49.25 6.16 5.85
CA ASN E 421 -49.54 6.96 4.67
C ASN E 421 -49.12 8.42 4.84
N SER E 422 -49.07 8.87 6.08
CA SER E 422 -48.66 10.24 6.37
C SER E 422 -47.14 10.37 6.42
N ILE E 423 -46.47 9.29 6.80
CA ILE E 423 -45.01 9.27 6.90
C ILE E 423 -44.34 8.98 5.56
N TRP E 424 -44.97 8.11 4.76
CA TRP E 424 -44.45 7.73 3.45
C TRP E 424 -44.06 8.93 2.58
N GLU E 425 -43.02 8.75 1.77
CA GLU E 425 -42.65 9.73 0.74
C GLU E 425 -42.53 11.16 1.25
N GLY E 426 -41.67 11.37 2.24
CA GLY E 426 -41.34 12.71 2.72
C GLY E 426 -42.06 13.20 3.96
N SER E 427 -43.31 12.79 4.14
CA SER E 427 -44.12 13.19 5.28
C SER E 427 -44.82 14.54 5.10
N GLY E 428 -45.67 14.90 6.05
CA GLY E 428 -46.53 16.06 5.94
C GLY E 428 -45.82 17.36 5.63
N ASN E 429 -44.79 17.66 6.41
CA ASN E 429 -44.06 18.91 6.21
C ASN E 429 -43.55 19.05 4.78
N ILE E 430 -42.99 17.96 4.25
CA ILE E 430 -42.44 17.99 2.90
C ILE E 430 -43.53 18.28 1.86
N MET E 431 -44.70 17.70 2.06
CA MET E 431 -45.85 17.99 1.22
C MET E 431 -46.10 19.50 1.25
N CYS E 432 -46.09 20.06 2.45
CA CYS E 432 -46.44 21.46 2.61
C CYS E 432 -45.39 22.39 2.03
N LEU E 433 -44.12 22.05 2.22
CA LEU E 433 -43.04 22.82 1.63
C LEU E 433 -43.16 22.77 0.11
N ASP E 434 -43.60 21.63 -0.41
CA ASP E 434 -43.78 21.48 -1.85
C ASP E 434 -44.95 22.35 -2.36
N VAL E 435 -46.05 22.39 -1.60
CA VAL E 435 -47.17 23.25 -1.97
C VAL E 435 -46.73 24.71 -2.05
N LEU E 436 -45.99 25.16 -1.05
CA LEU E 436 -45.45 26.51 -1.05
C LEU E 436 -44.56 26.72 -2.26
N ARG E 437 -43.73 25.72 -2.57
CA ARG E 437 -42.80 25.80 -3.69
C ARG E 437 -43.55 25.99 -5.02
N VAL E 438 -44.68 25.32 -5.17
CA VAL E 438 -45.46 25.42 -6.40
C VAL E 438 -46.10 26.80 -6.55
N LEU E 439 -46.68 27.32 -5.47
CA LEU E 439 -47.28 28.65 -5.50
C LEU E 439 -46.23 29.70 -5.87
N ASN E 440 -45.03 29.51 -5.36
CA ASN E 440 -43.94 30.46 -5.58
C ASN E 440 -43.31 30.31 -6.97
N LYS E 441 -42.77 29.14 -7.27
CA LYS E 441 -42.00 28.94 -8.48
C LYS E 441 -42.84 28.79 -9.76
N GLN E 442 -43.94 28.04 -9.69
CA GLN E 442 -44.72 27.71 -10.89
C GLN E 442 -45.52 28.89 -11.44
N ALA E 443 -45.47 29.05 -12.76
CA ALA E 443 -46.10 30.19 -13.42
C ALA E 443 -47.57 29.92 -13.71
N GLY E 444 -48.42 30.93 -13.47
CA GLY E 444 -49.83 30.84 -13.76
C GLY E 444 -50.61 30.01 -12.75
N VAL E 445 -50.07 29.90 -11.54
CA VAL E 445 -50.77 29.19 -10.47
C VAL E 445 -51.87 30.08 -9.90
N TYR E 446 -51.55 31.34 -9.64
CA TYR E 446 -52.51 32.29 -9.09
C TYR E 446 -53.67 32.50 -10.06
N ASP E 447 -53.36 32.55 -11.35
CA ASP E 447 -54.38 32.68 -12.38
C ASP E 447 -55.32 31.47 -12.37
N LEU E 448 -54.75 30.28 -12.21
CA LEU E 448 -55.54 29.05 -12.19
C LEU E 448 -56.51 29.01 -11.02
N LEU E 449 -56.04 29.45 -9.86
CA LEU E 449 -56.89 29.51 -8.67
C LEU E 449 -58.00 30.54 -8.84
N SER E 450 -57.63 31.74 -9.30
CA SER E 450 -58.59 32.81 -9.53
C SER E 450 -59.76 32.38 -10.40
N GLU E 451 -59.47 31.61 -11.46
CA GLU E 451 -60.50 31.14 -12.36
C GLU E 451 -61.54 30.29 -11.65
N ALA E 452 -61.08 29.30 -10.88
CA ALA E 452 -61.98 28.41 -10.15
C ALA E 452 -62.78 29.17 -9.09
N PHE E 453 -62.09 30.05 -8.36
CA PHE E 453 -62.73 30.80 -7.26
C PHE E 453 -63.80 31.75 -7.79
N VAL E 454 -63.50 32.39 -8.91
CA VAL E 454 -64.44 33.29 -9.57
C VAL E 454 -65.68 32.52 -10.08
N GLU E 455 -65.45 31.30 -10.51
CA GLU E 455 -66.51 30.46 -11.09
C GLU E 455 -67.62 30.12 -10.09
N VAL E 456 -67.32 30.24 -8.80
CA VAL E 456 -68.31 29.91 -7.77
C VAL E 456 -68.58 31.07 -6.82
N LYS E 457 -68.04 32.24 -7.13
CA LYS E 457 -68.25 33.41 -6.28
C LYS E 457 -69.72 33.73 -6.11
N GLY E 458 -70.12 34.07 -4.89
CA GLY E 458 -71.49 34.44 -4.60
C GLY E 458 -72.37 33.26 -4.20
N GLN E 459 -71.91 32.05 -4.50
CA GLN E 459 -72.67 30.85 -4.19
C GLN E 459 -72.73 30.57 -2.69
N ASP E 460 -71.68 30.96 -1.98
CA ASP E 460 -71.61 30.72 -0.54
C ASP E 460 -70.72 31.76 0.16
N ARG E 461 -71.27 32.39 1.19
CA ARG E 461 -70.56 33.46 1.90
C ARG E 461 -69.30 32.97 2.63
N TYR E 462 -69.38 31.76 3.20
CA TYR E 462 -68.24 31.21 3.94
C TYR E 462 -67.09 30.82 3.02
N PHE E 463 -67.42 30.39 1.80
CA PHE E 463 -66.41 30.09 0.81
C PHE E 463 -65.68 31.36 0.39
N ASP E 464 -66.44 32.38 0.01
CA ASP E 464 -65.84 33.64 -0.44
C ASP E 464 -64.97 34.26 0.64
N ARG E 465 -65.40 34.16 1.89
CA ARG E 465 -64.64 34.71 3.02
C ARG E 465 -63.36 33.89 3.18
N ALA E 466 -63.45 32.59 2.92
CA ALA E 466 -62.30 31.71 3.00
C ALA E 466 -61.29 32.04 1.90
N VAL E 467 -61.81 32.40 0.73
CA VAL E 467 -60.94 32.77 -0.37
C VAL E 467 -60.18 34.05 -0.05
N ARG E 468 -60.89 35.03 0.50
CA ARG E 468 -60.27 36.29 0.89
C ARG E 468 -59.16 36.07 1.93
N ARG E 469 -59.43 35.23 2.93
CA ARG E 469 -58.45 34.94 3.97
C ARG E 469 -57.17 34.32 3.39
N LEU E 470 -57.32 33.44 2.39
CA LEU E 470 -56.16 32.78 1.78
C LEU E 470 -55.29 33.75 1.00
N GLN E 471 -55.93 34.58 0.19
CA GLN E 471 -55.21 35.55 -0.62
C GLN E 471 -54.44 36.53 0.28
N GLN E 472 -55.00 36.81 1.46
CA GLN E 472 -54.33 37.66 2.43
C GLN E 472 -53.14 36.90 3.02
N GLN E 473 -53.13 35.58 2.85
CA GLN E 473 -52.09 34.71 3.39
C GLN E 473 -50.98 34.38 2.38
N LEU E 474 -51.25 34.61 1.10
CA LEU E 474 -50.28 34.31 0.05
C LEU E 474 -49.50 35.53 -0.43
N ARG E 475 -49.97 36.74 -0.08
CA ARG E 475 -49.36 37.97 -0.57
C ARG E 475 -47.83 37.94 -0.43
N LYS E 476 -47.38 37.17 0.56
CA LYS E 476 -45.96 36.91 0.80
C LYS E 476 -45.90 35.80 1.85
N PRO E 477 -45.85 34.55 1.38
CA PRO E 477 -46.06 33.41 2.27
C PRO E 477 -44.80 33.02 3.06
N ALA E 478 -44.96 32.86 4.38
CA ALA E 478 -43.86 32.43 5.21
C ALA E 478 -43.78 30.91 5.23
N GLU E 479 -42.60 30.37 5.53
CA GLU E 479 -42.43 28.92 5.56
C GLU E 479 -43.14 28.28 6.76
N GLU E 480 -43.02 28.92 7.92
CA GLU E 480 -43.62 28.37 9.15
C GLU E 480 -45.14 28.29 9.07
N LEU E 481 -45.72 28.81 7.99
CA LEU E 481 -47.16 28.77 7.81
C LEU E 481 -47.55 27.83 6.67
N GLY E 482 -46.65 26.94 6.30
CA GLY E 482 -46.90 26.01 5.22
C GLY E 482 -48.10 25.12 5.47
N ARG E 483 -48.30 24.71 6.71
CA ARG E 483 -49.44 23.84 7.01
C ARG E 483 -50.76 24.60 6.95
N GLU E 484 -50.78 25.80 7.55
CA GLU E 484 -51.97 26.61 7.55
C GLU E 484 -52.39 26.87 6.10
N ILE E 485 -51.42 27.27 5.28
CA ILE E 485 -51.66 27.57 3.87
C ILE E 485 -52.08 26.34 3.06
N THR E 486 -51.44 25.20 3.32
CA THR E 486 -51.76 23.96 2.61
C THR E 486 -53.14 23.46 2.99
N HIS E 487 -53.48 23.56 4.27
CA HIS E 487 -54.79 23.12 4.74
C HIS E 487 -55.88 24.00 4.13
N GLN E 488 -55.71 25.31 4.24
CA GLN E 488 -56.72 26.23 3.71
C GLN E 488 -56.87 26.07 2.20
N LEU E 489 -55.76 25.84 1.51
CA LEU E 489 -55.78 25.65 0.06
C LEU E 489 -56.55 24.40 -0.31
N PHE E 490 -56.38 23.35 0.50
CA PHE E 490 -57.06 22.08 0.28
C PHE E 490 -58.56 22.23 0.44
N LEU E 491 -58.98 22.85 1.52
CA LEU E 491 -60.40 23.06 1.79
C LEU E 491 -61.06 23.81 0.64
N LEU E 492 -60.40 24.84 0.14
CA LEU E 492 -60.94 25.64 -0.96
C LEU E 492 -61.12 24.79 -2.21
N GLY E 493 -60.22 23.81 -2.39
CA GLY E 493 -60.33 22.87 -3.50
C GLY E 493 -61.57 22.00 -3.38
N CYS E 494 -61.75 21.39 -2.21
CA CYS E 494 -62.95 20.62 -1.91
C CYS E 494 -64.20 21.49 -2.04
N GLY E 495 -64.15 22.67 -1.43
CA GLY E 495 -65.26 23.60 -1.47
C GLY E 495 -65.75 23.89 -2.87
N ALA E 496 -64.82 24.26 -3.76
CA ALA E 496 -65.18 24.54 -5.14
C ALA E 496 -65.91 23.37 -5.78
N GLN E 497 -65.41 22.16 -5.55
CA GLN E 497 -66.02 20.96 -6.13
C GLN E 497 -67.44 20.72 -5.61
N MET E 498 -67.62 20.87 -4.30
CA MET E 498 -68.95 20.73 -3.72
C MET E 498 -69.90 21.76 -4.30
N LEU E 499 -69.44 23.01 -4.41
CA LEU E 499 -70.28 24.11 -4.89
C LEU E 499 -70.70 23.93 -6.34
N LYS E 500 -69.84 23.31 -7.14
CA LYS E 500 -70.11 23.13 -8.57
C LYS E 500 -71.00 21.94 -8.89
N TYR E 501 -70.78 20.82 -8.20
CA TYR E 501 -71.37 19.55 -8.61
C TYR E 501 -72.25 18.87 -7.56
N ALA E 502 -72.11 19.27 -6.29
CA ALA E 502 -72.95 18.73 -5.23
C ALA E 502 -74.25 19.54 -5.17
N SER E 503 -75.27 18.97 -4.53
CA SER E 503 -76.55 19.68 -4.41
C SER E 503 -76.35 20.92 -3.54
N PRO E 504 -77.05 22.01 -3.86
CA PRO E 504 -76.89 23.26 -3.11
C PRO E 504 -76.98 23.09 -1.58
N PRO E 505 -77.96 22.30 -1.10
CA PRO E 505 -78.05 22.09 0.36
C PRO E 505 -76.82 21.36 0.90
N MET E 506 -76.35 20.34 0.18
CA MET E 506 -75.16 19.59 0.57
C MET E 506 -73.93 20.48 0.61
N ALA E 507 -73.76 21.31 -0.42
CA ALA E 507 -72.61 22.22 -0.49
C ALA E 507 -72.70 23.32 0.59
N GLN E 508 -73.92 23.83 0.81
CA GLN E 508 -74.14 24.78 1.88
C GLN E 508 -73.70 24.17 3.20
N ALA E 509 -74.11 22.92 3.43
CA ALA E 509 -73.73 22.19 4.62
C ALA E 509 -72.21 22.04 4.74
N TRP E 510 -71.60 21.55 3.67
CA TRP E 510 -70.16 21.35 3.66
C TRP E 510 -69.41 22.65 3.97
N CYS E 511 -69.75 23.71 3.24
CA CYS E 511 -69.08 25.02 3.41
C CYS E 511 -69.24 25.58 4.82
N GLN E 512 -70.44 25.45 5.38
CA GLN E 512 -70.67 25.95 6.73
C GLN E 512 -69.78 25.19 7.71
N VAL E 513 -69.85 23.86 7.66
CA VAL E 513 -69.13 23.02 8.62
C VAL E 513 -67.62 23.16 8.53
N MET E 514 -67.09 23.33 7.32
CA MET E 514 -65.63 23.33 7.14
C MET E 514 -65.04 24.73 7.12
N LEU E 515 -65.84 25.73 6.73
CA LEU E 515 -65.31 27.08 6.51
C LEU E 515 -65.86 28.14 7.46
N ASP E 516 -66.84 27.77 8.28
CA ASP E 516 -67.38 28.71 9.25
C ASP E 516 -66.52 28.67 10.51
N THR E 517 -65.67 29.69 10.64
CA THR E 517 -64.72 29.79 11.75
C THR E 517 -65.44 29.90 13.09
N ARG E 518 -66.71 30.30 13.03
CA ARG E 518 -67.52 30.41 14.23
C ARG E 518 -67.94 29.04 14.79
N GLY E 519 -67.62 27.98 14.04
CA GLY E 519 -67.94 26.63 14.45
C GLY E 519 -69.38 26.50 14.94
N GLY E 520 -69.60 25.60 15.90
CA GLY E 520 -70.91 25.40 16.47
C GLY E 520 -72.04 25.33 15.45
N VAL E 521 -71.76 24.71 14.30
CA VAL E 521 -72.75 24.60 13.24
C VAL E 521 -73.65 23.37 13.37
N ARG E 522 -74.95 23.62 13.55
CA ARG E 522 -75.97 22.57 13.58
C ARG E 522 -76.37 22.25 12.14
N LEU E 523 -76.75 21.00 11.88
CA LEU E 523 -77.19 20.59 10.55
C LEU E 523 -78.68 20.23 10.55
N SER E 524 -79.37 20.60 9.47
CA SER E 524 -80.80 20.31 9.37
C SER E 524 -81.05 18.81 9.48
N GLU E 525 -82.21 18.45 10.03
CA GLU E 525 -82.55 17.04 10.14
C GLU E 525 -82.52 16.37 8.78
N GLN E 526 -82.87 17.13 7.74
CA GLN E 526 -82.96 16.61 6.38
C GLN E 526 -81.59 16.33 5.75
N ILE E 527 -80.64 17.23 6.00
CA ILE E 527 -79.31 17.08 5.41
C ILE E 527 -78.55 15.94 6.07
N GLN E 528 -78.76 15.76 7.36
CA GLN E 528 -78.13 14.63 8.05
C GLN E 528 -78.66 13.31 7.53
N ASN E 529 -79.98 13.20 7.39
CA ASN E 529 -80.59 11.98 6.85
C ASN E 529 -80.04 11.64 5.47
N ASP E 530 -79.85 12.67 4.65
CA ASP E 530 -79.40 12.46 3.28
C ASP E 530 -77.94 12.00 3.26
N LEU E 531 -77.11 12.64 4.08
CA LEU E 531 -75.72 12.24 4.23
C LEU E 531 -75.61 10.75 4.53
N LEU E 532 -76.22 10.33 5.63
CA LEU E 532 -76.16 8.94 6.08
C LEU E 532 -76.74 7.98 5.05
N LEU E 533 -77.80 8.41 4.36
CA LEU E 533 -78.43 7.60 3.33
C LEU E 533 -77.47 7.36 2.16
N ARG E 534 -76.85 8.44 1.69
CA ARG E 534 -75.89 8.36 0.60
C ARG E 534 -74.71 7.47 0.96
N ALA E 535 -74.36 7.46 2.25
CA ALA E 535 -73.19 6.72 2.71
C ALA E 535 -73.44 5.21 2.81
N THR E 536 -74.65 4.78 2.47
CA THR E 536 -74.98 3.36 2.51
C THR E 536 -75.47 2.85 1.16
N GLY E 537 -75.43 3.73 0.15
CA GLY E 537 -75.82 3.37 -1.20
C GLY E 537 -77.18 3.93 -1.55
N GLY E 538 -77.84 3.29 -2.52
CA GLY E 538 -79.16 3.72 -2.95
C GLY E 538 -79.12 4.96 -3.82
N VAL E 539 -77.91 5.48 -4.05
CA VAL E 539 -77.72 6.63 -4.92
C VAL E 539 -77.07 6.18 -6.23
N CYS E 540 -77.08 4.87 -6.46
CA CYS E 540 -76.43 4.29 -7.64
C CYS E 540 -77.45 3.56 -8.51
N HIS F 2 -13.13 -3.16 4.99
CA HIS F 2 -13.61 -3.44 3.64
C HIS F 2 -14.85 -4.32 3.66
N TRP F 3 -15.22 -4.78 4.86
CA TRP F 3 -16.39 -5.64 5.03
C TRP F 3 -17.68 -4.83 4.98
N GLN F 4 -17.58 -3.55 5.30
CA GLN F 4 -18.74 -2.66 5.36
C GLN F 4 -19.16 -2.12 3.98
N THR F 5 -20.44 -1.86 3.83
CA THR F 5 -20.97 -1.29 2.61
C THR F 5 -21.24 0.20 2.76
N HIS F 6 -21.23 0.66 4.01
CA HIS F 6 -21.60 2.05 4.30
C HIS F 6 -21.28 2.40 5.76
N THR F 7 -21.32 3.69 6.06
CA THR F 7 -21.17 4.15 7.44
C THR F 7 -22.48 4.73 7.95
N VAL F 8 -22.84 4.36 9.18
CA VAL F 8 -24.07 4.87 9.78
C VAL F 8 -23.81 6.21 10.46
N PHE F 9 -24.58 7.22 10.07
CA PHE F 9 -24.46 8.54 10.68
C PHE F 9 -25.78 9.30 10.64
N ASN F 10 -25.84 10.39 11.40
CA ASN F 10 -27.04 11.20 11.52
C ASN F 10 -28.19 10.39 12.15
N GLN F 11 -27.82 9.37 12.92
CA GLN F 11 -28.80 8.58 13.65
C GLN F 11 -28.74 8.97 15.12
N PRO F 12 -29.72 9.77 15.57
CA PRO F 12 -29.74 10.29 16.94
C PRO F 12 -29.84 9.16 17.94
N ILE F 13 -29.30 9.40 19.14
CA ILE F 13 -29.50 8.44 20.22
C ILE F 13 -30.87 8.63 20.84
N PRO F 14 -31.51 7.53 21.24
CA PRO F 14 -32.87 7.61 21.78
C PRO F 14 -32.86 8.20 23.19
N LEU F 15 -33.94 8.87 23.55
CA LEU F 15 -34.02 9.48 24.87
C LEU F 15 -34.12 8.40 25.94
N ASN F 16 -33.12 8.36 26.82
CA ASN F 16 -33.18 7.52 28.02
C ASN F 16 -32.22 8.01 29.09
N ASN F 17 -32.37 7.49 30.31
CA ASN F 17 -31.58 7.95 31.45
C ASN F 17 -31.71 9.46 31.66
N SER F 18 -32.92 9.98 31.53
CA SER F 18 -33.21 11.37 31.81
C SER F 18 -34.12 11.43 33.04
N ASN F 19 -34.42 12.64 33.48
CA ASN F 19 -35.31 12.84 34.62
C ASN F 19 -36.71 13.25 34.16
N LEU F 20 -37.64 12.31 34.23
CA LEU F 20 -38.99 12.54 33.74
C LEU F 20 -39.68 13.75 34.36
N TYR F 21 -39.28 14.10 35.59
CA TYR F 21 -39.88 15.21 36.30
C TYR F 21 -39.16 16.52 36.02
N LEU F 22 -37.84 16.55 36.25
CA LEU F 22 -37.07 17.79 36.16
C LEU F 22 -36.91 18.31 34.73
N SER F 23 -37.36 17.52 33.75
CA SER F 23 -37.30 17.95 32.36
C SER F 23 -38.64 18.52 31.91
N ASP F 24 -39.61 18.55 32.82
CA ASP F 24 -40.93 19.07 32.51
C ASP F 24 -41.17 20.38 33.26
N GLY F 25 -40.71 21.50 32.69
CA GLY F 25 -40.83 22.79 33.33
C GLY F 25 -42.24 23.13 33.82
N ALA F 26 -43.24 22.92 32.97
CA ALA F 26 -44.61 23.26 33.31
C ALA F 26 -45.09 22.47 34.52
N LEU F 27 -44.64 21.23 34.62
CA LEU F 27 -45.01 20.34 35.71
C LEU F 27 -44.43 20.79 37.05
N CYS F 28 -43.13 21.13 37.06
CA CYS F 28 -42.48 21.61 38.27
C CYS F 28 -43.22 22.80 38.85
N GLU F 29 -43.53 23.78 38.01
CA GLU F 29 -44.23 24.98 38.43
C GLU F 29 -45.62 24.65 38.96
N ALA F 30 -46.32 23.78 38.24
CA ALA F 30 -47.67 23.41 38.62
C ALA F 30 -47.71 22.76 40.00
N VAL F 31 -46.74 21.88 40.26
CA VAL F 31 -46.68 21.16 41.52
C VAL F 31 -46.51 22.15 42.67
N THR F 32 -45.61 23.10 42.50
CA THR F 32 -45.36 24.12 43.50
C THR F 32 -46.57 25.03 43.65
N ARG F 33 -47.10 25.49 42.53
CA ARG F 33 -48.21 26.44 42.50
C ARG F 33 -49.50 25.89 43.13
N GLU F 34 -49.69 24.56 43.06
CA GLU F 34 -50.94 23.97 43.49
C GLU F 34 -50.86 23.32 44.88
N GLY F 35 -49.81 23.67 45.62
CA GLY F 35 -49.71 23.34 47.02
C GLY F 35 -49.10 21.98 47.32
N ALA F 36 -48.31 21.47 46.37
CA ALA F 36 -47.64 20.18 46.53
C ALA F 36 -46.13 20.33 46.39
N GLY F 37 -45.62 21.51 46.69
CA GLY F 37 -44.20 21.81 46.59
C GLY F 37 -43.35 21.02 47.57
N TRP F 38 -44.00 20.43 48.57
CA TRP F 38 -43.30 19.60 49.55
C TRP F 38 -42.86 18.25 48.96
N ASP F 39 -43.47 17.86 47.85
CA ASP F 39 -43.17 16.58 47.24
C ASP F 39 -42.14 16.75 46.12
N SER F 40 -41.69 17.99 45.89
CA SER F 40 -40.74 18.29 44.83
C SER F 40 -39.44 17.45 44.88
N ASP F 41 -38.86 17.32 46.07
CA ASP F 41 -37.63 16.57 46.22
C ASP F 41 -37.82 15.09 45.90
N PHE F 42 -39.00 14.57 46.25
CA PHE F 42 -39.33 13.17 45.98
C PHE F 42 -39.71 12.93 44.51
N LEU F 43 -40.45 13.88 43.93
CA LEU F 43 -40.84 13.79 42.53
C LEU F 43 -39.61 13.78 41.63
N ALA F 44 -38.59 14.54 42.01
CA ALA F 44 -37.35 14.57 41.25
C ALA F 44 -36.58 13.26 41.46
N SER F 45 -36.78 12.67 42.63
CA SER F 45 -36.11 11.42 42.98
C SER F 45 -36.62 10.28 42.10
N ILE F 46 -37.93 10.06 42.09
CA ILE F 46 -38.51 9.00 41.27
C ILE F 46 -38.50 9.37 39.79
N GLY F 47 -38.54 10.67 39.52
CA GLY F 47 -38.46 11.15 38.15
C GLY F 47 -37.17 10.66 37.52
N GLN F 48 -36.14 10.53 38.35
CA GLN F 48 -34.84 10.04 37.91
C GLN F 48 -34.87 8.52 37.74
N GLN F 49 -35.40 7.82 38.75
CA GLN F 49 -35.49 6.35 38.73
C GLN F 49 -36.30 5.84 37.56
N LEU F 50 -37.43 6.50 37.29
CA LEU F 50 -38.37 6.05 36.26
C LEU F 50 -37.89 6.33 34.84
N GLY F 51 -36.98 7.28 34.70
CA GLY F 51 -36.51 7.71 33.40
C GLY F 51 -35.33 6.91 32.87
N THR F 52 -34.87 5.94 33.66
CA THR F 52 -33.68 5.18 33.31
C THR F 52 -34.01 4.13 32.26
N ALA F 53 -32.99 3.70 31.53
CA ALA F 53 -33.17 2.68 30.49
C ALA F 53 -33.79 1.41 31.08
N GLU F 54 -33.27 0.98 32.23
CA GLU F 54 -33.76 -0.22 32.88
C GLU F 54 -35.25 -0.10 33.15
N SER F 55 -35.67 1.08 33.60
CA SER F 55 -37.07 1.34 33.86
C SER F 55 -37.90 1.18 32.59
N LEU F 56 -37.51 1.90 31.54
CA LEU F 56 -38.22 1.84 30.27
C LEU F 56 -38.30 0.44 29.71
N GLU F 57 -37.25 -0.35 29.96
CA GLU F 57 -37.22 -1.72 29.47
C GLU F 57 -38.31 -2.56 30.13
N LEU F 58 -38.59 -2.29 31.40
CA LEU F 58 -39.68 -2.96 32.10
C LEU F 58 -41.00 -2.68 31.39
N GLY F 59 -41.20 -1.43 30.98
CA GLY F 59 -42.37 -1.06 30.21
C GLY F 59 -42.50 -1.93 28.98
N ARG F 60 -41.44 -1.95 28.16
CA ARG F 60 -41.44 -2.76 26.94
C ARG F 60 -41.76 -4.22 27.23
N LEU F 61 -41.07 -4.79 28.23
CA LEU F 61 -41.24 -6.21 28.54
C LEU F 61 -42.68 -6.53 28.91
N ALA F 62 -43.25 -5.71 29.78
CA ALA F 62 -44.59 -5.94 30.29
C ALA F 62 -45.62 -5.97 29.16
N ASN F 63 -45.31 -5.28 28.06
CA ASN F 63 -46.24 -5.20 26.93
C ASN F 63 -45.98 -6.23 25.82
N VAL F 64 -44.72 -6.55 25.54
CA VAL F 64 -44.42 -7.52 24.48
C VAL F 64 -44.54 -8.95 25.01
N ASN F 65 -44.60 -9.07 26.33
CA ASN F 65 -44.90 -10.35 26.98
C ASN F 65 -46.17 -10.24 27.80
N PRO F 66 -47.32 -10.07 27.14
CA PRO F 66 -48.60 -9.89 27.83
C PRO F 66 -48.99 -11.10 28.69
N PRO F 67 -49.90 -10.89 29.65
CA PRO F 67 -50.38 -11.93 30.56
C PRO F 67 -51.05 -13.09 29.83
N GLU F 68 -50.95 -14.29 30.41
CA GLU F 68 -51.63 -15.47 29.89
C GLU F 68 -52.74 -15.84 30.86
N LEU F 69 -53.90 -16.20 30.31
CA LEU F 69 -55.00 -16.67 31.13
C LEU F 69 -54.86 -18.16 31.44
N LEU F 70 -54.91 -18.50 32.72
CA LEU F 70 -54.83 -19.89 33.14
C LEU F 70 -56.18 -20.33 33.68
N ARG F 71 -57.06 -20.75 32.79
CA ARG F 71 -58.39 -21.20 33.20
C ARG F 71 -58.36 -22.53 33.94
N TYR F 72 -57.43 -23.40 33.54
CA TYR F 72 -57.27 -24.72 34.15
C TYR F 72 -55.81 -25.00 34.49
N ASP F 73 -55.59 -25.94 35.40
CA ASP F 73 -54.24 -26.44 35.65
C ASP F 73 -54.02 -27.72 34.84
N ALA F 74 -52.85 -28.33 35.00
CA ALA F 74 -52.50 -29.52 34.22
C ALA F 74 -53.35 -30.75 34.56
N GLN F 75 -54.05 -30.69 35.68
CA GLN F 75 -54.88 -31.81 36.14
C GLN F 75 -56.33 -31.64 35.71
N GLY F 76 -56.64 -30.51 35.09
CA GLY F 76 -57.96 -30.29 34.55
C GLY F 76 -58.91 -29.68 35.55
N ARG F 77 -58.38 -29.27 36.70
CA ARG F 77 -59.18 -28.54 37.69
C ARG F 77 -59.18 -27.06 37.36
N ARG F 78 -60.34 -26.45 37.50
CA ARG F 78 -60.51 -25.01 37.34
C ARG F 78 -59.46 -24.26 38.18
N LEU F 79 -58.88 -23.21 37.60
CA LEU F 79 -57.80 -22.48 38.26
C LEU F 79 -58.05 -20.97 38.25
N ASP F 80 -58.61 -20.48 37.16
CA ASP F 80 -58.95 -19.07 37.01
C ASP F 80 -57.90 -18.11 37.54
N ASP F 81 -56.66 -18.23 37.07
CA ASP F 81 -55.59 -17.32 37.46
C ASP F 81 -54.98 -16.68 36.22
N VAL F 82 -54.19 -15.63 36.43
CA VAL F 82 -53.50 -14.97 35.32
C VAL F 82 -52.01 -14.94 35.61
N ARG F 83 -51.20 -15.26 34.60
CA ARG F 83 -49.75 -15.31 34.76
C ARG F 83 -49.08 -14.17 34.01
N PHE F 84 -48.31 -13.35 34.73
CA PHE F 84 -47.63 -12.19 34.14
C PHE F 84 -46.13 -12.38 33.95
N HIS F 85 -45.53 -11.49 33.16
CA HIS F 85 -44.07 -11.41 33.06
C HIS F 85 -43.55 -10.72 34.31
N PRO F 86 -42.39 -11.15 34.81
CA PRO F 86 -41.82 -10.57 36.04
C PRO F 86 -41.76 -9.04 36.02
N ALA F 87 -41.68 -8.45 34.84
CA ALA F 87 -41.59 -7.00 34.72
C ALA F 87 -42.87 -6.33 35.22
N TRP F 88 -44.01 -6.96 34.95
CA TRP F 88 -45.28 -6.43 35.39
C TRP F 88 -45.30 -6.22 36.90
N HIS F 89 -44.89 -7.25 37.64
CA HIS F 89 -44.86 -7.15 39.10
C HIS F 89 -43.91 -6.08 39.61
N LEU F 90 -42.80 -5.88 38.91
CA LEU F 90 -41.85 -4.84 39.29
C LEU F 90 -42.46 -3.47 39.12
N LEU F 91 -43.18 -3.28 38.02
CA LEU F 91 -43.89 -2.03 37.78
C LEU F 91 -44.88 -1.77 38.90
N MET F 92 -45.63 -2.82 39.28
CA MET F 92 -46.60 -2.72 40.36
C MET F 92 -45.94 -2.38 41.70
N GLN F 93 -44.83 -3.04 42.00
CA GLN F 93 -44.11 -2.79 43.25
C GLN F 93 -43.82 -1.31 43.41
N ALA F 94 -43.28 -0.69 42.36
CA ALA F 94 -42.90 0.70 42.42
C ALA F 94 -44.11 1.61 42.56
N LEU F 95 -45.15 1.35 41.77
CA LEU F 95 -46.39 2.14 41.83
C LEU F 95 -46.94 2.18 43.24
N CYS F 96 -46.97 1.04 43.91
CA CYS F 96 -47.49 0.96 45.27
C CYS F 96 -46.53 1.57 46.29
N THR F 97 -45.24 1.33 46.10
CA THR F 97 -44.23 1.94 46.94
C THR F 97 -44.39 3.46 46.90
N ASN F 98 -44.71 3.99 45.72
CA ASN F 98 -44.88 5.43 45.57
C ASN F 98 -46.32 5.86 45.87
N ARG F 99 -47.09 4.95 46.42
CA ARG F 99 -48.46 5.25 46.87
C ARG F 99 -49.30 5.94 45.81
N VAL F 100 -49.06 5.61 44.55
CA VAL F 100 -49.84 6.17 43.47
C VAL F 100 -51.29 5.68 43.57
N HIS F 101 -51.49 4.65 44.37
CA HIS F 101 -52.82 4.05 44.53
C HIS F 101 -53.58 4.53 45.77
N ASN F 102 -52.90 5.20 46.71
CA ASN F 102 -53.61 5.61 47.92
C ASN F 102 -53.09 6.85 48.66
N LEU F 103 -52.09 7.52 48.10
CA LEU F 103 -51.47 8.66 48.79
C LEU F 103 -52.48 9.56 49.50
N ALA F 104 -53.50 9.99 48.77
CA ALA F 104 -54.45 10.98 49.27
C ALA F 104 -55.38 10.41 50.34
N TRP F 105 -55.36 9.10 50.53
CA TRP F 105 -56.31 8.46 51.45
C TRP F 105 -55.69 8.06 52.79
N GLU F 106 -54.38 8.21 52.91
CA GLU F 106 -53.72 8.03 54.20
C GLU F 106 -54.44 8.87 55.25
N GLU F 107 -54.47 8.41 56.49
CA GLU F 107 -55.22 9.08 57.53
C GLU F 107 -54.63 10.45 57.86
N ASP F 108 -53.31 10.56 57.84
CA ASP F 108 -52.64 11.83 58.12
C ASP F 108 -52.14 12.48 56.82
N ALA F 109 -52.93 12.38 55.75
CA ALA F 109 -52.58 12.95 54.47
C ALA F 109 -52.55 14.47 54.54
N ARG F 110 -51.46 15.07 54.07
CA ARG F 110 -51.29 16.51 54.15
C ARG F 110 -51.93 17.24 52.96
N SER F 111 -51.93 18.57 53.04
CA SER F 111 -52.53 19.40 52.00
C SER F 111 -51.78 19.25 50.70
N GLY F 112 -52.53 19.03 49.62
CA GLY F 112 -51.94 18.88 48.30
C GLY F 112 -51.58 17.45 47.97
N ALA F 113 -52.08 16.51 48.77
CA ALA F 113 -51.79 15.10 48.57
C ALA F 113 -52.30 14.63 47.21
N PHE F 114 -53.50 15.08 46.85
CA PHE F 114 -54.10 14.72 45.56
C PHE F 114 -53.24 15.27 44.42
N VAL F 115 -52.74 16.49 44.57
CA VAL F 115 -51.89 17.11 43.57
C VAL F 115 -50.52 16.43 43.45
N ALA F 116 -49.98 16.02 44.59
CA ALA F 116 -48.70 15.31 44.59
C ALA F 116 -48.85 13.92 43.98
N ARG F 117 -49.95 13.26 44.30
CA ARG F 117 -50.23 11.94 43.75
C ARG F 117 -50.42 12.03 42.22
N ALA F 118 -51.04 13.10 41.76
CA ALA F 118 -51.23 13.29 40.32
C ALA F 118 -49.89 13.39 39.63
N ALA F 119 -48.95 14.11 40.24
CA ALA F 119 -47.62 14.28 39.68
C ALA F 119 -46.91 12.94 39.57
N ARG F 120 -46.97 12.16 40.65
CA ARG F 120 -46.35 10.83 40.68
C ARG F 120 -46.93 9.94 39.60
N PHE F 121 -48.26 9.95 39.49
CA PHE F 121 -48.97 9.18 38.48
C PHE F 121 -48.48 9.54 37.09
N MET F 122 -48.39 10.84 36.82
CA MET F 122 -48.02 11.34 35.51
C MET F 122 -46.62 10.88 35.09
N LEU F 123 -45.74 10.68 36.07
CA LEU F 123 -44.40 10.19 35.80
C LEU F 123 -44.40 8.71 35.44
N HIS F 124 -45.05 7.90 36.27
CA HIS F 124 -45.19 6.47 35.98
C HIS F 124 -45.87 6.24 34.64
N ALA F 125 -46.86 7.07 34.34
CA ALA F 125 -47.61 6.93 33.10
C ALA F 125 -46.73 7.02 31.84
N GLN F 126 -45.61 7.73 31.95
CA GLN F 126 -44.72 7.93 30.82
C GLN F 126 -43.86 6.69 30.54
N VAL F 127 -43.68 5.84 31.53
CA VAL F 127 -42.89 4.62 31.39
C VAL F 127 -43.76 3.46 30.91
N GLU F 128 -44.92 3.31 31.53
CA GLU F 128 -45.82 2.21 31.22
C GLU F 128 -47.27 2.56 31.61
N ALA F 129 -48.23 2.20 30.76
CA ALA F 129 -49.61 2.66 30.94
C ALA F 129 -50.56 1.57 31.44
N GLY F 130 -50.34 0.33 31.01
CA GLY F 130 -51.18 -0.78 31.41
C GLY F 130 -51.23 -0.96 32.92
N SER F 131 -50.09 -0.75 33.57
CA SER F 131 -50.01 -0.96 35.01
C SER F 131 -50.81 0.09 35.80
N LEU F 132 -51.21 1.16 35.11
CA LEU F 132 -51.98 2.22 35.75
C LEU F 132 -53.44 1.85 35.94
N CYS F 133 -53.90 0.82 35.23
CA CYS F 133 -55.30 0.43 35.35
C CYS F 133 -55.67 0.00 36.77
N PRO F 134 -55.00 -1.04 37.29
CA PRO F 134 -55.30 -1.43 38.67
C PRO F 134 -55.08 -0.28 39.65
N ILE F 135 -54.07 0.54 39.40
CA ILE F 135 -53.76 1.67 40.28
C ILE F 135 -54.89 2.70 40.30
N THR F 136 -55.37 3.07 39.11
CA THR F 136 -56.46 4.03 38.98
C THR F 136 -57.75 3.54 39.65
N MET F 137 -58.10 2.28 39.39
CA MET F 137 -59.31 1.68 39.98
C MET F 137 -59.22 1.61 41.50
N THR F 138 -58.10 1.09 41.99
CA THR F 138 -57.86 1.00 43.43
C THR F 138 -57.92 2.38 44.07
N PHE F 139 -57.32 3.36 43.40
CA PHE F 139 -57.26 4.72 43.94
C PHE F 139 -58.65 5.31 44.10
N ALA F 140 -59.54 5.01 43.16
CA ALA F 140 -60.87 5.61 43.18
C ALA F 140 -61.78 4.90 44.17
N ALA F 141 -61.59 3.59 44.31
CA ALA F 141 -62.46 2.77 45.14
C ALA F 141 -62.10 2.85 46.61
N THR F 142 -60.83 3.09 46.90
CA THR F 142 -60.34 3.07 48.27
C THR F 142 -61.15 3.90 49.28
N PRO F 143 -61.35 5.20 48.98
CA PRO F 143 -62.08 6.06 49.93
C PRO F 143 -63.46 5.50 50.19
N LEU F 144 -64.07 4.93 49.16
CA LEU F 144 -65.40 4.36 49.28
C LEU F 144 -65.36 3.14 50.20
N LEU F 145 -64.46 2.21 49.91
CA LEU F 145 -64.33 0.98 50.70
C LEU F 145 -63.97 1.24 52.16
N LEU F 146 -63.08 2.20 52.39
CA LEU F 146 -62.63 2.50 53.75
C LEU F 146 -63.78 2.81 54.71
N GLN F 147 -64.90 3.30 54.20
CA GLN F 147 -66.03 3.62 55.05
C GLN F 147 -67.29 2.78 54.77
N MET F 148 -67.15 1.74 53.95
CA MET F 148 -68.29 0.89 53.60
C MET F 148 -68.00 -0.61 53.70
N LEU F 149 -66.76 -0.96 54.02
CA LEU F 149 -66.37 -2.36 54.08
C LEU F 149 -67.35 -3.18 54.90
N PRO F 150 -67.84 -4.29 54.31
CA PRO F 150 -68.69 -5.23 55.04
C PRO F 150 -67.94 -5.81 56.23
N ALA F 151 -68.69 -6.29 57.23
CA ALA F 151 -68.11 -6.82 58.45
C ALA F 151 -66.98 -7.85 58.26
N PRO F 152 -67.20 -8.87 57.41
CA PRO F 152 -66.21 -9.95 57.24
C PRO F 152 -64.88 -9.47 56.64
N PHE F 153 -64.79 -8.21 56.26
CA PHE F 153 -63.59 -7.69 55.63
C PHE F 153 -63.07 -6.41 56.28
N GLN F 154 -63.30 -6.27 57.58
CA GLN F 154 -62.88 -5.07 58.30
C GLN F 154 -61.36 -4.96 58.35
N ASP F 155 -60.69 -6.10 58.47
CA ASP F 155 -59.23 -6.12 58.54
C ASP F 155 -58.55 -5.81 57.20
N TRP F 156 -59.35 -5.36 56.24
CA TRP F 156 -58.82 -4.94 54.94
C TRP F 156 -58.35 -3.49 54.99
N THR F 157 -58.73 -2.80 56.06
CA THR F 157 -58.43 -1.38 56.21
C THR F 157 -56.92 -1.10 56.17
N THR F 158 -56.16 -1.85 56.94
CA THR F 158 -54.73 -1.63 57.04
C THR F 158 -53.99 -1.84 55.71
N PRO F 159 -54.21 -2.98 55.05
CA PRO F 159 -53.56 -3.24 53.76
C PRO F 159 -53.96 -2.21 52.70
N LEU F 160 -55.18 -1.71 52.80
CA LEU F 160 -55.67 -0.72 51.83
C LEU F 160 -54.85 0.56 51.89
N LEU F 161 -54.25 0.81 53.04
CA LEU F 161 -53.50 2.04 53.26
C LEU F 161 -51.98 1.84 53.24
N SER F 162 -51.54 0.66 52.83
CA SER F 162 -50.12 0.33 52.80
C SER F 162 -49.41 0.79 51.53
N ASP F 163 -48.13 0.45 51.44
CA ASP F 163 -47.30 0.77 50.28
C ASP F 163 -46.68 -0.51 49.73
N ARG F 164 -47.27 -1.63 50.11
CA ARG F 164 -46.76 -2.93 49.70
C ARG F 164 -47.65 -3.52 48.62
N TYR F 165 -47.05 -3.86 47.48
CA TYR F 165 -47.72 -4.65 46.47
C TYR F 165 -47.56 -6.11 46.87
N ASP F 166 -48.68 -6.82 46.95
CA ASP F 166 -48.67 -8.24 47.31
C ASP F 166 -49.37 -9.02 46.21
N SER F 167 -48.62 -9.83 45.49
CA SER F 167 -49.19 -10.60 44.39
C SER F 167 -49.61 -11.99 44.83
N HIS F 168 -49.39 -12.31 46.10
CA HIS F 168 -49.78 -13.62 46.62
C HIS F 168 -51.24 -13.95 46.28
N LEU F 169 -51.46 -15.20 45.89
CA LEU F 169 -52.81 -15.71 45.67
C LEU F 169 -53.43 -16.14 47.01
N LEU F 170 -53.88 -15.14 47.78
CA LEU F 170 -54.46 -15.38 49.09
C LEU F 170 -55.67 -14.48 49.29
N PRO F 171 -56.54 -14.84 50.23
CA PRO F 171 -57.63 -13.94 50.62
C PRO F 171 -57.04 -12.59 51.04
N GLY F 172 -57.76 -11.50 50.77
CA GLY F 172 -57.29 -10.16 51.06
C GLY F 172 -56.71 -9.94 52.44
N GLY F 173 -57.43 -10.44 53.45
CA GLY F 173 -57.03 -10.27 54.84
C GLY F 173 -55.64 -10.74 55.17
N GLN F 174 -55.13 -11.67 54.37
CA GLN F 174 -53.81 -12.24 54.61
C GLN F 174 -52.74 -11.61 53.73
N LYS F 175 -53.02 -10.44 53.18
CA LYS F 175 -52.08 -9.77 52.29
C LYS F 175 -51.61 -8.43 52.84
N ARG F 176 -50.47 -7.96 52.34
CA ARG F 176 -49.89 -6.72 52.81
C ARG F 176 -50.44 -5.47 52.10
N GLY F 177 -50.94 -5.65 50.88
CA GLY F 177 -51.57 -4.59 50.11
C GLY F 177 -52.61 -5.18 49.19
N LEU F 178 -53.51 -4.35 48.67
CA LEU F 178 -54.62 -4.85 47.86
C LEU F 178 -54.80 -4.08 46.55
N LEU F 179 -55.59 -4.66 45.66
CA LEU F 179 -56.00 -3.99 44.42
C LEU F 179 -57.48 -4.20 44.22
N ILE F 180 -58.19 -3.13 43.87
CA ILE F 180 -59.63 -3.18 43.67
C ILE F 180 -60.02 -2.90 42.23
N GLY F 181 -60.85 -3.77 41.66
CA GLY F 181 -61.30 -3.61 40.30
C GLY F 181 -62.76 -3.19 40.20
N MET F 182 -63.18 -2.81 39.00
CA MET F 182 -64.57 -2.41 38.78
C MET F 182 -65.20 -3.19 37.62
N GLY F 183 -66.31 -3.86 37.91
CA GLY F 183 -67.01 -4.62 36.88
C GLY F 183 -68.40 -4.09 36.61
N MET F 184 -68.53 -3.27 35.57
CA MET F 184 -69.81 -2.68 35.20
C MET F 184 -70.32 -3.11 33.82
N THR F 185 -69.48 -2.87 32.81
CA THR F 185 -69.84 -3.14 31.42
C THR F 185 -70.31 -4.58 31.20
N GLU F 186 -71.42 -4.72 30.47
CA GLU F 186 -71.88 -6.02 30.00
C GLU F 186 -72.02 -5.98 28.48
N LYS F 187 -72.30 -7.12 27.86
CA LYS F 187 -72.30 -7.21 26.40
C LYS F 187 -73.33 -6.29 25.76
N GLN F 188 -74.42 -6.02 26.48
CA GLN F 188 -75.51 -5.19 25.97
C GLN F 188 -75.29 -3.69 26.16
N GLY F 189 -74.31 -3.32 26.99
CA GLY F 189 -74.00 -1.91 27.17
C GLY F 189 -72.99 -1.60 28.26
N GLY F 190 -72.18 -0.56 28.01
CA GLY F 190 -71.22 -0.08 28.98
C GLY F 190 -71.56 1.34 29.44
N SER F 191 -72.04 2.15 28.50
CA SER F 191 -72.46 3.51 28.81
C SER F 191 -73.79 3.49 29.59
N ASP F 192 -74.73 2.71 29.08
CA ASP F 192 -76.03 2.55 29.72
C ASP F 192 -76.03 1.32 30.62
N VAL F 193 -75.56 1.49 31.86
CA VAL F 193 -75.41 0.34 32.77
C VAL F 193 -76.75 -0.12 33.32
N MET F 194 -77.77 0.71 33.14
CA MET F 194 -79.13 0.39 33.55
C MET F 194 -79.62 -0.89 32.83
N SER F 195 -78.92 -1.26 31.77
CA SER F 195 -79.30 -2.42 30.95
C SER F 195 -78.64 -3.71 31.45
N ASN F 196 -77.86 -3.61 32.52
CA ASN F 196 -77.26 -4.77 33.15
C ASN F 196 -78.28 -5.87 33.44
N THR F 197 -77.91 -7.12 33.18
CA THR F 197 -78.78 -8.26 33.46
C THR F 197 -78.18 -9.20 34.51
N THR F 198 -77.03 -8.82 35.06
CA THR F 198 -76.48 -9.58 36.18
C THR F 198 -77.39 -9.38 37.37
N ARG F 199 -77.90 -10.48 37.91
CA ARG F 199 -78.90 -10.44 38.97
C ARG F 199 -78.34 -10.90 40.31
N ALA F 200 -78.71 -10.20 41.38
CA ALA F 200 -78.27 -10.55 42.72
C ALA F 200 -79.45 -10.81 43.65
N GLU F 201 -79.46 -11.99 44.27
CA GLU F 201 -80.54 -12.37 45.17
C GLU F 201 -80.05 -12.29 46.61
N ARG F 202 -80.84 -11.67 47.48
CA ARG F 202 -80.49 -11.62 48.89
C ARG F 202 -80.58 -13.02 49.50
N LEU F 203 -79.53 -13.42 50.22
CA LEU F 203 -79.56 -14.65 51.00
C LEU F 203 -79.89 -14.26 52.43
N GLU F 204 -80.29 -15.24 53.24
CA GLU F 204 -80.75 -14.95 54.61
C GLU F 204 -79.65 -14.33 55.50
N ASP F 205 -78.41 -14.78 55.32
CA ASP F 205 -77.30 -14.32 56.17
C ASP F 205 -76.89 -12.87 55.91
N GLY F 206 -77.33 -12.30 54.79
CA GLY F 206 -77.04 -10.91 54.48
C GLY F 206 -76.36 -10.68 53.14
N SER F 207 -75.57 -11.64 52.70
CA SER F 207 -74.86 -11.55 51.42
C SER F 207 -75.80 -11.88 50.27
N TYR F 208 -75.30 -11.77 49.04
CA TYR F 208 -76.10 -12.03 47.84
C TYR F 208 -75.46 -13.07 46.92
N ARG F 209 -76.31 -13.80 46.20
CA ARG F 209 -75.85 -14.69 45.14
C ARG F 209 -75.89 -13.93 43.82
N LEU F 210 -74.76 -13.89 43.13
CA LEU F 210 -74.72 -13.21 41.83
C LEU F 210 -74.60 -14.19 40.66
N VAL F 211 -75.48 -14.02 39.68
CA VAL F 211 -75.41 -14.79 38.45
C VAL F 211 -75.49 -13.82 37.29
N GLY F 212 -74.50 -13.87 36.40
CA GLY F 212 -74.44 -12.96 35.27
C GLY F 212 -73.10 -12.99 34.60
N HIS F 213 -72.70 -11.86 34.04
CA HIS F 213 -71.44 -11.75 33.32
C HIS F 213 -70.95 -10.31 33.30
N LYS F 214 -69.66 -10.15 33.02
CA LYS F 214 -69.11 -8.83 32.71
C LYS F 214 -68.26 -8.94 31.44
N TRP F 215 -68.49 -8.01 30.52
CA TRP F 215 -67.93 -8.09 29.17
C TRP F 215 -66.47 -7.64 29.12
N PHE F 216 -66.18 -6.53 29.81
CA PHE F 216 -64.81 -6.10 30.04
C PHE F 216 -64.57 -6.06 31.53
N PHE F 217 -63.60 -6.83 31.98
CA PHE F 217 -63.37 -7.05 33.41
C PHE F 217 -61.87 -7.03 33.63
N SER F 218 -61.33 -5.83 33.86
CA SER F 218 -59.88 -5.64 33.94
C SER F 218 -59.33 -6.05 35.31
N VAL F 219 -58.05 -6.42 35.32
CA VAL F 219 -57.38 -6.85 36.54
C VAL F 219 -58.22 -7.90 37.28
N PRO F 220 -58.49 -9.04 36.61
CA PRO F 220 -59.24 -10.14 37.24
C PRO F 220 -58.55 -10.60 38.52
N GLN F 221 -57.24 -10.36 38.61
CA GLN F 221 -56.47 -10.77 39.77
C GLN F 221 -56.63 -9.81 40.93
N SER F 222 -57.49 -8.81 40.78
CA SER F 222 -57.78 -7.90 41.89
C SER F 222 -58.20 -8.71 43.11
N ASP F 223 -58.01 -8.15 44.30
CA ASP F 223 -58.43 -8.80 45.53
C ASP F 223 -59.94 -8.69 45.75
N ALA F 224 -60.57 -7.77 45.03
CA ALA F 224 -62.01 -7.61 45.06
C ALA F 224 -62.46 -6.73 43.89
N HIS F 225 -63.71 -6.91 43.47
CA HIS F 225 -64.28 -6.04 42.46
C HIS F 225 -65.57 -5.42 42.94
N LEU F 226 -65.74 -4.13 42.70
CA LEU F 226 -67.04 -3.51 42.86
C LEU F 226 -67.88 -3.77 41.61
N VAL F 227 -68.90 -4.60 41.76
CA VAL F 227 -69.70 -5.09 40.63
C VAL F 227 -71.14 -4.57 40.67
N LEU F 228 -71.66 -4.13 39.54
CA LEU F 228 -73.05 -3.73 39.44
C LEU F 228 -73.94 -4.92 39.08
N ALA F 229 -75.04 -5.08 39.81
CA ALA F 229 -76.00 -6.15 39.52
C ALA F 229 -77.42 -5.73 39.86
N GLN F 230 -78.39 -6.32 39.18
CA GLN F 230 -79.79 -6.01 39.43
C GLN F 230 -80.31 -6.73 40.67
N THR F 231 -81.10 -6.03 41.48
CA THR F 231 -81.77 -6.64 42.62
C THR F 231 -83.25 -6.30 42.55
N ALA F 232 -84.03 -6.86 43.46
CA ALA F 232 -85.46 -6.60 43.52
C ALA F 232 -85.76 -5.09 43.60
N GLY F 233 -84.86 -4.36 44.27
CA GLY F 233 -85.06 -2.94 44.50
C GLY F 233 -84.24 -2.03 43.60
N GLY F 234 -83.73 -2.57 42.49
CA GLY F 234 -83.00 -1.76 41.51
C GLY F 234 -81.55 -2.16 41.35
N LEU F 235 -80.85 -1.45 40.46
CA LEU F 235 -79.45 -1.74 40.14
C LEU F 235 -78.55 -1.34 41.30
N SER F 236 -77.80 -2.30 41.83
CA SER F 236 -77.01 -2.06 43.03
C SER F 236 -75.53 -2.37 42.84
N CYS F 237 -74.73 -1.92 43.80
CA CYS F 237 -73.28 -2.11 43.77
C CYS F 237 -72.82 -3.15 44.79
N PHE F 238 -72.10 -4.17 44.33
CA PHE F 238 -71.68 -5.25 45.22
C PHE F 238 -70.17 -5.37 45.36
N PHE F 239 -69.75 -5.64 46.60
CA PHE F 239 -68.36 -5.93 46.91
C PHE F 239 -68.16 -7.42 46.72
N VAL F 240 -67.54 -7.80 45.60
CA VAL F 240 -67.29 -9.20 45.29
C VAL F 240 -65.81 -9.52 45.47
N PRO F 241 -65.47 -10.18 46.58
CA PRO F 241 -64.08 -10.54 46.87
C PRO F 241 -63.62 -11.73 46.03
N ARG F 242 -62.32 -11.82 45.75
CA ARG F 242 -61.81 -12.92 44.95
C ARG F 242 -61.88 -14.22 45.76
N PHE F 243 -61.55 -14.12 47.04
CA PHE F 243 -61.70 -15.24 47.94
C PHE F 243 -62.82 -14.92 48.90
N LEU F 244 -63.54 -15.94 49.34
CA LEU F 244 -64.53 -15.81 50.40
C LEU F 244 -63.84 -15.84 51.77
N PRO F 245 -64.51 -15.33 52.81
CA PRO F 245 -63.93 -15.27 54.16
C PRO F 245 -63.33 -16.60 54.61
N ASP F 246 -63.98 -17.72 54.29
CA ASP F 246 -63.50 -19.04 54.69
C ASP F 246 -62.30 -19.54 53.87
N GLY F 247 -61.83 -18.72 52.93
CA GLY F 247 -60.63 -19.04 52.18
C GLY F 247 -60.88 -19.68 50.83
N GLN F 248 -62.11 -20.14 50.61
CA GLN F 248 -62.46 -20.74 49.33
C GLN F 248 -62.54 -19.68 48.24
N ARG F 249 -62.26 -20.07 47.01
CA ARG F 249 -62.30 -19.14 45.89
C ARG F 249 -63.75 -18.81 45.47
N ASN F 250 -64.04 -17.52 45.36
CA ASN F 250 -65.37 -17.07 44.96
C ASN F 250 -65.70 -17.58 43.56
N ALA F 251 -66.98 -17.72 43.28
CA ALA F 251 -67.43 -18.30 42.01
C ALA F 251 -67.35 -17.31 40.85
N ILE F 252 -66.16 -16.77 40.61
CA ILE F 252 -65.94 -15.90 39.46
C ILE F 252 -65.14 -16.64 38.40
N ARG F 253 -65.78 -16.89 37.26
CA ARG F 253 -65.23 -17.78 36.23
C ARG F 253 -64.65 -16.95 35.06
N LEU F 254 -63.33 -17.03 34.87
CA LEU F 254 -62.66 -16.29 33.81
C LEU F 254 -62.73 -17.07 32.50
N GLU F 255 -63.38 -16.49 31.50
CA GLU F 255 -63.64 -17.24 30.27
C GLU F 255 -62.65 -16.95 29.16
N ARG F 256 -62.21 -15.71 29.06
CA ARG F 256 -61.47 -15.31 27.89
C ARG F 256 -60.78 -13.97 28.13
N LEU F 257 -59.60 -13.82 27.53
CA LEU F 257 -58.76 -12.65 27.72
C LEU F 257 -58.82 -11.79 26.47
N LYS F 258 -59.13 -10.52 26.63
CA LYS F 258 -59.18 -9.60 25.49
C LYS F 258 -57.84 -9.56 24.74
N ASP F 259 -57.89 -9.60 23.41
CA ASP F 259 -56.72 -9.37 22.57
C ASP F 259 -56.76 -7.91 22.09
N LYS F 260 -56.00 -7.04 22.75
CA LYS F 260 -56.20 -5.59 22.60
C LYS F 260 -55.23 -4.88 21.65
N LEU F 261 -55.70 -3.77 21.10
CA LEU F 261 -54.89 -2.91 20.26
C LEU F 261 -53.68 -2.43 21.05
N GLY F 262 -53.95 -1.85 22.22
CA GLY F 262 -52.92 -1.42 23.14
C GLY F 262 -53.29 -1.88 24.53
N ASN F 263 -52.70 -1.28 25.55
CA ASN F 263 -52.99 -1.66 26.93
C ASN F 263 -52.67 -3.15 27.16
N ARG F 264 -51.80 -3.71 26.32
CA ARG F 264 -51.60 -5.14 26.25
C ARG F 264 -50.98 -5.77 27.52
N SER F 265 -50.26 -4.97 28.29
CA SER F 265 -49.64 -5.46 29.52
C SER F 265 -50.70 -5.79 30.57
N ASN F 266 -51.84 -5.12 30.47
CA ASN F 266 -52.93 -5.24 31.43
C ASN F 266 -53.97 -6.32 31.03
N ALA F 267 -54.29 -7.21 31.96
CA ALA F 267 -55.25 -8.27 31.71
C ALA F 267 -56.69 -7.78 31.79
N SER F 268 -57.40 -7.87 30.67
CA SER F 268 -58.84 -7.59 30.65
C SER F 268 -59.59 -8.86 30.27
N CYS F 269 -60.50 -9.26 31.15
CA CYS F 269 -61.17 -10.55 31.00
C CYS F 269 -62.64 -10.45 30.65
N GLU F 270 -63.15 -11.52 30.05
CA GLU F 270 -64.60 -11.72 29.92
C GLU F 270 -64.95 -12.74 30.99
N VAL F 271 -65.70 -12.32 31.99
CA VAL F 271 -65.98 -13.18 33.13
C VAL F 271 -67.46 -13.52 33.28
N GLU F 272 -67.74 -14.62 33.95
CA GLU F 272 -69.11 -14.99 34.28
C GLU F 272 -69.24 -15.33 35.77
N PHE F 273 -70.39 -15.00 36.34
CA PHE F 273 -70.64 -15.27 37.75
C PHE F 273 -71.54 -16.48 37.93
N GLN F 274 -71.04 -17.50 38.63
CA GLN F 274 -71.80 -18.71 38.87
C GLN F 274 -72.17 -18.84 40.34
N ASP F 275 -73.13 -18.02 40.76
CA ASP F 275 -73.52 -17.93 42.16
C ASP F 275 -72.38 -17.40 43.01
N ALA F 276 -71.75 -16.33 42.53
CA ALA F 276 -70.68 -15.68 43.27
C ALA F 276 -71.28 -14.88 44.40
N ILE F 277 -70.59 -14.86 45.54
CA ILE F 277 -71.10 -14.15 46.71
C ILE F 277 -70.67 -12.69 46.67
N GLY F 278 -71.64 -11.79 46.80
CA GLY F 278 -71.36 -10.37 46.88
C GLY F 278 -71.92 -9.78 48.17
N TRP F 279 -71.41 -8.63 48.56
CA TRP F 279 -71.96 -7.91 49.71
C TRP F 279 -72.46 -6.53 49.29
N LEU F 280 -73.71 -6.24 49.61
CA LEU F 280 -74.31 -4.99 49.20
C LEU F 280 -73.59 -3.79 49.81
N LEU F 281 -73.20 -2.85 48.96
CA LEU F 281 -72.67 -1.56 49.42
C LEU F 281 -73.78 -0.51 49.31
N GLY F 282 -74.13 0.08 50.44
CA GLY F 282 -75.21 1.05 50.48
C GLY F 282 -76.57 0.37 50.44
N LEU F 283 -77.51 1.00 49.75
CA LEU F 283 -78.87 0.48 49.65
C LEU F 283 -79.12 -0.10 48.27
N GLU F 284 -80.05 -1.03 48.18
CA GLU F 284 -80.45 -1.58 46.88
C GLU F 284 -80.89 -0.43 45.96
N GLY F 285 -80.54 -0.52 44.69
CA GLY F 285 -80.94 0.49 43.72
C GLY F 285 -80.15 1.79 43.84
N GLU F 286 -79.20 1.80 44.78
CA GLU F 286 -78.33 2.96 44.98
C GLU F 286 -77.02 2.75 44.21
N GLY F 287 -76.96 1.68 43.43
CA GLY F 287 -75.76 1.30 42.71
C GLY F 287 -75.11 2.40 41.90
N ILE F 288 -75.87 2.99 40.97
CA ILE F 288 -75.33 4.01 40.09
C ILE F 288 -74.82 5.23 40.85
N ARG F 289 -75.52 5.62 41.91
CA ARG F 289 -75.12 6.77 42.70
C ARG F 289 -73.70 6.58 43.25
N LEU F 290 -73.38 5.35 43.66
CA LEU F 290 -72.08 5.03 44.24
C LEU F 290 -70.94 5.10 43.22
N ILE F 291 -71.05 4.34 42.14
CA ILE F 291 -69.99 4.30 41.15
C ILE F 291 -69.80 5.65 40.45
N LEU F 292 -70.70 6.58 40.70
CA LEU F 292 -70.57 7.93 40.17
C LEU F 292 -69.56 8.73 40.99
N LYS F 293 -69.49 8.43 42.29
CA LYS F 293 -68.50 9.04 43.16
C LYS F 293 -67.08 8.68 42.72
N MET F 294 -66.88 7.42 42.36
CA MET F 294 -65.57 6.93 41.93
C MET F 294 -65.27 7.33 40.50
N GLY F 295 -66.31 7.40 39.68
CA GLY F 295 -66.16 7.80 38.30
C GLY F 295 -65.45 9.13 38.16
N GLY F 296 -65.70 10.03 39.09
CA GLY F 296 -65.05 11.32 39.09
C GLY F 296 -63.55 11.19 38.98
N MET F 297 -62.97 10.38 39.86
CA MET F 297 -61.52 10.25 39.93
C MET F 297 -60.86 9.47 38.78
N THR F 298 -61.52 8.40 38.33
CA THR F 298 -60.98 7.62 37.22
C THR F 298 -60.96 8.42 35.91
N ARG F 299 -61.99 9.23 35.70
CA ARG F 299 -62.03 10.10 34.54
C ARG F 299 -60.85 11.05 34.57
N PHE F 300 -60.51 11.52 35.76
CA PHE F 300 -59.37 12.41 35.91
C PHE F 300 -58.06 11.68 35.54
N ASP F 301 -57.95 10.43 35.95
CA ASP F 301 -56.78 9.62 35.61
C ASP F 301 -56.66 9.37 34.11
N CYS F 302 -57.80 9.21 33.44
CA CYS F 302 -57.78 9.04 32.00
C CYS F 302 -57.17 10.27 31.34
N ALA F 303 -57.66 11.44 31.72
CA ALA F 303 -57.15 12.70 31.19
C ALA F 303 -55.66 12.86 31.52
N LEU F 304 -55.30 12.57 32.77
CA LEU F 304 -53.91 12.70 33.21
C LEU F 304 -53.02 11.72 32.45
N GLY F 305 -53.45 10.47 32.36
CA GLY F 305 -52.71 9.46 31.63
C GLY F 305 -52.47 9.84 30.19
N SER F 306 -53.52 10.26 29.49
CA SER F 306 -53.39 10.68 28.10
C SER F 306 -52.39 11.83 28.02
N HIS F 307 -52.51 12.79 28.92
CA HIS F 307 -51.60 13.91 28.95
C HIS F 307 -50.17 13.43 29.15
N ALA F 308 -50.00 12.52 30.10
CA ALA F 308 -48.67 11.98 30.38
C ALA F 308 -48.02 11.40 29.12
N MET F 309 -48.76 10.55 28.41
CA MET F 309 -48.26 9.91 27.21
C MET F 309 -47.96 10.92 26.10
N MET F 310 -48.80 11.94 25.97
CA MET F 310 -48.50 13.02 25.05
C MET F 310 -47.17 13.69 25.43
N ARG F 311 -46.94 13.89 26.72
CA ARG F 311 -45.73 14.51 27.21
C ARG F 311 -44.51 13.65 26.86
N ARG F 312 -44.62 12.36 27.12
CA ARG F 312 -43.52 11.46 26.80
C ARG F 312 -43.24 11.44 25.30
N ALA F 313 -44.30 11.34 24.50
CA ALA F 313 -44.14 11.36 23.06
C ALA F 313 -43.41 12.64 22.64
N PHE F 314 -43.81 13.77 23.22
CA PHE F 314 -43.24 15.05 22.85
C PHE F 314 -41.76 15.11 23.22
N SER F 315 -41.43 14.66 24.43
CA SER F 315 -40.03 14.61 24.85
C SER F 315 -39.20 13.87 23.83
N LEU F 316 -39.72 12.72 23.39
CA LEU F 316 -39.02 11.89 22.41
C LEU F 316 -38.82 12.65 21.12
N ALA F 317 -39.87 13.32 20.67
CA ALA F 317 -39.82 14.06 19.42
C ALA F 317 -38.74 15.17 19.44
N ILE F 318 -38.68 15.96 20.51
CA ILE F 318 -37.75 17.08 20.53
C ILE F 318 -36.31 16.64 20.73
N TYR F 319 -36.10 15.59 21.51
CA TYR F 319 -34.76 15.04 21.67
C TYR F 319 -34.27 14.55 20.31
N HIS F 320 -35.18 13.95 19.55
CA HIS F 320 -34.85 13.45 18.22
C HIS F 320 -34.57 14.60 17.27
N ALA F 321 -35.52 15.54 17.19
CA ALA F 321 -35.43 16.66 16.26
C ALA F 321 -34.19 17.50 16.50
N HIS F 322 -33.71 17.50 17.73
CA HIS F 322 -32.55 18.29 18.10
C HIS F 322 -31.26 17.69 17.52
N GLN F 323 -31.16 16.37 17.50
CA GLN F 323 -29.97 15.71 16.97
C GLN F 323 -30.03 15.47 15.47
N ARG F 324 -31.22 15.11 14.99
CA ARG F 324 -31.40 14.76 13.59
C ARG F 324 -31.20 15.95 12.66
N HIS F 325 -30.36 15.79 11.65
CA HIS F 325 -30.17 16.85 10.66
C HIS F 325 -30.93 16.54 9.37
N VAL F 326 -31.50 17.59 8.78
CA VAL F 326 -32.14 17.48 7.48
C VAL F 326 -31.81 18.73 6.66
N PHE F 327 -31.37 18.54 5.44
CA PHE F 327 -31.03 19.66 4.57
C PHE F 327 -30.02 20.62 5.20
N GLY F 328 -29.09 20.05 5.97
CA GLY F 328 -27.95 20.79 6.46
C GLY F 328 -28.12 21.46 7.82
N ASN F 329 -29.31 21.35 8.40
CA ASN F 329 -29.55 21.94 9.71
C ASN F 329 -30.29 21.00 10.65
N PRO F 330 -30.14 21.23 11.97
CA PRO F 330 -30.91 20.49 12.95
C PRO F 330 -32.39 20.55 12.63
N LEU F 331 -33.04 19.38 12.60
CA LEU F 331 -34.45 19.29 12.25
C LEU F 331 -35.29 20.28 13.03
N ILE F 332 -34.90 20.51 14.28
CA ILE F 332 -35.63 21.39 15.19
C ILE F 332 -35.46 22.87 14.81
N GLN F 333 -34.44 23.18 14.01
CA GLN F 333 -34.20 24.55 13.54
C GLN F 333 -35.05 24.87 12.31
N GLN F 334 -35.52 23.83 11.62
CA GLN F 334 -36.35 23.99 10.43
C GLN F 334 -37.65 24.71 10.78
N PRO F 335 -37.89 25.87 10.14
CA PRO F 335 -39.00 26.76 10.49
C PRO F 335 -40.34 26.04 10.64
N LEU F 336 -40.70 25.19 9.68
CA LEU F 336 -42.00 24.52 9.74
C LEU F 336 -42.08 23.54 10.90
N MET F 337 -41.02 22.76 11.10
CA MET F 337 -40.95 21.83 12.21
C MET F 337 -41.00 22.58 13.53
N ARG F 338 -40.23 23.66 13.62
CA ARG F 338 -40.14 24.42 14.86
C ARG F 338 -41.50 24.98 15.23
N HIS F 339 -42.23 25.43 14.21
CA HIS F 339 -43.58 25.95 14.39
C HIS F 339 -44.51 24.88 14.97
N VAL F 340 -44.46 23.69 14.39
CA VAL F 340 -45.32 22.59 14.82
C VAL F 340 -44.97 22.17 16.24
N LEU F 341 -43.69 21.93 16.49
CA LEU F 341 -43.25 21.51 17.82
C LEU F 341 -43.64 22.53 18.87
N SER F 342 -43.54 23.80 18.53
CA SER F 342 -43.88 24.87 19.47
C SER F 342 -45.36 24.82 19.84
N ARG F 343 -46.22 24.63 18.85
CA ARG F 343 -47.66 24.51 19.11
C ARG F 343 -47.98 23.28 19.97
N MET F 344 -47.21 22.21 19.79
CA MET F 344 -47.37 21.01 20.60
C MET F 344 -46.99 21.28 22.04
N ALA F 345 -45.86 21.96 22.24
CA ALA F 345 -45.42 22.33 23.58
C ALA F 345 -46.46 23.23 24.22
N LEU F 346 -46.97 24.18 23.45
CA LEU F 346 -47.98 25.12 23.92
C LEU F 346 -49.24 24.36 24.33
N GLN F 347 -49.51 23.27 23.63
CA GLN F 347 -50.65 22.42 23.92
C GLN F 347 -50.47 21.80 25.30
N LEU F 348 -49.26 21.35 25.58
CA LEU F 348 -48.94 20.69 26.84
C LEU F 348 -48.90 21.68 28.00
N GLU F 349 -48.45 22.91 27.72
CA GLU F 349 -48.46 23.95 28.73
C GLU F 349 -49.86 24.10 29.30
N GLY F 350 -50.83 24.29 28.39
CA GLY F 350 -52.21 24.46 28.75
C GLY F 350 -52.76 23.28 29.54
N GLN F 351 -52.52 22.07 29.02
CA GLN F 351 -53.04 20.87 29.66
C GLN F 351 -52.46 20.70 31.07
N THR F 352 -51.16 20.96 31.20
CA THR F 352 -50.50 20.85 32.50
C THR F 352 -51.14 21.81 33.51
N ALA F 353 -51.40 23.03 33.06
CA ALA F 353 -52.03 24.04 33.91
C ALA F 353 -53.43 23.61 34.34
N LEU F 354 -54.24 23.20 33.37
CA LEU F 354 -55.63 22.84 33.61
C LEU F 354 -55.74 21.61 34.50
N LEU F 355 -54.92 20.59 34.20
CA LEU F 355 -54.99 19.33 34.93
C LEU F 355 -54.63 19.48 36.40
N PHE F 356 -53.58 20.24 36.69
CA PHE F 356 -53.14 20.41 38.07
C PHE F 356 -53.91 21.48 38.84
N ARG F 357 -54.59 22.36 38.13
CA ARG F 357 -55.59 23.21 38.76
C ARG F 357 -56.78 22.31 39.13
N LEU F 358 -57.12 21.41 38.22
CA LEU F 358 -58.21 20.46 38.44
C LEU F 358 -57.86 19.51 39.58
N ALA F 359 -56.57 19.21 39.72
CA ALA F 359 -56.10 18.40 40.83
C ALA F 359 -56.25 19.13 42.15
N ARG F 360 -56.01 20.44 42.12
CA ARG F 360 -56.19 21.27 43.31
C ARG F 360 -57.65 21.23 43.75
N ALA F 361 -58.55 21.33 42.79
CA ALA F 361 -59.98 21.29 43.06
C ALA F 361 -60.33 20.03 43.84
N TRP F 362 -59.85 18.88 43.35
CA TRP F 362 -60.11 17.61 44.01
C TRP F 362 -59.51 17.57 45.41
N ASP F 363 -58.35 18.20 45.58
CA ASP F 363 -57.69 18.21 46.87
C ASP F 363 -58.47 19.04 47.88
N ARG F 364 -59.05 20.14 47.41
CA ARG F 364 -59.81 21.03 48.29
C ARG F 364 -61.31 20.84 48.10
N ARG F 365 -61.74 19.60 47.92
CA ARG F 365 -63.14 19.31 47.60
C ARG F 365 -64.09 19.61 48.77
N ALA F 366 -63.52 19.81 49.95
CA ALA F 366 -64.32 20.19 51.11
C ALA F 366 -65.03 21.51 50.83
N ASP F 367 -64.37 22.38 50.06
CA ASP F 367 -64.97 23.62 49.57
C ASP F 367 -65.93 23.28 48.41
N ALA F 368 -67.18 23.70 48.54
CA ALA F 368 -68.20 23.40 47.54
C ALA F 368 -67.88 23.99 46.17
N LYS F 369 -67.35 25.22 46.18
CA LYS F 369 -66.94 25.90 44.95
C LYS F 369 -65.85 25.11 44.21
N GLU F 370 -64.96 24.49 44.98
CA GLU F 370 -63.89 23.67 44.40
C GLU F 370 -64.43 22.36 43.86
N ALA F 371 -65.32 21.72 44.62
CA ALA F 371 -65.92 20.47 44.19
C ALA F 371 -66.70 20.66 42.90
N LEU F 372 -67.34 21.82 42.78
CA LEU F 372 -68.15 22.13 41.60
C LEU F 372 -67.26 22.35 40.38
N TRP F 373 -66.14 23.01 40.57
CA TRP F 373 -65.16 23.21 39.51
C TRP F 373 -64.67 21.86 38.99
N ALA F 374 -64.34 20.97 39.93
CA ALA F 374 -63.92 19.62 39.58
C ALA F 374 -65.05 18.84 38.88
N ARG F 375 -66.27 19.00 39.40
CA ARG F 375 -67.43 18.30 38.87
C ARG F 375 -67.67 18.64 37.40
N LEU F 376 -67.30 19.86 37.02
CA LEU F 376 -67.56 20.34 35.66
C LEU F 376 -66.40 20.09 34.71
N PHE F 377 -65.18 20.37 35.14
CA PHE F 377 -64.03 20.27 34.25
C PHE F 377 -63.42 18.88 34.11
N THR F 378 -63.71 17.98 35.04
CA THR F 378 -63.17 16.63 34.92
C THR F 378 -63.66 15.98 33.62
N PRO F 379 -64.99 15.89 33.43
CA PRO F 379 -65.54 15.31 32.19
C PRO F 379 -64.98 16.02 30.94
N ALA F 380 -64.94 17.35 30.98
CA ALA F 380 -64.43 18.14 29.85
C ALA F 380 -62.98 17.78 29.52
N ALA F 381 -62.12 17.82 30.53
CA ALA F 381 -60.71 17.51 30.35
C ALA F 381 -60.51 16.12 29.75
N LYS F 382 -61.30 15.14 30.22
CA LYS F 382 -61.20 13.79 29.68
C LYS F 382 -61.61 13.76 28.20
N PHE F 383 -62.71 14.44 27.87
CA PHE F 383 -63.14 14.46 26.49
C PHE F 383 -62.06 15.04 25.60
N VAL F 384 -61.71 16.29 25.85
CA VAL F 384 -60.78 17.02 24.99
C VAL F 384 -59.37 16.43 24.97
N ILE F 385 -58.78 16.19 26.15
CA ILE F 385 -57.41 15.72 26.21
C ILE F 385 -57.27 14.33 25.61
N CYS F 386 -58.13 13.40 26.00
CA CYS F 386 -58.08 12.04 25.47
C CYS F 386 -58.30 11.97 23.96
N LYS F 387 -59.07 12.92 23.44
CA LYS F 387 -59.30 12.99 22.00
C LYS F 387 -58.04 13.50 21.29
N ARG F 388 -57.43 14.53 21.86
CA ARG F 388 -56.20 15.13 21.31
C ARG F 388 -55.05 14.12 21.28
N GLY F 389 -55.10 13.14 22.18
CA GLY F 389 -54.02 12.18 22.32
C GLY F 389 -53.58 11.53 21.02
N MET F 390 -54.56 11.06 20.25
CA MET F 390 -54.26 10.34 19.00
C MET F 390 -53.49 11.19 17.98
N PRO F 391 -54.07 12.32 17.55
CA PRO F 391 -53.38 13.14 16.55
C PRO F 391 -52.02 13.62 17.06
N PHE F 392 -51.95 13.91 18.35
CA PHE F 392 -50.76 14.47 18.97
C PHE F 392 -49.62 13.46 18.89
N VAL F 393 -49.85 12.26 19.42
CA VAL F 393 -48.82 11.24 19.44
C VAL F 393 -48.43 10.84 18.02
N ALA F 394 -49.40 10.82 17.12
CA ALA F 394 -49.14 10.52 15.73
C ALA F 394 -48.17 11.54 15.14
N GLU F 395 -48.32 12.80 15.55
CA GLU F 395 -47.43 13.85 15.09
C GLU F 395 -46.02 13.62 15.61
N ALA F 396 -45.91 13.32 16.90
CA ALA F 396 -44.62 12.99 17.49
C ALA F 396 -43.98 11.86 16.69
N MET F 397 -44.76 10.82 16.44
CA MET F 397 -44.30 9.67 15.69
C MET F 397 -43.73 10.12 14.35
N GLU F 398 -44.44 11.02 13.68
CA GLU F 398 -44.00 11.49 12.37
C GLU F 398 -42.74 12.36 12.45
N VAL F 399 -42.48 12.97 13.60
CA VAL F 399 -41.26 13.76 13.78
C VAL F 399 -40.04 12.86 13.68
N LEU F 400 -40.17 11.64 14.21
CA LEU F 400 -39.12 10.66 14.11
C LEU F 400 -39.03 10.06 12.71
N GLY F 401 -40.17 9.97 12.03
CA GLY F 401 -40.24 9.41 10.70
C GLY F 401 -40.46 7.90 10.70
N GLY F 402 -39.84 7.23 9.74
CA GLY F 402 -39.98 5.78 9.61
C GLY F 402 -39.65 4.98 10.87
N ILE F 403 -38.59 5.37 11.58
CA ILE F 403 -38.18 4.61 12.76
C ILE F 403 -39.21 4.74 13.85
N GLY F 404 -40.06 5.76 13.75
CA GLY F 404 -41.10 5.98 14.74
C GLY F 404 -42.31 5.08 14.52
N TYR F 405 -42.34 4.42 13.36
CA TYR F 405 -43.45 3.55 12.99
C TYR F 405 -43.10 2.10 13.29
N CYS F 406 -41.90 1.89 13.84
CA CYS F 406 -41.42 0.54 14.15
C CYS F 406 -41.54 0.24 15.64
N GLU F 407 -41.88 -1.01 15.97
CA GLU F 407 -42.19 -1.38 17.34
C GLU F 407 -41.01 -1.31 18.32
N GLU F 408 -39.80 -1.16 17.78
CA GLU F 408 -38.63 -1.00 18.61
C GLU F 408 -38.65 0.36 19.29
N SER F 409 -39.41 1.28 18.69
CA SER F 409 -39.59 2.62 19.24
C SER F 409 -40.76 2.64 20.23
N GLU F 410 -40.69 3.58 21.17
CA GLU F 410 -41.76 3.73 22.15
C GLU F 410 -43.04 4.26 21.52
N LEU F 411 -42.92 4.95 20.39
CA LEU F 411 -44.08 5.64 19.81
C LEU F 411 -45.28 4.74 19.48
N PRO F 412 -45.05 3.64 18.75
CA PRO F 412 -46.21 2.81 18.39
C PRO F 412 -46.99 2.36 19.62
N ARG F 413 -46.29 1.93 20.67
CA ARG F 413 -46.97 1.49 21.89
C ARG F 413 -47.84 2.61 22.50
N LEU F 414 -47.31 3.83 22.51
CA LEU F 414 -48.07 5.00 22.98
C LEU F 414 -49.27 5.27 22.06
N TYR F 415 -49.00 5.38 20.76
CA TYR F 415 -50.04 5.57 19.76
C TYR F 415 -51.15 4.51 19.89
N ARG F 416 -50.75 3.28 20.20
CA ARG F 416 -51.71 2.19 20.35
C ARG F 416 -52.49 2.31 21.65
N GLU F 417 -51.94 3.04 22.61
CA GLU F 417 -52.57 3.17 23.92
C GLU F 417 -53.66 4.24 23.92
N MET F 418 -53.38 5.35 23.23
CA MET F 418 -54.21 6.55 23.33
C MET F 418 -55.75 6.35 23.29
N PRO F 419 -56.25 5.54 22.36
CA PRO F 419 -57.72 5.43 22.24
C PRO F 419 -58.39 4.82 23.48
N VAL F 420 -57.66 3.98 24.21
CA VAL F 420 -58.29 3.29 25.33
C VAL F 420 -58.77 4.31 26.37
N ASN F 421 -57.97 5.35 26.60
CA ASN F 421 -58.33 6.40 27.55
C ASN F 421 -59.58 7.18 27.13
N SER F 422 -59.78 7.29 25.82
CA SER F 422 -60.94 8.00 25.28
C SER F 422 -62.21 7.14 25.29
N ILE F 423 -62.04 5.81 25.32
CA ILE F 423 -63.15 4.88 25.32
C ILE F 423 -63.59 4.50 26.73
N TRP F 424 -62.63 4.44 27.66
CA TRP F 424 -62.90 4.07 29.04
C TRP F 424 -64.02 4.91 29.65
N GLU F 425 -64.82 4.31 30.51
CA GLU F 425 -65.81 5.02 31.31
C GLU F 425 -66.81 5.85 30.51
N GLY F 426 -67.44 5.22 29.53
CA GLY F 426 -68.52 5.87 28.80
C GLY F 426 -68.15 6.56 27.49
N SER F 427 -66.87 6.89 27.34
CA SER F 427 -66.38 7.48 26.10
C SER F 427 -66.69 8.97 25.98
N GLY F 428 -66.20 9.58 24.90
CA GLY F 428 -66.28 11.02 24.69
C GLY F 428 -67.67 11.60 24.80
N ASN F 429 -68.61 11.07 24.02
CA ASN F 429 -69.97 11.60 24.03
C ASN F 429 -70.58 11.67 25.44
N ILE F 430 -70.41 10.60 26.20
CA ILE F 430 -70.96 10.53 27.55
C ILE F 430 -70.36 11.62 28.43
N MET F 431 -69.09 11.93 28.20
CA MET F 431 -68.43 13.03 28.92
C MET F 431 -69.11 14.36 28.61
N CYS F 432 -69.41 14.59 27.34
CA CYS F 432 -69.99 15.85 26.91
C CYS F 432 -71.45 15.96 27.36
N LEU F 433 -72.17 14.84 27.32
CA LEU F 433 -73.53 14.81 27.85
C LEU F 433 -73.50 15.16 29.33
N ASP F 434 -72.49 14.66 30.04
CA ASP F 434 -72.36 14.92 31.46
C ASP F 434 -72.07 16.40 31.71
N VAL F 435 -71.27 17.00 30.85
CA VAL F 435 -70.95 18.43 30.98
C VAL F 435 -72.19 19.30 30.78
N LEU F 436 -73.04 18.90 29.84
CA LEU F 436 -74.31 19.58 29.63
C LEU F 436 -75.23 19.41 30.83
N ARG F 437 -75.27 18.20 31.38
CA ARG F 437 -76.11 17.94 32.55
C ARG F 437 -75.70 18.82 33.73
N VAL F 438 -74.40 19.10 33.84
CA VAL F 438 -73.91 19.95 34.93
C VAL F 438 -74.29 21.41 34.72
N LEU F 439 -74.18 21.87 33.48
CA LEU F 439 -74.57 23.24 33.14
C LEU F 439 -76.08 23.44 33.29
N ASN F 440 -76.84 22.36 33.16
CA ASN F 440 -78.30 22.44 33.28
C ASN F 440 -78.81 22.20 34.69
N LYS F 441 -78.53 21.01 35.23
CA LYS F 441 -79.09 20.59 36.52
C LYS F 441 -78.39 21.17 37.75
N GLN F 442 -77.16 21.66 37.59
CA GLN F 442 -76.39 22.16 38.73
C GLN F 442 -76.56 23.66 38.97
N ALA F 443 -76.71 24.03 40.22
CA ALA F 443 -76.93 25.43 40.59
C ALA F 443 -75.62 26.14 40.96
N GLY F 444 -75.48 27.38 40.50
CA GLY F 444 -74.32 28.19 40.80
C GLY F 444 -73.15 27.92 39.88
N VAL F 445 -73.41 27.25 38.76
CA VAL F 445 -72.36 26.95 37.80
C VAL F 445 -72.08 28.17 36.94
N TYR F 446 -73.14 28.77 36.40
CA TYR F 446 -73.01 29.98 35.59
C TYR F 446 -72.35 31.10 36.38
N ASP F 447 -72.59 31.13 37.69
CA ASP F 447 -71.95 32.11 38.56
C ASP F 447 -70.47 31.81 38.74
N LEU F 448 -70.14 30.54 38.98
CA LEU F 448 -68.77 30.09 39.17
C LEU F 448 -67.90 30.42 37.95
N LEU F 449 -68.46 30.21 36.76
CA LEU F 449 -67.77 30.52 35.52
C LEU F 449 -67.54 32.02 35.36
N SER F 450 -68.62 32.80 35.51
CA SER F 450 -68.53 34.24 35.36
C SER F 450 -67.50 34.87 36.30
N GLU F 451 -67.38 34.34 37.52
CA GLU F 451 -66.40 34.84 38.48
C GLU F 451 -65.00 34.68 37.93
N ALA F 452 -64.74 33.57 37.25
CA ALA F 452 -63.43 33.28 36.70
C ALA F 452 -63.13 34.18 35.49
N PHE F 453 -64.11 34.36 34.63
CA PHE F 453 -63.93 35.12 33.40
C PHE F 453 -63.74 36.60 33.70
N VAL F 454 -64.49 37.10 34.67
CA VAL F 454 -64.39 38.50 35.07
C VAL F 454 -63.01 38.79 35.67
N GLU F 455 -62.43 37.79 36.32
CA GLU F 455 -61.14 37.96 36.99
C GLU F 455 -59.98 38.14 35.99
N VAL F 456 -60.23 37.85 34.71
CA VAL F 456 -59.20 38.01 33.69
C VAL F 456 -59.65 38.85 32.49
N LYS F 457 -60.87 39.38 32.57
CA LYS F 457 -61.41 40.20 31.48
C LYS F 457 -60.47 41.35 31.15
N GLY F 458 -60.29 41.61 29.86
CA GLY F 458 -59.44 42.71 29.42
C GLY F 458 -57.97 42.37 29.26
N GLN F 459 -57.59 41.17 29.70
CA GLN F 459 -56.20 40.72 29.58
C GLN F 459 -55.85 40.25 28.17
N ASP F 460 -56.83 39.68 27.47
CA ASP F 460 -56.62 39.17 26.12
C ASP F 460 -57.90 39.27 25.30
N ARG F 461 -57.79 39.90 24.12
CA ARG F 461 -58.94 40.12 23.25
C ARG F 461 -59.57 38.82 22.75
N TYR F 462 -58.74 37.84 22.41
CA TYR F 462 -59.23 36.58 21.86
C TYR F 462 -59.94 35.76 22.92
N PHE F 463 -59.49 35.89 24.16
CA PHE F 463 -60.12 35.17 25.26
C PHE F 463 -61.50 35.72 25.57
N ASP F 464 -61.61 37.04 25.61
CA ASP F 464 -62.89 37.69 25.87
C ASP F 464 -63.90 37.40 24.77
N ARG F 465 -63.43 37.43 23.52
CA ARG F 465 -64.29 37.11 22.37
C ARG F 465 -64.80 35.68 22.47
N ALA F 466 -63.95 34.79 22.98
CA ALA F 466 -64.32 33.39 23.15
C ALA F 466 -65.38 33.24 24.24
N VAL F 467 -65.21 34.01 25.32
CA VAL F 467 -66.16 34.02 26.42
C VAL F 467 -67.54 34.46 25.94
N ARG F 468 -67.56 35.50 25.11
CA ARG F 468 -68.81 36.01 24.57
C ARG F 468 -69.48 35.00 23.64
N ARG F 469 -68.67 34.18 22.98
CA ARG F 469 -69.20 33.18 22.06
C ARG F 469 -69.72 31.94 22.79
N LEU F 470 -69.12 31.62 23.93
CA LEU F 470 -69.62 30.52 24.75
C LEU F 470 -70.97 30.87 25.35
N GLN F 471 -71.06 32.06 25.95
CA GLN F 471 -72.29 32.51 26.56
C GLN F 471 -73.43 32.60 25.55
N GLN F 472 -73.09 33.00 24.32
CA GLN F 472 -74.07 33.04 23.25
C GLN F 472 -74.51 31.62 22.88
N GLN F 473 -73.59 30.67 23.02
CA GLN F 473 -73.87 29.28 22.69
C GLN F 473 -74.51 28.55 23.88
N LEU F 474 -74.35 29.13 25.07
CA LEU F 474 -74.98 28.56 26.27
C LEU F 474 -76.38 29.13 26.45
N ARG F 475 -76.77 30.04 25.57
CA ARG F 475 -78.12 30.60 25.62
C ARG F 475 -79.16 29.53 25.26
N LYS F 476 -78.82 28.68 24.29
CA LYS F 476 -79.72 27.61 23.86
C LYS F 476 -78.98 26.30 23.69
N PRO F 477 -78.55 25.70 24.81
CA PRO F 477 -77.71 24.49 24.81
C PRO F 477 -78.38 23.28 24.18
N ALA F 478 -78.06 23.00 22.92
CA ALA F 478 -78.59 21.81 22.25
C ALA F 478 -77.65 20.63 22.43
N GLU F 479 -78.22 19.42 22.55
CA GLU F 479 -77.46 18.22 22.83
C GLU F 479 -76.46 17.89 21.70
N GLU F 480 -76.89 18.08 20.46
CA GLU F 480 -76.00 17.85 19.34
C GLU F 480 -74.75 18.76 19.38
N LEU F 481 -74.83 19.84 20.15
CA LEU F 481 -73.70 20.76 20.28
C LEU F 481 -72.87 20.45 21.53
N GLY F 482 -73.14 19.32 22.16
CA GLY F 482 -72.44 18.94 23.37
C GLY F 482 -70.93 18.94 23.24
N ARG F 483 -70.42 18.59 22.07
CA ARG F 483 -68.98 18.57 21.86
C ARG F 483 -68.41 19.97 21.66
N GLU F 484 -69.06 20.75 20.80
CA GLU F 484 -68.64 22.12 20.56
C GLU F 484 -68.60 22.89 21.87
N ILE F 485 -69.63 22.69 22.69
CA ILE F 485 -69.75 23.36 23.98
C ILE F 485 -68.68 22.90 24.96
N THR F 486 -68.52 21.58 25.11
CA THR F 486 -67.53 21.05 26.01
C THR F 486 -66.13 21.52 25.62
N HIS F 487 -65.84 21.47 24.32
CA HIS F 487 -64.52 21.87 23.84
C HIS F 487 -64.26 23.34 24.18
N GLN F 488 -65.21 24.20 23.85
CA GLN F 488 -65.09 25.63 24.12
C GLN F 488 -64.89 25.87 25.61
N LEU F 489 -65.67 25.18 26.43
CA LEU F 489 -65.57 25.30 27.88
C LEU F 489 -64.16 24.94 28.35
N PHE F 490 -63.67 23.80 27.88
CA PHE F 490 -62.34 23.34 28.25
C PHE F 490 -61.28 24.39 27.91
N LEU F 491 -61.32 24.90 26.68
CA LEU F 491 -60.36 25.91 26.25
C LEU F 491 -60.35 27.11 27.18
N LEU F 492 -61.54 27.64 27.47
CA LEU F 492 -61.67 28.79 28.37
C LEU F 492 -61.09 28.46 29.74
N GLY F 493 -61.29 27.23 30.20
CA GLY F 493 -60.70 26.76 31.44
C GLY F 493 -59.18 26.89 31.43
N CYS F 494 -58.55 26.36 30.38
CA CYS F 494 -57.10 26.44 30.25
C CYS F 494 -56.68 27.89 30.09
N GLY F 495 -57.45 28.63 29.31
CA GLY F 495 -57.14 30.03 29.04
C GLY F 495 -57.06 30.84 30.33
N ALA F 496 -58.10 30.72 31.16
CA ALA F 496 -58.14 31.42 32.44
C ALA F 496 -56.86 31.15 33.24
N GLN F 497 -56.46 29.88 33.29
CA GLN F 497 -55.26 29.50 34.03
C GLN F 497 -54.00 30.09 33.42
N MET F 498 -53.94 30.11 32.09
CA MET F 498 -52.77 30.67 31.42
C MET F 498 -52.67 32.18 31.70
N LEU F 499 -53.79 32.88 31.56
CA LEU F 499 -53.82 34.31 31.77
C LEU F 499 -53.43 34.70 33.20
N LYS F 500 -53.87 33.89 34.17
CA LYS F 500 -53.63 34.17 35.58
C LYS F 500 -52.19 33.90 36.02
N TYR F 501 -51.70 32.69 35.76
CA TYR F 501 -50.45 32.26 36.38
C TYR F 501 -49.28 32.04 35.41
N ALA F 502 -49.51 32.24 34.12
CA ALA F 502 -48.44 32.11 33.14
C ALA F 502 -47.87 33.48 32.78
N SER F 503 -46.64 33.51 32.29
CA SER F 503 -46.03 34.76 31.86
C SER F 503 -46.88 35.39 30.76
N PRO F 504 -47.08 36.71 30.81
CA PRO F 504 -47.93 37.40 29.84
C PRO F 504 -47.68 36.98 28.39
N PRO F 505 -46.40 36.90 27.96
CA PRO F 505 -46.12 36.50 26.57
C PRO F 505 -46.61 35.07 26.28
N MET F 506 -46.45 34.19 27.26
CA MET F 506 -46.90 32.80 27.15
C MET F 506 -48.42 32.73 27.07
N ALA F 507 -49.10 33.48 27.92
CA ALA F 507 -50.56 33.51 27.94
C ALA F 507 -51.12 34.08 26.64
N GLN F 508 -50.44 35.07 26.08
CA GLN F 508 -50.86 35.68 24.82
C GLN F 508 -50.70 34.67 23.69
N ALA F 509 -49.55 33.99 23.67
CA ALA F 509 -49.28 32.97 22.66
C ALA F 509 -50.34 31.88 22.69
N TRP F 510 -50.65 31.40 23.89
CA TRP F 510 -51.63 30.33 24.04
C TRP F 510 -52.99 30.79 23.56
N CYS F 511 -53.40 31.98 23.98
CA CYS F 511 -54.69 32.50 23.58
C CYS F 511 -54.80 32.69 22.06
N GLN F 512 -53.74 33.23 21.46
CA GLN F 512 -53.76 33.50 20.03
C GLN F 512 -53.86 32.20 19.24
N VAL F 513 -53.07 31.20 19.63
CA VAL F 513 -53.09 29.92 18.94
C VAL F 513 -54.42 29.19 19.09
N MET F 514 -54.92 29.09 20.31
CA MET F 514 -56.10 28.29 20.59
C MET F 514 -57.44 29.00 20.35
N LEU F 515 -57.43 30.33 20.38
CA LEU F 515 -58.69 31.08 20.38
C LEU F 515 -58.86 32.07 19.24
N ASP F 516 -57.82 32.27 18.43
CA ASP F 516 -57.93 33.13 17.26
C ASP F 516 -58.50 32.31 16.11
N THR F 517 -59.80 32.47 15.86
CA THR F 517 -60.47 31.73 14.80
C THR F 517 -59.85 32.03 13.44
N ARG F 518 -59.30 33.22 13.28
CA ARG F 518 -58.71 33.64 12.02
C ARG F 518 -57.54 32.74 11.63
N GLY F 519 -56.96 32.07 12.62
CA GLY F 519 -55.80 31.22 12.39
C GLY F 519 -54.64 32.00 11.81
N GLY F 520 -53.70 31.29 11.19
CA GLY F 520 -52.53 31.92 10.61
C GLY F 520 -51.74 32.69 11.64
N VAL F 521 -51.46 32.04 12.77
CA VAL F 521 -50.79 32.72 13.89
C VAL F 521 -49.31 32.37 13.98
N ARG F 522 -48.45 33.29 13.54
CA ARG F 522 -47.01 33.11 13.70
C ARG F 522 -46.63 33.40 15.15
N LEU F 523 -45.69 32.64 15.69
CA LEU F 523 -45.19 32.90 17.04
C LEU F 523 -43.82 33.57 16.97
N SER F 524 -43.53 34.41 17.96
CA SER F 524 -42.25 35.10 18.01
C SER F 524 -41.12 34.09 18.22
N GLU F 525 -39.93 34.43 17.73
CA GLU F 525 -38.79 33.54 17.88
C GLU F 525 -38.45 33.35 19.36
N GLN F 526 -38.76 34.36 20.17
CA GLN F 526 -38.45 34.33 21.60
C GLN F 526 -39.38 33.37 22.35
N ILE F 527 -40.66 33.39 22.02
CA ILE F 527 -41.63 32.54 22.70
C ILE F 527 -41.47 31.09 22.27
N GLN F 528 -41.03 30.86 21.04
CA GLN F 528 -40.76 29.50 20.57
C GLN F 528 -39.53 28.94 21.27
N ASN F 529 -38.47 29.74 21.34
CA ASN F 529 -37.26 29.34 22.04
C ASN F 529 -37.56 29.01 23.50
N ASP F 530 -38.50 29.75 24.08
CA ASP F 530 -38.84 29.59 25.48
C ASP F 530 -39.67 28.33 25.72
N LEU F 531 -40.63 28.11 24.83
CA LEU F 531 -41.49 26.93 24.93
C LEU F 531 -40.66 25.66 24.95
N LEU F 532 -39.75 25.55 23.97
CA LEU F 532 -38.91 24.37 23.81
C LEU F 532 -37.89 24.21 24.93
N LEU F 533 -37.47 25.33 25.50
CA LEU F 533 -36.54 25.31 26.62
C LEU F 533 -37.23 24.79 27.87
N ARG F 534 -38.50 25.19 28.05
CA ARG F 534 -39.27 24.77 29.21
C ARG F 534 -39.66 23.30 29.13
N ALA F 535 -39.66 22.77 27.92
CA ALA F 535 -40.06 21.39 27.69
C ALA F 535 -38.90 20.40 27.88
N THR F 536 -37.72 20.93 28.16
CA THR F 536 -36.55 20.10 28.42
C THR F 536 -36.00 20.34 29.82
N GLY F 537 -36.77 21.06 30.64
CA GLY F 537 -36.36 21.37 32.00
C GLY F 537 -35.54 22.64 32.06
N GLY F 538 -34.80 22.80 33.15
CA GLY F 538 -34.00 24.00 33.34
C GLY F 538 -34.80 25.13 33.94
N VAL F 539 -36.06 24.85 34.27
CA VAL F 539 -36.92 25.83 34.91
C VAL F 539 -37.20 25.38 36.34
N CYS F 540 -36.49 24.35 36.79
CA CYS F 540 -36.71 23.78 38.11
C CYS F 540 -35.52 24.05 39.03
N HIS G 2 -14.89 -10.66 -2.32
CA HIS G 2 -14.11 -10.22 -1.16
C HIS G 2 -15.00 -9.99 0.06
N TRP G 3 -16.32 -10.06 -0.14
CA TRP G 3 -17.28 -9.84 0.95
C TRP G 3 -17.43 -11.09 1.82
N GLN G 4 -17.11 -12.25 1.26
CA GLN G 4 -17.33 -13.52 1.95
C GLN G 4 -16.20 -13.84 2.90
N THR G 5 -16.53 -14.59 3.95
CA THR G 5 -15.54 -15.03 4.93
C THR G 5 -15.17 -16.49 4.71
N HIS G 6 -15.98 -17.18 3.90
CA HIS G 6 -15.77 -18.61 3.69
C HIS G 6 -16.57 -19.12 2.50
N THR G 7 -16.34 -20.38 2.15
CA THR G 7 -17.12 -21.05 1.12
C THR G 7 -17.85 -22.24 1.73
N VAL G 8 -19.14 -22.34 1.43
CA VAL G 8 -19.97 -23.43 1.96
C VAL G 8 -19.83 -24.69 1.09
N PHE G 9 -19.34 -25.76 1.69
CA PHE G 9 -19.16 -27.02 0.96
C PHE G 9 -19.41 -28.21 1.89
N ASN G 10 -19.45 -29.40 1.29
CA ASN G 10 -19.74 -30.64 2.01
C ASN G 10 -21.09 -30.59 2.73
N GLN G 11 -22.00 -29.74 2.25
CA GLN G 11 -23.36 -29.71 2.77
C GLN G 11 -24.31 -30.39 1.79
N PRO G 12 -24.79 -31.58 2.15
CA PRO G 12 -25.66 -32.40 1.31
C PRO G 12 -27.00 -31.74 1.07
N ILE G 13 -27.58 -31.99 -0.11
CA ILE G 13 -28.91 -31.50 -0.43
C ILE G 13 -29.94 -32.39 0.26
N PRO G 14 -30.96 -31.80 0.87
CA PRO G 14 -31.95 -32.59 1.60
C PRO G 14 -32.82 -33.42 0.65
N LEU G 15 -33.29 -34.56 1.15
CA LEU G 15 -34.08 -35.47 0.32
C LEU G 15 -35.44 -34.88 0.01
N ASN G 16 -35.73 -34.69 -1.27
CA ASN G 16 -37.06 -34.31 -1.72
C ASN G 16 -37.26 -34.66 -3.18
N ASN G 17 -38.49 -34.55 -3.66
CA ASN G 17 -38.80 -34.90 -5.03
C ASN G 17 -38.38 -36.33 -5.36
N SER G 18 -38.54 -37.22 -4.39
CA SER G 18 -38.32 -38.65 -4.63
C SER G 18 -39.67 -39.35 -4.70
N ASN G 19 -39.65 -40.66 -4.92
CA ASN G 19 -40.86 -41.44 -4.93
C ASN G 19 -40.93 -42.28 -3.66
N LEU G 20 -41.82 -41.89 -2.75
CA LEU G 20 -41.91 -42.54 -1.45
C LEU G 20 -42.18 -44.03 -1.57
N TYR G 21 -42.82 -44.43 -2.66
CA TYR G 21 -43.17 -45.85 -2.87
C TYR G 21 -42.06 -46.61 -3.60
N LEU G 22 -41.69 -46.14 -4.79
CA LEU G 22 -40.72 -46.84 -5.63
C LEU G 22 -39.33 -46.92 -5.01
N SER G 23 -39.09 -46.14 -3.97
CA SER G 23 -37.79 -46.14 -3.31
C SER G 23 -37.76 -47.09 -2.12
N ASP G 24 -38.85 -47.83 -1.93
CA ASP G 24 -38.96 -48.74 -0.80
C ASP G 24 -39.11 -50.19 -1.30
N GLY G 25 -37.98 -50.85 -1.54
CA GLY G 25 -37.98 -52.20 -2.07
C GLY G 25 -38.85 -53.16 -1.29
N ALA G 26 -38.64 -53.21 0.03
CA ALA G 26 -39.42 -54.08 0.91
C ALA G 26 -40.93 -53.91 0.76
N LEU G 27 -41.38 -52.66 0.60
CA LEU G 27 -42.79 -52.34 0.44
C LEU G 27 -43.34 -52.85 -0.89
N CYS G 28 -42.64 -52.61 -2.00
CA CYS G 28 -43.10 -53.05 -3.32
C CYS G 28 -43.32 -54.55 -3.32
N GLU G 29 -42.36 -55.28 -2.76
CA GLU G 29 -42.45 -56.73 -2.69
C GLU G 29 -43.61 -57.17 -1.81
N ALA G 30 -43.79 -56.47 -0.69
CA ALA G 30 -44.86 -56.80 0.25
C ALA G 30 -46.25 -56.62 -0.36
N VAL G 31 -46.46 -55.47 -1.02
CA VAL G 31 -47.72 -55.20 -1.69
C VAL G 31 -48.13 -56.29 -2.67
N THR G 32 -47.18 -56.71 -3.51
CA THR G 32 -47.43 -57.74 -4.52
C THR G 32 -47.63 -59.10 -3.87
N ARG G 33 -46.80 -59.40 -2.89
CA ARG G 33 -46.86 -60.66 -2.19
C ARG G 33 -48.17 -60.84 -1.43
N GLU G 34 -48.74 -59.74 -0.96
CA GLU G 34 -49.91 -59.83 -0.08
C GLU G 34 -51.23 -59.56 -0.82
N GLY G 35 -51.18 -59.65 -2.14
CA GLY G 35 -52.39 -59.63 -2.94
C GLY G 35 -52.95 -58.24 -3.26
N ALA G 36 -52.09 -57.24 -3.25
CA ALA G 36 -52.52 -55.88 -3.60
C ALA G 36 -51.76 -55.36 -4.82
N GLY G 37 -51.19 -56.28 -5.57
CA GLY G 37 -50.41 -55.94 -6.76
C GLY G 37 -51.16 -55.07 -7.74
N TRP G 38 -52.48 -55.15 -7.72
CA TRP G 38 -53.31 -54.36 -8.61
C TRP G 38 -53.19 -52.86 -8.32
N ASP G 39 -52.70 -52.52 -7.13
CA ASP G 39 -52.60 -51.13 -6.72
C ASP G 39 -51.21 -50.53 -6.95
N SER G 40 -50.30 -51.35 -7.48
CA SER G 40 -48.92 -50.92 -7.71
C SER G 40 -48.77 -49.64 -8.54
N ASP G 41 -49.47 -49.56 -9.65
CA ASP G 41 -49.38 -48.37 -10.51
C ASP G 41 -49.84 -47.13 -9.76
N PHE G 42 -50.95 -47.26 -9.06
CA PHE G 42 -51.52 -46.15 -8.30
C PHE G 42 -50.57 -45.75 -7.15
N LEU G 43 -50.01 -46.74 -6.47
CA LEU G 43 -49.07 -46.48 -5.38
C LEU G 43 -47.86 -45.67 -5.86
N ALA G 44 -47.31 -46.04 -7.01
CA ALA G 44 -46.19 -45.32 -7.56
C ALA G 44 -46.63 -43.91 -7.94
N SER G 45 -47.84 -43.78 -8.44
CA SER G 45 -48.38 -42.48 -8.84
C SER G 45 -48.44 -41.51 -7.66
N ILE G 46 -49.05 -41.93 -6.56
CA ILE G 46 -49.14 -41.06 -5.39
C ILE G 46 -47.79 -40.98 -4.69
N GLY G 47 -47.01 -42.06 -4.80
CA GLY G 47 -45.68 -42.09 -4.23
C GLY G 47 -44.84 -40.94 -4.77
N GLN G 48 -45.02 -40.63 -6.05
CA GLN G 48 -44.35 -39.49 -6.67
C GLN G 48 -44.96 -38.16 -6.18
N GLN G 49 -46.28 -38.06 -6.24
CA GLN G 49 -46.99 -36.86 -5.80
C GLN G 49 -46.63 -36.46 -4.37
N LEU G 50 -46.74 -37.43 -3.47
CA LEU G 50 -46.54 -37.20 -2.04
C LEU G 50 -45.10 -36.87 -1.66
N GLY G 51 -44.16 -37.25 -2.52
CA GLY G 51 -42.75 -37.09 -2.21
C GLY G 51 -42.15 -35.79 -2.71
N THR G 52 -42.98 -34.95 -3.32
CA THR G 52 -42.48 -33.70 -3.89
C THR G 52 -42.19 -32.69 -2.80
N ALA G 53 -41.38 -31.68 -3.12
CA ALA G 53 -41.08 -30.62 -2.17
C ALA G 53 -42.36 -29.89 -1.77
N GLU G 54 -43.23 -29.68 -2.76
CA GLU G 54 -44.49 -28.97 -2.54
C GLU G 54 -45.33 -29.69 -1.50
N SER G 55 -45.27 -31.01 -1.55
CA SER G 55 -46.02 -31.87 -0.62
C SER G 55 -45.44 -31.79 0.79
N LEU G 56 -44.12 -31.96 0.90
CA LEU G 56 -43.45 -31.91 2.19
C LEU G 56 -43.66 -30.57 2.86
N GLU G 57 -43.78 -29.52 2.05
CA GLU G 57 -43.98 -28.19 2.59
C GLU G 57 -45.34 -28.10 3.27
N LEU G 58 -46.33 -28.75 2.69
CA LEU G 58 -47.67 -28.78 3.28
C LEU G 58 -47.57 -29.39 4.66
N GLY G 59 -46.83 -30.50 4.76
CA GLY G 59 -46.60 -31.13 6.04
C GLY G 59 -46.07 -30.15 7.06
N ARG G 60 -45.04 -29.41 6.67
CA ARG G 60 -44.42 -28.42 7.55
C ARG G 60 -45.40 -27.32 7.96
N LEU G 61 -46.13 -26.80 6.98
CA LEU G 61 -47.05 -25.69 7.23
C LEU G 61 -48.15 -26.07 8.21
N ALA G 62 -48.63 -27.32 8.09
CA ALA G 62 -49.74 -27.78 8.91
C ALA G 62 -49.33 -27.89 10.37
N ASN G 63 -48.05 -28.14 10.60
CA ASN G 63 -47.54 -28.29 11.96
C ASN G 63 -47.04 -27.01 12.62
N VAL G 64 -46.32 -26.16 11.88
CA VAL G 64 -45.85 -24.91 12.44
C VAL G 64 -46.93 -23.82 12.48
N ASN G 65 -48.05 -24.08 11.81
CA ASN G 65 -49.22 -23.23 11.94
C ASN G 65 -50.40 -24.03 12.52
N PRO G 66 -50.28 -24.46 13.80
CA PRO G 66 -51.30 -25.34 14.39
C PRO G 66 -52.67 -24.67 14.50
N PRO G 67 -53.72 -25.48 14.65
CA PRO G 67 -55.10 -24.97 14.69
C PRO G 67 -55.34 -24.03 15.87
N GLU G 68 -56.29 -23.10 15.70
CA GLU G 68 -56.73 -22.23 16.79
C GLU G 68 -58.10 -22.66 17.25
N LEU G 69 -58.30 -22.70 18.56
CA LEU G 69 -59.62 -22.96 19.10
C LEU G 69 -60.42 -21.65 19.16
N LEU G 70 -61.59 -21.65 18.54
CA LEU G 70 -62.49 -20.50 18.59
C LEU G 70 -63.70 -20.83 19.46
N ARG G 71 -63.63 -20.49 20.73
CA ARG G 71 -64.73 -20.76 21.65
C ARG G 71 -65.84 -19.72 21.51
N TYR G 72 -65.46 -18.48 21.26
CA TYR G 72 -66.44 -17.40 21.12
C TYR G 72 -66.18 -16.59 19.86
N ASP G 73 -67.21 -15.89 19.39
CA ASP G 73 -67.05 -14.92 18.32
C ASP G 73 -66.83 -13.53 18.92
N ALA G 74 -66.74 -12.52 18.08
CA ALA G 74 -66.44 -11.17 18.55
C ALA G 74 -67.63 -10.54 19.27
N GLN G 75 -68.78 -11.20 19.24
CA GLN G 75 -69.98 -10.66 19.86
C GLN G 75 -70.23 -11.27 21.24
N GLY G 76 -69.46 -12.31 21.57
CA GLY G 76 -69.58 -12.95 22.86
C GLY G 76 -70.48 -14.16 22.86
N ARG G 77 -70.85 -14.63 21.66
CA ARG G 77 -71.63 -15.84 21.53
C ARG G 77 -70.72 -17.05 21.35
N ARG G 78 -71.17 -18.18 21.90
CA ARG G 78 -70.43 -19.43 21.80
C ARG G 78 -70.29 -19.84 20.33
N LEU G 79 -69.09 -20.26 19.97
CA LEU G 79 -68.79 -20.60 18.58
C LEU G 79 -68.37 -22.08 18.46
N ASP G 80 -67.46 -22.50 19.32
CA ASP G 80 -67.06 -23.90 19.40
C ASP G 80 -66.56 -24.46 18.06
N ASP G 81 -65.68 -23.71 17.40
CA ASP G 81 -65.12 -24.17 16.14
C ASP G 81 -63.60 -24.14 16.21
N VAL G 82 -62.96 -24.72 15.20
CA VAL G 82 -61.50 -24.78 15.12
C VAL G 82 -61.06 -24.32 13.75
N ARG G 83 -60.03 -23.48 13.71
CA ARG G 83 -59.57 -22.90 12.46
C ARG G 83 -58.18 -23.40 12.09
N PHE G 84 -58.06 -23.98 10.90
CA PHE G 84 -56.81 -24.58 10.44
C PHE G 84 -56.09 -23.73 9.39
N HIS G 85 -54.80 -23.99 9.21
CA HIS G 85 -54.06 -23.44 8.08
C HIS G 85 -54.50 -24.18 6.83
N PRO G 86 -54.59 -23.46 5.69
CA PRO G 86 -55.00 -24.04 4.42
C PRO G 86 -54.30 -25.37 4.11
N ALA G 87 -53.06 -25.51 4.54
CA ALA G 87 -52.29 -26.72 4.27
C ALA G 87 -52.98 -27.96 4.86
N TRP G 88 -53.58 -27.78 6.03
CA TRP G 88 -54.29 -28.87 6.69
C TRP G 88 -55.35 -29.42 5.74
N HIS G 89 -56.23 -28.54 5.30
CA HIS G 89 -57.30 -28.95 4.40
C HIS G 89 -56.77 -29.62 3.14
N LEU G 90 -55.66 -29.12 2.60
CA LEU G 90 -55.08 -29.69 1.39
C LEU G 90 -54.66 -31.12 1.62
N LEU G 91 -54.07 -31.39 2.78
CA LEU G 91 -53.67 -32.74 3.14
C LEU G 91 -54.87 -33.66 3.24
N MET G 92 -55.93 -33.17 3.91
CA MET G 92 -57.19 -33.91 4.03
C MET G 92 -57.80 -34.27 2.68
N GLN G 93 -57.80 -33.32 1.74
CA GLN G 93 -58.33 -33.58 0.41
C GLN G 93 -57.67 -34.78 -0.23
N ALA G 94 -56.36 -34.83 -0.15
CA ALA G 94 -55.61 -35.88 -0.82
C ALA G 94 -55.80 -37.22 -0.11
N LEU G 95 -55.86 -37.19 1.22
CA LEU G 95 -56.07 -38.42 2.00
C LEU G 95 -57.41 -39.05 1.64
N CYS G 96 -58.44 -38.22 1.52
CA CYS G 96 -59.77 -38.72 1.20
C CYS G 96 -59.90 -39.10 -0.27
N THR G 97 -59.23 -38.34 -1.14
CA THR G 97 -59.19 -38.68 -2.56
C THR G 97 -58.55 -40.04 -2.73
N ASN G 98 -57.50 -40.32 -1.94
CA ASN G 98 -56.80 -41.59 -2.03
C ASN G 98 -57.46 -42.66 -1.17
N ARG G 99 -58.63 -42.31 -0.61
CA ARG G 99 -59.49 -43.23 0.11
C ARG G 99 -58.80 -43.96 1.25
N VAL G 100 -57.84 -43.28 1.87
CA VAL G 100 -57.13 -43.85 3.02
C VAL G 100 -58.09 -44.06 4.19
N HIS G 101 -59.26 -43.43 4.12
CA HIS G 101 -60.24 -43.53 5.20
C HIS G 101 -61.31 -44.59 4.99
N ASN G 102 -61.50 -45.07 3.75
CA ASN G 102 -62.58 -46.01 3.48
C ASN G 102 -62.38 -47.06 2.39
N LEU G 103 -61.21 -47.08 1.74
CA LEU G 103 -60.97 -48.00 0.63
C LEU G 103 -61.49 -49.42 0.87
N ALA G 104 -61.25 -49.95 2.06
CA ALA G 104 -61.63 -51.31 2.37
C ALA G 104 -63.14 -51.49 2.53
N TRP G 105 -63.87 -50.39 2.68
CA TRP G 105 -65.30 -50.48 3.01
C TRP G 105 -66.22 -50.17 1.84
N GLU G 106 -65.64 -49.96 0.67
CA GLU G 106 -66.43 -49.77 -0.53
C GLU G 106 -67.24 -51.03 -0.82
N GLU G 107 -68.44 -50.87 -1.39
CA GLU G 107 -69.33 -51.99 -1.57
C GLU G 107 -68.78 -53.03 -2.56
N ASP G 108 -67.90 -52.58 -3.45
CA ASP G 108 -67.31 -53.48 -4.43
C ASP G 108 -65.79 -53.58 -4.25
N ALA G 109 -65.34 -53.29 -3.03
CA ALA G 109 -63.92 -53.35 -2.72
C ALA G 109 -63.40 -54.74 -3.04
N ARG G 110 -62.28 -54.81 -3.74
CA ARG G 110 -61.76 -56.09 -4.19
C ARG G 110 -60.84 -56.69 -3.14
N SER G 111 -60.35 -57.90 -3.42
CA SER G 111 -59.47 -58.58 -2.49
C SER G 111 -58.13 -57.87 -2.40
N GLY G 112 -57.65 -57.68 -1.18
CA GLY G 112 -56.38 -57.02 -0.95
C GLY G 112 -56.53 -55.56 -0.58
N ALA G 113 -57.77 -55.08 -0.56
CA ALA G 113 -58.05 -53.67 -0.29
C ALA G 113 -57.41 -53.17 1.01
N PHE G 114 -57.47 -53.98 2.06
CA PHE G 114 -56.90 -53.58 3.35
C PHE G 114 -55.39 -53.42 3.20
N VAL G 115 -54.77 -54.32 2.45
CA VAL G 115 -53.33 -54.27 2.22
C VAL G 115 -52.95 -53.07 1.37
N ALA G 116 -53.67 -52.89 0.26
CA ALA G 116 -53.48 -51.73 -0.59
C ALA G 116 -53.61 -50.44 0.22
N ARG G 117 -54.72 -50.33 0.96
CA ARG G 117 -55.00 -49.16 1.77
C ARG G 117 -53.89 -48.90 2.79
N ALA G 118 -53.32 -49.98 3.31
CA ALA G 118 -52.22 -49.87 4.27
C ALA G 118 -51.01 -49.20 3.62
N ALA G 119 -50.74 -49.58 2.37
CA ALA G 119 -49.62 -49.00 1.64
C ALA G 119 -49.87 -47.53 1.36
N ARG G 120 -51.10 -47.20 0.98
CA ARG G 120 -51.46 -45.81 0.73
C ARG G 120 -51.25 -44.99 1.99
N PHE G 121 -51.68 -45.56 3.12
CA PHE G 121 -51.54 -44.93 4.42
C PHE G 121 -50.08 -44.66 4.73
N MET G 122 -49.27 -45.70 4.60
CA MET G 122 -47.84 -45.63 4.91
C MET G 122 -47.11 -44.54 4.14
N LEU G 123 -47.52 -44.29 2.89
CA LEU G 123 -46.91 -43.22 2.11
C LEU G 123 -47.26 -41.85 2.68
N HIS G 124 -48.54 -41.58 2.87
CA HIS G 124 -48.99 -40.33 3.46
C HIS G 124 -48.30 -40.07 4.80
N ALA G 125 -48.20 -41.09 5.63
CA ALA G 125 -47.60 -40.97 6.96
C ALA G 125 -46.19 -40.41 6.93
N GLN G 126 -45.46 -40.65 5.85
CA GLN G 126 -44.09 -40.16 5.73
C GLN G 126 -44.04 -38.65 5.48
N VAL G 127 -45.12 -38.11 4.94
CA VAL G 127 -45.25 -36.67 4.71
C VAL G 127 -45.70 -35.92 5.96
N GLU G 128 -46.86 -36.29 6.49
CA GLU G 128 -47.46 -35.60 7.63
C GLU G 128 -48.25 -36.60 8.48
N ALA G 129 -48.16 -36.47 9.79
CA ALA G 129 -48.72 -37.48 10.70
C ALA G 129 -50.04 -37.06 11.38
N GLY G 130 -50.13 -35.79 11.77
CA GLY G 130 -51.32 -35.27 12.42
C GLY G 130 -52.59 -35.55 11.63
N SER G 131 -52.50 -35.35 10.32
CA SER G 131 -53.65 -35.54 9.44
C SER G 131 -54.14 -37.00 9.43
N LEU G 132 -53.30 -37.93 9.84
CA LEU G 132 -53.68 -39.33 9.88
C LEU G 132 -54.69 -39.65 10.98
N CYS G 133 -54.76 -38.81 12.01
CA CYS G 133 -55.61 -39.09 13.15
C CYS G 133 -57.10 -39.17 12.78
N PRO G 134 -57.62 -38.17 12.07
CA PRO G 134 -59.02 -38.27 11.65
C PRO G 134 -59.23 -39.42 10.65
N ILE G 135 -58.24 -39.67 9.80
CA ILE G 135 -58.33 -40.76 8.83
C ILE G 135 -58.37 -42.12 9.52
N THR G 136 -57.46 -42.32 10.48
CA THR G 136 -57.43 -43.57 11.23
C THR G 136 -58.76 -43.84 11.91
N MET G 137 -59.27 -42.84 12.61
CA MET G 137 -60.52 -42.98 13.36
C MET G 137 -61.71 -43.24 12.44
N THR G 138 -61.83 -42.44 11.38
CA THR G 138 -62.89 -42.62 10.42
C THR G 138 -62.81 -44.00 9.75
N PHE G 139 -61.60 -44.44 9.47
CA PHE G 139 -61.41 -45.75 8.84
C PHE G 139 -61.89 -46.88 9.75
N ALA G 140 -61.58 -46.77 11.03
CA ALA G 140 -61.95 -47.81 11.98
C ALA G 140 -63.44 -47.80 12.28
N ALA G 141 -64.05 -46.63 12.26
CA ALA G 141 -65.43 -46.47 12.68
C ALA G 141 -66.43 -46.75 11.56
N THR G 142 -66.01 -46.55 10.32
CA THR G 142 -66.93 -46.65 9.18
C THR G 142 -67.69 -47.97 9.07
N PRO G 143 -66.98 -49.11 9.15
CA PRO G 143 -67.66 -50.40 9.06
C PRO G 143 -68.74 -50.53 10.14
N LEU G 144 -68.45 -50.01 11.34
CA LEU G 144 -69.40 -50.04 12.43
C LEU G 144 -70.63 -49.21 12.09
N LEU G 145 -70.42 -47.94 11.79
CA LEU G 145 -71.54 -47.05 11.46
C LEU G 145 -72.40 -47.57 10.32
N LEU G 146 -71.78 -48.09 9.27
CA LEU G 146 -72.51 -48.51 8.07
C LEU G 146 -73.66 -49.48 8.39
N GLN G 147 -73.52 -50.25 9.45
CA GLN G 147 -74.56 -51.21 9.80
C GLN G 147 -75.29 -50.91 11.10
N MET G 148 -74.95 -49.80 11.74
CA MET G 148 -75.58 -49.44 13.02
C MET G 148 -76.14 -48.02 13.07
N LEU G 149 -75.99 -47.27 11.97
CA LEU G 149 -76.49 -45.91 11.92
C LEU G 149 -77.94 -45.82 12.39
N PRO G 150 -78.20 -44.95 13.38
CA PRO G 150 -79.57 -44.68 13.82
C PRO G 150 -80.41 -44.16 12.64
N ALA G 151 -81.73 -44.27 12.74
CA ALA G 151 -82.63 -43.89 11.65
C ALA G 151 -82.43 -42.47 11.09
N PRO G 152 -82.31 -41.46 11.97
CA PRO G 152 -82.19 -40.08 11.50
C PRO G 152 -80.93 -39.80 10.68
N PHE G 153 -80.03 -40.77 10.59
CA PHE G 153 -78.74 -40.54 9.93
C PHE G 153 -78.43 -41.59 8.86
N GLN G 154 -79.46 -42.22 8.31
CA GLN G 154 -79.26 -43.23 7.28
C GLN G 154 -78.67 -42.63 6.02
N ASP G 155 -78.89 -41.33 5.83
CA ASP G 155 -78.38 -40.62 4.66
C ASP G 155 -76.89 -40.27 4.79
N TRP G 156 -76.24 -40.84 5.80
CA TRP G 156 -74.79 -40.68 5.99
C TRP G 156 -74.05 -41.74 5.19
N THR G 157 -74.75 -42.78 4.80
CA THR G 157 -74.12 -43.91 4.12
C THR G 157 -73.36 -43.47 2.87
N THR G 158 -74.00 -42.65 2.03
CA THR G 158 -73.38 -42.23 0.78
C THR G 158 -72.08 -41.43 0.98
N PRO G 159 -72.13 -40.40 1.86
CA PRO G 159 -70.92 -39.62 2.15
C PRO G 159 -69.84 -40.45 2.81
N LEU G 160 -70.23 -41.39 3.68
CA LEU G 160 -69.27 -42.26 4.36
C LEU G 160 -68.46 -43.12 3.39
N LEU G 161 -68.97 -43.29 2.18
CA LEU G 161 -68.31 -44.13 1.18
C LEU G 161 -67.68 -43.31 0.05
N SER G 162 -67.63 -41.99 0.21
CA SER G 162 -67.13 -41.12 -0.85
C SER G 162 -65.63 -40.97 -0.79
N ASP G 163 -65.06 -40.38 -1.84
CA ASP G 163 -63.65 -40.03 -1.82
C ASP G 163 -63.52 -38.50 -1.74
N ARG G 164 -64.59 -37.85 -1.30
CA ARG G 164 -64.62 -36.40 -1.25
C ARG G 164 -64.57 -35.84 0.18
N TYR G 165 -63.49 -35.15 0.48
CA TYR G 165 -63.35 -34.40 1.74
C TYR G 165 -64.26 -33.17 1.73
N ASP G 166 -64.93 -32.94 2.84
CA ASP G 166 -65.87 -31.82 2.96
C ASP G 166 -65.77 -31.16 4.33
N SER G 167 -65.23 -29.94 4.35
CA SER G 167 -64.97 -29.23 5.60
C SER G 167 -66.08 -28.26 5.99
N HIS G 168 -67.14 -28.25 5.19
CA HIS G 168 -68.28 -27.37 5.46
C HIS G 168 -68.84 -27.59 6.87
N LEU G 169 -69.17 -26.47 7.53
CA LEU G 169 -69.76 -26.51 8.86
C LEU G 169 -71.27 -26.78 8.76
N LEU G 170 -71.63 -27.98 8.33
CA LEU G 170 -73.02 -28.38 8.15
C LEU G 170 -73.30 -29.74 8.78
N PRO G 171 -74.58 -30.06 8.98
CA PRO G 171 -74.97 -31.41 9.40
C PRO G 171 -74.44 -32.45 8.42
N GLY G 172 -74.06 -33.62 8.92
CA GLY G 172 -73.45 -34.66 8.10
C GLY G 172 -74.21 -35.01 6.84
N GLY G 173 -75.54 -35.14 6.96
CA GLY G 173 -76.36 -35.55 5.84
C GLY G 173 -76.28 -34.65 4.62
N GLN G 174 -75.87 -33.41 4.84
CA GLN G 174 -75.78 -32.41 3.77
C GLN G 174 -74.38 -32.34 3.19
N LYS G 175 -73.47 -33.18 3.67
CA LYS G 175 -72.08 -33.13 3.23
C LYS G 175 -71.72 -34.27 2.27
N ARG G 176 -70.60 -34.13 1.55
CA ARG G 176 -70.24 -35.14 0.56
C ARG G 176 -69.24 -36.14 1.10
N GLY G 177 -68.68 -35.85 2.28
CA GLY G 177 -67.75 -36.74 2.95
C GLY G 177 -67.71 -36.45 4.44
N LEU G 178 -67.37 -37.46 5.24
CA LEU G 178 -67.47 -37.33 6.69
C LEU G 178 -66.20 -37.75 7.43
N LEU G 179 -66.07 -37.28 8.68
CA LEU G 179 -65.01 -37.71 9.57
C LEU G 179 -65.59 -38.12 10.91
N ILE G 180 -65.18 -39.29 11.41
CA ILE G 180 -65.69 -39.80 12.69
C ILE G 180 -64.60 -39.84 13.75
N GLY G 181 -64.90 -39.30 14.92
CA GLY G 181 -63.95 -39.26 16.01
C GLY G 181 -64.29 -40.24 17.11
N MET G 182 -63.49 -40.23 18.18
CA MET G 182 -63.68 -41.15 19.30
C MET G 182 -63.44 -40.49 20.67
N GLY G 183 -64.47 -40.49 21.51
CA GLY G 183 -64.37 -39.91 22.84
C GLY G 183 -64.47 -40.92 23.96
N MET G 184 -63.32 -41.39 24.43
CA MET G 184 -63.27 -42.40 25.48
C MET G 184 -62.61 -41.88 26.74
N THR G 185 -61.34 -41.48 26.60
CA THR G 185 -60.52 -41.05 27.72
C THR G 185 -61.16 -39.94 28.55
N GLU G 186 -61.12 -40.10 29.86
CA GLU G 186 -61.50 -39.05 30.78
C GLU G 186 -60.34 -38.71 31.71
N LYS G 187 -60.52 -37.70 32.56
CA LYS G 187 -59.45 -37.28 33.45
C LYS G 187 -59.01 -38.39 34.41
N GLN G 188 -59.95 -39.22 34.83
CA GLN G 188 -59.66 -40.27 35.80
C GLN G 188 -59.07 -41.52 35.17
N GLY G 189 -59.22 -41.67 33.87
CA GLY G 189 -58.64 -42.83 33.21
C GLY G 189 -58.79 -42.90 31.70
N GLY G 190 -57.76 -43.42 31.04
CA GLY G 190 -57.81 -43.67 29.62
C GLY G 190 -57.79 -45.16 29.32
N SER G 191 -56.89 -45.88 29.99
CA SER G 191 -56.78 -47.34 29.81
C SER G 191 -57.99 -48.02 30.44
N ASP G 192 -58.30 -47.59 31.66
CA ASP G 192 -59.44 -48.10 32.40
C ASP G 192 -60.68 -47.24 32.12
N VAL G 193 -61.40 -47.56 31.05
CA VAL G 193 -62.57 -46.77 30.67
C VAL G 193 -63.80 -47.06 31.53
N MET G 194 -63.79 -48.15 32.27
CA MET G 194 -64.92 -48.48 33.13
C MET G 194 -65.06 -47.45 34.25
N SER G 195 -64.08 -46.57 34.37
CA SER G 195 -64.09 -45.51 35.38
C SER G 195 -64.71 -44.20 34.84
N ASN G 196 -65.15 -44.23 33.58
CA ASN G 196 -65.88 -43.11 33.00
C ASN G 196 -67.02 -42.63 33.90
N THR G 197 -67.23 -41.32 33.97
CA THR G 197 -68.33 -40.77 34.76
C THR G 197 -69.27 -39.91 33.90
N THR G 198 -69.10 -39.98 32.58
CA THR G 198 -70.03 -39.34 31.66
C THR G 198 -71.28 -40.20 31.63
N ARG G 199 -72.41 -39.61 32.01
CA ARG G 199 -73.65 -40.37 32.13
C ARG G 199 -74.64 -40.01 31.03
N ALA G 200 -75.47 -40.98 30.66
CA ALA G 200 -76.45 -40.80 29.62
C ALA G 200 -77.84 -41.20 30.10
N GLU G 201 -78.79 -40.28 30.00
CA GLU G 201 -80.18 -40.54 30.38
C GLU G 201 -81.10 -40.59 29.16
N ARG G 202 -81.88 -41.65 29.04
CA ARG G 202 -82.75 -41.84 27.88
C ARG G 202 -83.84 -40.77 27.77
N LEU G 203 -84.09 -40.31 26.55
CA LEU G 203 -85.18 -39.40 26.31
C LEU G 203 -86.35 -40.17 25.70
N GLU G 204 -87.45 -39.45 25.48
CA GLU G 204 -88.68 -40.06 24.99
C GLU G 204 -88.54 -40.62 23.58
N ASP G 205 -87.69 -40.00 22.76
CA ASP G 205 -87.55 -40.44 21.38
C ASP G 205 -86.56 -41.60 21.26
N GLY G 206 -85.86 -41.91 22.35
CA GLY G 206 -84.91 -43.01 22.35
C GLY G 206 -83.46 -42.58 22.34
N SER G 207 -83.20 -41.37 21.88
CA SER G 207 -81.90 -40.73 22.05
C SER G 207 -81.61 -40.56 23.55
N TYR G 208 -80.40 -40.12 23.87
CA TYR G 208 -80.02 -39.92 25.26
C TYR G 208 -79.50 -38.51 25.51
N ARG G 209 -79.59 -38.07 26.76
CA ARG G 209 -78.93 -36.84 27.18
C ARG G 209 -77.59 -37.21 27.76
N LEU G 210 -76.52 -36.62 27.24
CA LEU G 210 -75.19 -36.85 27.81
C LEU G 210 -74.71 -35.64 28.62
N VAL G 211 -74.23 -35.93 29.82
CA VAL G 211 -73.59 -34.93 30.67
C VAL G 211 -72.28 -35.52 31.17
N GLY G 212 -71.19 -34.79 30.97
CA GLY G 212 -69.89 -35.27 31.36
C GLY G 212 -68.77 -34.53 30.66
N HIS G 213 -67.66 -35.21 30.41
CA HIS G 213 -66.49 -34.59 29.81
C HIS G 213 -65.60 -35.63 29.11
N LYS G 214 -64.79 -35.17 28.17
CA LYS G 214 -63.71 -35.99 27.64
C LYS G 214 -62.40 -35.22 27.68
N TRP G 215 -61.36 -35.91 28.14
CA TRP G 215 -60.08 -35.30 28.51
C TRP G 215 -59.23 -35.07 27.27
N PHE G 216 -59.21 -36.07 26.39
CA PHE G 216 -58.56 -35.97 25.09
C PHE G 216 -59.59 -36.26 24.02
N PHE G 217 -59.94 -35.25 23.26
CA PHE G 217 -61.03 -35.33 22.30
C PHE G 217 -60.52 -34.82 20.98
N SER G 218 -59.87 -35.70 20.22
CA SER G 218 -59.22 -35.30 18.98
C SER G 218 -60.22 -35.07 17.84
N VAL G 219 -59.84 -34.19 16.93
CA VAL G 219 -60.67 -33.86 15.77
C VAL G 219 -62.07 -33.46 16.21
N PRO G 220 -62.17 -32.36 16.99
CA PRO G 220 -63.48 -31.92 17.46
C PRO G 220 -64.37 -31.52 16.30
N GLN G 221 -63.74 -31.23 15.16
CA GLN G 221 -64.46 -30.82 13.94
C GLN G 221 -65.02 -32.03 13.20
N SER G 222 -64.90 -33.22 13.80
CA SER G 222 -65.50 -34.42 13.25
C SER G 222 -67.00 -34.20 13.10
N ASP G 223 -67.61 -34.93 12.18
CA ASP G 223 -69.04 -34.81 11.98
C ASP G 223 -69.81 -35.57 13.05
N ALA G 224 -69.14 -36.54 13.66
CA ALA G 224 -69.69 -37.26 14.81
C ALA G 224 -68.56 -37.91 15.60
N HIS G 225 -68.80 -38.13 16.89
CA HIS G 225 -67.88 -38.90 17.70
C HIS G 225 -68.62 -40.09 18.31
N LEU G 226 -67.99 -41.26 18.30
CA LEU G 226 -68.47 -42.38 19.09
C LEU G 226 -68.00 -42.20 20.53
N VAL G 227 -68.93 -41.97 21.45
CA VAL G 227 -68.60 -41.60 22.81
C VAL G 227 -69.07 -42.65 23.81
N LEU G 228 -68.23 -42.95 24.80
CA LEU G 228 -68.61 -43.88 25.85
C LEU G 228 -69.23 -43.11 27.02
N ALA G 229 -70.36 -43.59 27.50
CA ALA G 229 -71.04 -42.99 28.64
C ALA G 229 -71.75 -44.03 29.50
N GLN G 230 -71.87 -43.75 30.80
CA GLN G 230 -72.55 -44.67 31.71
C GLN G 230 -74.07 -44.56 31.57
N THR G 231 -74.74 -45.70 31.56
CA THR G 231 -76.19 -45.70 31.64
C THR G 231 -76.59 -46.61 32.79
N ALA G 232 -77.89 -46.67 33.07
CA ALA G 232 -78.38 -47.53 34.12
C ALA G 232 -78.05 -49.00 33.82
N GLY G 233 -77.92 -49.31 32.52
CA GLY G 233 -77.63 -50.67 32.09
C GLY G 233 -76.15 -50.98 31.98
N GLY G 234 -75.31 -49.96 32.18
CA GLY G 234 -73.88 -50.15 32.12
C GLY G 234 -73.20 -49.25 31.10
N LEU G 235 -71.90 -49.43 30.92
CA LEU G 235 -71.11 -48.59 30.03
C LEU G 235 -71.47 -48.83 28.56
N SER G 236 -72.01 -47.81 27.92
CA SER G 236 -72.51 -47.92 26.55
C SER G 236 -71.78 -47.01 25.58
N CYS G 237 -72.02 -47.25 24.29
CA CYS G 237 -71.39 -46.46 23.25
C CYS G 237 -72.43 -45.63 22.50
N PHE G 238 -72.15 -44.34 22.34
CA PHE G 238 -73.11 -43.43 21.72
C PHE G 238 -72.60 -42.75 20.47
N PHE G 239 -73.48 -42.64 19.49
CA PHE G 239 -73.24 -41.85 18.30
C PHE G 239 -73.65 -40.41 18.61
N VAL G 240 -72.67 -39.53 18.78
CA VAL G 240 -72.93 -38.15 19.16
C VAL G 240 -72.57 -37.21 18.00
N PRO G 241 -73.56 -36.85 17.18
CA PRO G 241 -73.30 -36.02 16.00
C PRO G 241 -72.99 -34.59 16.40
N ARG G 242 -72.23 -33.89 15.56
CA ARG G 242 -71.88 -32.50 15.83
C ARG G 242 -73.08 -31.56 15.64
N PHE G 243 -73.91 -31.89 14.65
CA PHE G 243 -75.19 -31.20 14.47
C PHE G 243 -76.33 -32.16 14.71
N LEU G 244 -77.38 -31.66 15.35
CA LEU G 244 -78.61 -32.45 15.51
C LEU G 244 -79.35 -32.51 14.19
N PRO G 245 -80.30 -33.45 14.06
CA PRO G 245 -81.08 -33.60 12.82
C PRO G 245 -81.69 -32.28 12.34
N ASP G 246 -82.24 -31.50 13.27
CA ASP G 246 -82.90 -30.24 12.92
C ASP G 246 -81.95 -29.11 12.55
N GLY G 247 -80.66 -29.43 12.45
CA GLY G 247 -79.68 -28.46 12.01
C GLY G 247 -79.03 -27.64 13.10
N GLN G 248 -79.51 -27.80 14.34
CA GLN G 248 -78.91 -27.10 15.46
C GLN G 248 -77.59 -27.75 15.88
N ARG G 249 -76.75 -26.98 16.54
CA ARG G 249 -75.47 -27.50 17.02
C ARG G 249 -75.64 -28.28 18.32
N ASN G 250 -75.07 -29.48 18.38
CA ASN G 250 -75.18 -30.32 19.57
C ASN G 250 -74.49 -29.66 20.75
N ALA G 251 -74.89 -30.03 21.96
CA ALA G 251 -74.41 -29.34 23.16
C ALA G 251 -73.03 -29.83 23.62
N ILE G 252 -72.10 -29.88 22.69
CA ILE G 252 -70.71 -30.22 23.01
C ILE G 252 -69.89 -28.94 23.15
N ARG G 253 -69.29 -28.75 24.32
CA ARG G 253 -68.60 -27.50 24.63
C ARG G 253 -67.08 -27.66 24.60
N LEU G 254 -66.41 -27.01 23.66
CA LEU G 254 -64.95 -27.07 23.54
C LEU G 254 -64.25 -26.12 24.52
N GLU G 255 -63.59 -26.67 25.52
CA GLU G 255 -63.02 -25.85 26.60
C GLU G 255 -61.55 -25.44 26.39
N ARG G 256 -60.74 -26.36 25.88
CA ARG G 256 -59.30 -26.16 25.88
C ARG G 256 -58.64 -26.99 24.79
N LEU G 257 -57.66 -26.40 24.13
CA LEU G 257 -56.90 -27.09 23.09
C LEU G 257 -55.57 -27.57 23.69
N LYS G 258 -55.28 -28.87 23.56
CA LYS G 258 -54.02 -29.41 24.06
C LYS G 258 -52.83 -28.72 23.39
N ASP G 259 -51.80 -28.45 24.17
CA ASP G 259 -50.53 -27.92 23.65
C ASP G 259 -49.52 -29.06 23.66
N LYS G 260 -49.39 -29.73 22.51
CA LYS G 260 -48.70 -31.01 22.45
C LYS G 260 -47.23 -30.97 22.05
N LEU G 261 -46.50 -31.99 22.48
CA LEU G 261 -45.09 -32.17 22.14
C LEU G 261 -44.94 -32.28 20.63
N GLY G 262 -45.80 -33.12 20.04
CA GLY G 262 -45.85 -33.30 18.60
C GLY G 262 -47.29 -33.50 18.21
N ASN G 263 -47.54 -34.01 17.00
CA ASN G 263 -48.89 -34.23 16.53
C ASN G 263 -49.62 -32.90 16.48
N ARG G 264 -48.84 -31.83 16.33
CA ARG G 264 -49.35 -30.48 16.57
C ARG G 264 -50.36 -29.98 15.54
N SER G 265 -50.31 -30.54 14.34
CA SER G 265 -51.20 -30.15 13.24
C SER G 265 -52.62 -30.60 13.51
N ASN G 266 -52.77 -31.55 14.42
CA ASN G 266 -54.05 -32.14 14.77
C ASN G 266 -54.64 -31.49 16.02
N ALA G 267 -55.91 -31.13 15.95
CA ALA G 267 -56.59 -30.52 17.08
C ALA G 267 -57.03 -31.57 18.11
N SER G 268 -56.52 -31.48 19.33
CA SER G 268 -56.99 -32.33 20.42
C SER G 268 -57.60 -31.46 21.51
N CYS G 269 -58.86 -31.72 21.86
CA CYS G 269 -59.57 -30.85 22.78
C CYS G 269 -59.95 -31.48 24.12
N GLU G 270 -60.20 -30.60 25.08
CA GLU G 270 -60.85 -30.97 26.33
C GLU G 270 -62.28 -30.48 26.17
N VAL G 271 -63.22 -31.41 26.11
CA VAL G 271 -64.61 -31.04 25.91
C VAL G 271 -65.50 -31.43 27.09
N GLU G 272 -66.63 -30.74 27.20
CA GLU G 272 -67.63 -31.07 28.21
C GLU G 272 -69.00 -31.16 27.55
N PHE G 273 -69.79 -32.15 27.95
CA PHE G 273 -71.13 -32.34 27.41
C PHE G 273 -72.17 -31.69 28.32
N GLN G 274 -72.94 -30.77 27.75
CA GLN G 274 -73.99 -30.11 28.50
C GLN G 274 -75.36 -30.50 27.97
N ASP G 275 -75.78 -31.71 28.32
CA ASP G 275 -77.03 -32.27 27.83
C ASP G 275 -77.00 -32.43 26.32
N ALA G 276 -75.87 -32.92 25.82
CA ALA G 276 -75.72 -33.22 24.41
C ALA G 276 -76.52 -34.47 24.06
N ILE G 277 -77.00 -34.53 22.83
CA ILE G 277 -77.81 -35.66 22.41
C ILE G 277 -76.97 -36.76 21.77
N GLY G 278 -77.17 -37.99 22.24
CA GLY G 278 -76.48 -39.13 21.66
C GLY G 278 -77.45 -40.25 21.30
N TRP G 279 -77.06 -41.07 20.34
CA TRP G 279 -77.88 -42.20 19.96
C TRP G 279 -77.19 -43.50 20.31
N LEU G 280 -77.90 -44.38 21.02
CA LEU G 280 -77.30 -45.61 21.51
C LEU G 280 -76.95 -46.58 20.39
N LEU G 281 -75.69 -46.97 20.31
CA LEU G 281 -75.24 -48.01 19.38
C LEU G 281 -75.17 -49.35 20.10
N GLY G 282 -75.91 -50.33 19.59
CA GLY G 282 -75.96 -51.63 20.24
C GLY G 282 -76.84 -51.60 21.47
N LEU G 283 -76.38 -52.27 22.53
CA LEU G 283 -77.16 -52.35 23.76
C LEU G 283 -76.46 -51.66 24.91
N GLU G 284 -77.26 -51.16 25.86
CA GLU G 284 -76.69 -50.60 27.08
C GLU G 284 -75.76 -51.62 27.71
N GLY G 285 -74.55 -51.20 28.05
CA GLY G 285 -73.56 -52.09 28.64
C GLY G 285 -72.67 -52.78 27.63
N GLU G 286 -73.02 -52.65 26.35
CA GLU G 286 -72.25 -53.27 25.28
C GLU G 286 -71.20 -52.30 24.75
N GLY G 287 -70.95 -51.24 25.51
CA GLY G 287 -70.05 -50.19 25.09
C GLY G 287 -68.64 -50.65 24.80
N ILE G 288 -68.01 -51.29 25.78
CA ILE G 288 -66.63 -51.73 25.62
C ILE G 288 -66.49 -52.74 24.49
N ARG G 289 -67.51 -53.57 24.29
CA ARG G 289 -67.46 -54.59 23.24
C ARG G 289 -67.35 -53.95 21.86
N LEU G 290 -68.07 -52.86 21.66
CA LEU G 290 -68.06 -52.17 20.38
C LEU G 290 -66.70 -51.53 20.07
N ILE G 291 -66.21 -50.69 20.97
CA ILE G 291 -64.95 -49.99 20.72
C ILE G 291 -63.75 -50.93 20.65
N LEU G 292 -63.96 -52.20 21.03
CA LEU G 292 -62.89 -53.19 20.94
C LEU G 292 -62.75 -53.69 19.51
N LYS G 293 -63.88 -53.70 18.80
CA LYS G 293 -63.87 -54.04 17.38
C LYS G 293 -63.02 -53.03 16.60
N MET G 294 -63.25 -51.75 16.85
CA MET G 294 -62.54 -50.66 16.17
C MET G 294 -61.09 -50.51 16.63
N GLY G 295 -60.83 -50.82 17.90
CA GLY G 295 -59.48 -50.73 18.44
C GLY G 295 -58.46 -51.51 17.64
N GLY G 296 -58.85 -52.72 17.20
CA GLY G 296 -57.96 -53.55 16.43
C GLY G 296 -57.38 -52.80 15.25
N MET G 297 -58.23 -52.09 14.54
CA MET G 297 -57.81 -51.37 13.34
C MET G 297 -56.97 -50.12 13.64
N THR G 298 -57.34 -49.37 14.66
CA THR G 298 -56.57 -48.17 15.01
C THR G 298 -55.19 -48.52 15.56
N ARG G 299 -55.10 -49.63 16.29
CA ARG G 299 -53.80 -50.09 16.78
C ARG G 299 -52.89 -50.40 15.61
N PHE G 300 -53.42 -51.09 14.61
CA PHE G 300 -52.66 -51.38 13.40
C PHE G 300 -52.15 -50.10 12.76
N ASP G 301 -53.00 -49.08 12.76
CA ASP G 301 -52.60 -47.79 12.19
C ASP G 301 -51.47 -47.17 12.99
N CYS G 302 -51.51 -47.31 14.31
CA CYS G 302 -50.41 -46.82 15.14
C CYS G 302 -49.08 -47.50 14.78
N ALA G 303 -49.12 -48.82 14.65
CA ALA G 303 -47.91 -49.58 14.31
C ALA G 303 -47.40 -49.16 12.95
N LEU G 304 -48.31 -49.08 11.98
CA LEU G 304 -47.96 -48.72 10.61
C LEU G 304 -47.44 -47.30 10.57
N GLY G 305 -48.08 -46.42 11.34
CA GLY G 305 -47.70 -45.02 11.37
C GLY G 305 -46.29 -44.82 11.89
N SER G 306 -45.98 -45.51 12.97
CA SER G 306 -44.63 -45.45 13.54
C SER G 306 -43.64 -46.01 12.55
N HIS G 307 -44.02 -47.10 11.89
CA HIS G 307 -43.15 -47.70 10.87
C HIS G 307 -42.88 -46.75 9.72
N ALA G 308 -43.93 -46.06 9.26
CA ALA G 308 -43.79 -45.12 8.16
C ALA G 308 -42.81 -44.01 8.51
N MET G 309 -42.94 -43.47 9.71
CA MET G 309 -42.07 -42.40 10.16
C MET G 309 -40.63 -42.87 10.33
N MET G 310 -40.47 -44.11 10.79
CA MET G 310 -39.13 -44.71 10.84
C MET G 310 -38.54 -44.81 9.42
N ARG G 311 -39.35 -45.29 8.49
CA ARG G 311 -38.96 -45.40 7.09
C ARG G 311 -38.46 -44.08 6.56
N ARG G 312 -39.24 -43.02 6.77
CA ARG G 312 -38.89 -41.70 6.28
C ARG G 312 -37.58 -41.23 6.90
N ALA G 313 -37.49 -41.28 8.22
CA ALA G 313 -36.28 -40.89 8.93
C ALA G 313 -35.06 -41.60 8.35
N PHE G 314 -35.21 -42.89 8.06
CA PHE G 314 -34.11 -43.68 7.52
C PHE G 314 -33.72 -43.20 6.12
N SER G 315 -34.73 -42.91 5.29
CA SER G 315 -34.50 -42.40 3.95
C SER G 315 -33.68 -41.12 3.98
N LEU G 316 -34.07 -40.21 4.87
CA LEU G 316 -33.35 -38.96 5.04
C LEU G 316 -31.91 -39.23 5.43
N ALA G 317 -31.73 -40.21 6.33
CA ALA G 317 -30.42 -40.54 6.85
C ALA G 317 -29.47 -41.10 5.80
N ILE G 318 -29.90 -42.11 5.06
CA ILE G 318 -29.03 -42.69 4.05
C ILE G 318 -28.73 -41.71 2.93
N TYR G 319 -29.73 -40.91 2.54
CA TYR G 319 -29.52 -39.91 1.51
C TYR G 319 -28.45 -38.92 1.95
N HIS G 320 -28.51 -38.54 3.22
CA HIS G 320 -27.54 -37.63 3.80
C HIS G 320 -26.17 -38.30 3.86
N ALA G 321 -26.15 -39.50 4.42
CA ALA G 321 -24.89 -40.22 4.65
C ALA G 321 -24.14 -40.54 3.36
N HIS G 322 -24.87 -40.64 2.26
CA HIS G 322 -24.28 -40.92 0.97
C HIS G 322 -23.46 -39.73 0.47
N GLN G 323 -23.93 -38.52 0.77
CA GLN G 323 -23.30 -37.30 0.26
C GLN G 323 -22.29 -36.71 1.22
N ARG G 324 -22.61 -36.73 2.52
CA ARG G 324 -21.75 -36.15 3.54
C ARG G 324 -20.43 -36.87 3.65
N HIS G 325 -19.34 -36.13 3.56
CA HIS G 325 -18.01 -36.71 3.72
C HIS G 325 -17.45 -36.43 5.11
N VAL G 326 -16.84 -37.45 5.71
CA VAL G 326 -16.09 -37.29 6.94
C VAL G 326 -14.76 -38.03 6.82
N PHE G 327 -13.68 -37.33 7.18
CA PHE G 327 -12.35 -37.94 7.19
C PHE G 327 -11.98 -38.51 5.83
N GLY G 328 -12.36 -37.78 4.77
CA GLY G 328 -11.94 -38.11 3.42
C GLY G 328 -12.85 -39.04 2.65
N ASN G 329 -13.84 -39.62 3.32
CA ASN G 329 -14.74 -40.57 2.66
C ASN G 329 -16.22 -40.27 2.89
N PRO G 330 -17.08 -40.78 2.00
CA PRO G 330 -18.53 -40.69 2.22
C PRO G 330 -18.92 -41.32 3.55
N LEU G 331 -19.69 -40.60 4.35
CA LEU G 331 -20.09 -41.07 5.66
C LEU G 331 -20.62 -42.50 5.62
N ILE G 332 -21.39 -42.82 4.57
CA ILE G 332 -22.02 -44.12 4.44
C ILE G 332 -21.01 -45.26 4.20
N GLN G 333 -19.77 -44.89 3.84
CA GLN G 333 -18.71 -45.87 3.62
C GLN G 333 -17.94 -46.18 4.91
N GLN G 334 -18.08 -45.31 5.91
CA GLN G 334 -17.42 -45.53 7.18
C GLN G 334 -17.95 -46.79 7.85
N PRO G 335 -17.06 -47.74 8.15
CA PRO G 335 -17.41 -49.07 8.68
C PRO G 335 -18.48 -49.04 9.78
N LEU G 336 -18.27 -48.25 10.82
CA LEU G 336 -19.21 -48.24 11.94
C LEU G 336 -20.57 -47.70 11.52
N MET G 337 -20.57 -46.64 10.71
CA MET G 337 -21.82 -46.04 10.25
C MET G 337 -22.59 -47.01 9.34
N ARG G 338 -21.87 -47.58 8.38
CA ARG G 338 -22.46 -48.53 7.44
C ARG G 338 -23.07 -49.73 8.19
N HIS G 339 -22.48 -50.07 9.33
CA HIS G 339 -22.97 -51.15 10.16
C HIS G 339 -24.29 -50.77 10.83
N VAL G 340 -24.31 -49.59 11.45
CA VAL G 340 -25.51 -49.09 12.11
C VAL G 340 -26.66 -48.96 11.11
N LEU G 341 -26.37 -48.34 9.96
CA LEU G 341 -27.37 -48.13 8.93
C LEU G 341 -27.94 -49.44 8.42
N SER G 342 -27.07 -50.45 8.29
CA SER G 342 -27.51 -51.76 7.80
C SER G 342 -28.47 -52.44 8.78
N ARG G 343 -28.16 -52.33 10.08
CA ARG G 343 -29.04 -52.89 11.11
C ARG G 343 -30.39 -52.18 11.13
N MET G 344 -30.38 -50.88 10.83
CA MET G 344 -31.60 -50.11 10.74
C MET G 344 -32.44 -50.53 9.54
N ALA G 345 -31.78 -50.78 8.42
CA ALA G 345 -32.47 -51.24 7.23
C ALA G 345 -33.09 -52.61 7.50
N LEU G 346 -32.33 -53.45 8.17
CA LEU G 346 -32.76 -54.80 8.53
C LEU G 346 -34.00 -54.74 9.41
N GLN G 347 -34.03 -53.76 10.30
CA GLN G 347 -35.18 -53.55 11.18
C GLN G 347 -36.44 -53.28 10.37
N LEU G 348 -36.32 -52.40 9.38
CA LEU G 348 -37.44 -52.03 8.54
C LEU G 348 -37.92 -53.16 7.63
N GLU G 349 -36.99 -54.00 7.18
CA GLU G 349 -37.35 -55.17 6.36
C GLU G 349 -38.29 -56.08 7.12
N GLY G 350 -37.92 -56.40 8.35
CA GLY G 350 -38.74 -57.22 9.22
C GLY G 350 -40.09 -56.59 9.52
N GLN G 351 -40.09 -55.31 9.88
CA GLN G 351 -41.33 -54.59 10.15
C GLN G 351 -42.25 -54.56 8.92
N THR G 352 -41.67 -54.26 7.75
CA THR G 352 -42.43 -54.25 6.51
C THR G 352 -43.10 -55.61 6.30
N ALA G 353 -42.32 -56.67 6.48
CA ALA G 353 -42.81 -58.03 6.27
C ALA G 353 -43.95 -58.38 7.23
N LEU G 354 -43.74 -58.08 8.51
CA LEU G 354 -44.72 -58.40 9.55
C LEU G 354 -46.00 -57.58 9.36
N LEU G 355 -45.84 -56.26 9.19
CA LEU G 355 -46.98 -55.36 9.12
C LEU G 355 -47.92 -55.69 7.96
N PHE G 356 -47.36 -56.00 6.81
CA PHE G 356 -48.18 -56.29 5.64
C PHE G 356 -48.69 -57.73 5.60
N ARG G 357 -48.00 -58.62 6.31
CA ARG G 357 -48.56 -59.93 6.59
C ARG G 357 -49.79 -59.74 7.48
N LEU G 358 -49.65 -58.89 8.49
CA LEU G 358 -50.75 -58.56 9.38
C LEU G 358 -51.92 -57.94 8.60
N ALA G 359 -51.60 -57.05 7.66
CA ALA G 359 -52.61 -56.44 6.82
C ALA G 359 -53.38 -57.51 6.05
N ARG G 360 -52.66 -58.52 5.58
CA ARG G 360 -53.32 -59.61 4.86
C ARG G 360 -54.29 -60.31 5.78
N ALA G 361 -53.89 -60.56 7.01
CA ALA G 361 -54.75 -61.20 7.97
C ALA G 361 -56.05 -60.42 8.11
N TRP G 362 -55.94 -59.11 8.25
CA TRP G 362 -57.12 -58.26 8.36
C TRP G 362 -58.00 -58.34 7.11
N ASP G 363 -57.36 -58.47 5.95
CA ASP G 363 -58.09 -58.56 4.70
C ASP G 363 -58.85 -59.87 4.60
N ARG G 364 -58.36 -60.90 5.29
CA ARG G 364 -58.96 -62.23 5.23
C ARG G 364 -59.57 -62.62 6.57
N ARG G 365 -60.04 -61.62 7.32
CA ARG G 365 -60.56 -61.86 8.67
C ARG G 365 -61.73 -62.84 8.71
N ALA G 366 -62.33 -63.12 7.56
CA ALA G 366 -63.42 -64.08 7.50
C ALA G 366 -62.92 -65.47 7.86
N ASP G 367 -61.63 -65.71 7.64
CA ASP G 367 -60.96 -66.93 8.02
C ASP G 367 -60.57 -66.84 9.49
N ALA G 368 -61.11 -67.74 10.31
CA ALA G 368 -60.84 -67.73 11.75
C ALA G 368 -59.35 -67.71 12.10
N LYS G 369 -58.56 -68.50 11.37
CA LYS G 369 -57.12 -68.56 11.60
C LYS G 369 -56.44 -67.21 11.34
N GLU G 370 -56.88 -66.50 10.31
CA GLU G 370 -56.33 -65.19 9.99
C GLU G 370 -56.75 -64.16 11.03
N ALA G 371 -58.03 -64.20 11.40
CA ALA G 371 -58.55 -63.26 12.39
C ALA G 371 -57.82 -63.41 13.72
N LEU G 372 -57.54 -64.66 14.09
CA LEU G 372 -56.79 -64.93 15.31
C LEU G 372 -55.35 -64.43 15.20
N TRP G 373 -54.75 -64.61 14.02
CA TRP G 373 -53.40 -64.12 13.80
C TRP G 373 -53.37 -62.61 14.01
N ALA G 374 -54.38 -61.93 13.47
CA ALA G 374 -54.45 -60.48 13.59
C ALA G 374 -54.71 -60.08 15.04
N ARG G 375 -55.62 -60.79 15.69
CA ARG G 375 -55.97 -60.49 17.08
C ARG G 375 -54.74 -60.57 17.98
N LEU G 376 -53.79 -61.41 17.59
CA LEU G 376 -52.60 -61.65 18.41
C LEU G 376 -51.46 -60.68 18.12
N PHE G 377 -51.13 -60.52 16.84
CA PHE G 377 -49.95 -59.74 16.44
C PHE G 377 -50.16 -58.23 16.30
N THR G 378 -51.41 -57.80 16.18
CA THR G 378 -51.68 -56.37 16.14
C THR G 378 -51.17 -55.68 17.42
N PRO G 379 -51.66 -56.12 18.59
CA PRO G 379 -51.18 -55.51 19.82
C PRO G 379 -49.67 -55.62 19.94
N ALA G 380 -49.13 -56.79 19.61
CA ALA G 380 -47.68 -57.00 19.68
C ALA G 380 -46.90 -56.05 18.78
N ALA G 381 -47.36 -55.92 17.53
CA ALA G 381 -46.70 -55.02 16.58
C ALA G 381 -46.77 -53.56 17.05
N LYS G 382 -47.92 -53.16 17.59
CA LYS G 382 -48.07 -51.80 18.11
C LYS G 382 -47.09 -51.55 19.26
N PHE G 383 -47.00 -52.50 20.20
CA PHE G 383 -46.10 -52.34 21.33
C PHE G 383 -44.65 -52.17 20.87
N VAL G 384 -44.13 -53.17 20.17
CA VAL G 384 -42.73 -53.19 19.76
C VAL G 384 -42.37 -52.05 18.81
N ILE G 385 -43.08 -51.96 17.68
CA ILE G 385 -42.73 -50.98 16.65
C ILE G 385 -42.82 -49.54 17.17
N CYS G 386 -43.88 -49.23 17.91
CA CYS G 386 -44.06 -47.88 18.44
C CYS G 386 -43.04 -47.53 19.52
N LYS G 387 -42.56 -48.56 20.23
CA LYS G 387 -41.48 -48.38 21.19
C LYS G 387 -40.15 -48.08 20.47
N ARG G 388 -39.89 -48.83 19.40
CA ARG G 388 -38.67 -48.70 18.61
C ARG G 388 -38.54 -47.34 17.97
N GLY G 389 -39.67 -46.76 17.60
CA GLY G 389 -39.68 -45.50 16.88
C GLY G 389 -38.80 -44.41 17.47
N MET G 390 -38.87 -44.23 18.78
CA MET G 390 -38.09 -43.19 19.44
C MET G 390 -36.57 -43.37 19.25
N PRO G 391 -36.01 -44.48 19.75
CA PRO G 391 -34.57 -44.66 19.60
C PRO G 391 -34.16 -44.64 18.13
N PHE G 392 -35.01 -45.19 17.27
CA PHE G 392 -34.70 -45.34 15.85
C PHE G 392 -34.59 -43.99 15.19
N VAL G 393 -35.62 -43.16 15.37
CA VAL G 393 -35.62 -41.83 14.77
C VAL G 393 -34.49 -40.98 15.34
N ALA G 394 -34.30 -41.08 16.65
CA ALA G 394 -33.18 -40.42 17.32
C ALA G 394 -31.84 -40.74 16.63
N GLU G 395 -31.64 -42.01 16.28
CA GLU G 395 -30.42 -42.44 15.61
C GLU G 395 -30.32 -41.81 14.22
N ALA G 396 -31.43 -41.78 13.50
CA ALA G 396 -31.44 -41.17 12.18
C ALA G 396 -31.00 -39.73 12.31
N MET G 397 -31.60 -39.02 13.27
CA MET G 397 -31.27 -37.63 13.53
C MET G 397 -29.78 -37.46 13.77
N GLU G 398 -29.18 -38.38 14.51
CA GLU G 398 -27.77 -38.30 14.84
C GLU G 398 -26.88 -38.52 13.61
N VAL G 399 -27.42 -39.23 12.62
CA VAL G 399 -26.69 -39.44 11.37
C VAL G 399 -26.46 -38.13 10.64
N LEU G 400 -27.46 -37.26 10.68
CA LEU G 400 -27.33 -35.92 10.13
C LEU G 400 -26.48 -35.03 11.04
N GLY G 401 -26.52 -35.29 12.34
CA GLY G 401 -25.75 -34.51 13.29
C GLY G 401 -26.45 -33.25 13.76
N GLY G 402 -25.71 -32.16 13.88
CA GLY G 402 -26.24 -30.92 14.39
C GLY G 402 -27.49 -30.43 13.67
N ILE G 403 -27.43 -30.41 12.34
CA ILE G 403 -28.53 -29.89 11.54
C ILE G 403 -29.80 -30.72 11.67
N GLY G 404 -29.65 -31.97 12.11
CA GLY G 404 -30.79 -32.84 12.36
C GLY G 404 -31.53 -32.51 13.65
N TYR G 405 -30.91 -31.66 14.47
CA TYR G 405 -31.48 -31.28 15.74
C TYR G 405 -32.20 -29.95 15.60
N CYS G 406 -32.12 -29.36 14.41
CA CYS G 406 -32.75 -28.07 14.14
C CYS G 406 -34.12 -28.26 13.48
N GLU G 407 -35.08 -27.42 13.84
CA GLU G 407 -36.46 -27.60 13.41
C GLU G 407 -36.71 -27.35 11.90
N GLU G 408 -35.72 -26.78 11.21
CA GLU G 408 -35.81 -26.65 9.76
C GLU G 408 -35.76 -28.02 9.09
N SER G 409 -35.23 -29.01 9.81
CA SER G 409 -35.17 -30.38 9.36
C SER G 409 -36.47 -31.13 9.67
N GLU G 410 -36.75 -32.18 8.91
CA GLU G 410 -37.91 -33.03 9.18
C GLU G 410 -37.75 -33.85 10.44
N LEU G 411 -36.51 -34.04 10.89
CA LEU G 411 -36.22 -35.00 11.96
C LEU G 411 -36.86 -34.67 13.30
N PRO G 412 -36.69 -33.43 13.79
CA PRO G 412 -37.31 -33.07 15.06
C PRO G 412 -38.83 -33.34 15.07
N ARG G 413 -39.53 -32.98 14.00
CA ARG G 413 -40.96 -33.20 13.95
C ARG G 413 -41.28 -34.70 14.02
N LEU G 414 -40.50 -35.51 13.32
CA LEU G 414 -40.65 -36.96 13.39
C LEU G 414 -40.35 -37.46 14.80
N TYR G 415 -39.21 -37.05 15.34
CA TYR G 415 -38.82 -37.42 16.70
C TYR G 415 -39.89 -37.03 17.73
N ARG G 416 -40.54 -35.89 17.52
CA ARG G 416 -41.54 -35.39 18.46
C ARG G 416 -42.87 -36.12 18.32
N GLU G 417 -43.12 -36.68 17.13
CA GLU G 417 -44.36 -37.39 16.88
C GLU G 417 -44.35 -38.79 17.49
N MET G 418 -43.18 -39.45 17.43
CA MET G 418 -43.06 -40.86 17.76
C MET G 418 -43.80 -41.36 19.01
N PRO G 419 -43.65 -40.66 20.14
CA PRO G 419 -44.22 -41.16 21.39
C PRO G 419 -45.75 -41.22 21.36
N VAL G 420 -46.38 -40.38 20.54
CA VAL G 420 -47.82 -40.29 20.56
C VAL G 420 -48.41 -41.65 20.17
N ASN G 421 -47.77 -42.33 19.22
CA ASN G 421 -48.27 -43.62 18.76
C ASN G 421 -48.15 -44.72 19.81
N SER G 422 -47.21 -44.55 20.73
CA SER G 422 -46.99 -45.53 21.78
C SER G 422 -47.96 -45.30 22.93
N ILE G 423 -48.37 -44.06 23.12
CA ILE G 423 -49.27 -43.68 24.21
C ILE G 423 -50.75 -43.89 23.85
N TRP G 424 -51.07 -43.63 22.59
CA TRP G 424 -52.43 -43.76 22.06
C TRP G 424 -53.04 -45.11 22.38
N GLU G 425 -54.35 -45.12 22.59
CA GLU G 425 -55.12 -46.35 22.74
C GLU G 425 -54.51 -47.33 23.76
N GLY G 426 -54.36 -46.88 24.99
CA GLY G 426 -53.99 -47.78 26.08
C GLY G 426 -52.52 -47.81 26.48
N SER G 427 -51.64 -47.62 25.49
CA SER G 427 -50.20 -47.64 25.74
C SER G 427 -49.61 -49.04 25.75
N GLY G 428 -48.28 -49.11 25.75
CA GLY G 428 -47.56 -50.36 25.62
C GLY G 428 -47.98 -51.46 26.57
N ASN G 429 -48.04 -51.14 27.86
CA ASN G 429 -48.41 -52.15 28.86
C ASN G 429 -49.76 -52.79 28.51
N ILE G 430 -50.72 -51.97 28.13
CA ILE G 430 -52.04 -52.49 27.80
C ILE G 430 -51.97 -53.45 26.62
N MET G 431 -51.13 -53.11 25.64
CA MET G 431 -50.93 -53.98 24.48
C MET G 431 -50.41 -55.32 24.93
N CYS G 432 -49.47 -55.31 25.87
CA CYS G 432 -48.84 -56.53 26.35
C CYS G 432 -49.77 -57.36 27.21
N LEU G 433 -50.56 -56.71 28.04
CA LEU G 433 -51.54 -57.42 28.86
C LEU G 433 -52.54 -58.07 27.93
N ASP G 434 -52.84 -57.41 26.81
CA ASP G 434 -53.78 -57.95 25.83
C ASP G 434 -53.20 -59.18 25.12
N VAL G 435 -51.93 -59.14 24.77
CA VAL G 435 -51.25 -60.28 24.16
C VAL G 435 -51.29 -61.48 25.09
N LEU G 436 -51.02 -61.24 26.37
CA LEU G 436 -51.09 -62.31 27.37
C LEU G 436 -52.50 -62.86 27.46
N ARG G 437 -53.49 -61.97 27.41
CA ARG G 437 -54.89 -62.36 27.48
C ARG G 437 -55.28 -63.26 26.31
N VAL G 438 -54.75 -62.97 25.13
CA VAL G 438 -55.07 -63.76 23.94
C VAL G 438 -54.47 -65.17 24.04
N LEU G 439 -53.20 -65.26 24.45
CA LEU G 439 -52.56 -66.56 24.60
C LEU G 439 -53.31 -67.42 25.62
N ASN G 440 -53.82 -66.77 26.67
CA ASN G 440 -54.51 -67.48 27.74
C ASN G 440 -55.96 -67.84 27.39
N LYS G 441 -56.76 -66.83 27.06
CA LYS G 441 -58.20 -67.04 26.86
C LYS G 441 -58.57 -67.67 25.50
N GLN G 442 -57.95 -67.20 24.43
CA GLN G 442 -58.33 -67.62 23.08
C GLN G 442 -57.93 -69.06 22.74
N ALA G 443 -58.87 -69.79 22.14
CA ALA G 443 -58.67 -71.21 21.85
C ALA G 443 -57.94 -71.41 20.53
N GLY G 444 -57.00 -72.35 20.51
CA GLY G 444 -56.30 -72.69 19.30
C GLY G 444 -55.20 -71.70 18.92
N VAL G 445 -54.73 -70.95 19.92
CA VAL G 445 -53.64 -70.00 19.69
C VAL G 445 -52.31 -70.73 19.61
N TYR G 446 -52.09 -71.64 20.55
CA TYR G 446 -50.86 -72.41 20.58
C TYR G 446 -50.73 -73.27 19.31
N ASP G 447 -51.85 -73.82 18.86
CA ASP G 447 -51.86 -74.61 17.64
C ASP G 447 -51.47 -73.76 16.43
N LEU G 448 -51.98 -72.54 16.39
CA LEU G 448 -51.69 -71.62 15.29
C LEU G 448 -50.21 -71.28 15.22
N LEU G 449 -49.61 -71.05 16.38
CA LEU G 449 -48.18 -70.75 16.44
C LEU G 449 -47.35 -71.96 16.04
N SER G 450 -47.69 -73.12 16.59
CA SER G 450 -46.98 -74.36 16.26
C SER G 450 -46.89 -74.59 14.76
N GLU G 451 -47.99 -74.34 14.05
CA GLU G 451 -48.03 -74.56 12.61
C GLU G 451 -46.99 -73.71 11.88
N ALA G 452 -46.97 -72.42 12.17
CA ALA G 452 -46.04 -71.51 11.53
C ALA G 452 -44.59 -71.84 11.88
N PHE G 453 -44.35 -72.14 13.15
CA PHE G 453 -42.99 -72.44 13.63
C PHE G 453 -42.45 -73.74 13.01
N VAL G 454 -43.33 -74.74 12.91
CA VAL G 454 -42.97 -76.01 12.29
C VAL G 454 -42.66 -75.81 10.81
N GLU G 455 -43.38 -74.89 10.17
CA GLU G 455 -43.25 -74.65 8.74
C GLU G 455 -41.86 -74.17 8.32
N VAL G 456 -41.12 -73.61 9.29
CA VAL G 456 -39.79 -73.07 8.99
C VAL G 456 -38.70 -73.70 9.85
N LYS G 457 -39.04 -74.75 10.58
CA LYS G 457 -38.07 -75.42 11.44
C LYS G 457 -36.89 -75.94 10.63
N GLY G 458 -35.68 -75.75 11.16
CA GLY G 458 -34.47 -76.24 10.51
C GLY G 458 -33.83 -75.23 9.55
N GLN G 459 -34.61 -74.22 9.16
CA GLN G 459 -34.11 -73.19 8.24
C GLN G 459 -33.07 -72.28 8.91
N ASP G 460 -33.20 -72.08 10.21
CA ASP G 460 -32.28 -71.22 10.95
C ASP G 460 -32.15 -71.61 12.41
N ARG G 461 -30.91 -71.82 12.86
CA ARG G 461 -30.66 -72.29 14.23
C ARG G 461 -31.10 -71.27 15.29
N TYR G 462 -30.89 -69.99 15.00
CA TYR G 462 -31.23 -68.94 15.97
C TYR G 462 -32.74 -68.80 16.12
N PHE G 463 -33.46 -69.01 15.02
CA PHE G 463 -34.92 -68.99 15.06
C PHE G 463 -35.45 -70.12 15.94
N ASP G 464 -35.00 -71.34 15.67
CA ASP G 464 -35.46 -72.51 16.40
C ASP G 464 -35.15 -72.40 17.89
N ARG G 465 -33.99 -71.83 18.21
CA ARG G 465 -33.60 -71.63 19.61
C ARG G 465 -34.49 -70.57 20.25
N ALA G 466 -34.89 -69.57 19.46
CA ALA G 466 -35.80 -68.54 19.93
C ALA G 466 -37.17 -69.12 20.20
N VAL G 467 -37.59 -70.07 19.36
CA VAL G 467 -38.88 -70.71 19.53
C VAL G 467 -38.89 -71.52 20.82
N ARG G 468 -37.81 -72.26 21.05
CA ARG G 468 -37.69 -73.04 22.28
C ARG G 468 -37.77 -72.15 23.51
N ARG G 469 -37.05 -71.02 23.48
CA ARG G 469 -37.05 -70.10 24.62
C ARG G 469 -38.43 -69.52 24.92
N LEU G 470 -39.23 -69.26 23.89
CA LEU G 470 -40.57 -68.71 24.07
C LEU G 470 -41.52 -69.72 24.69
N GLN G 471 -41.49 -70.95 24.20
CA GLN G 471 -42.35 -71.99 24.72
C GLN G 471 -42.04 -72.28 26.19
N GLN G 472 -40.76 -72.15 26.55
CA GLN G 472 -40.35 -72.30 27.94
C GLN G 472 -40.88 -71.14 28.79
N GLN G 473 -41.30 -70.07 28.13
CA GLN G 473 -41.87 -68.90 28.80
C GLN G 473 -43.39 -69.01 28.92
N LEU G 474 -43.98 -69.87 28.10
CA LEU G 474 -45.43 -70.04 28.10
C LEU G 474 -45.84 -71.16 29.06
N ARG G 475 -44.85 -71.86 29.60
CA ARG G 475 -45.08 -72.88 30.63
C ARG G 475 -45.17 -72.22 32.00
N LYS G 476 -44.89 -70.92 32.03
CA LYS G 476 -45.04 -70.11 33.23
C LYS G 476 -45.36 -68.66 32.87
N PRO G 477 -46.54 -68.44 32.27
CA PRO G 477 -46.94 -67.07 31.91
C PRO G 477 -47.00 -66.19 33.15
N ALA G 478 -46.38 -65.02 33.06
CA ALA G 478 -46.34 -64.08 34.17
C ALA G 478 -46.64 -62.67 33.70
N GLU G 479 -47.55 -62.01 34.37
CA GLU G 479 -47.94 -60.65 34.03
C GLU G 479 -46.76 -59.68 34.04
N GLU G 480 -45.84 -59.85 34.99
CA GLU G 480 -44.67 -58.96 35.01
C GLU G 480 -43.70 -59.25 33.87
N LEU G 481 -43.97 -60.30 33.11
CA LEU G 481 -43.14 -60.66 31.96
C LEU G 481 -43.87 -60.44 30.64
N GLY G 482 -44.95 -59.68 30.68
CA GLY G 482 -45.73 -59.39 29.48
C GLY G 482 -44.94 -58.75 28.35
N ARG G 483 -44.02 -57.85 28.69
CA ARG G 483 -43.21 -57.22 27.66
C ARG G 483 -42.19 -58.18 27.05
N GLU G 484 -41.54 -58.96 27.90
CA GLU G 484 -40.56 -59.94 27.41
C GLU G 484 -41.26 -60.89 26.44
N ILE G 485 -42.39 -61.42 26.89
CA ILE G 485 -43.18 -62.35 26.08
C ILE G 485 -43.70 -61.72 24.78
N THR G 486 -44.22 -60.50 24.88
CA THR G 486 -44.75 -59.81 23.70
C THR G 486 -43.65 -59.48 22.70
N HIS G 487 -42.50 -59.06 23.20
CA HIS G 487 -41.37 -58.76 22.33
C HIS G 487 -40.89 -60.02 21.63
N GLN G 488 -40.65 -61.08 22.40
CA GLN G 488 -40.17 -62.34 21.81
C GLN G 488 -41.19 -62.87 20.80
N LEU G 489 -42.46 -62.80 21.13
CA LEU G 489 -43.51 -63.26 20.23
C LEU G 489 -43.50 -62.46 18.94
N PHE G 490 -43.25 -61.16 19.03
CA PHE G 490 -43.21 -60.30 17.86
C PHE G 490 -42.05 -60.66 16.93
N LEU G 491 -40.86 -60.80 17.51
CA LEU G 491 -39.69 -61.18 16.72
C LEU G 491 -39.91 -62.49 15.97
N LEU G 492 -40.48 -63.48 16.65
CA LEU G 492 -40.76 -64.76 16.01
C LEU G 492 -41.70 -64.62 14.82
N GLY G 493 -42.64 -63.67 14.92
CA GLY G 493 -43.55 -63.39 13.83
C GLY G 493 -42.81 -62.84 12.63
N CYS G 494 -41.93 -61.86 12.87
CA CYS G 494 -41.10 -61.28 11.81
C CYS G 494 -40.15 -62.32 11.25
N GLY G 495 -39.53 -63.09 12.14
CA GLY G 495 -38.61 -64.13 11.76
C GLY G 495 -39.22 -65.11 10.79
N ALA G 496 -40.39 -65.64 11.14
CA ALA G 496 -41.10 -66.58 10.27
C ALA G 496 -41.31 -66.00 8.87
N GLN G 497 -41.77 -64.75 8.78
CA GLN G 497 -42.00 -64.09 7.51
C GLN G 497 -40.73 -63.94 6.68
N MET G 498 -39.64 -63.55 7.33
CA MET G 498 -38.36 -63.41 6.65
C MET G 498 -37.89 -64.76 6.11
N LEU G 499 -38.04 -65.81 6.93
CA LEU G 499 -37.59 -67.14 6.54
C LEU G 499 -38.40 -67.73 5.38
N LYS G 500 -39.67 -67.38 5.29
CA LYS G 500 -40.53 -67.93 4.25
C LYS G 500 -40.37 -67.22 2.91
N TYR G 501 -40.30 -65.89 2.93
CA TYR G 501 -40.45 -65.11 1.70
C TYR G 501 -39.25 -64.22 1.36
N ALA G 502 -38.37 -63.96 2.33
CA ALA G 502 -37.16 -63.19 2.07
C ALA G 502 -36.08 -64.14 1.55
N SER G 503 -35.08 -63.59 0.86
CA SER G 503 -33.97 -64.41 0.37
C SER G 503 -33.24 -65.04 1.55
N PRO G 504 -32.75 -66.27 1.36
CA PRO G 504 -32.07 -66.99 2.44
C PRO G 504 -30.96 -66.16 3.12
N PRO G 505 -30.12 -65.46 2.33
CA PRO G 505 -29.06 -64.64 2.96
C PRO G 505 -29.65 -63.51 3.81
N MET G 506 -30.70 -62.88 3.30
CA MET G 506 -31.37 -61.80 4.01
C MET G 506 -31.98 -62.30 5.33
N ALA G 507 -32.67 -63.44 5.27
CA ALA G 507 -33.28 -64.03 6.46
C ALA G 507 -32.23 -64.51 7.45
N GLN G 508 -31.16 -65.08 6.93
CA GLN G 508 -30.05 -65.49 7.77
C GLN G 508 -29.52 -64.27 8.53
N ALA G 509 -29.35 -63.17 7.81
CA ALA G 509 -28.90 -61.92 8.40
C ALA G 509 -29.87 -61.42 9.47
N TRP G 510 -31.15 -61.35 9.11
CA TRP G 510 -32.17 -60.88 10.04
C TRP G 510 -32.19 -61.72 11.33
N CYS G 511 -32.23 -63.04 11.18
CA CYS G 511 -32.29 -63.96 12.32
C CYS G 511 -31.07 -63.84 13.21
N GLN G 512 -29.89 -63.76 12.60
CA GLN G 512 -28.66 -63.62 13.37
C GLN G 512 -28.71 -62.34 14.19
N VAL G 513 -28.97 -61.21 13.54
CA VAL G 513 -28.96 -59.92 14.21
C VAL G 513 -30.02 -59.78 15.29
N MET G 514 -31.22 -60.30 15.07
CA MET G 514 -32.31 -60.12 16.01
C MET G 514 -32.45 -61.21 17.06
N LEU G 515 -32.00 -62.42 16.73
CA LEU G 515 -32.23 -63.58 17.60
C LEU G 515 -30.97 -64.19 18.20
N ASP G 516 -29.81 -63.72 17.78
CA ASP G 516 -28.54 -64.19 18.34
C ASP G 516 -28.22 -63.42 19.63
N THR G 517 -28.50 -64.06 20.77
CA THR G 517 -28.33 -63.43 22.07
C THR G 517 -26.87 -63.12 22.37
N ARG G 518 -25.96 -63.89 21.77
CA ARG G 518 -24.53 -63.74 22.02
C ARG G 518 -24.05 -62.29 21.84
N GLY G 519 -24.35 -61.71 20.69
CA GLY G 519 -23.91 -60.36 20.36
C GLY G 519 -22.74 -60.36 19.39
N GLY G 520 -22.27 -59.17 19.05
CA GLY G 520 -21.10 -59.02 18.19
C GLY G 520 -21.29 -59.62 16.80
N VAL G 521 -22.44 -59.33 16.20
CA VAL G 521 -22.81 -59.93 14.92
C VAL G 521 -22.45 -59.03 13.74
N ARG G 522 -21.42 -59.41 13.00
CA ARG G 522 -20.96 -58.69 11.83
C ARG G 522 -21.75 -59.14 10.61
N LEU G 523 -21.95 -58.25 9.64
CA LEU G 523 -22.67 -58.61 8.43
C LEU G 523 -21.75 -58.60 7.22
N SER G 524 -21.95 -59.56 6.32
CA SER G 524 -21.15 -59.65 5.10
C SER G 524 -21.21 -58.34 4.31
N GLU G 525 -20.13 -58.03 3.61
CA GLU G 525 -20.10 -56.82 2.78
C GLU G 525 -21.23 -56.86 1.77
N GLN G 526 -21.56 -58.05 1.29
CA GLN G 526 -22.58 -58.20 0.26
C GLN G 526 -24.00 -57.93 0.79
N ILE G 527 -24.30 -58.43 1.98
CA ILE G 527 -25.64 -58.30 2.55
C ILE G 527 -25.93 -56.86 2.95
N GLN G 528 -24.89 -56.16 3.38
CA GLN G 528 -25.04 -54.74 3.71
C GLN G 528 -25.33 -53.93 2.46
N ASN G 529 -24.59 -54.20 1.38
CA ASN G 529 -24.81 -53.51 0.11
C ASN G 529 -26.23 -53.71 -0.40
N ASP G 530 -26.73 -54.93 -0.27
CA ASP G 530 -28.06 -55.26 -0.75
C ASP G 530 -29.14 -54.57 0.08
N LEU G 531 -28.96 -54.56 1.40
CA LEU G 531 -29.90 -53.87 2.27
C LEU G 531 -30.06 -52.41 1.88
N LEU G 532 -28.94 -51.71 1.82
CA LEU G 532 -28.93 -50.28 1.49
C LEU G 532 -29.46 -50.00 0.08
N LEU G 533 -29.17 -50.89 -0.85
CA LEU G 533 -29.66 -50.77 -2.21
C LEU G 533 -31.18 -50.91 -2.25
N ARG G 534 -31.70 -51.93 -1.58
CA ARG G 534 -33.14 -52.17 -1.51
C ARG G 534 -33.87 -50.97 -0.90
N ALA G 535 -33.19 -50.30 0.03
CA ALA G 535 -33.80 -49.20 0.77
C ALA G 535 -33.87 -47.91 -0.02
N THR G 536 -33.42 -47.95 -1.28
CA THR G 536 -33.44 -46.77 -2.13
C THR G 536 -34.17 -47.05 -3.44
N GLY G 537 -34.74 -48.25 -3.55
CA GLY G 537 -35.51 -48.63 -4.72
C GLY G 537 -34.72 -49.55 -5.63
N GLY G 538 -35.10 -49.57 -6.90
CA GLY G 538 -34.43 -50.42 -7.88
C GLY G 538 -34.84 -51.87 -7.76
N VAL G 539 -35.72 -52.16 -6.81
CA VAL G 539 -36.22 -53.52 -6.61
C VAL G 539 -37.68 -53.58 -7.07
N CYS G 540 -38.11 -52.55 -7.79
CA CYS G 540 -39.49 -52.44 -8.23
C CYS G 540 -39.57 -52.38 -9.76
N HIS H 2 -74.60 -27.09 40.24
CA HIS H 2 -75.30 -27.53 39.04
C HIS H 2 -74.63 -26.99 37.77
N TRP H 3 -73.62 -26.15 37.95
CA TRP H 3 -72.89 -25.58 36.82
C TRP H 3 -71.89 -26.58 36.25
N GLN H 4 -71.48 -27.53 37.07
CA GLN H 4 -70.47 -28.52 36.68
C GLN H 4 -71.06 -29.69 35.90
N THR H 5 -70.26 -30.25 34.99
CA THR H 5 -70.67 -31.40 34.21
C THR H 5 -70.06 -32.69 34.77
N HIS H 6 -69.08 -32.54 35.66
CA HIS H 6 -68.34 -33.68 36.20
C HIS H 6 -67.46 -33.26 37.39
N THR H 7 -66.93 -34.26 38.09
CA THR H 7 -65.97 -34.01 39.16
C THR H 7 -64.59 -34.56 38.76
N VAL H 8 -63.55 -33.75 38.98
CA VAL H 8 -62.20 -34.18 38.67
C VAL H 8 -61.62 -34.98 39.83
N PHE H 9 -61.13 -36.18 39.52
CA PHE H 9 -60.54 -37.03 40.54
C PHE H 9 -59.53 -38.00 39.92
N ASN H 10 -58.72 -38.62 40.78
CA ASN H 10 -57.66 -39.53 40.32
C ASN H 10 -56.62 -38.78 39.48
N GLN H 11 -56.52 -37.47 39.71
CA GLN H 11 -55.51 -36.65 39.06
C GLN H 11 -54.41 -36.30 40.05
N PRO H 12 -53.28 -37.02 39.97
CA PRO H 12 -52.17 -36.87 40.92
C PRO H 12 -51.61 -35.47 40.90
N ILE H 13 -51.09 -35.01 42.04
CA ILE H 13 -50.38 -33.73 42.08
C ILE H 13 -48.97 -33.91 41.51
N PRO H 14 -48.49 -32.91 40.77
CA PRO H 14 -47.17 -33.02 40.14
C PRO H 14 -46.06 -32.90 41.17
N LEU H 15 -44.94 -33.57 40.92
CA LEU H 15 -43.82 -33.52 41.85
C LEU H 15 -43.20 -32.14 41.88
N ASN H 16 -43.24 -31.50 43.05
CA ASN H 16 -42.53 -30.24 43.26
C ASN H 16 -42.31 -29.99 44.75
N ASN H 17 -41.46 -29.02 45.06
CA ASN H 17 -41.10 -28.74 46.44
C ASN H 17 -40.55 -29.98 47.14
N SER H 18 -39.72 -30.74 46.43
CA SER H 18 -39.03 -31.89 47.01
C SER H 18 -37.54 -31.59 47.06
N ASN H 19 -36.77 -32.51 47.64
CA ASN H 19 -35.33 -32.35 47.73
C ASN H 19 -34.63 -33.21 46.66
N LEU H 20 -34.10 -32.56 45.63
CA LEU H 20 -33.53 -33.26 44.49
C LEU H 20 -32.37 -34.18 44.90
N TYR H 21 -31.70 -33.83 45.99
CA TYR H 21 -30.57 -34.61 46.48
C TYR H 21 -30.97 -35.73 47.45
N LEU H 22 -31.71 -35.36 48.50
CA LEU H 22 -32.04 -36.32 49.55
C LEU H 22 -33.02 -37.39 49.11
N SER H 23 -33.59 -37.23 47.92
CA SER H 23 -34.53 -38.21 47.39
C SER H 23 -33.83 -39.21 46.48
N ASP H 24 -32.53 -39.01 46.28
CA ASP H 24 -31.75 -39.89 45.41
C ASP H 24 -30.79 -40.74 46.24
N GLY H 25 -31.28 -41.85 46.77
CA GLY H 25 -30.48 -42.73 47.59
C GLY H 25 -29.13 -43.08 47.00
N ALA H 26 -29.11 -43.55 45.76
CA ALA H 26 -27.88 -43.94 45.10
C ALA H 26 -26.86 -42.80 45.05
N LEU H 27 -27.35 -41.58 44.88
CA LEU H 27 -26.48 -40.41 44.80
C LEU H 27 -25.83 -40.07 46.13
N CYS H 28 -26.61 -40.12 47.22
CA CYS H 28 -26.10 -39.83 48.56
C CYS H 28 -24.94 -40.76 48.90
N GLU H 29 -25.14 -42.05 48.64
CA GLU H 29 -24.13 -43.06 48.92
C GLU H 29 -22.88 -42.83 48.07
N ALA H 30 -23.09 -42.54 46.79
CA ALA H 30 -21.99 -42.33 45.86
C ALA H 30 -21.13 -41.13 46.26
N VAL H 31 -21.80 -40.05 46.66
CA VAL H 31 -21.08 -38.85 47.10
C VAL H 31 -20.16 -39.17 48.28
N THR H 32 -20.70 -39.86 49.27
CA THR H 32 -19.94 -40.26 50.45
C THR H 32 -18.82 -41.24 50.08
N ARG H 33 -19.18 -42.27 49.32
CA ARG H 33 -18.25 -43.33 48.94
C ARG H 33 -17.05 -42.84 48.14
N GLU H 34 -17.22 -41.79 47.35
CA GLU H 34 -16.17 -41.34 46.44
C GLU H 34 -15.38 -40.15 46.97
N GLY H 35 -15.52 -39.90 48.27
CA GLY H 35 -14.68 -38.93 48.96
C GLY H 35 -15.16 -37.49 48.92
N ALA H 36 -16.47 -37.29 48.73
CA ALA H 36 -17.05 -35.95 48.73
C ALA H 36 -18.12 -35.82 49.80
N GLY H 37 -18.03 -36.65 50.84
CA GLY H 37 -19.01 -36.65 51.91
C GLY H 37 -19.04 -35.34 52.68
N TRP H 38 -18.00 -34.53 52.51
CA TRP H 38 -17.95 -33.22 53.16
C TRP H 38 -18.92 -32.22 52.55
N ASP H 39 -19.38 -32.51 51.33
CA ASP H 39 -20.28 -31.61 50.63
C ASP H 39 -21.75 -32.03 50.85
N SER H 40 -21.95 -33.09 51.61
CA SER H 40 -23.30 -33.63 51.85
C SER H 40 -24.29 -32.62 52.42
N ASP H 41 -23.87 -31.85 53.40
CA ASP H 41 -24.77 -30.88 54.03
C ASP H 41 -25.17 -29.79 53.04
N PHE H 42 -24.24 -29.44 52.16
CA PHE H 42 -24.48 -28.39 51.15
C PHE H 42 -25.33 -28.93 49.99
N LEU H 43 -25.04 -30.16 49.56
CA LEU H 43 -25.80 -30.81 48.50
C LEU H 43 -27.26 -30.95 48.89
N ALA H 44 -27.53 -31.23 50.16
CA ALA H 44 -28.89 -31.31 50.64
C ALA H 44 -29.51 -29.92 50.70
N SER H 45 -28.66 -28.92 50.94
CA SER H 45 -29.11 -27.54 51.01
C SER H 45 -29.64 -27.06 49.67
N ILE H 46 -28.81 -27.18 48.63
CA ILE H 46 -29.21 -26.73 47.31
C ILE H 46 -30.19 -27.69 46.67
N GLY H 47 -30.11 -28.97 47.07
CA GLY H 47 -31.06 -29.96 46.61
C GLY H 47 -32.48 -29.55 46.99
N GLN H 48 -32.58 -28.83 48.10
CA GLN H 48 -33.86 -28.32 48.58
C GLN H 48 -34.27 -27.10 47.77
N GLN H 49 -33.37 -26.13 47.65
CA GLN H 49 -33.64 -24.90 46.92
C GLN H 49 -34.03 -25.15 45.47
N LEU H 50 -33.32 -26.08 44.82
CA LEU H 50 -33.49 -26.36 43.40
C LEU H 50 -34.76 -27.15 43.11
N GLY H 51 -35.30 -27.82 44.12
CA GLY H 51 -36.43 -28.70 43.93
C GLY H 51 -37.77 -28.00 44.11
N THR H 52 -37.71 -26.72 44.46
CA THR H 52 -38.92 -25.95 44.71
C THR H 52 -39.67 -25.59 43.44
N ALA H 53 -40.98 -25.32 43.58
CA ALA H 53 -41.80 -24.92 42.45
C ALA H 53 -41.23 -23.68 41.75
N GLU H 54 -40.86 -22.68 42.56
CA GLU H 54 -40.28 -21.45 42.03
C GLU H 54 -39.06 -21.75 41.16
N SER H 55 -38.24 -22.66 41.63
CA SER H 55 -37.04 -23.06 40.90
C SER H 55 -37.42 -23.66 39.55
N LEU H 56 -38.29 -24.66 39.57
CA LEU H 56 -38.71 -25.34 38.36
C LEU H 56 -39.36 -24.39 37.37
N GLU H 57 -40.03 -23.37 37.90
CA GLU H 57 -40.68 -22.38 37.05
C GLU H 57 -39.63 -21.60 36.25
N LEU H 58 -38.50 -21.32 36.88
CA LEU H 58 -37.40 -20.65 36.17
C LEU H 58 -36.98 -21.47 34.96
N GLY H 59 -36.85 -22.78 35.15
CA GLY H 59 -36.54 -23.69 34.06
C GLY H 59 -37.52 -23.52 32.92
N ARG H 60 -38.81 -23.62 33.22
CA ARG H 60 -39.86 -23.50 32.21
C ARG H 60 -39.75 -22.17 31.48
N LEU H 61 -39.60 -21.09 32.26
CA LEU H 61 -39.56 -19.74 31.69
C LEU H 61 -38.40 -19.61 30.71
N ALA H 62 -37.23 -20.04 31.15
CA ALA H 62 -36.02 -19.91 30.34
C ALA H 62 -36.14 -20.63 29.00
N ASN H 63 -37.00 -21.65 28.94
CA ASN H 63 -37.17 -22.41 27.70
C ASN H 63 -38.33 -21.98 26.81
N VAL H 64 -39.45 -21.56 27.42
CA VAL H 64 -40.58 -21.10 26.62
C VAL H 64 -40.42 -19.65 26.22
N ASN H 65 -39.43 -18.99 26.81
CA ASN H 65 -39.05 -17.65 26.38
C ASN H 65 -37.59 -17.58 25.95
N PRO H 66 -37.26 -18.30 24.86
CA PRO H 66 -35.87 -18.40 24.40
C PRO H 66 -35.25 -17.05 24.03
N PRO H 67 -33.91 -16.99 23.99
CA PRO H 67 -33.16 -15.77 23.69
C PRO H 67 -33.47 -15.24 22.30
N GLU H 68 -33.34 -13.92 22.13
CA GLU H 68 -33.51 -13.26 20.84
C GLU H 68 -32.17 -12.71 20.37
N LEU H 69 -31.86 -12.89 19.10
CA LEU H 69 -30.63 -12.36 18.54
C LEU H 69 -30.80 -10.91 18.14
N LEU H 70 -29.94 -10.05 18.68
CA LEU H 70 -29.98 -8.63 18.34
C LEU H 70 -28.78 -8.28 17.47
N ARG H 71 -28.91 -8.50 16.17
CA ARG H 71 -27.84 -8.22 15.25
C ARG H 71 -27.60 -6.73 15.09
N TYR H 72 -28.69 -5.95 15.15
CA TYR H 72 -28.63 -4.49 14.99
C TYR H 72 -29.43 -3.79 16.07
N ASP H 73 -29.10 -2.52 16.31
CA ASP H 73 -29.93 -1.66 17.16
C ASP H 73 -30.90 -0.84 16.31
N ALA H 74 -31.71 -0.01 16.95
CA ALA H 74 -32.75 0.72 16.25
C ALA H 74 -32.19 1.78 15.30
N GLN H 75 -30.90 2.07 15.43
CA GLN H 75 -30.26 3.06 14.58
C GLN H 75 -29.55 2.43 13.37
N GLY H 76 -29.55 1.09 13.33
CA GLY H 76 -28.99 0.39 12.18
C GLY H 76 -27.51 0.13 12.34
N ARG H 77 -26.99 0.38 13.53
CA ARG H 77 -25.61 0.03 13.85
C ARG H 77 -25.53 -1.42 14.33
N ARG H 78 -24.52 -2.13 13.84
CA ARG H 78 -24.23 -3.48 14.27
C ARG H 78 -24.18 -3.54 15.80
N LEU H 79 -24.77 -4.59 16.37
CA LEU H 79 -24.89 -4.71 17.82
C LEU H 79 -24.41 -6.08 18.32
N ASP H 80 -24.76 -7.13 17.59
CA ASP H 80 -24.33 -8.50 17.89
C ASP H 80 -24.44 -8.87 19.36
N ASP H 81 -25.62 -8.71 19.92
CA ASP H 81 -25.85 -9.11 21.31
C ASP H 81 -27.01 -10.08 21.35
N VAL H 82 -27.21 -10.72 22.50
CA VAL H 82 -28.31 -11.64 22.68
C VAL H 82 -29.10 -11.25 23.92
N ARG H 83 -30.43 -11.27 23.81
CA ARG H 83 -31.30 -10.85 24.89
C ARG H 83 -32.06 -12.04 25.47
N PHE H 84 -31.87 -12.28 26.77
CA PHE H 84 -32.53 -13.39 27.46
C PHE H 84 -33.73 -12.97 28.31
N HIS H 85 -34.51 -13.98 28.72
CA HIS H 85 -35.53 -13.79 29.74
C HIS H 85 -34.83 -13.73 31.10
N PRO H 86 -35.33 -12.89 32.02
CA PRO H 86 -34.72 -12.71 33.35
C PRO H 86 -34.49 -14.02 34.08
N ALA H 87 -35.26 -15.06 33.77
CA ALA H 87 -35.11 -16.35 34.42
C ALA H 87 -33.77 -17.01 34.07
N TRP H 88 -33.30 -16.81 32.85
CA TRP H 88 -32.02 -17.36 32.42
C TRP H 88 -30.89 -16.85 33.31
N HIS H 89 -30.86 -15.54 33.54
CA HIS H 89 -29.82 -14.96 34.36
C HIS H 89 -29.87 -15.46 35.80
N LEU H 90 -31.08 -15.72 36.29
CA LEU H 90 -31.24 -16.24 37.64
C LEU H 90 -30.68 -17.65 37.76
N LEU H 91 -30.94 -18.48 36.76
CA LEU H 91 -30.35 -19.82 36.69
C LEU H 91 -28.81 -19.74 36.69
N MET H 92 -28.27 -18.82 35.88
CA MET H 92 -26.83 -18.62 35.81
C MET H 92 -26.25 -18.18 37.16
N GLN H 93 -26.87 -17.18 37.79
CA GLN H 93 -26.45 -16.73 39.10
C GLN H 93 -26.20 -17.90 40.06
N ALA H 94 -27.20 -18.78 40.14
CA ALA H 94 -27.14 -19.89 41.06
C ALA H 94 -26.03 -20.88 40.70
N LEU H 95 -25.93 -21.19 39.41
CA LEU H 95 -24.93 -22.13 38.94
C LEU H 95 -23.54 -21.66 39.36
N CYS H 96 -23.27 -20.38 39.17
CA CYS H 96 -21.97 -19.82 39.51
C CYS H 96 -21.78 -19.68 41.02
N THR H 97 -22.85 -19.31 41.72
CA THR H 97 -22.79 -19.23 43.17
C THR H 97 -22.41 -20.58 43.74
N ASN H 98 -22.93 -21.64 43.13
CA ASN H 98 -22.61 -23.01 43.55
C ASN H 98 -21.33 -23.54 42.91
N ARG H 99 -20.61 -22.66 42.23
CA ARG H 99 -19.33 -23.01 41.61
C ARG H 99 -19.37 -24.28 40.74
N VAL H 100 -20.50 -24.51 40.08
CA VAL H 100 -20.62 -25.65 39.19
C VAL H 100 -19.68 -25.46 38.01
N HIS H 101 -19.19 -24.25 37.82
CA HIS H 101 -18.31 -23.94 36.71
C HIS H 101 -16.82 -23.98 37.04
N ASN H 102 -16.47 -24.00 38.33
CA ASN H 102 -15.05 -23.95 38.68
C ASN H 102 -14.62 -24.55 40.02
N LEU H 103 -15.54 -25.19 40.73
CA LEU H 103 -15.23 -25.74 42.06
C LEU H 103 -13.87 -26.44 42.13
N ALA H 104 -13.63 -27.35 41.19
CA ALA H 104 -12.42 -28.16 41.22
C ALA H 104 -11.15 -27.39 40.88
N TRP H 105 -11.30 -26.15 40.42
CA TRP H 105 -10.14 -25.38 39.96
C TRP H 105 -9.69 -24.31 40.94
N GLU H 106 -10.45 -24.12 42.01
CA GLU H 106 -10.01 -23.23 43.09
C GLU H 106 -8.62 -23.64 43.51
N GLU H 107 -7.83 -22.69 43.97
CA GLU H 107 -6.42 -22.97 44.30
C GLU H 107 -6.27 -23.88 45.52
N ASP H 108 -7.15 -23.72 46.50
CA ASP H 108 -7.13 -24.58 47.67
C ASP H 108 -8.26 -25.62 47.63
N ALA H 109 -8.49 -26.18 46.44
CA ALA H 109 -9.55 -27.17 46.25
C ALA H 109 -9.20 -28.45 46.99
N ARG H 110 -10.15 -28.95 47.77
CA ARG H 110 -9.91 -30.14 48.58
C ARG H 110 -10.18 -31.43 47.81
N SER H 111 -9.82 -32.56 48.42
CA SER H 111 -10.01 -33.86 47.81
C SER H 111 -11.48 -34.14 47.56
N GLY H 112 -11.79 -34.62 46.36
CA GLY H 112 -13.16 -34.94 46.01
C GLY H 112 -13.93 -33.77 45.44
N ALA H 113 -13.22 -32.68 45.13
CA ALA H 113 -13.85 -31.49 44.57
C ALA H 113 -14.57 -31.78 43.25
N PHE H 114 -13.94 -32.60 42.41
CA PHE H 114 -14.55 -32.99 41.14
C PHE H 114 -15.82 -33.79 41.38
N VAL H 115 -15.79 -34.67 42.37
CA VAL H 115 -16.95 -35.51 42.71
C VAL H 115 -18.10 -34.70 43.31
N ALA H 116 -17.75 -33.72 44.15
CA ALA H 116 -18.74 -32.83 44.72
C ALA H 116 -19.36 -31.95 43.64
N ARG H 117 -18.52 -31.44 42.74
CA ARG H 117 -18.97 -30.62 41.63
C ARG H 117 -19.90 -31.39 40.72
N ALA H 118 -19.59 -32.67 40.53
CA ALA H 118 -20.44 -33.52 39.72
C ALA H 118 -21.83 -33.65 40.35
N ALA H 119 -21.87 -33.81 41.66
CA ALA H 119 -23.14 -33.91 42.37
C ALA H 119 -23.96 -32.63 42.22
N ARG H 120 -23.33 -31.48 42.42
CA ARG H 120 -24.02 -30.21 42.28
C ARG H 120 -24.58 -30.03 40.86
N PHE H 121 -23.76 -30.35 39.86
CA PHE H 121 -24.14 -30.30 38.46
C PHE H 121 -25.40 -31.14 38.22
N MET H 122 -25.37 -32.35 38.74
CA MET H 122 -26.46 -33.30 38.53
C MET H 122 -27.79 -32.82 39.10
N LEU H 123 -27.73 -32.00 40.15
CA LEU H 123 -28.93 -31.42 40.72
C LEU H 123 -29.48 -30.28 39.86
N HIS H 124 -28.61 -29.35 39.48
CA HIS H 124 -29.00 -28.27 38.59
C HIS H 124 -29.56 -28.80 37.29
N ALA H 125 -28.96 -29.88 36.78
CA ALA H 125 -29.36 -30.46 35.51
C ALA H 125 -30.82 -30.92 35.51
N GLN H 126 -31.34 -31.26 36.68
CA GLN H 126 -32.71 -31.75 36.81
C GLN H 126 -33.76 -30.62 36.70
N VAL H 127 -33.34 -29.39 36.99
CA VAL H 127 -34.21 -28.23 36.89
C VAL H 127 -34.20 -27.63 35.49
N GLU H 128 -33.02 -27.44 34.93
CA GLU H 128 -32.87 -26.83 33.62
C GLU H 128 -31.56 -27.28 32.96
N ALA H 129 -31.59 -27.56 31.66
CA ALA H 129 -30.45 -28.16 30.97
C ALA H 129 -29.65 -27.17 30.11
N GLY H 130 -30.34 -26.22 29.51
CA GLY H 130 -29.69 -25.29 28.60
C GLY H 130 -28.65 -24.46 29.30
N SER H 131 -28.90 -24.12 30.55
CA SER H 131 -27.99 -23.26 31.32
C SER H 131 -26.69 -23.98 31.63
N LEU H 132 -26.70 -25.30 31.49
CA LEU H 132 -25.50 -26.09 31.73
C LEU H 132 -24.46 -25.96 30.64
N CYS H 133 -24.86 -25.51 29.45
CA CYS H 133 -23.92 -25.42 28.34
C CYS H 133 -22.75 -24.50 28.68
N PRO H 134 -23.04 -23.22 28.95
CA PRO H 134 -21.92 -22.32 29.29
C PRO H 134 -21.15 -22.84 30.49
N ILE H 135 -21.84 -23.45 31.44
CA ILE H 135 -21.21 -23.97 32.65
C ILE H 135 -20.19 -25.08 32.33
N THR H 136 -20.63 -26.04 31.52
CA THR H 136 -19.81 -27.15 31.09
C THR H 136 -18.59 -26.69 30.31
N MET H 137 -18.79 -25.79 29.36
CA MET H 137 -17.68 -25.29 28.56
C MET H 137 -16.69 -24.51 29.42
N THR H 138 -17.21 -23.63 30.26
CA THR H 138 -16.37 -22.83 31.15
C THR H 138 -15.58 -23.73 32.10
N PHE H 139 -16.24 -24.76 32.61
CA PHE H 139 -15.61 -25.69 33.54
C PHE H 139 -14.45 -26.44 32.89
N ALA H 140 -14.60 -26.80 31.63
CA ALA H 140 -13.58 -27.57 30.94
C ALA H 140 -12.39 -26.71 30.50
N ALA H 141 -12.66 -25.47 30.10
CA ALA H 141 -11.63 -24.57 29.60
C ALA H 141 -10.83 -23.90 30.71
N THR H 142 -11.45 -23.71 31.87
CA THR H 142 -10.80 -22.96 32.95
C THR H 142 -9.37 -23.43 33.30
N PRO H 143 -9.18 -24.72 33.60
CA PRO H 143 -7.83 -25.19 33.94
C PRO H 143 -6.82 -24.87 32.87
N LEU H 144 -7.23 -25.04 31.61
CA LEU H 144 -6.39 -24.70 30.48
C LEU H 144 -6.01 -23.20 30.47
N LEU H 145 -7.01 -22.34 30.51
CA LEU H 145 -6.79 -20.90 30.46
C LEU H 145 -5.94 -20.40 31.63
N LEU H 146 -6.18 -20.93 32.82
CA LEU H 146 -5.47 -20.50 34.01
C LEU H 146 -3.95 -20.57 33.85
N GLN H 147 -3.47 -21.46 32.99
CA GLN H 147 -2.03 -21.59 32.79
C GLN H 147 -1.57 -21.25 31.38
N MET H 148 -2.47 -20.69 30.58
CA MET H 148 -2.13 -20.35 29.19
C MET H 148 -2.56 -18.94 28.77
N LEU H 149 -3.23 -18.23 29.68
CA LEU H 149 -3.73 -16.89 29.37
C LEU H 149 -2.66 -16.00 28.74
N PRO H 150 -2.97 -15.42 27.59
CA PRO H 150 -2.08 -14.45 26.94
C PRO H 150 -1.85 -13.24 27.85
N ALA H 151 -0.74 -12.55 27.65
CA ALA H 151 -0.36 -11.41 28.50
C ALA H 151 -1.46 -10.37 28.73
N PRO H 152 -2.12 -9.91 27.64
CA PRO H 152 -3.12 -8.84 27.78
C PRO H 152 -4.32 -9.24 28.62
N PHE H 153 -4.40 -10.50 29.05
CA PHE H 153 -5.58 -10.99 29.77
C PHE H 153 -5.20 -11.70 31.06
N GLN H 154 -4.09 -11.29 31.68
CA GLN H 154 -3.62 -11.92 32.90
C GLN H 154 -4.58 -11.69 34.06
N ASP H 155 -5.21 -10.52 34.08
CA ASP H 155 -6.12 -10.15 35.15
C ASP H 155 -7.46 -10.87 35.04
N TRP H 156 -7.53 -11.87 34.16
CA TRP H 156 -8.71 -12.71 34.02
C TRP H 156 -8.68 -13.85 35.03
N THR H 157 -7.53 -14.04 35.67
CA THR H 157 -7.34 -15.15 36.59
C THR H 157 -8.32 -15.10 37.75
N THR H 158 -8.42 -13.94 38.39
CA THR H 158 -9.28 -13.79 39.57
C THR H 158 -10.77 -14.06 39.27
N PRO H 159 -11.33 -13.41 38.23
CA PRO H 159 -12.73 -13.62 37.89
C PRO H 159 -13.01 -15.07 37.50
N LEU H 160 -12.03 -15.72 36.86
CA LEU H 160 -12.17 -17.12 36.46
C LEU H 160 -12.38 -18.04 37.65
N LEU H 161 -11.98 -17.60 38.83
CA LEU H 161 -12.06 -18.42 40.03
C LEU H 161 -13.14 -17.94 41.00
N SER H 162 -13.96 -16.98 40.56
CA SER H 162 -14.98 -16.42 41.43
C SER H 162 -16.26 -17.26 41.46
N ASP H 163 -17.21 -16.81 42.26
CA ASP H 163 -18.51 -17.47 42.37
C ASP H 163 -19.61 -16.54 41.88
N ARG H 164 -19.21 -15.43 41.27
CA ARG H 164 -20.14 -14.38 40.88
C ARG H 164 -20.38 -14.38 39.38
N TYR H 165 -21.58 -14.78 38.98
CA TYR H 165 -21.99 -14.68 37.59
C TYR H 165 -22.20 -13.21 37.22
N ASP H 166 -21.70 -12.78 36.06
CA ASP H 166 -21.76 -11.39 35.66
C ASP H 166 -22.15 -11.25 34.20
N SER H 167 -23.30 -10.62 33.94
CA SER H 167 -23.83 -10.53 32.59
C SER H 167 -23.55 -9.18 31.91
N HIS H 168 -22.83 -8.30 32.60
CA HIS H 168 -22.47 -7.01 32.03
C HIS H 168 -21.78 -7.15 30.67
N LEU H 169 -22.16 -6.29 29.74
CA LEU H 169 -21.54 -6.22 28.42
C LEU H 169 -20.26 -5.40 28.50
N LEU H 170 -19.22 -5.99 29.10
CA LEU H 170 -17.94 -5.33 29.29
C LEU H 170 -16.80 -6.28 28.96
N PRO H 171 -15.60 -5.73 28.70
CA PRO H 171 -14.40 -6.55 28.54
C PRO H 171 -14.22 -7.43 29.77
N GLY H 172 -13.72 -8.65 29.58
CA GLY H 172 -13.57 -9.60 30.67
C GLY H 172 -12.91 -9.03 31.92
N GLY H 173 -11.82 -8.28 31.74
CA GLY H 173 -11.06 -7.75 32.86
C GLY H 173 -11.88 -6.93 33.84
N GLN H 174 -12.96 -6.34 33.35
CA GLN H 174 -13.79 -5.46 34.15
C GLN H 174 -15.01 -6.19 34.74
N LYS H 175 -14.98 -7.52 34.74
CA LYS H 175 -16.12 -8.30 35.23
C LYS H 175 -15.79 -9.13 36.47
N ARG H 176 -16.83 -9.57 37.18
CA ARG H 176 -16.67 -10.29 38.44
C ARG H 176 -16.58 -11.81 38.23
N GLY H 177 -17.07 -12.27 37.09
CA GLY H 177 -16.98 -13.67 36.73
C GLY H 177 -17.03 -13.79 35.23
N LEU H 178 -16.59 -14.91 34.68
CA LEU H 178 -16.54 -15.07 33.23
C LEU H 178 -17.17 -16.37 32.74
N LEU H 179 -17.43 -16.42 31.44
CA LEU H 179 -17.88 -17.64 30.78
C LEU H 179 -17.05 -17.86 29.52
N ILE H 180 -16.67 -19.10 29.28
CA ILE H 180 -15.83 -19.44 28.12
C ILE H 180 -16.53 -20.41 27.19
N GLY H 181 -16.52 -20.08 25.90
CA GLY H 181 -17.19 -20.92 24.93
C GLY H 181 -16.20 -21.62 24.00
N MET H 182 -16.70 -22.58 23.22
CA MET H 182 -15.84 -23.32 22.31
C MET H 182 -16.41 -23.28 20.90
N GLY H 183 -15.60 -22.84 19.95
CA GLY H 183 -16.02 -22.75 18.56
C GLY H 183 -15.17 -23.61 17.65
N MET H 184 -15.65 -24.82 17.36
CA MET H 184 -14.90 -25.78 16.54
C MET H 184 -15.63 -26.13 15.26
N THR H 185 -16.85 -26.63 15.40
CA THR H 185 -17.64 -27.07 14.25
C THR H 185 -17.81 -26.02 13.16
N GLU H 186 -17.60 -26.44 11.92
CA GLU H 186 -17.90 -25.62 10.75
C GLU H 186 -18.90 -26.38 9.88
N LYS H 187 -19.37 -25.73 8.82
CA LYS H 187 -20.42 -26.30 7.98
C LYS H 187 -19.99 -27.62 7.34
N GLN H 188 -18.70 -27.75 7.06
CA GLN H 188 -18.16 -28.92 6.37
C GLN H 188 -17.89 -30.09 7.32
N GLY H 189 -17.89 -29.83 8.62
CA GLY H 189 -17.69 -30.91 9.57
C GLY H 189 -17.52 -30.47 11.02
N GLY H 190 -18.00 -31.31 11.93
CA GLY H 190 -17.84 -31.10 13.36
C GLY H 190 -16.99 -32.21 13.99
N SER H 191 -17.19 -33.43 13.50
CA SER H 191 -16.40 -34.57 13.97
C SER H 191 -14.98 -34.46 13.46
N ASP H 192 -14.87 -34.19 12.15
CA ASP H 192 -13.58 -34.05 11.50
C ASP H 192 -13.20 -32.57 11.44
N VAL H 193 -12.58 -32.06 12.51
CA VAL H 193 -12.26 -30.64 12.60
C VAL H 193 -11.06 -30.25 11.74
N MET H 194 -10.34 -31.26 11.25
CA MET H 194 -9.17 -30.98 10.42
C MET H 194 -9.61 -30.48 9.04
N SER H 195 -10.92 -30.45 8.82
CA SER H 195 -11.49 -29.90 7.60
C SER H 195 -11.82 -28.40 7.74
N ASN H 196 -11.60 -27.86 8.94
CA ASN H 196 -11.78 -26.43 9.19
C ASN H 196 -11.13 -25.56 8.12
N THR H 197 -11.82 -24.50 7.71
CA THR H 197 -11.27 -23.58 6.73
C THR H 197 -11.14 -22.16 7.28
N THR H 198 -11.40 -21.99 8.57
CA THR H 198 -11.14 -20.71 9.21
C THR H 198 -9.64 -20.54 9.30
N ARG H 199 -9.13 -19.45 8.74
CA ARG H 199 -7.71 -19.22 8.63
C ARG H 199 -7.24 -18.08 9.54
N ALA H 200 -6.09 -18.28 10.18
CA ALA H 200 -5.50 -17.26 11.05
C ALA H 200 -4.11 -16.84 10.55
N GLU H 201 -3.94 -15.54 10.29
CA GLU H 201 -2.63 -14.99 9.88
C GLU H 201 -2.07 -14.03 10.94
N ARG H 202 -0.86 -14.31 11.43
CA ARG H 202 -0.25 -13.56 12.53
C ARG H 202 0.06 -12.09 12.18
N LEU H 203 -0.25 -11.19 13.11
CA LEU H 203 0.06 -9.75 12.94
C LEU H 203 1.37 -9.32 13.63
N GLU H 204 1.73 -8.04 13.44
CA GLU H 204 2.95 -7.48 14.02
C GLU H 204 3.07 -7.74 15.53
N ASP H 205 1.99 -7.50 16.26
CA ASP H 205 2.04 -7.55 17.72
C ASP H 205 2.01 -8.97 18.30
N GLY H 206 1.93 -9.98 17.44
CA GLY H 206 1.99 -11.37 17.87
C GLY H 206 0.64 -12.09 17.78
N SER H 207 -0.44 -11.31 17.87
CA SER H 207 -1.78 -11.87 17.75
C SER H 207 -2.06 -12.29 16.30
N TYR H 208 -3.24 -12.87 16.07
CA TYR H 208 -3.61 -13.32 14.72
C TYR H 208 -4.90 -12.68 14.22
N ARG H 209 -5.01 -12.55 12.90
CA ARG H 209 -6.27 -12.16 12.26
C ARG H 209 -7.03 -13.41 11.86
N LEU H 210 -8.27 -13.54 12.31
CA LEU H 210 -9.08 -14.69 11.93
C LEU H 210 -10.17 -14.32 10.91
N VAL H 211 -10.26 -15.12 9.85
CA VAL H 211 -11.33 -14.98 8.88
C VAL H 211 -11.92 -16.35 8.59
N GLY H 212 -13.23 -16.48 8.78
CA GLY H 212 -13.90 -17.75 8.63
C GLY H 212 -15.28 -17.79 9.25
N HIS H 213 -15.69 -18.95 9.74
CA HIS H 213 -17.03 -19.09 10.28
C HIS H 213 -17.07 -20.25 11.25
N LYS H 214 -18.09 -20.26 12.11
CA LYS H 214 -18.42 -21.42 12.90
C LYS H 214 -19.92 -21.70 12.78
N TRP H 215 -20.25 -22.95 12.49
CA TRP H 215 -21.61 -23.39 12.16
C TRP H 215 -22.50 -23.50 13.40
N PHE H 216 -21.99 -24.10 14.46
CA PHE H 216 -22.66 -24.08 15.76
C PHE H 216 -21.74 -23.40 16.76
N PHE H 217 -22.25 -22.33 17.37
CA PHE H 217 -21.42 -21.45 18.18
C PHE H 217 -22.26 -21.07 19.40
N SER H 218 -22.22 -21.91 20.43
CA SER H 218 -23.07 -21.71 21.60
C SER H 218 -22.54 -20.64 22.54
N VAL H 219 -23.46 -20.05 23.29
CA VAL H 219 -23.13 -18.98 24.23
C VAL H 219 -22.28 -17.90 23.57
N PRO H 220 -22.82 -17.29 22.50
CA PRO H 220 -22.11 -16.20 21.82
C PRO H 220 -21.77 -15.07 22.78
N GLN H 221 -22.51 -14.99 23.87
CA GLN H 221 -22.30 -13.95 24.89
C GLN H 221 -21.17 -14.30 25.85
N SER H 222 -20.48 -15.41 25.59
CA SER H 222 -19.29 -15.75 26.37
C SER H 222 -18.28 -14.61 26.34
N ASP H 223 -17.47 -14.51 27.38
CA ASP H 223 -16.47 -13.46 27.46
C ASP H 223 -15.27 -13.78 26.57
N ALA H 224 -15.16 -15.04 26.19
CA ALA H 224 -14.15 -15.46 25.22
C ALA H 224 -14.50 -16.85 24.67
N HIS H 225 -14.02 -17.13 23.46
CA HIS H 225 -14.17 -18.46 22.88
C HIS H 225 -12.83 -19.05 22.50
N LEU H 226 -12.62 -20.32 22.81
CA LEU H 226 -11.48 -21.03 22.27
C LEU H 226 -11.88 -21.54 20.89
N VAL H 227 -11.25 -20.98 19.85
CA VAL H 227 -11.62 -21.24 18.46
C VAL H 227 -10.50 -21.97 17.70
N LEU H 228 -10.87 -22.98 16.92
CA LEU H 228 -9.92 -23.67 16.05
C LEU H 228 -9.84 -22.98 14.69
N ALA H 229 -8.62 -22.72 14.22
CA ALA H 229 -8.40 -22.11 12.92
C ALA H 229 -7.12 -22.63 12.28
N GLN H 230 -7.05 -22.58 10.96
CA GLN H 230 -5.88 -23.05 10.24
C GLN H 230 -4.80 -21.98 10.20
N THR H 231 -3.55 -22.40 10.39
CA THR H 231 -2.40 -21.50 10.25
C THR H 231 -1.39 -22.14 9.32
N ALA H 232 -0.33 -21.42 9.02
CA ALA H 232 0.71 -21.94 8.13
C ALA H 232 1.25 -23.26 8.68
N GLY H 233 1.28 -23.39 10.00
CA GLY H 233 1.87 -24.55 10.64
C GLY H 233 0.88 -25.59 11.11
N GLY H 234 -0.36 -25.51 10.62
CA GLY H 234 -1.38 -26.47 10.96
C GLY H 234 -2.58 -25.90 11.71
N LEU H 235 -3.53 -26.77 12.03
CA LEU H 235 -4.74 -26.38 12.77
C LEU H 235 -4.43 -26.02 14.22
N SER H 236 -4.73 -24.78 14.60
CA SER H 236 -4.36 -24.28 15.92
C SER H 236 -5.54 -23.78 16.74
N CYS H 237 -5.32 -23.61 18.04
CA CYS H 237 -6.36 -23.15 18.95
C CYS H 237 -6.12 -21.70 19.35
N PHE H 238 -7.15 -20.86 19.17
CA PHE H 238 -7.03 -19.45 19.49
C PHE H 238 -7.99 -18.96 20.58
N PHE H 239 -7.46 -18.10 21.44
CA PHE H 239 -8.25 -17.41 22.47
C PHE H 239 -8.84 -16.15 21.87
N VAL H 240 -10.11 -16.20 21.52
CA VAL H 240 -10.80 -15.07 20.88
C VAL H 240 -11.72 -14.38 21.88
N PRO H 241 -11.27 -13.25 22.43
CA PRO H 241 -12.08 -12.52 23.42
C PRO H 241 -13.23 -11.79 22.75
N ARG H 242 -14.31 -11.56 23.48
CA ARG H 242 -15.44 -10.86 22.91
C ARG H 242 -15.11 -9.39 22.74
N PHE H 243 -14.37 -8.85 23.70
CA PHE H 243 -13.86 -7.49 23.58
C PHE H 243 -12.35 -7.55 23.44
N LEU H 244 -11.79 -6.61 22.69
CA LEU H 244 -10.34 -6.45 22.61
C LEU H 244 -9.85 -5.69 23.85
N PRO H 245 -8.54 -5.78 24.14
CA PRO H 245 -7.97 -5.13 25.31
C PRO H 245 -8.36 -3.65 25.41
N ASP H 246 -8.37 -2.95 24.27
CA ASP H 246 -8.68 -1.53 24.24
C ASP H 246 -10.17 -1.20 24.41
N GLY H 247 -10.98 -2.22 24.66
CA GLY H 247 -12.39 -2.01 24.93
C GLY H 247 -13.30 -2.14 23.73
N GLN H 248 -12.73 -2.06 22.53
CA GLN H 248 -13.51 -2.22 21.31
C GLN H 248 -14.01 -3.65 21.15
N ARG H 249 -15.15 -3.81 20.47
CA ARG H 249 -15.73 -5.13 20.28
C ARG H 249 -14.98 -5.89 19.19
N ASN H 250 -14.60 -7.13 19.48
CA ASN H 250 -13.91 -7.98 18.52
C ASN H 250 -14.79 -8.25 17.30
N ALA H 251 -14.17 -8.49 16.15
CA ALA H 251 -14.91 -8.63 14.90
C ALA H 251 -15.57 -9.99 14.76
N ILE H 252 -16.39 -10.35 15.75
CA ILE H 252 -17.19 -11.57 15.66
C ILE H 252 -18.63 -11.22 15.32
N ARG H 253 -19.08 -11.65 14.15
CA ARG H 253 -20.36 -11.24 13.58
C ARG H 253 -21.41 -12.34 13.72
N LEU H 254 -22.45 -12.09 14.51
CA LEU H 254 -23.52 -13.07 14.73
C LEU H 254 -24.57 -12.99 13.63
N GLU H 255 -24.72 -14.05 12.86
CA GLU H 255 -25.57 -14.02 11.68
C GLU H 255 -26.98 -14.59 11.91
N ARG H 256 -27.08 -15.60 12.76
CA ARG H 256 -28.32 -16.35 12.84
C ARG H 256 -28.32 -17.25 14.07
N LEU H 257 -29.51 -17.41 14.65
CA LEU H 257 -29.68 -18.18 15.88
C LEU H 257 -30.36 -19.49 15.53
N LYS H 258 -29.81 -20.60 16.02
CA LYS H 258 -30.40 -21.90 15.74
C LYS H 258 -31.81 -21.99 16.31
N ASP H 259 -32.72 -22.58 15.53
CA ASP H 259 -34.07 -22.88 16.00
C ASP H 259 -34.10 -24.38 16.35
N LYS H 260 -33.96 -24.69 17.64
CA LYS H 260 -33.61 -26.05 18.07
C LYS H 260 -34.78 -26.89 18.57
N LEU H 261 -34.62 -28.20 18.45
CA LEU H 261 -35.61 -29.17 18.94
C LEU H 261 -35.77 -29.00 20.44
N GLY H 262 -34.64 -28.99 21.13
CA GLY H 262 -34.58 -28.77 22.56
C GLY H 262 -33.46 -27.81 22.85
N ASN H 263 -33.03 -27.74 24.10
CA ASN H 263 -31.91 -26.88 24.47
C ASN H 263 -32.24 -25.41 24.17
N ARG H 264 -33.53 -25.12 24.07
CA ARG H 264 -34.00 -23.84 23.53
C ARG H 264 -33.62 -22.63 24.38
N SER H 265 -33.39 -22.83 25.67
CA SER H 265 -33.06 -21.72 26.54
C SER H 265 -31.67 -21.19 26.23
N ASN H 266 -30.86 -22.05 25.61
CA ASN H 266 -29.47 -21.76 25.32
C ASN H 266 -29.24 -21.21 23.90
N ALA H 267 -28.59 -20.07 23.79
CA ALA H 267 -28.34 -19.45 22.49
C ALA H 267 -27.22 -20.14 21.71
N SER H 268 -27.56 -20.72 20.56
CA SER H 268 -26.57 -21.30 19.64
C SER H 268 -26.59 -20.52 18.34
N CYS H 269 -25.43 -19.96 17.98
CA CYS H 269 -25.37 -19.05 16.86
C CYS H 269 -24.59 -19.58 15.67
N GLU H 270 -24.88 -19.05 14.50
CA GLU H 270 -24.03 -19.21 13.33
C GLU H 270 -23.23 -17.92 13.19
N VAL H 271 -21.93 -17.99 13.39
CA VAL H 271 -21.13 -16.78 13.43
C VAL H 271 -20.11 -16.74 12.30
N GLU H 272 -19.66 -15.54 11.97
CA GLU H 272 -18.59 -15.35 10.99
C GLU H 272 -17.52 -14.42 11.55
N PHE H 273 -16.26 -14.69 11.21
CA PHE H 273 -15.14 -13.87 11.67
C PHE H 273 -14.68 -12.92 10.58
N GLN H 274 -14.72 -11.63 10.87
CA GLN H 274 -14.26 -10.61 9.91
C GLN H 274 -13.00 -9.92 10.41
N ASP H 275 -11.88 -10.64 10.32
CA ASP H 275 -10.61 -10.15 10.85
C ASP H 275 -10.68 -9.99 12.35
N ALA H 276 -11.23 -11.01 13.02
CA ALA H 276 -11.28 -11.03 14.47
C ALA H 276 -9.88 -11.34 15.01
N ILE H 277 -9.53 -10.71 16.12
CA ILE H 277 -8.21 -10.92 16.71
C ILE H 277 -8.22 -12.13 17.65
N GLY H 278 -7.29 -13.05 17.43
CA GLY H 278 -7.13 -14.19 18.31
C GLY H 278 -5.72 -14.26 18.85
N TRP H 279 -5.54 -14.96 19.97
CA TRP H 279 -4.21 -15.18 20.52
C TRP H 279 -3.90 -16.66 20.54
N LEU H 280 -2.75 -17.02 19.99
CA LEU H 280 -2.38 -18.43 19.91
C LEU H 280 -2.19 -19.05 21.29
N LEU H 281 -2.87 -20.17 21.52
CA LEU H 281 -2.64 -20.97 22.71
C LEU H 281 -1.74 -22.16 22.34
N GLY H 282 -0.59 -22.23 22.97
CA GLY H 282 0.37 -23.27 22.66
C GLY H 282 1.09 -23.01 21.35
N LEU H 283 1.36 -24.07 20.60
CA LEU H 283 2.10 -23.96 19.36
C LEU H 283 1.19 -24.13 18.16
N GLU H 284 1.55 -23.53 17.04
CA GLU H 284 0.79 -23.72 15.81
C GLU H 284 0.66 -25.21 15.49
N GLY H 285 -0.52 -25.61 15.02
CA GLY H 285 -0.76 -27.00 14.67
C GLY H 285 -0.95 -27.89 15.87
N GLU H 286 -0.88 -27.30 17.06
CA GLU H 286 -1.09 -28.05 18.30
C GLU H 286 -2.55 -27.94 18.72
N GLY H 287 -3.37 -27.39 17.83
CA GLY H 287 -4.77 -27.11 18.12
C GLY H 287 -5.59 -28.29 18.63
N ILE H 288 -5.57 -29.40 17.90
CA ILE H 288 -6.34 -30.58 18.28
C ILE H 288 -5.88 -31.18 19.60
N ARG H 289 -4.58 -31.18 19.83
CA ARG H 289 -4.04 -31.74 21.07
C ARG H 289 -4.63 -31.03 22.29
N LEU H 290 -4.80 -29.72 22.18
CA LEU H 290 -5.34 -28.92 23.28
C LEU H 290 -6.82 -29.20 23.57
N ILE H 291 -7.68 -29.06 22.56
CA ILE H 291 -9.11 -29.23 22.78
C ILE H 291 -9.46 -30.68 23.14
N LEU H 292 -8.47 -31.56 23.08
CA LEU H 292 -8.67 -32.95 23.49
C LEU H 292 -8.59 -33.06 25.00
N LYS H 293 -7.79 -32.19 25.60
CA LYS H 293 -7.69 -32.12 27.06
C LYS H 293 -9.04 -31.71 27.67
N MET H 294 -9.68 -30.73 27.05
CA MET H 294 -10.98 -30.23 27.51
C MET H 294 -12.13 -31.17 27.14
N GLY H 295 -12.00 -31.82 25.99
CA GLY H 295 -13.00 -32.75 25.53
C GLY H 295 -13.31 -33.83 26.55
N GLY H 296 -12.29 -34.23 27.30
CA GLY H 296 -12.48 -35.25 28.32
C GLY H 296 -13.59 -34.87 29.28
N MET H 297 -13.53 -33.65 29.79
CA MET H 297 -14.46 -33.19 30.82
C MET H 297 -15.88 -32.90 30.29
N THR H 298 -15.99 -32.32 29.10
CA THR H 298 -17.30 -32.01 28.55
C THR H 298 -18.07 -33.29 28.22
N ARG H 299 -17.35 -34.30 27.74
CA ARG H 299 -17.99 -35.59 27.46
C ARG H 299 -18.57 -36.15 28.75
N PHE H 300 -17.86 -35.97 29.84
CA PHE H 300 -18.33 -36.44 31.12
C PHE H 300 -19.60 -35.70 31.52
N ASP H 301 -19.64 -34.40 31.24
CA ASP H 301 -20.81 -33.60 31.55
C ASP H 301 -22.04 -34.01 30.73
N CYS H 302 -21.80 -34.42 29.49
CA CYS H 302 -22.87 -34.92 28.63
C CYS H 302 -23.49 -36.16 29.25
N ALA H 303 -22.65 -37.11 29.63
CA ALA H 303 -23.13 -38.33 30.27
C ALA H 303 -23.85 -38.00 31.58
N LEU H 304 -23.26 -37.11 32.38
CA LEU H 304 -23.85 -36.72 33.65
C LEU H 304 -25.20 -36.02 33.44
N GLY H 305 -25.24 -35.08 32.51
CA GLY H 305 -26.46 -34.37 32.18
C GLY H 305 -27.59 -35.31 31.76
N SER H 306 -27.29 -36.23 30.85
CA SER H 306 -28.29 -37.18 30.40
C SER H 306 -28.77 -38.03 31.59
N HIS H 307 -27.82 -38.48 32.40
CA HIS H 307 -28.19 -39.24 33.58
C HIS H 307 -29.08 -38.42 34.50
N ALA H 308 -28.70 -37.17 34.72
CA ALA H 308 -29.51 -36.28 35.55
C ALA H 308 -30.95 -36.20 35.05
N MET H 309 -31.12 -35.98 33.74
CA MET H 309 -32.47 -35.83 33.19
C MET H 309 -33.27 -37.13 33.26
N MET H 310 -32.61 -38.26 33.08
CA MET H 310 -33.26 -39.55 33.26
C MET H 310 -33.73 -39.71 34.70
N ARG H 311 -32.91 -39.24 35.63
CA ARG H 311 -33.26 -39.30 37.05
C ARG H 311 -34.50 -38.47 37.36
N ARG H 312 -34.53 -37.24 36.84
CA ARG H 312 -35.67 -36.37 37.05
C ARG H 312 -36.92 -36.96 36.41
N ALA H 313 -36.77 -37.46 35.18
CA ALA H 313 -37.90 -38.08 34.51
C ALA H 313 -38.45 -39.21 35.38
N PHE H 314 -37.55 -40.05 35.87
CA PHE H 314 -37.94 -41.20 36.68
C PHE H 314 -38.63 -40.78 37.97
N SER H 315 -38.09 -39.78 38.66
CA SER H 315 -38.73 -39.24 39.86
C SER H 315 -40.18 -38.88 39.59
N LEU H 316 -40.40 -38.19 38.46
CA LEU H 316 -41.74 -37.77 38.07
C LEU H 316 -42.64 -38.96 37.84
N ALA H 317 -42.10 -39.97 37.17
CA ALA H 317 -42.85 -41.18 36.85
C ALA H 317 -43.34 -41.90 38.09
N ILE H 318 -42.45 -42.13 39.06
CA ILE H 318 -42.84 -42.86 40.25
C ILE H 318 -43.78 -42.06 41.17
N TYR H 319 -43.56 -40.75 41.28
CA TYR H 319 -44.46 -39.92 42.07
C TYR H 319 -45.84 -40.02 41.48
N HIS H 320 -45.91 -40.03 40.15
CA HIS H 320 -47.19 -40.13 39.45
C HIS H 320 -47.81 -41.50 39.64
N ALA H 321 -47.06 -42.55 39.29
CA ALA H 321 -47.54 -43.92 39.38
C ALA H 321 -48.03 -44.28 40.77
N HIS H 322 -47.47 -43.61 41.78
CA HIS H 322 -47.82 -43.88 43.17
C HIS H 322 -49.24 -43.38 43.48
N GLN H 323 -49.60 -42.21 42.95
CA GLN H 323 -50.89 -41.64 43.25
C GLN H 323 -51.97 -42.10 42.28
N ARG H 324 -51.60 -42.23 41.01
CA ARG H 324 -52.52 -42.59 39.96
C ARG H 324 -53.07 -44.00 40.14
N HIS H 325 -54.39 -44.14 40.10
CA HIS H 325 -55.02 -45.45 40.18
C HIS H 325 -55.50 -45.93 38.82
N VAL H 326 -55.31 -47.23 38.56
CA VAL H 326 -55.84 -47.86 37.36
C VAL H 326 -56.37 -49.23 37.74
N PHE H 327 -57.61 -49.52 37.32
CA PHE H 327 -58.23 -50.82 37.57
C PHE H 327 -58.27 -51.17 39.05
N GLY H 328 -58.49 -50.16 39.89
CA GLY H 328 -58.72 -50.36 41.31
C GLY H 328 -57.49 -50.38 42.21
N ASN H 329 -56.30 -50.24 41.64
CA ASN H 329 -55.07 -50.22 42.43
C ASN H 329 -54.11 -49.11 42.00
N PRO H 330 -53.22 -48.70 42.92
CA PRO H 330 -52.16 -47.76 42.56
C PRO H 330 -51.39 -48.29 41.34
N LEU H 331 -51.16 -47.41 40.37
CA LEU H 331 -50.51 -47.80 39.13
C LEU H 331 -49.19 -48.50 39.42
N ILE H 332 -48.52 -48.03 40.46
CA ILE H 332 -47.21 -48.55 40.84
C ILE H 332 -47.29 -49.97 41.42
N GLN H 333 -48.49 -50.38 41.83
CA GLN H 333 -48.70 -51.74 42.35
C GLN H 333 -48.96 -52.73 41.23
N GLN H 334 -49.33 -52.24 40.05
CA GLN H 334 -49.57 -53.10 38.91
C GLN H 334 -48.30 -53.84 38.48
N PRO H 335 -48.35 -55.18 38.50
CA PRO H 335 -47.16 -56.02 38.29
C PRO H 335 -46.30 -55.60 37.10
N LEU H 336 -46.91 -55.38 35.94
CA LEU H 336 -46.13 -55.04 34.76
C LEU H 336 -45.48 -53.68 34.88
N MET H 337 -46.22 -52.71 35.42
CA MET H 337 -45.66 -51.38 35.64
C MET H 337 -44.52 -51.43 36.67
N ARG H 338 -44.74 -52.17 37.75
CA ARG H 338 -43.76 -52.27 38.83
C ARG H 338 -42.47 -52.88 38.30
N HIS H 339 -42.61 -53.87 37.43
CA HIS H 339 -41.48 -54.52 36.79
C HIS H 339 -40.69 -53.51 35.97
N VAL H 340 -41.38 -52.76 35.13
CA VAL H 340 -40.71 -51.78 34.28
C VAL H 340 -40.01 -50.71 35.11
N LEU H 341 -40.76 -50.07 36.02
CA LEU H 341 -40.20 -49.04 36.88
C LEU H 341 -38.97 -49.54 37.67
N SER H 342 -39.02 -50.80 38.08
CA SER H 342 -37.90 -51.40 38.80
C SER H 342 -36.63 -51.51 37.95
N ARG H 343 -36.79 -51.95 36.71
CA ARG H 343 -35.66 -52.03 35.80
C ARG H 343 -35.09 -50.64 35.52
N MET H 344 -35.96 -49.64 35.47
CA MET H 344 -35.52 -48.27 35.24
C MET H 344 -34.70 -47.77 36.43
N ALA H 345 -35.17 -48.06 37.64
CA ALA H 345 -34.44 -47.67 38.83
C ALA H 345 -33.09 -48.37 38.84
N LEU H 346 -33.10 -49.65 38.50
CA LEU H 346 -31.90 -50.46 38.45
C LEU H 346 -30.91 -49.89 37.43
N GLN H 347 -31.45 -49.37 36.34
CA GLN H 347 -30.65 -48.70 35.33
C GLN H 347 -29.91 -47.53 35.94
N LEU H 348 -30.65 -46.70 36.70
CA LEU H 348 -30.09 -45.52 37.34
C LEU H 348 -29.08 -45.86 38.45
N GLU H 349 -29.33 -46.95 39.16
CA GLU H 349 -28.38 -47.42 40.17
C GLU H 349 -27.00 -47.60 39.55
N GLY H 350 -26.97 -48.34 38.45
CA GLY H 350 -25.72 -48.61 37.74
C GLY H 350 -25.06 -47.33 37.25
N GLN H 351 -25.82 -46.49 36.58
CA GLN H 351 -25.28 -45.24 36.04
C GLN H 351 -24.71 -44.35 37.15
N THR H 352 -25.42 -44.26 38.26
CA THR H 352 -24.98 -43.45 39.39
C THR H 352 -23.64 -43.95 39.91
N ALA H 353 -23.52 -45.26 40.04
CA ALA H 353 -22.29 -45.90 40.50
C ALA H 353 -21.12 -45.63 39.54
N LEU H 354 -21.37 -45.88 38.25
CA LEU H 354 -20.33 -45.74 37.23
C LEU H 354 -19.87 -44.30 37.08
N LEU H 355 -20.83 -43.37 37.04
CA LEU H 355 -20.53 -41.97 36.82
C LEU H 355 -19.70 -41.37 37.95
N PHE H 356 -20.05 -41.69 39.18
CA PHE H 356 -19.34 -41.10 40.32
C PHE H 356 -18.03 -41.82 40.65
N ARG H 357 -17.90 -43.06 40.20
CA ARG H 357 -16.61 -43.73 40.21
C ARG H 357 -15.74 -43.07 39.15
N LEU H 358 -16.35 -42.76 38.02
CA LEU H 358 -15.68 -42.06 36.93
C LEU H 358 -15.31 -40.64 37.36
N ALA H 359 -16.11 -40.06 38.25
CA ALA H 359 -15.81 -38.74 38.80
C ALA H 359 -14.62 -38.81 39.73
N ARG H 360 -14.51 -39.91 40.47
CA ARG H 360 -13.39 -40.11 41.38
C ARG H 360 -12.11 -40.20 40.55
N ALA H 361 -12.17 -40.92 39.44
CA ALA H 361 -11.03 -41.06 38.55
C ALA H 361 -10.49 -39.69 38.17
N TRP H 362 -11.37 -38.82 37.69
CA TRP H 362 -10.98 -37.46 37.31
C TRP H 362 -10.40 -36.68 38.49
N ASP H 363 -10.93 -36.91 39.68
CA ASP H 363 -10.47 -36.19 40.86
C ASP H 363 -9.05 -36.62 41.22
N ARG H 364 -8.77 -37.91 41.05
CA ARG H 364 -7.46 -38.45 41.40
C ARG H 364 -6.61 -38.69 40.14
N ARG H 365 -6.69 -37.76 39.19
CA ARG H 365 -6.04 -37.95 37.89
C ARG H 365 -4.52 -37.88 37.98
N ALA H 366 -4.01 -37.40 39.11
CA ALA H 366 -2.56 -37.40 39.35
C ALA H 366 -2.01 -38.84 39.33
N ASP H 367 -2.84 -39.79 39.76
CA ASP H 367 -2.55 -41.21 39.61
C ASP H 367 -2.78 -41.63 38.17
N ALA H 368 -1.77 -42.19 37.53
CA ALA H 368 -1.85 -42.60 36.13
C ALA H 368 -2.91 -43.67 35.88
N LYS H 369 -3.04 -44.60 36.81
CA LYS H 369 -4.04 -45.66 36.72
C LYS H 369 -5.47 -45.08 36.77
N GLU H 370 -5.64 -44.01 37.53
CA GLU H 370 -6.94 -43.34 37.61
C GLU H 370 -7.23 -42.58 36.32
N ALA H 371 -6.21 -41.86 35.83
CA ALA H 371 -6.36 -41.09 34.59
C ALA H 371 -6.74 -42.00 33.43
N LEU H 372 -6.15 -43.20 33.43
CA LEU H 372 -6.38 -44.15 32.35
C LEU H 372 -7.79 -44.70 32.42
N TRP H 373 -8.28 -44.91 33.63
CA TRP H 373 -9.65 -45.37 33.83
C TRP H 373 -10.61 -44.32 33.29
N ALA H 374 -10.36 -43.07 33.62
CA ALA H 374 -11.17 -41.97 33.14
C ALA H 374 -11.07 -41.87 31.61
N ARG H 375 -9.86 -42.04 31.10
CA ARG H 375 -9.60 -41.87 29.68
C ARG H 375 -10.41 -42.88 28.86
N LEU H 376 -10.67 -44.04 29.45
CA LEU H 376 -11.35 -45.13 28.76
C LEU H 376 -12.87 -45.08 28.94
N PHE H 377 -13.32 -44.89 30.17
CA PHE H 377 -14.74 -44.98 30.47
C PHE H 377 -15.55 -43.70 30.21
N THR H 378 -14.88 -42.55 30.13
CA THR H 378 -15.60 -41.33 29.80
C THR H 378 -16.32 -41.45 28.44
N PRO H 379 -15.57 -41.76 27.37
CA PRO H 379 -16.21 -41.91 26.06
C PRO H 379 -17.31 -42.97 26.07
N ALA H 380 -17.07 -44.07 26.77
CA ALA H 380 -18.04 -45.16 26.83
C ALA H 380 -19.34 -44.72 27.52
N ALA H 381 -19.19 -44.11 28.70
CA ALA H 381 -20.33 -43.63 29.46
C ALA H 381 -21.18 -42.65 28.64
N LYS H 382 -20.53 -41.74 27.92
CA LYS H 382 -21.25 -40.79 27.08
C LYS H 382 -22.03 -41.50 25.98
N PHE H 383 -21.39 -42.44 25.32
CA PHE H 383 -22.09 -43.18 24.27
C PHE H 383 -23.32 -43.87 24.83
N VAL H 384 -23.11 -44.79 25.76
CA VAL H 384 -24.19 -45.61 26.29
C VAL H 384 -25.26 -44.79 27.02
N ILE H 385 -24.86 -43.97 27.99
CA ILE H 385 -25.85 -43.23 28.78
C ILE H 385 -26.68 -42.27 27.92
N CYS H 386 -26.00 -41.44 27.13
CA CYS H 386 -26.70 -40.50 26.27
C CYS H 386 -27.64 -41.16 25.26
N LYS H 387 -27.30 -42.38 24.85
CA LYS H 387 -28.15 -43.15 23.94
C LYS H 387 -29.40 -43.67 24.66
N ARG H 388 -29.20 -44.19 25.88
CA ARG H 388 -30.29 -44.67 26.71
C ARG H 388 -31.29 -43.56 27.06
N GLY H 389 -30.83 -42.32 27.07
CA GLY H 389 -31.63 -41.19 27.49
C GLY H 389 -32.97 -41.08 26.78
N MET H 390 -32.96 -41.25 25.46
CA MET H 390 -34.18 -41.12 24.66
C MET H 390 -35.27 -42.15 25.03
N PRO H 391 -34.96 -43.45 24.92
CA PRO H 391 -35.98 -44.46 25.23
C PRO H 391 -36.43 -44.38 26.68
N PHE H 392 -35.50 -44.04 27.58
CA PHE H 392 -35.77 -44.01 29.01
C PHE H 392 -36.76 -42.92 29.34
N VAL H 393 -36.47 -41.68 28.93
CA VAL H 393 -37.37 -40.57 29.19
C VAL H 393 -38.72 -40.80 28.52
N ALA H 394 -38.71 -41.40 27.35
CA ALA H 394 -39.94 -41.70 26.62
C ALA H 394 -40.81 -42.64 27.44
N GLU H 395 -40.17 -43.60 28.10
CA GLU H 395 -40.89 -44.52 28.97
C GLU H 395 -41.52 -43.77 30.14
N ALA H 396 -40.72 -42.91 30.78
CA ALA H 396 -41.23 -42.11 31.89
C ALA H 396 -42.43 -41.33 31.39
N MET H 397 -42.29 -40.72 30.23
CA MET H 397 -43.39 -39.96 29.64
C MET H 397 -44.64 -40.84 29.53
N GLU H 398 -44.45 -42.09 29.15
CA GLU H 398 -45.57 -42.98 28.92
C GLU H 398 -46.21 -43.46 30.22
N VAL H 399 -45.46 -43.38 31.31
CA VAL H 399 -45.99 -43.73 32.62
C VAL H 399 -47.08 -42.73 33.00
N LEU H 400 -46.86 -41.46 32.71
CA LEU H 400 -47.84 -40.41 32.95
C LEU H 400 -49.00 -40.49 31.96
N GLY H 401 -48.72 -41.00 30.75
CA GLY H 401 -49.72 -41.12 29.71
C GLY H 401 -49.91 -39.84 28.90
N GLY H 402 -51.16 -39.55 28.56
CA GLY H 402 -51.47 -38.40 27.74
C GLY H 402 -50.93 -37.08 28.26
N ILE H 403 -51.10 -36.84 29.57
CA ILE H 403 -50.66 -35.57 30.14
C ILE H 403 -49.15 -35.41 30.07
N GLY H 404 -48.43 -36.53 29.94
CA GLY H 404 -46.99 -36.51 29.79
C GLY H 404 -46.54 -36.06 28.40
N TYR H 405 -47.48 -36.00 27.46
CA TYR H 405 -47.18 -35.64 26.09
C TYR H 405 -47.53 -34.19 25.84
N CYS H 406 -47.92 -33.49 26.89
CA CYS H 406 -48.32 -32.08 26.79
C CYS H 406 -47.24 -31.17 27.37
N GLU H 407 -47.01 -30.04 26.71
CA GLU H 407 -45.91 -29.15 27.09
C GLU H 407 -46.04 -28.49 28.47
N GLU H 408 -47.18 -28.66 29.11
CA GLU H 408 -47.35 -28.17 30.48
C GLU H 408 -46.59 -29.07 31.44
N SER H 409 -46.29 -30.29 30.99
CA SER H 409 -45.51 -31.25 31.77
C SER H 409 -44.03 -31.05 31.48
N GLU H 410 -43.20 -31.47 32.44
CA GLU H 410 -41.76 -31.36 32.28
C GLU H 410 -41.22 -32.36 31.27
N LEU H 411 -41.95 -33.44 31.06
CA LEU H 411 -41.46 -34.55 30.24
C LEU H 411 -41.08 -34.18 28.80
N PRO H 412 -41.98 -33.51 28.08
CA PRO H 412 -41.60 -33.17 26.70
C PRO H 412 -40.29 -32.39 26.62
N ARG H 413 -40.09 -31.40 27.48
CA ARG H 413 -38.87 -30.61 27.45
C ARG H 413 -37.63 -31.48 27.65
N LEU H 414 -37.75 -32.44 28.57
CA LEU H 414 -36.69 -33.40 28.85
C LEU H 414 -36.47 -34.30 27.65
N TYR H 415 -37.56 -34.85 27.14
CA TYR H 415 -37.51 -35.72 25.97
C TYR H 415 -36.88 -35.01 24.78
N ARG H 416 -37.16 -33.71 24.65
CA ARG H 416 -36.63 -32.92 23.55
C ARG H 416 -35.15 -32.58 23.74
N GLU H 417 -34.69 -32.66 24.98
CA GLU H 417 -33.30 -32.34 25.31
C GLU H 417 -32.35 -33.49 25.00
N MET H 418 -32.80 -34.70 25.29
CA MET H 418 -31.95 -35.89 25.32
C MET H 418 -30.98 -36.05 24.14
N PRO H 419 -31.47 -35.84 22.90
CA PRO H 419 -30.61 -36.11 21.75
C PRO H 419 -29.40 -35.17 21.65
N VAL H 420 -29.54 -33.96 22.17
CA VAL H 420 -28.44 -33.01 22.08
C VAL H 420 -27.18 -33.54 22.75
N ASN H 421 -27.35 -34.17 23.91
CA ASN H 421 -26.21 -34.73 24.63
C ASN H 421 -25.50 -35.84 23.86
N SER H 422 -26.27 -36.56 23.03
CA SER H 422 -25.70 -37.66 22.27
C SER H 422 -25.03 -37.18 21.00
N ILE H 423 -25.42 -35.99 20.54
CA ILE H 423 -24.87 -35.39 19.33
C ILE H 423 -23.65 -34.51 19.60
N TRP H 424 -23.65 -33.83 20.73
CA TRP H 424 -22.54 -32.96 21.14
C TRP H 424 -21.21 -33.67 21.04
N GLU H 425 -20.16 -32.91 20.72
CA GLU H 425 -18.77 -33.40 20.77
C GLU H 425 -18.54 -34.70 19.99
N GLY H 426 -18.90 -34.72 18.70
CA GLY H 426 -18.56 -35.83 17.84
C GLY H 426 -19.59 -36.94 17.71
N SER H 427 -20.51 -37.01 18.67
CA SER H 427 -21.61 -37.98 18.64
C SER H 427 -21.15 -39.40 19.01
N GLY H 428 -22.13 -40.30 19.08
CA GLY H 428 -21.91 -41.66 19.55
C GLY H 428 -20.79 -42.44 18.87
N ASN H 429 -20.83 -42.53 17.54
CA ASN H 429 -19.81 -43.25 16.81
C ASN H 429 -18.38 -42.80 17.16
N ILE H 430 -18.14 -41.50 17.17
CA ILE H 430 -16.82 -40.96 17.53
C ILE H 430 -16.41 -41.40 18.94
N MET H 431 -17.38 -41.52 19.84
CA MET H 431 -17.10 -41.99 21.18
C MET H 431 -16.58 -43.41 21.12
N CYS H 432 -17.24 -44.24 20.32
CA CYS H 432 -16.89 -45.65 20.23
C CYS H 432 -15.56 -45.84 19.50
N LEU H 433 -15.33 -45.05 18.47
CA LEU H 433 -14.04 -45.06 17.79
C LEU H 433 -12.94 -44.68 18.76
N ASP H 434 -13.24 -43.72 19.65
CA ASP H 434 -12.25 -43.28 20.63
C ASP H 434 -11.95 -44.39 21.64
N VAL H 435 -12.98 -45.13 22.05
CA VAL H 435 -12.81 -46.23 22.98
C VAL H 435 -11.95 -47.34 22.37
N LEU H 436 -12.13 -47.58 21.08
CA LEU H 436 -11.30 -48.56 20.36
C LEU H 436 -9.86 -48.09 20.27
N ARG H 437 -9.68 -46.80 20.00
CA ARG H 437 -8.34 -46.22 19.92
C ARG H 437 -7.59 -46.37 21.25
N VAL H 438 -8.32 -46.29 22.34
CA VAL H 438 -7.71 -46.45 23.66
C VAL H 438 -7.31 -47.89 23.92
N LEU H 439 -8.17 -48.83 23.52
CA LEU H 439 -7.87 -50.24 23.69
C LEU H 439 -6.70 -50.67 22.80
N ASN H 440 -6.49 -49.94 21.71
CA ASN H 440 -5.40 -50.27 20.78
C ASN H 440 -4.11 -49.51 21.08
N LYS H 441 -4.17 -48.19 21.02
CA LYS H 441 -2.97 -47.37 21.14
C LYS H 441 -2.44 -47.19 22.56
N GLN H 442 -3.27 -47.44 23.56
CA GLN H 442 -2.87 -47.19 24.95
C GLN H 442 -2.29 -48.41 25.63
N ALA H 443 -1.22 -48.21 26.39
CA ALA H 443 -0.51 -49.31 27.04
C ALA H 443 -0.95 -49.49 28.49
N GLY H 444 -1.16 -50.74 28.89
CA GLY H 444 -1.56 -51.05 30.25
C GLY H 444 -3.05 -51.03 30.47
N VAL H 445 -3.81 -50.96 29.39
CA VAL H 445 -5.26 -50.92 29.47
C VAL H 445 -5.81 -52.30 29.75
N TYR H 446 -5.36 -53.29 28.98
CA TYR H 446 -5.79 -54.67 29.17
C TYR H 446 -5.46 -55.13 30.58
N ASP H 447 -4.36 -54.63 31.12
CA ASP H 447 -3.96 -54.97 32.48
C ASP H 447 -4.90 -54.32 33.49
N LEU H 448 -5.16 -53.04 33.31
CA LEU H 448 -6.06 -52.29 34.19
C LEU H 448 -7.45 -52.95 34.28
N LEU H 449 -7.95 -53.42 33.14
CA LEU H 449 -9.24 -54.09 33.10
C LEU H 449 -9.19 -55.41 33.86
N SER H 450 -8.20 -56.25 33.54
CA SER H 450 -8.09 -57.55 34.16
C SER H 450 -8.01 -57.46 35.67
N GLU H 451 -7.30 -56.44 36.18
CA GLU H 451 -7.18 -56.25 37.62
C GLU H 451 -8.54 -56.04 38.26
N ALA H 452 -9.42 -55.33 37.55
CA ALA H 452 -10.76 -55.04 38.06
C ALA H 452 -11.65 -56.27 38.02
N PHE H 453 -11.55 -57.05 36.95
CA PHE H 453 -12.39 -58.23 36.76
C PHE H 453 -12.00 -59.35 37.71
N VAL H 454 -10.71 -59.50 37.94
CA VAL H 454 -10.21 -60.52 38.86
C VAL H 454 -10.65 -60.21 40.28
N GLU H 455 -10.78 -58.94 40.60
CA GLU H 455 -11.13 -58.51 41.96
C GLU H 455 -12.57 -58.87 42.34
N VAL H 456 -13.38 -59.27 41.35
CA VAL H 456 -14.77 -59.64 41.60
C VAL H 456 -15.14 -60.98 41.00
N LYS H 457 -14.16 -61.67 40.42
CA LYS H 457 -14.42 -62.96 39.80
C LYS H 457 -15.07 -63.89 40.81
N GLY H 458 -16.02 -64.70 40.34
CA GLY H 458 -16.67 -65.67 41.19
C GLY H 458 -17.86 -65.15 41.98
N GLN H 459 -18.05 -63.83 41.97
CA GLN H 459 -19.15 -63.21 42.70
C GLN H 459 -20.49 -63.37 41.96
N ASP H 460 -20.44 -63.36 40.63
CA ASP H 460 -21.65 -63.49 39.82
C ASP H 460 -21.38 -64.20 38.50
N ARG H 461 -22.16 -65.23 38.23
CA ARG H 461 -21.95 -66.07 37.06
C ARG H 461 -22.14 -65.32 35.76
N TYR H 462 -23.15 -64.45 35.71
CA TYR H 462 -23.45 -63.69 34.51
C TYR H 462 -22.39 -62.64 34.21
N PHE H 463 -21.79 -62.09 35.27
CA PHE H 463 -20.72 -61.13 35.09
C PHE H 463 -19.47 -61.78 34.50
N ASP H 464 -19.09 -62.92 35.06
CA ASP H 464 -17.91 -63.63 34.57
C ASP H 464 -18.09 -64.09 33.12
N ARG H 465 -19.29 -64.56 32.79
CA ARG H 465 -19.59 -64.98 31.43
C ARG H 465 -19.48 -63.78 30.48
N ALA H 466 -19.87 -62.61 30.97
CA ALA H 466 -19.78 -61.39 30.18
C ALA H 466 -18.34 -60.99 29.95
N VAL H 467 -17.52 -61.11 30.99
CA VAL H 467 -16.10 -60.85 30.89
C VAL H 467 -15.44 -61.76 29.85
N ARG H 468 -15.79 -63.03 29.86
CA ARG H 468 -15.23 -63.98 28.92
C ARG H 468 -15.63 -63.66 27.50
N ARG H 469 -16.82 -63.08 27.33
CA ARG H 469 -17.32 -62.73 26.00
C ARG H 469 -16.69 -61.45 25.46
N LEU H 470 -16.33 -60.53 26.36
CA LEU H 470 -15.66 -59.30 25.95
C LEU H 470 -14.23 -59.62 25.50
N GLN H 471 -13.52 -60.40 26.30
CA GLN H 471 -12.16 -60.77 25.97
C GLN H 471 -12.12 -61.53 24.64
N GLN H 472 -13.13 -62.37 24.39
CA GLN H 472 -13.21 -63.10 23.12
C GLN H 472 -13.46 -62.11 22.00
N GLN H 473 -14.13 -61.02 22.31
CA GLN H 473 -14.43 -59.98 21.35
C GLN H 473 -13.24 -59.01 21.17
N LEU H 474 -12.44 -58.87 22.21
CA LEU H 474 -11.25 -58.02 22.17
C LEU H 474 -10.06 -58.74 21.54
N ARG H 475 -10.22 -60.03 21.28
CA ARG H 475 -9.19 -60.80 20.58
C ARG H 475 -9.32 -60.57 19.08
N LYS H 476 -10.53 -60.19 18.66
CA LYS H 476 -10.78 -59.81 17.27
C LYS H 476 -11.64 -58.56 17.23
N PRO H 477 -11.02 -57.38 17.44
CA PRO H 477 -11.74 -56.10 17.43
C PRO H 477 -11.92 -55.58 16.01
N ALA H 478 -12.96 -54.79 15.78
CA ALA H 478 -13.24 -54.28 14.44
C ALA H 478 -14.04 -53.00 14.51
N GLU H 479 -13.65 -52.02 13.70
CA GLU H 479 -14.32 -50.73 13.69
C GLU H 479 -15.86 -50.89 13.67
N GLU H 480 -16.36 -51.85 12.91
CA GLU H 480 -17.81 -52.04 12.82
C GLU H 480 -18.42 -52.57 14.12
N LEU H 481 -17.60 -53.16 14.98
CA LEU H 481 -18.08 -53.66 16.26
C LEU H 481 -17.78 -52.67 17.39
N GLY H 482 -17.45 -51.44 17.02
CA GLY H 482 -17.13 -50.42 17.99
C GLY H 482 -18.23 -50.15 18.99
N ARG H 483 -19.47 -50.26 18.57
CA ARG H 483 -20.59 -50.06 19.49
C ARG H 483 -20.82 -51.26 20.40
N GLU H 484 -20.88 -52.44 19.82
CA GLU H 484 -21.04 -53.67 20.60
C GLU H 484 -19.97 -53.74 21.69
N ILE H 485 -18.73 -53.42 21.32
CA ILE H 485 -17.59 -53.45 22.23
C ILE H 485 -17.72 -52.40 23.32
N THR H 486 -17.98 -51.16 22.91
CA THR H 486 -18.12 -50.06 23.86
C THR H 486 -19.26 -50.33 24.85
N HIS H 487 -20.38 -50.82 24.34
CA HIS H 487 -21.51 -51.13 25.21
C HIS H 487 -21.13 -52.19 26.24
N GLN H 488 -20.53 -53.28 25.76
CA GLN H 488 -20.14 -54.38 26.63
C GLN H 488 -19.17 -53.88 27.70
N LEU H 489 -18.21 -53.06 27.28
CA LEU H 489 -17.22 -52.49 28.19
C LEU H 489 -17.90 -51.67 29.28
N PHE H 490 -18.81 -50.80 28.88
CA PHE H 490 -19.54 -49.97 29.82
C PHE H 490 -20.30 -50.82 30.86
N LEU H 491 -21.03 -51.82 30.38
CA LEU H 491 -21.78 -52.69 31.27
C LEU H 491 -20.87 -53.33 32.31
N LEU H 492 -19.76 -53.92 31.87
CA LEU H 492 -18.79 -54.52 32.78
C LEU H 492 -18.27 -53.50 33.80
N GLY H 493 -18.07 -52.27 33.34
CA GLY H 493 -17.68 -51.19 34.22
C GLY H 493 -18.67 -50.96 35.34
N CYS H 494 -19.95 -50.83 34.99
CA CYS H 494 -21.02 -50.68 36.00
C CYS H 494 -21.11 -51.93 36.85
N GLY H 495 -21.00 -53.09 36.21
CA GLY H 495 -21.07 -54.36 36.91
C GLY H 495 -20.05 -54.47 38.03
N ALA H 496 -18.79 -54.21 37.69
CA ALA H 496 -17.72 -54.24 38.67
C ALA H 496 -18.06 -53.38 39.90
N GLN H 497 -18.55 -52.18 39.66
CA GLN H 497 -18.92 -51.26 40.74
C GLN H 497 -20.09 -51.77 41.57
N MET H 498 -21.07 -52.38 40.90
CA MET H 498 -22.20 -52.93 41.61
C MET H 498 -21.75 -54.07 42.50
N LEU H 499 -20.98 -55.01 41.95
CA LEU H 499 -20.52 -56.16 42.69
C LEU H 499 -19.68 -55.77 43.91
N LYS H 500 -18.86 -54.73 43.76
CA LYS H 500 -17.96 -54.28 44.82
C LYS H 500 -18.68 -53.56 45.97
N TYR H 501 -19.43 -52.52 45.63
CA TYR H 501 -19.94 -51.60 46.65
C TYR H 501 -21.46 -51.58 46.84
N ALA H 502 -22.17 -52.41 46.09
CA ALA H 502 -23.61 -52.52 46.26
C ALA H 502 -23.96 -53.76 47.10
N SER H 503 -25.12 -53.74 47.74
CA SER H 503 -25.57 -54.89 48.51
C SER H 503 -25.64 -56.09 47.57
N PRO H 504 -25.23 -57.27 48.05
CA PRO H 504 -25.21 -58.47 47.22
C PRO H 504 -26.50 -58.73 46.43
N PRO H 505 -27.68 -58.57 47.06
CA PRO H 505 -28.94 -58.78 46.32
C PRO H 505 -29.12 -57.77 45.20
N MET H 506 -28.74 -56.53 45.45
CA MET H 506 -28.79 -55.47 44.44
C MET H 506 -27.83 -55.76 43.27
N ALA H 507 -26.62 -56.20 43.60
CA ALA H 507 -25.63 -56.50 42.57
C ALA H 507 -26.08 -57.68 41.71
N GLN H 508 -26.69 -58.67 42.35
CA GLN H 508 -27.19 -59.83 41.64
C GLN H 508 -28.30 -59.42 40.69
N ALA H 509 -29.21 -58.60 41.19
CA ALA H 509 -30.33 -58.12 40.39
C ALA H 509 -29.81 -57.38 39.16
N TRP H 510 -28.86 -56.48 39.37
CA TRP H 510 -28.31 -55.70 38.27
C TRP H 510 -27.64 -56.60 37.25
N CYS H 511 -26.83 -57.54 37.72
CA CYS H 511 -26.13 -58.46 36.83
C CYS H 511 -27.10 -59.31 36.02
N GLN H 512 -28.13 -59.81 36.69
CA GLN H 512 -29.09 -60.70 36.03
C GLN H 512 -29.86 -59.95 34.94
N VAL H 513 -30.29 -58.73 35.25
CA VAL H 513 -31.04 -57.93 34.29
C VAL H 513 -30.21 -57.49 33.09
N MET H 514 -29.01 -56.98 33.36
CA MET H 514 -28.16 -56.40 32.32
C MET H 514 -27.31 -57.41 31.56
N LEU H 515 -26.99 -58.55 32.19
CA LEU H 515 -25.99 -59.46 31.63
C LEU H 515 -26.49 -60.87 31.32
N ASP H 516 -27.73 -61.18 31.70
CA ASP H 516 -28.32 -62.47 31.37
C ASP H 516 -28.93 -62.40 29.98
N THR H 517 -28.21 -62.95 29.01
CA THR H 517 -28.64 -62.92 27.61
C THR H 517 -29.97 -63.65 27.38
N ARG H 518 -30.21 -64.70 28.17
CA ARG H 518 -31.45 -65.48 28.06
C ARG H 518 -32.70 -64.59 28.18
N GLY H 519 -32.68 -63.68 29.14
CA GLY H 519 -33.81 -62.80 29.38
C GLY H 519 -34.86 -63.43 30.27
N GLY H 520 -36.05 -62.83 30.30
CA GLY H 520 -37.15 -63.34 31.11
C GLY H 520 -36.83 -63.32 32.60
N VAL H 521 -36.11 -62.29 33.03
CA VAL H 521 -35.66 -62.21 34.41
C VAL H 521 -36.69 -61.52 35.31
N ARG H 522 -37.31 -62.30 36.18
CA ARG H 522 -38.20 -61.74 37.19
C ARG H 522 -37.38 -61.29 38.39
N LEU H 523 -37.77 -60.18 39.00
CA LEU H 523 -37.09 -59.72 40.20
C LEU H 523 -37.91 -60.08 41.43
N SER H 524 -37.24 -60.28 42.56
CA SER H 524 -37.94 -60.59 43.81
C SER H 524 -38.76 -59.38 44.26
N GLU H 525 -39.83 -59.64 45.01
CA GLU H 525 -40.67 -58.57 45.51
C GLU H 525 -39.88 -57.65 46.44
N GLN H 526 -38.88 -58.24 47.11
CA GLN H 526 -38.09 -57.50 48.10
C GLN H 526 -37.13 -56.52 47.43
N ILE H 527 -36.50 -56.95 46.34
CA ILE H 527 -35.54 -56.11 45.62
C ILE H 527 -36.25 -55.00 44.85
N GLN H 528 -37.47 -55.27 44.39
CA GLN H 528 -38.26 -54.23 43.73
C GLN H 528 -38.72 -53.18 44.73
N ASN H 529 -39.21 -53.63 45.88
CA ASN H 529 -39.59 -52.72 46.96
C ASN H 529 -38.42 -51.85 47.39
N ASP H 530 -37.22 -52.43 47.36
CA ASP H 530 -36.03 -51.73 47.81
C ASP H 530 -35.57 -50.72 46.77
N LEU H 531 -35.59 -51.12 45.50
CA LEU H 531 -35.21 -50.22 44.42
C LEU H 531 -36.02 -48.92 44.44
N LEU H 532 -37.33 -49.08 44.51
CA LEU H 532 -38.25 -47.94 44.48
C LEU H 532 -38.17 -47.10 45.75
N LEU H 533 -37.83 -47.73 46.87
CA LEU H 533 -37.67 -47.01 48.12
C LEU H 533 -36.40 -46.16 48.07
N ARG H 534 -35.35 -46.69 47.46
CA ARG H 534 -34.08 -45.97 47.36
C ARG H 534 -34.17 -44.81 46.37
N ALA H 535 -35.13 -44.89 45.46
CA ALA H 535 -35.31 -43.86 44.43
C ALA H 535 -36.16 -42.68 44.91
N THR H 536 -36.67 -42.78 46.14
CA THR H 536 -37.43 -41.69 46.74
C THR H 536 -36.76 -41.17 48.02
N GLY H 537 -35.51 -41.58 48.23
CA GLY H 537 -34.77 -41.15 49.40
C GLY H 537 -35.01 -42.05 50.58
N GLY H 538 -34.70 -41.56 51.78
CA GLY H 538 -34.84 -42.35 53.00
C GLY H 538 -33.63 -43.23 53.26
N VAL H 539 -32.63 -43.10 52.41
CA VAL H 539 -31.38 -43.83 52.58
C VAL H 539 -30.26 -42.87 52.96
N CYS H 540 -30.63 -41.62 53.23
CA CYS H 540 -29.68 -40.57 53.55
C CYS H 540 -29.77 -40.15 55.01
N HIS I 2 63.56 -61.03 -16.05
CA HIS I 2 64.31 -60.79 -14.81
C HIS I 2 63.86 -59.51 -14.09
N TRP I 3 63.04 -58.71 -14.76
CA TRP I 3 62.54 -57.46 -14.19
C TRP I 3 61.39 -57.69 -13.19
N GLN I 4 60.69 -58.80 -13.36
CA GLN I 4 59.51 -59.10 -12.55
C GLN I 4 59.87 -59.67 -11.17
N THR I 5 59.01 -59.42 -10.20
CA THR I 5 59.19 -59.95 -8.86
C THR I 5 58.27 -61.14 -8.62
N HIS I 6 57.27 -61.29 -9.49
CA HIS I 6 56.30 -62.35 -9.31
C HIS I 6 55.50 -62.62 -10.58
N THR I 7 54.66 -63.65 -10.54
CA THR I 7 53.74 -63.93 -11.63
C THR I 7 52.30 -63.82 -11.12
N VAL I 8 51.45 -63.13 -11.86
CA VAL I 8 50.07 -62.97 -11.45
C VAL I 8 49.24 -64.15 -11.92
N PHE I 9 48.66 -64.88 -10.98
CA PHE I 9 47.79 -66.00 -11.31
C PHE I 9 46.61 -66.11 -10.33
N ASN I 10 45.68 -67.01 -10.64
CA ASN I 10 44.48 -67.21 -9.84
C ASN I 10 43.63 -65.95 -9.71
N GLN I 11 43.79 -65.04 -10.68
CA GLN I 11 42.97 -63.84 -10.73
C GLN I 11 41.92 -64.00 -11.84
N PRO I 12 40.66 -64.20 -11.44
CA PRO I 12 39.53 -64.42 -12.36
C PRO I 12 39.27 -63.20 -13.24
N ILE I 13 38.79 -63.45 -14.45
CA ILE I 13 38.41 -62.37 -15.35
C ILE I 13 37.03 -61.87 -14.94
N PRO I 14 36.86 -60.54 -14.91
CA PRO I 14 35.58 -59.97 -14.47
C PRO I 14 34.44 -60.27 -15.46
N LEU I 15 33.21 -60.36 -14.96
CA LEU I 15 32.07 -60.66 -15.82
C LEU I 15 31.77 -59.49 -16.74
N ASN I 16 31.80 -59.76 -18.04
CA ASN I 16 31.34 -58.80 -19.04
C ASN I 16 31.09 -59.50 -20.36
N ASN I 17 30.45 -58.79 -21.30
CA ASN I 17 30.08 -59.36 -22.58
C ASN I 17 29.22 -60.64 -22.42
N SER I 18 28.33 -60.62 -21.44
CA SER I 18 27.36 -61.68 -21.26
C SER I 18 25.99 -61.15 -21.66
N ASN I 19 24.98 -62.01 -21.63
CA ASN I 19 23.63 -61.61 -21.95
C ASN I 19 22.82 -61.51 -20.67
N LEU I 20 22.53 -60.28 -20.26
CA LEU I 20 21.87 -60.01 -18.98
C LEU I 20 20.53 -60.74 -18.86
N TYR I 21 19.89 -60.98 -20.01
CA TYR I 21 18.60 -61.65 -20.05
C TYR I 21 18.74 -63.17 -20.11
N LEU I 22 19.39 -63.66 -21.16
CA LEU I 22 19.51 -65.11 -21.38
C LEU I 22 20.25 -65.88 -20.30
N SER I 23 20.92 -65.15 -19.40
CA SER I 23 21.65 -65.78 -18.32
C SER I 23 20.81 -65.86 -17.05
N ASP I 24 19.55 -65.44 -17.14
CA ASP I 24 18.66 -65.39 -15.98
C ASP I 24 17.47 -66.34 -16.18
N GLY I 25 17.66 -67.61 -15.83
CA GLY I 25 16.63 -68.61 -16.01
C GLY I 25 15.28 -68.20 -15.45
N ALA I 26 15.29 -67.78 -14.17
CA ALA I 26 14.06 -67.39 -13.49
C ALA I 26 13.31 -66.28 -14.23
N LEU I 27 14.06 -65.37 -14.85
CA LEU I 27 13.46 -64.25 -15.57
C LEU I 27 12.82 -64.69 -16.89
N CYS I 28 13.51 -65.53 -17.65
CA CYS I 28 12.97 -66.05 -18.91
C CYS I 28 11.64 -66.76 -18.68
N GLU I 29 11.61 -67.62 -17.68
CA GLU I 29 10.41 -68.36 -17.33
C GLU I 29 9.30 -67.41 -16.90
N ALA I 30 9.65 -66.41 -16.10
CA ALA I 30 8.67 -65.46 -15.59
C ALA I 30 8.00 -64.68 -16.72
N VAL I 31 8.81 -64.16 -17.64
CA VAL I 31 8.33 -63.38 -18.77
C VAL I 31 7.30 -64.14 -19.61
N THR I 32 7.61 -65.40 -19.88
CA THR I 32 6.74 -66.24 -20.68
C THR I 32 5.48 -66.62 -19.90
N ARG I 33 5.67 -66.98 -18.64
CA ARG I 33 4.57 -67.35 -17.77
C ARG I 33 3.59 -66.20 -17.54
N GLU I 34 4.09 -64.97 -17.54
CA GLU I 34 3.25 -63.82 -17.20
C GLU I 34 2.74 -63.07 -18.43
N GLY I 35 2.80 -63.73 -19.58
CA GLY I 35 2.15 -63.24 -20.78
C GLY I 35 2.90 -62.18 -21.56
N ALA I 36 4.23 -62.17 -21.43
CA ALA I 36 5.04 -61.23 -22.18
C ALA I 36 6.03 -61.97 -23.06
N GLY I 37 5.72 -63.23 -23.35
CA GLY I 37 6.56 -64.06 -24.19
C GLY I 37 6.85 -63.45 -25.56
N TRP I 38 5.96 -62.58 -26.02
CA TRP I 38 6.15 -61.93 -27.31
C TRP I 38 7.38 -61.01 -27.31
N ASP I 39 7.88 -60.66 -26.13
CA ASP I 39 9.00 -59.74 -26.02
C ASP I 39 10.33 -60.48 -25.83
N SER I 40 10.27 -61.81 -25.80
CA SER I 40 11.45 -62.62 -25.53
C SER I 40 12.64 -62.37 -26.48
N ASP I 41 12.37 -62.29 -27.78
CA ASP I 41 13.42 -62.05 -28.75
C ASP I 41 14.07 -60.69 -28.51
N PHE I 42 13.23 -59.68 -28.32
CA PHE I 42 13.71 -58.32 -28.05
C PHE I 42 14.52 -58.27 -26.75
N LEU I 43 14.00 -58.89 -25.69
CA LEU I 43 14.71 -58.94 -24.41
C LEU I 43 16.11 -59.54 -24.57
N ALA I 44 16.22 -60.62 -25.33
CA ALA I 44 17.52 -61.25 -25.54
C ALA I 44 18.41 -60.33 -26.35
N SER I 45 17.78 -59.58 -27.25
CA SER I 45 18.51 -58.63 -28.08
C SER I 45 19.17 -57.53 -27.24
N ILE I 46 18.38 -56.85 -26.41
CA ILE I 46 18.93 -55.81 -25.55
C ILE I 46 19.76 -56.41 -24.42
N GLY I 47 19.39 -57.61 -23.98
CA GLY I 47 20.14 -58.32 -22.97
C GLY I 47 21.61 -58.44 -23.38
N GLN I 48 21.83 -58.69 -24.66
CA GLN I 48 23.18 -58.79 -25.20
C GLN I 48 23.83 -57.41 -25.29
N GLN I 49 23.11 -56.45 -25.86
CA GLN I 49 23.63 -55.10 -26.00
C GLN I 49 24.04 -54.51 -24.65
N LEU I 50 23.15 -54.60 -23.67
CA LEU I 50 23.36 -54.00 -22.36
C LEU I 50 24.47 -54.67 -21.55
N GLY I 51 24.79 -55.91 -21.88
CA GLY I 51 25.73 -56.67 -21.09
C GLY I 51 27.16 -56.59 -21.58
N THR I 52 27.38 -55.79 -22.63
CA THR I 52 28.72 -55.63 -23.19
C THR I 52 29.60 -54.77 -22.28
N ALA I 53 30.92 -54.90 -22.45
CA ALA I 53 31.85 -54.08 -21.70
C ALA I 53 31.64 -52.59 -22.00
N GLU I 54 31.37 -52.28 -23.26
CA GLU I 54 31.16 -50.90 -23.68
C GLU I 54 30.00 -50.30 -22.92
N SER I 55 28.98 -51.12 -22.69
CA SER I 55 27.78 -50.69 -21.97
C SER I 55 28.06 -50.45 -20.50
N LEU I 56 28.71 -51.42 -19.86
CA LEU I 56 29.08 -51.32 -18.45
C LEU I 56 29.98 -50.12 -18.18
N GLU I 57 30.79 -49.77 -19.17
CA GLU I 57 31.69 -48.63 -19.03
C GLU I 57 30.88 -47.34 -18.97
N LEU I 58 29.80 -47.28 -19.74
CA LEU I 58 28.92 -46.12 -19.72
C LEU I 58 28.40 -45.92 -18.31
N GLY I 59 27.99 -47.03 -17.69
CA GLY I 59 27.52 -46.99 -16.33
C GLY I 59 28.55 -46.38 -15.40
N ARG I 60 29.78 -46.87 -15.48
CA ARG I 60 30.86 -46.34 -14.67
C ARG I 60 31.08 -44.85 -14.91
N LEU I 61 31.15 -44.46 -16.18
CA LEU I 61 31.45 -43.08 -16.55
C LEU I 61 30.41 -42.10 -16.01
N ALA I 62 29.14 -42.50 -16.12
CA ALA I 62 28.04 -41.66 -15.66
C ALA I 62 28.11 -41.41 -14.16
N ASN I 63 28.64 -42.38 -13.41
CA ASN I 63 28.75 -42.24 -11.96
C ASN I 63 30.02 -41.55 -11.43
N VAL I 64 31.18 -41.85 -12.02
CA VAL I 64 32.42 -41.23 -11.55
C VAL I 64 32.62 -39.84 -12.13
N ASN I 65 31.79 -39.48 -13.12
CA ASN I 65 31.73 -38.12 -13.63
C ASN I 65 30.35 -37.54 -13.41
N PRO I 66 29.97 -37.32 -12.14
CA PRO I 66 28.62 -36.87 -11.80
C PRO I 66 28.32 -35.49 -12.35
N PRO I 67 27.04 -35.15 -12.48
CA PRO I 67 26.60 -33.86 -13.04
C PRO I 67 27.10 -32.65 -12.25
N GLU I 68 27.28 -31.53 -12.96
CA GLU I 68 27.63 -30.26 -12.35
C GLU I 68 26.40 -29.37 -12.35
N LEU I 69 26.15 -28.69 -11.24
CA LEU I 69 25.10 -27.69 -11.20
C LEU I 69 25.64 -26.36 -11.72
N LEU I 70 24.97 -25.81 -12.72
CA LEU I 70 25.33 -24.51 -13.26
C LEU I 70 24.27 -23.49 -12.86
N ARG I 71 24.52 -22.76 -11.77
CA ARG I 71 23.57 -21.77 -11.29
C ARG I 71 23.69 -20.46 -12.09
N TYR I 72 24.92 -20.10 -12.44
CA TYR I 72 25.19 -18.86 -13.14
C TYR I 72 26.06 -19.12 -14.35
N ASP I 73 26.06 -18.19 -15.31
CA ASP I 73 27.02 -18.23 -16.40
C ASP I 73 28.23 -17.34 -16.06
N ALA I 74 29.14 -17.17 -17.01
CA ALA I 74 30.35 -16.42 -16.77
C ALA I 74 30.10 -14.90 -16.70
N GLN I 75 28.88 -14.49 -17.02
CA GLN I 75 28.50 -13.08 -17.01
C GLN I 75 27.74 -12.69 -15.76
N GLY I 76 27.37 -13.68 -14.96
CA GLY I 76 26.70 -13.42 -13.70
C GLY I 76 25.19 -13.46 -13.81
N ARG I 77 24.71 -13.99 -14.92
CA ARG I 77 23.28 -14.19 -15.10
C ARG I 77 22.88 -15.58 -14.66
N ARG I 78 21.71 -15.68 -14.07
CA ARG I 78 21.15 -16.94 -13.61
C ARG I 78 21.02 -17.90 -14.78
N LEU I 79 21.42 -19.15 -14.57
CA LEU I 79 21.43 -20.13 -15.66
C LEU I 79 20.53 -21.32 -15.32
N ASP I 80 20.68 -21.82 -14.10
CA ASP I 80 19.82 -22.88 -13.59
C ASP I 80 19.79 -24.12 -14.47
N ASP I 81 20.95 -24.62 -14.85
CA ASP I 81 21.03 -25.80 -15.69
C ASP I 81 21.96 -26.85 -15.06
N VAL I 82 21.96 -28.05 -15.62
CA VAL I 82 22.80 -29.14 -15.13
C VAL I 82 23.54 -29.79 -16.28
N ARG I 83 24.85 -29.97 -16.11
CA ARG I 83 25.69 -30.49 -17.19
C ARG I 83 26.17 -31.91 -16.90
N PHE I 84 25.85 -32.84 -17.82
CA PHE I 84 26.18 -34.26 -17.62
C PHE I 84 27.35 -34.72 -18.48
N HIS I 85 27.97 -35.82 -18.07
CA HIS I 85 28.92 -36.52 -18.92
C HIS I 85 28.14 -37.17 -20.07
N PRO I 86 28.76 -37.22 -21.25
CA PRO I 86 28.13 -37.81 -22.45
C PRO I 86 27.51 -39.19 -22.19
N ALA I 87 28.10 -39.94 -21.26
CA ALA I 87 27.66 -41.29 -20.98
C ALA I 87 26.25 -41.26 -20.44
N TRP I 88 25.93 -40.22 -19.68
CA TRP I 88 24.59 -40.08 -19.14
C TRP I 88 23.58 -40.05 -20.27
N HIS I 89 23.78 -39.14 -21.21
CA HIS I 89 22.85 -39.01 -22.33
C HIS I 89 22.75 -40.29 -23.16
N LEU I 90 23.87 -40.98 -23.34
CA LEU I 90 23.85 -42.24 -24.07
C LEU I 90 22.96 -43.27 -23.40
N LEU I 91 23.01 -43.33 -22.06
CA LEU I 91 22.18 -44.24 -21.30
C LEU I 91 20.70 -43.89 -21.47
N MET I 92 20.40 -42.60 -21.40
CA MET I 92 19.04 -42.09 -21.58
C MET I 92 18.48 -42.45 -22.96
N GLN I 93 19.31 -42.30 -23.99
CA GLN I 93 18.87 -42.63 -25.35
C GLN I 93 18.35 -44.05 -25.42
N ALA I 94 19.12 -44.97 -24.84
CA ALA I 94 18.79 -46.39 -24.92
C ALA I 94 17.55 -46.70 -24.11
N LEU I 95 17.45 -46.11 -22.92
CA LEU I 95 16.31 -46.32 -22.05
C LEU I 95 15.01 -45.91 -22.76
N CYS I 96 15.03 -44.76 -23.42
CA CYS I 96 13.86 -44.26 -24.12
C CYS I 96 13.60 -45.01 -25.42
N THR I 97 14.66 -45.40 -26.12
CA THR I 97 14.50 -46.20 -27.33
C THR I 97 13.82 -47.51 -26.94
N ASN I 98 14.20 -48.06 -25.79
CA ASN I 98 13.63 -49.32 -25.33
C ASN I 98 12.30 -49.09 -24.60
N ARG I 99 11.83 -47.85 -24.65
CA ARG I 99 10.53 -47.49 -24.10
C ARG I 99 10.30 -47.92 -22.65
N VAL I 100 11.36 -47.90 -21.85
CA VAL I 100 11.25 -48.26 -20.43
C VAL I 100 10.39 -47.23 -19.70
N HIS I 101 10.18 -46.08 -20.33
CA HIS I 101 9.46 -44.98 -19.71
C HIS I 101 7.99 -44.92 -20.10
N ASN I 102 7.60 -45.62 -21.17
CA ASN I 102 6.21 -45.51 -21.63
C ASN I 102 5.58 -46.72 -22.30
N LEU I 103 6.33 -47.80 -22.48
CA LEU I 103 5.83 -48.97 -23.20
C LEU I 103 4.37 -49.29 -22.89
N ALA I 104 4.02 -49.26 -21.62
CA ALA I 104 2.69 -49.65 -21.17
C ALA I 104 1.59 -48.65 -21.56
N TRP I 105 1.98 -47.45 -21.95
CA TRP I 105 1.03 -46.36 -22.15
C TRP I 105 0.80 -46.04 -23.62
N GLU I 106 1.44 -46.79 -24.51
CA GLU I 106 1.21 -46.64 -25.93
C GLU I 106 -0.25 -46.94 -26.23
N GLU I 107 -0.82 -46.25 -27.21
CA GLU I 107 -2.25 -46.37 -27.49
C GLU I 107 -2.64 -47.76 -27.97
N ASP I 108 -1.69 -48.48 -28.55
CA ASP I 108 -1.94 -49.84 -29.02
C ASP I 108 -1.12 -50.86 -28.25
N ALA I 109 -0.75 -50.51 -27.03
CA ALA I 109 0.02 -51.42 -26.18
C ALA I 109 -0.73 -52.73 -26.01
N ARG I 110 -0.05 -53.84 -26.23
CA ARG I 110 -0.69 -55.15 -26.16
C ARG I 110 -0.69 -55.70 -24.75
N SER I 111 -1.31 -56.85 -24.57
CA SER I 111 -1.38 -57.47 -23.26
C SER I 111 -0.01 -57.95 -22.82
N GLY I 112 0.35 -57.69 -21.57
CA GLY I 112 1.64 -58.11 -21.03
C GLY I 112 2.66 -56.99 -21.07
N ALA I 113 2.27 -55.84 -21.59
CA ALA I 113 3.17 -54.71 -21.74
C ALA I 113 3.85 -54.30 -20.44
N PHE I 114 3.10 -54.28 -19.34
CA PHE I 114 3.66 -53.89 -18.04
C PHE I 114 4.72 -54.90 -17.62
N VAL I 115 4.44 -56.18 -17.85
CA VAL I 115 5.39 -57.25 -17.55
C VAL I 115 6.63 -57.19 -18.42
N ALA I 116 6.44 -57.07 -19.73
CA ALA I 116 7.55 -56.87 -20.67
C ALA I 116 8.43 -55.69 -20.25
N ARG I 117 7.79 -54.54 -20.02
CA ARG I 117 8.48 -53.33 -19.63
C ARG I 117 9.27 -53.54 -18.35
N ALA I 118 8.74 -54.39 -17.47
CA ALA I 118 9.39 -54.64 -16.20
C ALA I 118 10.69 -55.39 -16.43
N ALA I 119 10.64 -56.32 -17.38
CA ALA I 119 11.84 -57.05 -17.76
C ALA I 119 12.87 -56.14 -18.42
N ARG I 120 12.42 -55.25 -19.29
CA ARG I 120 13.34 -54.33 -19.93
C ARG I 120 14.01 -53.47 -18.89
N PHE I 121 13.21 -52.99 -17.92
CA PHE I 121 13.71 -52.19 -16.81
C PHE I 121 14.79 -52.93 -16.03
N MET I 122 14.47 -54.16 -15.63
CA MET I 122 15.38 -54.99 -14.85
C MET I 122 16.75 -55.19 -15.50
N LEU I 123 16.77 -55.30 -16.83
CA LEU I 123 18.04 -55.42 -17.53
C LEU I 123 18.88 -54.14 -17.40
N HIS I 124 18.29 -53.02 -17.79
CA HIS I 124 18.96 -51.74 -17.67
C HIS I 124 19.49 -51.52 -16.25
N ALA I 125 18.66 -51.81 -15.26
CA ALA I 125 19.01 -51.58 -13.86
C ALA I 125 20.33 -52.25 -13.46
N GLN I 126 20.68 -53.35 -14.13
CA GLN I 126 21.90 -54.08 -13.81
C GLN I 126 23.13 -53.33 -14.32
N VAL I 127 22.93 -52.48 -15.31
CA VAL I 127 24.02 -51.70 -15.88
C VAL I 127 24.27 -50.42 -15.06
N GLU I 128 23.22 -49.60 -14.96
CA GLU I 128 23.31 -48.30 -14.30
C GLU I 128 21.97 -47.97 -13.64
N ALA I 129 22.03 -47.40 -12.44
CA ALA I 129 20.83 -47.19 -11.63
C ALA I 129 20.34 -45.75 -11.60
N GLY I 130 21.27 -44.80 -11.57
CA GLY I 130 20.90 -43.40 -11.50
C GLY I 130 19.95 -43.02 -12.63
N SER I 131 20.26 -43.48 -13.83
CA SER I 131 19.47 -43.17 -15.01
C SER I 131 18.04 -43.67 -14.93
N LEU I 132 17.79 -44.62 -14.03
CA LEU I 132 16.44 -45.16 -13.83
C LEU I 132 15.49 -44.16 -13.18
N CYS I 133 16.04 -43.19 -12.46
CA CYS I 133 15.20 -42.27 -11.71
C CYS I 133 14.25 -41.44 -12.59
N PRO I 134 14.79 -40.75 -13.61
CA PRO I 134 13.90 -40.03 -14.53
C PRO I 134 12.93 -40.99 -15.24
N ILE I 135 13.40 -42.19 -15.56
CA ILE I 135 12.56 -43.17 -16.25
C ILE I 135 11.41 -43.63 -15.37
N THR I 136 11.72 -43.95 -14.11
CA THR I 136 10.70 -44.39 -13.15
C THR I 136 9.63 -43.32 -12.97
N MET I 137 10.05 -42.07 -12.81
CA MET I 137 9.13 -40.98 -12.55
C MET I 137 8.28 -40.70 -13.77
N THR I 138 8.92 -40.61 -14.94
CA THR I 138 8.19 -40.37 -16.18
C THR I 138 7.20 -41.50 -16.45
N PHE I 139 7.60 -42.72 -16.17
CA PHE I 139 6.74 -43.88 -16.39
C PHE I 139 5.47 -43.77 -15.54
N ALA I 140 5.65 -43.38 -14.29
CA ALA I 140 4.53 -43.35 -13.34
C ALA I 140 3.62 -42.16 -13.62
N ALA I 141 4.20 -41.08 -14.11
CA ALA I 141 3.46 -39.84 -14.31
C ALA I 141 2.71 -39.78 -15.63
N THR I 142 3.22 -40.49 -16.63
CA THR I 142 2.67 -40.39 -17.98
C THR I 142 1.17 -40.65 -18.06
N PRO I 143 0.70 -41.79 -17.51
CA PRO I 143 -0.74 -42.09 -17.57
C PRO I 143 -1.56 -40.95 -17.00
N LEU I 144 -1.08 -40.36 -15.92
CA LEU I 144 -1.75 -39.24 -15.28
C LEU I 144 -1.83 -38.03 -16.21
N LEU I 145 -0.68 -37.59 -16.72
CA LEU I 145 -0.63 -36.44 -17.62
C LEU I 145 -1.48 -36.61 -18.89
N LEU I 146 -1.44 -37.80 -19.49
CA LEU I 146 -2.13 -38.02 -20.76
C LEU I 146 -3.60 -37.64 -20.70
N GLN I 147 -4.21 -37.76 -19.53
CA GLN I 147 -5.63 -37.43 -19.40
C GLN I 147 -5.93 -36.19 -18.55
N MET I 148 -4.90 -35.50 -18.08
CA MET I 148 -5.09 -34.31 -17.25
C MET I 148 -4.31 -33.10 -17.73
N LEU I 149 -3.55 -33.23 -18.81
CA LEU I 149 -2.75 -32.12 -19.32
C LEU I 149 -3.61 -30.86 -19.46
N PRO I 150 -3.14 -29.76 -18.86
CA PRO I 150 -3.81 -28.46 -19.04
C PRO I 150 -3.80 -28.05 -20.52
N ALA I 151 -4.70 -27.15 -20.90
CA ALA I 151 -4.85 -26.78 -22.30
C ALA I 151 -3.57 -26.36 -23.03
N PRO I 152 -2.76 -25.49 -22.40
CA PRO I 152 -1.56 -24.97 -23.08
C PRO I 152 -0.52 -26.04 -23.41
N PHE I 153 -0.73 -27.27 -22.93
CA PHE I 153 0.28 -28.32 -23.07
C PHE I 153 -0.29 -29.61 -23.69
N GLN I 154 -1.36 -29.48 -24.48
CA GLN I 154 -1.96 -30.64 -25.10
C GLN I 154 -1.02 -31.24 -26.15
N ASP I 155 -0.12 -30.40 -26.67
CA ASP I 155 0.84 -30.86 -27.68
C ASP I 155 2.01 -31.63 -27.06
N TRP I 156 1.88 -31.98 -25.78
CA TRP I 156 2.86 -32.83 -25.10
C TRP I 156 2.52 -34.30 -25.31
N THR I 157 1.29 -34.58 -25.72
CA THR I 157 0.83 -35.95 -25.88
C THR I 157 1.73 -36.77 -26.81
N THR I 158 2.05 -36.22 -27.99
CA THR I 158 2.88 -36.93 -28.95
C THR I 158 4.27 -37.29 -28.42
N PRO I 159 5.01 -36.30 -27.88
CA PRO I 159 6.33 -36.57 -27.29
C PRO I 159 6.28 -37.53 -26.11
N LEU I 160 5.24 -37.41 -25.28
CA LEU I 160 5.07 -38.29 -24.14
C LEU I 160 4.96 -39.75 -24.54
N LEU I 161 4.62 -40.01 -25.80
CA LEU I 161 4.42 -41.37 -26.29
C LEU I 161 5.54 -41.83 -27.23
N SER I 162 6.58 -41.02 -27.37
CA SER I 162 7.66 -41.35 -28.31
C SER I 162 8.72 -42.27 -27.71
N ASP I 163 9.65 -42.71 -28.54
CA ASP I 163 10.77 -43.52 -28.07
C ASP I 163 12.09 -42.73 -28.16
N ARG I 164 11.98 -41.41 -28.08
CA ARG I 164 13.13 -40.54 -28.30
C ARG I 164 13.43 -39.66 -27.10
N TYR I 165 14.55 -39.94 -26.44
CA TYR I 165 15.09 -39.03 -25.46
C TYR I 165 15.46 -37.73 -26.15
N ASP I 166 15.14 -36.60 -25.52
CA ASP I 166 15.47 -35.30 -26.09
C ASP I 166 15.99 -34.36 -25.00
N SER I 167 17.28 -34.05 -25.08
CA SER I 167 17.93 -33.26 -24.05
C SER I 167 17.97 -31.78 -24.35
N HIS I 168 17.36 -31.37 -25.46
CA HIS I 168 17.39 -29.97 -25.83
C HIS I 168 16.80 -29.10 -24.73
N LEU I 169 17.41 -27.94 -24.53
CA LEU I 169 16.92 -26.99 -23.53
C LEU I 169 15.80 -26.13 -24.13
N LEU I 170 14.68 -26.77 -24.42
CA LEU I 170 13.52 -26.09 -25.01
C LEU I 170 12.22 -26.40 -24.27
N PRO I 171 11.18 -25.60 -24.51
CA PRO I 171 9.84 -25.93 -24.01
C PRO I 171 9.41 -27.32 -24.47
N GLY I 172 8.68 -28.05 -23.63
CA GLY I 172 8.31 -29.42 -23.93
C GLY I 172 7.66 -29.63 -25.28
N GLY I 173 6.75 -28.73 -25.66
CA GLY I 173 6.00 -28.86 -26.89
C GLY I 173 6.86 -28.92 -28.14
N GLN I 174 8.07 -28.38 -28.04
CA GLN I 174 8.98 -28.33 -29.18
C GLN I 174 9.95 -29.52 -29.19
N LYS I 175 9.77 -30.46 -28.25
CA LYS I 175 10.69 -31.57 -28.11
C LYS I 175 10.13 -32.90 -28.62
N ARG I 176 11.01 -33.86 -28.88
CA ARG I 176 10.59 -35.14 -29.43
C ARG I 176 10.35 -36.20 -28.35
N GLY I 177 10.72 -35.89 -27.12
CA GLY I 177 10.48 -36.78 -25.99
C GLY I 177 10.61 -36.01 -24.69
N LEU I 178 9.95 -36.48 -23.63
CA LEU I 178 9.88 -35.72 -22.38
C LEU I 178 10.25 -36.53 -21.13
N LEU I 179 10.59 -35.81 -20.07
CA LEU I 179 10.85 -36.43 -18.77
C LEU I 179 10.08 -35.69 -17.70
N ILE I 180 9.37 -36.44 -16.86
CA ILE I 180 8.57 -35.84 -15.79
C ILE I 180 9.12 -36.19 -14.41
N GLY I 181 9.31 -35.17 -13.59
CA GLY I 181 9.84 -35.36 -12.24
C GLY I 181 8.78 -35.19 -11.16
N MET I 182 9.19 -35.27 -9.91
CA MET I 182 8.25 -35.19 -8.80
C MET I 182 8.79 -34.42 -7.60
N GLY I 183 8.10 -33.35 -7.22
CA GLY I 183 8.52 -32.52 -6.12
C GLY I 183 7.58 -32.59 -4.94
N MET I 184 7.87 -33.47 -4.00
CA MET I 184 7.04 -33.63 -2.81
C MET I 184 7.77 -33.23 -1.54
N THR I 185 8.87 -33.93 -1.26
CA THR I 185 9.62 -33.77 -0.01
C THR I 185 10.02 -32.32 0.26
N GLU I 186 9.85 -31.90 1.52
CA GLU I 186 10.38 -30.62 1.96
C GLU I 186 11.26 -30.84 3.18
N LYS I 187 11.88 -29.77 3.66
CA LYS I 187 12.81 -29.88 4.78
C LYS I 187 12.15 -30.40 6.05
N GLN I 188 10.86 -30.10 6.22
CA GLN I 188 10.15 -30.48 7.44
C GLN I 188 9.58 -31.89 7.37
N GLY I 189 9.48 -32.45 6.17
CA GLY I 189 8.97 -33.81 6.04
C GLY I 189 8.94 -34.38 4.64
N GLY I 190 9.17 -35.69 4.56
CA GLY I 190 9.09 -36.40 3.31
C GLY I 190 7.96 -37.41 3.31
N SER I 191 7.82 -38.13 4.42
CA SER I 191 6.75 -39.10 4.60
C SER I 191 5.44 -38.36 4.85
N ASP I 192 5.50 -37.36 5.72
CA ASP I 192 4.34 -36.58 6.08
C ASP I 192 4.29 -35.34 5.18
N VAL I 193 3.67 -35.48 4.02
CA VAL I 193 3.60 -34.38 3.05
C VAL I 193 2.57 -33.34 3.42
N MET I 194 1.64 -33.68 4.32
CA MET I 194 0.64 -32.72 4.77
C MET I 194 1.30 -31.49 5.40
N SER I 195 2.58 -31.64 5.80
CA SER I 195 3.34 -30.59 6.44
C SER I 195 4.05 -29.63 5.46
N ASN I 196 3.84 -29.86 4.16
CA ASN I 196 4.36 -28.96 3.13
C ASN I 196 3.97 -27.52 3.43
N THR I 197 4.86 -26.57 3.12
CA THR I 197 4.56 -25.15 3.29
C THR I 197 4.73 -24.38 1.99
N THR I 198 4.88 -25.11 0.89
CA THR I 198 4.90 -24.49 -0.42
C THR I 198 3.46 -24.12 -0.74
N ARG I 199 3.22 -22.83 -0.94
CA ARG I 199 1.85 -22.36 -1.15
C ARG I 199 1.61 -21.94 -2.60
N ALA I 200 0.36 -22.10 -3.04
CA ALA I 200 -0.03 -21.75 -4.39
C ALA I 200 -1.26 -20.84 -4.37
N GLU I 201 -1.13 -19.68 -5.00
CA GLU I 201 -2.25 -18.74 -5.06
C GLU I 201 -2.90 -18.82 -6.43
N ARG I 202 -4.22 -18.94 -6.45
CA ARG I 202 -4.97 -18.99 -7.70
C ARG I 202 -4.81 -17.65 -8.43
N LEU I 203 -4.75 -17.70 -9.75
CA LEU I 203 -4.61 -16.49 -10.56
C LEU I 203 -5.83 -16.30 -11.46
N GLU I 204 -5.81 -15.25 -12.28
CA GLU I 204 -6.93 -14.97 -13.15
C GLU I 204 -7.02 -15.98 -14.29
N ASP I 205 -5.88 -16.28 -14.90
CA ASP I 205 -5.88 -17.17 -16.07
C ASP I 205 -6.17 -18.64 -15.75
N GLY I 206 -6.04 -19.03 -14.48
CA GLY I 206 -6.32 -20.40 -14.08
C GLY I 206 -5.13 -21.10 -13.47
N SER I 207 -3.94 -20.67 -13.88
CA SER I 207 -2.67 -21.10 -13.31
C SER I 207 -2.50 -20.56 -11.88
N TYR I 208 -1.43 -20.99 -11.21
CA TYR I 208 -1.16 -20.57 -9.85
C TYR I 208 0.26 -20.01 -9.71
N ARG I 209 0.46 -19.15 -8.71
CA ARG I 209 1.80 -18.72 -8.35
C ARG I 209 2.29 -19.63 -7.23
N LEU I 210 3.44 -20.25 -7.43
CA LEU I 210 4.01 -21.07 -6.37
C LEU I 210 5.18 -20.38 -5.70
N VAL I 211 5.15 -20.36 -4.37
CA VAL I 211 6.27 -19.88 -3.59
C VAL I 211 6.56 -20.92 -2.53
N GLY I 212 7.81 -21.36 -2.45
CA GLY I 212 8.19 -22.41 -1.52
C GLY I 212 9.54 -23.02 -1.86
N HIS I 213 9.69 -24.30 -1.51
CA HIS I 213 10.94 -25.01 -1.74
C HIS I 213 10.70 -26.52 -1.81
N LYS I 214 11.63 -27.23 -2.43
CA LYS I 214 11.68 -28.68 -2.34
C LYS I 214 13.08 -29.12 -1.94
N TRP I 215 13.15 -30.05 -0.99
CA TRP I 215 14.38 -30.45 -0.30
C TRP I 215 15.16 -31.44 -1.14
N PHE I 216 14.45 -32.41 -1.71
CA PHE I 216 15.02 -33.34 -2.67
C PHE I 216 14.23 -33.26 -3.97
N PHE I 217 14.88 -32.77 -5.02
CA PHE I 217 14.21 -32.45 -6.27
C PHE I 217 15.02 -33.07 -7.39
N SER I 218 14.78 -34.35 -7.65
CA SER I 218 15.58 -35.10 -8.61
C SER I 218 15.24 -34.76 -10.05
N VAL I 219 16.25 -34.90 -10.91
CA VAL I 219 16.09 -34.62 -12.33
C VAL I 219 15.53 -33.22 -12.54
N PRO I 220 16.27 -32.19 -12.09
CA PRO I 220 15.80 -30.82 -12.28
C PRO I 220 15.67 -30.48 -13.76
N GLN I 221 16.36 -31.23 -14.61
CA GLN I 221 16.34 -31.01 -16.05
C GLN I 221 15.09 -31.61 -16.68
N SER I 222 14.20 -32.12 -15.83
CA SER I 222 12.92 -32.63 -16.33
C SER I 222 12.20 -31.51 -17.07
N ASP I 223 11.32 -31.89 -18.00
CA ASP I 223 10.55 -30.90 -18.74
C ASP I 223 9.40 -30.36 -17.90
N ALA I 224 9.04 -31.11 -16.86
CA ALA I 224 8.05 -30.67 -15.89
C ALA I 224 8.12 -31.52 -14.64
N HIS I 225 7.72 -30.94 -13.51
CA HIS I 225 7.59 -31.68 -12.27
C HIS I 225 6.18 -31.57 -11.74
N LEU I 226 5.62 -32.68 -11.28
CA LEU I 226 4.38 -32.65 -10.54
C LEU I 226 4.72 -32.25 -9.10
N VAL I 227 4.25 -31.09 -8.67
CA VAL I 227 4.63 -30.52 -7.39
C VAL I 227 3.43 -30.39 -6.44
N LEU I 228 3.63 -30.75 -5.18
CA LEU I 228 2.59 -30.55 -4.16
C LEU I 228 2.74 -29.19 -3.50
N ALA I 229 1.63 -28.46 -3.40
CA ALA I 229 1.63 -27.16 -2.75
C ALA I 229 0.31 -26.91 -2.02
N GLN I 230 0.36 -26.13 -0.96
CA GLN I 230 -0.85 -25.78 -0.21
C GLN I 230 -1.67 -24.71 -0.94
N THR I 231 -2.98 -24.90 -0.99
CA THR I 231 -3.88 -23.85 -1.45
C THR I 231 -4.94 -23.61 -0.40
N ALA I 232 -5.79 -22.62 -0.63
CA ALA I 232 -6.85 -22.31 0.32
C ALA I 232 -7.77 -23.52 0.47
N GLY I 233 -7.87 -24.33 -0.59
CA GLY I 233 -8.71 -25.50 -0.58
C GLY I 233 -8.05 -26.75 -0.01
N GLY I 234 -6.76 -26.66 0.30
CA GLY I 234 -6.01 -27.80 0.82
C GLY I 234 -4.83 -28.21 -0.05
N LEU I 235 -4.16 -29.29 0.32
CA LEU I 235 -2.96 -29.74 -0.38
C LEU I 235 -3.24 -30.29 -1.79
N SER I 236 -2.71 -29.60 -2.79
CA SER I 236 -3.02 -29.92 -4.18
C SER I 236 -1.78 -30.34 -4.95
N CYS I 237 -2.00 -30.80 -6.18
CA CYS I 237 -0.91 -31.24 -7.04
C CYS I 237 -0.82 -30.36 -8.27
N PHE I 238 0.37 -29.87 -8.58
CA PHE I 238 0.55 -28.94 -9.68
C PHE I 238 1.49 -29.43 -10.78
N PHE I 239 1.12 -29.14 -12.02
CA PHE I 239 1.98 -29.37 -13.16
C PHE I 239 2.85 -28.13 -13.33
N VAL I 240 4.12 -28.24 -12.98
CA VAL I 240 5.02 -27.10 -13.05
C VAL I 240 6.05 -27.31 -14.14
N PRO I 241 5.78 -26.78 -15.34
CA PRO I 241 6.68 -26.97 -16.48
C PRO I 241 7.98 -26.19 -16.30
N ARG I 242 9.05 -26.64 -16.96
CA ARG I 242 10.34 -25.99 -16.84
C ARG I 242 10.34 -24.69 -17.62
N PHE I 243 9.69 -24.72 -18.78
CA PHE I 243 9.49 -23.52 -19.58
C PHE I 243 8.00 -23.17 -19.60
N LEU I 244 7.71 -21.87 -19.52
CA LEU I 244 6.35 -21.39 -19.66
C LEU I 244 5.94 -21.47 -21.14
N PRO I 245 4.64 -21.38 -21.41
CA PRO I 245 4.15 -21.46 -22.79
C PRO I 245 4.85 -20.48 -23.73
N ASP I 246 5.05 -19.24 -23.28
CA ASP I 246 5.67 -18.20 -24.10
C ASP I 246 7.17 -18.38 -24.31
N GLY I 247 7.71 -19.51 -23.85
CA GLY I 247 9.10 -19.82 -24.08
C GLY I 247 10.05 -19.34 -23.00
N GLN I 248 9.54 -18.59 -22.03
CA GLN I 248 10.37 -18.12 -20.92
C GLN I 248 10.62 -19.23 -19.90
N ARG I 249 11.69 -19.08 -19.13
CA ARG I 249 12.03 -20.08 -18.13
C ARG I 249 11.23 -19.85 -16.87
N ASN I 250 10.59 -20.91 -16.38
CA ASN I 250 9.79 -20.83 -15.16
C ASN I 250 10.65 -20.45 -13.95
N ALA I 251 10.02 -19.86 -12.94
CA ALA I 251 10.76 -19.29 -11.81
C ALA I 251 11.18 -20.34 -10.77
N ILE I 252 11.81 -21.41 -11.25
CA ILE I 252 12.35 -22.45 -10.37
C ILE I 252 13.84 -22.22 -10.20
N ARG I 253 14.27 -22.02 -8.96
CA ARG I 253 15.66 -21.66 -8.67
C ARG I 253 16.43 -22.85 -8.06
N LEU I 254 17.44 -23.34 -8.79
CA LEU I 254 18.28 -24.46 -8.32
C LEU I 254 19.39 -23.96 -7.39
N GLU I 255 19.29 -24.31 -6.11
CA GLU I 255 20.21 -23.77 -5.11
C GLU I 255 21.43 -24.63 -4.81
N ARG I 256 21.24 -25.95 -4.80
CA ARG I 256 22.27 -26.85 -4.30
C ARG I 256 22.09 -28.23 -4.89
N LEU I 257 23.20 -28.88 -5.23
CA LEU I 257 23.17 -30.25 -5.70
C LEU I 257 23.56 -31.20 -4.57
N LYS I 258 22.73 -32.20 -4.31
CA LYS I 258 23.03 -33.18 -3.26
C LYS I 258 24.37 -33.89 -3.54
N ASP I 259 25.15 -34.10 -2.49
CA ASP I 259 26.36 -34.91 -2.59
C ASP I 259 26.07 -36.28 -1.97
N LYS I 260 25.74 -37.25 -2.82
CA LYS I 260 25.12 -38.49 -2.35
C LYS I 260 26.08 -39.67 -2.14
N LEU I 261 25.69 -40.58 -1.26
CA LEU I 261 26.41 -41.82 -1.01
C LEU I 261 26.51 -42.61 -2.30
N GLY I 262 25.38 -42.76 -2.98
CA GLY I 262 25.30 -43.44 -4.25
C GLY I 262 24.29 -42.71 -5.12
N ASN I 263 23.84 -43.34 -6.19
CA ASN I 263 22.88 -42.70 -7.09
C ASN I 263 23.51 -41.46 -7.69
N ARG I 264 24.84 -41.45 -7.75
CA ARG I 264 25.59 -40.22 -8.02
C ARG I 264 25.45 -39.68 -9.44
N SER I 265 25.15 -40.57 -10.38
CA SER I 265 24.99 -40.20 -11.78
C SER I 265 23.74 -39.33 -11.99
N ASN I 266 22.82 -39.42 -11.04
CA ASN I 266 21.54 -38.72 -11.09
C ASN I 266 21.60 -37.39 -10.35
N ALA I 267 21.12 -36.31 -10.97
CA ALA I 267 21.12 -35.01 -10.30
C ALA I 267 19.92 -34.83 -9.35
N SER I 268 20.22 -34.64 -8.07
CA SER I 268 19.18 -34.33 -7.10
C SER I 268 19.44 -32.95 -6.51
N CYS I 269 18.45 -32.07 -6.61
CA CYS I 269 18.64 -30.66 -6.22
C CYS I 269 17.84 -30.22 -5.00
N GLU I 270 18.28 -29.11 -4.43
CA GLU I 270 17.49 -28.37 -3.48
C GLU I 270 17.00 -27.15 -4.27
N VAL I 271 15.70 -27.04 -4.47
CA VAL I 271 15.17 -25.93 -5.26
C VAL I 271 14.24 -25.03 -4.46
N GLU I 272 14.09 -23.80 -4.94
CA GLU I 272 13.14 -22.86 -4.34
C GLU I 272 12.29 -22.26 -5.46
N PHE I 273 11.00 -22.08 -5.18
CA PHE I 273 10.09 -21.48 -6.15
C PHE I 273 9.88 -20.02 -5.85
N GLN I 274 10.22 -19.17 -6.81
CA GLN I 274 10.05 -17.73 -6.66
C GLN I 274 8.94 -17.22 -7.58
N ASP I 275 7.71 -17.47 -7.18
CA ASP I 275 6.53 -17.13 -7.98
C ASP I 275 6.53 -17.90 -9.29
N ALA I 276 6.85 -19.19 -9.21
CA ALA I 276 6.82 -20.06 -10.37
C ALA I 276 5.38 -20.38 -10.72
N ILE I 277 5.11 -20.60 -12.00
CA ILE I 277 3.76 -20.85 -12.47
C ILE I 277 3.44 -22.35 -12.51
N GLY I 278 2.31 -22.72 -11.92
CA GLY I 278 1.88 -24.10 -11.92
C GLY I 278 0.44 -24.21 -12.38
N TRP I 279 0.09 -25.37 -12.93
CA TRP I 279 -1.28 -25.62 -13.38
C TRP I 279 -1.91 -26.73 -12.54
N LEU I 280 -3.06 -26.43 -11.94
CA LEU I 280 -3.70 -27.37 -11.02
C LEU I 280 -4.17 -28.62 -11.71
N LEU I 281 -3.74 -29.77 -11.20
CA LEU I 281 -4.19 -31.07 -11.68
C LEU I 281 -5.26 -31.59 -10.72
N GLY I 282 -6.45 -31.84 -11.25
CA GLY I 282 -7.57 -32.29 -10.42
C GLY I 282 -8.18 -31.15 -9.63
N LEU I 283 -8.51 -31.40 -8.37
CA LEU I 283 -9.16 -30.40 -7.53
C LEU I 283 -8.28 -29.97 -6.36
N GLU I 284 -8.43 -28.73 -5.94
CA GLU I 284 -7.73 -28.25 -4.75
C GLU I 284 -8.00 -29.24 -3.62
N GLY I 285 -6.95 -29.69 -2.94
CA GLY I 285 -7.09 -30.62 -1.84
C GLY I 285 -7.03 -32.08 -2.27
N GLU I 286 -7.09 -32.31 -3.58
CA GLU I 286 -7.01 -33.67 -4.11
C GLU I 286 -5.56 -34.09 -4.37
N GLY I 287 -4.62 -33.32 -3.83
CA GLY I 287 -3.21 -33.52 -4.10
C GLY I 287 -2.67 -34.89 -3.73
N ILE I 288 -2.88 -35.30 -2.49
CA ILE I 288 -2.37 -36.58 -2.01
C ILE I 288 -3.02 -37.75 -2.75
N ARG I 289 -4.27 -37.58 -3.15
CA ARG I 289 -4.97 -38.65 -3.84
C ARG I 289 -4.28 -38.94 -5.16
N LEU I 290 -3.87 -37.90 -5.87
CA LEU I 290 -3.20 -38.04 -7.16
C LEU I 290 -1.85 -38.74 -7.07
N ILE I 291 -0.96 -38.23 -6.23
CA ILE I 291 0.39 -38.80 -6.13
C ILE I 291 0.37 -40.20 -5.53
N LEU I 292 -0.78 -40.62 -5.02
CA LEU I 292 -0.91 -41.97 -4.50
C LEU I 292 -1.12 -42.97 -5.62
N LYS I 293 -1.78 -42.52 -6.69
CA LYS I 293 -1.92 -43.31 -7.89
C LYS I 293 -0.55 -43.66 -8.46
N MET I 294 0.29 -42.64 -8.60
CA MET I 294 1.62 -42.79 -9.19
C MET I 294 2.57 -43.55 -8.27
N GLY I 295 2.38 -43.39 -6.97
CA GLY I 295 3.22 -44.02 -5.98
C GLY I 295 3.29 -45.53 -6.14
N GLY I 296 2.14 -46.15 -6.41
CA GLY I 296 2.08 -47.58 -6.63
C GLY I 296 3.10 -48.05 -7.64
N MET I 297 3.22 -47.33 -8.74
CA MET I 297 4.14 -47.73 -9.80
C MET I 297 5.62 -47.48 -9.47
N THR I 298 5.93 -46.35 -8.84
CA THR I 298 7.31 -46.06 -8.52
C THR I 298 7.83 -46.99 -7.43
N ARG I 299 6.96 -47.37 -6.50
CA ARG I 299 7.34 -48.31 -5.46
C ARG I 299 7.74 -49.62 -6.10
N PHE I 300 6.93 -50.09 -7.06
CA PHE I 300 7.24 -51.29 -7.80
C PHE I 300 8.61 -51.20 -8.44
N ASP I 301 8.93 -50.02 -8.99
CA ASP I 301 10.23 -49.80 -9.62
C ASP I 301 11.36 -49.89 -8.60
N CYS I 302 11.11 -49.38 -7.40
CA CYS I 302 12.11 -49.52 -6.33
C CYS I 302 12.38 -50.98 -6.01
N ALA I 303 11.31 -51.76 -5.86
CA ALA I 303 11.45 -53.17 -5.57
C ALA I 303 12.21 -53.88 -6.70
N LEU I 304 11.81 -53.60 -7.92
CA LEU I 304 12.42 -54.20 -9.09
C LEU I 304 13.89 -53.77 -9.23
N GLY I 305 14.14 -52.48 -9.03
CA GLY I 305 15.48 -51.94 -9.09
C GLY I 305 16.43 -52.60 -8.10
N SER I 306 15.98 -52.78 -6.87
CA SER I 306 16.81 -53.42 -5.87
C SER I 306 17.05 -54.87 -6.28
N HIS I 307 16.01 -55.52 -6.78
CA HIS I 307 16.13 -56.90 -7.24
C HIS I 307 17.13 -57.03 -8.39
N ALA I 308 17.04 -56.11 -9.34
CA ALA I 308 17.96 -56.10 -10.47
C ALA I 308 19.42 -56.00 -9.98
N MET I 309 19.66 -55.10 -9.03
CA MET I 309 21.01 -54.90 -8.55
C MET I 309 21.50 -56.11 -7.77
N MET I 310 20.60 -56.77 -7.06
CA MET I 310 20.95 -58.01 -6.37
C MET I 310 21.33 -59.09 -7.39
N ARG I 311 20.53 -59.17 -8.45
CA ARG I 311 20.78 -60.13 -9.52
C ARG I 311 22.17 -59.93 -10.13
N ARG I 312 22.51 -58.69 -10.42
CA ARG I 312 23.81 -58.37 -11.01
C ARG I 312 24.94 -58.73 -10.05
N ALA I 313 24.81 -58.29 -8.79
CA ALA I 313 25.81 -58.62 -7.77
C ALA I 313 26.02 -60.12 -7.70
N PHE I 314 24.92 -60.87 -7.75
CA PHE I 314 25.01 -62.32 -7.66
C PHE I 314 25.72 -62.90 -8.88
N SER I 315 25.42 -62.36 -10.06
CA SER I 315 26.07 -62.81 -11.30
C SER I 315 27.58 -62.66 -11.21
N LEU I 316 28.01 -61.49 -10.75
CA LEU I 316 29.42 -61.21 -10.58
C LEU I 316 30.04 -62.18 -9.61
N ALA I 317 29.29 -62.53 -8.56
CA ALA I 317 29.81 -63.37 -7.49
C ALA I 317 30.03 -64.80 -7.95
N ILE I 318 29.02 -65.39 -8.59
CA ILE I 318 29.15 -66.77 -9.05
C ILE I 318 30.21 -66.88 -10.15
N TYR I 319 30.22 -65.92 -11.07
CA TYR I 319 31.23 -65.93 -12.12
C TYR I 319 32.63 -65.93 -11.49
N HIS I 320 32.81 -65.08 -10.48
CA HIS I 320 34.08 -65.01 -9.79
C HIS I 320 34.36 -66.33 -9.08
N ALA I 321 33.38 -66.80 -8.32
CA ALA I 321 33.55 -67.99 -7.48
C ALA I 321 33.83 -69.26 -8.27
N HIS I 322 33.40 -69.27 -9.54
CA HIS I 322 33.65 -70.41 -10.41
C HIS I 322 35.13 -70.48 -10.78
N GLN I 323 35.78 -69.33 -10.92
CA GLN I 323 37.16 -69.29 -11.40
C GLN I 323 38.18 -69.24 -10.26
N ARG I 324 37.85 -68.50 -9.21
CA ARG I 324 38.78 -68.33 -8.09
C ARG I 324 38.99 -69.64 -7.35
N HIS I 325 40.25 -70.01 -7.16
CA HIS I 325 40.59 -71.20 -6.39
C HIS I 325 41.06 -70.85 -4.98
N VAL I 326 40.60 -71.62 -4.00
CA VAL I 326 41.08 -71.50 -2.63
C VAL I 326 41.30 -72.89 -2.06
N PHE I 327 42.47 -73.11 -1.48
CA PHE I 327 42.78 -74.40 -0.85
C PHE I 327 42.66 -75.57 -1.84
N GLY I 328 43.10 -75.33 -3.07
CA GLY I 328 43.18 -76.39 -4.07
C GLY I 328 41.95 -76.62 -4.94
N ASN I 329 40.83 -75.99 -4.57
CA ASN I 329 39.59 -76.18 -5.31
C ASN I 329 38.92 -74.86 -5.73
N PRO I 330 38.05 -74.93 -6.77
CA PRO I 330 37.24 -73.76 -7.13
C PRO I 330 36.41 -73.30 -5.94
N LEU I 331 36.42 -71.99 -5.69
CA LEU I 331 35.73 -71.42 -4.54
C LEU I 331 34.28 -71.89 -4.48
N ILE I 332 33.63 -71.97 -5.63
CA ILE I 332 32.22 -72.33 -5.73
C ILE I 332 31.97 -73.79 -5.34
N GLN I 333 33.03 -74.59 -5.29
CA GLN I 333 32.92 -75.99 -4.88
C GLN I 333 33.02 -76.14 -3.37
N GLN I 334 33.56 -75.13 -2.69
CA GLN I 334 33.68 -75.18 -1.24
C GLN I 334 32.30 -75.25 -0.58
N PRO I 335 32.08 -76.31 0.22
CA PRO I 335 30.78 -76.60 0.85
C PRO I 335 30.08 -75.38 1.42
N LEU I 336 30.76 -74.61 2.27
CA LEU I 336 30.12 -73.46 2.92
C LEU I 336 29.78 -72.36 1.93
N MET I 337 30.66 -72.13 0.97
CA MET I 337 30.40 -71.11 -0.05
C MET I 337 29.26 -71.53 -0.95
N ARG I 338 29.28 -72.78 -1.39
CA ARG I 338 28.26 -73.29 -2.28
C ARG I 338 26.89 -73.21 -1.61
N HIS I 339 26.89 -73.32 -0.28
CA HIS I 339 25.68 -73.25 0.53
C HIS I 339 25.14 -71.83 0.55
N VAL I 340 26.02 -70.87 0.84
CA VAL I 340 25.64 -69.47 0.85
C VAL I 340 25.14 -69.00 -0.51
N LEU I 341 25.88 -69.36 -1.55
CA LEU I 341 25.50 -68.97 -2.90
C LEU I 341 24.14 -69.56 -3.29
N SER I 342 23.89 -70.80 -2.86
CA SER I 342 22.63 -71.46 -3.20
C SER I 342 21.45 -70.75 -2.55
N ARG I 343 21.59 -70.35 -1.29
CA ARG I 343 20.55 -69.60 -0.61
C ARG I 343 20.30 -68.27 -1.28
N MET I 344 21.36 -67.66 -1.80
CA MET I 344 21.23 -66.38 -2.46
C MET I 344 20.47 -66.53 -3.78
N ALA I 345 20.77 -67.60 -4.50
CA ALA I 345 20.07 -67.88 -5.75
C ALA I 345 18.59 -68.13 -5.45
N LEU I 346 18.33 -68.89 -4.39
CA LEU I 346 16.97 -69.22 -3.96
C LEU I 346 16.20 -67.95 -3.64
N GLN I 347 16.90 -66.97 -3.07
CA GLN I 347 16.32 -65.69 -2.72
C GLN I 347 15.81 -65.01 -3.99
N LEU I 348 16.66 -65.00 -5.01
CA LEU I 348 16.33 -64.34 -6.27
C LEU I 348 15.21 -65.04 -7.02
N GLU I 349 15.13 -66.37 -6.90
CA GLU I 349 14.07 -67.14 -7.55
C GLU I 349 12.71 -66.67 -7.04
N GLY I 350 12.58 -66.58 -5.71
CA GLY I 350 11.36 -66.12 -5.10
C GLY I 350 11.02 -64.69 -5.49
N GLN I 351 12.01 -63.80 -5.42
CA GLN I 351 11.79 -62.41 -5.78
C GLN I 351 11.39 -62.28 -7.25
N THR I 352 12.05 -63.02 -8.12
CA THR I 352 11.69 -63.00 -9.53
C THR I 352 10.23 -63.40 -9.69
N ALA I 353 9.86 -64.50 -9.04
CA ALA I 353 8.49 -65.02 -9.13
C ALA I 353 7.48 -64.00 -8.64
N LEU I 354 7.73 -63.42 -7.47
CA LEU I 354 6.80 -62.50 -6.83
C LEU I 354 6.69 -61.20 -7.62
N LEU I 355 7.83 -60.65 -8.01
CA LEU I 355 7.85 -59.35 -8.67
C LEU I 355 7.12 -59.39 -10.01
N PHE I 356 7.29 -60.47 -10.76
CA PHE I 356 6.68 -60.55 -12.07
C PHE I 356 5.22 -61.02 -12.02
N ARG I 357 4.87 -61.74 -10.96
CA ARG I 357 3.46 -61.98 -10.64
C ARG I 357 2.80 -60.62 -10.35
N LEU I 358 3.48 -59.81 -9.55
CA LEU I 358 3.02 -58.47 -9.23
C LEU I 358 2.88 -57.62 -10.50
N ALA I 359 3.82 -57.76 -11.44
CA ALA I 359 3.77 -57.04 -12.69
C ALA I 359 2.53 -57.44 -13.50
N ARG I 360 2.19 -58.72 -13.45
CA ARG I 360 0.98 -59.19 -14.11
C ARG I 360 -0.25 -58.52 -13.48
N ALA I 361 -0.28 -58.41 -12.16
CA ALA I 361 -1.38 -57.78 -11.47
C ALA I 361 -1.58 -56.37 -12.02
N TRP I 362 -0.50 -55.62 -12.14
CA TRP I 362 -0.57 -54.26 -12.65
C TRP I 362 -1.07 -54.25 -14.08
N ASP I 363 -0.69 -55.27 -14.85
CA ASP I 363 -1.09 -55.34 -16.25
C ASP I 363 -2.58 -55.61 -16.37
N ARG I 364 -3.15 -56.23 -15.36
CA ARG I 364 -4.56 -56.61 -15.37
C ARG I 364 -5.35 -55.82 -14.33
N ARG I 365 -4.90 -54.60 -14.03
CA ARG I 365 -5.49 -53.80 -12.96
C ARG I 365 -6.99 -53.53 -13.16
N ALA I 366 -7.47 -53.78 -14.36
CA ALA I 366 -8.90 -53.63 -14.64
C ALA I 366 -9.72 -54.62 -13.82
N ASP I 367 -9.10 -55.75 -13.49
CA ASP I 367 -9.71 -56.75 -12.61
C ASP I 367 -9.51 -56.35 -11.14
N ALA I 368 -10.61 -56.18 -10.42
CA ALA I 368 -10.56 -55.70 -9.05
C ALA I 368 -9.65 -56.56 -8.19
N LYS I 369 -9.73 -57.88 -8.37
CA LYS I 369 -8.93 -58.81 -7.59
C LYS I 369 -7.42 -58.65 -7.85
N GLU I 370 -7.06 -58.37 -9.09
CA GLU I 370 -5.67 -58.12 -9.43
C GLU I 370 -5.17 -56.79 -8.88
N ALA I 371 -5.98 -55.75 -9.03
CA ALA I 371 -5.62 -54.43 -8.53
C ALA I 371 -5.43 -54.47 -7.02
N LEU I 372 -6.25 -55.26 -6.34
CA LEU I 372 -6.12 -55.39 -4.89
C LEU I 372 -4.84 -56.14 -4.54
N TRP I 373 -4.52 -57.17 -5.31
CA TRP I 373 -3.30 -57.94 -5.08
C TRP I 373 -2.10 -57.02 -5.22
N ALA I 374 -2.16 -56.13 -6.20
CA ALA I 374 -1.06 -55.20 -6.43
C ALA I 374 -0.99 -54.19 -5.31
N ARG I 375 -2.15 -53.67 -4.92
CA ARG I 375 -2.23 -52.66 -3.88
C ARG I 375 -1.63 -53.17 -2.58
N LEU I 376 -1.69 -54.49 -2.39
CA LEU I 376 -1.22 -55.11 -1.16
C LEU I 376 0.26 -55.50 -1.19
N PHE I 377 0.68 -56.15 -2.26
CA PHE I 377 2.04 -56.69 -2.31
C PHE I 377 3.12 -55.74 -2.82
N THR I 378 2.71 -54.66 -3.48
CA THR I 378 3.68 -53.67 -3.93
C THR I 378 4.45 -53.07 -2.76
N PRO I 379 3.73 -52.49 -1.79
CA PRO I 379 4.43 -51.95 -0.61
C PRO I 379 5.25 -53.03 0.11
N ALA I 380 4.68 -54.22 0.24
CA ALA I 380 5.38 -55.30 0.90
C ALA I 380 6.68 -55.66 0.18
N ALA I 381 6.60 -55.83 -1.14
CA ALA I 381 7.78 -56.16 -1.94
C ALA I 381 8.85 -55.08 -1.84
N LYS I 382 8.44 -53.82 -1.88
CA LYS I 382 9.40 -52.73 -1.72
C LYS I 382 10.08 -52.78 -0.36
N PHE I 383 9.30 -53.02 0.69
CA PHE I 383 9.88 -53.05 2.02
C PHE I 383 10.92 -54.16 2.13
N VAL I 384 10.51 -55.39 1.86
CA VAL I 384 11.38 -56.54 2.05
C VAL I 384 12.57 -56.54 1.09
N ILE I 385 12.30 -56.48 -0.20
CA ILE I 385 13.35 -56.60 -1.20
C ILE I 385 14.40 -55.50 -1.06
N CYS I 386 13.95 -54.27 -0.85
CA CYS I 386 14.86 -53.14 -0.72
C CYS I 386 15.67 -53.19 0.57
N LYS I 387 15.14 -53.87 1.59
CA LYS I 387 15.86 -54.07 2.84
C LYS I 387 16.94 -55.15 2.66
N ARG I 388 16.58 -56.23 1.97
CA ARG I 388 17.50 -57.32 1.67
C ARG I 388 18.70 -56.89 0.82
N GLY I 389 18.48 -55.90 -0.04
CA GLY I 389 19.50 -55.46 -0.96
C GLY I 389 20.86 -55.22 -0.31
N MET I 390 20.87 -54.53 0.81
CA MET I 390 22.11 -54.19 1.49
C MET I 390 22.91 -55.42 1.92
N PRO I 391 22.35 -56.24 2.81
CA PRO I 391 23.09 -57.43 3.26
C PRO I 391 23.47 -58.33 2.08
N PHE I 392 22.57 -58.43 1.11
CA PHE I 392 22.74 -59.31 -0.05
C PHE I 392 23.93 -58.90 -0.88
N VAL I 393 23.96 -57.64 -1.31
CA VAL I 393 25.07 -57.13 -2.11
C VAL I 393 26.37 -57.15 -1.32
N ALA I 394 26.30 -56.80 -0.04
CA ALA I 394 27.46 -56.91 0.83
C ALA I 394 28.04 -58.32 0.79
N GLU I 395 27.18 -59.33 0.83
CA GLU I 395 27.61 -60.72 0.76
C GLU I 395 28.30 -61.00 -0.56
N ALA I 396 27.70 -60.52 -1.65
CA ALA I 396 28.28 -60.71 -2.97
C ALA I 396 29.70 -60.15 -2.97
N MET I 397 29.82 -58.92 -2.49
CA MET I 397 31.10 -58.24 -2.39
C MET I 397 32.14 -59.10 -1.65
N GLU I 398 31.72 -59.75 -0.58
CA GLU I 398 32.63 -60.53 0.24
C GLU I 398 33.07 -61.81 -0.48
N VAL I 399 32.26 -62.26 -1.44
CA VAL I 399 32.61 -63.44 -2.22
C VAL I 399 33.84 -63.15 -3.08
N LEU I 400 33.91 -61.93 -3.61
CA LEU I 400 35.08 -61.47 -4.33
C LEU I 400 36.24 -61.16 -3.38
N GLY I 401 35.91 -60.75 -2.16
CA GLY I 401 36.91 -60.42 -1.16
C GLY I 401 37.46 -59.01 -1.28
N GLY I 402 38.77 -58.86 -1.06
CA GLY I 402 39.41 -57.55 -1.09
C GLY I 402 39.08 -56.73 -2.33
N ILE I 403 39.21 -57.35 -3.51
CA ILE I 403 39.04 -56.62 -4.77
C ILE I 403 37.61 -56.15 -4.94
N GLY I 404 36.69 -56.77 -4.20
CA GLY I 404 35.29 -56.37 -4.25
C GLY I 404 35.01 -55.11 -3.47
N TYR I 405 36.00 -54.69 -2.68
CA TYR I 405 35.87 -53.50 -1.82
C TYR I 405 36.53 -52.30 -2.48
N CYS I 406 37.11 -52.51 -3.66
CA CYS I 406 37.76 -51.44 -4.40
C CYS I 406 36.85 -50.89 -5.49
N GLU I 407 36.88 -49.59 -5.69
CA GLU I 407 35.92 -48.92 -6.57
C GLU I 407 36.09 -49.24 -8.05
N GLU I 408 37.15 -49.95 -8.41
CA GLU I 408 37.32 -50.39 -9.79
C GLU I 408 36.31 -51.49 -10.10
N SER I 409 35.79 -52.12 -9.05
CA SER I 409 34.78 -53.17 -9.16
C SER I 409 33.38 -52.57 -9.21
N GLU I 410 32.43 -53.31 -9.75
CA GLU I 410 31.05 -52.86 -9.80
C GLU I 410 30.40 -52.91 -8.43
N LEU I 411 30.99 -53.66 -7.51
CA LEU I 411 30.30 -53.96 -6.26
C LEU I 411 30.08 -52.75 -5.35
N PRO I 412 31.13 -51.94 -5.13
CA PRO I 412 30.93 -50.77 -4.28
C PRO I 412 29.81 -49.88 -4.77
N ARG I 413 29.74 -49.63 -6.06
CA ARG I 413 28.69 -48.79 -6.62
C ARG I 413 27.29 -49.40 -6.37
N LEU I 414 27.17 -50.70 -6.55
CA LEU I 414 25.95 -51.42 -6.21
C LEU I 414 25.65 -51.29 -4.72
N TYR I 415 26.63 -51.63 -3.90
CA TYR I 415 26.48 -51.54 -2.46
C TYR I 415 26.05 -50.14 -2.03
N ARG I 416 26.59 -49.10 -2.69
CA ARG I 416 26.28 -47.72 -2.34
C ARG I 416 24.90 -47.27 -2.82
N GLU I 417 24.39 -47.93 -3.86
CA GLU I 417 23.10 -47.58 -4.41
C GLU I 417 21.97 -48.11 -3.56
N MET I 418 22.17 -49.29 -2.99
CA MET I 418 21.09 -50.06 -2.39
C MET I 418 20.16 -49.31 -1.44
N PRO I 419 20.72 -48.52 -0.51
CA PRO I 419 19.87 -47.89 0.50
C PRO I 419 18.92 -46.85 -0.08
N VAL I 420 19.26 -46.28 -1.23
CA VAL I 420 18.43 -45.23 -1.79
C VAL I 420 17.04 -45.76 -2.11
N ASN I 421 16.95 -47.02 -2.54
CA ASN I 421 15.67 -47.61 -2.90
C ASN I 421 14.80 -47.88 -1.68
N SER I 422 15.44 -48.05 -0.53
CA SER I 422 14.72 -48.33 0.71
C SER I 422 14.21 -47.04 1.34
N ILE I 423 14.94 -45.95 1.11
CA ILE I 423 14.62 -44.64 1.65
C ILE I 423 13.59 -43.88 0.80
N TRP I 424 13.70 -44.03 -0.52
CA TRP I 424 12.81 -43.38 -1.48
C TRP I 424 11.33 -43.56 -1.13
N GLU I 425 10.52 -42.56 -1.45
CA GLU I 425 9.07 -42.66 -1.35
C GLU I 425 8.57 -43.19 0.00
N GLY I 426 8.96 -42.54 1.09
CA GLY I 426 8.41 -42.85 2.40
C GLY I 426 9.23 -43.73 3.31
N SER I 427 9.96 -44.68 2.72
CA SER I 427 10.81 -45.59 3.47
C SER I 427 10.06 -46.82 3.99
N GLY I 428 10.81 -47.76 4.54
CA GLY I 428 10.26 -49.04 4.94
C GLY I 428 9.06 -48.97 5.86
N ASN I 429 9.16 -48.17 6.91
CA ASN I 429 8.08 -48.08 7.88
C ASN I 429 6.76 -47.67 7.22
N ILE I 430 6.83 -46.67 6.35
CA ILE I 430 5.64 -46.23 5.64
C ILE I 430 5.04 -47.34 4.80
N MET I 431 5.89 -48.10 4.11
CA MET I 431 5.42 -49.26 3.36
C MET I 431 4.63 -50.19 4.27
N CYS I 432 5.18 -50.45 5.45
CA CYS I 432 4.57 -51.38 6.39
C CYS I 432 3.26 -50.84 6.97
N LEU I 433 3.26 -49.56 7.33
CA LEU I 433 2.03 -48.92 7.79
C LEU I 433 0.96 -48.99 6.71
N ASP I 434 1.38 -48.89 5.45
CA ASP I 434 0.46 -48.99 4.33
C ASP I 434 -0.10 -50.39 4.17
N VAL I 435 0.74 -51.41 4.31
CA VAL I 435 0.28 -52.79 4.26
C VAL I 435 -0.78 -53.05 5.33
N LEU I 436 -0.51 -52.58 6.54
CA LEU I 436 -1.46 -52.71 7.64
C LEU I 436 -2.77 -51.99 7.33
N ARG I 437 -2.66 -50.83 6.69
CA ARG I 437 -3.83 -50.04 6.33
C ARG I 437 -4.70 -50.76 5.29
N VAL I 438 -4.08 -51.46 4.36
CA VAL I 438 -4.82 -52.19 3.34
C VAL I 438 -5.56 -53.37 3.95
N LEU I 439 -4.88 -54.12 4.81
CA LEU I 439 -5.51 -55.27 5.44
C LEU I 439 -6.73 -54.82 6.25
N ASN I 440 -6.61 -53.66 6.87
CA ASN I 440 -7.65 -53.10 7.73
C ASN I 440 -8.79 -52.46 6.94
N LYS I 441 -8.46 -51.45 6.14
CA LYS I 441 -9.50 -50.67 5.46
C LYS I 441 -10.11 -51.32 4.22
N GLN I 442 -9.29 -52.01 3.43
CA GLN I 442 -9.76 -52.54 2.15
C GLN I 442 -10.64 -53.78 2.29
N ALA I 443 -11.73 -53.81 1.52
CA ALA I 443 -12.70 -54.88 1.62
C ALA I 443 -12.33 -56.08 0.74
N GLY I 444 -12.50 -57.28 1.28
CA GLY I 444 -12.26 -58.49 0.54
C GLY I 444 -10.79 -58.85 0.43
N VAL I 445 -9.98 -58.31 1.32
CA VAL I 445 -8.56 -58.62 1.34
C VAL I 445 -8.33 -59.99 1.92
N TYR I 446 -9.01 -60.29 3.03
CA TYR I 446 -8.85 -61.57 3.69
C TYR I 446 -9.36 -62.69 2.80
N ASP I 447 -10.42 -62.41 2.06
CA ASP I 447 -10.98 -63.38 1.13
C ASP I 447 -9.97 -63.67 0.01
N LEU I 448 -9.32 -62.62 -0.47
CA LEU I 448 -8.34 -62.77 -1.54
C LEU I 448 -7.17 -63.64 -1.11
N LEU I 449 -6.70 -63.44 0.11
CA LEU I 449 -5.60 -64.22 0.65
C LEU I 449 -6.01 -65.68 0.84
N SER I 450 -7.17 -65.89 1.45
CA SER I 450 -7.70 -67.23 1.68
C SER I 450 -7.73 -68.07 0.40
N GLU I 451 -8.14 -67.45 -0.70
CA GLU I 451 -8.23 -68.17 -1.96
C GLU I 451 -6.88 -68.72 -2.39
N ALA I 452 -5.86 -67.86 -2.38
CA ALA I 452 -4.53 -68.27 -2.80
C ALA I 452 -3.95 -69.32 -1.87
N PHE I 453 -4.13 -69.12 -0.56
CA PHE I 453 -3.59 -70.04 0.43
C PHE I 453 -4.22 -71.41 0.34
N VAL I 454 -5.54 -71.42 0.12
CA VAL I 454 -6.29 -72.66 -0.04
C VAL I 454 -5.83 -73.41 -1.29
N GLU I 455 -5.47 -72.64 -2.32
CA GLU I 455 -5.11 -73.21 -3.62
C GLU I 455 -3.84 -74.06 -3.56
N VAL I 456 -3.03 -73.85 -2.53
CA VAL I 456 -1.79 -74.59 -2.39
C VAL I 456 -1.68 -75.37 -1.08
N LYS I 457 -2.79 -75.43 -0.34
CA LYS I 457 -2.77 -76.12 0.95
C LYS I 457 -2.41 -77.60 0.76
N GLY I 458 -1.59 -78.12 1.67
CA GLY I 458 -1.18 -79.51 1.64
C GLY I 458 0.09 -79.77 0.84
N GLN I 459 0.43 -78.82 -0.04
CA GLN I 459 1.61 -78.96 -0.88
C GLN I 459 2.91 -78.88 -0.09
N ASP I 460 2.88 -78.13 1.01
CA ASP I 460 4.07 -77.97 1.83
C ASP I 460 3.71 -77.66 3.28
N ARG I 461 4.24 -78.46 4.20
CA ARG I 461 3.95 -78.30 5.62
C ARG I 461 4.42 -76.96 6.19
N TYR I 462 5.59 -76.49 5.76
CA TYR I 462 6.14 -75.25 6.28
C TYR I 462 5.34 -74.04 5.81
N PHE I 463 4.81 -74.13 4.60
CA PHE I 463 3.95 -73.06 4.07
C PHE I 463 2.66 -72.98 4.88
N ASP I 464 1.98 -74.10 5.05
CA ASP I 464 0.73 -74.15 5.79
C ASP I 464 0.91 -73.65 7.23
N ARG I 465 2.02 -74.04 7.86
CA ARG I 465 2.32 -73.58 9.22
C ARG I 465 2.54 -72.07 9.22
N ALA I 466 3.18 -71.58 8.17
CA ALA I 466 3.42 -70.15 8.02
C ALA I 466 2.11 -69.38 7.86
N VAL I 467 1.17 -69.99 7.15
CA VAL I 467 -0.15 -69.38 6.94
C VAL I 467 -0.90 -69.29 8.27
N ARG I 468 -0.86 -70.37 9.04
CA ARG I 468 -1.51 -70.39 10.35
C ARG I 468 -0.92 -69.30 11.26
N ARG I 469 0.40 -69.15 11.25
CA ARG I 469 1.06 -68.17 12.09
C ARG I 469 0.64 -66.74 11.73
N LEU I 470 0.43 -66.49 10.44
CA LEU I 470 0.05 -65.14 10.00
C LEU I 470 -1.36 -64.80 10.40
N GLN I 471 -2.28 -65.73 10.22
CA GLN I 471 -3.67 -65.52 10.58
C GLN I 471 -3.81 -65.27 12.09
N GLN I 472 -2.95 -65.93 12.87
CA GLN I 472 -2.93 -65.73 14.31
C GLN I 472 -2.44 -64.32 14.64
N GLN I 473 -1.89 -63.64 13.64
CA GLN I 473 -1.33 -62.30 13.83
C GLN I 473 -2.27 -61.21 13.33
N LEU I 474 -2.99 -61.49 12.24
CA LEU I 474 -3.86 -60.50 11.61
C LEU I 474 -5.16 -60.31 12.39
N ARG I 475 -5.40 -61.19 13.37
CA ARG I 475 -6.56 -61.09 14.24
C ARG I 475 -6.59 -59.76 14.99
N LYS I 476 -5.52 -59.47 15.72
CA LYS I 476 -5.38 -58.19 16.44
C LYS I 476 -4.11 -57.43 16.04
N PRO I 477 -4.13 -56.79 14.86
CA PRO I 477 -2.95 -56.13 14.29
C PRO I 477 -2.41 -54.99 15.16
N ALA I 478 -1.12 -55.02 15.46
CA ALA I 478 -0.49 -53.97 16.26
C ALA I 478 0.51 -53.18 15.42
N GLU I 479 0.37 -51.86 15.44
CA GLU I 479 1.23 -51.00 14.62
C GLU I 479 2.70 -51.34 14.81
N GLU I 480 3.10 -51.68 16.03
CA GLU I 480 4.50 -52.00 16.28
C GLU I 480 4.94 -53.34 15.69
N LEU I 481 4.00 -54.09 15.11
CA LEU I 481 4.32 -55.35 14.45
C LEU I 481 4.16 -55.28 12.93
N GLY I 482 4.11 -54.05 12.41
CA GLY I 482 3.94 -53.85 10.99
C GLY I 482 5.00 -54.53 10.13
N ARG I 483 6.24 -54.49 10.59
CA ARG I 483 7.32 -55.13 9.84
C ARG I 483 7.21 -56.66 9.87
N GLU I 484 6.93 -57.22 11.04
CA GLU I 484 6.81 -58.67 11.18
C GLU I 484 5.71 -59.14 10.24
N ILE I 485 4.57 -58.45 10.30
CA ILE I 485 3.41 -58.79 9.49
C ILE I 485 3.66 -58.62 7.99
N THR I 486 4.33 -57.52 7.62
CA THR I 486 4.62 -57.25 6.23
C THR I 486 5.61 -58.26 5.67
N HIS I 487 6.63 -58.60 6.46
CA HIS I 487 7.61 -59.58 6.04
C HIS I 487 6.93 -60.93 5.83
N GLN I 488 6.18 -61.38 6.84
CA GLN I 488 5.56 -62.69 6.77
C GLN I 488 4.59 -62.74 5.58
N LEU I 489 3.86 -61.65 5.37
CA LEU I 489 2.91 -61.59 4.28
C LEU I 489 3.62 -61.68 2.95
N PHE I 490 4.80 -61.06 2.86
CA PHE I 490 5.59 -61.10 1.63
C PHE I 490 6.06 -62.52 1.33
N LEU I 491 6.62 -63.19 2.32
CA LEU I 491 7.11 -64.55 2.15
C LEU I 491 6.00 -65.47 1.65
N LEU I 492 4.81 -65.31 2.22
CA LEU I 492 3.67 -66.14 1.83
C LEU I 492 3.30 -65.90 0.37
N GLY I 493 3.46 -64.67 -0.08
CA GLY I 493 3.25 -64.33 -1.48
C GLY I 493 4.23 -65.05 -2.39
N CYS I 494 5.51 -64.98 -2.06
CA CYS I 494 6.54 -65.70 -2.80
C CYS I 494 6.29 -67.21 -2.74
N GLY I 495 5.97 -67.68 -1.54
CA GLY I 495 5.76 -69.10 -1.32
C GLY I 495 4.70 -69.65 -2.25
N ALA I 496 3.58 -68.96 -2.31
CA ALA I 496 2.46 -69.41 -3.15
C ALA I 496 2.89 -69.53 -4.60
N GLN I 497 3.62 -68.53 -5.08
CA GLN I 497 4.09 -68.54 -6.45
C GLN I 497 5.04 -69.71 -6.73
N MET I 498 5.95 -69.96 -5.80
CA MET I 498 6.89 -71.06 -5.97
C MET I 498 6.14 -72.39 -6.00
N LEU I 499 5.18 -72.55 -5.10
CA LEU I 499 4.42 -73.79 -5.00
C LEU I 499 3.56 -74.07 -6.23
N LYS I 500 3.06 -73.01 -6.87
CA LYS I 500 2.20 -73.16 -8.04
C LYS I 500 2.98 -73.40 -9.32
N TYR I 501 4.07 -72.67 -9.54
CA TYR I 501 4.70 -72.64 -10.86
C TYR I 501 6.15 -73.11 -10.91
N ALA I 502 6.81 -73.19 -9.76
CA ALA I 502 8.16 -73.72 -9.70
C ALA I 502 8.10 -75.24 -9.57
N SER I 503 9.21 -75.91 -9.86
CA SER I 503 9.26 -77.36 -9.74
C SER I 503 9.11 -77.76 -8.27
N PRO I 504 8.43 -78.88 -8.01
CA PRO I 504 8.20 -79.31 -6.63
C PRO I 504 9.47 -79.31 -5.77
N PRO I 505 10.61 -79.80 -6.32
CA PRO I 505 11.84 -79.81 -5.52
C PRO I 505 12.32 -78.39 -5.21
N MET I 506 12.24 -77.51 -6.20
CA MET I 506 12.61 -76.11 -6.04
C MET I 506 11.75 -75.44 -4.97
N ALA I 507 10.44 -75.65 -5.06
CA ALA I 507 9.51 -75.05 -4.11
C ALA I 507 9.69 -75.64 -2.71
N GLN I 508 9.93 -76.93 -2.64
CA GLN I 508 10.19 -77.60 -1.37
C GLN I 508 11.40 -76.94 -0.73
N ALA I 509 12.44 -76.72 -1.55
CA ALA I 509 13.66 -76.08 -1.10
C ALA I 509 13.37 -74.65 -0.63
N TRP I 510 12.68 -73.89 -1.45
CA TRP I 510 12.39 -72.51 -1.10
C TRP I 510 11.64 -72.41 0.23
N CYS I 511 10.56 -73.19 0.35
CA CYS I 511 9.73 -73.17 1.55
C CYS I 511 10.49 -73.60 2.81
N GLN I 512 11.29 -74.65 2.69
CA GLN I 512 12.10 -75.08 3.82
C GLN I 512 13.01 -73.95 4.27
N VAL I 513 13.82 -73.43 3.34
CA VAL I 513 14.80 -72.39 3.69
C VAL I 513 14.20 -71.11 4.24
N MET I 514 13.07 -70.68 3.70
CA MET I 514 12.49 -69.39 4.08
C MET I 514 11.46 -69.49 5.21
N LEU I 515 10.79 -70.64 5.31
CA LEU I 515 9.68 -70.77 6.24
C LEU I 515 9.93 -71.72 7.40
N ASP I 516 11.03 -72.45 7.36
CA ASP I 516 11.39 -73.37 8.44
C ASP I 516 12.07 -72.61 9.56
N THR I 517 11.32 -72.32 10.62
CA THR I 517 11.82 -71.51 11.73
C THR I 517 12.95 -72.21 12.47
N ARG I 518 13.04 -73.54 12.30
CA ARG I 518 14.11 -74.31 12.92
C ARG I 518 15.48 -73.68 12.64
N GLY I 519 15.82 -73.57 11.36
CA GLY I 519 17.13 -73.11 10.96
C GLY I 519 18.03 -74.31 10.74
N GLY I 520 19.22 -74.09 10.20
CA GLY I 520 20.14 -75.18 9.94
C GLY I 520 19.59 -76.13 8.89
N VAL I 521 19.19 -75.57 7.76
CA VAL I 521 18.59 -76.32 6.68
C VAL I 521 19.63 -76.63 5.60
N ARG I 522 19.89 -77.92 5.38
CA ARG I 522 20.81 -78.32 4.32
C ARG I 522 20.04 -78.54 3.01
N LEU I 523 20.69 -78.29 1.88
CA LEU I 523 20.06 -78.49 0.58
C LEU I 523 20.71 -79.64 -0.17
N SER I 524 19.89 -80.42 -0.88
CA SER I 524 20.40 -81.56 -1.63
C SER I 524 21.46 -81.11 -2.64
N GLU I 525 22.44 -81.97 -2.89
CA GLU I 525 23.46 -81.65 -3.87
C GLU I 525 22.81 -81.29 -5.20
N GLN I 526 21.69 -81.95 -5.50
CA GLN I 526 21.05 -81.78 -6.80
C GLN I 526 20.36 -80.43 -6.93
N ILE I 527 19.71 -79.99 -5.85
CA ILE I 527 18.96 -78.75 -5.89
C ILE I 527 19.89 -77.54 -5.95
N GLN I 528 21.04 -77.66 -5.30
CA GLN I 528 22.04 -76.61 -5.36
C GLN I 528 22.60 -76.49 -6.77
N ASN I 529 22.93 -77.63 -7.38
CA ASN I 529 23.43 -77.62 -8.75
C ASN I 529 22.44 -76.96 -9.71
N ASP I 530 21.16 -77.24 -9.51
CA ASP I 530 20.13 -76.73 -10.40
C ASP I 530 19.96 -75.22 -10.21
N LEU I 531 19.97 -74.76 -8.96
CA LEU I 531 19.90 -73.33 -8.67
C LEU I 531 20.99 -72.55 -9.41
N LEU I 532 22.24 -72.95 -9.19
CA LEU I 532 23.38 -72.27 -9.77
C LEU I 532 23.39 -72.33 -11.30
N LEU I 533 22.91 -73.45 -11.83
CA LEU I 533 22.82 -73.64 -13.28
C LEU I 533 21.78 -72.70 -13.88
N ARG I 534 20.61 -72.61 -13.25
CA ARG I 534 19.55 -71.73 -13.69
C ARG I 534 19.99 -70.27 -13.66
N ALA I 535 20.85 -69.94 -12.69
CA ALA I 535 21.29 -68.56 -12.49
C ALA I 535 22.34 -68.11 -13.52
N THR I 536 22.70 -69.00 -14.43
CA THR I 536 23.69 -68.67 -15.46
C THR I 536 23.13 -68.86 -16.86
N GLY I 537 21.85 -69.23 -16.92
CA GLY I 537 21.18 -69.40 -18.20
C GLY I 537 20.98 -70.86 -18.54
N GLY I 538 20.83 -71.15 -19.83
CA GLY I 538 20.64 -72.52 -20.28
C GLY I 538 19.24 -73.04 -20.02
N VAL I 539 18.41 -72.19 -19.41
CA VAL I 539 17.02 -72.53 -19.17
C VAL I 539 16.11 -71.75 -20.12
N CYS I 540 16.72 -71.14 -21.13
CA CYS I 540 16.00 -70.31 -22.08
C CYS I 540 16.10 -70.86 -23.50
N MET J 1 11.61 -11.67 6.41
CA MET J 1 11.99 -10.89 5.23
C MET J 1 11.26 -11.38 3.99
N HIS J 2 11.20 -10.52 2.97
CA HIS J 2 10.51 -10.84 1.74
C HIS J 2 11.41 -11.57 0.76
N TRP J 3 12.69 -11.69 1.11
CA TRP J 3 13.67 -12.35 0.25
C TRP J 3 13.51 -13.87 0.32
N GLN J 4 12.94 -14.35 1.42
CA GLN J 4 12.83 -15.79 1.66
C GLN J 4 11.60 -16.39 0.97
N THR J 5 11.71 -17.66 0.59
CA THR J 5 10.61 -18.38 -0.03
C THR J 5 9.93 -19.32 0.98
N HIS J 6 10.57 -19.51 2.13
CA HIS J 6 10.09 -20.46 3.13
C HIS J 6 10.86 -20.33 4.44
N THR J 7 10.36 -20.98 5.48
CA THR J 7 11.06 -21.05 6.75
C THR J 7 11.49 -22.49 7.04
N VAL J 8 12.73 -22.66 7.48
CA VAL J 8 13.24 -23.98 7.80
C VAL J 8 12.90 -24.37 9.24
N PHE J 9 12.25 -25.52 9.39
CA PHE J 9 11.86 -26.00 10.72
C PHE J 9 11.77 -27.53 10.75
N ASN J 10 11.69 -28.08 11.96
CA ASN J 10 11.64 -29.51 12.15
C ASN J 10 12.92 -30.18 11.65
N GLN J 11 13.99 -29.40 11.60
CA GLN J 11 15.30 -29.93 11.23
C GLN J 11 16.17 -30.07 12.46
N PRO J 12 16.30 -31.30 12.97
CA PRO J 12 17.01 -31.58 14.22
C PRO J 12 18.47 -31.17 14.11
N ILE J 13 19.07 -30.81 15.24
CA ILE J 13 20.49 -30.52 15.27
C ILE J 13 21.25 -31.83 15.34
N PRO J 14 22.40 -31.91 14.66
CA PRO J 14 23.16 -33.17 14.60
C PRO J 14 23.85 -33.45 15.93
N LEU J 15 24.02 -34.72 16.26
CA LEU J 15 24.68 -35.08 17.50
C LEU J 15 26.15 -34.69 17.45
N ASN J 16 26.55 -33.79 18.35
CA ASN J 16 27.95 -33.48 18.57
C ASN J 16 28.17 -32.88 19.95
N ASN J 17 29.43 -32.80 20.37
CA ASN J 17 29.79 -32.29 21.69
C ASN J 17 29.11 -33.09 22.79
N SER J 18 29.04 -34.41 22.62
CA SER J 18 28.49 -35.29 23.63
C SER J 18 29.61 -36.16 24.17
N ASN J 19 29.32 -36.96 25.19
CA ASN J 19 30.32 -37.84 25.77
C ASN J 19 30.14 -39.26 25.28
N LEU J 20 31.05 -39.70 24.40
CA LEU J 20 30.91 -41.00 23.74
C LEU J 20 30.86 -42.15 24.72
N TYR J 21 31.45 -41.97 25.90
CA TYR J 21 31.50 -43.00 26.92
C TYR J 21 30.30 -42.94 27.86
N LEU J 22 30.07 -41.78 28.45
CA LEU J 22 29.05 -41.65 29.49
C LEU J 22 27.62 -41.76 28.95
N SER J 23 27.48 -41.77 27.63
CA SER J 23 26.17 -41.90 26.99
C SER J 23 25.86 -43.34 26.63
N ASP J 24 26.81 -44.23 26.90
CA ASP J 24 26.66 -45.65 26.58
C ASP J 24 26.53 -46.47 27.86
N GLY J 25 25.32 -46.53 28.40
CA GLY J 25 25.06 -47.25 29.64
C GLY J 25 25.63 -48.65 29.70
N ALA J 26 25.39 -49.44 28.66
CA ALA J 26 25.86 -50.82 28.63
C ALA J 26 27.38 -50.90 28.73
N LEU J 27 28.05 -49.91 28.16
CA LEU J 27 29.51 -49.87 28.16
C LEU J 27 30.10 -49.55 29.54
N CYS J 28 29.51 -48.58 30.23
CA CYS J 28 29.94 -48.22 31.58
C CYS J 28 29.88 -49.42 32.52
N GLU J 29 28.74 -50.12 32.49
CA GLU J 29 28.54 -51.30 33.31
C GLU J 29 29.54 -52.39 32.98
N ALA J 30 29.73 -52.64 31.68
CA ALA J 30 30.63 -53.68 31.22
C ALA J 30 32.07 -53.41 31.66
N VAL J 31 32.50 -52.16 31.58
CA VAL J 31 33.86 -51.80 31.99
C VAL J 31 34.07 -52.11 33.46
N THR J 32 33.11 -51.71 34.29
CA THR J 32 33.17 -51.98 35.72
C THR J 32 33.09 -53.47 36.01
N ARG J 33 32.11 -54.12 35.40
CA ARG J 33 31.88 -55.55 35.62
C ARG J 33 33.05 -56.46 35.25
N GLU J 34 33.85 -56.05 34.26
CA GLU J 34 34.91 -56.92 33.74
C GLU J 34 36.30 -56.55 34.25
N GLY J 35 36.33 -55.78 35.34
CA GLY J 35 37.56 -55.53 36.07
C GLY J 35 38.41 -54.39 35.56
N ALA J 36 37.76 -53.43 34.90
CA ALA J 36 38.45 -52.25 34.36
C ALA J 36 37.82 -50.97 34.88
N GLY J 37 37.16 -51.06 36.03
CA GLY J 37 36.50 -49.90 36.63
C GLY J 37 37.46 -48.80 37.05
N TRP J 38 38.74 -49.12 37.09
CA TRP J 38 39.76 -48.16 37.46
C TRP J 38 40.02 -47.16 36.34
N ASP J 39 39.59 -47.51 35.13
CA ASP J 39 39.80 -46.65 33.98
C ASP J 39 38.57 -45.80 33.68
N SER J 40 37.54 -45.95 34.50
CA SER J 40 36.28 -45.22 34.32
C SER J 40 36.45 -43.71 34.23
N ASP J 41 37.24 -43.14 35.16
CA ASP J 41 37.43 -41.69 35.18
C ASP J 41 38.13 -41.20 33.92
N PHE J 42 39.04 -42.02 33.40
CA PHE J 42 39.78 -41.67 32.19
C PHE J 42 38.95 -41.90 30.93
N LEU J 43 38.17 -42.97 30.92
CA LEU J 43 37.28 -43.27 29.80
C LEU J 43 36.26 -42.15 29.60
N ALA J 44 35.76 -41.61 30.71
CA ALA J 44 34.83 -40.48 30.65
C ALA J 44 35.56 -39.23 30.19
N SER J 45 36.85 -39.16 30.51
CA SER J 45 37.67 -38.03 30.12
C SER J 45 37.83 -37.95 28.61
N ILE J 46 38.32 -39.03 28.01
CA ILE J 46 38.54 -39.05 26.57
C ILE J 46 37.22 -39.20 25.81
N GLY J 47 36.24 -39.81 26.47
CA GLY J 47 34.90 -39.90 25.91
C GLY J 47 34.36 -38.52 25.61
N GLN J 48 34.76 -37.56 26.43
CA GLN J 48 34.34 -36.18 26.26
C GLN J 48 35.11 -35.53 25.12
N GLN J 49 36.43 -35.68 25.14
CA GLN J 49 37.31 -35.08 24.14
C GLN J 49 36.99 -35.58 22.73
N LEU J 50 36.75 -36.88 22.61
CA LEU J 50 36.50 -37.51 21.31
C LEU J 50 35.12 -37.21 20.73
N GLY J 51 34.18 -36.83 21.59
CA GLY J 51 32.81 -36.58 21.17
C GLY J 51 32.58 -35.17 20.66
N THR J 52 33.61 -34.34 20.69
CA THR J 52 33.46 -32.93 20.35
C THR J 52 33.41 -32.74 18.84
N ALA J 53 32.79 -31.64 18.42
CA ALA J 53 32.67 -31.32 17.00
C ALA J 53 34.05 -31.26 16.35
N GLU J 54 35.00 -30.62 17.02
CA GLU J 54 36.36 -30.52 16.50
C GLU J 54 36.92 -31.92 16.24
N SER J 55 36.65 -32.83 17.17
CA SER J 55 37.11 -34.21 17.05
C SER J 55 36.52 -34.89 15.83
N LEU J 56 35.19 -34.85 15.72
CA LEU J 56 34.49 -35.45 14.60
C LEU J 56 34.95 -34.85 13.27
N GLU J 57 35.29 -33.57 13.28
CA GLU J 57 35.74 -32.91 12.06
C GLU J 57 37.06 -33.51 11.57
N LEU J 58 37.92 -33.90 12.50
CA LEU J 58 39.17 -34.58 12.16
C LEU J 58 38.89 -35.87 11.41
N GLY J 59 37.91 -36.63 11.88
CA GLY J 59 37.47 -37.82 11.19
C GLY J 59 37.09 -37.51 9.75
N ARG J 60 36.18 -36.57 9.56
CA ARG J 60 35.74 -36.20 8.23
C ARG J 60 36.93 -35.83 7.35
N LEU J 61 37.78 -34.93 7.84
CA LEU J 61 38.93 -34.45 7.07
C LEU J 61 39.83 -35.59 6.63
N ALA J 62 40.14 -36.49 7.56
CA ALA J 62 41.07 -37.59 7.28
C ALA J 62 40.53 -38.48 6.18
N ASN J 63 39.20 -38.50 5.99
CA ASN J 63 38.56 -39.36 4.98
C ASN J 63 38.29 -38.70 3.62
N VAL J 64 37.86 -37.43 3.63
CA VAL J 64 37.61 -36.70 2.39
C VAL J 64 38.89 -36.15 1.80
N ASN J 65 39.97 -36.19 2.58
CA ASN J 65 41.29 -35.87 2.07
C ASN J 65 42.25 -37.04 2.22
N PRO J 66 41.98 -38.15 1.50
CA PRO J 66 42.75 -39.38 1.63
C PRO J 66 44.21 -39.21 1.24
N PRO J 67 45.08 -40.11 1.73
CA PRO J 67 46.52 -40.06 1.51
C PRO J 67 46.89 -40.12 0.05
N GLU J 68 48.02 -39.52 -0.32
CA GLU J 68 48.54 -39.59 -1.67
C GLU J 68 49.82 -40.43 -1.69
N LEU J 69 49.95 -41.30 -2.69
CA LEU J 69 51.15 -42.09 -2.85
C LEU J 69 52.23 -41.31 -3.58
N LEU J 70 53.39 -41.17 -2.95
CA LEU J 70 54.51 -40.47 -3.55
C LEU J 70 55.59 -41.46 -3.95
N ARG J 71 55.44 -42.04 -5.14
CA ARG J 71 56.40 -43.04 -5.63
C ARG J 71 57.72 -42.42 -6.01
N TYR J 72 57.68 -41.18 -6.52
CA TYR J 72 58.87 -40.45 -6.92
C TYR J 72 58.84 -39.03 -6.39
N ASP J 73 60.02 -38.41 -6.34
CA ASP J 73 60.11 -36.99 -6.04
C ASP J 73 60.25 -36.22 -7.35
N ALA J 74 60.39 -34.90 -7.25
CA ALA J 74 60.38 -34.04 -8.43
C ALA J 74 61.62 -34.21 -9.31
N GLN J 75 62.63 -34.90 -8.78
CA GLN J 75 63.88 -35.14 -9.50
C GLN J 75 63.88 -36.49 -10.18
N GLY J 76 62.85 -37.28 -9.93
CA GLY J 76 62.71 -38.57 -10.59
C GLY J 76 63.38 -39.70 -9.82
N ARG J 77 63.82 -39.39 -8.60
CA ARG J 77 64.35 -40.43 -7.72
C ARG J 77 63.24 -41.13 -6.95
N ARG J 78 63.32 -42.46 -6.89
CA ARG J 78 62.39 -43.26 -6.11
C ARG J 78 62.25 -42.68 -4.70
N LEU J 79 61.04 -42.65 -4.18
CA LEU J 79 60.75 -42.00 -2.90
C LEU J 79 59.93 -42.90 -1.99
N ASP J 80 58.96 -43.61 -2.57
CA ASP J 80 58.11 -44.55 -1.85
C ASP J 80 57.62 -44.05 -0.48
N ASP J 81 57.01 -42.86 -0.46
CA ASP J 81 56.45 -42.34 0.77
C ASP J 81 54.96 -42.05 0.58
N VAL J 82 54.25 -41.82 1.67
CA VAL J 82 52.83 -41.50 1.61
C VAL J 82 52.58 -40.17 2.32
N ARG J 83 51.74 -39.32 1.72
CA ARG J 83 51.47 -37.99 2.28
C ARG J 83 50.04 -37.90 2.76
N PHE J 84 49.87 -37.59 4.04
CA PHE J 84 48.53 -37.50 4.65
C PHE J 84 48.08 -36.08 4.92
N HIS J 85 46.78 -35.92 5.15
CA HIS J 85 46.22 -34.67 5.64
C HIS J 85 46.59 -34.55 7.14
N PRO J 86 46.88 -33.32 7.58
CA PRO J 86 47.29 -33.10 8.98
C PRO J 86 46.34 -33.71 10.01
N ALA J 87 45.08 -33.92 9.62
CA ALA J 87 44.09 -34.46 10.54
C ALA J 87 44.42 -35.90 10.88
N TRP J 88 44.98 -36.62 9.92
CA TRP J 88 45.35 -38.01 10.12
C TRP J 88 46.36 -38.15 11.26
N HIS J 89 47.41 -37.33 11.21
CA HIS J 89 48.44 -37.37 12.24
C HIS J 89 47.88 -37.01 13.62
N LEU J 90 46.91 -36.10 13.65
CA LEU J 90 46.29 -35.73 14.92
C LEU J 90 45.51 -36.88 15.52
N LEU J 91 44.79 -37.61 14.66
CA LEU J 91 44.08 -38.82 15.09
C LEU J 91 45.05 -39.83 15.67
N MET J 92 46.17 -40.04 14.97
CA MET J 92 47.21 -40.94 15.42
C MET J 92 47.80 -40.52 16.77
N GLN J 93 48.18 -39.25 16.89
CA GLN J 93 48.70 -38.73 18.15
C GLN J 93 47.85 -39.14 19.33
N ALA J 94 46.55 -38.95 19.22
CA ALA J 94 45.65 -39.22 20.33
C ALA J 94 45.55 -40.73 20.62
N LEU J 95 45.46 -41.52 19.56
CA LEU J 95 45.35 -42.97 19.72
C LEU J 95 46.53 -43.50 20.51
N CYS J 96 47.73 -43.01 20.19
CA CYS J 96 48.94 -43.47 20.85
C CYS J 96 49.07 -42.88 22.25
N THR J 97 48.70 -41.62 22.40
CA THR J 97 48.67 -41.01 23.72
C THR J 97 47.79 -41.81 24.65
N ASN J 98 46.66 -42.28 24.12
CA ASN J 98 45.75 -43.11 24.91
C ASN J 98 46.14 -44.59 24.92
N ARG J 99 47.32 -44.89 24.41
CA ARG J 99 47.85 -46.25 24.42
C ARG J 99 46.88 -47.30 23.88
N VAL J 100 46.07 -46.94 22.91
CA VAL J 100 45.17 -47.89 22.27
C VAL J 100 45.98 -48.97 21.55
N HIS J 101 47.27 -48.67 21.32
CA HIS J 101 48.12 -49.58 20.57
C HIS J 101 48.98 -50.51 21.43
N ASN J 102 49.07 -50.25 22.73
CA ASN J 102 49.95 -51.05 23.58
C ASN J 102 49.61 -51.13 25.08
N LEU J 103 48.47 -50.57 25.49
CA LEU J 103 48.14 -50.51 26.91
C LEU J 103 48.41 -51.82 27.63
N ALA J 104 47.93 -52.91 27.06
CA ALA J 104 47.99 -54.21 27.72
C ALA J 104 49.41 -54.81 27.74
N TRP J 105 50.34 -54.20 27.00
CA TRP J 105 51.69 -54.76 26.89
C TRP J 105 52.73 -54.02 27.71
N GLU J 106 52.33 -52.93 28.37
CA GLU J 106 53.22 -52.27 29.31
C GLU J 106 53.71 -53.30 30.34
N GLU J 107 54.92 -53.12 30.84
CA GLU J 107 55.53 -54.11 31.74
C GLU J 107 54.78 -54.22 33.06
N ASP J 108 54.30 -53.09 33.57
CA ASP J 108 53.55 -53.08 34.82
C ASP J 108 52.05 -52.90 34.58
N ALA J 109 51.55 -53.55 33.53
CA ALA J 109 50.14 -53.49 33.16
C ALA J 109 49.27 -54.15 34.22
N ARG J 110 48.27 -53.42 34.69
CA ARG J 110 47.41 -53.93 35.76
C ARG J 110 46.30 -54.83 35.24
N SER J 111 45.56 -55.44 36.16
CA SER J 111 44.46 -56.34 35.82
C SER J 111 43.35 -55.59 35.08
N GLY J 112 42.88 -56.17 33.97
CA GLY J 112 41.83 -55.55 33.18
C GLY J 112 42.32 -54.60 32.12
N ALA J 113 43.64 -54.61 31.88
CA ALA J 113 44.25 -53.70 30.91
C ALA J 113 43.69 -53.93 29.52
N PHE J 114 43.48 -55.20 29.17
CA PHE J 114 42.90 -55.55 27.88
C PHE J 114 41.47 -55.02 27.76
N VAL J 115 40.70 -55.14 28.84
CA VAL J 115 39.33 -54.66 28.86
C VAL J 115 39.27 -53.13 28.80
N ALA J 116 40.19 -52.46 29.47
CA ALA J 116 40.23 -51.02 29.46
C ALA J 116 40.64 -50.51 28.08
N ARG J 117 41.61 -51.19 27.48
CA ARG J 117 42.07 -50.84 26.13
C ARG J 117 40.95 -51.02 25.11
N ALA J 118 40.13 -52.05 25.30
CA ALA J 118 39.00 -52.29 24.43
C ALA J 118 38.02 -51.13 24.48
N ALA J 119 37.77 -50.63 25.69
CA ALA J 119 36.86 -49.51 25.87
C ALA J 119 37.40 -48.26 25.17
N ARG J 120 38.68 -47.97 25.35
CA ARG J 120 39.30 -46.83 24.70
C ARG J 120 39.20 -46.95 23.19
N PHE J 121 39.55 -48.12 22.67
CA PHE J 121 39.42 -48.43 21.26
C PHE J 121 38.02 -48.14 20.73
N MET J 122 37.01 -48.64 21.43
CA MET J 122 35.62 -48.49 21.03
C MET J 122 35.17 -47.04 20.93
N LEU J 123 35.76 -46.17 21.75
CA LEU J 123 35.44 -44.75 21.70
C LEU J 123 36.08 -44.08 20.47
N HIS J 124 37.37 -44.30 20.26
CA HIS J 124 38.05 -43.78 19.08
C HIS J 124 37.38 -44.26 17.81
N ALA J 125 36.94 -45.52 17.82
CA ALA J 125 36.34 -46.11 16.63
C ALA J 125 35.09 -45.39 16.17
N GLN J 126 34.43 -44.69 17.10
CA GLN J 126 33.19 -43.98 16.79
C GLN J 126 33.46 -42.66 16.08
N VAL J 127 34.68 -42.13 16.22
CA VAL J 127 35.05 -40.89 15.57
C VAL J 127 35.64 -41.12 14.19
N GLU J 128 36.53 -42.09 14.09
CA GLU J 128 37.20 -42.40 12.84
C GLU J 128 37.69 -43.83 12.85
N ALA J 129 37.54 -44.51 11.70
CA ALA J 129 37.80 -45.95 11.63
C ALA J 129 39.13 -46.32 10.94
N GLY J 130 39.51 -45.56 9.93
CA GLY J 130 40.73 -45.84 9.18
C GLY J 130 41.97 -45.80 10.03
N SER J 131 42.01 -44.88 10.99
CA SER J 131 43.17 -44.71 11.84
C SER J 131 43.36 -45.91 12.78
N LEU J 132 42.32 -46.73 12.92
CA LEU J 132 42.40 -47.89 13.79
C LEU J 132 43.24 -49.02 13.18
N CYS J 133 43.47 -48.96 11.88
CA CYS J 133 44.16 -50.06 11.22
C CYS J 133 45.58 -50.21 11.75
N PRO J 134 46.40 -49.15 11.64
CA PRO J 134 47.76 -49.26 12.18
C PRO J 134 47.74 -49.59 13.67
N ILE J 135 46.75 -49.06 14.38
CA ILE J 135 46.62 -49.31 15.81
C ILE J 135 46.35 -50.77 16.13
N THR J 136 45.39 -51.36 15.43
CA THR J 136 45.04 -52.77 15.59
C THR J 136 46.23 -53.68 15.27
N MET J 137 46.88 -53.43 14.14
CA MET J 137 48.02 -54.24 13.73
C MET J 137 49.18 -54.16 14.73
N THR J 138 49.54 -52.93 15.08
CA THR J 138 50.59 -52.68 16.06
C THR J 138 50.26 -53.37 17.38
N PHE J 139 49.02 -53.26 17.81
CA PHE J 139 48.60 -53.83 19.08
C PHE J 139 48.76 -55.36 19.11
N ALA J 140 48.49 -55.99 17.98
CA ALA J 140 48.54 -57.45 17.94
C ALA J 140 49.96 -57.95 17.81
N ALA J 141 50.80 -57.20 17.11
CA ALA J 141 52.17 -57.62 16.82
C ALA J 141 53.13 -57.33 17.98
N THR J 142 52.80 -56.32 18.79
CA THR J 142 53.70 -55.87 19.84
C THR J 142 54.18 -57.00 20.77
N PRO J 143 53.25 -57.75 21.37
CA PRO J 143 53.66 -58.81 22.31
C PRO J 143 54.60 -59.81 21.66
N LEU J 144 54.36 -60.10 20.38
CA LEU J 144 55.20 -61.00 19.62
C LEU J 144 56.60 -60.41 19.45
N LEU J 145 56.67 -59.19 18.95
CA LEU J 145 57.95 -58.55 18.70
C LEU J 145 58.78 -58.35 19.96
N LEU J 146 58.12 -57.98 21.05
CA LEU J 146 58.81 -57.73 22.32
C LEU J 146 59.69 -58.90 22.77
N GLN J 147 59.35 -60.11 22.35
CA GLN J 147 60.12 -61.28 22.75
C GLN J 147 60.76 -62.02 21.58
N MET J 148 60.72 -61.43 20.38
CA MET J 148 61.32 -62.06 19.20
C MET J 148 62.20 -61.12 18.38
N LEU J 149 62.28 -59.86 18.78
CA LEU J 149 63.07 -58.87 18.04
C LEU J 149 64.46 -59.38 17.69
N PRO J 150 64.83 -59.31 16.40
CA PRO J 150 66.19 -59.65 15.95
C PRO J 150 67.21 -58.72 16.61
N ALA J 151 68.45 -59.18 16.71
CA ALA J 151 69.51 -58.43 17.40
C ALA J 151 69.66 -56.97 16.97
N PRO J 152 69.70 -56.71 15.66
CA PRO J 152 69.91 -55.33 15.16
C PRO J 152 68.79 -54.36 15.54
N PHE J 153 67.72 -54.85 16.15
CA PHE J 153 66.57 -54.01 16.47
C PHE J 153 66.15 -54.15 17.93
N GLN J 154 67.11 -54.38 18.81
CA GLN J 154 66.81 -54.56 20.23
C GLN J 154 66.32 -53.26 20.86
N ASP J 155 66.87 -52.15 20.39
CA ASP J 155 66.54 -50.83 20.93
C ASP J 155 65.16 -50.36 20.48
N TRP J 156 64.40 -51.26 19.86
CA TRP J 156 63.02 -51.00 19.46
C TRP J 156 62.05 -51.25 20.61
N THR J 157 62.53 -51.92 21.65
CA THR J 157 61.71 -52.28 22.80
C THR J 157 61.08 -51.06 23.49
N THR J 158 61.89 -50.04 23.76
CA THR J 158 61.41 -48.87 24.47
C THR J 158 60.31 -48.11 23.70
N PRO J 159 60.55 -47.80 22.42
CA PRO J 159 59.57 -47.07 21.60
C PRO J 159 58.27 -47.87 21.43
N LEU J 160 58.40 -49.19 21.36
CA LEU J 160 57.25 -50.07 21.25
C LEU J 160 56.30 -49.94 22.44
N LEU J 161 56.81 -49.48 23.57
CA LEU J 161 56.01 -49.37 24.78
C LEU J 161 55.68 -47.94 25.15
N SER J 162 55.95 -47.01 24.24
CA SER J 162 55.71 -45.58 24.53
C SER J 162 54.26 -45.16 24.30
N ASP J 163 53.95 -43.94 24.71
CA ASP J 163 52.63 -43.36 24.53
C ASP J 163 52.67 -42.32 23.41
N ARG J 164 53.66 -42.47 22.52
CA ARG J 164 54.00 -41.43 21.56
C ARG J 164 53.86 -41.88 20.12
N TYR J 165 53.33 -40.99 19.29
CA TYR J 165 53.27 -41.22 17.86
C TYR J 165 54.36 -40.41 17.17
N ASP J 166 55.22 -41.11 16.42
CA ASP J 166 56.33 -40.47 15.73
C ASP J 166 56.19 -40.68 14.22
N SER J 167 55.92 -39.60 13.47
CA SER J 167 55.72 -39.72 12.03
C SER J 167 57.00 -39.43 11.24
N HIS J 168 58.09 -39.20 11.96
CA HIS J 168 59.35 -38.93 11.30
C HIS J 168 59.77 -40.06 10.37
N LEU J 169 60.28 -39.69 9.21
CA LEU J 169 60.77 -40.65 8.24
C LEU J 169 62.18 -41.04 8.62
N LEU J 170 62.31 -41.87 9.65
CA LEU J 170 63.60 -42.31 10.16
C LEU J 170 63.57 -43.79 10.49
N PRO J 171 64.75 -44.41 10.60
CA PRO J 171 64.84 -45.80 11.09
C PRO J 171 64.18 -45.91 12.46
N GLY J 172 63.55 -47.04 12.73
CA GLY J 172 62.81 -47.21 13.98
C GLY J 172 63.56 -46.80 15.23
N GLY J 173 64.82 -47.22 15.32
CA GLY J 173 65.62 -46.97 16.50
C GLY J 173 65.75 -45.51 16.89
N GLN J 174 65.54 -44.62 15.92
CA GLN J 174 65.66 -43.19 16.15
C GLN J 174 64.31 -42.51 16.35
N LYS J 175 63.28 -43.31 16.67
CA LYS J 175 61.92 -42.78 16.84
C LYS J 175 61.38 -43.00 18.26
N ARG J 176 60.42 -42.19 18.66
CA ARG J 176 59.87 -42.25 20.01
C ARG J 176 58.80 -43.32 20.16
N GLY J 177 58.12 -43.62 19.04
CA GLY J 177 57.07 -44.63 19.00
C GLY J 177 57.05 -45.29 17.62
N LEU J 178 56.43 -46.46 17.52
CA LEU J 178 56.45 -47.20 16.26
C LEU J 178 55.09 -47.72 15.84
N LEU J 179 54.97 -48.07 14.56
CA LEU J 179 53.79 -48.75 14.06
C LEU J 179 54.22 -50.02 13.31
N ILE J 180 53.52 -51.12 13.54
CA ILE J 180 53.83 -52.37 12.86
C ILE J 180 52.69 -52.82 11.94
N GLY J 181 53.02 -53.19 10.71
CA GLY J 181 52.04 -53.66 9.76
C GLY J 181 52.16 -55.15 9.46
N MET J 182 51.15 -55.69 8.79
CA MET J 182 51.15 -57.11 8.43
C MET J 182 50.96 -57.31 6.93
N GLY J 183 51.90 -57.98 6.29
CA GLY J 183 51.80 -58.27 4.87
C GLY J 183 51.68 -59.75 4.58
N MET J 184 50.44 -60.22 4.39
CA MET J 184 50.19 -61.64 4.09
C MET J 184 49.57 -61.86 2.71
N THR J 185 48.41 -61.25 2.49
CA THR J 185 47.67 -61.44 1.25
C THR J 185 48.50 -61.20 -0.01
N GLU J 186 48.36 -62.11 -0.96
CA GLU J 186 48.90 -61.91 -2.30
C GLU J 186 47.77 -62.02 -3.33
N LYS J 187 48.07 -61.72 -4.59
CA LYS J 187 47.05 -61.71 -5.63
C LYS J 187 46.32 -63.05 -5.77
N GLN J 188 47.05 -64.15 -5.51
CA GLN J 188 46.48 -65.49 -5.68
C GLN J 188 45.65 -65.96 -4.48
N GLY J 189 45.76 -65.25 -3.36
CA GLY J 189 44.96 -65.59 -2.20
C GLY J 189 45.29 -64.83 -0.93
N GLY J 190 44.26 -64.59 -0.11
CA GLY J 190 44.43 -63.99 1.20
C GLY J 190 44.01 -64.93 2.31
N SER J 191 42.96 -65.71 2.06
CA SER J 191 42.50 -66.72 3.02
C SER J 191 43.49 -67.88 3.07
N ASP J 192 43.87 -68.37 1.90
CA ASP J 192 44.81 -69.47 1.78
C ASP J 192 46.21 -68.91 1.55
N VAL J 193 46.90 -68.60 2.64
CA VAL J 193 48.21 -67.97 2.55
C VAL J 193 49.31 -68.96 2.15
N MET J 194 49.00 -70.25 2.24
CA MET J 194 49.93 -71.30 1.83
C MET J 194 50.25 -71.21 0.33
N SER J 195 49.47 -70.39 -0.38
CA SER J 195 49.67 -70.18 -1.83
C SER J 195 50.61 -69.02 -2.13
N ASN J 196 51.09 -68.35 -1.07
CA ASN J 196 52.10 -67.30 -1.23
C ASN J 196 53.26 -67.72 -2.14
N THR J 197 53.70 -66.80 -2.99
CA THR J 197 54.85 -67.07 -3.86
C THR J 197 56.01 -66.12 -3.60
N THR J 198 55.88 -65.28 -2.57
CA THR J 198 57.00 -64.46 -2.14
C THR J 198 58.06 -65.39 -1.52
N ARG J 199 59.27 -65.32 -2.05
CA ARG J 199 60.32 -66.24 -1.67
C ARG J 199 61.43 -65.53 -0.90
N ALA J 200 61.94 -66.18 0.15
CA ALA J 200 63.05 -65.63 0.92
C ALA J 200 64.23 -66.59 0.93
N GLU J 201 65.40 -66.11 0.50
CA GLU J 201 66.63 -66.90 0.52
C GLU J 201 67.50 -66.51 1.70
N ARG J 202 68.00 -67.50 2.43
CA ARG J 202 68.84 -67.26 3.60
C ARG J 202 70.20 -66.71 3.19
N LEU J 203 70.59 -65.58 3.78
CA LEU J 203 71.88 -64.96 3.47
C LEU J 203 73.02 -65.46 4.36
N GLU J 204 74.25 -65.17 3.95
CA GLU J 204 75.43 -65.63 4.69
C GLU J 204 75.60 -64.97 6.05
N ASP J 205 74.74 -64.01 6.37
CA ASP J 205 74.84 -63.31 7.64
C ASP J 205 73.65 -63.60 8.57
N GLY J 206 72.68 -64.35 8.09
CA GLY J 206 71.52 -64.69 8.89
C GLY J 206 70.21 -64.14 8.35
N SER J 207 70.25 -62.89 7.85
CA SER J 207 69.05 -62.28 7.28
C SER J 207 68.66 -62.95 5.97
N TYR J 208 67.53 -62.55 5.41
CA TYR J 208 67.04 -63.13 4.15
C TYR J 208 66.82 -62.09 3.06
N ARG J 209 66.94 -62.52 1.81
CA ARG J 209 66.53 -61.69 0.66
C ARG J 209 65.11 -62.05 0.27
N LEU J 210 64.22 -61.06 0.25
CA LEU J 210 62.84 -61.30 -0.16
C LEU J 210 62.55 -60.76 -1.55
N VAL J 211 61.97 -61.60 -2.40
CA VAL J 211 61.49 -61.18 -3.71
C VAL J 211 60.07 -61.68 -3.87
N GLY J 212 59.15 -60.75 -4.17
CA GLY J 212 57.74 -61.10 -4.27
C GLY J 212 56.84 -59.88 -4.29
N HIS J 213 55.65 -60.03 -3.74
CA HIS J 213 54.67 -58.94 -3.75
C HIS J 213 53.65 -59.14 -2.63
N LYS J 214 52.97 -58.06 -2.27
CA LYS J 214 51.78 -58.18 -1.42
C LYS J 214 50.65 -57.36 -2.04
N TRP J 215 49.47 -57.97 -2.13
CA TRP J 215 48.35 -57.44 -2.90
C TRP J 215 47.62 -56.33 -2.12
N PHE J 216 47.39 -56.58 -0.85
CA PHE J 216 46.90 -55.57 0.08
C PHE J 216 47.93 -55.39 1.18
N PHE J 217 48.44 -54.16 1.30
CA PHE J 217 49.55 -53.87 2.18
C PHE J 217 49.26 -52.55 2.87
N SER J 218 48.54 -52.62 3.99
CA SER J 218 48.11 -51.42 4.68
C SER J 218 49.19 -50.78 5.52
N VAL J 219 49.07 -49.47 5.72
CA VAL J 219 50.04 -48.70 6.48
C VAL J 219 51.47 -48.95 5.98
N PRO J 220 51.72 -48.67 4.68
CA PRO J 220 53.06 -48.83 4.11
C PRO J 220 54.08 -48.00 4.86
N GLN J 221 53.61 -46.97 5.56
CA GLN J 221 54.49 -46.10 6.32
C GLN J 221 54.82 -46.68 7.70
N SER J 222 54.34 -47.89 7.98
CA SER J 222 54.74 -48.60 9.19
C SER J 222 56.27 -48.63 9.30
N ASP J 223 56.77 -48.68 10.53
CA ASP J 223 58.20 -48.75 10.76
C ASP J 223 58.75 -50.15 10.44
N ALA J 224 57.85 -51.14 10.38
CA ALA J 224 58.19 -52.51 10.02
C ALA J 224 56.93 -53.31 9.70
N HIS J 225 57.07 -54.32 8.85
CA HIS J 225 55.96 -55.21 8.57
C HIS J 225 56.33 -56.66 8.85
N LEU J 226 55.43 -57.39 9.49
CA LEU J 226 55.59 -58.84 9.57
C LEU J 226 55.07 -59.43 8.26
N VAL J 227 55.97 -60.01 7.48
CA VAL J 227 55.65 -60.50 6.14
C VAL J 227 55.81 -62.03 6.01
N LEU J 228 54.85 -62.66 5.35
CA LEU J 228 54.93 -64.10 5.08
C LEU J 228 55.63 -64.35 3.75
N ALA J 229 56.61 -65.24 3.75
CA ALA J 229 57.33 -65.60 2.53
C ALA J 229 57.74 -67.07 2.56
N GLN J 230 57.87 -67.67 1.37
CA GLN J 230 58.27 -69.07 1.27
C GLN J 230 59.78 -69.22 1.44
N THR J 231 60.19 -70.27 2.16
CA THR J 231 61.60 -70.59 2.28
C THR J 231 61.79 -72.05 1.95
N ALA J 232 63.03 -72.51 1.94
CA ALA J 232 63.33 -73.91 1.66
C ALA J 232 62.61 -74.83 2.63
N GLY J 233 62.41 -74.37 3.86
CA GLY J 233 61.78 -75.17 4.90
C GLY J 233 60.31 -74.87 5.15
N GLY J 234 59.67 -74.15 4.23
CA GLY J 234 58.25 -73.84 4.37
C GLY J 234 57.93 -72.37 4.47
N LEU J 235 56.64 -72.07 4.58
CA LEU J 235 56.16 -70.68 4.67
C LEU J 235 56.52 -70.08 6.02
N SER J 236 57.27 -68.98 6.00
CA SER J 236 57.79 -68.41 7.22
C SER J 236 57.43 -66.93 7.40
N CYS J 237 57.62 -66.42 8.62
CA CYS J 237 57.27 -65.05 8.96
C CYS J 237 58.51 -64.17 9.12
N PHE J 238 58.57 -63.08 8.37
CA PHE J 238 59.74 -62.21 8.39
C PHE J 238 59.50 -60.79 8.91
N PHE J 239 60.44 -60.32 9.72
CA PHE J 239 60.44 -58.95 10.20
C PHE J 239 61.12 -58.10 9.15
N VAL J 240 60.34 -57.38 8.35
CA VAL J 240 60.87 -56.52 7.31
C VAL J 240 60.76 -55.04 7.71
N PRO J 241 61.88 -54.44 8.15
CA PRO J 241 61.89 -53.04 8.58
C PRO J 241 61.84 -52.11 7.40
N ARG J 242 61.29 -50.91 7.60
CA ARG J 242 61.21 -49.93 6.53
C ARG J 242 62.61 -49.41 6.19
N PHE J 243 63.40 -49.15 7.22
CA PHE J 243 64.80 -48.81 7.04
C PHE J 243 65.66 -49.97 7.49
N LEU J 244 66.82 -50.14 6.85
CA LEU J 244 67.81 -51.11 7.29
C LEU J 244 68.64 -50.50 8.43
N PRO J 245 69.31 -51.34 9.22
CA PRO J 245 70.12 -50.86 10.34
C PRO J 245 71.05 -49.71 9.97
N ASP J 246 71.69 -49.78 8.81
CA ASP J 246 72.64 -48.75 8.37
C ASP J 246 71.97 -47.44 7.90
N GLY J 247 70.64 -47.36 8.04
CA GLY J 247 69.93 -46.15 7.68
C GLY J 247 69.36 -46.08 6.27
N GLN J 248 69.83 -46.96 5.40
CA GLN J 248 69.33 -47.02 4.03
C GLN J 248 67.91 -47.55 3.99
N ARG J 249 67.15 -47.12 3.00
CA ARG J 249 65.77 -47.58 2.86
C ARG J 249 65.71 -49.00 2.31
N ASN J 250 64.94 -49.86 2.98
CA ASN J 250 64.78 -51.24 2.56
C ASN J 250 64.13 -51.30 1.19
N ALA J 251 64.39 -52.36 0.44
CA ALA J 251 63.90 -52.47 -0.94
C ALA J 251 62.42 -52.86 -1.02
N ILE J 252 61.56 -52.05 -0.41
CA ILE J 252 60.12 -52.24 -0.53
C ILE J 252 59.57 -51.17 -1.46
N ARG J 253 59.03 -51.60 -2.59
CA ARG J 253 58.62 -50.71 -3.67
C ARG J 253 57.09 -50.55 -3.70
N LEU J 254 56.61 -49.33 -3.46
CA LEU J 254 55.18 -49.04 -3.44
C LEU J 254 54.67 -48.74 -4.84
N GLU J 255 53.80 -49.60 -5.36
CA GLU J 255 53.38 -49.49 -6.76
C GLU J 255 52.07 -48.74 -6.96
N ARG J 256 51.14 -48.92 -6.04
CA ARG J 256 49.80 -48.44 -6.30
C ARG J 256 48.96 -48.42 -5.03
N LEU J 257 48.10 -47.42 -4.93
CA LEU J 257 47.31 -47.19 -3.73
C LEU J 257 45.86 -47.58 -4.02
N LYS J 258 45.29 -48.42 -3.16
CA LYS J 258 43.92 -48.89 -3.37
C LYS J 258 42.94 -47.72 -3.35
N ASP J 259 41.99 -47.72 -4.28
CA ASP J 259 40.89 -46.77 -4.27
C ASP J 259 39.68 -47.46 -3.66
N LYS J 260 39.43 -47.20 -2.38
CA LYS J 260 38.52 -48.01 -1.59
C LYS J 260 37.09 -47.48 -1.42
N LEU J 261 36.15 -48.40 -1.23
CA LEU J 261 34.77 -48.05 -0.93
C LEU J 261 34.73 -47.20 0.33
N GLY J 262 35.33 -47.72 1.39
CA GLY J 262 35.47 -46.99 2.64
C GLY J 262 36.90 -47.11 3.12
N ASN J 263 37.13 -46.84 4.41
CA ASN J 263 38.46 -46.96 4.99
C ASN J 263 39.42 -46.01 4.28
N ARG J 264 38.87 -44.98 3.65
CA ARG J 264 39.63 -44.16 2.72
C ARG J 264 40.75 -43.35 3.37
N SER J 265 40.61 -43.04 4.66
CA SER J 265 41.65 -42.30 5.37
C SER J 265 42.92 -43.12 5.49
N ASN J 266 42.77 -44.44 5.45
CA ASN J 266 43.87 -45.38 5.64
C ASN J 266 44.53 -45.80 4.31
N ALA J 267 45.86 -45.69 4.24
CA ALA J 267 46.58 -46.03 3.03
C ALA J 267 46.79 -47.55 2.89
N SER J 268 46.23 -48.12 1.83
CA SER J 268 46.46 -49.54 1.52
C SER J 268 47.18 -49.65 0.19
N CYS J 269 48.32 -50.32 0.19
CA CYS J 269 49.17 -50.32 -0.99
C CYS J 269 49.30 -51.69 -1.65
N GLU J 270 49.63 -51.67 -2.93
CA GLU J 270 50.11 -52.85 -3.63
C GLU J 270 51.62 -52.70 -3.72
N VAL J 271 52.33 -53.57 -3.02
CA VAL J 271 53.78 -53.44 -2.93
C VAL J 271 54.54 -54.63 -3.55
N GLU J 272 55.77 -54.39 -3.94
CA GLU J 272 56.64 -55.45 -4.45
C GLU J 272 57.97 -55.42 -3.73
N PHE J 273 58.55 -56.60 -3.53
CA PHE J 273 59.85 -56.71 -2.86
C PHE J 273 60.96 -56.94 -3.88
N GLN J 274 61.93 -56.03 -3.90
CA GLN J 274 63.07 -56.17 -4.80
C GLN J 274 64.36 -56.48 -4.02
N ASP J 275 64.47 -57.72 -3.54
CA ASP J 275 65.58 -58.10 -2.68
C ASP J 275 65.55 -57.29 -1.38
N ALA J 276 64.38 -57.22 -0.76
CA ALA J 276 64.23 -56.56 0.53
C ALA J 276 64.74 -57.49 1.63
N ILE J 277 65.42 -56.92 2.61
CA ILE J 277 66.00 -57.71 3.68
C ILE J 277 64.99 -57.97 4.79
N GLY J 278 64.82 -59.24 5.14
CA GLY J 278 63.94 -59.61 6.23
C GLY J 278 64.70 -60.41 7.27
N TRP J 279 64.15 -60.47 8.48
CA TRP J 279 64.75 -61.29 9.52
C TRP J 279 63.76 -62.36 9.99
N LEU J 280 64.20 -63.61 9.98
CA LEU J 280 63.34 -64.72 10.34
C LEU J 280 62.87 -64.64 11.79
N LEU J 281 61.55 -64.67 11.97
CA LEU J 281 60.97 -64.79 13.30
C LEU J 281 60.61 -66.26 13.55
N GLY J 282 61.18 -66.85 14.59
CA GLY J 282 60.96 -68.25 14.88
C GLY J 282 61.72 -69.15 13.92
N LEU J 283 61.10 -70.28 13.57
CA LEU J 283 61.74 -71.26 12.70
C LEU J 283 61.12 -71.23 11.31
N GLU J 284 61.91 -71.63 10.31
CA GLU J 284 61.39 -71.72 8.95
C GLU J 284 60.15 -72.61 8.92
N GLY J 285 59.15 -72.21 8.16
CA GLY J 285 57.92 -72.98 8.03
C GLY J 285 57.00 -72.86 9.23
N GLU J 286 57.44 -72.07 10.21
CA GLU J 286 56.64 -71.82 11.41
C GLU J 286 55.80 -70.56 11.21
N GLY J 287 55.82 -70.03 9.99
CA GLY J 287 55.16 -68.78 9.66
C GLY J 287 53.70 -68.68 10.07
N ILE J 288 52.88 -69.62 9.60
CA ILE J 288 51.46 -69.60 9.89
C ILE J 288 51.15 -69.72 11.38
N ARG J 289 51.93 -70.53 12.09
CA ARG J 289 51.70 -70.69 13.52
C ARG J 289 51.81 -69.36 14.24
N LEU J 290 52.77 -68.54 13.82
CA LEU J 290 53.01 -67.22 14.44
C LEU J 290 51.87 -66.22 14.20
N ILE J 291 51.55 -65.97 12.93
CA ILE J 291 50.51 -65.00 12.61
C ILE J 291 49.12 -65.44 13.08
N LEU J 292 49.02 -66.66 13.60
CA LEU J 292 47.77 -67.14 14.17
C LEU J 292 47.61 -66.61 15.59
N LYS J 293 48.74 -66.39 16.26
CA LYS J 293 48.73 -65.80 17.61
C LYS J 293 48.20 -64.36 17.57
N MET J 294 48.65 -63.60 16.57
CA MET J 294 48.22 -62.21 16.39
C MET J 294 46.81 -62.13 15.82
N GLY J 295 46.47 -63.06 14.94
CA GLY J 295 45.16 -63.10 14.32
C GLY J 295 44.03 -63.08 15.34
N GLY J 296 44.29 -63.71 16.49
CA GLY J 296 43.31 -63.72 17.56
C GLY J 296 42.88 -62.32 17.92
N MET J 297 43.85 -61.45 18.16
CA MET J 297 43.58 -60.08 18.62
C MET J 297 43.00 -59.14 17.57
N THR J 298 43.46 -59.25 16.33
CA THR J 298 42.93 -58.40 15.27
C THR J 298 41.47 -58.74 14.95
N ARG J 299 41.15 -60.03 14.97
CA ARG J 299 39.77 -60.44 14.75
C ARG J 299 38.88 -59.82 15.80
N PHE J 300 39.38 -59.74 17.04
CA PHE J 300 38.61 -59.13 18.11
C PHE J 300 38.38 -57.64 17.83
N ASP J 301 39.41 -56.98 17.31
CA ASP J 301 39.31 -55.56 16.97
C ASP J 301 38.31 -55.31 15.85
N CYS J 302 38.23 -56.24 14.90
CA CYS J 302 37.24 -56.13 13.82
C CYS J 302 35.84 -56.15 14.40
N ALA J 303 35.57 -57.10 15.28
CA ALA J 303 34.25 -57.20 15.91
C ALA J 303 33.98 -55.95 16.75
N LEU J 304 34.97 -55.54 17.54
CA LEU J 304 34.84 -54.34 18.37
C LEU J 304 34.58 -53.10 17.54
N GLY J 305 35.40 -52.90 16.51
CA GLY J 305 35.23 -51.78 15.59
C GLY J 305 33.86 -51.73 14.95
N SER J 306 33.40 -52.86 14.42
CA SER J 306 32.07 -52.89 13.81
C SER J 306 31.03 -52.53 14.87
N HIS J 307 31.17 -53.11 16.06
CA HIS J 307 30.25 -52.80 17.14
C HIS J 307 30.27 -51.33 17.46
N ALA J 308 31.48 -50.77 17.55
CA ALA J 308 31.62 -49.34 17.82
C ALA J 308 30.85 -48.48 16.81
N MET J 309 31.03 -48.77 15.52
CA MET J 309 30.37 -48.00 14.47
C MET J 309 28.85 -48.16 14.50
N MET J 310 28.39 -49.37 14.82
CA MET J 310 26.96 -49.58 15.01
C MET J 310 26.43 -48.70 16.15
N ARG J 311 27.21 -48.62 17.22
CA ARG J 311 26.86 -47.81 18.39
C ARG J 311 26.76 -46.35 18.02
N ARG J 312 27.76 -45.84 17.30
CA ARG J 312 27.73 -44.45 16.87
C ARG J 312 26.52 -44.20 15.95
N ALA J 313 26.31 -45.08 14.98
CA ALA J 313 25.17 -44.95 14.08
C ALA J 313 23.88 -44.86 14.89
N PHE J 314 23.77 -45.72 15.90
CA PHE J 314 22.56 -45.80 16.70
C PHE J 314 22.36 -44.51 17.50
N SER J 315 23.44 -44.01 18.10
CA SER J 315 23.38 -42.76 18.84
C SER J 315 22.82 -41.65 17.96
N LEU J 316 23.30 -41.62 16.73
CA LEU J 316 22.87 -40.61 15.78
C LEU J 316 21.38 -40.77 15.48
N ALA J 317 20.96 -42.00 15.26
CA ALA J 317 19.57 -42.26 14.94
C ALA J 317 18.63 -41.79 16.05
N ILE J 318 18.93 -42.13 17.29
CA ILE J 318 18.01 -41.78 18.39
C ILE J 318 18.02 -40.30 18.72
N TYR J 319 19.18 -39.66 18.61
CA TYR J 319 19.23 -38.22 18.80
C TYR J 319 18.36 -37.55 17.74
N HIS J 320 18.37 -38.11 16.54
CA HIS J 320 17.59 -37.55 15.44
C HIS J 320 16.11 -37.84 15.64
N ALA J 321 15.78 -39.10 15.92
CA ALA J 321 14.39 -39.51 16.05
C ALA J 321 13.70 -38.78 17.19
N HIS J 322 14.50 -38.34 18.17
CA HIS J 322 13.95 -37.67 19.33
C HIS J 322 13.48 -36.25 18.99
N GLN J 323 14.22 -35.55 18.13
CA GLN J 323 13.87 -34.18 17.76
C GLN J 323 12.91 -34.12 16.59
N ARG J 324 13.11 -35.01 15.61
CA ARG J 324 12.35 -35.01 14.37
C ARG J 324 10.90 -35.37 14.62
N HIS J 325 9.98 -34.53 14.14
CA HIS J 325 8.55 -34.83 14.23
C HIS J 325 7.97 -35.35 12.91
N VAL J 326 7.11 -36.35 13.04
CA VAL J 326 6.36 -36.86 11.89
C VAL J 326 4.91 -37.11 12.30
N PHE J 327 3.97 -36.60 11.51
CA PHE J 327 2.56 -36.81 11.78
C PHE J 327 2.17 -36.35 13.18
N GLY J 328 2.77 -35.26 13.64
CA GLY J 328 2.34 -34.62 14.87
C GLY J 328 3.02 -35.09 16.14
N ASN J 329 3.88 -36.10 16.04
CA ASN J 329 4.60 -36.58 17.21
C ASN J 329 6.09 -36.79 16.95
N PRO J 330 6.88 -36.80 18.03
CA PRO J 330 8.30 -37.16 17.92
C PRO J 330 8.44 -38.51 17.24
N LEU J 331 9.32 -38.58 16.26
CA LEU J 331 9.50 -39.80 15.47
C LEU J 331 9.71 -40.99 16.38
N ILE J 332 10.42 -40.74 17.48
CA ILE J 332 10.79 -41.79 18.42
C ILE J 332 9.60 -42.31 19.22
N GLN J 333 8.50 -41.56 19.21
CA GLN J 333 7.28 -41.96 19.89
C GLN J 333 6.42 -42.83 19.00
N GLN J 334 6.67 -42.80 17.70
CA GLN J 334 5.89 -43.58 16.74
C GLN J 334 6.12 -45.07 16.97
N PRO J 335 5.03 -45.80 17.25
CA PRO J 335 5.10 -47.20 17.69
C PRO J 335 6.06 -48.05 16.86
N LEU J 336 5.93 -48.02 15.54
CA LEU J 336 6.77 -48.86 14.69
C LEU J 336 8.25 -48.49 14.76
N MET J 337 8.54 -47.20 14.74
CA MET J 337 9.90 -46.72 14.89
C MET J 337 10.47 -47.07 16.27
N ARG J 338 9.64 -46.92 17.30
CA ARG J 338 10.09 -47.19 18.66
C ARG J 338 10.45 -48.66 18.79
N HIS J 339 9.61 -49.51 18.20
CA HIS J 339 9.83 -50.95 18.18
C HIS J 339 11.17 -51.29 17.54
N VAL J 340 11.42 -50.71 16.37
CA VAL J 340 12.66 -50.97 15.64
C VAL J 340 13.88 -50.47 16.43
N LEU J 341 13.85 -49.22 16.86
CA LEU J 341 14.94 -48.64 17.62
C LEU J 341 15.23 -49.46 18.89
N SER J 342 14.19 -49.97 19.52
CA SER J 342 14.34 -50.78 20.72
C SER J 342 15.08 -52.08 20.44
N ARG J 343 14.72 -52.75 19.36
CA ARG J 343 15.41 -53.97 18.96
C ARG J 343 16.87 -53.71 18.63
N MET J 344 17.16 -52.55 18.05
CA MET J 344 18.54 -52.18 17.75
C MET J 344 19.34 -51.95 19.03
N ALA J 345 18.73 -51.27 20.00
CA ALA J 345 19.38 -51.04 21.29
C ALA J 345 19.65 -52.38 21.96
N LEU J 346 18.65 -53.25 21.89
CA LEU J 346 18.74 -54.58 22.46
C LEU J 346 19.87 -55.38 21.81
N GLN J 347 20.06 -55.13 20.51
CA GLN J 347 21.15 -55.76 19.76
C GLN J 347 22.48 -55.33 20.32
N LEU J 348 22.61 -54.04 20.62
CA LEU J 348 23.85 -53.49 21.14
C LEU J 348 24.10 -53.92 22.59
N GLU J 349 23.03 -54.05 23.37
CA GLU J 349 23.16 -54.54 24.73
C GLU J 349 23.92 -55.87 24.70
N GLY J 350 23.41 -56.80 23.90
CA GLY J 350 24.00 -58.11 23.77
C GLY J 350 25.45 -58.07 23.33
N GLN J 351 25.73 -57.36 22.25
CA GLN J 351 27.08 -57.25 21.72
C GLN J 351 28.06 -56.63 22.74
N THR J 352 27.61 -55.60 23.43
CA THR J 352 28.44 -54.97 24.47
C THR J 352 28.79 -55.99 25.55
N ALA J 353 27.81 -56.78 25.97
CA ALA J 353 28.03 -57.79 27.00
C ALA J 353 29.01 -58.87 26.54
N LEU J 354 28.77 -59.41 25.35
CA LEU J 354 29.59 -60.48 24.81
C LEU J 354 31.02 -60.03 24.53
N LEU J 355 31.18 -58.84 23.96
CA LEU J 355 32.49 -58.34 23.56
C LEU J 355 33.40 -58.07 24.75
N PHE J 356 32.85 -57.49 25.80
CA PHE J 356 33.65 -57.18 26.98
C PHE J 356 33.82 -58.36 27.93
N ARG J 357 32.93 -59.36 27.84
CA ARG J 357 33.19 -60.64 28.47
C ARG J 357 34.34 -61.30 27.71
N LEU J 358 34.30 -61.17 26.39
CA LEU J 358 35.34 -61.73 25.52
C LEU J 358 36.65 -61.00 25.77
N ALA J 359 36.56 -59.73 26.15
CA ALA J 359 37.75 -58.96 26.46
C ALA J 359 38.34 -59.44 27.79
N ARG J 360 37.47 -59.84 28.71
CA ARG J 360 37.91 -60.36 29.99
C ARG J 360 38.68 -61.65 29.77
N ALA J 361 38.17 -62.48 28.87
CA ALA J 361 38.83 -63.74 28.54
C ALA J 361 40.26 -63.49 28.10
N TRP J 362 40.45 -62.55 27.18
CA TRP J 362 41.78 -62.21 26.70
C TRP J 362 42.68 -61.68 27.81
N ASP J 363 42.09 -60.94 28.74
CA ASP J 363 42.84 -60.34 29.84
C ASP J 363 43.34 -61.43 30.79
N ARG J 364 42.51 -62.44 31.01
CA ARG J 364 42.84 -63.52 31.93
C ARG J 364 43.23 -64.79 31.15
N ARG J 365 43.99 -64.60 30.07
CA ARG J 365 44.34 -65.71 29.18
C ARG J 365 45.33 -66.70 29.84
N ALA J 366 45.91 -66.30 30.97
CA ALA J 366 46.79 -67.21 31.72
C ALA J 366 46.00 -68.44 32.17
N ASP J 367 44.71 -68.23 32.46
CA ASP J 367 43.78 -69.31 32.74
C ASP J 367 43.38 -69.99 31.43
N ALA J 368 43.60 -71.29 31.36
CA ALA J 368 43.34 -72.06 30.13
C ALA J 368 41.87 -72.04 29.72
N LYS J 369 40.98 -72.09 30.72
CA LYS J 369 39.54 -72.04 30.47
C LYS J 369 39.13 -70.70 29.86
N GLU J 370 39.79 -69.62 30.27
CA GLU J 370 39.54 -68.31 29.70
C GLU J 370 40.09 -68.22 28.27
N ALA J 371 41.30 -68.72 28.07
CA ALA J 371 41.90 -68.70 26.75
C ALA J 371 41.05 -69.45 25.75
N LEU J 372 40.46 -70.55 26.21
CA LEU J 372 39.63 -71.40 25.35
C LEU J 372 38.32 -70.69 24.99
N TRP J 373 37.76 -69.97 25.95
CA TRP J 373 36.56 -69.19 25.71
C TRP J 373 36.85 -68.15 24.63
N ALA J 374 37.97 -67.46 24.77
CA ALA J 374 38.39 -66.47 23.78
C ALA J 374 38.67 -67.11 22.42
N ARG J 375 39.32 -68.29 22.45
CA ARG J 375 39.70 -68.98 21.23
C ARG J 375 38.47 -69.34 20.40
N LEU J 376 37.34 -69.54 21.09
CA LEU J 376 36.12 -69.98 20.42
C LEU J 376 35.23 -68.82 19.99
N PHE J 377 35.00 -67.88 20.90
CA PHE J 377 34.04 -66.80 20.64
C PHE J 377 34.59 -65.61 19.84
N THR J 378 35.90 -65.46 19.78
CA THR J 378 36.46 -64.40 18.96
C THR J 378 36.04 -64.55 17.50
N PRO J 379 36.34 -65.69 16.87
CA PRO J 379 35.95 -65.89 15.46
C PRO J 379 34.44 -65.74 15.28
N ALA J 380 33.65 -66.27 16.22
CA ALA J 380 32.20 -66.16 16.15
C ALA J 380 31.74 -64.69 16.18
N ALA J 381 32.21 -63.95 17.18
CA ALA J 381 31.84 -62.56 17.34
C ALA J 381 32.15 -61.76 16.08
N LYS J 382 33.32 -62.01 15.48
CA LYS J 382 33.68 -61.31 14.25
C LYS J 382 32.73 -61.66 13.12
N PHE J 383 32.39 -62.92 12.98
CA PHE J 383 31.48 -63.31 11.91
C PHE J 383 30.14 -62.61 12.08
N VAL J 384 29.48 -62.88 13.20
CA VAL J 384 28.14 -62.36 13.44
C VAL J 384 28.07 -60.83 13.53
N ILE J 385 28.90 -60.24 14.37
CA ILE J 385 28.83 -58.80 14.57
C ILE J 385 29.16 -58.05 13.28
N CYS J 386 30.29 -58.37 12.66
CA CYS J 386 30.68 -57.70 11.42
C CYS J 386 29.66 -57.86 10.29
N LYS J 387 28.93 -58.96 10.29
CA LYS J 387 27.88 -59.19 9.30
C LYS J 387 26.67 -58.31 9.59
N ARG J 388 26.30 -58.23 10.87
CA ARG J 388 25.19 -57.38 11.30
C ARG J 388 25.42 -55.91 11.00
N GLY J 389 26.69 -55.51 10.95
CA GLY J 389 27.03 -54.11 10.77
C GLY J 389 26.33 -53.43 9.62
N MET J 390 26.33 -54.08 8.45
CA MET J 390 25.75 -53.48 7.25
C MET J 390 24.26 -53.17 7.36
N PRO J 391 23.42 -54.19 7.64
CA PRO J 391 21.99 -53.94 7.75
C PRO J 391 21.67 -52.96 8.87
N PHE J 392 22.44 -53.02 9.96
CA PHE J 392 22.22 -52.20 11.14
C PHE J 392 22.42 -50.73 10.83
N VAL J 393 23.59 -50.41 10.29
CA VAL J 393 23.93 -49.03 9.98
C VAL J 393 23.00 -48.48 8.90
N ALA J 394 22.62 -49.35 7.96
CA ALA J 394 21.67 -48.98 6.92
C ALA J 394 20.33 -48.56 7.52
N GLU J 395 19.91 -49.25 8.58
CA GLU J 395 18.69 -48.92 9.29
C GLU J 395 18.83 -47.56 9.96
N ALA J 396 19.94 -47.37 10.67
CA ALA J 396 20.20 -46.09 11.30
C ALA J 396 20.07 -45.00 10.25
N MET J 397 20.74 -45.20 9.11
CA MET J 397 20.71 -44.24 8.01
C MET J 397 19.28 -43.92 7.58
N GLU J 398 18.44 -44.94 7.55
CA GLU J 398 17.06 -44.77 7.11
C GLU J 398 16.24 -44.03 8.16
N VAL J 399 16.68 -44.06 9.41
CA VAL J 399 15.96 -43.35 10.46
C VAL J 399 16.06 -41.86 10.21
N LEU J 400 17.24 -41.41 9.77
CA LEU J 400 17.44 -40.02 9.39
C LEU J 400 16.75 -39.67 8.07
N GLY J 401 16.58 -40.66 7.20
CA GLY J 401 15.95 -40.44 5.91
C GLY J 401 16.91 -39.95 4.84
N GLY J 402 16.42 -39.08 3.97
CA GLY J 402 17.23 -38.57 2.88
C GLY J 402 18.55 -37.93 3.29
N ILE J 403 18.55 -37.17 4.39
CA ILE J 403 19.77 -36.48 4.79
C ILE J 403 20.81 -37.48 5.28
N GLY J 404 20.37 -38.69 5.61
CA GLY J 404 21.26 -39.75 6.03
C GLY J 404 21.99 -40.38 4.86
N TYR J 405 21.50 -40.12 3.66
CA TYR J 405 22.09 -40.69 2.45
C TYR J 405 23.08 -39.72 1.82
N CYS J 406 23.29 -38.59 2.48
CA CYS J 406 24.17 -37.54 1.96
C CYS J 406 25.51 -37.52 2.70
N GLU J 407 26.59 -37.29 1.96
CA GLU J 407 27.93 -37.42 2.52
C GLU J 407 28.28 -36.37 3.59
N GLU J 408 27.42 -35.37 3.75
CA GLU J 408 27.62 -34.39 4.81
C GLU J 408 27.30 -35.03 6.16
N SER J 409 26.52 -36.10 6.12
CA SER J 409 26.19 -36.88 7.30
C SER J 409 27.26 -37.93 7.58
N GLU J 410 27.35 -38.37 8.84
CA GLU J 410 28.34 -39.37 9.21
C GLU J 410 27.95 -40.75 8.71
N LEU J 411 26.66 -40.94 8.45
CA LEU J 411 26.14 -42.27 8.14
C LEU J 411 26.77 -42.94 6.91
N PRO J 412 26.84 -42.23 5.77
CA PRO J 412 27.42 -42.87 4.59
C PRO J 412 28.85 -43.37 4.82
N ARG J 413 29.67 -42.58 5.49
CA ARG J 413 31.04 -43.01 5.78
C ARG J 413 31.06 -44.29 6.63
N LEU J 414 30.19 -44.35 7.64
CA LEU J 414 30.06 -45.55 8.46
C LEU J 414 29.58 -46.73 7.63
N TYR J 415 28.49 -46.50 6.90
CA TYR J 415 27.92 -47.51 6.02
C TYR J 415 28.96 -48.04 5.04
N ARG J 416 29.82 -47.14 4.55
CA ARG J 416 30.87 -47.53 3.61
C ARG J 416 32.02 -48.29 4.28
N GLU J 417 32.14 -48.16 5.60
CA GLU J 417 33.21 -48.78 6.35
C GLU J 417 32.90 -50.23 6.68
N MET J 418 31.63 -50.47 7.02
CA MET J 418 31.21 -51.75 7.60
C MET J 418 31.77 -53.01 6.94
N PRO J 419 31.72 -53.10 5.61
CA PRO J 419 32.10 -54.36 4.96
C PRO J 419 33.58 -54.71 5.15
N VAL J 420 34.42 -53.70 5.30
CA VAL J 420 35.85 -53.96 5.40
C VAL J 420 36.16 -54.86 6.60
N ASN J 421 35.48 -54.61 7.72
CA ASN J 421 35.67 -55.41 8.93
C ASN J 421 35.27 -56.87 8.74
N SER J 422 34.30 -57.11 7.87
CA SER J 422 33.81 -58.45 7.59
C SER J 422 34.71 -59.20 6.60
N ILE J 423 35.44 -58.44 5.77
CA ILE J 423 36.33 -59.02 4.78
C ILE J 423 37.77 -59.21 5.30
N TRP J 424 38.19 -58.36 6.22
CA TRP J 424 39.54 -58.44 6.78
C TRP J 424 39.80 -59.82 7.38
N GLU J 425 41.06 -60.25 7.31
CA GLU J 425 41.50 -61.48 7.98
C GLU J 425 40.67 -62.72 7.64
N GLY J 426 40.51 -63.00 6.35
CA GLY J 426 39.93 -64.26 5.93
C GLY J 426 38.44 -64.23 5.62
N SER J 427 37.74 -63.24 6.17
CA SER J 427 36.30 -63.07 5.92
C SER J 427 35.41 -64.04 6.71
N GLY J 428 34.10 -63.86 6.56
CA GLY J 428 33.11 -64.57 7.36
C GLY J 428 33.27 -66.07 7.34
N ASN J 429 33.32 -66.65 6.14
CA ASN J 429 33.39 -68.10 6.03
C ASN J 429 34.57 -68.68 6.81
N ILE J 430 35.72 -68.03 6.66
CA ILE J 430 36.92 -68.51 7.36
C ILE J 430 36.72 -68.49 8.87
N MET J 431 36.03 -67.48 9.37
CA MET J 431 35.70 -67.41 10.80
C MET J 431 34.89 -68.63 11.22
N CYS J 432 33.87 -68.97 10.43
CA CYS J 432 32.98 -70.07 10.77
C CYS J 432 33.68 -71.42 10.64
N LEU J 433 34.52 -71.56 9.61
CA LEU J 433 35.35 -72.76 9.51
C LEU J 433 36.25 -72.91 10.74
N ASP J 434 36.78 -71.79 11.21
CA ASP J 434 37.65 -71.80 12.38
C ASP J 434 36.87 -72.20 13.63
N VAL J 435 35.62 -71.74 13.72
CA VAL J 435 34.76 -72.10 14.86
C VAL J 435 34.47 -73.59 14.87
N LEU J 436 34.26 -74.16 13.69
CA LEU J 436 34.05 -75.61 13.57
C LEU J 436 35.31 -76.37 13.96
N ARG J 437 36.47 -75.87 13.51
CA ARG J 437 37.74 -76.51 13.83
C ARG J 437 37.98 -76.56 15.34
N VAL J 438 37.51 -75.54 16.05
CA VAL J 438 37.67 -75.50 17.49
C VAL J 438 36.73 -76.49 18.17
N LEU J 439 35.51 -76.59 17.68
CA LEU J 439 34.57 -77.55 18.24
C LEU J 439 34.99 -78.99 17.98
N ASN J 440 35.79 -79.18 16.93
CA ASN J 440 36.25 -80.51 16.56
C ASN J 440 37.61 -80.86 17.17
N LYS J 441 38.63 -80.08 16.83
CA LYS J 441 40.00 -80.40 17.21
C LYS J 441 40.39 -80.05 18.66
N GLN J 442 39.61 -79.18 19.30
CA GLN J 442 39.96 -78.73 20.65
C GLN J 442 39.27 -79.55 21.73
N ALA J 443 40.01 -79.86 22.79
CA ALA J 443 39.50 -80.70 23.86
C ALA J 443 38.96 -79.88 25.03
N GLY J 444 37.84 -80.30 25.58
CA GLY J 444 37.25 -79.64 26.72
C GLY J 444 36.37 -78.47 26.35
N VAL J 445 36.03 -78.36 25.07
CA VAL J 445 35.17 -77.29 24.58
C VAL J 445 33.72 -77.57 24.91
N TYR J 446 33.28 -78.79 24.59
CA TYR J 446 31.92 -79.21 24.90
C TYR J 446 31.64 -79.11 26.40
N ASP J 447 32.67 -79.36 27.21
CA ASP J 447 32.54 -79.25 28.66
C ASP J 447 32.40 -77.79 29.07
N LEU J 448 33.28 -76.94 28.53
CA LEU J 448 33.25 -75.50 28.83
C LEU J 448 31.89 -74.87 28.50
N LEU J 449 31.32 -75.27 27.37
CA LEU J 449 30.00 -74.79 26.99
C LEU J 449 28.92 -75.26 27.96
N SER J 450 28.90 -76.56 28.23
CA SER J 450 27.89 -77.14 29.12
C SER J 450 27.90 -76.52 30.51
N GLU J 451 29.10 -76.17 31.00
CA GLU J 451 29.22 -75.53 32.31
C GLU J 451 28.50 -74.20 32.33
N ALA J 452 28.56 -73.48 31.21
CA ALA J 452 27.95 -72.15 31.11
C ALA J 452 26.43 -72.25 30.98
N PHE J 453 25.96 -73.23 30.20
CA PHE J 453 24.54 -73.40 29.95
C PHE J 453 23.81 -73.92 31.19
N VAL J 454 24.47 -74.82 31.92
CA VAL J 454 23.90 -75.35 33.16
C VAL J 454 23.77 -74.26 34.21
N GLU J 455 24.68 -73.30 34.19
CA GLU J 455 24.69 -72.23 35.19
C GLU J 455 23.50 -71.27 35.05
N VAL J 456 22.78 -71.35 33.93
CA VAL J 456 21.62 -70.47 33.70
C VAL J 456 20.37 -71.26 33.31
N LYS J 457 20.47 -72.59 33.30
CA LYS J 457 19.35 -73.42 32.92
C LYS J 457 18.13 -73.09 33.79
N GLY J 458 16.96 -73.04 33.17
CA GLY J 458 15.72 -72.80 33.87
C GLY J 458 15.37 -71.33 34.03
N GLN J 459 16.30 -70.44 33.67
CA GLN J 459 16.06 -69.01 33.77
C GLN J 459 15.18 -68.48 32.64
N ASP J 460 15.29 -69.08 31.46
CA ASP J 460 14.51 -68.65 30.30
C ASP J 460 14.23 -69.82 29.37
N ARG J 461 12.96 -69.99 29.03
CA ARG J 461 12.51 -71.12 28.22
C ARG J 461 13.10 -71.10 26.81
N TYR J 462 13.16 -69.91 26.22
CA TYR J 462 13.66 -69.77 24.85
C TYR J 462 15.16 -70.03 24.77
N PHE J 463 15.88 -69.70 25.85
CA PHE J 463 17.31 -69.95 25.89
C PHE J 463 17.60 -71.46 25.96
N ASP J 464 16.88 -72.15 26.83
CA ASP J 464 17.09 -73.59 27.01
C ASP J 464 16.72 -74.36 25.74
N ARG J 465 15.64 -73.94 25.09
CA ARG J 465 15.22 -74.55 23.83
C ARG J 465 16.31 -74.35 22.77
N ALA J 466 16.95 -73.19 22.78
CA ALA J 466 18.02 -72.89 21.84
C ALA J 466 19.24 -73.78 22.13
N VAL J 467 19.55 -73.96 23.41
CA VAL J 467 20.65 -74.83 23.80
C VAL J 467 20.42 -76.25 23.29
N ARG J 468 19.20 -76.74 23.45
CA ARG J 468 18.86 -78.09 23.02
C ARG J 468 18.97 -78.23 21.50
N ARG J 469 18.73 -77.14 20.79
CA ARG J 469 18.79 -77.16 19.33
C ARG J 469 20.21 -77.07 18.82
N LEU J 470 21.09 -76.41 19.58
CA LEU J 470 22.49 -76.36 19.21
C LEU J 470 23.13 -77.72 19.39
N GLN J 471 22.88 -78.34 20.55
CA GLN J 471 23.45 -79.65 20.84
C GLN J 471 22.97 -80.67 19.82
N GLN J 472 21.72 -80.56 19.40
CA GLN J 472 21.19 -81.45 18.38
C GLN J 472 21.92 -81.21 17.06
N GLN J 473 22.44 -80.00 16.89
CA GLN J 473 23.13 -79.61 15.66
C GLN J 473 24.60 -80.02 15.70
N LEU J 474 25.18 -80.03 16.89
CA LEU J 474 26.58 -80.39 17.07
C LEU J 474 26.80 -81.89 17.01
N ARG J 475 25.75 -82.64 16.68
CA ARG J 475 25.88 -84.08 16.51
C ARG J 475 26.95 -84.38 15.46
N LYS J 476 26.68 -84.01 14.22
CA LYS J 476 27.64 -84.17 13.14
C LYS J 476 27.76 -82.88 12.34
N PRO J 477 28.39 -81.85 12.94
CA PRO J 477 28.49 -80.51 12.34
C PRO J 477 29.02 -80.55 10.91
N ALA J 478 28.14 -80.34 9.94
CA ALA J 478 28.54 -80.32 8.54
C ALA J 478 29.16 -78.98 8.24
N GLU J 479 30.12 -78.97 7.32
CA GLU J 479 30.81 -77.73 6.98
C GLU J 479 29.82 -76.70 6.46
N GLU J 480 28.89 -77.16 5.62
CA GLU J 480 27.89 -76.26 5.03
C GLU J 480 27.01 -75.57 6.07
N LEU J 481 26.98 -76.12 7.28
CA LEU J 481 26.20 -75.53 8.37
C LEU J 481 27.05 -74.65 9.28
N GLY J 482 28.27 -74.36 8.84
CA GLY J 482 29.21 -73.60 9.64
C GLY J 482 28.69 -72.23 10.07
N ARG J 483 27.88 -71.61 9.23
CA ARG J 483 27.30 -70.32 9.58
C ARG J 483 26.16 -70.46 10.56
N GLU J 484 25.24 -71.39 10.26
CA GLU J 484 24.11 -71.64 11.15
C GLU J 484 24.63 -71.94 12.56
N ILE J 485 25.66 -72.79 12.62
CA ILE J 485 26.24 -73.21 13.89
C ILE J 485 26.92 -72.06 14.60
N THR J 486 27.75 -71.32 13.87
CA THR J 486 28.47 -70.20 14.45
C THR J 486 27.50 -69.14 14.97
N HIS J 487 26.47 -68.84 14.19
CA HIS J 487 25.47 -67.87 14.61
C HIS J 487 24.78 -68.30 15.89
N GLN J 488 24.30 -69.55 15.93
CA GLN J 488 23.62 -70.09 17.10
C GLN J 488 24.53 -70.01 18.31
N LEU J 489 25.78 -70.42 18.12
CA LEU J 489 26.78 -70.40 19.20
C LEU J 489 26.95 -68.99 19.76
N PHE J 490 27.08 -68.02 18.86
CA PHE J 490 27.24 -66.62 19.26
C PHE J 490 26.04 -66.14 20.07
N LEU J 491 24.84 -66.44 19.59
CA LEU J 491 23.64 -66.03 20.29
C LEU J 491 23.63 -66.57 21.71
N LEU J 492 23.87 -67.87 21.84
CA LEU J 492 23.90 -68.50 23.16
C LEU J 492 24.94 -67.85 24.06
N GLY J 493 26.06 -67.44 23.47
CA GLY J 493 27.10 -66.74 24.19
C GLY J 493 26.59 -65.45 24.80
N CYS J 494 25.95 -64.62 23.98
CA CYS J 494 25.35 -63.37 24.45
C CYS J 494 24.23 -63.64 25.45
N GLY J 495 23.42 -64.66 25.14
CA GLY J 495 22.33 -65.03 26.01
C GLY J 495 22.78 -65.34 27.42
N ALA J 496 23.76 -66.23 27.53
CA ALA J 496 24.33 -66.59 28.83
C ALA J 496 24.70 -65.33 29.63
N GLN J 497 25.37 -64.39 28.97
CA GLN J 497 25.80 -63.14 29.60
C GLN J 497 24.62 -62.26 30.01
N MET J 498 23.60 -62.22 29.18
CA MET J 498 22.42 -61.43 29.50
C MET J 498 21.69 -62.02 30.71
N LEU J 499 21.49 -63.33 30.71
CA LEU J 499 20.80 -63.99 31.80
C LEU J 499 21.55 -63.85 33.13
N LYS J 500 22.87 -63.90 33.08
CA LYS J 500 23.69 -63.82 34.29
C LYS J 500 23.75 -62.42 34.91
N TYR J 501 24.14 -61.43 34.12
CA TYR J 501 24.48 -60.11 34.66
C TYR J 501 23.55 -58.96 34.24
N ALA J 502 22.54 -59.26 33.44
CA ALA J 502 21.55 -58.25 33.07
C ALA J 502 20.29 -58.35 33.94
N SER J 503 19.57 -57.25 34.08
CA SER J 503 18.33 -57.28 34.84
C SER J 503 17.40 -58.32 34.22
N PRO J 504 16.68 -59.07 35.06
CA PRO J 504 15.80 -60.13 34.58
C PRO J 504 14.89 -59.70 33.43
N PRO J 505 14.22 -58.53 33.54
CA PRO J 505 13.35 -58.09 32.43
C PRO J 505 14.13 -57.87 31.14
N MET J 506 15.36 -57.36 31.26
CA MET J 506 16.23 -57.12 30.11
C MET J 506 16.67 -58.44 29.48
N ALA J 507 17.03 -59.40 30.32
CA ALA J 507 17.46 -60.71 29.83
C ALA J 507 16.32 -61.45 29.15
N GLN J 508 15.11 -61.28 29.67
CA GLN J 508 13.94 -61.90 29.07
C GLN J 508 13.65 -61.30 27.71
N ALA J 509 13.72 -59.98 27.64
CA ALA J 509 13.48 -59.27 26.39
C ALA J 509 14.48 -59.73 25.32
N TRP J 510 15.74 -59.77 25.69
CA TRP J 510 16.78 -60.18 24.76
C TRP J 510 16.54 -61.60 24.28
N CYS J 511 16.27 -62.51 25.20
CA CYS J 511 16.04 -63.91 24.86
C CYS J 511 14.82 -64.07 23.96
N GLN J 512 13.75 -63.36 24.26
CA GLN J 512 12.52 -63.47 23.48
C GLN J 512 12.73 -62.97 22.05
N VAL J 513 13.42 -61.84 21.92
CA VAL J 513 13.66 -61.26 20.61
C VAL J 513 14.60 -62.09 19.76
N MET J 514 15.70 -62.55 20.35
CA MET J 514 16.74 -63.24 19.59
C MET J 514 16.51 -64.75 19.42
N LEU J 515 15.76 -65.34 20.34
CA LEU J 515 15.70 -66.80 20.40
C LEU J 515 14.30 -67.39 20.24
N ASP J 516 13.28 -66.54 20.18
CA ASP J 516 11.92 -67.03 19.95
C ASP J 516 11.70 -67.14 18.45
N THR J 517 11.76 -68.37 17.95
CA THR J 517 11.64 -68.64 16.53
C THR J 517 10.27 -68.21 15.99
N ARG J 518 9.27 -68.19 16.86
CA ARG J 518 7.92 -67.81 16.47
C ARG J 518 7.82 -66.35 15.98
N GLY J 519 8.51 -65.45 16.66
CA GLY J 519 8.48 -64.04 16.29
C GLY J 519 7.19 -63.36 16.70
N GLY J 520 6.97 -62.14 16.23
CA GLY J 520 5.82 -61.36 16.64
C GLY J 520 5.98 -60.98 18.11
N VAL J 521 7.21 -60.66 18.48
CA VAL J 521 7.57 -60.40 19.86
C VAL J 521 7.38 -58.93 20.21
N ARG J 522 6.26 -58.59 20.82
CA ARG J 522 6.05 -57.21 21.30
C ARG J 522 6.82 -57.01 22.59
N LEU J 523 7.41 -55.83 22.75
CA LEU J 523 8.13 -55.51 23.99
C LEU J 523 7.27 -54.60 24.86
N SER J 524 7.41 -54.74 26.18
CA SER J 524 6.66 -53.90 27.12
C SER J 524 7.09 -52.45 26.97
N GLU J 525 6.18 -51.53 27.30
CA GLU J 525 6.48 -50.11 27.19
C GLU J 525 7.60 -49.74 28.16
N GLN J 526 7.71 -50.49 29.25
CA GLN J 526 8.70 -50.21 30.27
C GLN J 526 10.10 -50.61 29.85
N ILE J 527 10.22 -51.76 29.19
CA ILE J 527 11.52 -52.24 28.74
C ILE J 527 12.05 -51.42 27.56
N GLN J 528 11.14 -50.93 26.73
CA GLN J 528 11.50 -50.06 25.61
C GLN J 528 11.98 -48.70 26.11
N ASN J 529 11.26 -48.14 27.06
CA ASN J 529 11.66 -46.89 27.69
C ASN J 529 13.03 -47.03 28.34
N ASP J 530 13.29 -48.20 28.88
CA ASP J 530 14.54 -48.44 29.60
C ASP J 530 15.71 -48.62 28.63
N LEU J 531 15.49 -49.39 27.57
CA LEU J 531 16.51 -49.61 26.56
C LEU J 531 17.04 -48.29 25.98
N LEU J 532 16.12 -47.42 25.60
CA LEU J 532 16.46 -46.14 24.98
C LEU J 532 17.08 -45.18 25.98
N LEU J 533 16.72 -45.33 27.25
CA LEU J 533 17.27 -44.47 28.28
C LEU J 533 18.72 -44.87 28.54
N ARG J 534 18.97 -46.18 28.51
CA ARG J 534 20.32 -46.70 28.74
C ARG J 534 21.26 -46.38 27.58
N ALA J 535 20.68 -46.12 26.41
CA ALA J 535 21.48 -45.86 25.21
C ALA J 535 21.84 -44.39 25.08
N THR J 536 21.40 -43.57 26.03
CA THR J 536 21.74 -42.16 26.04
C THR J 536 22.44 -41.79 27.34
N GLY J 537 22.88 -42.79 28.09
CA GLY J 537 23.58 -42.56 29.33
C GLY J 537 22.63 -42.42 30.49
N GLY J 538 23.12 -41.84 31.60
CA GLY J 538 22.31 -41.68 32.78
C GLY J 538 22.32 -42.92 33.65
N VAL J 539 23.09 -43.92 33.25
CA VAL J 539 23.26 -45.14 34.03
C VAL J 539 24.68 -45.20 34.59
N CYS J 540 25.40 -44.09 34.45
CA CYS J 540 26.80 -44.03 34.87
C CYS J 540 26.98 -43.12 36.08
N MET K 1 11.49 -8.49 -11.36
CA MET K 1 10.66 -8.97 -10.25
C MET K 1 11.19 -8.46 -8.93
N HIS K 2 10.62 -8.94 -7.83
CA HIS K 2 11.00 -8.46 -6.50
C HIS K 2 12.05 -9.35 -5.83
N TRP K 3 12.34 -10.50 -6.44
CA TRP K 3 13.30 -11.45 -5.89
C TRP K 3 14.73 -11.03 -6.17
N GLN K 4 14.90 -10.23 -7.22
CA GLN K 4 16.23 -9.85 -7.68
C GLN K 4 16.80 -8.68 -6.88
N THR K 5 18.13 -8.65 -6.77
CA THR K 5 18.82 -7.55 -6.11
C THR K 5 19.40 -6.57 -7.11
N HIS K 6 19.47 -6.99 -8.37
CA HIS K 6 20.11 -6.17 -9.40
C HIS K 6 19.79 -6.68 -10.80
N THR K 7 20.22 -5.92 -11.80
CA THR K 7 20.06 -6.34 -13.18
C THR K 7 21.45 -6.47 -13.79
N VAL K 8 21.68 -7.56 -14.52
CA VAL K 8 22.98 -7.79 -15.15
C VAL K 8 23.02 -7.10 -16.52
N PHE K 9 23.95 -6.16 -16.66
CA PHE K 9 24.12 -5.46 -17.92
C PHE K 9 25.59 -5.14 -18.19
N ASN K 10 25.88 -4.67 -19.40
CA ASN K 10 27.24 -4.36 -19.82
C ASN K 10 28.17 -5.58 -19.75
N GLN K 11 27.58 -6.77 -19.82
CA GLN K 11 28.36 -8.01 -19.90
C GLN K 11 28.33 -8.55 -21.33
N PRO K 12 29.45 -8.43 -22.04
CA PRO K 12 29.58 -8.85 -23.43
C PRO K 12 29.41 -10.35 -23.59
N ILE K 13 28.87 -10.78 -24.73
CA ILE K 13 28.75 -12.19 -25.05
C ILE K 13 30.09 -12.71 -25.53
N PRO K 14 30.50 -13.89 -25.05
CA PRO K 14 31.83 -14.42 -25.41
C PRO K 14 31.90 -14.84 -26.88
N LEU K 15 33.08 -14.73 -27.47
CA LEU K 15 33.26 -15.06 -28.88
C LEU K 15 33.09 -16.54 -29.13
N ASN K 16 32.13 -16.87 -29.98
CA ASN K 16 31.97 -18.24 -30.47
C ASN K 16 31.14 -18.26 -31.75
N ASN K 17 31.08 -19.41 -32.39
CA ASN K 17 30.36 -19.55 -33.66
C ASN K 17 30.84 -18.51 -34.67
N SER K 18 32.14 -18.25 -34.68
CA SER K 18 32.78 -17.45 -35.72
C SER K 18 33.56 -18.35 -36.67
N ASN K 19 34.15 -17.75 -37.69
CA ASN K 19 34.98 -18.49 -38.64
C ASN K 19 36.45 -18.18 -38.38
N LEU K 20 37.17 -19.14 -37.81
CA LEU K 20 38.54 -18.90 -37.37
C LEU K 20 39.44 -18.47 -38.53
N TYR K 21 39.06 -18.87 -39.75
CA TYR K 21 39.85 -18.56 -40.93
C TYR K 21 39.43 -17.23 -41.57
N LEU K 22 38.17 -17.13 -41.99
CA LEU K 22 37.68 -15.94 -42.68
C LEU K 22 37.77 -14.66 -41.85
N SER K 23 37.97 -14.78 -40.55
CA SER K 23 38.05 -13.60 -39.68
C SER K 23 39.49 -13.14 -39.50
N ASP K 24 40.41 -13.77 -40.23
CA ASP K 24 41.83 -13.46 -40.09
C ASP K 24 42.38 -12.95 -41.41
N GLY K 25 42.20 -11.66 -41.66
CA GLY K 25 42.65 -11.04 -42.90
C GLY K 25 44.07 -11.41 -43.30
N ALA K 26 45.00 -11.24 -42.38
CA ALA K 26 46.40 -11.50 -42.64
C ALA K 26 46.64 -12.93 -43.12
N LEU K 27 45.91 -13.87 -42.54
CA LEU K 27 46.05 -15.28 -42.89
C LEU K 27 45.54 -15.60 -44.31
N CYS K 28 44.35 -15.11 -44.64
CA CYS K 28 43.78 -15.30 -45.98
C CYS K 28 44.76 -14.83 -47.05
N GLU K 29 45.31 -13.64 -46.85
CA GLU K 29 46.26 -13.06 -47.78
C GLU K 29 47.54 -13.90 -47.86
N ALA K 30 48.02 -14.36 -46.71
CA ALA K 30 49.24 -15.16 -46.66
C ALA K 30 49.08 -16.49 -47.41
N VAL K 31 47.98 -17.20 -47.15
CA VAL K 31 47.71 -18.45 -47.84
C VAL K 31 47.76 -18.29 -49.36
N THR K 32 47.09 -17.27 -49.88
CA THR K 32 47.02 -17.05 -51.32
C THR K 32 48.37 -16.62 -51.86
N ARG K 33 49.02 -15.73 -51.12
CA ARG K 33 50.33 -15.23 -51.52
C ARG K 33 51.39 -16.33 -51.58
N GLU K 34 51.28 -17.31 -50.70
CA GLU K 34 52.34 -18.32 -50.58
C GLU K 34 52.02 -19.62 -51.31
N GLY K 35 51.09 -19.55 -52.26
CA GLY K 35 50.82 -20.65 -53.17
C GLY K 35 49.96 -21.77 -52.63
N ALA K 36 49.08 -21.46 -51.68
CA ALA K 36 48.16 -22.47 -51.18
C ALA K 36 46.71 -22.04 -51.40
N GLY K 37 46.51 -21.11 -52.32
CA GLY K 37 45.19 -20.58 -52.61
C GLY K 37 44.16 -21.65 -52.92
N TRP K 38 44.64 -22.79 -53.39
CA TRP K 38 43.76 -23.89 -53.74
C TRP K 38 43.05 -24.47 -52.51
N ASP K 39 43.58 -24.16 -51.33
CA ASP K 39 43.02 -24.69 -50.09
C ASP K 39 42.08 -23.71 -49.40
N SER K 40 41.91 -22.53 -50.00
CA SER K 40 41.06 -21.49 -49.43
C SER K 40 39.62 -21.91 -49.10
N ASP K 41 38.96 -22.60 -50.02
CA ASP K 41 37.59 -23.05 -49.76
C ASP K 41 37.54 -24.00 -48.57
N PHE K 42 38.50 -24.93 -48.55
CA PHE K 42 38.56 -25.93 -47.50
C PHE K 42 38.87 -25.27 -46.15
N LEU K 43 39.83 -24.34 -46.15
CA LEU K 43 40.18 -23.60 -44.95
C LEU K 43 38.99 -22.86 -44.35
N ALA K 44 38.21 -22.21 -45.19
CA ALA K 44 37.00 -21.54 -44.71
C ALA K 44 36.01 -22.57 -44.17
N SER K 45 35.96 -23.74 -44.80
CA SER K 45 35.04 -24.79 -44.40
C SER K 45 35.33 -25.26 -42.98
N ILE K 46 36.60 -25.57 -42.70
CA ILE K 46 36.98 -26.04 -41.37
C ILE K 46 37.08 -24.86 -40.40
N GLY K 47 37.41 -23.69 -40.93
CA GLY K 47 37.38 -22.47 -40.15
C GLY K 47 36.04 -22.28 -39.44
N GLN K 48 34.96 -22.56 -40.17
CA GLN K 48 33.61 -22.50 -39.62
C GLN K 48 33.37 -23.63 -38.62
N GLN K 49 33.70 -24.84 -39.02
CA GLN K 49 33.48 -26.00 -38.16
C GLN K 49 34.19 -25.82 -36.81
N LEU K 50 35.48 -25.47 -36.88
CA LEU K 50 36.33 -25.40 -35.70
C LEU K 50 35.96 -24.25 -34.77
N GLY K 51 35.30 -23.24 -35.31
CA GLY K 51 34.97 -22.05 -34.56
C GLY K 51 33.63 -22.09 -33.85
N THR K 52 32.92 -23.21 -33.96
CA THR K 52 31.63 -23.35 -33.30
C THR K 52 31.76 -23.54 -31.79
N ALA K 53 30.68 -23.28 -31.06
CA ALA K 53 30.67 -23.47 -29.62
C ALA K 53 30.91 -24.94 -29.28
N GLU K 54 30.34 -25.82 -30.09
CA GLU K 54 30.44 -27.26 -29.86
C GLU K 54 31.89 -27.69 -29.95
N SER K 55 32.64 -27.03 -30.82
CA SER K 55 34.05 -27.32 -31.02
C SER K 55 34.89 -26.84 -29.85
N LEU K 56 34.69 -25.58 -29.47
CA LEU K 56 35.40 -25.00 -28.34
C LEU K 56 35.15 -25.77 -27.05
N GLU K 57 33.95 -26.35 -26.93
CA GLU K 57 33.61 -27.12 -25.75
C GLU K 57 34.46 -28.39 -25.66
N LEU K 58 34.69 -29.02 -26.80
CA LEU K 58 35.59 -30.17 -26.88
C LEU K 58 36.97 -29.81 -26.33
N GLY K 59 37.48 -28.64 -26.75
CA GLY K 59 38.74 -28.16 -26.25
C GLY K 59 38.73 -28.10 -24.74
N ARG K 60 37.69 -27.49 -24.18
CA ARG K 60 37.57 -27.35 -22.73
C ARG K 60 37.50 -28.71 -22.03
N LEU K 61 36.66 -29.61 -22.55
CA LEU K 61 36.49 -30.93 -21.95
C LEU K 61 37.78 -31.74 -21.93
N ALA K 62 38.55 -31.65 -23.01
CA ALA K 62 39.78 -32.42 -23.13
C ALA K 62 40.79 -31.99 -22.08
N ASN K 63 40.75 -30.72 -21.69
CA ASN K 63 41.69 -30.18 -20.73
C ASN K 63 41.28 -30.31 -19.25
N VAL K 64 39.99 -30.10 -18.96
CA VAL K 64 39.53 -30.21 -17.57
C VAL K 64 39.22 -31.65 -17.17
N ASN K 65 39.24 -32.54 -18.15
CA ASN K 65 39.18 -33.97 -17.89
C ASN K 65 40.44 -34.65 -18.42
N PRO K 66 41.61 -34.35 -17.82
CA PRO K 66 42.88 -34.86 -18.34
C PRO K 66 42.94 -36.39 -18.29
N PRO K 67 43.84 -36.97 -19.08
CA PRO K 67 44.02 -38.43 -19.14
C PRO K 67 44.41 -39.04 -17.79
N GLU K 68 44.03 -40.29 -17.60
CA GLU K 68 44.47 -41.07 -16.43
C GLU K 68 45.50 -42.10 -16.87
N LEU K 69 46.54 -42.27 -16.06
CA LEU K 69 47.52 -43.31 -16.32
C LEU K 69 47.04 -44.61 -15.69
N LEU K 70 46.96 -45.66 -16.50
CA LEU K 70 46.57 -46.97 -15.99
C LEU K 70 47.76 -47.91 -16.02
N ARG K 71 48.49 -47.97 -14.91
CA ARG K 71 49.66 -48.82 -14.81
C ARG K 71 49.28 -50.29 -14.60
N TYR K 72 48.23 -50.53 -13.84
CA TYR K 72 47.78 -51.88 -13.53
C TYR K 72 46.29 -52.04 -13.78
N ASP K 73 45.84 -53.28 -13.96
CA ASP K 73 44.41 -53.56 -13.96
C ASP K 73 43.94 -53.97 -12.55
N ALA K 74 42.68 -54.34 -12.42
CA ALA K 74 42.12 -54.70 -11.10
C ALA K 74 42.65 -56.03 -10.57
N GLN K 75 43.36 -56.77 -11.41
CA GLN K 75 43.90 -58.06 -11.01
C GLN K 75 45.37 -58.00 -10.59
N GLY K 76 46.00 -56.86 -10.82
CA GLY K 76 47.40 -56.67 -10.42
C GLY K 76 48.38 -56.97 -11.53
N ARG K 77 47.87 -57.06 -12.76
CA ARG K 77 48.74 -57.21 -13.91
C ARG K 77 49.03 -55.87 -14.57
N ARG K 78 50.26 -55.74 -15.04
CA ARG K 78 50.72 -54.54 -15.73
C ARG K 78 49.83 -54.24 -16.93
N LEU K 79 49.44 -52.98 -17.07
CA LEU K 79 48.52 -52.58 -18.12
C LEU K 79 49.17 -51.55 -19.05
N ASP K 80 49.81 -50.54 -18.45
CA ASP K 80 50.57 -49.54 -19.18
C ASP K 80 49.76 -48.86 -20.28
N ASP K 81 48.55 -48.44 -19.95
CA ASP K 81 47.70 -47.73 -20.91
C ASP K 81 47.26 -46.38 -20.36
N VAL K 82 46.65 -45.57 -21.21
CA VAL K 82 46.20 -44.23 -20.84
C VAL K 82 44.77 -44.05 -21.30
N ARG K 83 43.92 -43.51 -20.43
CA ARG K 83 42.50 -43.37 -20.73
C ARG K 83 42.07 -41.90 -20.87
N PHE K 84 41.50 -41.55 -22.01
CA PHE K 84 41.15 -40.17 -22.30
C PHE K 84 39.66 -39.88 -22.20
N HIS K 85 39.32 -38.62 -22.07
CA HIS K 85 37.93 -38.19 -22.22
C HIS K 85 37.56 -38.27 -23.70
N PRO K 86 36.32 -38.65 -23.99
CA PRO K 86 35.84 -38.77 -25.38
C PRO K 86 36.20 -37.57 -26.24
N ALA K 87 36.20 -36.38 -25.65
CA ALA K 87 36.49 -35.18 -26.39
C ALA K 87 37.88 -35.23 -27.01
N TRP K 88 38.83 -35.83 -26.31
CA TRP K 88 40.18 -35.98 -26.84
C TRP K 88 40.14 -36.71 -28.19
N HIS K 89 39.53 -37.89 -28.20
CA HIS K 89 39.46 -38.70 -29.41
C HIS K 89 38.76 -37.96 -30.55
N LEU K 90 37.72 -37.19 -30.21
CA LEU K 90 36.99 -36.40 -31.20
C LEU K 90 37.88 -35.36 -31.85
N LEU K 91 38.74 -34.72 -31.06
CA LEU K 91 39.69 -33.76 -31.58
C LEU K 91 40.68 -34.44 -32.53
N MET K 92 41.19 -35.58 -32.11
CA MET K 92 42.12 -36.37 -32.93
C MET K 92 41.51 -36.77 -34.27
N GLN K 93 40.26 -37.22 -34.27
CA GLN K 93 39.59 -37.59 -35.51
C GLN K 93 39.66 -36.45 -36.52
N ALA K 94 39.33 -35.25 -36.07
CA ALA K 94 39.24 -34.12 -36.98
C ALA K 94 40.63 -33.68 -37.45
N LEU K 95 41.60 -33.70 -36.55
CA LEU K 95 42.97 -33.36 -36.90
C LEU K 95 43.50 -34.27 -38.01
N CYS K 96 43.23 -35.57 -37.89
CA CYS K 96 43.69 -36.54 -38.87
C CYS K 96 42.85 -36.49 -40.15
N THR K 97 41.55 -36.25 -39.99
CA THR K 97 40.68 -36.09 -41.14
C THR K 97 41.16 -34.91 -41.98
N ASN K 98 41.59 -33.85 -41.30
CA ASN K 98 42.10 -32.67 -41.98
C ASN K 98 43.58 -32.80 -42.35
N ARG K 99 44.12 -34.00 -42.13
CA ARG K 99 45.49 -34.34 -42.52
C ARG K 99 46.54 -33.36 -42.00
N VAL K 100 46.31 -32.83 -40.80
CA VAL K 100 47.27 -31.91 -40.19
C VAL K 100 48.57 -32.65 -39.86
N HIS K 101 48.50 -33.98 -39.87
CA HIS K 101 49.66 -34.79 -39.54
C HIS K 101 50.47 -35.28 -40.73
N ASN K 102 49.89 -35.24 -41.94
CA ASN K 102 50.59 -35.79 -43.11
C ASN K 102 50.35 -35.14 -44.47
N LEU K 103 49.53 -34.08 -44.53
CA LEU K 103 49.17 -33.47 -45.81
C LEU K 103 50.35 -33.32 -46.78
N ALA K 104 51.48 -32.86 -46.24
CA ALA K 104 52.65 -32.59 -47.04
C ALA K 104 53.35 -33.85 -47.55
N TRP K 105 53.00 -35.01 -46.99
CA TRP K 105 53.73 -36.25 -47.29
C TRP K 105 52.98 -37.24 -48.16
N GLU K 106 51.78 -36.86 -48.58
CA GLU K 106 51.02 -37.65 -49.54
C GLU K 106 51.82 -37.78 -50.83
N GLU K 107 51.67 -38.92 -51.51
CA GLU K 107 52.49 -39.20 -52.68
C GLU K 107 52.22 -38.23 -53.83
N ASP K 108 51.00 -37.69 -53.87
CA ASP K 108 50.60 -36.75 -54.93
C ASP K 108 50.34 -35.36 -54.37
N ALA K 109 50.95 -35.07 -53.22
CA ALA K 109 50.79 -33.76 -52.59
C ALA K 109 51.22 -32.67 -53.56
N ARG K 110 50.38 -31.65 -53.73
CA ARG K 110 50.67 -30.62 -54.70
C ARG K 110 51.54 -29.53 -54.12
N SER K 111 51.90 -28.56 -54.94
CA SER K 111 52.72 -27.46 -54.48
C SER K 111 51.94 -26.58 -53.50
N GLY K 112 52.60 -26.20 -52.41
CA GLY K 112 51.98 -25.35 -51.40
C GLY K 112 51.42 -26.13 -50.22
N ALA K 113 51.55 -27.46 -50.28
CA ALA K 113 50.99 -28.34 -49.27
C ALA K 113 51.45 -28.00 -47.86
N PHE K 114 52.73 -27.67 -47.71
CA PHE K 114 53.28 -27.33 -46.38
C PHE K 114 52.62 -26.06 -45.85
N VAL K 115 52.46 -25.07 -46.74
CA VAL K 115 51.76 -23.83 -46.41
C VAL K 115 50.29 -24.08 -46.06
N ALA K 116 49.60 -24.85 -46.91
CA ALA K 116 48.20 -25.18 -46.66
C ALA K 116 48.05 -25.88 -45.32
N ARG K 117 48.91 -26.85 -45.09
CA ARG K 117 48.93 -27.62 -43.84
C ARG K 117 49.18 -26.73 -42.62
N ALA K 118 50.06 -25.75 -42.79
CA ALA K 118 50.33 -24.80 -41.72
C ALA K 118 49.07 -24.04 -41.36
N ALA K 119 48.30 -23.64 -42.37
CA ALA K 119 47.07 -22.90 -42.12
C ALA K 119 46.04 -23.77 -41.41
N ARG K 120 45.96 -25.03 -41.82
CA ARG K 120 45.04 -25.97 -41.18
C ARG K 120 45.42 -26.12 -39.72
N PHE K 121 46.71 -26.28 -39.48
CA PHE K 121 47.27 -26.39 -38.14
C PHE K 121 46.90 -25.19 -37.28
N MET K 122 47.18 -24.01 -37.81
CA MET K 122 46.91 -22.76 -37.10
C MET K 122 45.46 -22.59 -36.64
N LEU K 123 44.50 -23.06 -37.43
CA LEU K 123 43.09 -23.02 -37.04
C LEU K 123 42.83 -23.95 -35.86
N HIS K 124 43.22 -25.21 -35.99
CA HIS K 124 43.05 -26.17 -34.91
C HIS K 124 43.68 -25.68 -33.61
N ALA K 125 44.88 -25.11 -33.72
CA ALA K 125 45.61 -24.63 -32.55
C ALA K 125 44.83 -23.62 -31.73
N GLN K 126 43.94 -22.86 -32.36
CA GLN K 126 43.13 -21.85 -31.66
C GLN K 126 42.04 -22.49 -30.80
N VAL K 127 41.66 -23.71 -31.15
CA VAL K 127 40.63 -24.44 -30.43
C VAL K 127 41.22 -25.17 -29.22
N GLU K 128 42.19 -26.05 -29.48
CA GLU K 128 42.81 -26.87 -28.44
C GLU K 128 44.28 -27.11 -28.79
N ALA K 129 45.17 -27.05 -27.80
CA ALA K 129 46.60 -27.14 -28.07
C ALA K 129 47.26 -28.49 -27.74
N GLY K 130 46.82 -29.13 -26.67
CA GLY K 130 47.35 -30.43 -26.27
C GLY K 130 47.34 -31.44 -27.41
N SER K 131 46.21 -31.50 -28.12
CA SER K 131 46.03 -32.45 -29.22
C SER K 131 47.03 -32.25 -30.36
N LEU K 132 47.65 -31.07 -30.42
CA LEU K 132 48.62 -30.78 -31.46
C LEU K 132 49.94 -31.52 -31.28
N CYS K 133 50.23 -31.95 -30.05
CA CYS K 133 51.51 -32.58 -29.76
C CYS K 133 51.74 -33.89 -30.54
N PRO K 134 50.78 -34.82 -30.48
CA PRO K 134 50.94 -36.02 -31.31
C PRO K 134 50.97 -35.68 -32.80
N ILE K 135 50.18 -34.69 -33.20
CA ILE K 135 50.14 -34.28 -34.61
C ILE K 135 51.47 -33.69 -35.08
N THR K 136 52.03 -32.81 -34.27
CA THR K 136 53.32 -32.20 -34.59
C THR K 136 54.41 -33.27 -34.73
N MET K 137 54.44 -34.19 -33.78
CA MET K 137 55.45 -35.24 -33.77
C MET K 137 55.30 -36.17 -34.96
N THR K 138 54.07 -36.63 -35.19
CA THR K 138 53.81 -37.52 -36.30
C THR K 138 54.14 -36.83 -37.62
N PHE K 139 53.82 -35.55 -37.70
CA PHE K 139 54.07 -34.80 -38.93
C PHE K 139 55.55 -34.72 -39.25
N ALA K 140 56.36 -34.51 -38.21
CA ALA K 140 57.79 -34.35 -38.38
C ALA K 140 58.48 -35.68 -38.65
N ALA K 141 57.94 -36.75 -38.07
CA ALA K 141 58.54 -38.07 -38.14
C ALA K 141 58.18 -38.86 -39.42
N THR K 142 57.01 -38.58 -39.97
CA THR K 142 56.51 -39.35 -41.11
C THR K 142 57.48 -39.44 -42.30
N PRO K 143 58.01 -38.30 -42.76
CA PRO K 143 58.91 -38.32 -43.92
C PRO K 143 60.09 -39.23 -43.65
N LEU K 144 60.59 -39.19 -42.42
CA LEU K 144 61.72 -40.02 -42.00
C LEU K 144 61.37 -41.51 -42.06
N LEU K 145 60.30 -41.89 -41.38
CA LEU K 145 59.86 -43.29 -41.39
C LEU K 145 59.58 -43.83 -42.79
N LEU K 146 58.89 -43.06 -43.61
CA LEU K 146 58.51 -43.53 -44.94
C LEU K 146 59.68 -44.12 -45.75
N GLN K 147 60.88 -43.63 -45.51
CA GLN K 147 62.04 -44.11 -46.25
C GLN K 147 63.07 -44.88 -45.41
N MET K 148 62.77 -45.08 -44.13
CA MET K 148 63.69 -45.81 -43.26
C MET K 148 63.04 -46.95 -42.46
N LEU K 149 61.75 -47.17 -42.67
CA LEU K 149 61.05 -48.23 -41.95
C LEU K 149 61.79 -49.55 -42.04
N PRO K 150 62.08 -50.17 -40.89
CA PRO K 150 62.67 -51.51 -40.87
C PRO K 150 61.73 -52.49 -41.56
N ALA K 151 62.27 -53.62 -42.01
CA ALA K 151 61.51 -54.60 -42.78
C ALA K 151 60.18 -55.05 -42.14
N PRO K 152 60.20 -55.39 -40.84
CA PRO K 152 58.99 -55.91 -40.19
C PRO K 152 57.82 -54.92 -40.16
N PHE K 153 58.07 -53.68 -40.57
CA PHE K 153 57.06 -52.64 -40.43
C PHE K 153 56.80 -51.90 -41.73
N GLN K 154 57.08 -52.55 -42.86
CA GLN K 154 56.84 -51.91 -44.16
C GLN K 154 55.34 -51.67 -44.40
N ASP K 155 54.51 -52.46 -43.74
CA ASP K 155 53.06 -52.33 -43.89
C ASP K 155 52.50 -51.14 -43.09
N TRP K 156 53.41 -50.32 -42.56
CA TRP K 156 53.02 -49.09 -41.86
C TRP K 156 52.82 -47.95 -42.84
N THR K 157 53.36 -48.10 -44.04
CA THR K 157 53.32 -47.05 -45.05
C THR K 157 51.90 -46.58 -45.35
N THR K 158 50.99 -47.52 -45.60
CA THR K 158 49.62 -47.16 -45.93
C THR K 158 48.89 -46.37 -44.84
N PRO K 159 48.94 -46.85 -43.57
CA PRO K 159 48.32 -46.11 -42.46
C PRO K 159 48.97 -44.75 -42.19
N LEU K 160 50.29 -44.67 -42.37
CA LEU K 160 51.02 -43.42 -42.19
C LEU K 160 50.56 -42.32 -43.13
N LEU K 161 49.93 -42.72 -44.22
CA LEU K 161 49.49 -41.78 -45.25
C LEU K 161 47.97 -41.61 -45.28
N SER K 162 47.28 -42.14 -44.27
CA SER K 162 45.83 -42.06 -44.22
C SER K 162 45.32 -40.79 -43.55
N ASP K 163 44.01 -40.60 -43.57
CA ASP K 163 43.35 -39.47 -42.93
C ASP K 163 42.37 -39.99 -41.87
N ARG K 164 42.71 -41.15 -41.31
CA ARG K 164 41.85 -41.78 -40.31
C ARG K 164 42.59 -41.98 -38.98
N TYR K 165 42.14 -41.27 -37.96
CA TYR K 165 42.63 -41.50 -36.61
C TYR K 165 42.19 -42.88 -36.16
N ASP K 166 43.09 -43.62 -35.54
CA ASP K 166 42.79 -44.98 -35.09
C ASP K 166 43.35 -45.19 -33.68
N SER K 167 42.46 -45.31 -32.70
CA SER K 167 42.86 -45.41 -31.29
C SER K 167 42.93 -46.85 -30.77
N HIS K 168 42.65 -47.81 -31.64
CA HIS K 168 42.66 -49.21 -31.24
C HIS K 168 43.99 -49.60 -30.61
N LEU K 169 43.91 -50.39 -29.55
CA LEU K 169 45.09 -50.90 -28.86
C LEU K 169 45.64 -52.13 -29.61
N LEU K 170 46.17 -51.90 -30.81
CA LEU K 170 46.71 -52.97 -31.64
C LEU K 170 48.08 -52.62 -32.21
N PRO K 171 48.79 -53.63 -32.74
CA PRO K 171 50.04 -53.35 -33.47
C PRO K 171 49.78 -52.42 -34.64
N GLY K 172 50.76 -51.57 -34.96
CA GLY K 172 50.60 -50.56 -35.99
C GLY K 172 50.07 -51.09 -37.31
N GLY K 173 50.66 -52.19 -37.79
CA GLY K 173 50.30 -52.77 -39.07
C GLY K 173 48.83 -53.10 -39.25
N GLN K 174 48.13 -53.31 -38.14
CA GLN K 174 46.72 -53.69 -38.20
C GLN K 174 45.82 -52.47 -38.10
N LYS K 175 46.40 -51.27 -38.05
CA LYS K 175 45.62 -50.06 -37.83
C LYS K 175 45.43 -49.22 -39.10
N ARG K 176 44.45 -48.34 -39.09
CA ARG K 176 44.14 -47.51 -40.24
C ARG K 176 44.94 -46.20 -40.26
N GLY K 177 45.41 -45.78 -39.10
CA GLY K 177 46.25 -44.59 -38.99
C GLY K 177 47.18 -44.70 -37.79
N LEU K 178 48.28 -43.94 -37.82
CA LEU K 178 49.30 -44.06 -36.79
C LEU K 178 49.71 -42.72 -36.15
N LEU K 179 50.32 -42.81 -34.98
CA LEU K 179 50.90 -41.66 -34.29
C LEU K 179 52.33 -41.99 -33.87
N ILE K 180 53.26 -41.09 -34.18
CA ILE K 180 54.65 -41.30 -33.80
C ILE K 180 55.13 -40.28 -32.76
N GLY K 181 55.74 -40.77 -31.69
CA GLY K 181 56.24 -39.91 -30.63
C GLY K 181 57.75 -39.78 -30.65
N MET K 182 58.29 -39.05 -29.68
CA MET K 182 59.73 -38.81 -29.63
C MET K 182 60.29 -38.87 -28.22
N GLY K 183 61.22 -39.80 -27.98
CA GLY K 183 61.85 -39.95 -26.67
C GLY K 183 63.32 -39.56 -26.65
N MET K 184 63.60 -38.32 -26.30
CA MET K 184 64.98 -37.83 -26.22
C MET K 184 65.39 -37.45 -24.79
N THR K 185 64.68 -36.50 -24.20
CA THR K 185 64.99 -35.96 -22.90
C THR K 185 65.13 -37.04 -21.82
N GLU K 186 66.19 -36.92 -21.02
CA GLU K 186 66.35 -37.73 -19.83
C GLU K 186 66.51 -36.83 -18.60
N LYS K 187 66.59 -37.45 -17.43
CA LYS K 187 66.68 -36.69 -16.19
C LYS K 187 67.92 -35.80 -16.13
N GLN K 188 69.01 -36.26 -16.73
CA GLN K 188 70.27 -35.50 -16.68
C GLN K 188 70.36 -34.37 -17.71
N GLY K 189 69.53 -34.44 -18.75
CA GLY K 189 69.56 -33.40 -19.78
C GLY K 189 68.53 -33.52 -20.88
N GLY K 190 68.04 -32.37 -21.33
CA GLY K 190 67.12 -32.31 -22.46
C GLY K 190 67.75 -31.62 -23.66
N SER K 191 68.43 -30.50 -23.43
CA SER K 191 69.13 -29.79 -24.48
C SER K 191 70.38 -30.58 -24.90
N ASP K 192 71.11 -31.04 -23.89
CA ASP K 192 72.34 -31.79 -24.11
C ASP K 192 72.01 -33.28 -24.13
N VAL K 193 71.65 -33.79 -25.30
CA VAL K 193 71.23 -35.19 -25.42
C VAL K 193 72.42 -36.15 -25.44
N MET K 194 73.62 -35.61 -25.61
CA MET K 194 74.85 -36.41 -25.60
C MET K 194 75.02 -37.12 -24.25
N SER K 195 74.32 -36.60 -23.24
CA SER K 195 74.41 -37.10 -21.87
C SER K 195 73.43 -38.24 -21.58
N ASN K 196 72.67 -38.64 -22.58
CA ASN K 196 71.78 -39.80 -22.48
C ASN K 196 72.52 -41.01 -21.93
N THR K 197 71.84 -41.80 -21.10
CA THR K 197 72.43 -43.03 -20.56
C THR K 197 71.58 -44.25 -20.88
N THR K 198 70.57 -44.06 -21.73
CA THR K 198 69.79 -45.18 -22.24
C THR K 198 70.65 -45.93 -23.23
N ARG K 199 70.93 -47.20 -22.94
CA ARG K 199 71.84 -47.97 -23.77
C ARG K 199 71.10 -49.03 -24.60
N ALA K 200 71.66 -49.32 -25.78
CA ALA K 200 71.08 -50.32 -26.67
C ALA K 200 72.13 -51.37 -27.04
N GLU K 201 71.80 -52.63 -26.77
CA GLU K 201 72.68 -53.76 -27.06
C GLU K 201 72.15 -54.63 -28.20
N ARG K 202 72.90 -54.67 -29.30
CA ARG K 202 72.53 -55.45 -30.48
C ARG K 202 71.96 -56.83 -30.10
N LEU K 203 70.84 -57.21 -30.71
CA LEU K 203 70.20 -58.47 -30.36
C LEU K 203 70.13 -59.46 -31.52
N GLU K 204 69.30 -59.17 -32.51
CA GLU K 204 69.12 -60.08 -33.65
C GLU K 204 69.39 -59.37 -34.97
N ASP K 205 68.58 -59.70 -35.98
CA ASP K 205 68.73 -59.11 -37.31
C ASP K 205 68.23 -57.68 -37.36
N GLY K 206 69.04 -56.76 -36.84
CA GLY K 206 68.69 -55.36 -36.84
C GLY K 206 68.10 -54.83 -35.53
N SER K 207 67.66 -55.72 -34.64
CA SER K 207 67.06 -55.18 -33.43
C SER K 207 68.04 -55.03 -32.26
N TYR K 208 67.65 -54.17 -31.33
CA TYR K 208 68.47 -53.92 -30.15
C TYR K 208 67.64 -54.09 -28.88
N ARG K 209 68.32 -54.33 -27.77
CA ARG K 209 67.69 -54.30 -26.46
C ARG K 209 67.94 -52.93 -25.88
N LEU K 210 66.87 -52.25 -25.49
CA LEU K 210 67.03 -50.95 -24.84
C LEU K 210 66.75 -51.03 -23.35
N VAL K 211 67.67 -50.48 -22.57
CA VAL K 211 67.50 -50.37 -21.14
C VAL K 211 67.82 -48.93 -20.77
N GLY K 212 66.91 -48.29 -20.04
CA GLY K 212 67.09 -46.90 -19.67
C GLY K 212 65.78 -46.23 -19.27
N HIS K 213 65.66 -44.94 -19.55
CA HIS K 213 64.49 -44.17 -19.15
C HIS K 213 64.34 -42.92 -20.01
N LYS K 214 63.12 -42.40 -20.05
CA LYS K 214 62.88 -41.08 -20.62
C LYS K 214 62.06 -40.23 -19.64
N TRP K 215 62.51 -39.00 -19.43
CA TRP K 215 62.02 -38.12 -18.39
C TRP K 215 60.71 -37.48 -18.80
N PHE K 216 60.66 -37.00 -20.04
CA PHE K 216 59.42 -36.50 -20.63
C PHE K 216 59.13 -37.31 -21.88
N PHE K 217 58.05 -38.08 -21.83
CA PHE K 217 57.71 -39.03 -22.88
C PHE K 217 56.24 -38.80 -23.24
N SER K 218 56.00 -37.83 -24.13
CA SER K 218 54.63 -37.45 -24.48
C SER K 218 53.96 -38.45 -25.42
N VAL K 219 52.64 -38.50 -25.32
CA VAL K 219 51.85 -39.40 -26.13
C VAL K 219 52.41 -40.82 -26.02
N PRO K 220 52.35 -41.40 -24.81
CA PRO K 220 52.82 -42.78 -24.63
C PRO K 220 51.97 -43.75 -25.44
N GLN K 221 50.75 -43.33 -25.79
CA GLN K 221 49.85 -44.16 -26.58
C GLN K 221 50.20 -44.14 -28.07
N SER K 222 51.32 -43.49 -28.41
CA SER K 222 51.79 -43.50 -29.78
C SER K 222 52.02 -44.94 -30.22
N ASP K 223 51.96 -45.18 -31.52
CA ASP K 223 52.18 -46.51 -32.05
C ASP K 223 53.66 -46.86 -32.09
N ALA K 224 54.49 -45.81 -32.05
CA ALA K 224 55.93 -45.99 -31.96
C ALA K 224 56.57 -44.68 -31.52
N HIS K 225 57.74 -44.78 -30.90
CA HIS K 225 58.53 -43.60 -30.58
C HIS K 225 59.91 -43.71 -31.16
N LEU K 226 60.39 -42.63 -31.73
CA LEU K 226 61.78 -42.56 -32.12
C LEU K 226 62.58 -42.20 -30.88
N VAL K 227 63.43 -43.13 -30.44
CA VAL K 227 64.15 -43.02 -29.18
C VAL K 227 65.66 -42.94 -29.36
N LEU K 228 66.31 -42.03 -28.66
CA LEU K 228 67.77 -41.93 -28.66
C LEU K 228 68.38 -42.80 -27.56
N ALA K 229 69.37 -43.62 -27.93
CA ALA K 229 70.05 -44.49 -26.99
C ALA K 229 71.53 -44.66 -27.34
N GLN K 230 72.35 -44.89 -26.34
CA GLN K 230 73.79 -45.08 -26.56
C GLN K 230 74.07 -46.47 -27.08
N THR K 231 74.96 -46.56 -28.06
CA THR K 231 75.46 -47.85 -28.49
C THR K 231 76.97 -47.78 -28.46
N ALA K 232 77.61 -48.92 -28.74
CA ALA K 232 79.07 -48.97 -28.78
C ALA K 232 79.60 -48.00 -29.84
N GLY K 233 78.81 -47.77 -30.89
CA GLY K 233 79.21 -46.92 -31.99
C GLY K 233 78.87 -45.46 -31.78
N GLY K 234 78.14 -45.17 -30.69
CA GLY K 234 77.77 -43.81 -30.37
C GLY K 234 76.26 -43.62 -30.25
N LEU K 235 75.84 -42.37 -30.06
CA LEU K 235 74.43 -42.05 -29.84
C LEU K 235 73.60 -42.28 -31.10
N SER K 236 72.65 -43.21 -31.00
CA SER K 236 71.88 -43.62 -32.17
C SER K 236 70.39 -43.37 -31.99
N CYS K 237 69.63 -43.51 -33.07
CA CYS K 237 68.19 -43.28 -33.03
C CYS K 237 67.47 -44.57 -33.34
N PHE K 238 66.50 -44.92 -32.49
CA PHE K 238 65.81 -46.20 -32.62
C PHE K 238 64.31 -46.06 -32.83
N PHE K 239 63.78 -46.92 -33.68
CA PHE K 239 62.34 -47.04 -33.88
C PHE K 239 61.83 -48.04 -32.87
N VAL K 240 61.15 -47.56 -31.83
CA VAL K 240 60.68 -48.42 -30.76
C VAL K 240 59.15 -48.52 -30.79
N PRO K 241 58.62 -49.56 -31.43
CA PRO K 241 57.18 -49.72 -31.60
C PRO K 241 56.52 -50.07 -30.28
N ARG K 242 55.24 -49.75 -30.15
CA ARG K 242 54.51 -50.05 -28.91
C ARG K 242 54.20 -51.55 -28.81
N PHE K 243 53.89 -52.16 -29.96
CA PHE K 243 53.73 -53.61 -30.04
C PHE K 243 54.83 -54.20 -30.89
N LEU K 244 55.35 -55.35 -30.46
CA LEU K 244 56.32 -56.10 -31.26
C LEU K 244 55.58 -56.77 -32.44
N PRO K 245 56.34 -57.18 -33.46
CA PRO K 245 55.74 -57.82 -34.64
C PRO K 245 54.79 -58.98 -34.29
N ASP K 246 55.19 -59.82 -33.34
CA ASP K 246 54.39 -60.98 -32.94
C ASP K 246 53.15 -60.61 -32.12
N GLY K 247 52.87 -59.32 -31.97
CA GLY K 247 51.65 -58.87 -31.30
C GLY K 247 51.80 -58.62 -29.81
N GLN K 248 52.95 -58.96 -29.26
CA GLN K 248 53.19 -58.76 -27.83
C GLN K 248 53.51 -57.30 -27.55
N ARG K 249 53.26 -56.86 -26.33
CA ARG K 249 53.54 -55.49 -25.93
C ARG K 249 55.02 -55.29 -25.61
N ASN K 250 55.61 -54.26 -26.21
CA ASN K 250 57.03 -53.96 -26.00
C ASN K 250 57.29 -53.60 -24.54
N ALA K 251 58.52 -53.81 -24.09
CA ALA K 251 58.87 -53.66 -22.67
C ALA K 251 59.06 -52.21 -22.24
N ILE K 252 58.09 -51.37 -22.59
CA ILE K 252 58.11 -49.97 -22.16
C ILE K 252 57.19 -49.80 -20.96
N ARG K 253 57.76 -49.32 -19.86
CA ARG K 253 57.05 -49.27 -18.58
C ARG K 253 56.68 -47.84 -18.21
N LEU K 254 55.38 -47.55 -18.20
CA LEU K 254 54.90 -46.21 -17.84
C LEU K 254 54.84 -46.03 -16.33
N GLU K 255 55.72 -45.19 -15.79
CA GLU K 255 55.84 -45.01 -14.35
C GLU K 255 54.99 -43.88 -13.76
N ARG K 256 54.94 -42.74 -14.44
CA ARG K 256 54.36 -41.55 -13.83
C ARG K 256 53.83 -40.63 -14.90
N LEU K 257 52.68 -40.01 -14.61
CA LEU K 257 52.09 -39.02 -15.52
C LEU K 257 52.41 -37.62 -15.01
N LYS K 258 53.01 -36.79 -15.86
CA LYS K 258 53.33 -35.41 -15.46
C LYS K 258 52.07 -34.66 -15.04
N ASP K 259 52.17 -33.85 -13.99
CA ASP K 259 51.10 -32.95 -13.58
C ASP K 259 51.46 -31.52 -13.99
N LYS K 260 50.93 -31.10 -15.14
CA LYS K 260 51.45 -29.92 -15.85
C LYS K 260 50.69 -28.62 -15.61
N LEU K 261 51.39 -27.51 -15.77
CA LEU K 261 50.82 -26.18 -15.67
C LEU K 261 49.73 -26.03 -16.73
N GLY K 262 50.06 -26.43 -17.95
CA GLY K 262 49.12 -26.39 -19.05
C GLY K 262 49.41 -27.60 -19.92
N ASN K 263 48.85 -27.60 -21.13
CA ASN K 263 49.06 -28.73 -22.03
C ASN K 263 48.43 -29.96 -21.41
N ARG K 264 47.46 -29.74 -20.52
CA ARG K 264 46.98 -30.80 -19.65
C ARG K 264 46.22 -31.94 -20.36
N SER K 265 45.59 -31.62 -21.49
CA SER K 265 44.85 -32.60 -22.27
C SER K 265 45.76 -33.68 -22.85
N ASN K 266 47.05 -33.37 -22.94
CA ASN K 266 48.05 -34.26 -23.52
C ASN K 266 48.74 -35.07 -22.42
N ALA K 267 48.86 -36.37 -22.63
CA ALA K 267 49.58 -37.24 -21.69
C ALA K 267 51.10 -37.17 -21.89
N SER K 268 51.82 -36.77 -20.84
CA SER K 268 53.27 -36.78 -20.84
C SER K 268 53.74 -37.71 -19.73
N CYS K 269 54.53 -38.72 -20.07
CA CYS K 269 54.93 -39.72 -19.09
C CYS K 269 56.41 -39.74 -18.73
N GLU K 270 56.70 -40.35 -17.59
CA GLU K 270 58.05 -40.76 -17.24
C GLU K 270 58.07 -42.26 -17.48
N VAL K 271 58.89 -42.71 -18.43
CA VAL K 271 58.93 -44.12 -18.77
C VAL K 271 60.30 -44.74 -18.52
N GLU K 272 60.31 -46.06 -18.38
CA GLU K 272 61.56 -46.80 -18.25
C GLU K 272 61.53 -47.98 -19.21
N PHE K 273 62.66 -48.25 -19.84
CA PHE K 273 62.79 -49.35 -20.77
C PHE K 273 63.40 -50.56 -20.08
N GLN K 274 62.66 -51.66 -20.07
CA GLN K 274 63.15 -52.90 -19.48
C GLN K 274 63.41 -53.95 -20.55
N ASP K 275 64.53 -53.78 -21.24
CA ASP K 275 64.89 -54.65 -22.35
C ASP K 275 63.85 -54.55 -23.44
N ALA K 276 63.44 -53.33 -23.75
CA ALA K 276 62.50 -53.08 -24.84
C ALA K 276 63.23 -53.23 -26.18
N ILE K 277 62.50 -53.66 -27.20
CA ILE K 277 63.12 -53.89 -28.51
C ILE K 277 63.06 -52.65 -29.41
N GLY K 278 64.21 -52.25 -29.94
CA GLY K 278 64.27 -51.13 -30.86
C GLY K 278 64.91 -51.55 -32.18
N TRP K 279 64.58 -50.82 -33.25
CA TRP K 279 65.22 -51.06 -34.53
C TRP K 279 66.05 -49.85 -34.94
N LEU K 280 67.32 -50.09 -35.25
CA LEU K 280 68.23 -49.00 -35.58
C LEU K 280 67.87 -48.27 -36.87
N LEU K 281 67.65 -46.96 -36.76
CA LEU K 281 67.44 -46.10 -37.92
C LEU K 281 68.76 -45.45 -38.30
N GLY K 282 69.21 -45.67 -39.53
CA GLY K 282 70.47 -45.11 -39.99
C GLY K 282 71.64 -45.89 -39.43
N LEU K 283 72.68 -45.16 -39.03
CA LEU K 283 73.89 -45.80 -38.52
C LEU K 283 74.13 -45.49 -37.06
N GLU K 284 74.76 -46.42 -36.35
CA GLU K 284 75.16 -46.16 -34.97
C GLU K 284 75.94 -44.86 -34.92
N GLY K 285 75.54 -43.97 -34.02
CA GLY K 285 76.21 -42.68 -33.87
C GLY K 285 75.59 -41.58 -34.71
N GLU K 286 74.70 -41.96 -35.62
CA GLU K 286 74.05 -41.00 -36.50
C GLU K 286 72.76 -40.49 -35.86
N GLY K 287 72.59 -40.77 -34.57
CA GLY K 287 71.39 -40.43 -33.85
C GLY K 287 71.02 -38.96 -33.89
N ILE K 288 71.93 -38.10 -33.47
CA ILE K 288 71.67 -36.68 -33.42
C ILE K 288 71.39 -36.08 -34.81
N ARG K 289 72.04 -36.64 -35.83
CA ARG K 289 71.85 -36.12 -37.18
C ARG K 289 70.41 -36.31 -37.64
N LEU K 290 69.83 -37.47 -37.29
CA LEU K 290 68.47 -37.78 -37.67
C LEU K 290 67.43 -36.88 -37.01
N ILE K 291 67.47 -36.79 -35.69
CA ILE K 291 66.50 -35.98 -34.97
C ILE K 291 66.65 -34.48 -35.25
N LEU K 292 67.73 -34.10 -35.91
CA LEU K 292 67.94 -32.71 -36.29
C LEU K 292 67.11 -32.37 -37.53
N LYS K 293 66.95 -33.36 -38.40
CA LYS K 293 66.08 -33.22 -39.56
C LYS K 293 64.64 -32.90 -39.12
N MET K 294 64.13 -33.71 -38.19
CA MET K 294 62.76 -33.56 -37.69
C MET K 294 62.58 -32.32 -36.82
N GLY K 295 63.63 -31.94 -36.11
CA GLY K 295 63.58 -30.79 -35.24
C GLY K 295 63.12 -29.53 -35.95
N GLY K 296 63.66 -29.31 -37.15
CA GLY K 296 63.28 -28.15 -37.95
C GLY K 296 61.77 -27.99 -38.01
N MET K 297 61.07 -29.09 -38.29
CA MET K 297 59.63 -29.02 -38.50
C MET K 297 58.84 -28.83 -37.20
N THR K 298 59.29 -29.48 -36.12
CA THR K 298 58.59 -29.33 -34.85
C THR K 298 58.78 -27.92 -34.26
N ARG K 299 59.96 -27.35 -34.48
CA ARG K 299 60.20 -26.00 -34.03
C ARG K 299 59.24 -25.05 -34.72
N PHE K 300 59.06 -25.24 -36.03
CA PHE K 300 58.13 -24.43 -36.78
C PHE K 300 56.73 -24.54 -36.19
N ASP K 301 56.36 -25.76 -35.80
CA ASP K 301 55.06 -25.99 -35.21
C ASP K 301 54.92 -25.26 -33.88
N CYS K 302 56.01 -25.19 -33.12
CA CYS K 302 56.00 -24.43 -31.86
C CYS K 302 55.72 -22.95 -32.10
N ALA K 303 56.45 -22.38 -33.06
CA ALA K 303 56.27 -20.98 -33.41
C ALA K 303 54.85 -20.73 -33.93
N LEU K 304 54.38 -21.60 -34.80
CA LEU K 304 53.05 -21.47 -35.36
C LEU K 304 52.00 -21.62 -34.27
N GLY K 305 52.19 -22.62 -33.41
CA GLY K 305 51.27 -22.86 -32.31
C GLY K 305 51.12 -21.68 -31.36
N SER K 306 52.26 -21.10 -30.97
CA SER K 306 52.24 -19.91 -30.14
C SER K 306 51.51 -18.78 -30.85
N HIS K 307 51.81 -18.62 -32.13
CA HIS K 307 51.16 -17.59 -32.93
C HIS K 307 49.65 -17.79 -32.96
N ALA K 308 49.22 -19.04 -33.16
CA ALA K 308 47.80 -19.33 -33.24
C ALA K 308 47.11 -18.94 -31.94
N MET K 309 47.73 -19.27 -30.82
CA MET K 309 47.13 -19.00 -29.53
C MET K 309 47.07 -17.50 -29.28
N MET K 310 48.09 -16.79 -29.74
CA MET K 310 48.10 -15.33 -29.65
C MET K 310 46.93 -14.76 -30.45
N ARG K 311 46.76 -15.28 -31.67
CA ARG K 311 45.67 -14.86 -32.53
C ARG K 311 44.32 -15.05 -31.87
N ARG K 312 44.11 -16.22 -31.28
CA ARG K 312 42.84 -16.50 -30.60
C ARG K 312 42.63 -15.53 -29.44
N ALA K 313 43.64 -15.42 -28.58
CA ALA K 313 43.58 -14.49 -27.47
C ALA K 313 43.19 -13.08 -27.92
N PHE K 314 43.81 -12.63 -29.01
CA PHE K 314 43.52 -11.32 -29.56
C PHE K 314 42.07 -11.21 -30.04
N SER K 315 41.59 -12.25 -30.73
CA SER K 315 40.20 -12.29 -31.21
C SER K 315 39.21 -12.14 -30.07
N LEU K 316 39.47 -12.86 -28.99
CA LEU K 316 38.62 -12.79 -27.81
C LEU K 316 38.67 -11.37 -27.24
N ALA K 317 39.86 -10.79 -27.24
CA ALA K 317 40.03 -9.46 -26.68
C ALA K 317 39.28 -8.38 -27.46
N ILE K 318 39.45 -8.33 -28.78
CA ILE K 318 38.80 -7.28 -29.55
C ILE K 318 37.28 -7.46 -29.53
N TYR K 319 36.82 -8.70 -29.57
CA TYR K 319 35.38 -8.97 -29.56
C TYR K 319 34.79 -8.46 -28.25
N HIS K 320 35.51 -8.67 -27.17
CA HIS K 320 35.08 -8.18 -25.86
C HIS K 320 35.13 -6.65 -25.81
N ALA K 321 36.26 -6.10 -26.22
CA ALA K 321 36.49 -4.66 -26.16
C ALA K 321 35.49 -3.86 -27.01
N HIS K 322 34.94 -4.49 -28.03
CA HIS K 322 33.99 -3.83 -28.88
C HIS K 322 32.67 -3.63 -28.13
N GLN K 323 32.31 -4.60 -27.30
CA GLN K 323 31.02 -4.59 -26.63
C GLN K 323 31.07 -3.94 -25.24
N ARG K 324 32.15 -4.19 -24.52
CA ARG K 324 32.29 -3.67 -23.16
C ARG K 324 32.41 -2.15 -23.16
N HIS K 325 31.56 -1.50 -22.35
CA HIS K 325 31.61 -0.06 -22.20
C HIS K 325 32.30 0.32 -20.89
N VAL K 326 33.15 1.35 -20.97
CA VAL K 326 33.76 1.94 -19.78
C VAL K 326 33.73 3.45 -19.91
N PHE K 327 33.25 4.11 -18.87
CA PHE K 327 33.20 5.57 -18.84
C PHE K 327 32.42 6.13 -20.03
N GLY K 328 31.30 5.49 -20.34
CA GLY K 328 30.39 5.99 -21.35
C GLY K 328 30.65 5.57 -22.78
N ASN K 329 31.81 4.96 -23.04
CA ASN K 329 32.15 4.55 -24.41
C ASN K 329 32.58 3.10 -24.54
N PRO K 330 32.47 2.54 -25.75
CA PRO K 330 33.02 1.21 -26.03
C PRO K 330 34.50 1.16 -25.68
N LEU K 331 34.90 0.13 -24.95
CA LEU K 331 36.28 0.02 -24.49
C LEU K 331 37.27 0.18 -25.63
N ILE K 332 36.90 -0.32 -26.81
CA ILE K 332 37.79 -0.33 -27.95
C ILE K 332 37.97 1.06 -28.55
N GLN K 333 37.11 2.00 -28.15
CA GLN K 333 37.21 3.38 -28.61
C GLN K 333 38.13 4.20 -27.71
N GLN K 334 38.39 3.71 -26.51
CA GLN K 334 39.26 4.41 -25.57
C GLN K 334 40.68 4.50 -26.14
N PRO K 335 41.18 5.73 -26.28
CA PRO K 335 42.48 6.02 -26.92
C PRO K 335 43.60 5.05 -26.51
N LEU K 336 43.83 4.90 -25.21
CA LEU K 336 44.94 4.06 -24.75
C LEU K 336 44.73 2.58 -25.09
N MET K 337 43.50 2.10 -24.97
CA MET K 337 43.18 0.72 -25.29
C MET K 337 43.29 0.46 -26.79
N ARG K 338 42.75 1.37 -27.58
CA ARG K 338 42.80 1.26 -29.04
C ARG K 338 44.24 1.27 -29.55
N HIS K 339 45.11 1.96 -28.81
CA HIS K 339 46.53 2.00 -29.10
C HIS K 339 47.18 0.64 -28.83
N VAL K 340 46.92 0.09 -27.63
CA VAL K 340 47.46 -1.21 -27.25
C VAL K 340 47.01 -2.31 -28.21
N LEU K 341 45.71 -2.33 -28.49
CA LEU K 341 45.16 -3.34 -29.38
C LEU K 341 45.72 -3.25 -30.80
N SER K 342 45.96 -2.03 -31.27
CA SER K 342 46.52 -1.82 -32.60
C SER K 342 47.96 -2.33 -32.70
N ARG K 343 48.75 -2.11 -31.66
CA ARG K 343 50.10 -2.64 -31.63
C ARG K 343 50.07 -4.17 -31.61
N MET K 344 49.09 -4.74 -30.92
CA MET K 344 48.96 -6.19 -30.85
C MET K 344 48.58 -6.75 -32.21
N ALA K 345 47.70 -6.06 -32.93
CA ALA K 345 47.28 -6.49 -34.25
C ALA K 345 48.48 -6.45 -35.18
N LEU K 346 49.25 -5.37 -35.06
CA LEU K 346 50.46 -5.15 -35.86
C LEU K 346 51.46 -6.27 -35.63
N GLN K 347 51.54 -6.75 -34.39
CA GLN K 347 52.43 -7.84 -34.02
C GLN K 347 52.05 -9.10 -34.78
N LEU K 348 50.77 -9.42 -34.79
CA LEU K 348 50.25 -10.59 -35.48
C LEU K 348 50.41 -10.51 -37.01
N GLU K 349 50.29 -9.30 -37.57
CA GLU K 349 50.48 -9.10 -39.01
C GLU K 349 51.88 -9.54 -39.42
N GLY K 350 52.87 -9.08 -38.68
CA GLY K 350 54.26 -9.42 -38.95
C GLY K 350 54.52 -10.89 -38.78
N GLN K 351 54.03 -11.46 -37.68
CA GLN K 351 54.18 -12.88 -37.43
C GLN K 351 53.53 -13.73 -38.52
N THR K 352 52.31 -13.38 -38.89
CA THR K 352 51.63 -14.07 -39.96
C THR K 352 52.47 -14.06 -41.23
N ALA K 353 53.01 -12.90 -41.56
CA ALA K 353 53.80 -12.73 -42.78
C ALA K 353 55.05 -13.59 -42.75
N LEU K 354 55.78 -13.54 -41.63
CA LEU K 354 57.03 -14.25 -41.46
C LEU K 354 56.83 -15.77 -41.41
N LEU K 355 55.84 -16.20 -40.64
CA LEU K 355 55.60 -17.63 -40.46
C LEU K 355 55.23 -18.31 -41.77
N PHE K 356 54.39 -17.66 -42.56
CA PHE K 356 53.93 -18.27 -43.80
C PHE K 356 54.91 -18.11 -44.95
N ARG K 357 55.78 -17.11 -44.84
CA ARG K 357 56.93 -17.01 -45.72
C ARG K 357 57.87 -18.18 -45.40
N LEU K 358 58.04 -18.45 -44.11
CA LEU K 358 58.85 -19.57 -43.64
C LEU K 358 58.27 -20.90 -44.10
N ALA K 359 56.94 -21.02 -44.04
CA ALA K 359 56.27 -22.21 -44.55
C ALA K 359 56.56 -22.41 -46.03
N ARG K 360 56.60 -21.32 -46.78
CA ARG K 360 56.91 -21.42 -48.21
C ARG K 360 58.31 -21.97 -48.40
N ALA K 361 59.23 -21.51 -47.57
CA ALA K 361 60.62 -21.98 -47.65
C ALA K 361 60.67 -23.49 -47.46
N TRP K 362 59.94 -23.98 -46.47
CA TRP K 362 59.87 -25.42 -46.23
C TRP K 362 59.24 -26.17 -47.40
N ASP K 363 58.24 -25.55 -48.04
CA ASP K 363 57.60 -26.19 -49.18
C ASP K 363 58.55 -26.27 -50.38
N ARG K 364 59.51 -25.34 -50.44
CA ARG K 364 60.45 -25.28 -51.55
C ARG K 364 61.87 -25.62 -51.10
N ARG K 365 61.97 -26.53 -50.13
CA ARG K 365 63.26 -26.87 -49.52
C ARG K 365 64.24 -27.49 -50.53
N ALA K 366 63.74 -27.93 -51.68
CA ALA K 366 64.60 -28.44 -52.74
C ALA K 366 65.56 -27.35 -53.22
N ASP K 367 65.12 -26.11 -53.12
CA ASP K 367 65.94 -24.94 -53.45
C ASP K 367 66.88 -24.64 -52.28
N ALA K 368 68.19 -24.70 -52.54
CA ALA K 368 69.17 -24.46 -51.49
C ALA K 368 68.97 -23.14 -50.75
N LYS K 369 68.64 -22.08 -51.49
CA LYS K 369 68.43 -20.76 -50.92
C LYS K 369 67.20 -20.74 -49.97
N GLU K 370 66.15 -21.46 -50.35
CA GLU K 370 64.96 -21.55 -49.50
C GLU K 370 65.25 -22.38 -48.25
N ALA K 371 65.94 -23.51 -48.44
CA ALA K 371 66.24 -24.39 -47.32
C ALA K 371 67.10 -23.67 -46.29
N LEU K 372 68.03 -22.84 -46.78
CA LEU K 372 68.88 -22.05 -45.90
C LEU K 372 68.06 -21.00 -45.17
N TRP K 373 67.13 -20.38 -45.87
CA TRP K 373 66.24 -19.39 -45.26
C TRP K 373 65.47 -20.04 -44.13
N ALA K 374 65.01 -21.26 -44.35
CA ALA K 374 64.25 -21.98 -43.33
C ALA K 374 65.17 -22.36 -42.18
N ARG K 375 66.36 -22.85 -42.51
CA ARG K 375 67.31 -23.29 -41.50
C ARG K 375 67.67 -22.15 -40.55
N LEU K 376 67.56 -20.93 -41.04
CA LEU K 376 67.95 -19.75 -40.28
C LEU K 376 66.82 -19.15 -39.47
N PHE K 377 65.68 -18.93 -40.10
CA PHE K 377 64.56 -18.23 -39.45
C PHE K 377 63.66 -19.11 -38.59
N THR K 378 63.67 -20.42 -38.81
CA THR K 378 62.87 -21.31 -37.98
C THR K 378 63.23 -21.14 -36.49
N PRO K 379 64.49 -21.38 -36.13
CA PRO K 379 64.88 -21.22 -34.73
C PRO K 379 64.63 -19.79 -34.24
N ALA K 380 64.87 -18.81 -35.08
CA ALA K 380 64.62 -17.41 -34.70
C ALA K 380 63.14 -17.18 -34.40
N ALA K 381 62.28 -17.64 -35.29
CA ALA K 381 60.85 -17.46 -35.13
C ALA K 381 60.35 -18.16 -33.87
N LYS K 382 60.86 -19.36 -33.61
CA LYS K 382 60.47 -20.09 -32.41
C LYS K 382 60.88 -19.33 -31.16
N PHE K 383 62.10 -18.80 -31.15
CA PHE K 383 62.57 -18.08 -29.98
C PHE K 383 61.70 -16.86 -29.70
N VAL K 384 61.63 -15.95 -30.67
CA VAL K 384 60.90 -14.71 -30.50
C VAL K 384 59.40 -14.92 -30.27
N ILE K 385 58.74 -15.62 -31.19
CA ILE K 385 57.29 -15.74 -31.12
C ILE K 385 56.82 -16.43 -29.84
N CYS K 386 57.51 -17.50 -29.47
CA CYS K 386 57.15 -18.26 -28.28
C CYS K 386 57.42 -17.49 -27.00
N LYS K 387 58.36 -16.55 -27.05
CA LYS K 387 58.67 -15.67 -25.92
C LYS K 387 57.57 -14.62 -25.76
N ARG K 388 57.19 -14.01 -26.88
CA ARG K 388 56.13 -13.02 -26.91
C ARG K 388 54.79 -13.55 -26.42
N GLY K 389 54.54 -14.84 -26.63
CA GLY K 389 53.25 -15.42 -26.31
C GLY K 389 52.77 -15.10 -24.90
N MET K 390 53.66 -15.22 -23.93
CA MET K 390 53.29 -15.00 -22.53
C MET K 390 52.78 -13.58 -22.28
N PRO K 391 53.64 -12.56 -22.50
CA PRO K 391 53.20 -11.17 -22.28
C PRO K 391 51.97 -10.83 -23.11
N PHE K 392 51.92 -11.36 -24.33
CA PHE K 392 50.86 -11.06 -25.29
C PHE K 392 49.51 -11.57 -24.78
N VAL K 393 49.47 -12.86 -24.43
CA VAL K 393 48.23 -13.45 -23.94
C VAL K 393 47.82 -12.82 -22.62
N ALA K 394 48.78 -12.56 -21.75
CA ALA K 394 48.52 -11.87 -20.51
C ALA K 394 47.80 -10.55 -20.77
N GLU K 395 48.29 -9.79 -21.75
CA GLU K 395 47.65 -8.54 -22.11
C GLU K 395 46.21 -8.77 -22.56
N ALA K 396 45.99 -9.76 -23.41
CA ALA K 396 44.66 -10.06 -23.89
C ALA K 396 43.77 -10.31 -22.69
N MET K 397 44.27 -11.11 -21.75
CA MET K 397 43.53 -11.44 -20.53
C MET K 397 43.13 -10.20 -19.77
N GLU K 398 44.05 -9.24 -19.70
CA GLU K 398 43.79 -8.00 -18.98
C GLU K 398 42.75 -7.12 -19.67
N VAL K 399 42.59 -7.29 -20.98
CA VAL K 399 41.59 -6.54 -21.71
C VAL K 399 40.20 -6.95 -21.25
N LEU K 400 40.03 -8.23 -20.96
CA LEU K 400 38.77 -8.73 -20.40
C LEU K 400 38.64 -8.37 -18.92
N GLY K 401 39.78 -8.27 -18.24
CA GLY K 401 39.81 -7.92 -16.83
C GLY K 401 39.58 -9.11 -15.91
N GLY K 402 38.81 -8.90 -14.86
CA GLY K 402 38.59 -9.94 -13.87
C GLY K 402 38.13 -11.27 -14.43
N ILE K 403 37.15 -11.22 -15.33
CA ILE K 403 36.57 -12.45 -15.87
C ILE K 403 37.55 -13.20 -16.75
N GLY K 404 38.60 -12.50 -17.19
CA GLY K 404 39.64 -13.13 -17.97
C GLY K 404 40.61 -13.96 -17.14
N TYR K 405 40.51 -13.81 -15.83
CA TYR K 405 41.41 -14.48 -14.91
C TYR K 405 40.74 -15.71 -14.33
N CYS K 406 39.47 -15.91 -14.69
CA CYS K 406 38.70 -17.06 -14.23
C CYS K 406 38.70 -18.21 -15.26
N GLU K 407 38.78 -19.44 -14.77
CA GLU K 407 38.99 -20.59 -15.65
C GLU K 407 37.81 -20.91 -16.55
N GLU K 408 36.68 -20.25 -16.34
CA GLU K 408 35.54 -20.43 -17.23
C GLU K 408 35.83 -19.79 -18.59
N SER K 409 36.79 -18.87 -18.59
CA SER K 409 37.23 -18.20 -19.80
C SER K 409 38.32 -19.01 -20.52
N GLU K 410 38.50 -18.74 -21.81
CA GLU K 410 39.54 -19.44 -22.58
C GLU K 410 40.93 -18.94 -22.23
N LEU K 411 40.99 -17.75 -21.63
CA LEU K 411 42.27 -17.05 -21.45
C LEU K 411 43.27 -17.76 -20.54
N PRO K 412 42.84 -18.17 -19.34
CA PRO K 412 43.76 -18.88 -18.44
C PRO K 412 44.40 -20.11 -19.11
N ARG K 413 43.60 -20.92 -19.80
CA ARG K 413 44.13 -22.09 -20.48
C ARG K 413 45.19 -21.69 -21.53
N LEU K 414 44.90 -20.66 -22.31
CA LEU K 414 45.87 -20.14 -23.27
C LEU K 414 47.12 -19.66 -22.55
N TYR K 415 46.92 -18.80 -21.56
CA TYR K 415 48.03 -18.27 -20.76
C TYR K 415 48.87 -19.39 -20.17
N ARG K 416 48.21 -20.47 -19.73
CA ARG K 416 48.92 -21.59 -19.12
C ARG K 416 49.65 -22.46 -20.15
N GLU K 417 49.20 -22.42 -21.40
CA GLU K 417 49.82 -23.23 -22.44
C GLU K 417 51.11 -22.60 -22.94
N MET K 418 51.12 -21.27 -23.04
CA MET K 418 52.17 -20.53 -23.75
C MET K 418 53.61 -20.97 -23.46
N PRO K 419 53.98 -21.12 -22.18
CA PRO K 419 55.40 -21.40 -21.88
C PRO K 419 55.87 -22.74 -22.41
N VAL K 420 54.96 -23.68 -22.60
CA VAL K 420 55.36 -25.00 -23.03
C VAL K 420 56.04 -24.93 -24.39
N ASN K 421 55.57 -24.05 -25.26
CA ASN K 421 56.13 -23.93 -26.60
C ASN K 421 57.54 -23.34 -26.58
N SER K 422 57.81 -22.54 -25.56
CA SER K 422 59.10 -21.90 -25.41
C SER K 422 60.12 -22.87 -24.81
N ILE K 423 59.63 -23.81 -24.01
CA ILE K 423 60.50 -24.76 -23.31
C ILE K 423 60.82 -25.99 -24.16
N TRP K 424 59.82 -26.43 -24.94
CA TRP K 424 59.95 -27.58 -25.82
C TRP K 424 61.19 -27.52 -26.71
N GLU K 425 61.73 -28.69 -27.02
CA GLU K 425 62.82 -28.81 -27.99
C GLU K 425 63.96 -27.82 -27.76
N GLY K 426 64.57 -27.86 -26.59
CA GLY K 426 65.80 -27.13 -26.33
C GLY K 426 65.67 -25.81 -25.59
N SER K 427 64.58 -25.09 -25.86
CA SER K 427 64.33 -23.79 -25.22
C SER K 427 64.98 -22.61 -25.96
N GLY K 428 64.61 -21.40 -25.55
CA GLY K 428 65.04 -20.18 -26.20
C GLY K 428 66.53 -20.05 -26.46
N ASN K 429 67.33 -20.26 -25.42
CA ASN K 429 68.78 -20.17 -25.56
C ASN K 429 69.32 -21.08 -26.65
N ILE K 430 68.85 -22.32 -26.68
CA ILE K 430 69.30 -23.27 -27.69
C ILE K 430 68.94 -22.76 -29.10
N MET K 431 67.76 -22.18 -29.22
CA MET K 431 67.35 -21.59 -30.50
C MET K 431 68.36 -20.54 -30.93
N CYS K 432 68.74 -19.69 -29.98
CA CYS K 432 69.65 -18.59 -30.28
C CYS K 432 71.08 -19.05 -30.55
N LEU K 433 71.55 -20.03 -29.80
CA LEU K 433 72.84 -20.62 -30.09
C LEU K 433 72.85 -21.22 -31.49
N ASP K 434 71.72 -21.81 -31.90
CA ASP K 434 71.61 -22.40 -33.22
C ASP K 434 71.66 -21.33 -34.31
N VAL K 435 70.94 -20.22 -34.10
CA VAL K 435 70.99 -19.11 -35.04
C VAL K 435 72.42 -18.61 -35.25
N LEU K 436 73.14 -18.41 -34.15
CA LEU K 436 74.54 -18.02 -34.22
C LEU K 436 75.36 -19.04 -34.99
N ARG K 437 75.07 -20.33 -34.75
CA ARG K 437 75.80 -21.41 -35.39
C ARG K 437 75.59 -21.40 -36.91
N VAL K 438 74.38 -21.06 -37.35
CA VAL K 438 74.08 -20.98 -38.78
C VAL K 438 74.81 -19.81 -39.45
N LEU K 439 74.80 -18.66 -38.81
CA LEU K 439 75.46 -17.48 -39.37
C LEU K 439 76.96 -17.75 -39.50
N ASN K 440 77.49 -18.49 -38.54
CA ASN K 440 78.93 -18.79 -38.50
C ASN K 440 79.33 -19.91 -39.46
N LYS K 441 78.74 -21.09 -39.27
CA LYS K 441 79.15 -22.28 -40.03
C LYS K 441 78.63 -22.33 -41.47
N GLN K 442 77.37 -21.97 -41.68
CA GLN K 442 76.73 -22.14 -42.98
C GLN K 442 77.25 -21.16 -44.04
N ALA K 443 77.50 -21.68 -45.24
CA ALA K 443 78.06 -20.87 -46.32
C ALA K 443 76.97 -20.15 -47.10
N GLY K 444 77.23 -18.88 -47.42
CA GLY K 444 76.32 -18.09 -48.24
C GLY K 444 75.13 -17.57 -47.47
N VAL K 445 75.28 -17.48 -46.15
CA VAL K 445 74.22 -16.94 -45.31
C VAL K 445 74.17 -15.42 -45.42
N TYR K 446 75.35 -14.80 -45.34
CA TYR K 446 75.46 -13.35 -45.43
C TYR K 446 75.00 -12.85 -46.80
N ASP K 447 75.33 -13.62 -47.84
CA ASP K 447 74.89 -13.29 -49.19
C ASP K 447 73.37 -13.33 -49.28
N LEU K 448 72.77 -14.35 -48.67
CA LEU K 448 71.32 -14.52 -48.71
C LEU K 448 70.60 -13.36 -48.04
N LEU K 449 71.12 -12.91 -46.91
CA LEU K 449 70.56 -11.76 -46.20
C LEU K 449 70.74 -10.46 -47.01
N SER K 450 71.95 -10.24 -47.53
CA SER K 450 72.21 -9.06 -48.33
C SER K 450 71.20 -8.90 -49.48
N GLU K 451 70.87 -10.01 -50.14
CA GLU K 451 69.94 -9.96 -51.26
C GLU K 451 68.58 -9.41 -50.85
N ALA K 452 68.02 -9.98 -49.78
CA ALA K 452 66.72 -9.54 -49.29
C ALA K 452 66.74 -8.09 -48.79
N PHE K 453 67.80 -7.72 -48.07
CA PHE K 453 67.91 -6.37 -47.52
C PHE K 453 68.06 -5.34 -48.63
N VAL K 454 68.83 -5.67 -49.65
CA VAL K 454 69.02 -4.79 -50.80
C VAL K 454 67.71 -4.61 -51.57
N GLU K 455 66.91 -5.67 -51.62
CA GLU K 455 65.67 -5.65 -52.39
C GLU K 455 64.65 -4.63 -51.86
N VAL K 456 64.80 -4.21 -50.61
CA VAL K 456 63.86 -3.28 -49.98
C VAL K 456 64.54 -2.02 -49.45
N LYS K 457 65.81 -1.84 -49.78
CA LYS K 457 66.54 -0.66 -49.33
C LYS K 457 65.88 0.63 -49.83
N GLY K 458 65.81 1.63 -48.97
CA GLY K 458 65.24 2.92 -49.32
C GLY K 458 63.75 3.03 -49.09
N GLN K 459 63.08 1.88 -48.94
CA GLN K 459 61.63 1.87 -48.72
C GLN K 459 61.27 2.40 -47.34
N ASP K 460 62.15 2.19 -46.37
CA ASP K 460 61.89 2.64 -45.00
C ASP K 460 63.20 2.95 -44.26
N ARG K 461 63.28 4.15 -43.70
CA ARG K 461 64.49 4.59 -43.01
C ARG K 461 64.81 3.77 -41.75
N TYR K 462 63.77 3.37 -41.01
CA TYR K 462 63.96 2.60 -39.78
C TYR K 462 64.42 1.18 -40.06
N PHE K 463 63.97 0.62 -41.19
CA PHE K 463 64.43 -0.69 -41.61
C PHE K 463 65.92 -0.64 -41.96
N ASP K 464 66.31 0.29 -42.83
CA ASP K 464 67.70 0.40 -43.27
C ASP K 464 68.64 0.64 -42.08
N ARG K 465 68.20 1.45 -41.12
CA ARG K 465 68.98 1.71 -39.91
C ARG K 465 69.12 0.44 -39.09
N ALA K 466 68.04 -0.34 -39.07
CA ALA K 466 68.04 -1.61 -38.36
C ALA K 466 69.01 -2.59 -39.02
N VAL K 467 69.06 -2.57 -40.34
CA VAL K 467 69.97 -3.43 -41.08
C VAL K 467 71.41 -3.07 -40.73
N ARG K 468 71.71 -1.77 -40.70
CA ARG K 468 73.06 -1.30 -40.40
C ARG K 468 73.47 -1.73 -38.99
N ARG K 469 72.55 -1.62 -38.04
CA ARG K 469 72.84 -2.01 -36.65
C ARG K 469 73.17 -3.50 -36.53
N LEU K 470 72.47 -4.33 -37.30
CA LEU K 470 72.70 -5.78 -37.25
C LEU K 470 74.06 -6.17 -37.81
N GLN K 471 74.40 -5.61 -38.97
CA GLN K 471 75.68 -5.90 -39.59
C GLN K 471 76.83 -5.47 -38.69
N GLN K 472 76.62 -4.39 -37.95
CA GLN K 472 77.60 -3.92 -36.98
C GLN K 472 77.70 -4.85 -35.76
N GLN K 473 76.61 -5.52 -35.42
CA GLN K 473 76.61 -6.44 -34.29
C GLN K 473 77.23 -7.79 -34.66
N LEU K 474 77.14 -8.16 -35.92
CA LEU K 474 77.68 -9.42 -36.41
C LEU K 474 79.18 -9.37 -36.68
N ARG K 475 79.80 -8.24 -36.31
CA ARG K 475 81.25 -8.10 -36.44
C ARG K 475 81.96 -9.15 -35.59
N LYS K 476 81.97 -8.93 -34.27
CA LYS K 476 82.52 -9.91 -33.34
C LYS K 476 81.44 -10.48 -32.43
N PRO K 477 80.66 -11.44 -32.95
CA PRO K 477 79.52 -12.00 -32.20
C PRO K 477 79.97 -12.56 -30.85
N ALA K 478 79.19 -12.29 -29.81
CA ALA K 478 79.44 -12.88 -28.51
C ALA K 478 78.33 -13.86 -28.18
N GLU K 479 78.70 -15.08 -27.80
CA GLU K 479 77.71 -16.06 -27.37
C GLU K 479 76.66 -15.35 -26.51
N GLU K 480 77.11 -14.38 -25.72
CA GLU K 480 76.23 -13.72 -24.76
C GLU K 480 75.25 -12.73 -25.42
N LEU K 481 75.41 -12.51 -26.72
CA LEU K 481 74.50 -11.62 -27.45
C LEU K 481 73.60 -12.40 -28.41
N GLY K 482 73.52 -13.70 -28.23
CA GLY K 482 72.73 -14.55 -29.11
C GLY K 482 71.27 -14.13 -29.18
N ARG K 483 70.73 -13.68 -28.06
CA ARG K 483 69.33 -13.24 -28.02
C ARG K 483 69.13 -11.91 -28.72
N GLU K 484 70.01 -10.96 -28.48
CA GLU K 484 69.93 -9.66 -29.14
C GLU K 484 70.02 -9.87 -30.66
N ILE K 485 70.99 -10.66 -31.08
CA ILE K 485 71.20 -10.95 -32.50
C ILE K 485 70.03 -11.72 -33.11
N THR K 486 69.52 -12.71 -32.41
CA THR K 486 68.40 -13.51 -32.92
C THR K 486 67.15 -12.66 -33.04
N HIS K 487 66.90 -11.83 -32.03
CA HIS K 487 65.72 -10.97 -32.04
C HIS K 487 65.78 -9.98 -33.20
N GLN K 488 66.90 -9.28 -33.30
CA GLN K 488 67.09 -8.30 -34.38
C GLN K 488 66.96 -8.97 -35.75
N LEU K 489 67.53 -10.16 -35.88
CA LEU K 489 67.48 -10.90 -37.14
C LEU K 489 66.03 -11.27 -37.50
N PHE K 490 65.26 -11.62 -36.48
CA PHE K 490 63.85 -11.98 -36.68
C PHE K 490 63.02 -10.79 -37.15
N LEU K 491 63.17 -9.65 -36.47
CA LEU K 491 62.48 -8.43 -36.87
C LEU K 491 62.77 -8.05 -38.32
N LEU K 492 64.03 -8.09 -38.71
CA LEU K 492 64.42 -7.78 -40.08
C LEU K 492 63.72 -8.70 -41.08
N GLY K 493 63.52 -9.95 -40.68
CA GLY K 493 62.81 -10.91 -41.51
C GLY K 493 61.34 -10.51 -41.69
N CYS K 494 60.69 -10.16 -40.59
CA CYS K 494 59.31 -9.68 -40.65
C CYS K 494 59.24 -8.39 -41.43
N GLY K 495 60.19 -7.50 -41.13
CA GLY K 495 60.26 -6.20 -41.79
C GLY K 495 60.28 -6.32 -43.29
N ALA K 496 61.19 -7.15 -43.81
CA ALA K 496 61.32 -7.35 -45.26
C ALA K 496 60.00 -7.80 -45.88
N GLN K 497 59.34 -8.77 -45.25
CA GLN K 497 58.07 -9.28 -45.74
C GLN K 497 56.98 -8.20 -45.78
N MET K 498 56.90 -7.41 -44.72
CA MET K 498 55.93 -6.33 -44.66
C MET K 498 56.18 -5.30 -45.76
N LEU K 499 57.45 -4.97 -45.97
CA LEU K 499 57.82 -3.97 -46.96
C LEU K 499 57.57 -4.43 -48.41
N LYS K 500 57.68 -5.73 -48.65
CA LYS K 500 57.50 -6.27 -50.00
C LYS K 500 56.03 -6.46 -50.36
N TYR K 501 55.23 -6.99 -49.43
CA TYR K 501 53.89 -7.48 -49.76
C TYR K 501 52.74 -6.80 -49.03
N ALA K 502 53.05 -6.11 -47.94
CA ALA K 502 52.03 -5.37 -47.20
C ALA K 502 51.86 -3.99 -47.81
N SER K 503 50.72 -3.35 -47.56
CA SER K 503 50.50 -2.02 -48.10
C SER K 503 51.54 -1.06 -47.50
N PRO K 504 51.99 -0.07 -48.30
CA PRO K 504 53.01 0.87 -47.82
C PRO K 504 52.70 1.52 -46.46
N PRO K 505 51.44 1.94 -46.24
CA PRO K 505 51.09 2.51 -44.93
C PRO K 505 51.21 1.48 -43.79
N MET K 506 50.79 0.25 -44.06
CA MET K 506 50.88 -0.83 -43.09
C MET K 506 52.33 -1.13 -42.74
N ALA K 507 53.18 -1.21 -43.76
CA ALA K 507 54.59 -1.51 -43.57
C ALA K 507 55.30 -0.35 -42.87
N GLN K 508 54.92 0.87 -43.25
CA GLN K 508 55.45 2.05 -42.58
C GLN K 508 55.14 1.97 -41.09
N ALA K 509 53.89 1.65 -40.78
CA ALA K 509 53.45 1.51 -39.40
C ALA K 509 54.23 0.42 -38.67
N TRP K 510 54.34 -0.76 -39.30
CA TRP K 510 55.05 -1.86 -38.69
C TRP K 510 56.51 -1.50 -38.40
N CYS K 511 57.21 -0.99 -39.41
CA CYS K 511 58.61 -0.62 -39.26
C CYS K 511 58.82 0.44 -38.18
N GLN K 512 57.95 1.45 -38.15
CA GLN K 512 58.08 2.48 -37.13
C GLN K 512 57.96 1.86 -35.74
N VAL K 513 56.85 1.18 -35.49
CA VAL K 513 56.57 0.60 -34.19
C VAL K 513 57.62 -0.41 -33.70
N MET K 514 58.14 -1.23 -34.60
CA MET K 514 59.05 -2.31 -34.20
C MET K 514 60.53 -1.91 -34.27
N LEU K 515 60.86 -0.99 -35.19
CA LEU K 515 62.26 -0.68 -35.46
C LEU K 515 62.68 0.73 -35.04
N ASP K 516 61.72 1.54 -34.61
CA ASP K 516 62.04 2.89 -34.14
C ASP K 516 62.45 2.84 -32.68
N THR K 517 63.76 2.87 -32.45
CA THR K 517 64.33 2.78 -31.10
C THR K 517 63.91 3.96 -30.21
N ARG K 518 63.54 5.08 -30.82
CA ARG K 518 63.14 6.27 -30.08
C ARG K 518 62.00 5.99 -29.11
N GLY K 519 60.80 5.86 -29.66
CA GLY K 519 59.61 5.68 -28.83
C GLY K 519 58.68 6.88 -28.98
N GLY K 520 57.62 6.92 -28.18
CA GLY K 520 56.64 7.98 -28.28
C GLY K 520 55.94 7.91 -29.61
N VAL K 521 55.73 6.70 -30.09
CA VAL K 521 55.19 6.45 -31.43
C VAL K 521 53.67 6.39 -31.42
N ARG K 522 53.06 7.21 -32.26
CA ARG K 522 51.61 7.22 -32.41
C ARG K 522 51.24 6.69 -33.78
N LEU K 523 50.06 6.08 -33.89
CA LEU K 523 49.59 5.55 -35.17
C LEU K 523 48.41 6.36 -35.69
N SER K 524 48.37 6.59 -36.99
CA SER K 524 47.29 7.35 -37.60
C SER K 524 45.94 6.71 -37.29
N GLU K 525 44.90 7.53 -37.17
CA GLU K 525 43.56 7.02 -36.91
C GLU K 525 43.17 6.00 -37.99
N GLN K 526 43.64 6.23 -39.21
CA GLN K 526 43.26 5.39 -40.34
C GLN K 526 43.93 4.01 -40.30
N ILE K 527 45.21 3.98 -39.93
CA ILE K 527 45.96 2.72 -39.89
C ILE K 527 45.46 1.82 -38.76
N GLN K 528 45.07 2.43 -37.63
CA GLN K 528 44.52 1.68 -36.53
C GLN K 528 43.19 1.05 -36.93
N ASN K 529 42.31 1.83 -37.57
CA ASN K 529 41.03 1.30 -38.02
C ASN K 529 41.20 0.12 -38.99
N ASP K 530 42.21 0.22 -39.84
CA ASP K 530 42.44 -0.81 -40.82
C ASP K 530 42.96 -2.09 -40.18
N LEU K 531 43.88 -1.94 -39.22
CA LEU K 531 44.40 -3.08 -38.47
C LEU K 531 43.27 -3.88 -37.82
N LEU K 532 42.46 -3.19 -37.02
CA LEU K 532 41.38 -3.84 -36.29
C LEU K 532 40.35 -4.46 -37.24
N LEU K 533 40.11 -3.79 -38.36
CA LEU K 533 39.16 -4.28 -39.35
C LEU K 533 39.67 -5.58 -39.99
N ARG K 534 40.94 -5.59 -40.39
CA ARG K 534 41.56 -6.77 -40.96
C ARG K 534 41.55 -7.94 -39.98
N ALA K 535 41.63 -7.63 -38.70
CA ALA K 535 41.72 -8.67 -37.67
C ALA K 535 40.36 -9.30 -37.35
N THR K 536 39.32 -8.88 -38.05
CA THR K 536 37.98 -9.43 -37.85
C THR K 536 37.39 -9.98 -39.15
N GLY K 537 38.19 -9.96 -40.21
CA GLY K 537 37.77 -10.49 -41.49
C GLY K 537 37.41 -9.38 -42.46
N GLY K 538 36.61 -9.72 -43.46
CA GLY K 538 36.19 -8.75 -44.46
C GLY K 538 37.27 -8.46 -45.48
N VAL K 539 38.41 -9.10 -45.32
CA VAL K 539 39.52 -8.95 -46.26
C VAL K 539 39.67 -10.24 -47.08
N CYS K 540 38.66 -11.08 -47.01
CA CYS K 540 38.70 -12.38 -47.70
C CYS K 540 37.57 -12.50 -48.71
N HIS L 2 70.25 -54.69 -9.81
CA HIS L 2 69.82 -55.14 -11.14
C HIS L 2 68.36 -54.79 -11.42
N TRP L 3 67.66 -54.28 -10.40
CA TRP L 3 66.27 -53.88 -10.54
C TRP L 3 66.15 -52.55 -11.28
N GLN L 4 67.20 -51.73 -11.19
CA GLN L 4 67.20 -50.40 -11.77
C GLN L 4 67.48 -50.40 -13.28
N THR L 5 66.91 -49.43 -13.99
CA THR L 5 67.14 -49.31 -15.42
C THR L 5 68.13 -48.18 -15.70
N HIS L 6 68.39 -47.35 -14.68
CA HIS L 6 69.25 -46.18 -14.85
C HIS L 6 69.62 -45.56 -13.50
N THR L 7 70.58 -44.65 -13.52
CA THR L 7 70.93 -43.87 -12.34
C THR L 7 70.54 -42.41 -12.52
N VAL L 8 69.92 -41.83 -11.49
CA VAL L 8 69.52 -40.43 -11.52
C VAL L 8 70.68 -39.54 -11.09
N PHE L 9 71.02 -38.58 -11.94
CA PHE L 9 72.11 -37.65 -11.63
C PHE L 9 71.90 -36.32 -12.33
N ASN L 10 72.69 -35.32 -11.94
CA ASN L 10 72.58 -33.97 -12.48
C ASN L 10 71.20 -33.37 -12.20
N GLN L 11 70.53 -33.89 -11.16
CA GLN L 11 69.24 -33.35 -10.72
C GLN L 11 69.42 -32.51 -9.46
N PRO L 12 69.46 -31.18 -9.63
CA PRO L 12 69.75 -30.26 -8.53
C PRO L 12 68.72 -30.38 -7.41
N ILE L 13 69.14 -30.08 -6.18
CA ILE L 13 68.20 -30.03 -5.06
C ILE L 13 67.47 -28.70 -5.09
N PRO L 14 66.17 -28.71 -4.78
CA PRO L 14 65.37 -27.49 -4.86
C PRO L 14 65.72 -26.54 -3.74
N LEU L 15 65.57 -25.24 -3.98
CA LEU L 15 65.88 -24.26 -2.95
C LEU L 15 64.89 -24.33 -1.80
N ASN L 16 65.40 -24.65 -0.61
CA ASN L 16 64.59 -24.58 0.61
C ASN L 16 65.47 -24.45 1.84
N ASN L 17 64.86 -24.15 2.98
CA ASN L 17 65.63 -23.94 4.21
C ASN L 17 66.73 -22.87 4.03
N SER L 18 66.40 -21.80 3.32
CA SER L 18 67.30 -20.67 3.16
C SER L 18 66.69 -19.46 3.86
N ASN L 19 67.43 -18.35 3.88
CA ASN L 19 66.96 -17.14 4.52
C ASN L 19 66.48 -16.12 3.49
N LEU L 20 65.16 -15.96 3.39
CA LEU L 20 64.56 -15.14 2.35
C LEU L 20 65.04 -13.69 2.39
N TYR L 21 65.48 -13.25 3.57
CA TYR L 21 65.91 -11.87 3.74
C TYR L 21 67.41 -11.73 3.51
N LEU L 22 68.19 -12.55 4.22
CA LEU L 22 69.65 -12.41 4.20
C LEU L 22 70.27 -12.79 2.86
N SER L 23 69.48 -13.39 1.97
CA SER L 23 69.97 -13.81 0.67
C SER L 23 69.69 -12.74 -0.38
N ASP L 24 69.03 -11.67 0.02
CA ASP L 24 68.65 -10.60 -0.90
C ASP L 24 69.47 -9.36 -0.59
N GLY L 25 70.68 -9.28 -1.15
CA GLY L 25 71.57 -8.17 -0.92
C GLY L 25 70.94 -6.81 -1.11
N ALA L 26 70.25 -6.62 -2.23
CA ALA L 26 69.65 -5.33 -2.54
C ALA L 26 68.61 -4.91 -1.49
N LEU L 27 67.91 -5.90 -0.94
CA LEU L 27 66.89 -5.65 0.08
C LEU L 27 67.48 -5.21 1.43
N CYS L 28 68.55 -5.87 1.87
CA CYS L 28 69.21 -5.52 3.13
C CYS L 28 69.64 -4.05 3.09
N GLU L 29 70.30 -3.68 2.00
CA GLU L 29 70.81 -2.31 1.84
C GLU L 29 69.68 -1.31 1.83
N ALA L 30 68.63 -1.62 1.08
CA ALA L 30 67.47 -0.72 0.99
C ALA L 30 66.80 -0.50 2.35
N VAL L 31 66.64 -1.58 3.13
CA VAL L 31 66.02 -1.47 4.45
C VAL L 31 66.82 -0.49 5.31
N THR L 32 68.13 -0.67 5.32
CA THR L 32 69.01 0.19 6.10
C THR L 32 68.99 1.61 5.55
N ARG L 33 69.13 1.73 4.23
CA ARG L 33 69.18 3.03 3.58
C ARG L 33 67.93 3.89 3.78
N GLU L 34 66.77 3.25 3.93
CA GLU L 34 65.52 4.00 3.94
C GLU L 34 64.95 4.16 5.35
N GLY L 35 65.79 3.93 6.35
CA GLY L 35 65.46 4.28 7.72
C GLY L 35 64.72 3.20 8.50
N ALA L 36 64.91 1.95 8.08
CA ALA L 36 64.28 0.83 8.75
C ALA L 36 65.33 -0.20 9.19
N GLY L 37 66.56 0.26 9.37
CA GLY L 37 67.65 -0.61 9.79
C GLY L 37 67.46 -1.20 11.17
N TRP L 38 66.49 -0.66 11.91
CA TRP L 38 66.20 -1.16 13.25
C TRP L 38 65.44 -2.48 13.20
N ASP L 39 64.87 -2.77 12.04
CA ASP L 39 64.09 -3.99 11.89
C ASP L 39 64.93 -5.11 11.27
N SER L 40 66.20 -4.81 11.01
CA SER L 40 67.11 -5.77 10.37
C SER L 40 67.22 -7.11 11.11
N ASP L 41 67.36 -7.07 12.42
CA ASP L 41 67.53 -8.29 13.20
C ASP L 41 66.27 -9.14 13.14
N PHE L 42 65.12 -8.48 13.07
CA PHE L 42 63.83 -9.16 13.02
C PHE L 42 63.54 -9.68 11.61
N LEU L 43 63.90 -8.88 10.60
CA LEU L 43 63.72 -9.29 9.22
C LEU L 43 64.52 -10.54 8.89
N ALA L 44 65.72 -10.65 9.45
CA ALA L 44 66.53 -11.84 9.28
C ALA L 44 65.94 -13.02 10.05
N SER L 45 65.30 -12.69 11.16
CA SER L 45 64.65 -13.70 12.00
C SER L 45 63.52 -14.39 11.22
N ILE L 46 62.56 -13.62 10.75
CA ILE L 46 61.43 -14.18 10.02
C ILE L 46 61.85 -14.62 8.62
N GLY L 47 62.86 -13.97 8.08
CA GLY L 47 63.41 -14.37 6.80
C GLY L 47 63.88 -15.82 6.88
N GLN L 48 64.28 -16.23 8.07
CA GLN L 48 64.73 -17.60 8.29
C GLN L 48 63.53 -18.52 8.42
N GLN L 49 62.57 -18.13 9.25
CA GLN L 49 61.38 -18.94 9.51
C GLN L 49 60.59 -19.19 8.23
N LEU L 50 60.47 -18.15 7.42
CA LEU L 50 59.63 -18.18 6.21
C LEU L 50 60.25 -18.97 5.06
N GLY L 51 61.57 -19.13 5.12
CA GLY L 51 62.29 -19.80 4.04
C GLY L 51 62.43 -21.30 4.23
N THR L 52 61.90 -21.82 5.32
CA THR L 52 62.00 -23.25 5.64
C THR L 52 61.06 -24.09 4.80
N ALA L 53 61.41 -25.37 4.64
CA ALA L 53 60.60 -26.30 3.88
C ALA L 53 59.17 -26.34 4.41
N GLU L 54 59.05 -26.45 5.73
CA GLU L 54 57.73 -26.51 6.38
C GLU L 54 56.91 -25.29 5.99
N SER L 55 57.57 -24.13 5.95
CA SER L 55 56.90 -22.89 5.59
C SER L 55 56.38 -22.95 4.16
N LEU L 56 57.26 -23.27 3.23
CA LEU L 56 56.89 -23.38 1.82
C LEU L 56 55.79 -24.40 1.59
N GLU L 57 55.77 -25.46 2.41
CA GLU L 57 54.75 -26.48 2.28
C GLU L 57 53.36 -25.91 2.61
N LEU L 58 53.30 -24.99 3.56
CA LEU L 58 52.05 -24.32 3.90
C LEU L 58 51.49 -23.56 2.70
N GLY L 59 52.39 -22.87 2.00
CA GLY L 59 52.03 -22.22 0.76
C GLY L 59 51.40 -23.18 -0.24
N ARG L 60 52.09 -24.27 -0.55
CA ARG L 60 51.56 -25.29 -1.45
C ARG L 60 50.20 -25.80 -1.00
N LEU L 61 50.08 -26.13 0.29
CA LEU L 61 48.84 -26.69 0.82
C LEU L 61 47.68 -25.74 0.66
N ALA L 62 47.92 -24.49 1.01
CA ALA L 62 46.86 -23.48 0.97
C ALA L 62 46.32 -23.28 -0.44
N ASN L 63 47.13 -23.61 -1.45
CA ASN L 63 46.73 -23.41 -2.83
C ASN L 63 46.16 -24.65 -3.51
N VAL L 64 46.70 -25.83 -3.20
CA VAL L 64 46.19 -27.05 -3.82
C VAL L 64 44.95 -27.54 -3.08
N ASN L 65 44.71 -26.98 -1.91
CA ASN L 65 43.48 -27.23 -1.16
C ASN L 65 42.71 -25.94 -0.95
N PRO L 66 42.20 -25.35 -2.04
CA PRO L 66 41.49 -24.06 -1.98
C PRO L 66 40.23 -24.11 -1.12
N PRO L 67 39.76 -22.94 -0.67
CA PRO L 67 38.57 -22.82 0.19
C PRO L 67 37.32 -23.37 -0.46
N GLU L 68 36.38 -23.85 0.35
CA GLU L 68 35.09 -24.28 -0.14
C GLU L 68 34.01 -23.31 0.34
N LEU L 69 33.08 -22.98 -0.53
CA LEU L 69 31.97 -22.12 -0.14
C LEU L 69 30.86 -22.94 0.50
N LEU L 70 30.48 -22.56 1.72
CA LEU L 70 29.39 -23.22 2.41
C LEU L 70 28.16 -22.30 2.46
N ARG L 71 27.35 -22.35 1.41
CA ARG L 71 26.18 -21.51 1.33
C ARG L 71 25.08 -21.96 2.28
N TYR L 72 24.98 -23.28 2.49
CA TYR L 72 23.99 -23.86 3.39
C TYR L 72 24.63 -24.87 4.32
N ASP L 73 23.95 -25.19 5.42
CA ASP L 73 24.35 -26.29 6.28
C ASP L 73 23.55 -27.54 5.92
N ALA L 74 23.74 -28.63 6.66
CA ALA L 74 23.08 -29.89 6.34
C ALA L 74 21.57 -29.87 6.60
N GLN L 75 21.10 -28.84 7.29
CA GLN L 75 19.68 -28.73 7.62
C GLN L 75 18.97 -27.81 6.62
N GLY L 76 19.72 -27.21 5.71
CA GLY L 76 19.14 -26.40 4.67
C GLY L 76 18.96 -24.95 5.08
N ARG L 77 19.54 -24.60 6.22
CA ARG L 77 19.56 -23.20 6.65
C ARG L 77 20.74 -22.47 6.03
N ARG L 78 20.47 -21.28 5.53
CA ARG L 78 21.52 -20.40 5.02
C ARG L 78 22.69 -20.33 6.02
N LEU L 79 23.91 -20.37 5.50
CA LEU L 79 25.11 -20.40 6.36
C LEU L 79 26.16 -19.36 5.94
N ASP L 80 26.32 -19.19 4.63
CA ASP L 80 27.22 -18.20 4.06
C ASP L 80 28.57 -18.12 4.76
N ASP L 81 29.26 -19.26 4.87
CA ASP L 81 30.60 -19.31 5.45
C ASP L 81 31.57 -19.94 4.45
N VAL L 82 32.87 -19.79 4.72
CA VAL L 82 33.90 -20.34 3.86
C VAL L 82 34.85 -21.21 4.67
N ARG L 83 35.14 -22.40 4.17
CA ARG L 83 35.97 -23.37 4.89
C ARG L 83 37.35 -23.52 4.25
N PHE L 84 38.39 -23.26 5.03
CA PHE L 84 39.76 -23.30 4.55
C PHE L 84 40.55 -24.52 5.01
N HIS L 85 41.65 -24.79 4.33
CA HIS L 85 42.61 -25.77 4.79
C HIS L 85 43.39 -25.18 5.98
N PRO L 86 43.75 -26.01 6.96
CA PRO L 86 44.41 -25.52 8.18
C PRO L 86 45.65 -24.69 7.87
N ALA L 87 46.28 -24.93 6.74
CA ALA L 87 47.48 -24.21 6.38
C ALA L 87 47.21 -22.72 6.14
N TRP L 88 46.04 -22.41 5.57
CA TRP L 88 45.65 -21.03 5.34
C TRP L 88 45.69 -20.24 6.64
N HIS L 89 45.06 -20.76 7.68
CA HIS L 89 44.99 -20.08 8.96
C HIS L 89 46.38 -19.90 9.57
N LEU L 90 47.26 -20.87 9.33
CA LEU L 90 48.63 -20.77 9.83
C LEU L 90 49.38 -19.63 9.16
N LEU L 91 49.19 -19.48 7.84
CA LEU L 91 49.78 -18.36 7.11
C LEU L 91 49.26 -17.04 7.66
N MET L 92 47.96 -16.98 7.93
CA MET L 92 47.35 -15.77 8.48
C MET L 92 47.93 -15.43 9.86
N GLN L 93 48.00 -16.44 10.74
CA GLN L 93 48.55 -16.25 12.08
C GLN L 93 49.87 -15.53 12.02
N ALA L 94 50.76 -16.02 11.17
CA ALA L 94 52.10 -15.47 11.08
C ALA L 94 52.09 -14.03 10.52
N LEU L 95 51.30 -13.81 9.48
CA LEU L 95 51.20 -12.50 8.86
C LEU L 95 50.77 -11.45 9.88
N CYS L 96 49.83 -11.82 10.73
CA CYS L 96 49.33 -10.90 11.74
C CYS L 96 50.30 -10.77 12.90
N THR L 97 50.92 -11.88 13.28
CA THR L 97 51.93 -11.85 14.32
C THR L 97 53.05 -10.90 13.92
N ASN L 98 53.37 -10.89 12.62
CA ASN L 98 54.41 -9.98 12.13
C ASN L 98 53.86 -8.61 11.73
N ARG L 99 52.60 -8.36 12.09
CA ARG L 99 51.98 -7.06 11.89
C ARG L 99 52.11 -6.53 10.47
N VAL L 100 52.15 -7.44 9.50
CA VAL L 100 52.17 -7.05 8.09
C VAL L 100 50.89 -6.29 7.73
N HIS L 101 49.87 -6.39 8.59
CA HIS L 101 48.58 -5.77 8.32
C HIS L 101 48.39 -4.42 9.00
N ASN L 102 49.25 -4.07 9.96
CA ASN L 102 49.04 -2.84 10.71
C ASN L 102 50.27 -2.18 11.34
N LEU L 103 51.47 -2.67 11.03
CA LEU L 103 52.68 -2.16 11.68
C LEU L 103 52.75 -0.64 11.71
N ALA L 104 52.49 -0.02 10.57
CA ALA L 104 52.63 1.43 10.45
C ALA L 104 51.51 2.23 11.13
N TRP L 105 50.49 1.54 11.61
CA TRP L 105 49.34 2.23 12.21
C TRP L 105 49.29 2.15 13.73
N GLU L 106 50.23 1.40 14.31
CA GLU L 106 50.36 1.39 15.76
C GLU L 106 50.49 2.83 16.23
N GLU L 107 49.99 3.11 17.43
CA GLU L 107 49.99 4.50 17.91
C GLU L 107 51.40 5.03 18.15
N ASP L 108 52.29 4.18 18.67
CA ASP L 108 53.67 4.60 18.89
C ASP L 108 54.60 4.05 17.81
N ALA L 109 54.13 4.08 16.57
CA ALA L 109 54.89 3.58 15.44
C ALA L 109 56.10 4.47 15.17
N ARG L 110 57.28 3.85 15.07
CA ARG L 110 58.51 4.60 14.88
C ARG L 110 58.80 4.93 13.42
N SER L 111 59.82 5.76 13.21
CA SER L 111 60.21 6.19 11.87
C SER L 111 60.66 4.99 11.03
N GLY L 112 60.14 4.91 9.81
CA GLY L 112 60.47 3.84 8.89
C GLY L 112 59.58 2.62 9.04
N ALA L 113 58.48 2.78 9.77
CA ALA L 113 57.54 1.68 10.00
C ALA L 113 56.97 1.15 8.69
N PHE L 114 56.64 2.07 7.78
CA PHE L 114 56.11 1.70 6.48
C PHE L 114 57.15 0.92 5.69
N VAL L 115 58.41 1.33 5.80
CA VAL L 115 59.50 0.67 5.08
C VAL L 115 59.81 -0.71 5.65
N ALA L 116 59.73 -0.83 6.96
CA ALA L 116 59.94 -2.11 7.63
C ALA L 116 58.81 -3.08 7.27
N ARG L 117 57.58 -2.57 7.29
CA ARG L 117 56.42 -3.37 6.96
C ARG L 117 56.48 -3.85 5.51
N ALA L 118 57.01 -3.00 4.63
CA ALA L 118 57.20 -3.39 3.23
C ALA L 118 58.14 -4.57 3.11
N ALA L 119 59.23 -4.54 3.86
CA ALA L 119 60.20 -5.63 3.85
C ALA L 119 59.58 -6.94 4.35
N ARG L 120 58.84 -6.86 5.46
CA ARG L 120 58.18 -8.04 6.01
C ARG L 120 57.18 -8.62 4.98
N PHE L 121 56.39 -7.74 4.39
CA PHE L 121 55.43 -8.13 3.35
C PHE L 121 56.12 -8.87 2.21
N MET L 122 57.22 -8.31 1.73
CA MET L 122 57.98 -8.87 0.62
C MET L 122 58.51 -10.28 0.90
N LEU L 123 58.80 -10.58 2.16
CA LEU L 123 59.26 -11.91 2.53
C LEU L 123 58.11 -12.92 2.53
N HIS L 124 57.00 -12.56 3.19
CA HIS L 124 55.82 -13.41 3.21
C HIS L 124 55.35 -13.69 1.79
N ALA L 125 55.39 -12.66 0.95
CA ALA L 125 54.92 -12.78 -0.43
C ALA L 125 55.66 -13.87 -1.21
N GLN L 126 56.87 -14.19 -0.79
CA GLN L 126 57.67 -15.17 -1.51
C GLN L 126 57.24 -16.59 -1.17
N VAL L 127 56.59 -16.76 -0.02
CA VAL L 127 56.13 -18.06 0.38
C VAL L 127 54.74 -18.35 -0.19
N GLU L 128 53.84 -17.37 -0.05
CA GLU L 128 52.45 -17.54 -0.46
C GLU L 128 51.82 -16.18 -0.74
N ALA L 129 51.06 -16.10 -1.83
CA ALA L 129 50.54 -14.82 -2.32
C ALA L 129 49.06 -14.55 -1.99
N GLY L 130 48.24 -15.59 -2.03
CA GLY L 130 46.83 -15.45 -1.73
C GLY L 130 46.55 -14.86 -0.36
N SER L 131 47.37 -15.23 0.62
CA SER L 131 47.13 -14.79 1.99
C SER L 131 47.40 -13.30 2.15
N LEU L 132 48.04 -12.70 1.15
CA LEU L 132 48.36 -11.28 1.19
C LEU L 132 47.16 -10.40 0.90
N CYS L 133 46.14 -10.97 0.28
CA CYS L 133 44.99 -10.17 -0.10
C CYS L 133 44.29 -9.57 1.11
N PRO L 134 43.84 -10.41 2.06
CA PRO L 134 43.21 -9.82 3.25
C PRO L 134 44.17 -8.86 3.98
N ILE L 135 45.44 -9.21 4.01
CA ILE L 135 46.45 -8.38 4.66
C ILE L 135 46.56 -7.00 4.02
N THR L 136 46.69 -6.98 2.69
CA THR L 136 46.79 -5.73 1.94
C THR L 136 45.57 -4.84 2.14
N MET L 137 44.38 -5.43 2.05
CA MET L 137 43.14 -4.68 2.20
C MET L 137 43.02 -4.13 3.61
N THR L 138 43.28 -5.00 4.59
CA THR L 138 43.20 -4.59 5.98
C THR L 138 44.18 -3.46 6.27
N PHE L 139 45.38 -3.58 5.72
CA PHE L 139 46.42 -2.59 5.93
C PHE L 139 46.05 -1.22 5.37
N ALA L 140 45.33 -1.20 4.26
CA ALA L 140 44.99 0.04 3.60
C ALA L 140 43.79 0.71 4.25
N ALA L 141 42.88 -0.11 4.76
CA ALA L 141 41.64 0.41 5.35
C ALA L 141 41.81 0.83 6.79
N THR L 142 42.79 0.26 7.48
CA THR L 142 42.93 0.48 8.92
C THR L 142 43.01 1.96 9.32
N PRO L 143 43.94 2.72 8.73
CA PRO L 143 44.09 4.14 9.07
C PRO L 143 42.77 4.89 8.90
N LEU L 144 42.06 4.58 7.83
CA LEU L 144 40.77 5.17 7.55
C LEU L 144 39.76 4.83 8.65
N LEU L 145 39.59 3.54 8.92
CA LEU L 145 38.64 3.10 9.94
C LEU L 145 38.93 3.63 11.34
N LEU L 146 40.21 3.67 11.70
CA LEU L 146 40.61 4.15 13.02
C LEU L 146 40.05 5.53 13.35
N GLN L 147 39.82 6.35 12.34
CA GLN L 147 39.31 7.70 12.58
C GLN L 147 37.91 7.95 12.02
N MET L 148 37.25 6.90 11.55
CA MET L 148 35.90 7.05 10.98
C MET L 148 34.89 6.03 11.51
N LEU L 149 35.35 5.10 12.34
CA LEU L 149 34.47 4.05 12.87
C LEU L 149 33.16 4.61 13.39
N PRO L 150 32.04 4.04 12.92
CA PRO L 150 30.71 4.41 13.42
C PRO L 150 30.60 4.09 14.92
N ALA L 151 29.69 4.77 15.61
CA ALA L 151 29.53 4.61 17.05
C ALA L 151 29.42 3.16 17.53
N PRO L 152 28.55 2.36 16.88
CA PRO L 152 28.32 0.99 17.37
C PRO L 152 29.54 0.08 17.28
N PHE L 153 30.64 0.58 16.70
CA PHE L 153 31.82 -0.25 16.49
C PHE L 153 33.09 0.42 17.01
N GLN L 154 32.95 1.23 18.05
CA GLN L 154 34.10 1.94 18.61
C GLN L 154 35.10 0.99 19.23
N ASP L 155 34.60 -0.09 19.82
CA ASP L 155 35.46 -1.07 20.47
C ASP L 155 36.23 -1.94 19.48
N TRP L 156 36.21 -1.55 18.21
CA TRP L 156 36.97 -2.24 17.17
C TRP L 156 38.38 -1.69 17.08
N THR L 157 38.61 -0.58 17.77
CA THR L 157 39.91 0.09 17.71
C THR L 157 41.05 -0.81 18.20
N THR L 158 40.85 -1.41 19.36
CA THR L 158 41.90 -2.22 19.97
C THR L 158 42.29 -3.44 19.13
N PRO L 159 41.31 -4.24 18.68
CA PRO L 159 41.62 -5.39 17.84
C PRO L 159 42.27 -4.99 16.50
N LEU L 160 41.91 -3.81 15.98
CA LEU L 160 42.46 -3.34 14.71
C LEU L 160 43.96 -3.12 14.81
N LEU L 161 44.44 -2.93 16.03
CA LEU L 161 45.85 -2.62 16.27
C LEU L 161 46.62 -3.79 16.86
N SER L 162 45.97 -4.95 16.94
CA SER L 162 46.59 -6.11 17.56
C SER L 162 47.49 -6.88 16.61
N ASP L 163 48.11 -7.94 17.11
CA ASP L 163 49.00 -8.75 16.29
C ASP L 163 48.44 -10.17 16.21
N ARG L 164 47.16 -10.30 16.52
CA ARG L 164 46.56 -11.62 16.63
C ARG L 164 45.46 -11.87 15.61
N TYR L 165 45.74 -12.80 14.70
CA TYR L 165 44.76 -13.27 13.74
C TYR L 165 43.71 -14.07 14.51
N ASP L 166 42.44 -13.82 14.17
CA ASP L 166 41.32 -14.45 14.85
C ASP L 166 40.27 -14.89 13.83
N SER L 167 40.09 -16.21 13.72
CA SER L 167 39.19 -16.76 12.70
C SER L 167 37.81 -17.12 13.26
N HIS L 168 37.57 -16.82 14.53
CA HIS L 168 36.28 -17.10 15.14
C HIS L 168 35.14 -16.43 14.37
N LEU L 169 34.06 -17.18 14.17
CA LEU L 169 32.86 -16.66 13.53
C LEU L 169 32.03 -15.87 14.55
N LEU L 170 32.52 -14.68 14.89
CA LEU L 170 31.88 -13.82 15.88
C LEU L 170 31.83 -12.37 15.41
N PRO L 171 30.96 -11.57 16.02
CA PRO L 171 30.95 -10.12 15.76
C PRO L 171 32.34 -9.55 16.04
N GLY L 172 32.73 -8.52 15.30
CA GLY L 172 34.08 -8.00 15.41
C GLY L 172 34.51 -7.67 16.82
N GLY L 173 33.60 -7.03 17.57
CA GLY L 173 33.90 -6.57 18.91
C GLY L 173 34.35 -7.66 19.85
N GLN L 174 33.96 -8.90 19.56
CA GLN L 174 34.29 -10.03 20.42
C GLN L 174 35.54 -10.78 19.94
N LYS L 175 36.32 -10.16 19.06
CA LYS L 175 37.49 -10.82 18.49
C LYS L 175 38.79 -10.12 18.87
N ARG L 176 39.90 -10.85 18.75
CA ARG L 176 41.22 -10.34 19.15
C ARG L 176 41.88 -9.55 18.03
N GLY L 177 41.54 -9.87 16.79
CA GLY L 177 42.05 -9.17 15.64
C GLY L 177 41.02 -9.19 14.53
N LEU L 178 41.16 -8.32 13.53
CA LEU L 178 40.15 -8.22 12.49
C LEU L 178 40.76 -8.18 11.10
N LEU L 179 39.91 -8.39 10.10
CA LEU L 179 40.30 -8.25 8.70
C LEU L 179 39.24 -7.43 7.98
N ILE L 180 39.68 -6.51 7.14
CA ILE L 180 38.76 -5.65 6.40
C ILE L 180 38.88 -5.87 4.89
N GLY L 181 37.73 -6.01 4.24
CA GLY L 181 37.72 -6.21 2.80
C GLY L 181 37.14 -5.02 2.05
N MET L 182 37.26 -5.04 0.74
CA MET L 182 36.76 -3.95 -0.09
C MET L 182 35.85 -4.48 -1.19
N GLY L 183 34.61 -3.97 -1.23
CA GLY L 183 33.66 -4.39 -2.24
C GLY L 183 33.24 -3.27 -3.17
N MET L 184 33.91 -3.17 -4.32
CA MET L 184 33.66 -2.10 -5.28
C MET L 184 33.14 -2.62 -6.61
N THR L 185 33.91 -3.48 -7.25
CA THR L 185 33.59 -4.00 -8.57
C THR L 185 32.20 -4.62 -8.65
N GLU L 186 31.47 -4.26 -9.71
CA GLU L 186 30.19 -4.90 -10.04
C GLU L 186 30.29 -5.45 -11.46
N LYS L 187 29.25 -6.16 -11.89
CA LYS L 187 29.29 -6.83 -13.18
C LYS L 187 29.47 -5.88 -14.36
N GLN L 188 28.95 -4.67 -14.21
CA GLN L 188 28.97 -3.68 -15.28
C GLN L 188 30.29 -2.90 -15.33
N GLY L 189 31.09 -3.00 -14.28
CA GLY L 189 32.39 -2.34 -14.28
C GLY L 189 33.16 -2.39 -12.98
N GLY L 190 34.48 -2.41 -13.10
CA GLY L 190 35.36 -2.35 -11.95
C GLY L 190 36.21 -1.10 -11.99
N SER L 191 36.64 -0.72 -13.18
CA SER L 191 37.43 0.49 -13.36
C SER L 191 36.56 1.71 -13.16
N ASP L 192 35.40 1.68 -13.81
CA ASP L 192 34.45 2.77 -13.74
C ASP L 192 33.41 2.45 -12.68
N VAL L 193 33.70 2.80 -11.43
CA VAL L 193 32.83 2.45 -10.32
C VAL L 193 31.57 3.31 -10.22
N MET L 194 31.54 4.43 -10.93
CA MET L 194 30.35 5.27 -10.86
C MET L 194 29.17 4.57 -11.54
N SER L 195 29.47 3.50 -12.27
CA SER L 195 28.42 2.71 -12.91
C SER L 195 27.77 1.76 -11.92
N ASN L 196 28.28 1.71 -10.69
CA ASN L 196 27.66 0.92 -9.63
C ASN L 196 26.14 1.11 -9.57
N THR L 197 25.41 0.02 -9.35
CA THR L 197 23.96 0.10 -9.20
C THR L 197 23.49 -0.43 -7.86
N THR L 198 24.42 -0.73 -6.97
CA THR L 198 24.04 -1.06 -5.60
C THR L 198 23.54 0.22 -4.94
N ARG L 199 22.32 0.16 -4.40
CA ARG L 199 21.68 1.35 -3.86
C ARG L 199 21.55 1.28 -2.34
N ALA L 200 21.79 2.40 -1.66
CA ALA L 200 21.65 2.46 -0.22
C ALA L 200 20.64 3.52 0.20
N GLU L 201 19.64 3.11 1.00
CA GLU L 201 18.63 4.02 1.50
C GLU L 201 18.70 4.12 3.02
N ARG L 202 18.83 5.35 3.53
CA ARG L 202 18.98 5.60 4.96
C ARG L 202 17.74 5.20 5.77
N LEU L 203 17.98 4.65 6.96
CA LEU L 203 16.91 4.22 7.85
C LEU L 203 16.71 5.23 8.99
N GLU L 204 15.72 4.98 9.84
CA GLU L 204 15.39 5.93 10.91
C GLU L 204 16.56 6.21 11.86
N ASP L 205 17.33 5.17 12.18
CA ASP L 205 18.40 5.29 13.18
C ASP L 205 19.78 5.66 12.62
N GLY L 206 19.84 6.05 11.35
CA GLY L 206 21.07 6.60 10.78
C GLY L 206 21.83 5.69 9.83
N SER L 207 21.65 4.39 9.97
CA SER L 207 22.29 3.42 9.09
C SER L 207 21.54 3.36 7.76
N TYR L 208 22.05 2.56 6.82
CA TYR L 208 21.44 2.43 5.51
C TYR L 208 21.07 0.99 5.18
N ARG L 209 20.04 0.82 4.33
CA ARG L 209 19.72 -0.48 3.74
C ARG L 209 20.40 -0.59 2.38
N LEU L 210 21.19 -1.65 2.20
CA LEU L 210 21.85 -1.87 0.92
C LEU L 210 21.20 -3.01 0.15
N VAL L 211 20.91 -2.76 -1.11
CA VAL L 211 20.44 -3.78 -2.04
C VAL L 211 21.24 -3.68 -3.32
N GLY L 212 21.87 -4.78 -3.71
CA GLY L 212 22.73 -4.80 -4.88
C GLY L 212 23.62 -6.04 -4.94
N HIS L 213 24.80 -5.88 -5.51
CA HIS L 213 25.70 -7.01 -5.69
C HIS L 213 27.14 -6.53 -5.85
N LYS L 214 28.08 -7.44 -5.63
CA LYS L 214 29.46 -7.18 -5.98
C LYS L 214 29.98 -8.41 -6.72
N TRP L 215 30.62 -8.17 -7.85
CA TRP L 215 31.02 -9.18 -8.82
C TRP L 215 32.26 -9.94 -8.34
N PHE L 216 33.26 -9.20 -7.89
CA PHE L 216 34.42 -9.78 -7.23
C PHE L 216 34.48 -9.24 -5.80
N PHE L 217 34.43 -10.15 -4.84
CA PHE L 217 34.28 -9.82 -3.42
C PHE L 217 35.21 -10.72 -2.64
N SER L 218 36.46 -10.31 -2.49
CA SER L 218 37.48 -11.15 -1.86
C SER L 218 37.37 -11.16 -0.35
N VAL L 219 37.87 -12.24 0.25
CA VAL L 219 37.85 -12.43 1.70
C VAL L 219 36.47 -12.18 2.28
N PRO L 220 35.46 -12.95 1.82
CA PRO L 220 34.08 -12.76 2.29
C PRO L 220 33.99 -12.95 3.78
N GLN L 221 35.00 -13.62 4.34
CA GLN L 221 35.04 -13.89 5.77
C GLN L 221 35.63 -12.73 6.56
N SER L 222 35.92 -11.62 5.87
CA SER L 222 36.35 -10.41 6.56
C SER L 222 35.34 -10.05 7.62
N ASP L 223 35.79 -9.35 8.66
CA ASP L 223 34.90 -8.90 9.72
C ASP L 223 34.05 -7.71 9.31
N ALA L 224 34.47 -7.03 8.24
CA ALA L 224 33.72 -5.93 7.65
C ALA L 224 34.25 -5.63 6.25
N HIS L 225 33.37 -5.13 5.39
CA HIS L 225 33.78 -4.65 4.07
C HIS L 225 33.43 -3.18 3.87
N LEU L 226 34.35 -2.43 3.28
CA LEU L 226 34.04 -1.09 2.83
C LEU L 226 33.42 -1.21 1.44
N VAL L 227 32.14 -0.88 1.33
CA VAL L 227 31.36 -1.13 0.12
C VAL L 227 30.89 0.17 -0.53
N LEU L 228 31.03 0.27 -1.85
CA LEU L 228 30.52 1.42 -2.58
C LEU L 228 29.06 1.18 -3.00
N ALA L 229 28.20 2.15 -2.74
CA ALA L 229 26.80 2.06 -3.13
C ALA L 229 26.22 3.44 -3.47
N GLN L 230 25.22 3.48 -4.35
CA GLN L 230 24.60 4.74 -4.74
C GLN L 230 23.60 5.22 -3.69
N THR L 231 23.61 6.52 -3.44
CA THR L 231 22.63 7.15 -2.56
C THR L 231 22.00 8.33 -3.28
N ALA L 232 21.02 8.96 -2.65
CA ALA L 232 20.36 10.13 -3.23
C ALA L 232 21.39 11.20 -3.59
N GLY L 233 22.43 11.32 -2.78
CA GLY L 233 23.44 12.35 -2.96
C GLY L 233 24.72 11.92 -3.67
N GLY L 234 24.69 10.78 -4.34
CA GLY L 234 25.85 10.31 -5.09
C GLY L 234 26.40 8.98 -4.61
N LEU L 235 27.46 8.51 -5.26
CA LEU L 235 28.11 7.26 -4.90
C LEU L 235 28.88 7.39 -3.59
N SER L 236 28.55 6.55 -2.62
CA SER L 236 29.12 6.68 -1.28
C SER L 236 29.79 5.40 -0.77
N CYS L 237 30.55 5.54 0.31
CA CYS L 237 31.28 4.42 0.89
C CYS L 237 30.64 3.96 2.19
N PHE L 238 30.30 2.68 2.26
CA PHE L 238 29.67 2.13 3.46
C PHE L 238 30.47 1.08 4.22
N PHE L 239 30.42 1.18 5.54
CA PHE L 239 31.01 0.18 6.42
C PHE L 239 29.97 -0.90 6.65
N VAL L 240 30.14 -2.03 5.98
CA VAL L 240 29.21 -3.16 6.09
C VAL L 240 29.84 -4.28 6.92
N PRO L 241 29.44 -4.40 8.19
CA PRO L 241 30.00 -5.43 9.07
C PRO L 241 29.41 -6.80 8.74
N ARG L 242 30.16 -7.86 9.01
CA ARG L 242 29.65 -9.19 8.75
C ARG L 242 28.55 -9.54 9.73
N PHE L 243 28.73 -9.14 10.98
CA PHE L 243 27.68 -9.26 11.98
C PHE L 243 27.16 -7.89 12.36
N LEU L 244 25.87 -7.81 12.65
CA LEU L 244 25.26 -6.58 13.16
C LEU L 244 25.57 -6.47 14.65
N PRO L 245 25.45 -5.25 15.21
CA PRO L 245 25.75 -5.03 16.63
C PRO L 245 25.04 -6.04 17.55
N ASP L 246 23.80 -6.37 17.24
CA ASP L 246 23.01 -7.28 18.07
C ASP L 246 23.39 -8.77 17.90
N GLY L 247 24.45 -9.02 17.14
CA GLY L 247 24.97 -10.37 16.99
C GLY L 247 24.43 -11.14 15.81
N GLN L 248 23.32 -10.67 15.24
CA GLN L 248 22.75 -11.32 14.05
C GLN L 248 23.65 -11.15 12.84
N ARG L 249 23.57 -12.09 11.90
CA ARG L 249 24.38 -12.02 10.71
C ARG L 249 23.81 -11.02 9.70
N ASN L 250 24.65 -10.12 9.20
CA ASN L 250 24.22 -9.13 8.23
C ASN L 250 23.72 -9.82 6.96
N ALA L 251 22.83 -9.16 6.23
CA ALA L 251 22.21 -9.75 5.04
C ALA L 251 23.14 -9.75 3.82
N ILE L 252 24.31 -10.34 3.97
CA ILE L 252 25.23 -10.49 2.85
C ILE L 252 25.19 -11.94 2.38
N ARG L 253 24.73 -12.15 1.16
CA ARG L 253 24.45 -13.48 0.66
C ARG L 253 25.54 -13.93 -0.33
N LEU L 254 26.30 -14.96 0.03
CA LEU L 254 27.36 -15.47 -0.82
C LEU L 254 26.81 -16.45 -1.87
N GLU L 255 26.94 -16.11 -3.14
CA GLU L 255 26.31 -16.89 -4.22
C GLU L 255 27.25 -17.89 -4.90
N ARG L 256 28.49 -17.48 -5.10
CA ARG L 256 29.38 -18.29 -5.90
C ARG L 256 30.83 -17.90 -5.66
N LEU L 257 31.71 -18.90 -5.78
CA LEU L 257 33.13 -18.72 -5.52
C LEU L 257 33.90 -18.75 -6.83
N LYS L 258 34.74 -17.75 -7.07
CA LYS L 258 35.50 -17.68 -8.32
C LYS L 258 36.40 -18.90 -8.47
N ASP L 259 36.47 -19.44 -9.69
CA ASP L 259 37.41 -20.50 -10.01
C ASP L 259 38.57 -19.87 -10.78
N LYS L 260 39.65 -19.56 -10.07
CA LYS L 260 40.68 -18.65 -10.57
C LYS L 260 41.92 -19.32 -11.16
N LEU L 261 42.56 -18.62 -12.09
CA LEU L 261 43.82 -19.04 -12.69
C LEU L 261 44.87 -19.25 -11.61
N GLY L 262 45.04 -18.21 -10.80
CA GLY L 262 45.94 -18.29 -9.66
C GLY L 262 45.21 -17.73 -8.45
N ASN L 263 45.96 -17.35 -7.43
CA ASN L 263 45.37 -16.72 -6.26
C ASN L 263 44.39 -17.69 -5.61
N ARG L 264 44.53 -18.97 -5.93
CA ARG L 264 43.52 -19.97 -5.57
C ARG L 264 43.31 -20.17 -4.06
N SER L 265 44.34 -19.90 -3.27
CA SER L 265 44.24 -20.04 -1.81
C SER L 265 43.24 -19.06 -1.24
N ASN L 266 43.06 -17.94 -1.93
CA ASN L 266 42.23 -16.84 -1.46
C ASN L 266 40.80 -16.91 -1.99
N ALA L 267 39.82 -16.80 -1.09
CA ALA L 267 38.41 -16.86 -1.48
C ALA L 267 37.90 -15.57 -2.09
N SER L 268 37.48 -15.63 -3.34
CA SER L 268 36.83 -14.49 -3.99
C SER L 268 35.41 -14.89 -4.35
N CYS L 269 34.46 -14.09 -3.88
CA CYS L 269 33.06 -14.46 -4.01
C CYS L 269 32.28 -13.53 -4.92
N GLU L 270 31.17 -14.05 -5.45
CA GLU L 270 30.15 -13.22 -6.06
C GLU L 270 29.05 -13.07 -5.02
N VAL L 271 28.84 -11.87 -4.53
CA VAL L 271 27.90 -11.67 -3.43
C VAL L 271 26.71 -10.77 -3.80
N GLU L 272 25.62 -10.91 -3.05
CA GLU L 272 24.45 -10.07 -3.24
C GLU L 272 23.99 -9.52 -1.90
N PHE L 273 23.48 -8.29 -1.91
CA PHE L 273 23.02 -7.65 -0.69
C PHE L 273 21.50 -7.66 -0.65
N GLN L 274 20.95 -8.28 0.39
CA GLN L 274 19.49 -8.33 0.57
C GLN L 274 19.07 -7.51 1.78
N ASP L 275 19.06 -6.19 1.62
CA ASP L 275 18.80 -5.26 2.72
C ASP L 275 19.85 -5.38 3.81
N ALA L 276 21.12 -5.44 3.41
CA ALA L 276 22.21 -5.48 4.36
C ALA L 276 22.40 -4.10 4.96
N ILE L 277 22.72 -4.04 6.24
CA ILE L 277 22.89 -2.76 6.92
C ILE L 277 24.31 -2.22 6.76
N GLY L 278 24.41 -0.96 6.35
CA GLY L 278 25.71 -0.32 6.24
C GLY L 278 25.72 1.00 6.98
N TRP L 279 26.90 1.49 7.29
CA TRP L 279 27.05 2.77 7.96
C TRP L 279 27.86 3.72 7.10
N LEU L 280 27.31 4.89 6.83
CA LEU L 280 27.97 5.86 5.97
C LEU L 280 29.30 6.31 6.54
N LEU L 281 30.35 6.20 5.72
CA LEU L 281 31.64 6.78 6.05
C LEU L 281 31.80 8.10 5.28
N GLY L 282 31.99 9.20 6.02
CA GLY L 282 32.07 10.51 5.43
C GLY L 282 30.72 11.03 4.99
N LEU L 283 30.71 11.74 3.88
CA LEU L 283 29.48 12.35 3.37
C LEU L 283 28.97 11.59 2.16
N GLU L 284 27.67 11.64 1.93
CA GLU L 284 27.11 11.04 0.73
C GLU L 284 27.80 11.58 -0.52
N GLY L 285 28.08 10.71 -1.49
CA GLY L 285 28.71 11.12 -2.72
C GLY L 285 30.19 11.34 -2.57
N GLU L 286 30.70 11.16 -1.36
CA GLU L 286 32.12 11.30 -1.10
C GLU L 286 32.82 9.95 -1.22
N GLY L 287 32.08 8.94 -1.66
CA GLY L 287 32.56 7.57 -1.77
C GLY L 287 33.89 7.39 -2.48
N ILE L 288 33.98 7.85 -3.72
CA ILE L 288 35.19 7.70 -4.51
C ILE L 288 36.41 8.40 -3.87
N ARG L 289 36.18 9.57 -3.28
CA ARG L 289 37.28 10.32 -2.67
C ARG L 289 37.94 9.48 -1.58
N LEU L 290 37.14 8.73 -0.84
CA LEU L 290 37.65 7.91 0.26
C LEU L 290 38.48 6.72 -0.22
N ILE L 291 37.89 5.88 -1.07
CA ILE L 291 38.59 4.68 -1.53
C ILE L 291 39.81 5.02 -2.37
N LEU L 292 40.00 6.30 -2.67
CA LEU L 292 41.19 6.73 -3.38
C LEU L 292 42.36 6.88 -2.41
N LYS L 293 42.04 7.21 -1.17
CA LYS L 293 43.06 7.30 -0.13
C LYS L 293 43.66 5.91 0.12
N MET L 294 42.81 4.89 0.15
CA MET L 294 43.26 3.52 0.38
C MET L 294 43.92 2.92 -0.86
N GLY L 295 43.39 3.29 -2.03
CA GLY L 295 43.93 2.79 -3.29
C GLY L 295 45.41 3.03 -3.44
N GLY L 296 45.90 4.13 -2.89
CA GLY L 296 47.32 4.42 -2.92
C GLY L 296 48.13 3.26 -2.39
N MET L 297 47.78 2.79 -1.19
CA MET L 297 48.56 1.76 -0.53
C MET L 297 48.42 0.35 -1.13
N THR L 298 47.22 -0.01 -1.58
CA THR L 298 47.03 -1.32 -2.18
C THR L 298 47.77 -1.44 -3.50
N ARG L 299 47.79 -0.37 -4.28
CA ARG L 299 48.55 -0.34 -5.52
C ARG L 299 50.02 -0.62 -5.24
N PHE L 300 50.52 -0.04 -4.15
CA PHE L 300 51.90 -0.25 -3.75
C PHE L 300 52.14 -1.72 -3.42
N ASP L 301 51.19 -2.35 -2.75
CA ASP L 301 51.30 -3.75 -2.39
C ASP L 301 51.29 -4.65 -3.63
N CYS L 302 50.52 -4.28 -4.64
CA CYS L 302 50.50 -5.03 -5.89
C CYS L 302 51.88 -5.03 -6.49
N ALA L 303 52.47 -3.84 -6.60
CA ALA L 303 53.82 -3.71 -7.13
C ALA L 303 54.83 -4.49 -6.28
N LEU L 304 54.75 -4.32 -4.96
CA LEU L 304 55.64 -5.01 -4.04
C LEU L 304 55.48 -6.53 -4.15
N GLY L 305 54.23 -7.00 -4.18
CA GLY L 305 53.94 -8.41 -4.32
C GLY L 305 54.52 -9.02 -5.58
N SER L 306 54.29 -8.36 -6.72
CA SER L 306 54.82 -8.85 -7.98
C SER L 306 56.34 -8.92 -7.92
N HIS L 307 56.95 -7.86 -7.41
CA HIS L 307 58.39 -7.83 -7.23
C HIS L 307 58.85 -9.00 -6.36
N ALA L 308 58.15 -9.20 -5.24
CA ALA L 308 58.51 -10.29 -4.35
C ALA L 308 58.53 -11.62 -5.08
N MET L 309 57.49 -11.89 -5.87
CA MET L 309 57.38 -13.16 -6.58
C MET L 309 58.46 -13.30 -7.65
N MET L 310 58.79 -12.18 -8.31
CA MET L 310 59.87 -12.20 -9.27
C MET L 310 61.18 -12.56 -8.58
N ARG L 311 61.37 -12.02 -7.38
CA ARG L 311 62.55 -12.29 -6.58
C ARG L 311 62.64 -13.76 -6.24
N ARG L 312 61.53 -14.32 -5.75
CA ARG L 312 61.50 -15.73 -5.41
C ARG L 312 61.77 -16.61 -6.64
N ALA L 313 61.13 -16.29 -7.74
CA ALA L 313 61.35 -17.02 -8.98
C ALA L 313 62.83 -17.00 -9.34
N PHE L 314 63.42 -15.80 -9.24
CA PHE L 314 64.82 -15.62 -9.60
C PHE L 314 65.74 -16.44 -8.68
N SER L 315 65.49 -16.38 -7.37
CA SER L 315 66.24 -17.18 -6.42
C SER L 315 66.27 -18.64 -6.83
N LEU L 316 65.11 -19.17 -7.18
CA LEU L 316 64.98 -20.55 -7.61
C LEU L 316 65.79 -20.81 -8.87
N ALA L 317 65.71 -19.88 -9.82
CA ALA L 317 66.43 -20.03 -11.08
C ALA L 317 67.93 -20.16 -10.88
N ILE L 318 68.53 -19.24 -10.12
CA ILE L 318 69.99 -19.25 -9.93
C ILE L 318 70.47 -20.44 -9.08
N TYR L 319 69.70 -20.82 -8.08
CA TYR L 319 70.08 -21.99 -7.29
C TYR L 319 70.09 -23.20 -8.21
N HIS L 320 69.14 -23.23 -9.14
CA HIS L 320 69.05 -24.35 -10.08
C HIS L 320 70.21 -24.30 -11.07
N ALA L 321 70.37 -23.16 -11.72
CA ALA L 321 71.40 -22.98 -12.74
C ALA L 321 72.80 -23.24 -12.20
N HIS L 322 72.96 -23.06 -10.89
CA HIS L 322 74.25 -23.22 -10.26
C HIS L 322 74.64 -24.71 -10.18
N GLN L 323 73.68 -25.56 -9.83
CA GLN L 323 73.93 -26.98 -9.71
C GLN L 323 73.81 -27.73 -11.03
N ARG L 324 72.83 -27.33 -11.84
CA ARG L 324 72.54 -28.02 -13.10
C ARG L 324 73.68 -27.88 -14.11
N HIS L 325 74.13 -29.01 -14.65
CA HIS L 325 75.17 -29.00 -15.68
C HIS L 325 74.60 -29.23 -17.09
N VAL L 326 75.12 -28.48 -18.05
CA VAL L 326 74.77 -28.67 -19.46
C VAL L 326 76.03 -28.52 -20.30
N PHE L 327 76.27 -29.49 -21.18
CA PHE L 327 77.43 -29.45 -22.07
C PHE L 327 78.75 -29.33 -21.31
N GLY L 328 78.81 -29.96 -20.13
CA GLY L 328 80.05 -30.07 -19.39
C GLY L 328 80.36 -28.97 -18.38
N ASN L 329 79.49 -27.97 -18.31
CA ASN L 329 79.69 -26.87 -17.36
C ASN L 329 78.43 -26.49 -16.59
N PRO L 330 78.60 -25.89 -15.41
CA PRO L 330 77.43 -25.36 -14.69
C PRO L 330 76.63 -24.45 -15.60
N LEU L 331 75.32 -24.68 -15.65
CA LEU L 331 74.43 -23.90 -16.51
C LEU L 331 74.66 -22.40 -16.32
N ILE L 332 74.95 -22.00 -15.09
CA ILE L 332 75.12 -20.60 -14.74
C ILE L 332 76.44 -20.03 -15.31
N GLN L 333 77.34 -20.92 -15.72
CA GLN L 333 78.60 -20.49 -16.34
C GLN L 333 78.45 -20.26 -17.84
N GLN L 334 77.39 -20.83 -18.42
CA GLN L 334 77.15 -20.68 -19.85
C GLN L 334 76.87 -19.23 -20.21
N PRO L 335 77.70 -18.66 -21.08
CA PRO L 335 77.69 -17.22 -21.40
C PRO L 335 76.29 -16.66 -21.62
N LEU L 336 75.48 -17.30 -22.46
CA LEU L 336 74.16 -16.77 -22.79
C LEU L 336 73.23 -16.79 -21.57
N MET L 337 73.27 -17.88 -20.82
CA MET L 337 72.46 -17.99 -19.61
C MET L 337 72.92 -16.95 -18.58
N ARG L 338 74.24 -16.80 -18.43
CA ARG L 338 74.81 -15.87 -17.48
C ARG L 338 74.39 -14.44 -17.79
N HIS L 339 74.40 -14.13 -19.09
CA HIS L 339 73.96 -12.82 -19.58
C HIS L 339 72.51 -12.56 -19.21
N VAL L 340 71.64 -13.53 -19.48
CA VAL L 340 70.22 -13.40 -19.17
C VAL L 340 69.98 -13.25 -17.67
N LEU L 341 70.55 -14.18 -16.89
CA LEU L 341 70.38 -14.13 -15.44
C LEU L 341 70.86 -12.81 -14.85
N SER L 342 71.94 -12.28 -15.42
CA SER L 342 72.48 -11.01 -14.96
C SER L 342 71.51 -9.86 -15.19
N ARG L 343 70.93 -9.78 -16.39
CA ARG L 343 69.94 -8.75 -16.68
C ARG L 343 68.72 -8.87 -15.76
N MET L 344 68.37 -10.10 -15.39
CA MET L 344 67.24 -10.31 -14.50
C MET L 344 67.58 -9.79 -13.10
N ALA L 345 68.80 -10.07 -12.66
CA ALA L 345 69.25 -9.60 -11.35
C ALA L 345 69.25 -8.08 -11.35
N LEU L 346 69.74 -7.52 -12.45
CA LEU L 346 69.83 -6.08 -12.62
C LEU L 346 68.43 -5.48 -12.59
N GLN L 347 67.46 -6.22 -13.12
CA GLN L 347 66.08 -5.79 -13.13
C GLN L 347 65.59 -5.65 -11.68
N LEU L 348 65.92 -6.62 -10.86
CA LEU L 348 65.49 -6.66 -9.47
C LEU L 348 66.22 -5.60 -8.63
N GLU L 349 67.48 -5.34 -8.95
CA GLU L 349 68.24 -4.27 -8.29
C GLU L 349 67.45 -2.97 -8.40
N GLY L 350 67.12 -2.59 -9.64
CA GLY L 350 66.33 -1.39 -9.89
C GLY L 350 65.00 -1.35 -9.15
N GLN L 351 64.21 -2.41 -9.28
CA GLN L 351 62.91 -2.48 -8.62
C GLN L 351 63.03 -2.38 -7.10
N THR L 352 64.02 -3.06 -6.52
CA THR L 352 64.24 -3.00 -5.07
C THR L 352 64.51 -1.57 -4.62
N ALA L 353 65.34 -0.87 -5.38
CA ALA L 353 65.67 0.51 -5.08
C ALA L 353 64.46 1.43 -5.16
N LEU L 354 63.73 1.33 -6.27
CA LEU L 354 62.58 2.19 -6.52
C LEU L 354 61.46 1.93 -5.51
N LEU L 355 61.15 0.66 -5.26
CA LEU L 355 60.07 0.30 -4.36
C LEU L 355 60.31 0.79 -2.94
N PHE L 356 61.53 0.61 -2.44
CA PHE L 356 61.82 1.00 -1.06
C PHE L 356 62.09 2.49 -0.89
N ARG L 357 62.44 3.16 -1.97
CA ARG L 357 62.45 4.62 -1.99
C ARG L 357 61.01 5.09 -1.95
N LEU L 358 60.16 4.43 -2.73
CA LEU L 358 58.73 4.71 -2.74
C LEU L 358 58.14 4.43 -1.37
N ALA L 359 58.67 3.42 -0.69
CA ALA L 359 58.21 3.10 0.65
C ALA L 359 58.58 4.23 1.61
N ARG L 360 59.75 4.80 1.41
CA ARG L 360 60.19 5.91 2.23
C ARG L 360 59.23 7.07 2.07
N ALA L 361 58.86 7.34 0.83
CA ALA L 361 57.92 8.43 0.54
C ALA L 361 56.65 8.29 1.36
N TRP L 362 56.07 7.09 1.35
CA TRP L 362 54.86 6.82 2.11
C TRP L 362 55.08 7.01 3.60
N ASP L 363 56.27 6.65 4.07
CA ASP L 363 56.59 6.76 5.49
C ASP L 363 56.68 8.23 5.89
N ARG L 364 57.22 9.05 5.00
CA ARG L 364 57.43 10.46 5.27
C ARG L 364 56.39 11.32 4.55
N ARG L 365 55.15 10.82 4.49
CA ARG L 365 54.09 11.49 3.74
C ARG L 365 53.66 12.82 4.36
N ALA L 366 54.06 13.07 5.61
CA ALA L 366 53.78 14.35 6.26
C ALA L 366 54.44 15.47 5.47
N ASP L 367 55.57 15.17 4.86
CA ASP L 367 56.22 16.07 3.91
C ASP L 367 55.48 16.03 2.57
N ALA L 368 55.01 17.19 2.11
CA ALA L 368 54.24 17.28 0.87
C ALA L 368 55.02 16.81 -0.37
N LYS L 369 56.31 17.10 -0.39
CA LYS L 369 57.17 16.69 -1.50
C LYS L 369 57.30 15.16 -1.57
N GLU L 370 57.30 14.53 -0.40
CA GLU L 370 57.36 13.07 -0.34
C GLU L 370 56.04 12.45 -0.75
N ALA L 371 54.93 13.05 -0.30
CA ALA L 371 53.61 12.55 -0.64
C ALA L 371 53.37 12.63 -2.14
N LEU L 372 53.88 13.69 -2.75
CA LEU L 372 53.74 13.90 -4.18
C LEU L 372 54.56 12.89 -4.98
N TRP L 373 55.75 12.56 -4.48
CA TRP L 373 56.58 11.55 -5.10
C TRP L 373 55.84 10.21 -5.08
N ALA L 374 55.29 9.86 -3.91
CA ALA L 374 54.50 8.65 -3.77
C ALA L 374 53.27 8.68 -4.68
N ARG L 375 52.61 9.84 -4.73
CA ARG L 375 51.38 9.98 -5.51
C ARG L 375 51.61 9.74 -7.00
N LEU L 376 52.84 9.97 -7.45
CA LEU L 376 53.16 9.83 -8.88
C LEU L 376 53.73 8.46 -9.22
N PHE L 377 54.68 7.98 -8.41
CA PHE L 377 55.38 6.75 -8.75
C PHE L 377 54.68 5.46 -8.33
N THR L 378 53.73 5.55 -7.41
CA THR L 378 52.97 4.37 -7.02
C THR L 378 52.28 3.75 -8.25
N PRO L 379 51.40 4.53 -8.92
CA PRO L 379 50.73 4.04 -10.13
C PRO L 379 51.72 3.53 -11.16
N ALA L 380 52.79 4.28 -11.39
CA ALA L 380 53.82 3.87 -12.35
C ALA L 380 54.45 2.51 -12.00
N ALA L 381 54.91 2.38 -10.76
CA ALA L 381 55.53 1.16 -10.29
C ALA L 381 54.60 -0.05 -10.48
N LYS L 382 53.32 0.14 -10.16
CA LYS L 382 52.36 -0.94 -10.32
C LYS L 382 52.20 -1.31 -11.78
N PHE L 383 52.12 -0.31 -12.64
CA PHE L 383 51.98 -0.61 -14.06
C PHE L 383 53.17 -1.41 -14.56
N VAL L 384 54.36 -0.84 -14.44
CA VAL L 384 55.55 -1.44 -15.00
C VAL L 384 55.95 -2.75 -14.34
N ILE L 385 56.03 -2.75 -13.01
CA ILE L 385 56.50 -3.95 -12.32
C ILE L 385 55.54 -5.12 -12.51
N CYS L 386 54.25 -4.86 -12.30
CA CYS L 386 53.25 -5.92 -12.43
C CYS L 386 53.15 -6.47 -13.86
N LYS L 387 53.48 -5.64 -14.85
CA LYS L 387 53.53 -6.08 -16.25
C LYS L 387 54.77 -6.95 -16.50
N ARG L 388 55.91 -6.55 -15.94
CA ARG L 388 57.15 -7.30 -16.07
C ARG L 388 57.06 -8.69 -15.43
N GLY L 389 56.17 -8.82 -14.45
CA GLY L 389 56.03 -10.05 -13.71
C GLY L 389 55.89 -11.31 -14.56
N MET L 390 54.99 -11.26 -15.53
CA MET L 390 54.72 -12.40 -16.39
C MET L 390 55.95 -12.89 -17.19
N PRO L 391 56.54 -12.02 -18.01
CA PRO L 391 57.67 -12.49 -18.81
C PRO L 391 58.83 -12.95 -17.92
N PHE L 392 59.03 -12.25 -16.81
CA PHE L 392 60.15 -12.48 -15.90
C PHE L 392 60.03 -13.86 -15.29
N VAL L 393 58.89 -14.14 -14.66
CA VAL L 393 58.69 -15.44 -14.03
C VAL L 393 58.75 -16.58 -15.05
N ALA L 394 58.23 -16.31 -16.25
CA ALA L 394 58.26 -17.30 -17.33
C ALA L 394 59.71 -17.64 -17.69
N GLU L 395 60.57 -16.62 -17.71
CA GLU L 395 61.99 -16.84 -17.96
C GLU L 395 62.60 -17.73 -16.86
N ALA L 396 62.33 -17.39 -15.61
CA ALA L 396 62.83 -18.19 -14.49
C ALA L 396 62.40 -19.63 -14.69
N MET L 397 61.13 -19.82 -15.04
CA MET L 397 60.58 -21.14 -15.26
C MET L 397 61.38 -21.89 -16.34
N GLU L 398 61.74 -21.17 -17.39
CA GLU L 398 62.45 -21.79 -18.51
C GLU L 398 63.91 -22.11 -18.15
N VAL L 399 64.44 -21.43 -17.13
CA VAL L 399 65.79 -21.73 -16.66
C VAL L 399 65.82 -23.15 -16.08
N LEU L 400 64.75 -23.51 -15.38
CA LEU L 400 64.62 -24.87 -14.83
C LEU L 400 64.30 -25.88 -15.93
N GLY L 401 63.63 -25.42 -16.99
CA GLY L 401 63.22 -26.28 -18.07
C GLY L 401 61.92 -27.03 -17.79
N GLY L 402 61.83 -28.26 -18.26
CA GLY L 402 60.61 -29.03 -18.15
C GLY L 402 60.05 -29.16 -16.74
N ILE L 403 60.94 -29.38 -15.77
CA ILE L 403 60.50 -29.58 -14.39
C ILE L 403 59.89 -28.29 -13.85
N GLY L 404 60.24 -27.17 -14.46
CA GLY L 404 59.67 -25.88 -14.07
C GLY L 404 58.23 -25.70 -14.54
N TYR L 405 57.80 -26.56 -15.44
CA TYR L 405 56.46 -26.46 -16.02
C TYR L 405 55.52 -27.41 -15.31
N CYS L 406 56.04 -28.08 -14.28
CA CYS L 406 55.27 -29.07 -13.54
C CYS L 406 54.82 -28.51 -12.19
N GLU L 407 53.58 -28.79 -11.81
CA GLU L 407 52.98 -28.19 -10.61
C GLU L 407 53.65 -28.59 -9.29
N GLU L 408 54.56 -29.57 -9.34
CA GLU L 408 55.33 -29.91 -8.16
C GLU L 408 56.36 -28.81 -7.88
N SER L 409 56.67 -28.03 -8.90
CA SER L 409 57.56 -26.89 -8.76
C SER L 409 56.78 -25.66 -8.31
N GLU L 410 57.48 -24.72 -7.68
CA GLU L 410 56.87 -23.48 -7.25
C GLU L 410 56.54 -22.59 -8.43
N LEU L 411 57.25 -22.77 -9.53
CA LEU L 411 57.16 -21.82 -10.63
C LEU L 411 55.77 -21.64 -11.24
N PRO L 412 55.07 -22.74 -11.56
CA PRO L 412 53.73 -22.57 -12.14
C PRO L 412 52.80 -21.74 -11.25
N ARG L 413 52.81 -22.00 -9.94
CA ARG L 413 51.95 -21.24 -9.03
C ARG L 413 52.26 -19.72 -9.08
N LEU L 414 53.54 -19.39 -9.08
CA LEU L 414 53.98 -18.01 -9.23
C LEU L 414 53.55 -17.45 -10.58
N TYR L 415 53.84 -18.20 -11.64
CA TYR L 415 53.49 -17.81 -13.00
C TYR L 415 52.00 -17.55 -13.10
N ARG L 416 51.21 -18.40 -12.42
CA ARG L 416 49.75 -18.28 -12.44
C ARG L 416 49.25 -17.11 -11.61
N GLU L 417 50.10 -16.62 -10.71
CA GLU L 417 49.73 -15.54 -9.81
C GLU L 417 49.90 -14.18 -10.47
N MET L 418 50.98 -14.04 -11.23
CA MET L 418 51.42 -12.74 -11.72
C MET L 418 50.34 -11.82 -12.30
N PRO L 419 49.46 -12.34 -13.16
CA PRO L 419 48.50 -11.46 -13.82
C PRO L 419 47.52 -10.78 -12.87
N VAL L 420 47.22 -11.43 -11.74
CA VAL L 420 46.22 -10.89 -10.84
C VAL L 420 46.66 -9.53 -10.31
N ASN L 421 47.94 -9.39 -10.03
CA ASN L 421 48.47 -8.13 -9.52
C ASN L 421 48.36 -7.01 -10.53
N SER L 422 48.42 -7.37 -11.81
CA SER L 422 48.32 -6.40 -12.88
C SER L 422 46.87 -6.00 -13.18
N ILE L 423 45.93 -6.88 -12.85
CA ILE L 423 44.51 -6.64 -13.10
C ILE L 423 43.82 -5.96 -11.94
N TRP L 424 44.29 -6.21 -10.73
CA TRP L 424 43.70 -5.65 -9.52
C TRP L 424 43.64 -4.13 -9.59
N GLU L 425 42.61 -3.56 -8.98
CA GLU L 425 42.51 -2.11 -8.81
C GLU L 425 42.65 -1.32 -10.12
N GLY L 426 41.83 -1.67 -11.11
CA GLY L 426 41.73 -0.87 -12.33
C GLY L 426 42.59 -1.31 -13.50
N SER L 427 43.65 -2.04 -13.21
CA SER L 427 44.52 -2.59 -14.25
C SER L 427 45.50 -1.56 -14.79
N GLY L 428 46.38 -2.02 -15.68
CA GLY L 428 47.48 -1.22 -16.18
C GLY L 428 47.09 0.12 -16.76
N ASN L 429 46.14 0.12 -17.69
CA ASN L 429 45.75 1.35 -18.36
C ASN L 429 45.28 2.43 -17.37
N ILE L 430 44.49 2.03 -16.38
CA ILE L 430 44.03 2.97 -15.37
C ILE L 430 45.19 3.57 -14.58
N MET L 431 46.23 2.77 -14.38
CA MET L 431 47.44 3.25 -13.72
C MET L 431 48.08 4.36 -14.55
N CYS L 432 48.20 4.11 -15.85
CA CYS L 432 48.84 5.06 -16.74
C CYS L 432 48.01 6.32 -16.93
N LEU L 433 46.69 6.16 -17.00
CA LEU L 433 45.80 7.33 -17.05
C LEU L 433 45.94 8.18 -15.79
N ASP L 434 46.12 7.51 -14.64
CA ASP L 434 46.29 8.21 -13.38
C ASP L 434 47.63 8.96 -13.34
N VAL L 435 48.68 8.35 -13.88
CA VAL L 435 49.98 9.00 -13.95
C VAL L 435 49.89 10.26 -14.82
N LEU L 436 49.14 10.19 -15.91
CA LEU L 436 48.94 11.36 -16.77
C LEU L 436 48.15 12.44 -16.04
N ARG L 437 47.15 12.03 -15.28
CA ARG L 437 46.34 12.99 -14.52
C ARG L 437 47.17 13.72 -13.47
N VAL L 438 48.18 13.04 -12.92
CA VAL L 438 49.06 13.67 -11.95
C VAL L 438 49.99 14.70 -12.62
N LEU L 439 50.53 14.34 -13.79
CA LEU L 439 51.41 15.24 -14.53
C LEU L 439 50.64 16.47 -15.03
N ASN L 440 49.33 16.31 -15.18
CA ASN L 440 48.47 17.37 -15.69
C ASN L 440 47.86 18.22 -14.56
N LYS L 441 47.07 17.58 -13.71
CA LYS L 441 46.30 18.30 -12.70
C LYS L 441 47.08 18.70 -11.46
N GLN L 442 48.24 18.07 -11.22
CA GLN L 442 48.99 18.33 -10.01
C GLN L 442 50.05 19.42 -10.19
N ALA L 443 50.17 20.28 -9.19
CA ALA L 443 51.11 21.40 -9.25
C ALA L 443 52.42 21.09 -8.55
N GLY L 444 53.53 21.48 -9.17
CA GLY L 444 54.84 21.29 -8.59
C GLY L 444 55.45 19.94 -8.92
N VAL L 445 54.83 19.22 -9.86
CA VAL L 445 55.31 17.90 -10.26
C VAL L 445 56.51 18.03 -11.18
N TYR L 446 56.39 18.87 -12.20
CA TYR L 446 57.48 19.11 -13.13
C TYR L 446 58.71 19.63 -12.40
N ASP L 447 58.49 20.40 -11.34
CA ASP L 447 59.57 20.91 -10.52
C ASP L 447 60.22 19.77 -9.72
N LEU L 448 59.40 18.96 -9.07
CA LEU L 448 59.89 17.82 -8.28
C LEU L 448 60.76 16.87 -9.11
N LEU L 449 60.35 16.64 -10.35
CA LEU L 449 61.10 15.79 -11.26
C LEU L 449 62.44 16.42 -11.64
N SER L 450 62.40 17.67 -12.09
CA SER L 450 63.61 18.39 -12.47
C SER L 450 64.65 18.45 -11.35
N GLU L 451 64.20 18.60 -10.11
CA GLU L 451 65.11 18.63 -8.98
C GLU L 451 65.88 17.33 -8.86
N ALA L 452 65.21 16.22 -9.15
CA ALA L 452 65.82 14.90 -9.06
C ALA L 452 66.80 14.64 -10.20
N PHE L 453 66.43 15.09 -11.39
CA PHE L 453 67.25 14.86 -12.59
C PHE L 453 68.51 15.71 -12.60
N VAL L 454 68.38 16.95 -12.13
CA VAL L 454 69.52 17.85 -12.00
C VAL L 454 70.52 17.31 -10.98
N GLU L 455 70.02 16.64 -9.94
CA GLU L 455 70.88 16.15 -8.87
C GLU L 455 71.81 15.02 -9.33
N VAL L 456 71.57 14.50 -10.54
CA VAL L 456 72.39 13.40 -11.06
C VAL L 456 72.85 13.65 -12.49
N LYS L 457 72.54 14.83 -13.02
CA LYS L 457 72.94 15.17 -14.39
C LYS L 457 74.45 15.03 -14.54
N GLY L 458 74.87 14.53 -15.71
CA GLY L 458 76.29 14.37 -16.00
C GLY L 458 76.91 13.08 -15.48
N GLN L 459 76.16 12.34 -14.68
CA GLN L 459 76.67 11.08 -14.13
C GLN L 459 76.63 9.97 -15.15
N ASP L 460 75.64 10.01 -16.05
CA ASP L 460 75.49 8.97 -17.05
C ASP L 460 74.86 9.51 -18.33
N ARG L 461 75.49 9.24 -19.47
CA ARG L 461 75.06 9.81 -20.74
C ARG L 461 73.69 9.28 -21.18
N TYR L 462 73.44 8.00 -20.93
CA TYR L 462 72.19 7.37 -21.35
C TYR L 462 71.02 7.86 -20.50
N PHE L 463 71.29 8.16 -19.24
CA PHE L 463 70.26 8.67 -18.36
C PHE L 463 69.83 10.07 -18.78
N ASP L 464 70.80 10.93 -19.05
CA ASP L 464 70.52 12.31 -19.46
C ASP L 464 69.76 12.33 -20.78
N ARG L 465 70.18 11.47 -21.72
CA ARG L 465 69.51 11.37 -23.01
C ARG L 465 68.06 10.93 -22.84
N ALA L 466 67.83 10.06 -21.86
CA ALA L 466 66.49 9.59 -21.54
C ALA L 466 65.65 10.71 -20.96
N VAL L 467 66.27 11.52 -20.10
CA VAL L 467 65.61 12.68 -19.49
C VAL L 467 65.16 13.66 -20.56
N ARG L 468 66.03 13.91 -21.54
CA ARG L 468 65.73 14.83 -22.63
C ARG L 468 64.59 14.29 -23.51
N ARG L 469 64.49 12.97 -23.60
CA ARG L 469 63.45 12.34 -24.41
C ARG L 469 62.09 12.30 -23.69
N LEU L 470 62.10 12.22 -22.37
CA LEU L 470 60.86 12.30 -21.61
C LEU L 470 60.27 13.70 -21.70
N GLN L 471 61.11 14.70 -21.42
CA GLN L 471 60.67 16.10 -21.45
C GLN L 471 60.13 16.46 -22.83
N GLN L 472 60.73 15.90 -23.86
CA GLN L 472 60.26 16.12 -25.21
C GLN L 472 58.95 15.40 -25.47
N GLN L 473 58.80 14.21 -24.90
CA GLN L 473 57.71 13.29 -25.23
C GLN L 473 56.34 13.75 -24.71
N LEU L 474 56.33 14.87 -24.02
CA LEU L 474 55.08 15.47 -23.55
C LEU L 474 54.62 16.56 -24.52
N ARG L 475 55.33 16.70 -25.64
CA ARG L 475 55.10 17.78 -26.60
C ARG L 475 53.62 18.08 -26.86
N LYS L 476 52.88 17.09 -27.34
CA LYS L 476 51.46 17.26 -27.59
C LYS L 476 50.66 16.37 -26.63
N PRO L 477 49.66 16.94 -25.94
CA PRO L 477 48.82 16.20 -24.99
C PRO L 477 47.96 15.15 -25.70
N ALA L 478 47.98 13.92 -25.19
CA ALA L 478 47.26 12.82 -25.81
C ALA L 478 47.31 11.56 -24.94
N GLU L 479 46.16 10.92 -24.76
CA GLU L 479 46.06 9.75 -23.89
C GLU L 479 46.92 8.58 -24.38
N GLU L 480 46.86 8.30 -25.68
CA GLU L 480 47.41 7.07 -26.27
C GLU L 480 48.87 6.76 -25.91
N LEU L 481 49.60 7.77 -25.46
CA LEU L 481 51.00 7.58 -25.10
C LEU L 481 51.18 7.37 -23.60
N GLY L 482 50.05 7.18 -22.90
CA GLY L 482 50.07 6.97 -21.48
C GLY L 482 51.02 5.89 -20.99
N ARG L 483 51.16 4.81 -21.75
CA ARG L 483 52.05 3.72 -21.37
C ARG L 483 53.51 4.05 -21.64
N GLU L 484 53.78 4.57 -22.84
CA GLU L 484 55.15 4.96 -23.20
C GLU L 484 55.66 5.95 -22.16
N ILE L 485 54.80 6.90 -21.78
CA ILE L 485 55.17 7.94 -20.82
C ILE L 485 55.39 7.37 -19.42
N THR L 486 54.44 6.57 -18.96
CA THR L 486 54.54 5.96 -17.64
C THR L 486 55.79 5.08 -17.56
N HIS L 487 56.04 4.29 -18.59
CA HIS L 487 57.21 3.42 -18.58
C HIS L 487 58.49 4.26 -18.46
N GLN L 488 58.60 5.28 -19.30
CA GLN L 488 59.79 6.12 -19.32
C GLN L 488 60.00 6.75 -17.95
N LEU L 489 58.91 7.26 -17.38
CA LEU L 489 58.94 7.89 -16.08
C LEU L 489 59.44 6.93 -15.00
N PHE L 490 58.93 5.70 -15.03
CA PHE L 490 59.34 4.68 -14.07
C PHE L 490 60.83 4.40 -14.18
N LEU L 491 61.31 4.22 -15.41
CA LEU L 491 62.73 3.96 -15.64
C LEU L 491 63.60 5.06 -15.06
N LEU L 492 63.27 6.31 -15.38
CA LEU L 492 64.01 7.46 -14.87
C LEU L 492 64.01 7.47 -13.35
N GLY L 493 62.88 7.09 -12.75
CA GLY L 493 62.78 6.97 -11.31
C GLY L 493 63.79 5.99 -10.75
N CYS L 494 63.84 4.79 -11.32
CA CYS L 494 64.81 3.78 -10.89
C CYS L 494 66.21 4.27 -11.17
N GLY L 495 66.40 4.88 -12.34
CA GLY L 495 67.70 5.38 -12.75
C GLY L 495 68.30 6.34 -11.73
N ALA L 496 67.53 7.36 -11.39
CA ALA L 496 67.94 8.34 -10.38
C ALA L 496 68.43 7.66 -9.11
N GLN L 497 67.67 6.66 -8.64
CA GLN L 497 68.03 5.93 -7.43
C GLN L 497 69.31 5.13 -7.60
N MET L 498 69.48 4.55 -8.78
CA MET L 498 70.67 3.76 -9.04
C MET L 498 71.89 4.65 -9.04
N LEU L 499 71.79 5.77 -9.76
CA LEU L 499 72.91 6.71 -9.88
C LEU L 499 73.31 7.30 -8.54
N LYS L 500 72.34 7.58 -7.68
CA LYS L 500 72.59 8.17 -6.38
C LYS L 500 73.22 7.23 -5.36
N TYR L 501 72.58 6.08 -5.13
CA TYR L 501 72.96 5.24 -3.99
C TYR L 501 73.56 3.88 -4.36
N ALA L 502 73.67 3.59 -5.65
CA ALA L 502 74.31 2.35 -6.08
C ALA L 502 75.77 2.58 -6.48
N SER L 503 76.58 1.53 -6.41
CA SER L 503 77.98 1.65 -6.80
C SER L 503 78.03 2.11 -8.25
N PRO L 504 78.94 3.05 -8.56
CA PRO L 504 79.07 3.59 -9.92
C PRO L 504 79.03 2.53 -11.03
N PRO L 505 79.77 1.42 -10.89
CA PRO L 505 79.72 0.38 -11.93
C PRO L 505 78.34 -0.23 -12.07
N MET L 506 77.66 -0.44 -10.95
CA MET L 506 76.31 -0.97 -10.94
C MET L 506 75.33 -0.01 -11.61
N ALA L 507 75.45 1.28 -11.29
CA ALA L 507 74.57 2.29 -11.86
C ALA L 507 74.78 2.45 -13.37
N GLN L 508 76.02 2.29 -13.80
CA GLN L 508 76.35 2.37 -15.21
C GLN L 508 75.73 1.18 -15.93
N ALA L 509 75.89 0.00 -15.35
CA ALA L 509 75.34 -1.22 -15.94
C ALA L 509 73.85 -1.08 -16.11
N TRP L 510 73.18 -0.63 -15.05
CA TRP L 510 71.73 -0.51 -15.08
C TRP L 510 71.28 0.48 -16.14
N CYS L 511 71.94 1.64 -16.18
CA CYS L 511 71.58 2.66 -17.16
C CYS L 511 71.80 2.17 -18.58
N GLN L 512 72.92 1.50 -18.83
CA GLN L 512 73.24 1.02 -20.17
C GLN L 512 72.22 -0.01 -20.64
N VAL L 513 71.88 -0.94 -19.77
CA VAL L 513 70.93 -1.99 -20.12
C VAL L 513 69.53 -1.45 -20.37
N MET L 514 69.05 -0.62 -19.44
CA MET L 514 67.67 -0.13 -19.50
C MET L 514 67.46 1.07 -20.42
N LEU L 515 68.49 1.87 -20.63
CA LEU L 515 68.31 3.17 -21.28
C LEU L 515 69.07 3.35 -22.59
N ASP L 516 69.94 2.40 -22.93
CA ASP L 516 70.65 2.45 -24.21
C ASP L 516 69.76 1.86 -25.30
N THR L 517 69.14 2.73 -26.08
CA THR L 517 68.20 2.31 -27.11
C THR L 517 68.88 1.48 -28.20
N ARG L 518 70.15 1.75 -28.47
CA ARG L 518 70.88 1.08 -29.55
C ARG L 518 70.86 -0.44 -29.39
N GLY L 519 70.72 -0.90 -28.16
CA GLY L 519 70.68 -2.33 -27.87
C GLY L 519 72.03 -3.00 -28.02
N GLY L 520 72.04 -4.32 -27.92
CA GLY L 520 73.27 -5.08 -28.01
C GLY L 520 74.30 -4.60 -27.00
N VAL L 521 74.08 -4.94 -25.73
CA VAL L 521 74.89 -4.40 -24.63
C VAL L 521 75.52 -5.50 -23.78
N ARG L 522 76.84 -5.64 -23.86
CA ARG L 522 77.55 -6.65 -23.08
C ARG L 522 77.91 -6.12 -21.70
N LEU L 523 77.82 -6.96 -20.68
CA LEU L 523 78.22 -6.58 -19.33
C LEU L 523 79.59 -7.14 -19.00
N SER L 524 80.36 -6.43 -18.17
CA SER L 524 81.67 -6.89 -17.76
C SER L 524 81.55 -8.17 -16.93
N GLU L 525 82.57 -9.01 -16.97
CA GLU L 525 82.56 -10.24 -16.17
C GLU L 525 82.47 -9.91 -14.68
N GLN L 526 83.03 -8.77 -14.29
CA GLN L 526 83.08 -8.36 -12.89
C GLN L 526 81.69 -7.95 -12.37
N ILE L 527 80.96 -7.18 -13.16
CA ILE L 527 79.64 -6.71 -12.77
C ILE L 527 78.62 -7.85 -12.76
N GLN L 528 78.80 -8.82 -13.66
CA GLN L 528 77.94 -10.00 -13.67
C GLN L 528 78.19 -10.88 -12.44
N ASN L 529 79.46 -11.14 -12.14
CA ASN L 529 79.82 -11.88 -10.94
C ASN L 529 79.27 -11.21 -9.69
N ASP L 530 79.24 -9.89 -9.71
CA ASP L 530 78.79 -9.12 -8.57
C ASP L 530 77.27 -9.15 -8.43
N LEU L 531 76.58 -8.98 -9.55
CA LEU L 531 75.12 -9.05 -9.57
C LEU L 531 74.61 -10.34 -8.96
N LEU L 532 75.17 -11.46 -9.42
CA LEU L 532 74.74 -12.78 -8.97
C LEU L 532 75.14 -13.07 -7.54
N LEU L 533 76.25 -12.47 -7.10
CA LEU L 533 76.71 -12.65 -5.73
C LEU L 533 75.78 -11.91 -4.76
N ARG L 534 75.33 -10.73 -5.16
CA ARG L 534 74.42 -9.92 -4.36
C ARG L 534 73.02 -10.52 -4.30
N ALA L 535 72.70 -11.39 -5.25
CA ALA L 535 71.39 -12.00 -5.34
C ALA L 535 71.30 -13.28 -4.52
N THR L 536 72.41 -13.67 -3.91
CA THR L 536 72.44 -14.83 -3.04
C THR L 536 72.88 -14.46 -1.62
N GLY L 537 72.89 -13.15 -1.34
CA GLY L 537 73.27 -12.68 -0.02
C GLY L 537 74.77 -12.50 0.10
N GLY L 538 75.26 -12.43 1.33
CA GLY L 538 76.67 -12.19 1.55
C GLY L 538 77.03 -10.72 1.54
N VAL L 539 76.02 -9.87 1.39
CA VAL L 539 76.19 -8.43 1.43
C VAL L 539 75.55 -7.86 2.68
N CYS L 540 75.14 -8.76 3.58
CA CYS L 540 74.46 -8.36 4.80
C CYS L 540 75.32 -8.64 6.04
#